data_9L46
#
_entry.id   9L46
#
loop_
_entity.id
_entity.type
_entity.pdbx_description
1 polymer 'Serine/threonine-protein kinase ATR'
2 polymer 'ATR-interacting protein'
3 non-polymer 'PHOSPHOTHIOPHOSPHORIC ACID-ADENYLATE ESTER'
#
loop_
_entity_poly.entity_id
_entity_poly.type
_entity_poly.pdbx_seq_one_letter_code
_entity_poly.pdbx_strand_id
1 'polypeptide(L)'
;MGEHGLELASMIPALRELGSATPEEYNTVVQKPRQILCQFIDRILTDVNVVAVELVKKTDSQPTSVMLLDFIQHIMKSSP
LMFVNVSGSHEAKGSCIEFSNWIITRLLRIAATPSCHLLHKKICEVICSLLFLFKSKSPAIFGVLTKELLQLFEDLVYLH
RRNVMGHAVEWPVVMSRFLSQLDEHMGYLQSAPLQLMSMQNLEFIEVTLLMVLTRIIAIVFFRRQELLLWQIGCVLLEYG
SPKIKSLAISFLTELFQLGGLPAQPASTFFSSFLELLKHLVEMDTDQLKLYEEPLSKLIKTLFPFEAEAYRNIEPVYLNM
LLEKLCVMFEDGVLMRLKSDLLKAALCHLLQYFLKFVPAGYESALQVRKVYVRNICKALLDVLGIEVDAEYLLGPLYAAL
KMESMEIIEEIQCQTQQENLSSNSDGISPKRRRLSSSLNPSKRAPKQTEEIKHVDMNQKSILWSALKQKAESLQISLEYS
GLKNPVIEMLEGIAVVLQLTALCTVHCSHQNMNCRTFKDCQHKSKKKPSVVITWMSLDFYTKVLKSCRSLLESVQKLDLE
ATIDKVVKIYDALIYMQVNSSFEDHILEDLCGMLSLPWIYSHSDDGCLKLTTFAANLLTLSCRISDSYSPQAQSRCVFLL
TLFPRRIFLEWRTAVYNWALQSSHEVIRASCVSGFFILLQQQNSCNRVPKILIDKVKDDSDIVKKEFASILGQLVCTLHG
MFYLTSSLTEPFSEHGHVDLFCRNLKATSQHECSSSQLKASVCKPFLFLLKKKIPSPVKLAFIDNLHHLCKHLDFREDET
DVKAVLGTLLNLMEDPDKDVRVAFSGNIKHILESLDSEDGFIKELFVLRMKEAYTHAQISRNNELKDTLILTTGDIGRAA
KGDLVPFALLHLLHCLLSKSASVSGAAYTEIRALVAAKSVKLQSFFSQYKKPICQFLVESLHSSQMTALPNTPCQNADVR
KQDVAHQREMALNTLSEIANVFDFPDLNRFLTRTLQVLLPDLAAKASPAASALIRTLGKQLNVNRREILINNFKYIFSHL
VCSCSKDELERALHYLKNETEIELGSLLRQDFQGLHNELLLRIGEHYQQVFNGLSILASFASSDDPYQGPRDIISPELMA
DYLQPKLLGILAFFNMQLLSSSVGIEDKKMALNSLMSLMKLMGPKHVSSVRVKMMTTLRTGLRFKDDFPELCCRAWDCFV
RCLDHACLGSLLSHVIVALLPLIHIQPKETAAIFHYLIIENRDAVQDFLHEIYFLPDHPELKKIKAVLQEYRKETSESTD
LQTTLQLSMKAIQHENVDVRIHALTSLKETLYKNQEKLIKYATDSETVEPIISQLVTVLLKGCQDANSQARLLCGECLGE
LGAIDPGRLDFSTTETQGKDFTFVTGVEDSSFAYGLLMELTRAYLAYADNSRAQDSAAYAIQELLSIYDCREMETNGPGH
QLWRRFPEHVREILEPHLNTRYKSSQKSTDWSGVKKPIYLSKLGSNFAEWSASWAGYLITKVRHDLASKIFTCCSIMMKH
DFKVTIYLLPHILVYVLLGCNQEDQQEVYAEIMAVLKHDDQHTINTQDIASDLCQLSTQTVFSMLDHLTQWARHKFQALK
AEKCPHSKSNRNKVDSMVSTVDYEDYQSVTRFLDLIPQDTLAVASFRSKAYTRAVMHFESFITEKKQNIQEHLGFLQKLY
AAMHEPDGVAGVSAIRKAEPSLKEQILEHESLGLLRDATACYDRAIQLEPDQIIHYHGVVKSMLGLGQLSTVITQVNGVH
ANRSEWTDELNTYRVEAAWKLSQWDLVENYLAADGKSTTWSVRLGQLLLSAKKRDITAFYDSLKLVRAEQIVPLSAASFE
RGSYQRGYEYIVRLHMLCELEHSIKPLFQHSPGDSSQEDSLNWVARLEMTQNSYRAKEPILALRRALLSLNKRPDYNEMV
GECWLQSARVARKAGHHQTAYNALLNAGESRLAELYVERAKWLWSKGDVHQALIVLQKGVELCFPENETPPEGKNMLIHG
RAMLLVGRFMEETANFESNAIMKKYKDVTACLPEWEDGHFYLAKYYDKLMPMVTDNKMEKQGDLIRYIVLHFGRSLQYGN
QFIYQSMPRMLTLWLDYGTKAYEWEKAGRSDRVQMRNDLGKINKVITEHTNYLAPYQFLTAFSQLISRICHSHDEVFVVL
MEIIAKVFLAYPQQAMWMMTAVSKSSYPMRVNRCKEILNKAIHMKKSLEKFVGDATRLTDKLLELCNKPVDGSSSTLSMS
THFKMLKKLVEEATFSEILIPLQSVMIPTLPSILGTHANHASHEPFPGHWAYIAGFDDMVEILASLQKPKKISLKGSDGK
FYIMMCKPKDDLRKDCRLMEFNSLINKCLRKDAESRRRELHIRTYAVIPLNDECGIIEWVNNTAGLRPILTKLYKEKGVY
MTGKELRQCMLPKSAALSEKLKVFREFLLPRHPPIFHEWFLRTFPDPTSWYSSRSAYCRSTAVMSMVGYILGLGDRHGEN
ILFDSLTGECVHVDFNCLFNKGETFEVPEIVPFRLTHNMVNGMGPMGTEGLFRRACEVTMRLMRDQREPLMSVLKTFLHD
PLVEWSKPVKGHSKAPLNETGEVVNEKAKTHVLDIEQRLQGVIKTRNRVTGLPLSIEGHVHYLIQEATDENLLCQMYLGW
TPYM
;
A,B
2 'polypeptide(L)'
;MAGTSAPGSKRRSEPPAPRPGPPPGTGHPPSKRARGFSAAAAPDPDDPFGAHGDFTADDLEELDTLASQALSQCPAAARD
VSSDHKVHRLLDGMSKNPSGKNRETVPIKDNFELEVLQAQYKELKEKMKVMEEEVLIKNGEIKILRDSLHQTESVLEEQR
RSHFLLEQEKTQALSDKEKEFSKKLQSLQSELQFKDAEMNELRTKLQTSERANKLAAPSVSHVSPRKNPSVVIKPEACSP
QFGKTSFPTKESFSANMSLPHPCQTESGYKPLVGREDSKPHSLRGDSIKQEEAQKSFVDSWRQRSNTQGSILINLLLKQP
LIPGSSLSLCHLLSSSSESPAGTPLQPPGFGSTLAGMSGLRTTGSYDGSFSLSALREAQNLAFTGLNLVARNECSRDGDP
AEGGRRAFPLCQLPGAVHFLPLVQFFIGLHCQALQDLAAAKRSGAPGDSPTHSSCVSSGVETNPEDSVCILEGFSVTALS
ILQHLVCHSGAVVSLLLSGVGADSAAGEGNRSLVHRLSDGDMTSALRGVADDQGQHPLLKMLLHLLAFSSAATGHLQASV
LTQCLKVLVKLAENTSCDFLPRFQCVFQVLPKCLSPETPLPSVLLAVELLSLLADHDQLAPQLCSHSEGCLLLLLYMYIT
SRPDRVALETQWLQLEQEVVWLLAKLGVQSPLPPVTGSNCQCNVEVVRALTVMLHRQWLTVRRAGGPPRTDQQRRTVRCL
RDTVLLLHGLSQKDKLFMMHCVEVLHQFDQVMPGVSMLIRGLPDVTDCEEAALDDLCAAETDVEDPEVECG
;
D,C
#
loop_
_chem_comp.id
_chem_comp.type
_chem_comp.name
_chem_comp.formula
AGS non-polymer 'PHOSPHOTHIOPHOSPHORIC ACID-ADENYLATE ESTER' 'C10 H16 N5 O12 P3 S'
#
# COMPACT_ATOMS: atom_id res chain seq x y z
N GLU A 91 -15.54 -79.57 -3.68
CA GLU A 91 -14.58 -80.62 -3.25
C GLU A 91 -15.33 -81.69 -2.46
N ALA A 92 -14.66 -82.36 -1.51
CA ALA A 92 -15.35 -83.34 -0.66
C ALA A 92 -16.41 -82.60 0.16
N LYS A 93 -16.07 -81.41 0.65
CA LYS A 93 -17.05 -80.57 1.38
C LYS A 93 -18.18 -80.23 0.42
N GLY A 94 -17.84 -79.93 -0.84
CA GLY A 94 -18.86 -79.62 -1.85
C GLY A 94 -19.78 -80.82 -2.05
N SER A 95 -19.20 -82.02 -2.05
CA SER A 95 -20.01 -83.26 -2.19
C SER A 95 -20.98 -83.38 -1.01
N CYS A 96 -20.52 -83.05 0.20
CA CYS A 96 -21.42 -83.06 1.38
C CYS A 96 -22.51 -82.00 1.15
N ILE A 97 -22.14 -80.85 0.58
CA ILE A 97 -23.12 -79.77 0.27
C ILE A 97 -24.12 -80.33 -0.76
N GLU A 98 -23.64 -81.11 -1.72
CA GLU A 98 -24.51 -81.71 -2.77
C GLU A 98 -25.52 -82.66 -2.09
N PHE A 99 -25.09 -83.41 -1.08
CA PHE A 99 -26.02 -84.30 -0.33
C PHE A 99 -27.05 -83.40 0.33
N SER A 100 -26.60 -82.27 0.85
CA SER A 100 -27.53 -81.28 1.46
C SER A 100 -28.49 -80.78 0.38
N ASN A 101 -28.00 -80.56 -0.84
CA ASN A 101 -28.83 -80.04 -1.96
C ASN A 101 -29.94 -81.04 -2.30
N TRP A 102 -29.63 -82.34 -2.30
CA TRP A 102 -30.68 -83.35 -2.54
C TRP A 102 -31.71 -83.24 -1.42
N ILE A 103 -31.23 -83.02 -0.19
CA ILE A 103 -32.14 -82.79 0.96
C ILE A 103 -32.90 -81.48 0.67
N ILE A 104 -32.23 -80.50 0.08
CA ILE A 104 -32.82 -79.14 -0.17
C ILE A 104 -34.04 -79.26 -1.11
N THR A 105 -34.00 -80.12 -2.13
CA THR A 105 -35.21 -80.23 -2.97
C THR A 105 -36.34 -80.72 -2.09
N ARG A 106 -36.07 -81.67 -1.20
CA ARG A 106 -37.09 -82.12 -0.21
C ARG A 106 -37.42 -80.92 0.69
N LEU A 107 -36.41 -80.12 1.04
CA LEU A 107 -36.59 -78.98 1.97
C LEU A 107 -37.58 -77.97 1.37
N LEU A 108 -37.55 -77.74 0.05
CA LEU A 108 -38.42 -76.71 -0.55
C LEU A 108 -39.89 -77.12 -0.30
N ARG A 109 -40.20 -78.40 -0.41
CA ARG A 109 -41.57 -78.87 -0.08
C ARG A 109 -41.82 -78.57 1.40
N ILE A 110 -40.80 -78.78 2.23
CA ILE A 110 -40.90 -78.48 3.70
C ILE A 110 -41.13 -76.98 3.89
N ALA A 111 -40.51 -76.12 3.08
CA ALA A 111 -40.56 -74.66 3.30
C ALA A 111 -42.00 -74.12 3.24
N ALA A 112 -42.83 -74.59 2.29
CA ALA A 112 -44.23 -74.11 2.35
C ALA A 112 -45.14 -75.27 2.76
N THR A 113 -45.79 -75.15 3.92
CA THR A 113 -46.75 -76.17 4.40
C THR A 113 -47.62 -75.50 5.44
N PRO A 114 -48.77 -76.08 5.85
CA PRO A 114 -49.51 -75.45 6.93
C PRO A 114 -48.64 -75.34 8.18
N SER A 115 -47.97 -76.44 8.54
CA SER A 115 -47.10 -76.47 9.75
C SER A 115 -45.65 -76.08 9.37
N CYS A 116 -45.41 -75.78 8.09
CA CYS A 116 -44.02 -75.52 7.63
C CYS A 116 -43.40 -74.32 8.33
N HIS A 117 -44.16 -73.25 8.57
CA HIS A 117 -43.50 -72.04 9.11
C HIS A 117 -42.84 -72.36 10.45
N LEU A 118 -43.52 -73.12 11.32
CA LEU A 118 -42.85 -73.52 12.58
C LEU A 118 -41.64 -74.41 12.25
N LEU A 119 -41.80 -75.35 11.30
CA LEU A 119 -40.67 -76.22 10.88
C LEU A 119 -39.59 -75.36 10.23
N HIS A 120 -39.99 -74.37 9.43
CA HIS A 120 -39.03 -73.50 8.72
C HIS A 120 -38.22 -72.71 9.75
N LYS A 121 -38.87 -72.25 10.82
CA LYS A 121 -38.12 -71.53 11.88
C LYS A 121 -37.11 -72.49 12.49
N LYS A 122 -37.51 -73.75 12.73
CA LYS A 122 -36.53 -74.75 13.22
C LYS A 122 -35.46 -74.97 12.14
N ILE A 123 -35.89 -75.04 10.88
CA ILE A 123 -34.93 -75.24 9.75
C ILE A 123 -34.00 -74.02 9.67
N CYS A 124 -34.55 -72.82 9.86
CA CYS A 124 -33.73 -71.59 9.81
C CYS A 124 -32.70 -71.64 10.95
N GLU A 125 -33.13 -72.09 12.13
CA GLU A 125 -32.17 -72.24 13.25
C GLU A 125 -31.12 -73.29 12.85
N VAL A 126 -31.57 -74.38 12.23
CA VAL A 126 -30.62 -75.43 11.76
C VAL A 126 -29.69 -74.80 10.69
N ILE A 127 -30.27 -73.99 9.79
CA ILE A 127 -29.46 -73.32 8.74
C ILE A 127 -28.47 -72.37 9.42
N CYS A 128 -28.91 -71.64 10.44
CA CYS A 128 -27.99 -70.75 11.18
C CYS A 128 -26.92 -71.62 11.85
N SER A 129 -27.33 -72.77 12.40
CA SER A 129 -26.36 -73.70 13.00
C SER A 129 -25.41 -74.21 11.90
N LEU A 130 -25.96 -74.51 10.72
CA LEU A 130 -25.12 -74.96 9.59
C LEU A 130 -24.16 -73.83 9.21
N LEU A 131 -24.65 -72.59 9.19
CA LEU A 131 -23.75 -71.44 8.90
C LEU A 131 -22.70 -71.35 10.01
N PHE A 132 -23.12 -71.55 11.26
CA PHE A 132 -22.16 -71.54 12.40
C PHE A 132 -21.19 -72.70 12.21
N LEU A 133 -21.72 -73.85 11.79
CA LEU A 133 -20.86 -75.04 11.54
C LEU A 133 -19.89 -74.72 10.41
N PHE A 134 -20.37 -74.03 9.37
CA PHE A 134 -19.47 -73.64 8.25
C PHE A 134 -18.42 -72.69 8.81
N LYS A 135 -18.85 -71.76 9.67
CA LYS A 135 -17.88 -70.84 10.31
C LYS A 135 -16.93 -71.67 11.17
N SER A 136 -17.47 -72.65 11.89
CA SER A 136 -16.60 -73.53 12.70
C SER A 136 -15.66 -74.31 11.77
N LYS A 137 -16.17 -74.82 10.65
CA LYS A 137 -15.27 -75.65 9.81
C LYS A 137 -14.14 -74.75 9.29
N SER A 138 -14.47 -73.55 8.83
CA SER A 138 -13.42 -72.57 8.46
C SER A 138 -14.01 -71.16 8.47
N PRO A 139 -13.22 -70.09 8.69
CA PRO A 139 -13.78 -68.76 8.53
C PRO A 139 -14.11 -68.70 7.05
N ALA A 140 -13.23 -69.25 6.22
CA ALA A 140 -13.43 -69.24 4.75
C ALA A 140 -14.69 -70.03 4.38
N ILE A 141 -14.91 -71.16 5.06
CA ILE A 141 -16.11 -72.00 4.77
C ILE A 141 -17.35 -71.16 5.09
N PHE A 142 -17.31 -70.40 6.18
CA PHE A 142 -18.46 -69.50 6.48
C PHE A 142 -18.58 -68.48 5.36
N GLY A 143 -17.44 -67.96 4.90
CA GLY A 143 -17.45 -66.97 3.81
C GLY A 143 -18.02 -67.57 2.54
N VAL A 144 -17.64 -68.81 2.23
CA VAL A 144 -18.21 -69.49 1.03
C VAL A 144 -19.71 -69.66 1.24
N LEU A 145 -20.12 -70.04 2.46
CA LEU A 145 -21.57 -70.18 2.76
C LEU A 145 -22.23 -68.81 2.62
N THR A 146 -21.56 -67.76 3.10
CA THR A 146 -22.13 -66.39 3.04
C THR A 146 -22.31 -66.00 1.59
N LYS A 147 -21.34 -66.34 0.75
CA LYS A 147 -21.44 -66.01 -0.69
C LYS A 147 -22.65 -66.75 -1.28
N GLU A 148 -22.82 -68.02 -0.90
CA GLU A 148 -24.01 -68.79 -1.37
C GLU A 148 -25.27 -68.12 -0.81
N LEU A 149 -25.23 -67.69 0.45
CA LEU A 149 -26.39 -66.99 1.06
C LEU A 149 -26.63 -65.69 0.30
N LEU A 150 -25.54 -64.98 -0.05
CA LEU A 150 -25.66 -63.71 -0.79
C LEU A 150 -26.30 -64.01 -2.15
N GLN A 151 -25.88 -65.11 -2.80
CA GLN A 151 -26.49 -65.49 -4.09
C GLN A 151 -27.97 -65.80 -3.87
N LEU A 152 -28.30 -66.50 -2.78
CA LEU A 152 -29.73 -66.78 -2.46
C LEU A 152 -30.44 -65.44 -2.21
N PHE A 153 -29.79 -64.54 -1.50
CA PHE A 153 -30.38 -63.21 -1.21
C PHE A 153 -30.57 -62.47 -2.53
N GLU A 154 -29.59 -62.57 -3.41
CA GLU A 154 -29.68 -61.89 -4.74
C GLU A 154 -30.86 -62.50 -5.52
N ASP A 155 -31.02 -63.81 -5.45
CA ASP A 155 -32.17 -64.46 -6.13
C ASP A 155 -33.47 -63.95 -5.50
N LEU A 156 -33.48 -63.84 -4.17
CA LEU A 156 -34.68 -63.29 -3.48
C LEU A 156 -34.87 -61.83 -3.93
N VAL A 157 -33.76 -61.08 -4.04
CA VAL A 157 -33.84 -59.65 -4.46
C VAL A 157 -34.39 -59.60 -5.90
N TYR A 158 -33.94 -60.52 -6.77
CA TYR A 158 -34.47 -60.54 -8.15
C TYR A 158 -35.95 -60.87 -8.10
N LEU A 159 -36.34 -61.82 -7.24
CA LEU A 159 -37.77 -62.14 -7.08
C LEU A 159 -38.49 -60.91 -6.53
N HIS A 160 -37.86 -60.23 -5.57
CA HIS A 160 -38.46 -58.99 -4.99
C HIS A 160 -38.58 -57.95 -6.11
N ARG A 161 -37.55 -57.85 -6.95
CA ARG A 161 -37.56 -56.86 -8.05
C ARG A 161 -38.71 -57.20 -9.00
N ARG A 162 -38.93 -58.48 -9.29
CA ARG A 162 -40.07 -58.88 -10.15
C ARG A 162 -41.38 -58.50 -9.44
N ASN A 163 -41.45 -58.74 -8.13
CA ASN A 163 -42.66 -58.34 -7.35
C ASN A 163 -42.80 -56.81 -7.38
N VAL A 164 -41.68 -56.10 -7.23
CA VAL A 164 -41.71 -54.61 -7.27
C VAL A 164 -42.17 -54.18 -8.66
N MET A 165 -41.67 -54.85 -9.71
CA MET A 165 -42.13 -54.53 -11.08
C MET A 165 -43.62 -54.87 -11.16
N GLY A 166 -44.02 -55.99 -10.57
CA GLY A 166 -45.44 -56.41 -10.59
C GLY A 166 -45.79 -56.92 -11.97
N HIS A 167 -44.80 -57.21 -12.81
CA HIS A 167 -45.09 -57.61 -14.21
C HIS A 167 -44.98 -59.13 -14.34
N ALA A 168 -43.99 -59.61 -15.09
CA ALA A 168 -43.86 -61.06 -15.33
C ALA A 168 -43.54 -61.80 -14.03
N VAL A 169 -44.17 -62.96 -13.80
CA VAL A 169 -43.82 -63.79 -12.62
C VAL A 169 -43.41 -65.17 -13.16
N GLU A 170 -42.25 -65.70 -12.75
CA GLU A 170 -41.90 -67.06 -13.20
C GLU A 170 -42.89 -68.05 -12.56
N TRP A 171 -43.39 -69.02 -13.34
CA TRP A 171 -44.26 -70.06 -12.74
C TRP A 171 -43.42 -70.85 -11.74
N PRO A 172 -42.15 -71.16 -12.08
CA PRO A 172 -41.29 -71.90 -11.17
C PRO A 172 -40.06 -71.07 -10.85
N VAL A 173 -39.72 -70.96 -9.56
CA VAL A 173 -38.52 -70.19 -9.14
C VAL A 173 -37.69 -71.07 -8.19
N VAL A 174 -37.00 -72.08 -8.73
CA VAL A 174 -36.17 -72.99 -7.90
C VAL A 174 -34.76 -73.07 -8.51
N GLN A 195 -40.37 -76.78 -9.45
CA GLN A 195 -41.71 -77.38 -9.68
C GLN A 195 -42.73 -76.25 -9.88
N LEU A 196 -43.55 -75.98 -8.86
CA LEU A 196 -44.52 -74.86 -8.96
C LEU A 196 -44.16 -73.83 -7.89
N MET A 197 -44.05 -72.56 -8.26
CA MET A 197 -43.61 -71.54 -7.28
C MET A 197 -44.75 -70.52 -7.05
N SER A 198 -45.07 -70.26 -5.79
CA SER A 198 -46.09 -69.22 -5.47
C SER A 198 -45.34 -68.08 -4.79
N MET A 199 -45.54 -66.84 -5.25
CA MET A 199 -44.74 -65.73 -4.70
C MET A 199 -45.02 -65.60 -3.19
N GLN A 200 -46.28 -65.74 -2.78
CA GLN A 200 -46.59 -65.70 -1.33
C GLN A 200 -45.91 -66.88 -0.61
N ASN A 201 -45.95 -68.07 -1.22
CA ASN A 201 -45.25 -69.24 -0.61
C ASN A 201 -43.75 -68.95 -0.60
N LEU A 202 -43.24 -68.38 -1.69
CA LEU A 202 -41.79 -68.05 -1.77
C LEU A 202 -41.47 -66.99 -0.70
N GLU A 203 -42.36 -66.01 -0.54
CA GLU A 203 -42.10 -64.92 0.44
C GLU A 203 -42.02 -65.51 1.85
N PHE A 204 -42.91 -66.45 2.17
CA PHE A 204 -42.87 -67.08 3.52
C PHE A 204 -41.56 -67.84 3.68
N ILE A 205 -41.15 -68.56 2.64
CA ILE A 205 -39.84 -69.28 2.68
C ILE A 205 -38.72 -68.24 2.80
N GLU A 206 -38.85 -67.14 2.04
CA GLU A 206 -37.82 -66.06 2.07
C GLU A 206 -37.78 -65.46 3.48
N VAL A 207 -38.95 -65.27 4.10
CA VAL A 207 -39.00 -64.63 5.45
C VAL A 207 -38.27 -65.56 6.42
N THR A 208 -38.49 -66.87 6.32
CA THR A 208 -37.78 -67.82 7.20
C THR A 208 -36.30 -67.73 6.91
N LEU A 209 -35.95 -67.66 5.62
CA LEU A 209 -34.52 -67.53 5.23
C LEU A 209 -33.99 -66.21 5.79
N LEU A 210 -34.80 -65.15 5.70
CA LEU A 210 -34.37 -63.82 6.17
C LEU A 210 -34.14 -63.88 7.69
N MET A 211 -34.99 -64.57 8.43
CA MET A 211 -34.79 -64.56 9.90
C MET A 211 -33.44 -65.22 10.20
N VAL A 212 -33.15 -66.34 9.53
CA VAL A 212 -31.81 -66.97 9.70
C VAL A 212 -30.77 -65.98 9.17
N LEU A 213 -31.08 -65.34 8.05
CA LEU A 213 -30.13 -64.41 7.41
C LEU A 213 -29.86 -63.23 8.35
N THR A 214 -30.90 -62.71 9.02
CA THR A 214 -30.64 -61.51 9.85
C THR A 214 -29.67 -61.88 10.94
N ARG A 215 -29.85 -63.05 11.56
CA ARG A 215 -28.87 -63.50 12.58
C ARG A 215 -27.52 -63.71 11.88
N ILE A 216 -27.56 -64.34 10.69
CA ILE A 216 -26.30 -64.61 9.93
C ILE A 216 -25.65 -63.28 9.55
N ILE A 217 -26.45 -62.30 9.14
CA ILE A 217 -25.89 -60.99 8.68
C ILE A 217 -25.17 -60.34 9.86
N ALA A 218 -25.77 -60.41 11.05
CA ALA A 218 -25.08 -59.86 12.23
C ALA A 218 -23.79 -60.65 12.44
N ILE A 219 -23.87 -61.97 12.29
CA ILE A 219 -22.64 -62.81 12.40
C ILE A 219 -21.67 -62.44 11.27
N VAL A 220 -22.20 -62.23 10.06
CA VAL A 220 -21.30 -61.97 8.90
C VAL A 220 -20.52 -60.67 9.11
N PHE A 221 -21.20 -59.63 9.61
CA PHE A 221 -20.54 -58.32 9.85
C PHE A 221 -19.89 -57.90 8.53
N PHE A 222 -20.58 -58.11 7.41
CA PHE A 222 -19.96 -57.81 6.08
C PHE A 222 -19.69 -56.32 5.97
N ARG A 223 -18.56 -55.96 5.39
CA ARG A 223 -18.28 -54.51 5.18
C ARG A 223 -18.33 -54.20 3.68
N ARG A 224 -19.18 -53.25 3.27
CA ARG A 224 -19.30 -52.80 1.86
C ARG A 224 -20.18 -53.80 1.10
N GLN A 225 -20.66 -54.85 1.78
CA GLN A 225 -21.61 -55.79 1.14
C GLN A 225 -22.74 -56.03 2.13
N GLU A 226 -23.55 -55.01 2.40
CA GLU A 226 -24.63 -55.15 3.40
C GLU A 226 -25.58 -53.96 3.27
N LEU A 227 -25.02 -52.78 2.97
CA LEU A 227 -25.88 -51.59 2.76
C LEU A 227 -26.77 -51.87 1.54
N LEU A 228 -26.18 -52.47 0.50
CA LEU A 228 -26.99 -52.86 -0.68
C LEU A 228 -28.02 -53.90 -0.24
N LEU A 229 -27.60 -54.85 0.61
CA LEU A 229 -28.56 -55.86 1.13
C LEU A 229 -29.62 -55.15 1.97
N TRP A 230 -29.22 -54.16 2.77
CA TRP A 230 -30.19 -53.38 3.56
C TRP A 230 -31.11 -52.63 2.60
N GLN A 231 -30.53 -52.08 1.54
CA GLN A 231 -31.35 -51.38 0.51
C GLN A 231 -32.29 -52.41 -0.12
N ILE A 232 -31.77 -53.62 -0.38
CA ILE A 232 -32.63 -54.70 -0.95
C ILE A 232 -33.73 -55.02 0.06
N GLY A 233 -33.37 -55.06 1.35
CA GLY A 233 -34.38 -55.32 2.39
C GLY A 233 -35.41 -54.20 2.42
N CYS A 234 -34.97 -52.95 2.29
CA CYS A 234 -35.93 -51.81 2.24
C CYS A 234 -36.81 -51.95 1.00
N VAL A 235 -36.22 -52.32 -0.14
CA VAL A 235 -37.02 -52.54 -1.37
C VAL A 235 -37.95 -53.73 -1.10
N LEU A 236 -37.45 -54.76 -0.42
CA LEU A 236 -38.27 -55.94 -0.09
C LEU A 236 -39.41 -55.48 0.83
N LEU A 237 -39.10 -54.60 1.78
CA LEU A 237 -40.16 -54.06 2.67
C LEU A 237 -41.19 -53.28 1.84
N GLU A 238 -40.72 -52.49 0.87
CA GLU A 238 -41.68 -51.77 -0.02
C GLU A 238 -42.48 -52.81 -0.81
N TYR A 239 -41.82 -53.86 -1.30
CA TYR A 239 -42.52 -54.97 -2.00
C TYR A 239 -43.45 -55.65 -1.00
N GLY A 240 -42.98 -55.83 0.24
CA GLY A 240 -43.76 -56.57 1.25
C GLY A 240 -45.06 -55.87 1.61
N SER A 241 -46.10 -56.66 1.87
CA SER A 241 -47.43 -56.10 2.24
C SER A 241 -47.84 -56.58 3.63
N PRO A 242 -48.31 -55.68 4.53
CA PRO A 242 -48.83 -56.12 5.83
C PRO A 242 -47.81 -56.89 6.66
N LYS A 243 -48.21 -58.07 7.14
CA LYS A 243 -47.33 -58.85 8.06
C LYS A 243 -46.03 -59.21 7.32
N ILE A 244 -46.11 -59.59 6.05
CA ILE A 244 -44.85 -60.01 5.36
C ILE A 244 -43.91 -58.80 5.34
N LYS A 245 -44.45 -57.61 5.06
CA LYS A 245 -43.61 -56.39 5.11
C LYS A 245 -43.12 -56.17 6.54
N SER A 246 -44.00 -56.38 7.52
CA SER A 246 -43.62 -56.13 8.94
C SER A 246 -42.49 -57.09 9.35
N LEU A 247 -42.59 -58.35 8.94
CA LEU A 247 -41.52 -59.33 9.27
C LEU A 247 -40.22 -58.86 8.59
N ALA A 248 -40.33 -58.39 7.35
CA ALA A 248 -39.13 -57.87 6.65
C ALA A 248 -38.64 -56.63 7.40
N ILE A 249 -39.57 -55.78 7.85
CA ILE A 249 -39.17 -54.52 8.53
C ILE A 249 -38.44 -54.89 9.83
N SER A 250 -38.93 -55.88 10.56
CA SER A 250 -38.28 -56.25 11.84
C SER A 250 -36.86 -56.74 11.57
N PHE A 251 -36.69 -57.56 10.53
CA PHE A 251 -35.33 -58.04 10.17
C PHE A 251 -34.49 -56.85 9.75
N LEU A 252 -35.09 -55.95 8.97
CA LEU A 252 -34.36 -54.75 8.49
C LEU A 252 -33.98 -53.89 9.71
N THR A 253 -34.88 -53.76 10.68
CA THR A 253 -34.61 -52.91 11.85
C THR A 253 -33.43 -53.49 12.60
N GLU A 254 -33.39 -54.82 12.74
CA GLU A 254 -32.23 -55.46 13.41
C GLU A 254 -30.97 -55.21 12.59
N LEU A 255 -31.07 -55.32 11.27
CA LEU A 255 -29.92 -55.04 10.40
C LEU A 255 -29.54 -53.56 10.56
N PHE A 256 -30.55 -52.70 10.62
CA PHE A 256 -30.29 -51.24 10.75
C PHE A 256 -29.60 -50.99 12.07
N GLN A 257 -30.04 -51.67 13.14
CA GLN A 257 -29.43 -51.34 14.45
C GLN A 257 -27.94 -51.69 14.38
N LEU A 258 -27.61 -52.83 13.79
CA LEU A 258 -26.19 -53.19 13.59
C LEU A 258 -25.51 -52.19 12.65
N GLY A 259 -26.21 -51.79 11.58
CA GLY A 259 -25.60 -50.92 10.55
C GLY A 259 -25.81 -49.44 10.77
N GLY A 260 -26.50 -49.05 11.84
CA GLY A 260 -26.84 -47.62 11.98
C GLY A 260 -27.65 -47.21 10.76
N LEU A 261 -27.28 -46.13 10.08
CA LEU A 261 -28.00 -45.81 8.82
C LEU A 261 -27.06 -46.06 7.64
N PRO A 262 -27.45 -46.88 6.64
CA PRO A 262 -26.57 -47.06 5.50
C PRO A 262 -26.48 -45.82 4.63
N ALA A 263 -25.26 -45.45 4.21
CA ALA A 263 -25.13 -44.33 3.25
C ALA A 263 -25.82 -44.73 1.96
N GLN A 264 -25.65 -45.99 1.56
CA GLN A 264 -26.24 -46.49 0.29
C GLN A 264 -27.78 -46.40 0.37
N PRO A 265 -28.43 -46.72 1.51
CA PRO A 265 -29.88 -46.69 1.50
C PRO A 265 -30.22 -45.25 1.20
N ALA A 266 -29.52 -44.31 1.83
CA ALA A 266 -29.69 -42.89 1.42
C ALA A 266 -31.15 -42.47 1.48
N SER A 267 -31.62 -41.89 0.37
CA SER A 267 -33.02 -41.42 0.26
C SER A 267 -33.97 -42.60 0.40
N THR A 268 -33.62 -43.76 -0.16
CA THR A 268 -34.58 -44.89 -0.14
C THR A 268 -34.87 -45.26 1.30
N PHE A 269 -33.86 -45.25 2.17
CA PHE A 269 -34.16 -45.51 3.60
C PHE A 269 -35.08 -44.42 4.14
N PHE A 270 -34.83 -43.16 3.78
CA PHE A 270 -35.71 -42.05 4.20
C PHE A 270 -37.08 -42.28 3.56
N SER A 271 -37.10 -42.72 2.30
CA SER A 271 -38.36 -42.99 1.58
C SER A 271 -39.10 -44.13 2.30
N SER A 272 -38.37 -45.15 2.76
CA SER A 272 -39.01 -46.26 3.50
C SER A 272 -39.63 -45.69 4.79
N PHE A 273 -38.93 -44.78 5.46
CA PHE A 273 -39.51 -44.12 6.66
C PHE A 273 -40.74 -43.32 6.23
N LEU A 274 -40.63 -42.65 5.08
CA LEU A 274 -41.78 -41.87 4.55
C LEU A 274 -42.91 -42.86 4.21
N GLU A 275 -42.56 -44.02 3.65
CA GLU A 275 -43.58 -45.05 3.33
C GLU A 275 -44.23 -45.50 4.65
N LEU A 276 -43.42 -45.67 5.69
CA LEU A 276 -43.97 -46.04 7.02
C LEU A 276 -44.90 -44.91 7.49
N LEU A 277 -44.51 -43.65 7.27
CA LEU A 277 -45.39 -42.51 7.64
C LEU A 277 -46.67 -42.56 6.81
N LYS A 278 -46.56 -42.89 5.52
CA LYS A 278 -47.76 -43.05 4.67
C LYS A 278 -48.60 -44.21 5.21
N HIS A 279 -47.94 -45.30 5.61
CA HIS A 279 -48.66 -46.45 6.21
C HIS A 279 -49.33 -45.97 7.49
N LEU A 280 -48.62 -45.15 8.27
CA LEU A 280 -49.17 -44.63 9.55
C LEU A 280 -50.41 -43.79 9.21
N VAL A 281 -50.34 -43.01 8.14
CA VAL A 281 -51.49 -42.13 7.75
C VAL A 281 -52.71 -43.02 7.47
N GLU A 282 -52.50 -44.15 6.80
CA GLU A 282 -53.64 -45.03 6.42
C GLU A 282 -53.35 -46.48 6.85
N MET A 283 -53.45 -46.76 8.14
CA MET A 283 -53.09 -48.13 8.63
C MET A 283 -54.35 -48.82 9.20
N ASP A 284 -54.63 -50.05 8.74
CA ASP A 284 -55.74 -50.84 9.32
C ASP A 284 -55.34 -51.24 10.74
N THR A 285 -56.31 -51.38 11.66
CA THR A 285 -55.97 -51.84 13.01
C THR A 285 -55.40 -53.23 12.91
N ASP A 286 -55.98 -54.08 12.05
CA ASP A 286 -55.40 -55.42 11.82
C ASP A 286 -54.00 -55.26 11.22
N GLN A 287 -53.85 -54.32 10.29
CA GLN A 287 -52.51 -54.03 9.70
C GLN A 287 -51.59 -53.53 10.82
N LEU A 288 -52.12 -52.69 11.71
CA LEU A 288 -51.31 -52.18 12.84
C LEU A 288 -50.90 -53.36 13.73
N LYS A 289 -51.82 -54.31 13.96
CA LYS A 289 -51.45 -55.52 14.74
C LYS A 289 -50.38 -56.28 13.96
N LEU A 290 -50.53 -56.38 12.64
CA LEU A 290 -49.50 -57.03 11.79
C LEU A 290 -48.20 -56.23 11.90
N TYR A 291 -48.31 -54.89 11.92
CA TYR A 291 -47.12 -54.01 11.99
C TYR A 291 -46.44 -54.23 13.34
N GLU A 292 -45.12 -54.13 13.36
CA GLU A 292 -44.41 -54.45 14.63
C GLU A 292 -44.09 -53.15 15.37
N GLU A 293 -44.54 -53.06 16.62
CA GLU A 293 -44.24 -51.87 17.46
C GLU A 293 -42.71 -51.83 17.64
N PRO A 294 -42.05 -52.99 17.82
CA PRO A 294 -40.62 -52.98 18.07
C PRO A 294 -39.84 -52.41 16.90
N LEU A 295 -40.25 -52.75 15.66
CA LEU A 295 -39.57 -52.12 14.49
C LEU A 295 -39.83 -50.61 14.55
N SER A 296 -41.05 -50.20 14.89
CA SER A 296 -41.34 -48.76 15.07
C SER A 296 -40.50 -48.22 16.23
N LYS A 297 -40.39 -49.01 17.30
CA LYS A 297 -39.60 -48.61 18.49
C LYS A 297 -38.14 -48.47 18.05
N LEU A 298 -37.67 -49.38 17.20
CA LEU A 298 -36.27 -49.31 16.72
C LEU A 298 -36.09 -47.99 15.94
N ILE A 299 -37.08 -47.62 15.13
CA ILE A 299 -36.99 -46.30 14.44
C ILE A 299 -36.99 -45.18 15.49
N LYS A 300 -37.83 -45.31 16.52
CA LYS A 300 -37.84 -44.31 17.62
C LYS A 300 -36.47 -44.35 18.31
N THR A 301 -35.94 -45.55 18.50
CA THR A 301 -34.60 -45.72 19.12
C THR A 301 -33.60 -45.06 18.21
N LEU A 302 -33.78 -45.22 16.89
CA LEU A 302 -32.78 -44.67 15.94
C LEU A 302 -32.75 -43.14 16.13
N PHE A 303 -33.91 -42.52 16.30
CA PHE A 303 -33.85 -41.06 16.61
C PHE A 303 -33.20 -40.92 17.98
N PRO A 304 -32.23 -39.99 18.16
CA PRO A 304 -31.64 -39.78 19.48
C PRO A 304 -32.55 -39.04 20.44
N PHE A 305 -32.45 -39.32 21.75
CA PHE A 305 -33.23 -38.55 22.74
C PHE A 305 -32.81 -37.08 22.69
N GLU A 306 -31.50 -36.83 22.56
CA GLU A 306 -31.00 -35.43 22.43
C GLU A 306 -30.65 -35.14 20.96
N ALA A 307 -29.36 -34.92 20.66
CA ALA A 307 -28.95 -34.75 19.25
C ALA A 307 -28.23 -36.02 18.84
N GLU A 308 -26.97 -36.20 19.27
CA GLU A 308 -26.32 -37.52 19.06
C GLU A 308 -26.40 -37.94 17.59
N ALA A 309 -26.91 -39.15 17.35
CA ALA A 309 -27.06 -39.70 15.98
C ALA A 309 -28.03 -38.81 15.20
N TYR A 310 -29.08 -38.31 15.84
CA TYR A 310 -30.10 -37.48 15.13
C TYR A 310 -29.37 -36.25 14.59
N ARG A 311 -28.45 -35.66 15.36
CA ARG A 311 -27.64 -34.54 14.82
C ARG A 311 -26.83 -35.10 13.65
N ASN A 312 -26.29 -36.31 13.79
CA ASN A 312 -25.55 -36.98 12.68
C ASN A 312 -26.52 -37.22 11.52
N ILE A 313 -27.77 -37.57 11.81
CA ILE A 313 -28.77 -37.93 10.74
C ILE A 313 -28.98 -36.72 9.82
N GLU A 314 -29.20 -36.97 8.53
CA GLU A 314 -29.27 -35.88 7.53
C GLU A 314 -30.45 -34.92 7.75
N PRO A 315 -30.26 -33.61 7.45
CA PRO A 315 -31.34 -32.64 7.55
C PRO A 315 -32.42 -33.05 6.57
N VAL A 316 -32.01 -33.55 5.40
CA VAL A 316 -33.01 -34.06 4.41
C VAL A 316 -33.78 -35.21 5.06
N TYR A 317 -33.09 -36.08 5.80
CA TYR A 317 -33.80 -37.15 6.55
C TYR A 317 -34.71 -36.46 7.56
N LEU A 318 -34.21 -35.39 8.18
CA LEU A 318 -35.04 -34.60 9.14
C LEU A 318 -36.22 -33.99 8.38
N ASN A 319 -36.00 -33.53 7.15
CA ASN A 319 -37.11 -32.99 6.32
C ASN A 319 -38.11 -34.12 6.07
N MET A 320 -37.62 -35.34 5.83
CA MET A 320 -38.52 -36.50 5.68
C MET A 320 -39.27 -36.69 7.01
N LEU A 321 -38.57 -36.51 8.13
CA LEU A 321 -39.21 -36.59 9.47
C LEU A 321 -40.27 -35.48 9.58
N LEU A 322 -39.98 -34.29 9.05
CA LEU A 322 -41.01 -33.20 9.06
C LEU A 322 -42.20 -33.67 8.24
N GLU A 323 -41.95 -34.33 7.11
CA GLU A 323 -43.07 -34.91 6.31
C GLU A 323 -43.77 -35.96 7.18
N LYS A 324 -42.99 -36.75 7.92
CA LYS A 324 -43.57 -37.76 8.84
C LYS A 324 -44.38 -37.00 9.91
N LEU A 325 -43.88 -35.85 10.37
CA LEU A 325 -44.61 -35.03 11.37
C LEU A 325 -45.93 -34.59 10.75
N CYS A 326 -45.94 -34.23 9.47
CA CYS A 326 -47.20 -33.85 8.77
C CYS A 326 -48.12 -35.08 8.78
N VAL A 327 -47.56 -36.28 8.59
CA VAL A 327 -48.33 -37.55 8.63
C VAL A 327 -48.70 -37.85 10.10
N MET A 328 -49.64 -38.78 10.34
CA MET A 328 -50.10 -39.09 11.72
C MET A 328 -50.80 -37.87 12.35
N PHE A 329 -50.35 -37.38 13.51
CA PHE A 329 -51.13 -36.34 14.24
C PHE A 329 -51.35 -35.05 13.45
N GLU A 330 -50.34 -34.54 12.72
CA GLU A 330 -50.64 -33.32 11.90
C GLU A 330 -51.68 -33.76 10.86
N ASP A 331 -51.53 -34.97 10.31
CA ASP A 331 -52.53 -35.54 9.37
C ASP A 331 -53.85 -35.70 10.12
N GLY A 332 -53.79 -36.06 11.42
CA GLY A 332 -55.02 -36.42 12.15
C GLY A 332 -55.23 -37.91 12.05
N VAL A 333 -54.28 -38.62 11.45
CA VAL A 333 -54.33 -40.11 11.43
C VAL A 333 -54.24 -40.56 12.89
N LEU A 334 -53.39 -39.89 13.69
CA LEU A 334 -53.28 -40.21 15.13
C LEU A 334 -54.63 -39.93 15.80
N MET A 335 -55.30 -38.84 15.39
CA MET A 335 -56.65 -38.52 15.93
C MET A 335 -57.58 -39.68 15.53
N ARG A 336 -57.43 -40.21 14.32
CA ARG A 336 -58.22 -41.38 13.88
C ARG A 336 -57.82 -42.56 14.79
N LEU A 337 -58.74 -43.48 15.07
CA LEU A 337 -58.41 -44.52 16.08
C LEU A 337 -57.19 -45.32 15.60
N LYS A 338 -56.27 -45.62 16.52
CA LYS A 338 -55.01 -46.32 16.17
C LYS A 338 -54.73 -47.38 17.24
N SER A 339 -53.92 -48.40 16.93
CA SER A 339 -53.57 -49.39 17.97
C SER A 339 -52.84 -48.64 19.09
N ASP A 340 -53.12 -48.98 20.35
CA ASP A 340 -52.55 -48.18 21.46
C ASP A 340 -51.02 -48.27 21.45
N LEU A 341 -50.48 -49.46 21.19
CA LEU A 341 -49.00 -49.58 21.08
C LEU A 341 -48.52 -48.72 19.91
N LEU A 342 -49.23 -48.76 18.78
CA LEU A 342 -48.85 -47.90 17.63
C LEU A 342 -48.99 -46.43 18.02
N LYS A 343 -50.07 -46.09 18.74
CA LYS A 343 -50.28 -44.69 19.18
C LYS A 343 -49.14 -44.31 20.13
N ALA A 344 -48.78 -45.23 21.02
CA ALA A 344 -47.66 -44.96 21.95
C ALA A 344 -46.37 -44.81 21.14
N ALA A 345 -46.20 -45.65 20.13
CA ALA A 345 -44.98 -45.58 19.29
C ALA A 345 -44.95 -44.23 18.58
N LEU A 346 -46.10 -43.79 18.07
CA LEU A 346 -46.16 -42.46 17.40
C LEU A 346 -45.82 -41.36 18.42
N CYS A 347 -46.36 -41.48 19.63
CA CYS A 347 -46.02 -40.48 20.68
C CYS A 347 -44.53 -40.58 20.99
N HIS A 348 -44.02 -41.81 21.06
CA HIS A 348 -42.58 -42.01 21.33
C HIS A 348 -41.77 -41.39 20.19
N LEU A 349 -42.24 -41.59 18.95
CA LEU A 349 -41.52 -41.04 17.78
C LEU A 349 -41.51 -39.51 17.85
N LEU A 350 -42.64 -38.92 18.23
CA LEU A 350 -42.68 -37.45 18.39
C LEU A 350 -41.71 -37.06 19.51
N GLN A 351 -41.72 -37.82 20.60
CA GLN A 351 -40.74 -37.54 21.69
C GLN A 351 -39.33 -37.77 21.13
N TYR A 352 -39.14 -38.83 20.35
CA TYR A 352 -37.77 -39.16 19.87
C TYR A 352 -37.26 -38.04 18.99
N PHE A 353 -38.10 -37.50 18.11
CA PHE A 353 -37.52 -36.46 17.20
C PHE A 353 -38.10 -35.08 17.49
N LEU A 354 -39.43 -34.95 17.50
CA LEU A 354 -40.00 -33.60 17.65
C LEU A 354 -39.63 -33.01 19.02
N LYS A 355 -39.74 -33.81 20.08
CA LYS A 355 -39.33 -33.33 21.43
C LYS A 355 -37.82 -33.06 21.41
N PHE A 356 -37.05 -33.93 20.78
CA PHE A 356 -35.58 -33.77 20.78
C PHE A 356 -35.23 -32.47 20.09
N VAL A 357 -35.91 -32.20 18.95
CA VAL A 357 -35.64 -30.96 18.17
C VAL A 357 -34.15 -30.94 17.84
N PRO A 358 -33.52 -32.10 17.53
CA PRO A 358 -32.08 -32.11 17.31
C PRO A 358 -31.76 -31.29 16.09
N ALA A 359 -30.65 -30.53 16.13
CA ALA A 359 -30.22 -29.78 14.93
C ALA A 359 -31.38 -28.88 14.51
N GLY A 360 -31.76 -28.95 13.23
CA GLY A 360 -32.89 -28.15 12.73
C GLY A 360 -32.49 -26.75 12.36
N TYR A 361 -31.20 -26.41 12.41
CA TYR A 361 -30.76 -25.09 11.90
C TYR A 361 -31.08 -25.07 10.42
N GLU A 362 -30.80 -26.17 9.72
CA GLU A 362 -31.17 -26.30 8.29
C GLU A 362 -32.69 -26.24 8.21
N SER A 363 -33.37 -26.84 9.18
CA SER A 363 -34.86 -26.90 9.20
C SER A 363 -35.43 -25.52 9.54
N ALA A 364 -36.73 -25.33 9.31
CA ALA A 364 -37.37 -24.01 9.50
C ALA A 364 -37.21 -23.59 10.97
N LEU A 365 -37.15 -24.55 11.91
CA LEU A 365 -36.90 -24.14 13.32
C LEU A 365 -38.07 -23.29 13.79
N GLN A 366 -37.86 -22.05 14.20
CA GLN A 366 -38.99 -21.30 14.82
C GLN A 366 -40.14 -21.21 13.81
N VAL A 367 -39.86 -20.98 12.53
CA VAL A 367 -40.98 -21.02 11.54
C VAL A 367 -41.58 -22.44 11.55
N ARG A 368 -40.73 -23.47 11.59
CA ARG A 368 -41.22 -24.88 11.67
C ARG A 368 -41.96 -25.04 13.00
N LYS A 369 -41.45 -24.42 14.07
CA LYS A 369 -42.07 -24.58 15.41
C LYS A 369 -43.49 -24.02 15.38
N VAL A 370 -43.71 -22.91 14.68
CA VAL A 370 -45.12 -22.43 14.54
C VAL A 370 -45.92 -23.49 13.79
N TYR A 371 -45.33 -24.08 12.74
CA TYR A 371 -46.01 -25.20 12.03
C TYR A 371 -46.14 -26.37 12.99
N VAL A 372 -45.09 -26.61 13.78
CA VAL A 372 -45.10 -27.71 14.78
C VAL A 372 -46.19 -27.42 15.81
N ARG A 373 -46.34 -26.15 16.21
CA ARG A 373 -47.42 -25.78 17.16
C ARG A 373 -48.76 -26.08 16.49
N ASN A 374 -48.89 -25.76 15.20
CA ASN A 374 -50.14 -26.13 14.47
C ASN A 374 -50.23 -27.66 14.47
N ILE A 375 -49.11 -28.34 14.24
CA ILE A 375 -49.08 -29.83 14.28
C ILE A 375 -49.44 -30.25 15.71
N CYS A 376 -48.94 -29.53 16.71
CA CYS A 376 -49.24 -29.85 18.13
C CYS A 376 -50.74 -29.69 18.41
N LYS A 377 -51.37 -28.66 17.86
CA LYS A 377 -52.84 -28.54 18.04
C LYS A 377 -53.50 -29.75 17.35
N ALA A 378 -52.99 -30.12 16.18
CA ALA A 378 -53.49 -31.33 15.50
C ALA A 378 -53.15 -32.54 16.37
N LEU A 379 -51.95 -32.53 16.97
CA LEU A 379 -51.50 -33.65 17.82
C LEU A 379 -52.44 -33.79 19.02
N LEU A 380 -52.89 -32.67 19.61
CA LEU A 380 -53.73 -32.82 20.83
C LEU A 380 -54.97 -33.58 20.37
N ASP A 381 -55.52 -33.23 19.21
CA ASP A 381 -56.64 -34.03 18.66
C ASP A 381 -57.77 -34.10 19.68
N VAL A 382 -58.28 -35.31 19.93
CA VAL A 382 -59.34 -35.51 20.96
C VAL A 382 -58.76 -35.11 22.32
N LEU A 383 -57.49 -35.47 22.57
CA LEU A 383 -56.87 -35.20 23.89
C LEU A 383 -57.73 -35.90 24.96
N GLY A 384 -58.11 -35.18 26.00
CA GLY A 384 -58.98 -35.79 27.04
C GLY A 384 -60.31 -36.18 26.44
N ILE A 385 -60.87 -35.34 25.56
CA ILE A 385 -62.19 -35.62 24.94
C ILE A 385 -61.97 -36.51 23.70
N TYR A 391 -50.70 -40.99 29.38
CA TYR A 391 -50.66 -42.02 28.31
C TYR A 391 -49.93 -41.46 27.10
N LEU A 392 -50.40 -41.76 25.90
CA LEU A 392 -49.79 -41.16 24.69
C LEU A 392 -50.01 -39.65 24.79
N LEU A 393 -51.20 -39.25 25.25
CA LEU A 393 -51.47 -37.80 25.47
C LEU A 393 -50.50 -37.31 26.55
N GLY A 394 -50.27 -38.11 27.59
CA GLY A 394 -49.29 -37.73 28.62
C GLY A 394 -47.91 -37.62 28.01
N PRO A 395 -47.52 -38.55 27.09
CA PRO A 395 -46.24 -38.39 26.42
C PRO A 395 -46.27 -37.12 25.59
N LEU A 396 -47.41 -36.86 24.94
CA LEU A 396 -47.55 -35.61 24.16
C LEU A 396 -47.45 -34.42 25.14
N TYR A 397 -48.05 -34.57 26.32
CA TYR A 397 -47.99 -33.49 27.34
C TYR A 397 -46.53 -33.30 27.74
N ALA A 398 -45.79 -34.40 27.89
CA ALA A 398 -44.35 -34.27 28.20
C ALA A 398 -43.65 -33.55 27.04
N ALA A 399 -44.02 -33.90 25.80
CA ALA A 399 -43.45 -33.17 24.64
C ALA A 399 -43.89 -31.71 24.72
N LEU A 400 -45.15 -31.48 25.09
CA LEU A 400 -45.66 -30.09 25.26
C LEU A 400 -44.86 -29.41 26.38
N LYS A 401 -44.57 -30.15 27.46
CA LYS A 401 -43.76 -29.59 28.56
C LYS A 401 -42.37 -29.26 28.01
N MET A 402 -41.83 -30.14 27.16
CA MET A 402 -40.52 -29.85 26.52
C MET A 402 -40.68 -28.60 25.65
N GLU A 403 -41.79 -28.48 24.93
CA GLU A 403 -42.05 -27.26 24.13
C GLU A 403 -42.16 -26.06 25.07
N SER A 404 -42.81 -26.25 26.21
CA SER A 404 -42.90 -25.16 27.21
C SER A 404 -41.49 -24.83 27.71
N MET A 405 -40.67 -25.87 27.93
CA MET A 405 -39.28 -25.65 28.35
C MET A 405 -38.55 -24.89 27.24
N GLU A 406 -38.82 -25.24 25.98
CA GLU A 406 -38.20 -24.52 24.84
C GLU A 406 -38.68 -23.06 24.87
N ILE A 407 -39.97 -22.84 25.16
CA ILE A 407 -40.52 -21.46 25.27
C ILE A 407 -39.80 -20.76 26.42
N ILE A 408 -39.56 -21.48 27.53
CA ILE A 408 -38.88 -20.90 28.72
C ILE A 408 -37.44 -20.55 28.33
N GLU A 409 -36.86 -19.49 28.92
CA GLU A 409 -35.48 -19.03 28.58
C GLU A 409 -35.54 -18.30 27.23
N GLU A 410 -36.09 -18.93 26.19
CA GLU A 410 -36.24 -18.23 24.90
C GLU A 410 -37.17 -17.02 25.13
N ILE A 411 -38.23 -17.21 25.92
CA ILE A 411 -39.15 -16.07 26.25
C ILE A 411 -38.33 -15.02 27.02
N GLN A 412 -37.46 -15.46 27.93
CA GLN A 412 -36.66 -14.52 28.75
C GLN A 412 -35.70 -13.73 27.85
N CYS A 413 -35.49 -12.46 28.15
CA CYS A 413 -34.55 -11.62 27.36
C CYS A 413 -33.18 -12.32 27.33
N LEU A 462 -49.78 -19.02 23.19
CA LEU A 462 -48.71 -19.95 23.65
C LEU A 462 -49.15 -20.60 24.97
N TRP A 463 -48.60 -20.14 26.10
CA TRP A 463 -49.04 -20.66 27.41
C TRP A 463 -50.50 -20.29 27.61
N SER A 464 -50.87 -19.08 27.20
CA SER A 464 -52.29 -18.65 27.27
C SER A 464 -53.14 -19.55 26.37
N ALA A 465 -52.64 -19.88 25.18
CA ALA A 465 -53.37 -20.78 24.27
C ALA A 465 -53.52 -22.15 24.93
N LEU A 466 -52.47 -22.62 25.60
CA LEU A 466 -52.56 -23.90 26.34
C LEU A 466 -53.60 -23.74 27.46
N LYS A 467 -53.59 -22.58 28.13
CA LYS A 467 -54.57 -22.31 29.20
C LYS A 467 -55.97 -22.31 28.59
N GLN A 468 -56.12 -21.73 27.39
CA GLN A 468 -57.44 -21.72 26.71
C GLN A 468 -57.86 -23.16 26.39
N LYS A 469 -56.92 -23.99 25.93
CA LYS A 469 -57.25 -25.42 25.69
C LYS A 469 -57.65 -26.06 27.02
N ALA A 470 -56.93 -25.73 28.09
CA ALA A 470 -57.28 -26.24 29.43
C ALA A 470 -58.65 -25.70 29.82
N GLU A 471 -58.92 -24.44 29.49
CA GLU A 471 -60.21 -23.82 29.83
C GLU A 471 -61.33 -24.57 29.11
N SER A 472 -61.10 -24.98 27.86
CA SER A 472 -62.12 -25.77 27.12
C SER A 472 -62.36 -27.10 27.84
N LEU A 473 -61.29 -27.76 28.32
CA LEU A 473 -61.48 -29.01 29.11
C LEU A 473 -62.25 -28.66 30.39
N GLN A 474 -61.89 -27.53 31.00
CA GLN A 474 -62.58 -27.07 32.24
C GLN A 474 -64.05 -26.81 31.89
N ILE A 475 -64.31 -26.22 30.72
CA ILE A 475 -65.70 -25.87 30.32
C ILE A 475 -66.53 -27.17 30.22
N SER A 476 -65.95 -28.24 29.69
CA SER A 476 -66.71 -29.52 29.66
C SER A 476 -66.98 -29.97 31.10
N LEU A 477 -65.98 -29.83 31.98
CA LEU A 477 -66.20 -30.15 33.41
C LEU A 477 -67.26 -29.20 33.97
N GLU A 478 -67.18 -27.93 33.60
CA GLU A 478 -68.14 -26.92 34.12
C GLU A 478 -69.56 -27.28 33.69
N TYR A 479 -69.75 -27.70 32.42
CA TYR A 479 -71.14 -27.94 31.99
C TYR A 479 -71.73 -29.05 32.82
N SER A 480 -70.97 -30.13 33.03
CA SER A 480 -71.42 -31.20 33.97
C SER A 480 -70.21 -32.00 34.45
N GLY A 481 -70.30 -32.64 35.61
CA GLY A 481 -69.19 -33.55 35.99
C GLY A 481 -69.16 -34.67 34.96
N LEU A 482 -70.35 -35.15 34.57
CA LEU A 482 -70.46 -36.20 33.53
C LEU A 482 -69.93 -35.66 32.20
N LYS A 483 -70.20 -34.39 31.89
CA LYS A 483 -69.82 -33.84 30.55
C LYS A 483 -68.30 -33.91 30.38
N ASN A 484 -67.51 -33.59 31.42
CA ASN A 484 -66.05 -33.77 31.24
C ASN A 484 -65.76 -35.25 31.04
N PRO A 485 -64.90 -35.64 30.08
CA PRO A 485 -64.51 -37.04 29.96
C PRO A 485 -63.62 -37.33 31.14
N VAL A 486 -63.62 -38.58 31.63
CA VAL A 486 -62.69 -38.93 32.73
C VAL A 486 -61.28 -38.75 32.18
N ILE A 487 -61.07 -39.16 30.92
CA ILE A 487 -59.74 -38.94 30.27
C ILE A 487 -59.50 -37.43 30.15
N GLU A 488 -60.54 -36.66 29.80
CA GLU A 488 -60.40 -35.19 29.70
C GLU A 488 -60.06 -34.61 31.07
N MET A 489 -60.70 -35.11 32.12
CA MET A 489 -60.39 -34.63 33.49
C MET A 489 -58.92 -34.99 33.78
N LEU A 490 -58.50 -36.20 33.39
CA LEU A 490 -57.09 -36.59 33.57
C LEU A 490 -56.20 -35.66 32.74
N GLU A 491 -56.63 -35.35 31.52
CA GLU A 491 -55.84 -34.47 30.63
C GLU A 491 -55.70 -33.07 31.26
N GLY A 492 -56.77 -32.56 31.85
CA GLY A 492 -56.68 -31.25 32.52
C GLY A 492 -55.70 -31.34 33.67
N ILE A 493 -55.77 -32.45 34.42
CA ILE A 493 -54.79 -32.68 35.53
C ILE A 493 -53.39 -32.79 34.92
N ALA A 494 -53.27 -33.45 33.78
CA ALA A 494 -51.94 -33.68 33.20
C ALA A 494 -51.28 -32.35 32.84
N VAL A 495 -49.99 -32.21 33.11
CA VAL A 495 -49.21 -30.97 32.76
C VAL A 495 -49.44 -29.92 33.85
N VAL A 496 -50.21 -30.24 34.90
CA VAL A 496 -50.33 -29.28 36.03
C VAL A 496 -48.92 -29.17 36.65
N LEU A 497 -48.23 -30.30 36.80
CA LEU A 497 -46.83 -30.29 37.31
C LEU A 497 -45.96 -29.53 36.32
N GLN A 498 -46.19 -29.74 35.02
CA GLN A 498 -45.41 -29.02 33.98
C GLN A 498 -45.70 -27.52 34.13
N LEU A 499 -46.95 -27.17 34.41
CA LEU A 499 -47.30 -25.74 34.63
C LEU A 499 -46.54 -25.25 35.87
N THR A 500 -46.46 -26.08 36.91
CA THR A 500 -45.68 -25.69 38.11
C THR A 500 -44.22 -25.52 37.71
N ALA A 501 -43.70 -26.42 36.88
CA ALA A 501 -42.30 -26.30 36.37
C ALA A 501 -42.20 -25.02 35.53
N LEU A 502 -43.25 -24.72 34.76
CA LEU A 502 -43.28 -23.53 33.87
C LEU A 502 -43.46 -22.25 34.69
N CYS A 503 -43.21 -21.09 34.07
CA CYS A 503 -43.32 -19.78 34.78
C CYS A 503 -42.27 -19.67 35.91
N THR A 504 -42.68 -19.41 37.14
CA THR A 504 -41.69 -19.10 38.21
C THR A 504 -40.72 -20.24 38.44
N VAL A 505 -41.16 -21.50 38.46
CA VAL A 505 -40.13 -22.57 38.65
C VAL A 505 -39.16 -22.52 37.45
N HIS A 506 -39.68 -22.31 36.24
CA HIS A 506 -38.80 -22.18 35.05
C HIS A 506 -37.93 -20.93 35.22
N CYS A 507 -38.52 -19.86 35.75
CA CYS A 507 -37.75 -18.60 35.97
C CYS A 507 -36.65 -18.89 37.00
N SER A 508 -36.96 -19.66 38.04
CA SER A 508 -35.94 -20.03 39.05
C SER A 508 -34.83 -20.86 38.37
N HIS A 509 -35.22 -21.77 37.46
CA HIS A 509 -34.24 -22.65 36.77
C HIS A 509 -34.88 -23.26 35.53
N PRO A 528 -36.51 -16.05 38.80
CA PRO A 528 -36.08 -14.74 38.35
C PRO A 528 -37.25 -13.76 38.25
N SER A 529 -37.44 -13.17 37.08
CA SER A 529 -38.54 -12.19 36.88
C SER A 529 -39.90 -12.89 37.09
N VAL A 530 -40.04 -14.13 36.60
CA VAL A 530 -41.32 -14.87 36.72
C VAL A 530 -42.42 -14.05 36.05
N VAL A 531 -42.09 -13.39 34.94
CA VAL A 531 -43.11 -12.59 34.19
C VAL A 531 -44.18 -13.57 33.70
N ILE A 532 -43.75 -14.75 33.24
CA ILE A 532 -44.75 -15.79 32.83
C ILE A 532 -45.53 -16.19 34.08
N THR A 533 -46.84 -16.42 33.95
CA THR A 533 -47.65 -16.73 35.14
C THR A 533 -48.23 -18.12 35.02
N TRP A 534 -48.06 -18.94 36.06
CA TRP A 534 -48.67 -20.30 36.08
C TRP A 534 -50.18 -20.15 36.25
N MET A 535 -50.95 -21.12 35.74
CA MET A 535 -52.43 -21.01 35.81
C MET A 535 -52.81 -20.98 37.29
N SER A 536 -53.81 -20.17 37.66
CA SER A 536 -54.11 -20.02 39.10
C SER A 536 -54.54 -21.34 39.74
N LEU A 537 -54.00 -21.63 40.92
CA LEU A 537 -54.41 -22.86 41.66
C LEU A 537 -55.89 -22.73 42.03
N ASP A 538 -56.33 -21.53 42.42
CA ASP A 538 -57.73 -21.34 42.88
C ASP A 538 -58.72 -21.67 41.75
N PHE A 539 -58.42 -21.27 40.53
CA PHE A 539 -59.32 -21.65 39.40
C PHE A 539 -59.31 -23.17 39.28
N TYR A 540 -58.13 -23.77 39.41
CA TYR A 540 -58.03 -25.25 39.39
C TYR A 540 -58.78 -25.81 40.60
N THR A 541 -58.64 -25.14 41.74
CA THR A 541 -59.30 -25.60 43.00
C THR A 541 -60.80 -25.55 42.81
N LYS A 542 -61.31 -24.51 42.15
CA LYS A 542 -62.77 -24.44 41.89
C LYS A 542 -63.15 -25.62 41.00
N VAL A 543 -62.33 -25.93 40.00
CA VAL A 543 -62.60 -27.14 39.15
C VAL A 543 -62.50 -28.38 40.05
N LEU A 544 -61.51 -28.40 40.94
CA LEU A 544 -61.33 -29.55 41.87
C LEU A 544 -62.55 -29.67 42.79
N LYS A 545 -63.06 -28.53 43.27
CA LYS A 545 -64.28 -28.56 44.12
C LYS A 545 -65.43 -29.11 43.26
N SER A 546 -65.49 -28.67 42.00
CA SER A 546 -66.53 -29.21 41.09
C SER A 546 -66.27 -30.71 40.90
N CYS A 547 -65.00 -31.10 40.78
CA CYS A 547 -64.64 -32.53 40.60
C CYS A 547 -65.07 -33.32 41.85
N ARG A 548 -64.87 -32.75 43.04
CA ARG A 548 -65.31 -33.44 44.28
C ARG A 548 -66.84 -33.57 44.22
N SER A 549 -67.53 -32.52 43.78
CA SER A 549 -69.00 -32.59 43.60
C SER A 549 -69.31 -33.65 42.55
N LEU A 550 -68.52 -33.68 41.47
CA LEU A 550 -68.75 -34.66 40.37
C LEU A 550 -68.56 -36.08 40.92
N LEU A 551 -67.56 -36.27 41.79
CA LEU A 551 -67.34 -37.61 42.40
C LEU A 551 -68.57 -37.97 43.24
N GLU A 552 -69.10 -37.01 43.99
CA GLU A 552 -70.35 -37.27 44.75
C GLU A 552 -71.47 -37.55 43.74
N SER A 553 -71.50 -36.79 42.65
CA SER A 553 -72.52 -36.98 41.59
C SER A 553 -72.38 -38.36 40.95
N VAL A 554 -71.15 -38.83 40.75
CA VAL A 554 -70.94 -40.11 40.00
C VAL A 554 -71.61 -41.29 40.72
N GLN A 555 -72.22 -42.20 39.95
CA GLN A 555 -72.88 -43.41 40.48
C GLN A 555 -71.80 -44.42 40.89
N LYS A 556 -72.15 -45.46 41.65
CA LYS A 556 -71.13 -46.42 42.14
C LYS A 556 -70.47 -47.09 40.93
N LEU A 557 -71.24 -47.42 39.89
CA LEU A 557 -70.64 -47.97 38.64
C LEU A 557 -69.72 -46.88 38.07
N ASP A 558 -70.16 -45.61 38.13
CA ASP A 558 -69.35 -44.45 37.66
C ASP A 558 -68.23 -44.21 38.68
N LEU A 559 -67.21 -43.41 38.33
CA LEU A 559 -66.07 -43.24 39.26
C LEU A 559 -65.40 -44.62 39.44
N GLU A 560 -65.19 -45.09 40.68
CA GLU A 560 -64.45 -46.38 40.80
C GLU A 560 -63.07 -46.13 40.18
N ALA A 561 -62.69 -46.91 39.16
CA ALA A 561 -61.34 -46.77 38.56
C ALA A 561 -61.22 -45.35 38.01
N THR A 562 -62.29 -44.81 37.43
CA THR A 562 -62.28 -43.40 36.97
C THR A 562 -62.06 -42.50 38.17
N ILE A 563 -62.67 -42.82 39.31
CA ILE A 563 -62.44 -42.03 40.56
C ILE A 563 -60.96 -42.15 40.94
N ASP A 564 -60.38 -43.34 40.76
CA ASP A 564 -58.94 -43.52 41.05
C ASP A 564 -58.16 -42.60 40.11
N LYS A 565 -58.59 -42.49 38.85
CA LYS A 565 -57.93 -41.52 37.92
C LYS A 565 -58.16 -40.11 38.49
N VAL A 566 -59.37 -39.83 39.00
CA VAL A 566 -59.65 -38.50 39.63
C VAL A 566 -58.74 -38.34 40.86
N VAL A 567 -58.54 -39.41 41.63
CA VAL A 567 -57.61 -39.37 42.79
C VAL A 567 -56.21 -39.09 42.24
N LYS A 568 -55.86 -39.71 41.12
CA LYS A 568 -54.54 -39.43 40.47
C LYS A 568 -54.55 -37.96 40.07
N ILE A 569 -55.70 -37.47 39.56
CA ILE A 569 -55.81 -36.03 39.19
C ILE A 569 -55.62 -35.20 40.48
N TYR A 570 -56.19 -35.66 41.59
CA TYR A 570 -55.99 -34.96 42.88
C TYR A 570 -54.50 -35.01 43.22
N ASP A 571 -53.87 -36.16 42.99
CA ASP A 571 -52.41 -36.30 43.23
C ASP A 571 -51.68 -35.32 42.30
N ALA A 572 -52.14 -35.19 41.06
CA ALA A 572 -51.53 -34.23 40.11
C ALA A 572 -51.74 -32.82 40.67
N LEU A 573 -52.91 -32.56 41.25
CA LEU A 573 -53.17 -31.23 41.87
C LEU A 573 -52.19 -31.03 43.02
N ILE A 574 -51.93 -32.07 43.81
CA ILE A 574 -50.93 -31.97 44.91
C ILE A 574 -49.56 -31.67 44.28
N TYR A 575 -49.24 -32.34 43.16
CA TYR A 575 -47.97 -32.06 42.46
C TYR A 575 -47.99 -30.63 41.97
N MET A 576 -49.14 -30.18 41.47
CA MET A 576 -49.29 -28.78 41.01
C MET A 576 -49.08 -27.85 42.21
N GLN A 577 -49.62 -28.23 43.37
CA GLN A 577 -49.45 -27.41 44.59
C GLN A 577 -47.94 -27.37 44.87
N VAL A 578 -47.26 -28.51 44.71
CA VAL A 578 -45.78 -28.50 44.86
C VAL A 578 -45.45 -27.98 46.27
N ASN A 579 -44.55 -26.99 46.36
CA ASN A 579 -44.09 -26.51 47.70
C ASN A 579 -45.26 -25.93 48.50
N SER A 580 -46.17 -25.17 47.88
CA SER A 580 -47.22 -24.52 48.70
C SER A 580 -48.64 -24.94 48.29
N SER A 581 -49.45 -25.39 49.26
CA SER A 581 -50.88 -25.70 48.97
C SER A 581 -51.60 -24.37 48.71
N PHE A 582 -52.59 -24.35 47.81
CA PHE A 582 -53.24 -23.05 47.48
C PHE A 582 -53.90 -22.49 48.74
N GLU A 583 -54.56 -23.34 49.51
CA GLU A 583 -55.14 -22.89 50.81
C GLU A 583 -54.94 -24.00 51.85
N ASP A 584 -54.79 -23.64 53.13
CA ASP A 584 -54.72 -24.70 54.17
C ASP A 584 -56.07 -25.44 54.16
N HIS A 585 -57.16 -24.69 54.02
CA HIS A 585 -58.50 -25.31 53.95
C HIS A 585 -58.59 -26.18 52.70
N ILE A 586 -58.03 -25.69 51.58
CA ILE A 586 -58.01 -26.51 50.33
C ILE A 586 -57.17 -27.77 50.60
N LEU A 587 -56.05 -27.61 51.32
CA LEU A 587 -55.22 -28.79 51.69
C LEU A 587 -56.05 -29.71 52.58
N GLU A 588 -56.81 -29.14 53.52
CA GLU A 588 -57.68 -29.96 54.40
C GLU A 588 -58.74 -30.64 53.53
N ASP A 589 -59.30 -29.93 52.55
CA ASP A 589 -60.30 -30.54 51.62
C ASP A 589 -59.62 -31.67 50.86
N LEU A 590 -58.38 -31.44 50.42
CA LEU A 590 -57.63 -32.48 49.68
C LEU A 590 -57.41 -33.69 50.61
N CYS A 591 -57.09 -33.42 51.88
CA CYS A 591 -56.90 -34.53 52.85
C CYS A 591 -58.22 -35.29 53.02
N GLY A 592 -59.33 -34.57 53.09
CA GLY A 592 -60.64 -35.25 53.17
C GLY A 592 -60.89 -36.04 51.90
N MET A 593 -60.54 -35.46 50.76
CA MET A 593 -60.69 -36.17 49.47
C MET A 593 -59.77 -37.41 49.49
N LEU A 594 -58.56 -37.24 50.03
CA LEU A 594 -57.61 -38.38 50.12
C LEU A 594 -58.22 -39.45 51.03
N SER A 595 -58.85 -39.02 52.13
CA SER A 595 -59.41 -40.00 53.09
C SER A 595 -60.50 -40.82 52.39
N LEU A 596 -61.35 -40.19 51.59
CA LEU A 596 -62.48 -40.89 50.90
C LEU A 596 -62.63 -42.34 51.39
N PRO A 597 -61.93 -43.31 50.78
CA PRO A 597 -62.12 -44.71 51.18
C PRO A 597 -61.73 -45.02 52.62
N TRP A 598 -60.61 -44.46 53.09
CA TRP A 598 -60.16 -44.68 54.48
C TRP A 598 -61.17 -44.07 55.46
N ILE A 599 -61.40 -44.73 56.58
CA ILE A 599 -62.34 -44.17 57.61
C ILE A 599 -61.54 -43.89 58.89
N TYR A 600 -61.64 -42.67 59.43
CA TYR A 600 -60.95 -42.30 60.70
C TYR A 600 -59.46 -42.14 60.44
N SER A 601 -58.65 -42.11 61.51
CA SER A 601 -57.17 -42.05 61.33
C SER A 601 -56.81 -40.83 60.49
N HIS A 602 -55.98 -41.00 59.46
CA HIS A 602 -55.62 -39.89 58.53
C HIS A 602 -55.97 -38.54 59.17
N THR A 611 -61.80 -30.18 56.88
CA THR A 611 -62.82 -30.94 56.10
C THR A 611 -64.13 -30.88 56.86
N THR A 612 -65.03 -29.97 56.47
CA THR A 612 -66.31 -29.83 57.17
C THR A 612 -67.11 -31.11 57.02
N PHE A 613 -67.09 -31.70 55.82
CA PHE A 613 -67.82 -32.98 55.59
C PHE A 613 -67.20 -34.04 56.48
N ALA A 614 -65.86 -34.07 56.59
CA ALA A 614 -65.20 -34.99 57.56
C ALA A 614 -65.58 -36.44 57.30
N ALA A 615 -66.02 -37.13 58.35
CA ALA A 615 -66.38 -38.56 58.25
C ALA A 615 -67.54 -38.73 57.26
N ASN A 616 -68.49 -37.80 57.26
CA ASN A 616 -69.69 -37.97 56.39
C ASN A 616 -69.25 -38.03 54.93
N LEU A 617 -68.28 -37.21 54.52
CA LEU A 617 -67.77 -37.32 53.13
C LEU A 617 -67.15 -38.71 52.93
N LEU A 618 -66.40 -39.19 53.94
CA LEU A 618 -65.79 -40.53 53.85
C LEU A 618 -66.91 -41.59 53.77
N THR A 619 -67.97 -41.41 54.55
CA THR A 619 -69.11 -42.35 54.53
C THR A 619 -69.73 -42.31 53.16
N LEU A 620 -69.86 -41.12 52.57
CA LEU A 620 -70.42 -40.99 51.20
C LEU A 620 -69.49 -41.74 50.23
N SER A 621 -68.17 -41.61 50.42
CA SER A 621 -67.19 -42.31 49.54
C SER A 621 -67.37 -43.83 49.66
N SER A 629 -58.38 -48.90 46.23
CA SER A 629 -57.30 -49.85 45.90
C SER A 629 -56.13 -49.68 46.87
N PRO A 630 -55.27 -50.70 47.09
CA PRO A 630 -54.11 -50.50 47.94
C PRO A 630 -53.23 -49.45 47.30
N GLN A 631 -53.10 -49.51 45.98
CA GLN A 631 -52.33 -48.47 45.26
C GLN A 631 -53.02 -47.12 45.44
N ALA A 632 -54.35 -47.09 45.37
CA ALA A 632 -55.08 -45.82 45.61
C ALA A 632 -54.82 -45.38 47.06
N GLN A 633 -54.83 -46.34 47.99
CA GLN A 633 -54.52 -46.01 49.39
C GLN A 633 -53.07 -45.51 49.47
N SER A 634 -52.17 -46.15 48.71
CA SER A 634 -50.75 -45.71 48.70
C SER A 634 -50.67 -44.29 48.13
N ARG A 635 -51.44 -44.01 47.08
CA ARG A 635 -51.45 -42.65 46.51
C ARG A 635 -51.99 -41.67 47.56
N CYS A 636 -53.04 -42.10 48.27
CA CYS A 636 -53.59 -41.24 49.35
C CYS A 636 -52.53 -41.04 50.43
N VAL A 637 -51.81 -42.11 50.77
CA VAL A 637 -50.73 -42.01 51.79
C VAL A 637 -49.66 -41.05 51.26
N PHE A 638 -49.30 -41.20 49.98
CA PHE A 638 -48.27 -40.31 49.38
C PHE A 638 -48.76 -38.87 49.49
N LEU A 639 -50.03 -38.65 49.17
CA LEU A 639 -50.59 -37.28 49.24
C LEU A 639 -50.56 -36.80 50.70
N LEU A 640 -50.90 -37.69 51.64
CA LEU A 640 -50.85 -37.33 53.07
C LEU A 640 -49.38 -37.03 53.43
N THR A 641 -48.46 -37.84 52.92
CA THR A 641 -47.02 -37.61 53.18
C THR A 641 -46.63 -36.28 52.56
N LEU A 642 -47.15 -35.98 51.38
CA LEU A 642 -46.73 -34.74 50.68
C LEU A 642 -47.11 -33.51 51.52
N PHE A 643 -48.32 -33.51 52.11
CA PHE A 643 -48.65 -32.38 53.01
C PHE A 643 -47.76 -32.49 54.24
N PRO A 644 -47.17 -31.39 54.74
CA PRO A 644 -46.42 -31.51 55.98
C PRO A 644 -46.90 -30.55 57.05
N ARG A 645 -47.25 -31.05 58.23
CA ARG A 645 -47.59 -30.14 59.36
C ARG A 645 -48.70 -29.17 58.92
N ARG A 646 -48.50 -27.87 59.18
CA ARG A 646 -49.45 -26.83 58.71
C ARG A 646 -50.87 -27.13 59.21
N ILE A 647 -51.85 -27.04 58.32
CA ILE A 647 -53.25 -27.39 58.68
C ILE A 647 -53.31 -28.90 58.95
N PHE A 648 -54.09 -29.33 59.94
CA PHE A 648 -54.27 -30.79 60.16
C PHE A 648 -52.91 -31.46 60.33
N LEU A 649 -52.00 -30.81 61.07
CA LEU A 649 -50.69 -31.45 61.36
C LEU A 649 -50.97 -32.71 62.18
N GLU A 650 -51.91 -32.62 63.12
CA GLU A 650 -52.32 -33.81 63.91
C GLU A 650 -52.94 -34.84 62.96
N TRP A 651 -53.75 -34.39 62.00
CA TRP A 651 -54.34 -35.32 61.00
C TRP A 651 -53.21 -35.95 60.19
N ARG A 652 -52.18 -35.18 59.86
CA ARG A 652 -51.02 -35.78 59.15
C ARG A 652 -50.38 -36.84 60.08
N THR A 653 -50.27 -36.53 61.38
CA THR A 653 -49.77 -37.54 62.33
C THR A 653 -50.74 -38.70 62.36
N ALA A 654 -52.06 -38.40 62.34
CA ALA A 654 -53.09 -39.45 62.30
C ALA A 654 -52.93 -40.23 61.00
N VAL A 655 -52.64 -39.52 59.91
CA VAL A 655 -52.41 -40.20 58.60
C VAL A 655 -51.18 -41.11 58.75
N TYR A 656 -50.14 -40.65 59.45
CA TYR A 656 -48.97 -41.52 59.72
C TYR A 656 -49.44 -42.71 60.56
N ASN A 657 -50.32 -42.44 61.52
CA ASN A 657 -50.90 -43.54 62.34
C ASN A 657 -51.71 -44.47 61.40
N TRP A 658 -52.44 -43.89 60.45
CA TRP A 658 -53.19 -44.70 59.46
C TRP A 658 -52.20 -45.51 58.62
N ALA A 659 -51.08 -44.88 58.26
CA ALA A 659 -50.04 -45.61 57.49
C ALA A 659 -49.51 -46.75 58.37
N LEU A 660 -49.32 -46.48 59.66
CA LEU A 660 -48.93 -47.59 60.56
C LEU A 660 -50.10 -48.60 60.60
N GLN A 661 -51.33 -48.10 60.65
CA GLN A 661 -52.51 -49.01 60.78
C GLN A 661 -52.62 -49.93 59.57
N SER A 662 -52.42 -49.39 58.35
CA SER A 662 -52.42 -50.31 57.18
C SER A 662 -51.09 -50.21 56.43
N SER A 663 -50.39 -51.33 56.26
CA SER A 663 -49.12 -51.34 55.50
C SER A 663 -49.14 -52.49 54.49
N HIS A 664 -49.91 -52.37 53.41
CA HIS A 664 -50.02 -53.53 52.48
C HIS A 664 -49.52 -53.14 51.07
N GLU A 665 -48.62 -53.95 50.49
CA GLU A 665 -48.21 -53.72 49.09
C GLU A 665 -47.64 -52.30 48.91
N VAL A 666 -48.16 -51.57 47.93
CA VAL A 666 -47.68 -50.19 47.63
C VAL A 666 -47.95 -49.33 48.87
N ILE A 667 -49.10 -49.55 49.53
CA ILE A 667 -49.46 -48.71 50.70
C ILE A 667 -48.39 -48.91 51.78
N ARG A 668 -47.88 -50.14 51.96
CA ARG A 668 -46.79 -50.33 52.94
C ARG A 668 -45.53 -49.54 52.53
N ALA A 669 -45.17 -49.56 51.25
CA ALA A 669 -44.01 -48.74 50.81
C ALA A 669 -44.34 -47.27 51.03
N SER A 670 -45.58 -46.90 50.70
CA SER A 670 -46.03 -45.49 50.89
C SER A 670 -46.00 -45.17 52.39
N CYS A 671 -46.41 -46.13 53.22
CA CYS A 671 -46.49 -45.88 54.67
C CYS A 671 -45.09 -45.57 55.21
N VAL A 672 -44.08 -46.32 54.76
CA VAL A 672 -42.69 -46.04 55.22
C VAL A 672 -42.27 -44.64 54.76
N SER A 673 -42.60 -44.28 53.51
CA SER A 673 -42.29 -42.92 53.03
C SER A 673 -43.08 -41.89 53.85
N GLY A 674 -44.35 -42.20 54.14
CA GLY A 674 -45.20 -41.24 54.87
C GLY A 674 -44.68 -40.97 56.27
N PHE A 675 -44.22 -42.00 56.97
CA PHE A 675 -43.79 -41.78 58.37
C PHE A 675 -42.60 -40.82 58.37
N PHE A 676 -41.68 -41.02 57.42
CA PHE A 676 -40.50 -40.12 57.31
C PHE A 676 -40.98 -38.71 56.95
N ILE A 677 -41.96 -38.62 56.06
CA ILE A 677 -42.44 -37.29 55.56
C ILE A 677 -43.54 -36.73 56.46
N LEU A 678 -43.99 -37.47 57.49
CA LEU A 678 -45.16 -36.98 58.26
C LEU A 678 -44.83 -35.63 58.92
N LEU A 679 -43.64 -35.48 59.50
CA LEU A 679 -43.23 -34.15 60.02
C LEU A 679 -41.85 -33.79 59.47
N GLN A 680 -41.68 -32.58 58.93
CA GLN A 680 -40.34 -32.14 58.49
C GLN A 680 -39.46 -32.08 59.75
N GLN A 681 -40.02 -31.58 60.86
CA GLN A 681 -39.27 -31.53 62.14
C GLN A 681 -38.94 -32.96 62.59
N GLN A 682 -39.89 -33.88 62.43
CA GLN A 682 -39.62 -35.30 62.77
C GLN A 682 -38.50 -35.80 61.85
N ASN A 683 -38.54 -35.42 60.58
CA ASN A 683 -37.46 -35.81 59.63
C ASN A 683 -36.13 -35.21 60.10
N SER A 684 -36.14 -33.95 60.56
CA SER A 684 -34.91 -33.30 61.07
C SER A 684 -34.39 -34.04 62.31
N CYS A 685 -35.30 -34.45 63.19
CA CYS A 685 -34.91 -35.22 64.40
C CYS A 685 -34.46 -36.63 63.97
N ASN A 686 -33.56 -37.26 64.72
CA ASN A 686 -33.22 -38.66 64.34
C ASN A 686 -33.93 -39.60 65.31
N ARG A 687 -34.78 -40.48 64.78
CA ARG A 687 -35.52 -41.47 65.62
C ARG A 687 -35.61 -42.78 64.82
N VAL A 688 -35.76 -43.92 65.50
CA VAL A 688 -35.97 -45.18 64.73
C VAL A 688 -37.30 -45.06 63.97
N PRO A 689 -37.38 -45.50 62.69
CA PRO A 689 -38.65 -45.48 61.99
C PRO A 689 -39.60 -46.41 62.70
N LYS A 690 -39.07 -47.56 63.14
CA LYS A 690 -39.90 -48.58 63.83
C LYS A 690 -41.05 -48.97 62.89
N ILE A 691 -42.29 -49.00 63.39
CA ILE A 691 -43.46 -49.27 62.52
C ILE A 691 -43.24 -50.63 61.81
N LEU A 692 -43.41 -50.65 60.49
CA LEU A 692 -43.22 -51.89 59.70
C LEU A 692 -41.75 -52.34 59.83
N ILE A 693 -40.84 -51.37 59.81
CA ILE A 693 -39.38 -51.72 59.93
C ILE A 693 -39.19 -52.39 61.29
N ASP A 694 -39.83 -51.88 62.34
CA ASP A 694 -39.74 -52.61 63.63
C ASP A 694 -40.37 -54.00 63.48
N LYS A 695 -41.53 -54.08 62.82
CA LYS A 695 -42.23 -55.39 62.76
C LYS A 695 -41.38 -56.41 61.98
N VAL A 696 -40.80 -56.01 60.86
CA VAL A 696 -39.86 -56.90 60.12
C VAL A 696 -38.62 -56.03 59.83
N LYS A 697 -37.41 -56.53 60.08
CA LYS A 697 -36.28 -55.59 59.86
C LYS A 697 -36.27 -55.23 58.37
N ASP A 698 -36.47 -56.20 57.48
CA ASP A 698 -36.61 -55.88 56.04
C ASP A 698 -37.88 -55.06 55.85
N ASP A 699 -38.97 -55.44 56.54
CA ASP A 699 -40.28 -54.74 56.44
C ASP A 699 -40.91 -55.10 55.07
N SER A 700 -40.36 -56.09 54.37
CA SER A 700 -40.80 -56.51 52.99
C SER A 700 -39.99 -55.72 51.95
N ASP A 701 -39.93 -56.20 50.72
CA ASP A 701 -39.08 -55.52 49.70
C ASP A 701 -39.56 -54.10 49.42
N ILE A 702 -40.89 -53.90 49.30
CA ILE A 702 -41.38 -52.54 48.92
C ILE A 702 -40.98 -51.55 50.03
N VAL A 703 -41.16 -51.96 51.28
CA VAL A 703 -40.75 -51.10 52.44
C VAL A 703 -39.23 -50.92 52.39
N LYS A 704 -38.49 -51.97 52.04
CA LYS A 704 -37.00 -51.88 52.06
C LYS A 704 -36.57 -50.81 51.05
N LYS A 705 -37.21 -50.75 49.88
CA LYS A 705 -36.88 -49.67 48.93
C LYS A 705 -37.25 -48.31 49.56
N GLU A 706 -38.39 -48.24 50.24
CA GLU A 706 -38.78 -46.99 50.96
C GLU A 706 -37.75 -46.74 52.06
N PHE A 707 -37.31 -47.81 52.75
CA PHE A 707 -36.29 -47.69 53.82
C PHE A 707 -35.02 -47.16 53.19
N ALA A 708 -34.72 -47.63 51.98
CA ALA A 708 -33.51 -47.16 51.27
C ALA A 708 -33.62 -45.65 51.03
N SER A 709 -34.82 -45.18 50.66
CA SER A 709 -35.03 -43.72 50.50
C SER A 709 -34.84 -43.03 51.86
N ILE A 710 -35.35 -43.63 52.93
CA ILE A 710 -35.15 -43.07 54.31
C ILE A 710 -33.65 -43.13 54.59
N LEU A 711 -33.00 -44.20 54.15
CA LEU A 711 -31.52 -44.35 54.31
C LEU A 711 -30.86 -43.20 53.53
N GLY A 712 -31.42 -42.83 52.38
CA GLY A 712 -30.85 -41.72 51.61
C GLY A 712 -30.87 -40.45 52.42
N GLN A 713 -31.96 -40.18 53.17
CA GLN A 713 -31.98 -39.03 54.10
C GLN A 713 -30.91 -39.25 55.18
N LEU A 714 -30.75 -40.50 55.63
CA LEU A 714 -29.80 -40.89 56.71
C LEU A 714 -28.34 -40.92 56.21
N VAL A 715 -27.38 -41.08 57.15
CA VAL A 715 -25.91 -41.14 56.82
C VAL A 715 -25.40 -39.81 56.24
N CYS A 716 -24.76 -39.82 55.07
CA CYS A 716 -24.09 -38.58 54.58
C CYS A 716 -25.12 -37.45 54.42
N THR A 717 -26.32 -37.73 53.92
CA THR A 717 -27.33 -36.64 53.90
C THR A 717 -27.61 -36.28 55.34
N LEU A 718 -27.78 -34.99 55.65
CA LEU A 718 -27.91 -34.58 57.06
C LEU A 718 -29.19 -35.17 57.67
N HIS A 719 -29.12 -35.60 58.93
CA HIS A 719 -30.34 -36.09 59.63
C HIS A 719 -31.31 -34.91 59.71
N GLY A 720 -30.78 -33.71 60.03
CA GLY A 720 -31.64 -32.52 60.04
C GLY A 720 -32.14 -32.27 58.63
N MET A 721 -33.39 -31.84 58.47
CA MET A 721 -33.95 -31.74 57.11
C MET A 721 -34.15 -30.27 56.70
N PHE A 722 -33.60 -29.87 55.57
CA PHE A 722 -33.82 -28.51 55.03
C PHE A 722 -34.54 -28.70 53.71
N TYR A 723 -35.66 -28.02 53.48
CA TYR A 723 -36.49 -28.24 52.25
C TYR A 723 -37.19 -29.59 52.41
N LEU A 724 -36.41 -30.67 52.63
CA LEU A 724 -36.99 -32.01 52.86
C LEU A 724 -37.88 -32.38 51.66
N THR A 725 -37.43 -32.02 50.45
CA THR A 725 -38.23 -32.32 49.25
C THR A 725 -37.49 -33.33 48.41
N SER A 726 -38.15 -34.44 48.08
CA SER A 726 -37.55 -35.49 47.21
C SER A 726 -37.90 -35.21 45.75
N SER A 727 -38.67 -34.15 45.50
CA SER A 727 -39.16 -33.89 44.11
C SER A 727 -37.97 -33.64 43.18
N LEU A 728 -36.96 -32.90 43.64
CA LEU A 728 -35.73 -32.68 42.82
C LEU A 728 -36.17 -32.05 41.49
N THR A 729 -35.69 -32.59 40.36
CA THR A 729 -36.14 -32.09 39.05
C THR A 729 -36.53 -33.28 38.20
N GLU A 730 -37.66 -33.92 38.53
CA GLU A 730 -38.12 -35.11 37.78
C GLU A 730 -38.46 -34.70 36.34
N PRO A 731 -38.12 -35.51 35.31
CA PRO A 731 -38.54 -35.19 33.95
C PRO A 731 -39.71 -36.08 33.63
N PHE A 732 -39.52 -37.03 32.71
CA PHE A 732 -40.59 -38.02 32.41
C PHE A 732 -40.03 -39.40 32.74
N SER A 733 -40.76 -40.18 33.55
CA SER A 733 -40.21 -41.49 33.98
C SER A 733 -40.51 -42.56 32.93
N GLU A 734 -39.87 -42.47 31.75
CA GLU A 734 -40.02 -43.53 30.72
C GLU A 734 -41.52 -43.73 30.42
N HIS A 735 -41.98 -44.99 30.40
CA HIS A 735 -43.44 -45.27 30.24
C HIS A 735 -44.06 -45.35 31.64
N GLY A 736 -43.25 -45.25 32.68
CA GLY A 736 -43.75 -45.39 34.06
C GLY A 736 -44.70 -44.27 34.43
N HIS A 737 -45.72 -44.59 35.23
CA HIS A 737 -46.69 -43.56 35.69
C HIS A 737 -45.94 -42.57 36.58
N VAL A 738 -46.30 -41.28 36.51
CA VAL A 738 -45.55 -40.25 37.26
C VAL A 738 -45.67 -40.56 38.76
N ASP A 739 -46.86 -40.98 39.21
CA ASP A 739 -47.02 -41.40 40.63
C ASP A 739 -46.61 -40.20 41.51
N LEU A 740 -45.73 -40.42 42.48
CA LEU A 740 -45.36 -39.32 43.41
C LEU A 740 -44.68 -38.20 42.62
N PHE A 741 -44.99 -36.95 42.96
CA PHE A 741 -44.37 -35.78 42.30
C PHE A 741 -42.89 -35.82 42.58
N CYS A 742 -42.53 -36.18 43.81
CA CYS A 742 -41.11 -36.19 44.20
C CYS A 742 -40.36 -37.21 43.34
N GLN A 750 -23.25 -34.61 57.05
CA GLN A 750 -24.29 -33.56 56.90
C GLN A 750 -24.35 -33.10 55.44
N HIS A 751 -25.55 -33.06 54.85
CA HIS A 751 -25.71 -32.56 53.46
C HIS A 751 -26.61 -31.31 53.49
N GLU A 752 -26.18 -30.23 52.83
CA GLU A 752 -26.96 -28.97 52.83
C GLU A 752 -27.14 -28.51 54.29
N CYS A 753 -26.12 -28.69 55.12
CA CYS A 753 -26.20 -28.31 56.55
C CYS A 753 -24.86 -27.69 56.99
N GLN A 757 -20.08 -38.07 59.57
CA GLN A 757 -20.52 -37.37 60.81
C GLN A 757 -21.76 -38.08 61.38
N LEU A 758 -22.19 -39.18 60.76
CA LEU A 758 -23.33 -39.95 61.32
C LEU A 758 -22.81 -41.33 61.76
N LYS A 759 -23.06 -41.70 63.02
CA LYS A 759 -22.55 -43.00 63.55
C LYS A 759 -23.27 -44.20 62.94
N ALA A 760 -22.57 -45.31 62.71
CA ALA A 760 -23.25 -46.56 62.27
C ALA A 760 -24.19 -46.96 63.41
N SER A 761 -23.73 -46.76 64.65
CA SER A 761 -24.60 -47.04 65.82
C SER A 761 -25.82 -46.10 65.75
N VAL A 762 -25.63 -44.86 65.31
CA VAL A 762 -26.79 -43.93 65.11
C VAL A 762 -27.71 -44.56 64.06
N CYS A 763 -27.14 -45.17 63.01
CA CYS A 763 -27.99 -45.89 62.02
C CYS A 763 -28.69 -47.03 62.77
N LYS A 764 -27.99 -47.70 63.68
CA LYS A 764 -28.66 -48.71 64.54
C LYS A 764 -29.34 -49.82 63.73
N PRO A 765 -30.65 -50.07 63.94
CA PRO A 765 -31.32 -51.19 63.30
C PRO A 765 -31.31 -51.13 61.79
N PHE A 766 -31.46 -49.95 61.18
CA PHE A 766 -31.55 -49.93 59.70
C PHE A 766 -30.24 -50.49 59.14
N LEU A 767 -29.11 -50.11 59.72
CA LEU A 767 -27.82 -50.71 59.28
C LEU A 767 -27.85 -52.21 59.56
N PHE A 768 -28.37 -52.61 60.72
CA PHE A 768 -28.50 -54.04 61.08
C PHE A 768 -29.43 -54.73 60.09
N LEU A 769 -30.51 -54.04 59.70
CA LEU A 769 -31.53 -54.69 58.83
C LEU A 769 -30.89 -55.08 57.50
N LEU A 770 -30.01 -54.25 56.93
CA LEU A 770 -29.36 -54.73 55.69
C LEU A 770 -28.54 -55.97 56.06
N LYS A 771 -28.64 -57.03 55.25
CA LYS A 771 -27.94 -58.30 55.60
C LYS A 771 -27.68 -59.13 54.34
N LYS A 772 -26.73 -60.07 54.41
CA LYS A 772 -26.53 -61.01 53.27
C LYS A 772 -27.83 -61.80 53.14
N LYS A 773 -28.42 -62.17 54.29
CA LYS A 773 -29.71 -62.91 54.31
C LYS A 773 -30.78 -62.03 53.65
N ILE A 774 -30.74 -60.72 53.93
CA ILE A 774 -31.72 -59.78 53.31
C ILE A 774 -31.49 -59.82 51.79
N PRO A 775 -32.54 -59.74 50.95
CA PRO A 775 -32.33 -59.92 49.52
C PRO A 775 -31.40 -58.87 48.95
N SER A 776 -31.54 -57.60 49.38
CA SER A 776 -30.55 -56.58 48.94
C SER A 776 -30.53 -56.55 47.41
N PRO A 777 -29.33 -56.66 46.78
CA PRO A 777 -29.22 -56.67 45.32
C PRO A 777 -29.83 -55.42 44.72
N VAL A 778 -29.62 -54.27 45.37
CA VAL A 778 -28.25 -53.88 45.84
C VAL A 778 -28.41 -52.90 47.00
N LYS A 779 -27.32 -52.27 47.45
CA LYS A 779 -27.48 -51.23 48.49
C LYS A 779 -28.35 -50.14 47.84
N LEU A 780 -28.07 -49.80 46.58
CA LEU A 780 -28.98 -48.89 45.85
C LEU A 780 -29.15 -47.58 46.61
N ALA A 781 -30.40 -47.18 46.83
CA ALA A 781 -30.73 -45.93 47.55
C ALA A 781 -30.18 -46.00 48.97
N PHE A 782 -30.21 -47.18 49.59
CA PHE A 782 -29.81 -47.26 51.03
C PHE A 782 -28.36 -46.82 51.18
N ILE A 783 -27.45 -47.20 50.27
CA ILE A 783 -26.06 -46.66 50.42
C ILE A 783 -26.15 -45.13 50.27
N ASP A 784 -26.93 -44.64 49.30
CA ASP A 784 -27.24 -43.18 49.19
C ASP A 784 -26.04 -42.24 49.12
N ASN A 785 -26.10 -41.17 49.92
CA ASN A 785 -25.02 -40.15 49.97
C ASN A 785 -23.74 -40.82 50.47
N LEU A 786 -23.86 -41.73 51.43
CA LEU A 786 -22.67 -42.39 51.99
C LEU A 786 -22.00 -43.14 50.84
N HIS A 787 -22.77 -43.77 49.95
CA HIS A 787 -22.17 -44.41 48.75
C HIS A 787 -21.50 -43.33 47.89
N HIS A 788 -22.14 -42.17 47.76
CA HIS A 788 -21.59 -41.08 46.91
C HIS A 788 -20.20 -40.68 47.44
N ARG A 796 -12.54 -39.87 62.63
CA ARG A 796 -14.01 -39.87 62.80
C ARG A 796 -14.35 -40.30 64.24
N GLU A 797 -13.47 -41.09 64.87
CA GLU A 797 -13.69 -41.56 66.26
C GLU A 797 -15.02 -42.34 66.31
N ASP A 798 -15.32 -43.11 65.26
CA ASP A 798 -16.58 -43.90 65.19
C ASP A 798 -16.58 -44.96 66.32
N GLU A 799 -15.43 -45.58 66.60
CA GLU A 799 -15.35 -46.53 67.75
C GLU A 799 -16.34 -47.69 67.53
N THR A 800 -17.24 -47.92 68.49
CA THR A 800 -18.17 -49.07 68.40
C THR A 800 -19.00 -48.89 67.15
N ASP A 801 -19.38 -47.64 66.83
CA ASP A 801 -20.10 -47.39 65.56
C ASP A 801 -19.20 -47.80 64.40
N VAL A 802 -17.90 -47.51 64.48
CA VAL A 802 -16.96 -47.95 63.39
C VAL A 802 -16.98 -49.48 63.34
N LYS A 803 -17.00 -50.14 64.50
CA LYS A 803 -17.05 -51.62 64.52
C LYS A 803 -18.36 -52.08 63.86
N ALA A 804 -19.47 -51.40 64.15
CA ALA A 804 -20.75 -51.74 63.48
C ALA A 804 -20.62 -51.49 61.98
N VAL A 805 -19.99 -50.37 61.61
CA VAL A 805 -19.78 -50.04 60.17
C VAL A 805 -18.89 -51.13 59.56
N LEU A 806 -17.88 -51.56 60.32
CA LEU A 806 -16.95 -52.61 59.81
C LEU A 806 -17.75 -53.90 59.59
N GLY A 807 -18.67 -54.22 60.49
CA GLY A 807 -19.51 -55.42 60.29
C GLY A 807 -20.35 -55.28 59.05
N THR A 808 -20.92 -54.09 58.82
CA THR A 808 -21.69 -53.86 57.57
C THR A 808 -20.75 -53.99 56.40
N LEU A 809 -19.53 -53.44 56.55
CA LEU A 809 -18.52 -53.53 55.47
C LEU A 809 -18.16 -55.01 55.24
N LEU A 810 -18.04 -55.78 56.33
CA LEU A 810 -17.68 -57.21 56.23
C LEU A 810 -18.79 -57.93 55.45
N ASN A 811 -20.06 -57.58 55.71
CA ASN A 811 -21.17 -58.18 54.94
C ASN A 811 -21.02 -57.78 53.46
N LEU A 812 -20.67 -56.52 53.21
CA LEU A 812 -20.43 -56.08 51.81
C LEU A 812 -19.23 -56.86 51.25
N MET A 813 -18.20 -57.04 52.06
CA MET A 813 -16.98 -57.79 51.61
C MET A 813 -17.39 -59.23 51.31
N GLU A 814 -18.25 -59.82 52.15
CA GLU A 814 -18.73 -61.19 51.90
C GLU A 814 -19.50 -61.19 50.58
N ASP A 815 -20.32 -60.16 50.35
CA ASP A 815 -21.12 -60.03 49.10
C ASP A 815 -22.08 -61.22 48.95
N PRO A 816 -23.39 -61.04 49.22
CA PRO A 816 -24.33 -62.12 48.98
C PRO A 816 -24.26 -62.37 47.48
N ASP A 817 -24.19 -61.29 46.71
CA ASP A 817 -24.05 -61.41 45.24
C ASP A 817 -22.69 -60.84 44.84
N LYS A 818 -21.92 -61.59 44.05
CA LYS A 818 -20.59 -61.11 43.58
C LYS A 818 -20.82 -59.87 42.73
N ASP A 819 -21.87 -59.88 41.90
CA ASP A 819 -22.19 -58.72 41.03
C ASP A 819 -22.50 -57.51 41.93
N VAL A 820 -23.22 -57.74 43.03
CA VAL A 820 -23.53 -56.63 43.97
C VAL A 820 -22.33 -56.49 44.92
N ARG A 821 -21.22 -55.93 44.41
CA ARG A 821 -20.00 -55.75 45.24
C ARG A 821 -19.07 -54.76 44.53
N ALA A 823 -22.13 -52.93 44.02
CA ALA A 823 -22.72 -52.22 45.18
C ALA A 823 -21.59 -51.72 46.10
N PHE A 824 -20.75 -52.65 46.56
CA PHE A 824 -19.63 -52.28 47.47
C PHE A 824 -18.69 -51.33 46.72
N SER A 825 -18.45 -51.59 45.43
CA SER A 825 -17.50 -50.76 44.66
C SER A 825 -18.02 -49.32 44.57
N GLY A 826 -17.12 -48.34 44.60
CA GLY A 826 -17.55 -46.92 44.61
C GLY A 826 -18.05 -46.53 45.99
N ASN A 827 -19.01 -47.26 46.55
CA ASN A 827 -19.46 -46.98 47.93
C ASN A 827 -18.27 -47.22 48.87
N ILE A 828 -17.49 -48.28 48.61
CA ILE A 828 -16.28 -48.57 49.43
C ILE A 828 -15.29 -47.40 49.28
N LYS A 829 -15.15 -46.87 48.07
CA LYS A 829 -14.21 -45.74 47.84
C LYS A 829 -14.69 -44.53 48.65
N HIS A 830 -15.99 -44.28 48.67
CA HIS A 830 -16.53 -43.18 49.52
C HIS A 830 -16.25 -43.51 50.98
N ILE A 831 -16.43 -44.77 51.35
CA ILE A 831 -16.14 -45.22 52.75
C ILE A 831 -14.64 -45.02 53.01
N LEU A 832 -13.80 -45.32 52.02
CA LEU A 832 -12.34 -45.11 52.17
C LEU A 832 -12.11 -43.60 52.35
N GLU A 833 -12.82 -42.78 51.59
CA GLU A 833 -12.71 -41.31 51.75
C GLU A 833 -13.17 -40.96 53.17
N SER A 834 -14.24 -41.59 53.65
CA SER A 834 -14.75 -41.32 55.02
C SER A 834 -13.67 -41.62 56.06
N PHE A 841 -7.00 -49.09 61.38
CA PHE A 841 -7.45 -49.49 62.73
C PHE A 841 -8.65 -50.42 62.60
N ILE A 842 -9.85 -49.89 62.84
CA ILE A 842 -11.08 -50.71 62.64
C ILE A 842 -11.14 -51.06 61.14
N LYS A 843 -10.79 -50.10 60.28
CA LYS A 843 -10.75 -50.38 58.83
C LYS A 843 -9.69 -51.45 58.55
N GLU A 844 -8.54 -51.37 59.24
CA GLU A 844 -7.49 -52.42 59.08
C GLU A 844 -8.07 -53.75 59.57
N LEU A 845 -8.82 -53.73 60.67
CA LEU A 845 -9.49 -54.97 61.16
C LEU A 845 -10.48 -55.45 60.11
N PHE A 846 -11.22 -54.52 59.49
CA PHE A 846 -12.17 -54.89 58.41
C PHE A 846 -11.36 -55.47 57.25
N VAL A 847 -10.20 -54.85 56.97
CA VAL A 847 -9.31 -55.37 55.89
C VAL A 847 -8.84 -56.77 56.29
N LEU A 848 -8.52 -56.97 57.58
CA LEU A 848 -8.12 -58.31 58.06
C LEU A 848 -9.32 -59.27 57.87
N ARG A 849 -10.52 -58.80 58.16
CA ARG A 849 -11.73 -59.63 57.94
C ARG A 849 -11.84 -59.91 56.44
N MET A 850 -11.57 -58.91 55.61
CA MET A 850 -11.60 -59.10 54.13
C MET A 850 -10.51 -60.12 53.75
N LYS A 851 -9.34 -60.02 54.38
CA LYS A 851 -8.26 -61.01 54.10
C LYS A 851 -8.76 -62.39 54.54
N GLU A 852 -9.46 -62.46 55.67
CA GLU A 852 -10.03 -63.75 56.13
C GLU A 852 -11.06 -64.20 55.08
N ALA A 853 -11.85 -63.25 54.55
CA ALA A 853 -12.82 -63.59 53.49
C ALA A 853 -12.07 -64.08 52.26
N TYR A 854 -10.94 -63.45 51.93
CA TYR A 854 -10.12 -63.91 50.79
C TYR A 854 -9.62 -65.32 51.08
N THR A 855 -9.21 -65.56 52.33
CA THR A 855 -8.79 -66.92 52.72
C THR A 855 -9.98 -67.84 52.60
N HIS A 856 -11.16 -67.36 53.00
CA HIS A 856 -12.40 -68.16 52.88
C HIS A 856 -12.68 -68.44 51.40
N ALA A 857 -12.45 -67.44 50.55
CA ALA A 857 -12.64 -67.64 49.09
C ALA A 857 -11.66 -68.71 48.59
N GLN A 858 -10.42 -68.67 49.08
CA GLN A 858 -9.45 -69.73 48.70
C GLN A 858 -9.97 -71.07 49.24
N ILE A 859 -10.52 -71.07 50.46
CA ILE A 859 -11.11 -72.32 51.04
C ILE A 859 -12.30 -72.71 50.15
N SER A 860 -13.08 -71.73 49.71
CA SER A 860 -14.22 -71.99 48.81
C SER A 860 -13.66 -72.56 47.50
N ARG A 861 -12.53 -72.03 47.05
CA ARG A 861 -11.90 -72.48 45.78
C ARG A 861 -12.93 -72.29 44.65
N ASN A 862 -13.67 -71.19 44.69
CA ASN A 862 -14.64 -70.89 43.59
C ASN A 862 -14.07 -69.68 42.84
N ASN A 863 -13.92 -69.78 41.53
CA ASN A 863 -13.27 -68.68 40.78
C ASN A 863 -14.12 -67.41 40.90
N GLU A 864 -15.44 -67.54 40.79
CA GLU A 864 -16.30 -66.33 40.83
C GLU A 864 -16.17 -65.67 42.21
N LEU A 865 -16.16 -66.49 43.27
CA LEU A 865 -15.98 -65.94 44.64
C LEU A 865 -14.59 -65.31 44.74
N LYS A 866 -13.59 -65.97 44.18
CA LYS A 866 -12.21 -65.42 44.21
C LYS A 866 -12.20 -64.11 43.40
N ASP A 867 -12.90 -64.12 42.26
CA ASP A 867 -12.91 -62.91 41.40
C ASP A 867 -13.56 -61.75 42.16
N THR A 868 -14.65 -62.04 42.88
CA THR A 868 -15.35 -60.95 43.59
C THR A 868 -14.42 -60.39 44.62
N LEU A 869 -13.70 -61.25 45.34
CA LEU A 869 -12.73 -60.79 46.35
C LEU A 869 -11.61 -59.99 45.65
N ILE A 870 -11.14 -60.50 44.51
CA ILE A 870 -10.03 -59.82 43.78
C ILE A 870 -10.54 -58.44 43.33
N LEU A 871 -11.78 -58.38 42.84
CA LEU A 871 -12.34 -57.10 42.38
C LEU A 871 -12.44 -56.16 43.58
N THR A 872 -12.90 -56.70 44.73
CA THR A 872 -13.00 -55.87 45.93
C THR A 872 -11.62 -55.40 46.32
N THR A 873 -10.65 -56.31 46.25
CA THR A 873 -9.27 -55.95 46.64
C THR A 873 -8.75 -54.88 45.70
N GLY A 874 -9.03 -55.04 44.40
CA GLY A 874 -8.58 -54.04 43.42
C GLY A 874 -9.26 -52.71 43.69
N ASP A 875 -10.55 -52.76 43.99
CA ASP A 875 -11.29 -51.50 44.29
C ASP A 875 -10.68 -50.88 45.55
N ILE A 876 -10.38 -51.71 46.55
CA ILE A 876 -9.86 -51.16 47.83
C ILE A 876 -8.51 -50.47 47.59
N GLY A 877 -7.64 -51.09 46.78
CA GLY A 877 -6.31 -50.49 46.60
C GLY A 877 -6.44 -49.13 45.93
N ARG A 878 -7.29 -49.04 44.90
CA ARG A 878 -7.55 -47.73 44.26
C ARG A 878 -8.23 -46.82 45.29
N ALA A 879 -9.17 -47.37 46.07
CA ALA A 879 -9.97 -46.56 47.02
C ALA A 879 -9.14 -45.92 48.12
N ALA A 880 -8.14 -46.61 48.66
CA ALA A 880 -7.47 -46.05 49.86
C ALA A 880 -6.03 -45.57 49.63
N LYS A 881 -5.75 -44.33 50.01
CA LYS A 881 -4.39 -43.75 49.97
C LYS A 881 -3.48 -44.54 50.92
N GLY A 882 -4.00 -44.99 52.06
CA GLY A 882 -3.19 -45.59 53.13
C GLY A 882 -2.43 -46.85 52.76
N ASP A 883 -1.29 -47.08 53.42
CA ASP A 883 -0.37 -48.21 53.11
C ASP A 883 -1.08 -49.55 53.29
N LEU A 884 -1.99 -49.67 54.26
CA LEU A 884 -2.61 -51.00 54.50
C LEU A 884 -3.30 -51.41 53.19
N VAL A 885 -3.94 -50.48 52.48
CA VAL A 885 -4.52 -50.84 51.14
C VAL A 885 -3.37 -51.26 50.21
N PRO A 886 -2.20 -50.58 50.24
CA PRO A 886 -1.07 -51.03 49.43
C PRO A 886 -0.65 -52.42 49.90
N PHE A 887 -0.67 -52.65 51.20
CA PHE A 887 -0.34 -54.00 51.76
C PHE A 887 -1.36 -54.99 51.22
N ALA A 888 -2.63 -54.57 51.14
CA ALA A 888 -3.67 -55.44 50.55
C ALA A 888 -3.31 -55.71 49.10
N LEU A 889 -2.81 -54.68 48.40
CA LEU A 889 -2.35 -54.86 46.99
C LEU A 889 -1.19 -55.86 47.00
N LEU A 890 -0.30 -55.79 47.99
CA LEU A 890 0.79 -56.79 48.11
C LEU A 890 0.16 -58.17 48.33
N HIS A 891 -0.90 -58.24 49.15
CA HIS A 891 -1.62 -59.54 49.33
C HIS A 891 -2.21 -59.92 47.97
N LEU A 892 -2.72 -58.93 47.24
CA LEU A 892 -3.24 -59.17 45.87
C LEU A 892 -2.07 -59.66 45.00
N LEU A 893 -0.88 -59.09 45.20
CA LEU A 893 0.33 -59.55 44.46
C LEU A 893 0.60 -61.01 44.85
N HIS A 894 0.42 -61.36 46.12
CA HIS A 894 0.58 -62.80 46.51
C HIS A 894 -0.49 -63.60 45.76
N CYS A 895 -1.71 -63.04 45.67
CA CYS A 895 -2.78 -63.71 44.88
C CYS A 895 -2.32 -63.77 43.41
N LEU A 896 -1.67 -62.71 42.94
CA LEU A 896 -1.20 -62.66 41.53
C LEU A 896 -0.19 -63.79 41.33
N LEU A 897 0.65 -64.04 42.34
CA LEU A 897 1.64 -65.14 42.27
C LEU A 897 0.88 -66.47 42.16
N SER A 898 -0.25 -66.60 42.84
CA SER A 898 -0.99 -67.90 42.87
C SER A 898 -1.47 -68.31 41.47
N LYS A 899 -1.47 -69.62 41.18
CA LYS A 899 -1.86 -70.17 39.86
C LYS A 899 -3.39 -70.36 39.77
N SER A 900 -3.88 -71.03 38.72
CA SER A 900 -5.34 -71.28 38.49
C SER A 900 -6.01 -70.14 37.70
N ALA A 901 -5.24 -69.20 37.14
CA ALA A 901 -5.76 -68.12 36.26
C ALA A 901 -6.29 -66.96 37.11
N SER A 902 -6.87 -65.94 36.45
CA SER A 902 -7.25 -64.74 37.24
C SER A 902 -5.93 -64.34 37.89
N VAL A 903 -5.91 -64.14 39.21
CA VAL A 903 -4.58 -63.95 39.87
C VAL A 903 -3.90 -62.74 39.20
N SER A 904 -2.68 -62.94 38.71
CA SER A 904 -1.90 -61.78 38.18
C SER A 904 -2.63 -61.13 37.00
N GLY A 905 -3.24 -61.89 36.10
CA GLY A 905 -3.92 -61.16 35.01
C GLY A 905 -5.03 -60.31 35.59
N ALA A 906 -5.80 -60.86 36.54
CA ALA A 906 -6.82 -60.04 37.23
C ALA A 906 -6.11 -58.95 38.03
N ALA A 907 -5.02 -59.32 38.70
CA ALA A 907 -4.28 -58.36 39.55
C ALA A 907 -3.70 -57.24 38.69
N TYR A 908 -3.18 -57.56 37.51
CA TYR A 908 -2.54 -56.51 36.69
C TYR A 908 -3.59 -55.49 36.34
N THR A 909 -4.79 -55.97 35.99
CA THR A 909 -5.89 -55.03 35.71
C THR A 909 -6.22 -54.27 36.98
N GLU A 910 -6.25 -54.97 38.12
CA GLU A 910 -6.51 -54.29 39.41
C GLU A 910 -5.38 -53.31 39.69
N ILE A 911 -4.14 -53.72 39.42
CA ILE A 911 -2.96 -52.84 39.69
C ILE A 911 -3.08 -51.60 38.82
N ARG A 912 -3.49 -51.78 37.56
CA ARG A 912 -3.64 -50.63 36.64
C ARG A 912 -4.73 -49.69 37.19
N ALA A 913 -5.84 -50.26 37.70
CA ALA A 913 -6.90 -49.42 38.29
C ALA A 913 -6.35 -48.69 39.52
N LEU A 914 -5.58 -49.42 40.34
CA LEU A 914 -4.93 -48.77 41.51
C LEU A 914 -3.95 -47.72 40.99
N VAL A 915 -3.21 -48.05 39.93
CA VAL A 915 -2.20 -47.11 39.35
C VAL A 915 -2.91 -45.85 38.84
N ALA A 916 -4.06 -46.01 38.20
CA ALA A 916 -4.81 -44.81 37.74
C ALA A 916 -5.23 -43.97 38.95
N ALA A 917 -5.70 -44.63 40.01
CA ALA A 917 -6.03 -43.88 41.26
C ALA A 917 -4.72 -43.30 41.78
N LYS A 918 -3.65 -44.09 41.69
CA LYS A 918 -2.32 -43.68 42.19
C LYS A 918 -1.78 -42.47 41.41
N SER A 919 -2.04 -42.36 40.10
CA SER A 919 -1.35 -41.30 39.32
C SER A 919 0.13 -41.62 39.57
N VAL A 920 0.47 -42.91 39.50
CA VAL A 920 1.82 -43.40 39.87
C VAL A 920 2.94 -42.94 38.93
N LYS A 921 4.16 -42.90 39.46
CA LYS A 921 5.37 -42.47 38.70
C LYS A 921 6.03 -43.73 38.14
N LEU A 922 5.32 -44.87 38.17
CA LEU A 922 5.91 -46.16 37.74
C LEU A 922 7.06 -46.54 38.68
N GLN A 923 8.27 -46.77 38.15
CA GLN A 923 9.35 -47.31 39.02
C GLN A 923 9.62 -46.35 40.20
N SER A 924 9.62 -45.05 39.98
CA SER A 924 9.81 -44.16 41.17
C SER A 924 8.64 -44.36 42.15
N PHE A 925 7.41 -44.44 41.64
CA PHE A 925 6.25 -44.73 42.53
C PHE A 925 6.44 -46.11 43.10
N PHE A 926 6.93 -47.04 42.28
CA PHE A 926 7.07 -48.44 42.74
C PHE A 926 8.06 -48.47 43.89
N SER A 927 9.12 -47.69 43.85
CA SER A 927 10.05 -47.78 45.01
C SER A 927 9.31 -47.31 46.27
N GLN A 928 8.54 -46.24 46.18
CA GLN A 928 7.71 -45.80 47.33
C GLN A 928 6.68 -46.90 47.63
N TYR A 929 6.09 -47.47 46.59
CA TYR A 929 5.07 -48.56 46.73
C TYR A 929 5.73 -49.76 47.38
N LYS A 930 6.99 -50.06 47.03
CA LYS A 930 7.64 -51.29 47.51
C LYS A 930 8.43 -50.99 48.78
N LYS A 931 9.78 -50.99 48.74
CA LYS A 931 10.51 -50.76 50.01
C LYS A 931 10.08 -51.89 50.97
N PRO A 932 9.54 -51.58 52.17
CA PRO A 932 9.20 -52.62 53.12
C PRO A 932 8.17 -53.53 52.50
N ILE A 933 7.23 -52.96 51.74
CA ILE A 933 6.21 -53.80 51.03
C ILE A 933 6.94 -54.72 50.04
N CYS A 934 7.98 -54.22 49.36
CA CYS A 934 8.76 -55.12 48.47
C CYS A 934 9.42 -56.20 49.33
N GLN A 935 9.91 -55.83 50.52
CA GLN A 935 10.50 -56.83 51.43
C GLN A 935 9.41 -57.83 51.81
N PHE A 936 8.19 -57.37 52.06
CA PHE A 936 7.07 -58.31 52.35
C PHE A 936 6.85 -59.19 51.13
N LEU A 937 6.90 -58.59 49.93
CA LEU A 937 6.78 -59.40 48.69
C LEU A 937 7.96 -60.37 48.64
N VAL A 938 9.15 -59.89 49.01
CA VAL A 938 10.36 -60.75 49.05
C VAL A 938 10.10 -61.86 50.09
N GLU A 939 9.47 -61.52 51.21
CA GLU A 939 9.15 -62.53 52.25
C GLU A 939 8.22 -63.58 51.66
N SER A 940 7.24 -63.15 50.84
CA SER A 940 6.37 -64.14 50.16
C SER A 940 7.25 -64.98 49.22
N LEU A 941 8.19 -64.32 48.53
CA LEU A 941 9.14 -65.06 47.66
C LEU A 941 9.97 -65.98 48.56
N HIS A 942 10.36 -65.47 49.74
CA HIS A 942 11.16 -66.28 50.70
C HIS A 942 10.34 -67.49 51.12
N SER A 943 9.03 -67.30 51.33
CA SER A 943 8.16 -68.45 51.67
C SER A 943 8.18 -69.45 50.50
N SER A 944 8.15 -68.94 49.27
CA SER A 944 8.29 -69.86 48.11
C SER A 944 9.70 -70.46 48.13
N GLN A 945 10.72 -69.62 48.36
CA GLN A 945 12.11 -70.12 48.46
C GLN A 945 12.18 -71.17 49.57
N MET A 946 11.45 -70.95 50.66
CA MET A 946 11.51 -71.86 51.83
C MET A 946 11.03 -73.25 51.38
N THR A 947 10.01 -73.31 50.53
CA THR A 947 9.62 -74.63 50.00
C THR A 947 9.55 -74.55 48.50
N ALA A 948 10.72 -74.45 47.84
CA ALA A 948 10.77 -74.47 46.36
C ALA A 948 10.27 -75.83 45.88
N LEU A 949 10.66 -76.89 46.58
CA LEU A 949 10.24 -78.27 46.20
C LEU A 949 10.43 -78.47 44.69
N ASP A 963 11.28 -79.71 41.80
CA ASP A 963 11.99 -79.87 40.50
C ASP A 963 13.47 -79.48 40.68
N VAL A 964 13.97 -79.48 41.92
CA VAL A 964 15.42 -79.21 42.14
C VAL A 964 15.76 -77.84 41.57
N ALA A 965 16.79 -77.76 40.72
CA ALA A 965 17.23 -76.46 40.15
C ALA A 965 16.08 -75.89 39.31
N HIS A 966 15.36 -76.74 38.59
CA HIS A 966 14.25 -76.26 37.72
C HIS A 966 13.19 -75.60 38.61
N GLN A 967 12.91 -76.18 39.79
CA GLN A 967 11.95 -75.53 40.72
C GLN A 967 12.50 -74.17 41.15
N ARG A 968 13.81 -74.10 41.43
CA ARG A 968 14.43 -72.80 41.77
C ARG A 968 14.29 -71.87 40.57
N GLU A 969 14.49 -72.41 39.36
CA GLU A 969 14.33 -71.60 38.13
C GLU A 969 12.87 -71.15 38.02
N MET A 970 11.93 -72.03 38.37
CA MET A 970 10.49 -71.65 38.33
C MET A 970 10.26 -70.53 39.34
N ALA A 971 10.88 -70.62 40.52
CA ALA A 971 10.76 -69.52 41.51
C ALA A 971 11.39 -68.26 40.91
N LEU A 972 12.53 -68.44 40.23
CA LEU A 972 13.20 -67.29 39.57
C LEU A 972 12.25 -66.73 38.49
N ASN A 973 11.56 -67.61 37.77
CA ASN A 973 10.58 -67.16 36.74
C ASN A 973 9.46 -66.37 37.43
N THR A 974 9.00 -66.84 38.59
CA THR A 974 7.98 -66.08 39.35
C THR A 974 8.57 -64.74 39.73
N LEU A 975 9.83 -64.73 40.17
CA LEU A 975 10.51 -63.45 40.49
C LEU A 975 10.61 -62.62 39.21
N SER A 976 10.90 -63.27 38.09
CA SER A 976 10.99 -62.56 36.78
C SER A 976 9.61 -61.98 36.46
N GLU A 977 8.54 -62.72 36.74
CA GLU A 977 7.17 -62.21 36.51
C GLU A 977 6.96 -60.98 37.41
N ILE A 978 7.44 -61.03 38.64
CA ILE A 978 7.34 -59.84 39.55
C ILE A 978 8.16 -58.69 38.93
N ALA A 979 9.34 -59.00 38.39
CA ALA A 979 10.15 -57.96 37.71
C ALA A 979 9.38 -57.44 36.49
N ASN A 980 8.71 -58.34 35.77
CA ASN A 980 7.87 -57.92 34.62
C ASN A 980 6.74 -57.03 35.15
N VAL A 981 6.17 -57.39 36.31
CA VAL A 981 5.11 -56.56 36.93
C VAL A 981 5.72 -55.19 37.26
N PHE A 982 6.96 -55.18 37.76
CA PHE A 982 7.64 -53.88 38.02
C PHE A 982 7.78 -53.16 36.71
N ASP A 983 8.14 -53.88 35.63
CA ASP A 983 8.17 -53.28 34.28
C ASP A 983 9.07 -52.03 34.24
N PHE A 984 10.24 -52.06 34.90
CA PHE A 984 11.12 -50.87 34.78
C PHE A 984 12.31 -51.25 33.90
N PRO A 985 12.53 -50.53 32.78
CA PRO A 985 13.65 -50.81 31.87
C PRO A 985 13.54 -52.27 31.48
N ASP A 986 14.65 -53.00 31.53
CA ASP A 986 14.57 -54.46 31.30
C ASP A 986 13.92 -55.07 32.55
N LEU A 987 13.12 -56.13 32.41
CA LEU A 987 12.58 -56.73 33.65
C LEU A 987 13.78 -57.23 34.47
N ASN A 988 14.78 -57.82 33.81
CA ASN A 988 16.01 -58.26 34.51
C ASN A 988 16.73 -57.05 35.09
N ARG A 989 16.80 -55.93 34.34
CA ARG A 989 17.44 -54.71 34.87
C ARG A 989 16.67 -54.19 36.08
N PHE A 990 15.33 -54.24 36.01
CA PHE A 990 14.51 -53.81 37.19
C PHE A 990 14.82 -54.76 38.32
N LEU A 991 14.94 -56.05 37.97
CA LEU A 991 15.26 -57.08 39.00
C LEU A 991 16.64 -56.78 39.58
N THR A 992 17.61 -56.39 38.75
CA THR A 992 18.97 -56.20 39.26
C THR A 992 18.99 -55.09 40.30
N ARG A 993 18.28 -53.98 40.04
CA ARG A 993 18.19 -52.90 41.05
C ARG A 993 17.47 -53.45 42.29
N THR A 994 16.40 -54.22 42.06
CA THR A 994 15.64 -54.83 43.17
C THR A 994 16.54 -55.80 43.89
N LEU A 995 17.37 -56.53 43.16
CA LEU A 995 18.18 -57.62 43.77
C LEU A 995 19.12 -57.04 44.83
N GLN A 996 19.74 -55.89 44.61
CA GLN A 996 20.67 -55.43 45.66
C GLN A 996 19.86 -55.20 46.94
N VAL A 997 18.68 -54.57 46.82
CA VAL A 997 17.79 -54.41 48.00
C VAL A 997 17.34 -55.81 48.46
N LEU A 998 17.01 -56.68 47.50
CA LEU A 998 16.51 -58.04 47.83
C LEU A 998 17.61 -58.81 48.56
N LEU A 999 18.85 -58.67 48.13
CA LEU A 999 19.94 -59.47 48.74
C LEU A 999 20.05 -59.09 50.23
N PRO A 1000 19.96 -57.78 50.57
CA PRO A 1000 19.98 -57.43 51.98
C PRO A 1000 18.78 -58.04 52.69
N ASP A 1001 17.61 -57.96 52.05
CA ASP A 1001 16.37 -58.54 52.63
C ASP A 1001 16.52 -60.07 52.77
N LEU A 1002 17.09 -60.71 51.76
CA LEU A 1002 17.29 -62.18 51.79
C LEU A 1002 18.24 -62.50 52.96
N ALA A 1003 19.28 -61.68 53.10
CA ALA A 1003 20.23 -61.88 54.22
C ALA A 1003 19.48 -61.69 55.54
N ALA A 1004 18.59 -60.71 55.58
CA ALA A 1004 17.84 -60.44 56.82
C ALA A 1004 16.97 -61.66 57.15
N LYS A 1005 16.33 -62.26 56.15
CA LYS A 1005 15.57 -63.51 56.43
C LYS A 1005 16.54 -64.60 56.87
N ALA A 1006 17.70 -64.71 56.21
CA ALA A 1006 18.75 -65.68 56.59
C ALA A 1006 18.21 -67.11 56.53
N SER A 1007 17.26 -67.40 55.64
CA SER A 1007 16.79 -68.80 55.49
C SER A 1007 17.88 -69.63 54.80
N PRO A 1008 18.13 -70.89 55.19
CA PRO A 1008 19.10 -71.69 54.46
C PRO A 1008 18.56 -71.88 53.06
N ALA A 1009 17.25 -72.12 52.95
CA ALA A 1009 16.61 -72.28 51.63
C ALA A 1009 16.74 -70.97 50.85
N ALA A 1010 16.55 -69.84 51.55
CA ALA A 1010 16.70 -68.51 50.89
C ALA A 1010 18.15 -68.35 50.43
N SER A 1011 19.10 -68.78 51.25
CA SER A 1011 20.53 -68.68 50.86
C SER A 1011 20.77 -69.54 49.62
N ALA A 1012 20.17 -70.73 49.57
CA ALA A 1012 20.29 -71.57 48.35
C ALA A 1012 19.61 -70.84 47.19
N LEU A 1013 18.45 -70.23 47.46
CA LEU A 1013 17.73 -69.47 46.41
C LEU A 1013 18.60 -68.30 45.96
N ILE A 1014 19.26 -67.63 46.90
CA ILE A 1014 20.14 -66.47 46.54
C ILE A 1014 21.27 -66.98 45.64
N ARG A 1015 21.84 -68.14 45.96
CA ARG A 1015 22.88 -68.71 45.08
C ARG A 1015 22.25 -69.01 43.71
N THR A 1016 21.03 -69.55 43.70
CA THR A 1016 20.32 -69.82 42.44
C THR A 1016 20.07 -68.49 41.74
N LEU A 1017 19.69 -67.47 42.51
CA LEU A 1017 19.42 -66.14 41.93
C LEU A 1017 20.72 -65.59 41.32
N GLY A 1018 21.85 -65.79 42.01
CA GLY A 1018 23.14 -65.35 41.45
C GLY A 1018 23.44 -66.10 40.17
N LYS A 1019 23.15 -67.41 40.15
CA LYS A 1019 23.33 -68.19 38.91
C LYS A 1019 22.38 -67.65 37.83
N GLN A 1020 21.14 -67.33 38.22
CA GLN A 1020 20.16 -66.77 37.26
C GLN A 1020 20.69 -65.43 36.77
N LEU A 1021 21.25 -64.63 37.68
CA LEU A 1021 21.88 -63.34 37.29
C LEU A 1021 23.07 -63.65 36.38
N ASN A 1022 23.83 -64.70 36.68
CA ASN A 1022 25.07 -65.00 35.92
C ASN A 1022 25.97 -63.78 36.08
N VAL A 1023 25.92 -63.15 37.26
CA VAL A 1023 26.68 -61.90 37.52
C VAL A 1023 27.86 -62.20 38.46
N ASN A 1024 28.22 -61.23 39.29
CA ASN A 1024 29.35 -61.38 40.26
C ASN A 1024 29.02 -62.51 41.23
N ARG A 1025 27.74 -62.66 41.62
CA ARG A 1025 27.37 -63.80 42.51
C ARG A 1025 28.09 -63.60 43.85
N ARG A 1026 28.93 -64.54 44.28
CA ARG A 1026 29.52 -64.43 45.64
C ARG A 1026 30.31 -63.12 45.73
N GLU A 1027 31.02 -62.72 44.67
CA GLU A 1027 31.70 -61.40 44.70
C GLU A 1027 30.63 -60.30 44.83
N ILE A 1028 29.51 -60.43 44.12
CA ILE A 1028 28.39 -59.44 44.25
C ILE A 1028 27.87 -59.52 45.69
N LEU A 1029 27.82 -60.72 46.24
CA LEU A 1029 27.27 -60.92 47.60
C LEU A 1029 28.13 -60.14 48.60
N ILE A 1030 29.46 -60.12 48.42
CA ILE A 1030 30.28 -59.29 49.35
C ILE A 1030 29.88 -57.81 49.19
N ASN A 1031 29.66 -57.34 47.96
CA ASN A 1031 29.14 -55.96 47.78
C ASN A 1031 27.76 -55.88 48.42
N ASN A 1032 26.95 -56.92 48.23
CA ASN A 1032 25.59 -56.98 48.82
C ASN A 1032 25.73 -56.99 50.34
N PHE A 1033 26.75 -57.67 50.86
CA PHE A 1033 26.89 -57.83 52.33
C PHE A 1033 27.02 -56.47 53.00
N LYS A 1034 27.74 -55.51 52.41
CA LYS A 1034 27.77 -54.20 53.10
C LYS A 1034 26.34 -53.64 53.14
N TYR A 1035 25.58 -53.76 52.04
CA TYR A 1035 24.16 -53.35 52.05
C TYR A 1035 23.40 -54.23 53.04
N ILE A 1036 23.70 -55.53 53.03
CA ILE A 1036 23.03 -56.51 53.95
C ILE A 1036 23.35 -56.12 55.40
N PHE A 1037 24.59 -55.72 55.67
CA PHE A 1037 24.98 -55.30 57.04
C PHE A 1037 24.15 -54.09 57.40
N SER A 1038 23.97 -53.18 56.45
CA SER A 1038 23.09 -52.01 56.70
C SER A 1038 21.66 -52.50 56.96
N HIS A 1039 21.20 -53.50 56.20
CA HIS A 1039 19.85 -54.09 56.45
C HIS A 1039 19.83 -54.73 57.83
N LEU A 1040 20.92 -55.43 58.20
CA LEU A 1040 21.01 -56.04 59.54
C LEU A 1040 20.97 -54.92 60.58
N VAL A 1041 21.66 -53.81 60.32
CA VAL A 1041 21.56 -52.65 61.24
C VAL A 1041 20.10 -52.14 61.22
N CYS A 1042 19.50 -52.08 60.04
CA CYS A 1042 18.12 -51.49 59.92
C CYS A 1042 17.11 -52.32 60.72
N SER A 1043 17.19 -53.65 60.65
CA SER A 1043 16.29 -54.48 61.50
C SER A 1043 17.15 -55.37 62.40
N CYS A 1044 16.92 -55.32 63.71
CA CYS A 1044 17.81 -56.10 64.62
C CYS A 1044 17.03 -57.18 65.36
N SER A 1045 17.50 -58.42 65.31
CA SER A 1045 16.86 -59.53 66.07
C SER A 1045 17.64 -59.75 67.37
N LYS A 1046 18.62 -58.87 67.66
CA LYS A 1046 19.45 -59.00 68.89
C LYS A 1046 20.20 -60.35 68.84
N ASP A 1047 20.07 -61.17 69.88
CA ASP A 1047 20.84 -62.45 69.93
C ASP A 1047 20.44 -63.31 68.73
N GLU A 1048 19.15 -63.30 68.38
CA GLU A 1048 18.70 -64.05 67.17
C GLU A 1048 19.43 -63.45 65.95
N LEU A 1049 19.56 -62.13 65.90
CA LEU A 1049 20.30 -61.49 64.78
C LEU A 1049 21.76 -61.96 64.80
N GLU A 1050 22.35 -62.07 65.99
CA GLU A 1050 23.75 -62.59 66.08
C GLU A 1050 23.78 -64.03 65.55
N ARG A 1051 22.78 -64.85 65.90
CA ARG A 1051 22.72 -66.22 65.34
C ARG A 1051 22.52 -66.12 63.82
N ALA A 1052 21.67 -65.19 63.37
CA ALA A 1052 21.47 -64.98 61.91
C ALA A 1052 22.79 -64.50 61.31
N LEU A 1053 23.49 -63.62 62.03
CA LEU A 1053 24.80 -63.11 61.56
C LEU A 1053 25.75 -64.30 61.47
N HIS A 1054 25.70 -65.21 62.44
CA HIS A 1054 26.54 -66.44 62.37
C HIS A 1054 26.15 -67.26 61.14
N TYR A 1055 24.84 -67.37 60.87
CA TYR A 1055 24.39 -68.07 59.63
C TYR A 1055 24.92 -67.30 58.43
N LEU A 1056 24.83 -65.97 58.50
CA LEU A 1056 25.37 -65.12 57.41
C LEU A 1056 26.88 -65.35 57.35
N LYS A 1057 27.52 -65.47 58.52
CA LYS A 1057 28.98 -65.68 58.60
C LYS A 1057 29.34 -67.01 57.94
N ASN A 1058 28.52 -68.06 58.12
CA ASN A 1058 28.84 -69.32 57.40
C ASN A 1058 28.77 -69.06 55.90
N GLU A 1059 27.76 -68.33 55.43
CA GLU A 1059 27.74 -67.95 54.00
C GLU A 1059 28.94 -67.03 53.74
N THR A 1060 29.23 -66.14 54.68
CA THR A 1060 30.36 -65.19 54.57
C THR A 1060 31.67 -65.94 54.52
N GLU A 1061 31.81 -67.03 55.29
CA GLU A 1061 33.14 -67.70 55.39
C GLU A 1061 34.07 -66.67 56.04
N ILE A 1062 35.19 -66.33 55.43
CA ILE A 1062 36.16 -65.42 56.12
C ILE A 1062 35.41 -64.10 56.38
N GLU A 1063 34.58 -63.64 55.44
CA GLU A 1063 33.71 -62.45 55.66
C GLU A 1063 34.49 -61.15 55.42
N LEU A 1064 33.81 -60.01 55.59
CA LEU A 1064 34.47 -58.71 55.35
C LEU A 1064 35.63 -58.53 56.33
N GLY A 1065 35.46 -58.90 57.60
CA GLY A 1065 36.64 -58.82 58.48
C GLY A 1065 37.18 -57.40 58.49
N SER A 1066 38.45 -57.24 58.17
CA SER A 1066 39.11 -55.91 58.11
C SER A 1066 38.38 -55.07 57.06
N LEU A 1067 37.94 -55.68 55.97
CA LEU A 1067 37.22 -54.96 54.89
C LEU A 1067 35.93 -54.36 55.49
N LEU A 1068 35.25 -55.05 56.41
CA LEU A 1068 34.07 -54.40 57.04
C LEU A 1068 34.53 -53.15 57.80
N ARG A 1069 35.66 -53.22 58.50
CA ARG A 1069 36.23 -52.01 59.15
C ARG A 1069 36.58 -51.01 58.04
N GLN A 1070 37.12 -51.51 56.93
CA GLN A 1070 37.49 -50.67 55.77
C GLN A 1070 36.23 -49.99 55.22
N ASP A 1071 35.09 -50.69 55.26
CA ASP A 1071 33.86 -50.14 54.64
C ASP A 1071 33.08 -49.38 55.71
N PHE A 1072 31.94 -49.89 56.18
CA PHE A 1072 31.14 -49.05 57.12
C PHE A 1072 30.85 -47.81 56.31
N GLN A 1073 31.16 -46.61 56.83
CA GLN A 1073 31.00 -45.42 55.94
C GLN A 1073 29.52 -45.35 55.54
N GLY A 1074 29.22 -45.38 54.24
CA GLY A 1074 27.83 -45.22 53.79
C GLY A 1074 26.96 -46.32 54.35
N LEU A 1075 27.45 -47.56 54.43
CA LEU A 1075 26.63 -48.61 55.08
C LEU A 1075 26.41 -48.20 56.54
N HIS A 1076 27.46 -47.68 57.20
CA HIS A 1076 27.30 -47.15 58.59
C HIS A 1076 26.34 -45.95 58.53
N ASN A 1077 26.47 -45.14 57.49
CA ASN A 1077 25.60 -43.94 57.31
C ASN A 1077 24.15 -44.41 57.17
N GLU A 1078 23.91 -45.52 56.47
CA GLU A 1078 22.54 -46.06 56.35
C GLU A 1078 22.03 -46.43 57.75
N LEU A 1079 22.89 -47.03 58.59
CA LEU A 1079 22.48 -47.29 59.99
C LEU A 1079 22.22 -45.94 60.66
N LEU A 1080 23.07 -44.95 60.37
CA LEU A 1080 22.89 -43.59 60.93
C LEU A 1080 21.55 -43.05 60.39
N LEU A 1081 21.24 -43.34 59.12
CA LEU A 1081 20.00 -42.81 58.48
C LEU A 1081 18.79 -43.34 59.24
N ARG A 1082 18.85 -44.58 59.73
CA ARG A 1082 17.72 -45.12 60.54
C ARG A 1082 17.60 -44.19 61.77
N ILE A 1083 18.73 -43.76 62.36
CA ILE A 1083 18.64 -42.71 63.42
C ILE A 1083 17.76 -43.15 64.59
N GLY A 1084 16.75 -42.33 64.91
CA GLY A 1084 15.87 -42.60 66.08
C GLY A 1084 15.16 -43.92 65.90
N GLU A 1085 14.73 -44.26 64.68
CA GLU A 1085 14.12 -45.59 64.53
C GLU A 1085 15.18 -46.63 64.89
N HIS A 1086 16.43 -46.45 64.46
CA HIS A 1086 17.51 -47.36 64.91
C HIS A 1086 17.68 -47.19 66.43
N TYR A 1087 17.62 -45.95 66.92
CA TYR A 1087 17.66 -45.70 68.39
C TYR A 1087 18.93 -46.28 68.99
N GLN A 1088 18.76 -47.09 70.04
CA GLN A 1088 19.90 -47.71 70.74
C GLN A 1088 20.64 -48.61 69.75
N GLN A 1089 19.92 -49.27 68.86
CA GLN A 1089 20.57 -50.22 67.92
C GLN A 1089 21.57 -49.44 67.06
N VAL A 1090 21.26 -48.21 66.64
CA VAL A 1090 22.29 -47.43 65.89
C VAL A 1090 23.50 -47.20 66.79
N PHE A 1091 23.28 -46.86 68.07
CA PHE A 1091 24.42 -46.71 69.01
C PHE A 1091 25.10 -48.06 69.17
N ASN A 1092 24.29 -49.12 69.25
CA ASN A 1092 24.84 -50.49 69.37
C ASN A 1092 25.62 -50.80 68.10
N GLY A 1093 25.11 -50.35 66.95
CA GLY A 1093 25.81 -50.57 65.68
C GLY A 1093 27.14 -49.86 65.72
N LEU A 1094 27.17 -48.64 66.29
CA LEU A 1094 28.48 -47.94 66.43
C LEU A 1094 29.39 -48.77 67.35
N SER A 1095 28.84 -49.32 68.44
CA SER A 1095 29.64 -50.22 69.31
C SER A 1095 30.05 -51.45 68.50
N ILE A 1096 29.13 -51.98 67.70
CA ILE A 1096 29.42 -53.17 66.84
C ILE A 1096 30.52 -52.76 65.85
N LEU A 1097 30.43 -51.54 65.31
CA LEU A 1097 31.45 -51.05 64.35
C LEU A 1097 32.80 -51.01 65.06
N ALA A 1098 32.83 -50.57 66.32
CA ALA A 1098 34.09 -50.58 67.08
C ALA A 1098 34.56 -52.03 67.22
N SER A 1099 33.62 -52.94 67.49
CA SER A 1099 33.97 -54.39 67.55
C SER A 1099 34.47 -54.86 66.19
N PHE A 1100 33.82 -54.42 65.11
CA PHE A 1100 34.25 -54.80 63.74
C PHE A 1100 35.65 -54.24 63.51
N ALA A 1101 35.88 -53.00 63.97
CA ALA A 1101 37.20 -52.36 63.80
C ALA A 1101 38.26 -53.16 64.56
N SER A 1102 37.91 -53.63 65.76
CA SER A 1102 38.88 -54.39 66.60
C SER A 1102 38.13 -55.23 67.64
N ILE A 1113 31.78 -47.95 71.28
CA ILE A 1113 31.09 -46.61 71.21
C ILE A 1113 29.91 -46.63 72.19
N ILE A 1114 29.99 -47.45 73.25
CA ILE A 1114 28.85 -47.56 74.21
C ILE A 1114 28.60 -46.20 74.87
N SER A 1115 29.67 -45.49 75.25
CA SER A 1115 29.50 -44.13 75.83
C SER A 1115 29.00 -43.18 74.74
N PRO A 1116 28.14 -42.19 75.05
CA PRO A 1116 27.74 -41.25 74.02
C PRO A 1116 29.01 -40.53 73.59
N GLU A 1117 29.86 -40.19 74.56
CA GLU A 1117 31.17 -39.56 74.24
C GLU A 1117 32.01 -40.54 73.40
N LEU A 1118 32.00 -41.82 73.76
CA LEU A 1118 32.74 -42.84 72.97
C LEU A 1118 32.11 -42.88 71.56
N MET A 1119 30.78 -42.81 71.49
CA MET A 1119 30.10 -42.78 70.18
C MET A 1119 30.55 -41.52 69.44
N ALA A 1120 30.65 -40.40 70.16
CA ALA A 1120 31.12 -39.14 69.56
C ALA A 1120 32.56 -39.33 69.06
N ASP A 1121 33.39 -40.02 69.84
CA ASP A 1121 34.79 -40.28 69.41
C ASP A 1121 34.77 -41.15 68.15
N TYR A 1122 33.89 -42.15 68.10
CA TYR A 1122 33.75 -42.98 66.87
C TYR A 1122 33.25 -42.08 65.74
N LEU A 1123 32.31 -41.20 66.05
CA LEU A 1123 31.79 -40.25 65.03
C LEU A 1123 32.93 -39.34 64.59
N GLN A 1124 33.76 -38.91 65.54
CA GLN A 1124 34.92 -38.04 65.20
C GLN A 1124 35.85 -38.85 64.28
N PRO A 1125 36.07 -40.15 64.52
CA PRO A 1125 36.92 -40.90 63.60
C PRO A 1125 36.31 -40.93 62.20
N LYS A 1126 35.00 -41.14 62.09
CA LYS A 1126 34.35 -41.08 60.75
C LYS A 1126 34.51 -39.65 60.22
N LEU A 1127 34.31 -38.65 61.08
CA LEU A 1127 34.55 -37.23 60.71
C LEU A 1127 33.75 -36.81 59.47
N LEU A 1128 34.43 -36.15 58.53
CA LEU A 1128 33.78 -35.63 57.29
C LEU A 1128 33.24 -36.77 56.43
N GLY A 1129 33.96 -37.90 56.33
CA GLY A 1129 33.55 -38.95 55.40
C GLY A 1129 32.17 -39.50 55.72
N ILE A 1130 31.85 -39.73 57.00
CA ILE A 1130 30.46 -40.18 57.29
C ILE A 1130 29.49 -39.08 56.85
N LEU A 1131 29.82 -37.81 57.13
CA LEU A 1131 28.96 -36.68 56.71
C LEU A 1131 28.90 -36.66 55.18
N ALA A 1132 30.05 -36.89 54.53
CA ALA A 1132 30.10 -36.87 53.05
C ALA A 1132 29.21 -37.98 52.51
N PHE A 1133 29.23 -39.15 53.15
CA PHE A 1133 28.39 -40.28 52.70
C PHE A 1133 26.93 -39.87 52.84
N PHE A 1134 26.60 -39.21 53.95
CA PHE A 1134 25.21 -38.72 54.13
C PHE A 1134 24.92 -37.67 53.05
N ASN A 1135 25.90 -36.81 52.78
CA ASN A 1135 25.73 -35.76 51.74
C ASN A 1135 25.52 -36.44 50.39
N MET A 1136 26.29 -37.49 50.11
CA MET A 1136 26.17 -38.23 48.83
C MET A 1136 24.76 -38.84 48.75
N GLN A 1137 24.28 -39.39 49.85
CA GLN A 1137 22.90 -39.96 49.86
C GLN A 1137 21.90 -38.81 49.60
N LEU A 1138 22.13 -37.66 50.23
CA LEU A 1138 21.25 -36.49 50.01
C LEU A 1138 21.37 -36.08 48.53
N LEU A 1139 22.60 -36.13 48.01
CA LEU A 1139 22.84 -35.73 46.60
C LEU A 1139 22.08 -36.67 45.66
N SER A 1140 22.04 -37.96 45.97
CA SER A 1140 21.42 -38.90 45.00
C SER A 1140 19.94 -38.59 44.80
N SER A 1141 19.48 -38.57 43.55
CA SER A 1141 18.03 -38.40 43.23
C SER A 1141 17.26 -39.61 43.77
N SER A 1142 17.84 -40.80 43.67
CA SER A 1142 17.11 -42.06 44.03
C SER A 1142 16.68 -42.07 45.50
N VAL A 1143 17.50 -41.56 46.42
CA VAL A 1143 17.12 -41.71 47.85
C VAL A 1143 15.77 -41.00 48.07
N GLY A 1144 14.87 -41.64 48.82
CA GLY A 1144 13.52 -41.10 49.04
C GLY A 1144 13.58 -39.80 49.81
N ILE A 1145 12.71 -38.85 49.48
CA ILE A 1145 12.75 -37.52 50.16
C ILE A 1145 12.46 -37.74 51.65
N GLU A 1146 11.49 -38.61 51.97
CA GLU A 1146 11.23 -38.93 53.40
C GLU A 1146 12.46 -39.61 53.99
N ASP A 1147 13.09 -40.51 53.23
CA ASP A 1147 14.33 -41.17 53.72
C ASP A 1147 15.41 -40.11 53.89
N LYS A 1148 15.49 -39.17 52.94
CA LYS A 1148 16.47 -38.06 53.04
C LYS A 1148 16.13 -37.24 54.29
N LYS A 1149 14.83 -36.99 54.53
CA LYS A 1149 14.41 -36.23 55.73
C LYS A 1149 14.84 -37.02 56.98
N MET A 1150 14.67 -38.35 56.95
CA MET A 1150 15.13 -39.19 58.09
C MET A 1150 16.65 -39.05 58.21
N ALA A 1151 17.35 -39.06 57.07
CA ALA A 1151 18.82 -38.89 57.08
C ALA A 1151 19.17 -37.50 57.64
N LEU A 1152 18.41 -36.48 57.25
CA LEU A 1152 18.65 -35.12 57.78
C LEU A 1152 18.40 -35.13 59.30
N ASN A 1153 17.34 -35.81 59.74
CA ASN A 1153 17.09 -35.93 61.20
C ASN A 1153 18.27 -36.69 61.79
N SER A 1154 18.72 -37.72 61.08
CA SER A 1154 19.88 -38.52 61.54
C SER A 1154 21.11 -37.60 61.60
N LEU A 1155 21.26 -36.74 60.60
CA LEU A 1155 22.44 -35.84 60.56
C LEU A 1155 22.37 -34.91 61.76
N MET A 1156 21.16 -34.40 62.07
CA MET A 1156 21.01 -33.53 63.26
C MET A 1156 21.34 -34.35 64.51
N SER A 1157 20.86 -35.59 64.57
CA SER A 1157 21.17 -36.46 65.73
C SER A 1157 22.68 -36.74 65.77
N LEU A 1158 23.29 -37.00 64.61
CA LEU A 1158 24.73 -37.28 64.56
C LEU A 1158 25.50 -36.03 65.01
N MET A 1159 25.04 -34.85 64.57
CA MET A 1159 25.71 -33.59 64.95
C MET A 1159 25.58 -33.45 66.46
N LYS A 1160 24.39 -33.77 67.00
CA LYS A 1160 24.22 -33.70 68.48
C LYS A 1160 25.16 -34.72 69.12
N LEU A 1161 25.25 -35.92 68.54
CA LEU A 1161 26.10 -36.97 69.15
C LEU A 1161 27.56 -36.49 69.14
N MET A 1162 28.00 -35.90 68.03
CA MET A 1162 29.37 -35.33 67.98
C MET A 1162 29.46 -34.17 68.98
N GLY A 1163 28.42 -33.33 69.04
CA GLY A 1163 28.47 -32.13 69.87
C GLY A 1163 28.92 -30.95 69.03
N PRO A 1164 28.65 -29.69 69.42
CA PRO A 1164 29.01 -28.58 68.54
C PRO A 1164 30.50 -28.46 68.29
N LYS A 1165 31.29 -28.62 69.36
CA LYS A 1165 32.76 -28.43 69.22
C LYS A 1165 33.30 -29.50 68.25
N HIS A 1166 32.81 -30.72 68.38
CA HIS A 1166 33.30 -31.82 67.51
C HIS A 1166 32.95 -31.52 66.05
N VAL A 1167 31.75 -31.00 65.79
CA VAL A 1167 31.37 -30.84 64.36
C VAL A 1167 32.35 -29.86 63.70
N SER A 1168 32.69 -28.74 64.34
CA SER A 1168 33.79 -27.88 63.82
C SER A 1168 33.58 -27.51 62.35
N SER A 1169 34.62 -27.69 61.54
CA SER A 1169 34.57 -27.43 60.06
C SER A 1169 33.54 -28.37 59.41
N VAL A 1170 33.46 -29.61 59.91
CA VAL A 1170 32.54 -30.62 59.31
C VAL A 1170 31.12 -30.07 59.44
N ARG A 1171 30.81 -29.38 60.55
CA ARG A 1171 29.47 -28.75 60.66
C ARG A 1171 29.29 -27.72 59.54
N VAL A 1172 30.34 -26.95 59.22
CA VAL A 1172 30.23 -26.02 58.05
C VAL A 1172 30.04 -26.87 56.78
N LYS A 1173 30.75 -27.99 56.67
CA LYS A 1173 30.55 -28.90 55.52
C LYS A 1173 29.11 -29.43 55.59
N MET A 1174 28.64 -29.73 56.80
CA MET A 1174 27.25 -30.20 56.99
C MET A 1174 26.30 -29.09 56.54
N MET A 1175 26.65 -27.83 56.85
CA MET A 1175 25.81 -26.69 56.40
C MET A 1175 25.80 -26.68 54.86
N THR A 1176 26.93 -26.96 54.23
CA THR A 1176 26.95 -27.07 52.75
C THR A 1176 26.07 -28.24 52.36
N THR A 1177 26.15 -29.34 53.10
CA THR A 1177 25.26 -30.49 52.84
C THR A 1177 23.84 -30.05 53.09
N LEU A 1178 23.63 -29.24 54.13
CA LEU A 1178 22.29 -28.70 54.44
C LEU A 1178 21.84 -27.84 53.26
N ARG A 1179 22.76 -27.08 52.66
CA ARG A 1179 22.43 -26.27 51.46
C ARG A 1179 21.99 -27.22 50.34
N THR A 1180 22.67 -28.35 50.17
CA THR A 1180 22.21 -29.33 49.16
C THR A 1180 20.83 -29.81 49.57
N GLY A 1181 20.63 -30.04 50.87
CA GLY A 1181 19.29 -30.42 51.38
C GLY A 1181 18.33 -29.27 51.12
N LEU A 1182 18.80 -28.04 51.29
CA LEU A 1182 17.96 -26.85 51.02
C LEU A 1182 17.60 -26.85 49.54
N ARG A 1183 18.52 -27.25 48.66
CA ARG A 1183 18.25 -27.12 47.21
C ARG A 1183 17.00 -27.93 46.85
N PHE A 1184 16.85 -29.15 47.37
CA PHE A 1184 15.55 -29.84 47.14
C PHE A 1184 14.91 -29.93 48.50
N LYS A 1185 13.80 -29.21 48.72
CA LYS A 1185 13.26 -29.20 50.10
C LYS A 1185 11.82 -29.74 50.17
N ASP A 1186 10.89 -29.11 49.44
CA ASP A 1186 9.48 -29.61 49.37
C ASP A 1186 8.87 -29.74 50.77
N ASP A 1187 8.22 -30.88 51.05
CA ASP A 1187 7.63 -31.17 52.39
C ASP A 1187 8.75 -31.24 53.43
N PHE A 1188 9.89 -31.80 53.05
CA PHE A 1188 11.03 -32.00 53.98
C PHE A 1188 11.46 -30.64 54.51
N PRO A 1189 11.41 -29.57 53.69
CA PRO A 1189 11.97 -28.31 54.14
C PRO A 1189 11.39 -27.73 55.40
N GLU A 1190 10.07 -27.79 55.61
CA GLU A 1190 9.60 -27.19 56.88
C GLU A 1190 10.24 -27.97 58.03
N LEU A 1191 10.27 -29.30 57.94
CA LEU A 1191 10.98 -30.10 58.96
C LEU A 1191 12.48 -29.77 58.89
N CYS A 1192 13.00 -29.65 57.67
CA CYS A 1192 14.45 -29.37 57.49
C CYS A 1192 14.79 -27.99 58.09
N CYS A 1193 13.92 -27.01 57.89
CA CYS A 1193 14.18 -25.65 58.43
C CYS A 1193 14.24 -25.75 59.95
N ARG A 1194 13.33 -26.53 60.54
CA ARG A 1194 13.40 -26.74 62.01
C ARG A 1194 14.71 -27.47 62.31
N ALA A 1195 15.06 -28.46 61.50
CA ALA A 1195 16.32 -29.21 61.72
C ALA A 1195 17.53 -28.29 61.55
N TRP A 1196 17.49 -27.41 60.54
CA TRP A 1196 18.61 -26.45 60.34
C TRP A 1196 18.67 -25.51 61.55
N ASP A 1197 17.52 -25.06 62.02
CA ASP A 1197 17.49 -24.20 63.23
C ASP A 1197 18.04 -25.02 64.40
N CYS A 1198 17.64 -26.28 64.49
CA CYS A 1198 18.14 -27.17 65.57
C CYS A 1198 19.65 -27.33 65.40
N PHE A 1199 20.11 -27.49 64.15
CA PHE A 1199 21.56 -27.64 63.89
C PHE A 1199 22.26 -26.37 64.34
N VAL A 1200 21.66 -25.21 64.03
CA VAL A 1200 22.24 -23.92 64.50
C VAL A 1200 22.20 -23.89 66.03
N ARG A 1201 21.09 -24.34 66.62
CA ARG A 1201 20.99 -24.38 68.10
C ARG A 1201 22.03 -25.36 68.64
N CYS A 1202 22.20 -26.49 67.96
CA CYS A 1202 23.23 -27.48 68.38
C CYS A 1202 24.60 -26.82 68.23
N LEU A 1203 24.79 -26.06 67.15
CA LEU A 1203 26.11 -25.42 66.89
C LEU A 1203 26.41 -24.40 68.00
N ASP A 1204 27.68 -24.29 68.38
CA ASP A 1204 28.08 -23.29 69.41
C ASP A 1204 27.83 -21.91 68.78
N HIS A 1205 27.45 -20.92 69.60
CA HIS A 1205 27.09 -19.60 69.01
C HIS A 1205 28.32 -19.07 68.27
N ALA A 1206 29.51 -19.20 68.87
CA ALA A 1206 30.73 -18.82 68.13
C ALA A 1206 30.61 -17.37 67.67
N CYS A 1207 30.83 -17.14 66.37
CA CYS A 1207 30.74 -15.77 65.82
C CYS A 1207 29.58 -15.69 64.83
N LEU A 1208 28.72 -14.68 64.96
CA LEU A 1208 27.60 -14.47 64.00
C LEU A 1208 28.23 -14.22 62.63
N GLY A 1209 29.33 -13.47 62.61
CA GLY A 1209 30.04 -13.18 61.35
C GLY A 1209 30.52 -14.47 60.73
N SER A 1210 30.98 -15.42 61.56
CA SER A 1210 31.53 -16.69 61.00
C SER A 1210 30.43 -17.44 60.24
N LEU A 1211 29.19 -17.48 60.76
CA LEU A 1211 28.11 -18.12 59.96
C LEU A 1211 27.94 -17.33 58.67
N LEU A 1212 27.96 -15.99 58.75
CA LEU A 1212 27.96 -15.12 57.55
C LEU A 1212 26.79 -15.39 56.60
N SER A 1213 27.11 -15.51 55.30
CA SER A 1213 26.09 -15.70 54.23
C SER A 1213 25.32 -17.00 54.41
N HIS A 1214 25.99 -18.09 54.79
CA HIS A 1214 25.26 -19.38 54.80
C HIS A 1214 24.09 -19.29 55.77
N VAL A 1215 24.29 -18.66 56.94
CA VAL A 1215 23.14 -18.49 57.86
C VAL A 1215 22.08 -17.59 57.18
N ILE A 1216 22.52 -16.52 56.52
CA ILE A 1216 21.58 -15.60 55.82
C ILE A 1216 20.87 -16.37 54.68
N VAL A 1217 21.64 -17.18 53.94
CA VAL A 1217 21.05 -17.91 52.78
C VAL A 1217 19.99 -18.87 53.32
N ALA A 1218 20.30 -19.53 54.43
CA ALA A 1218 19.33 -20.47 55.03
C ALA A 1218 18.10 -19.68 55.45
N LEU A 1219 18.33 -18.49 56.03
CA LEU A 1219 17.18 -17.69 56.53
C LEU A 1219 16.30 -17.30 55.33
N LEU A 1220 16.92 -16.90 54.22
CA LEU A 1220 16.13 -16.47 53.04
C LEU A 1220 15.30 -17.65 52.52
N PRO A 1221 15.86 -18.87 52.44
CA PRO A 1221 15.07 -20.01 52.02
C PRO A 1221 13.97 -20.28 53.02
N LEU A 1222 14.30 -20.18 54.31
CA LEU A 1222 13.31 -20.44 55.38
C LEU A 1222 12.18 -19.42 55.26
N ILE A 1223 12.54 -18.16 54.99
CA ILE A 1223 11.50 -17.09 54.93
C ILE A 1223 10.52 -17.43 53.79
N HIS A 1224 11.05 -17.90 52.66
CA HIS A 1224 10.12 -18.31 51.59
C HIS A 1224 9.26 -19.48 52.08
N ILE A 1225 9.86 -20.47 52.75
CA ILE A 1225 9.03 -21.65 53.14
C ILE A 1225 7.95 -21.19 54.13
N GLN A 1226 8.33 -20.38 55.13
CA GLN A 1226 7.32 -19.79 56.05
C GLN A 1226 7.88 -18.46 56.57
N PRO A 1227 7.06 -17.40 56.76
CA PRO A 1227 7.62 -16.21 57.37
C PRO A 1227 8.04 -16.54 58.80
N LYS A 1228 7.18 -17.30 59.51
CA LYS A 1228 7.45 -17.62 60.93
C LYS A 1228 8.70 -18.47 61.12
N GLU A 1229 8.92 -19.47 60.25
CA GLU A 1229 10.06 -20.39 60.51
C GLU A 1229 11.38 -19.60 60.46
N THR A 1230 11.52 -18.71 59.47
CA THR A 1230 12.73 -17.88 59.42
C THR A 1230 12.77 -16.99 60.62
N ALA A 1231 11.63 -16.41 60.98
CA ALA A 1231 11.65 -15.43 62.09
C ALA A 1231 12.08 -16.14 63.38
N ALA A 1232 11.54 -17.34 63.60
CA ALA A 1232 11.87 -18.04 64.86
C ALA A 1232 13.37 -18.35 64.88
N ILE A 1233 13.88 -18.80 63.73
CA ILE A 1233 15.33 -19.12 63.65
C ILE A 1233 16.13 -17.83 63.84
N PHE A 1234 15.69 -16.73 63.22
CA PHE A 1234 16.46 -15.47 63.29
C PHE A 1234 16.49 -14.98 64.73
N HIS A 1235 15.35 -15.07 65.40
CA HIS A 1235 15.28 -14.58 66.80
C HIS A 1235 16.22 -15.42 67.65
N TYR A 1236 16.17 -16.74 67.41
CA TYR A 1236 17.07 -17.65 68.17
C TYR A 1236 18.50 -17.30 67.84
N LEU A 1237 18.75 -17.06 66.54
CA LEU A 1237 20.14 -16.78 66.12
C LEU A 1237 20.59 -15.48 66.79
N ILE A 1238 19.72 -14.47 66.80
CA ILE A 1238 20.15 -13.17 67.38
C ILE A 1238 20.44 -13.38 68.87
N ILE A 1239 19.57 -14.13 69.54
CA ILE A 1239 19.76 -14.34 71.01
C ILE A 1239 21.07 -15.12 71.23
N GLU A 1240 21.30 -16.15 70.43
CA GLU A 1240 22.52 -16.98 70.60
C GLU A 1240 23.76 -16.11 70.32
N ASN A 1241 23.70 -15.30 69.27
CA ASN A 1241 24.88 -14.48 68.87
C ASN A 1241 25.20 -13.48 69.98
N ARG A 1242 24.19 -12.86 70.62
CA ARG A 1242 24.48 -11.97 71.77
C ARG A 1242 25.43 -10.84 71.33
N ASP A 1243 26.56 -10.67 72.02
CA ASP A 1243 27.52 -9.58 71.71
C ASP A 1243 28.01 -9.79 70.27
N ALA A 1244 28.21 -11.05 69.87
CA ALA A 1244 28.62 -11.35 68.48
C ALA A 1244 27.52 -10.84 67.55
N VAL A 1245 26.25 -10.94 67.96
CA VAL A 1245 25.14 -10.55 67.03
C VAL A 1245 25.29 -9.07 66.68
N GLN A 1246 25.05 -8.72 65.42
CA GLN A 1246 25.14 -7.32 64.88
C GLN A 1246 26.57 -7.06 64.41
N ASP A 1247 27.51 -7.96 64.67
CA ASP A 1247 28.86 -7.79 64.07
C ASP A 1247 28.68 -7.92 62.56
N PHE A 1248 27.85 -8.90 62.15
CA PHE A 1248 27.58 -9.13 60.71
C PHE A 1248 26.27 -8.45 60.29
N LEU A 1249 25.61 -7.73 61.21
CA LEU A 1249 24.27 -7.16 60.83
C LEU A 1249 24.49 -6.18 59.67
N HIS A 1250 25.55 -5.37 59.74
CA HIS A 1250 25.85 -4.47 58.60
C HIS A 1250 26.16 -5.32 57.37
N GLU A 1251 26.92 -6.39 57.57
CA GLU A 1251 27.28 -7.28 56.43
C GLU A 1251 26.01 -7.90 55.85
N ILE A 1252 25.09 -8.34 56.72
CA ILE A 1252 23.78 -8.85 56.20
C ILE A 1252 22.85 -7.64 56.06
N TYR A 1253 23.15 -6.75 55.10
CA TYR A 1253 22.27 -5.58 54.86
C TYR A 1253 20.90 -6.10 54.40
N PHE A 1254 20.91 -7.12 53.55
CA PHE A 1254 19.64 -7.64 52.99
C PHE A 1254 18.79 -8.20 54.10
N LEU A 1255 17.48 -7.88 54.08
CA LEU A 1255 16.55 -8.49 55.07
C LEU A 1255 15.41 -9.16 54.31
N PRO A 1256 15.06 -10.43 54.58
CA PRO A 1256 13.88 -11.01 53.93
C PRO A 1256 12.70 -10.24 54.51
N ASP A 1257 11.68 -9.96 53.71
CA ASP A 1257 10.58 -9.12 54.26
C ASP A 1257 9.31 -9.97 54.41
N HIS A 1258 8.76 -10.03 55.62
CA HIS A 1258 7.49 -10.77 55.90
C HIS A 1258 6.93 -10.11 57.15
N PRO A 1259 5.62 -10.24 57.50
CA PRO A 1259 5.19 -9.56 58.72
C PRO A 1259 5.94 -10.16 59.91
N GLU A 1260 6.07 -11.48 59.96
CA GLU A 1260 6.88 -12.10 61.04
C GLU A 1260 8.34 -11.67 60.87
N LEU A 1261 8.82 -11.65 59.62
CA LEU A 1261 10.22 -11.23 59.33
C LEU A 1261 10.37 -9.77 59.75
N LYS A 1262 9.35 -8.94 59.49
CA LYS A 1262 9.46 -7.49 59.78
C LYS A 1262 9.68 -7.29 61.29
N LYS A 1263 9.01 -8.07 62.14
CA LYS A 1263 9.29 -7.92 63.58
C LYS A 1263 10.77 -8.30 63.81
N ILE A 1264 11.24 -9.37 63.19
CA ILE A 1264 12.68 -9.73 63.27
C ILE A 1264 13.48 -8.60 62.60
N LYS A 1265 12.98 -8.10 61.47
CA LYS A 1265 13.69 -7.04 60.70
C LYS A 1265 13.79 -5.77 61.56
N ALA A 1266 12.74 -5.43 62.31
CA ALA A 1266 12.85 -4.26 63.21
C ALA A 1266 13.94 -4.55 64.25
N VAL A 1267 13.97 -5.78 64.77
CA VAL A 1267 15.07 -6.15 65.72
C VAL A 1267 16.38 -6.08 64.91
N LEU A 1268 16.36 -6.55 63.67
CA LEU A 1268 17.55 -6.49 62.80
C LEU A 1268 17.90 -5.02 62.56
N GLN A 1269 16.89 -4.17 62.36
CA GLN A 1269 17.13 -2.73 62.10
C GLN A 1269 17.81 -2.14 63.34
N GLU A 1270 17.36 -2.52 64.54
CA GLU A 1270 18.06 -2.05 65.76
C GLU A 1270 19.49 -2.59 65.75
N TYR A 1271 19.66 -3.85 65.37
CA TYR A 1271 21.02 -4.44 65.25
C TYR A 1271 21.78 -3.69 64.18
N ARG A 1272 21.11 -3.38 63.06
CA ARG A 1272 21.74 -2.61 61.96
C ARG A 1272 22.11 -1.21 62.46
N LYS A 1273 21.24 -0.60 63.26
CA LYS A 1273 21.58 0.73 63.84
C LYS A 1273 22.81 0.55 64.74
N GLU A 1274 22.86 -0.53 65.52
CA GLU A 1274 24.09 -0.80 66.30
C GLU A 1274 25.25 -1.05 65.33
N THR A 1275 24.98 -1.82 64.26
CA THR A 1275 26.04 -2.18 63.28
C THR A 1275 26.57 -0.94 62.57
N SER A 1276 25.70 -0.01 62.20
CA SER A 1276 26.16 1.16 61.40
C SER A 1276 26.00 2.46 62.19
N GLU A 1277 27.07 3.25 62.29
CA GLU A 1277 27.02 4.51 63.08
C GLU A 1277 26.78 5.68 62.13
N SER A 1278 27.81 6.10 61.38
CA SER A 1278 27.66 7.28 60.51
C SER A 1278 27.00 6.87 59.18
N THR A 1279 26.32 7.80 58.51
CA THR A 1279 25.73 7.46 57.19
C THR A 1279 26.87 7.12 56.27
N ASP A 1280 27.97 7.87 56.34
CA ASP A 1280 29.19 7.57 55.53
C ASP A 1280 29.09 8.18 54.13
N LEU A 1281 27.97 8.83 53.80
CA LEU A 1281 27.91 9.58 52.51
C LEU A 1281 28.23 8.67 51.33
N GLN A 1282 29.16 9.12 50.48
CA GLN A 1282 29.57 8.34 49.27
C GLN A 1282 30.16 7.00 49.70
N THR A 1283 30.91 6.99 50.81
CA THR A 1283 31.59 5.75 51.26
C THR A 1283 30.53 4.71 51.54
N THR A 1284 29.40 5.13 52.10
CA THR A 1284 28.31 4.18 52.42
C THR A 1284 27.89 3.59 51.10
N LEU A 1285 27.82 4.41 50.06
CA LEU A 1285 27.54 3.86 48.71
C LEU A 1285 28.70 2.92 48.37
N GLN A 1286 29.92 3.31 48.74
CA GLN A 1286 31.11 2.46 48.49
C GLN A 1286 30.93 1.15 49.28
N LEU A 1287 30.42 1.25 50.50
CA LEU A 1287 30.14 0.03 51.29
C LEU A 1287 29.09 -0.75 50.49
N SER A 1288 28.16 -0.02 49.90
CA SER A 1288 27.10 -0.65 49.08
C SER A 1288 27.76 -1.36 47.89
N MET A 1289 28.81 -0.78 47.31
CA MET A 1289 29.43 -1.38 46.09
C MET A 1289 29.98 -2.77 46.39
N LYS A 1290 30.63 -2.96 47.54
CA LYS A 1290 31.08 -4.32 47.93
C LYS A 1290 29.82 -5.16 48.07
N ALA A 1291 28.77 -4.55 48.63
CA ALA A 1291 27.46 -5.23 48.80
C ALA A 1291 26.93 -5.58 47.42
N ILE A 1292 27.16 -4.71 46.44
CA ILE A 1292 26.55 -4.93 45.10
C ILE A 1292 27.05 -6.27 44.57
N GLN A 1293 28.33 -6.60 44.76
CA GLN A 1293 28.72 -7.96 44.36
C GLN A 1293 27.91 -8.87 45.30
N HIS A 1294 27.27 -9.92 44.77
CA HIS A 1294 26.38 -10.71 45.68
C HIS A 1294 26.73 -12.19 45.68
N GLU A 1295 26.90 -12.77 46.88
CA GLU A 1295 27.10 -14.24 46.97
C GLU A 1295 25.82 -14.90 46.46
N ASN A 1296 24.66 -14.32 46.81
CA ASN A 1296 23.35 -14.90 46.41
C ASN A 1296 22.63 -13.93 45.47
N VAL A 1297 22.10 -14.42 44.36
CA VAL A 1297 21.39 -13.55 43.38
C VAL A 1297 20.17 -12.92 44.07
N ASP A 1298 19.46 -13.69 44.90
CA ASP A 1298 18.29 -13.14 45.65
C ASP A 1298 18.82 -12.02 46.57
N VAL A 1299 19.99 -12.24 47.17
CA VAL A 1299 20.61 -11.18 48.02
C VAL A 1299 20.89 -9.99 47.11
N ARG A 1300 21.32 -10.25 45.87
CA ARG A 1300 21.60 -9.18 44.89
C ARG A 1300 20.30 -8.42 44.61
N ILE A 1301 19.18 -9.15 44.54
CA ILE A 1301 17.86 -8.50 44.29
C ILE A 1301 17.61 -7.56 45.47
N HIS A 1302 17.94 -8.01 46.68
CA HIS A 1302 17.80 -7.13 47.87
C HIS A 1302 18.73 -5.93 47.68
N ALA A 1303 19.93 -6.18 47.14
CA ALA A 1303 20.92 -5.10 46.91
C ALA A 1303 20.33 -4.09 45.92
N LEU A 1304 19.64 -4.59 44.90
CA LEU A 1304 19.02 -3.69 43.89
C LEU A 1304 17.98 -2.83 44.59
N THR A 1305 17.22 -3.41 45.51
CA THR A 1305 16.23 -2.62 46.28
C THR A 1305 17.00 -1.58 47.06
N SER A 1306 18.14 -1.98 47.61
CA SER A 1306 18.99 -1.05 48.38
C SER A 1306 19.45 0.05 47.41
N LEU A 1307 19.77 -0.33 46.18
CA LEU A 1307 20.23 0.65 45.16
C LEU A 1307 19.09 1.64 44.89
N LYS A 1308 17.85 1.16 44.85
CA LYS A 1308 16.69 2.06 44.65
C LYS A 1308 16.62 3.03 45.84
N GLU A 1309 16.87 2.53 47.05
CA GLU A 1309 16.92 3.41 48.25
C GLU A 1309 18.08 4.38 48.03
N THR A 1310 19.18 3.87 47.47
CA THR A 1310 20.36 4.71 47.22
C THR A 1310 19.95 5.78 46.26
N LEU A 1311 19.12 5.44 45.27
CA LEU A 1311 18.67 6.40 44.24
C LEU A 1311 17.88 7.55 44.87
N TYR A 1312 17.01 7.26 45.85
CA TYR A 1312 16.30 8.37 46.54
C TYR A 1312 17.33 9.24 47.22
N LYS A 1313 18.32 8.61 47.86
CA LYS A 1313 19.44 9.35 48.49
C LYS A 1313 20.16 10.06 47.35
N ASN A 1314 20.26 9.39 46.21
CA ASN A 1314 21.01 9.92 45.04
C ASN A 1314 20.38 11.23 44.58
N GLN A 1315 19.05 11.34 44.65
CA GLN A 1315 18.50 12.59 44.07
C GLN A 1315 19.17 13.75 44.81
N GLU A 1316 19.69 14.73 44.06
CA GLU A 1316 20.38 15.92 44.62
C GLU A 1316 21.75 15.56 45.20
N LYS A 1317 21.81 14.70 46.23
CA LYS A 1317 23.12 14.42 46.87
C LYS A 1317 24.06 13.70 45.88
N LEU A 1318 23.52 12.72 45.16
CA LEU A 1318 24.32 11.99 44.14
C LEU A 1318 24.69 12.99 43.03
N ILE A 1319 23.76 13.88 42.69
CA ILE A 1319 23.98 14.79 41.53
C ILE A 1319 25.21 15.67 41.79
N LYS A 1320 25.39 16.17 43.02
CA LYS A 1320 26.61 16.97 43.25
C LYS A 1320 27.83 16.07 43.02
N TYR A 1321 27.76 14.83 43.51
CA TYR A 1321 28.87 13.86 43.27
C TYR A 1321 28.98 13.58 41.78
N ALA A 1322 27.83 13.46 41.11
CA ALA A 1322 27.83 13.09 39.68
C ALA A 1322 28.54 14.17 38.89
N THR A 1323 28.28 15.44 39.21
CA THR A 1323 29.05 16.51 38.56
C THR A 1323 30.30 16.68 39.38
N ASP A 1324 31.17 15.66 39.38
CA ASP A 1324 32.44 15.75 40.12
C ASP A 1324 33.29 16.84 39.49
N SER A 1325 33.30 16.92 38.16
CA SER A 1325 34.16 17.89 37.44
C SER A 1325 34.05 17.53 35.96
N GLU A 1326 34.89 18.13 35.11
CA GLU A 1326 34.84 17.66 33.70
C GLU A 1326 35.21 16.18 33.76
N THR A 1327 36.21 15.83 34.57
CA THR A 1327 36.52 14.40 34.78
C THR A 1327 35.41 13.79 35.61
N VAL A 1328 35.02 12.54 35.32
CA VAL A 1328 34.00 11.85 36.17
C VAL A 1328 34.64 11.52 37.53
N GLU A 1329 33.85 11.49 38.60
CA GLU A 1329 34.39 11.20 39.96
C GLU A 1329 34.97 9.77 39.99
N PRO A 1330 36.11 9.54 40.67
CA PRO A 1330 36.63 8.18 40.76
C PRO A 1330 35.66 7.28 41.50
N ILE A 1331 35.07 7.80 42.58
CA ILE A 1331 34.06 7.01 43.35
C ILE A 1331 32.88 6.70 42.42
N ILE A 1332 32.49 7.70 41.62
CA ILE A 1332 31.36 7.50 40.67
C ILE A 1332 31.78 6.41 39.70
N SER A 1333 33.04 6.44 39.28
CA SER A 1333 33.57 5.41 38.35
C SER A 1333 33.49 4.03 39.01
N GLN A 1334 33.78 3.98 40.31
CA GLN A 1334 33.69 2.70 41.05
C GLN A 1334 32.21 2.27 40.99
N LEU A 1335 31.32 3.24 41.15
CA LEU A 1335 29.87 2.94 41.05
C LEU A 1335 29.61 2.44 39.63
N VAL A 1336 30.26 3.05 38.65
CA VAL A 1336 30.07 2.66 37.23
C VAL A 1336 30.54 1.21 37.04
N THR A 1337 31.65 0.84 37.67
CA THR A 1337 32.15 -0.54 37.55
C THR A 1337 31.09 -1.44 38.12
N VAL A 1338 30.50 -1.01 39.23
CA VAL A 1338 29.39 -1.80 39.85
C VAL A 1338 28.25 -1.84 38.84
N LEU A 1339 28.01 -0.72 38.16
CA LEU A 1339 26.90 -0.64 37.17
C LEU A 1339 27.19 -1.65 36.05
N LEU A 1340 28.46 -1.77 35.66
CA LEU A 1340 28.84 -2.72 34.58
C LEU A 1340 28.48 -4.12 35.09
N LYS A 1341 28.76 -4.38 36.37
CA LYS A 1341 28.36 -5.67 36.96
C LYS A 1341 26.83 -5.73 36.90
N GLY A 1342 26.18 -4.59 37.17
CA GLY A 1342 24.71 -4.53 37.18
C GLY A 1342 24.16 -4.87 35.83
N CYS A 1343 24.82 -4.44 34.75
CA CYS A 1343 24.23 -4.64 33.41
C CYS A 1343 24.06 -6.14 33.15
N GLN A 1344 25.04 -6.98 33.51
CA GLN A 1344 24.79 -8.43 33.35
C GLN A 1344 23.75 -8.82 34.40
N ASP A 1345 22.71 -9.57 34.04
CA ASP A 1345 21.76 -10.02 35.09
C ASP A 1345 21.52 -11.53 35.04
N ALA A 1346 21.70 -12.23 36.17
CA ALA A 1346 21.33 -13.66 36.22
C ALA A 1346 19.81 -13.76 36.01
N ASN A 1347 19.07 -12.84 36.62
CA ASN A 1347 17.59 -12.85 36.55
C ASN A 1347 17.12 -11.58 35.85
N SER A 1348 16.18 -11.70 34.90
CA SER A 1348 15.73 -10.53 34.12
C SER A 1348 15.09 -9.49 35.05
N GLN A 1349 14.31 -9.94 36.04
CA GLN A 1349 13.66 -8.99 36.98
C GLN A 1349 14.77 -8.25 37.72
N ALA A 1350 15.82 -8.97 38.09
CA ALA A 1350 16.97 -8.32 38.77
C ALA A 1350 17.59 -7.31 37.80
N ARG A 1351 17.64 -7.68 36.52
CA ARG A 1351 18.24 -6.79 35.50
C ARG A 1351 17.42 -5.50 35.44
N LEU A 1352 16.10 -5.60 35.54
CA LEU A 1352 15.25 -4.40 35.41
C LEU A 1352 15.60 -3.44 36.55
N LEU A 1353 15.84 -3.97 37.75
CA LEU A 1353 16.24 -3.12 38.89
C LEU A 1353 17.59 -2.48 38.54
N CYS A 1354 18.49 -3.26 37.94
CA CYS A 1354 19.83 -2.73 37.56
C CYS A 1354 19.64 -1.60 36.54
N GLY A 1355 18.72 -1.78 35.60
CA GLY A 1355 18.43 -0.73 34.60
C GLY A 1355 17.91 0.50 35.31
N GLU A 1356 17.07 0.29 36.32
CA GLU A 1356 16.52 1.43 37.08
C GLU A 1356 17.70 2.15 37.75
N CYS A 1357 18.64 1.38 38.27
CA CYS A 1357 19.83 1.97 38.91
C CYS A 1357 20.60 2.77 37.86
N LEU A 1358 20.70 2.23 36.65
CA LEU A 1358 21.42 2.91 35.55
C LEU A 1358 20.70 4.24 35.26
N GLY A 1359 19.37 4.22 35.27
CA GLY A 1359 18.60 5.46 35.03
C GLY A 1359 18.90 6.45 36.11
N GLU A 1360 18.99 5.98 37.35
CA GLU A 1360 19.37 6.87 38.47
C GLU A 1360 20.78 7.39 38.18
N LEU A 1361 21.63 6.51 37.65
CA LEU A 1361 23.03 6.89 37.36
C LEU A 1361 23.04 8.00 36.31
N GLY A 1362 22.16 7.94 35.31
CA GLY A 1362 22.22 8.92 34.22
C GLY A 1362 23.25 8.47 33.19
N ALA A 1363 23.55 9.29 32.18
CA ALA A 1363 24.47 8.79 31.14
C ALA A 1363 25.88 9.29 31.41
N ILE A 1364 26.79 8.37 31.68
CA ILE A 1364 28.22 8.74 31.92
C ILE A 1364 28.85 9.17 30.59
N ASP A 1365 29.72 10.18 30.62
CA ASP A 1365 30.47 10.50 29.37
C ASP A 1365 31.36 9.27 29.14
N PRO A 1366 31.55 8.79 27.89
CA PRO A 1366 32.43 7.64 27.74
C PRO A 1366 33.76 8.17 28.23
N GLY A 1367 34.07 9.41 27.85
CA GLY A 1367 35.30 10.06 28.33
C GLY A 1367 35.29 10.23 29.84
N ARG A 1368 34.15 10.58 30.42
CA ARG A 1368 34.14 10.92 31.87
C ARG A 1368 34.58 9.74 32.72
N LEU A 1369 34.12 8.51 32.44
CA LEU A 1369 34.63 7.37 33.24
C LEU A 1369 35.44 6.47 32.30
N ASP A 1370 36.70 6.21 32.64
CA ASP A 1370 37.53 5.45 31.67
C ASP A 1370 36.98 4.04 31.46
N PHE A 1371 36.60 3.34 32.53
CA PHE A 1371 36.11 1.94 32.42
C PHE A 1371 37.30 1.05 32.06
N SER A 1372 37.96 1.37 30.94
CA SER A 1372 39.17 0.64 30.46
C SER A 1372 40.28 0.83 31.49
N THR A 1373 40.35 2.01 32.10
CA THR A 1373 41.41 2.30 33.07
C THR A 1373 41.25 1.31 34.19
N THR A 1374 40.02 0.98 34.55
CA THR A 1374 39.81 -0.07 35.57
C THR A 1374 40.39 -1.35 35.01
N GLU A 1375 40.19 -1.62 33.72
CA GLU A 1375 40.84 -2.81 33.09
C GLU A 1375 40.38 -4.06 33.84
N THR A 1376 41.31 -4.93 34.26
CA THR A 1376 40.87 -6.06 35.10
C THR A 1376 39.74 -6.95 34.67
N THR A 1382 40.50 -18.63 27.79
CA THR A 1382 40.41 -19.37 26.52
C THR A 1382 41.55 -20.36 26.45
N PHE A 1383 42.73 -19.97 26.94
CA PHE A 1383 43.92 -20.86 26.93
C PHE A 1383 44.21 -21.27 25.49
N VAL A 1384 44.02 -20.36 24.53
CA VAL A 1384 44.35 -20.65 23.11
C VAL A 1384 43.57 -21.89 22.67
N THR A 1385 44.27 -22.86 22.08
CA THR A 1385 43.62 -24.12 21.67
C THR A 1385 44.11 -25.18 22.62
N GLY A 1386 43.19 -25.95 23.21
CA GLY A 1386 43.61 -26.91 24.24
C GLY A 1386 43.43 -28.34 23.77
N VAL A 1387 44.46 -29.16 23.95
CA VAL A 1387 44.37 -30.59 23.56
C VAL A 1387 43.30 -31.22 24.46
N GLU A 1388 42.51 -32.16 23.91
CA GLU A 1388 41.36 -32.73 24.68
C GLU A 1388 41.92 -33.41 25.92
N ASP A 1389 43.06 -34.09 25.80
CA ASP A 1389 43.65 -34.87 26.93
C ASP A 1389 44.11 -33.94 28.05
N SER A 1390 44.20 -34.47 29.28
CA SER A 1390 44.61 -33.68 30.47
C SER A 1390 43.65 -32.55 30.87
N SER A 1391 44.13 -31.31 31.01
CA SER A 1391 43.30 -30.23 31.59
C SER A 1391 42.03 -29.94 30.78
N PHE A 1392 42.08 -29.96 29.44
CA PHE A 1392 40.83 -29.62 28.72
C PHE A 1392 39.78 -30.67 29.10
N ALA A 1393 40.18 -31.94 29.16
CA ALA A 1393 39.24 -32.98 29.59
C ALA A 1393 38.81 -32.70 31.04
N TYR A 1394 39.78 -32.28 31.87
CA TYR A 1394 39.46 -32.06 33.31
C TYR A 1394 38.43 -30.94 33.42
N GLY A 1395 38.60 -29.88 32.64
CA GLY A 1395 37.61 -28.79 32.64
C GLY A 1395 36.28 -29.31 32.14
N LEU A 1396 36.31 -30.13 31.08
CA LEU A 1396 35.06 -30.69 30.53
C LEU A 1396 34.42 -31.60 31.60
N LEU A 1397 35.25 -32.38 32.29
CA LEU A 1397 34.72 -33.32 33.32
C LEU A 1397 34.07 -32.50 34.43
N MET A 1398 34.69 -31.38 34.81
CA MET A 1398 34.13 -30.56 35.91
C MET A 1398 32.76 -30.04 35.47
N GLU A 1399 32.66 -29.60 34.22
CA GLU A 1399 31.35 -29.13 33.69
C GLU A 1399 30.36 -30.30 33.69
N LEU A 1400 30.84 -31.48 33.29
CA LEU A 1400 29.96 -32.68 33.24
C LEU A 1400 29.49 -32.99 34.66
N THR A 1401 30.39 -32.89 35.64
CA THR A 1401 30.01 -33.16 37.04
C THR A 1401 28.97 -32.15 37.44
N ARG A 1402 29.17 -30.89 37.04
CA ARG A 1402 28.19 -29.83 37.38
C ARG A 1402 26.85 -30.19 36.70
N ALA A 1403 26.92 -30.64 35.45
CA ALA A 1403 25.68 -31.01 34.72
C ALA A 1403 24.99 -32.17 35.44
N TYR A 1404 25.77 -33.15 35.89
CA TYR A 1404 25.18 -34.33 36.57
C TYR A 1404 24.52 -33.86 37.86
N LEU A 1405 25.19 -32.95 38.58
CA LEU A 1405 24.61 -32.41 39.82
C LEU A 1405 23.33 -31.65 39.49
N ALA A 1406 23.35 -30.89 38.40
CA ALA A 1406 22.17 -30.10 38.00
C ALA A 1406 21.00 -31.02 37.66
N TYR A 1407 21.27 -32.13 36.98
CA TYR A 1407 20.14 -32.98 36.51
C TYR A 1407 19.66 -33.96 37.59
N ALA A 1408 18.99 -33.44 38.64
CA ALA A 1408 18.37 -34.34 39.64
C ALA A 1408 17.29 -35.15 38.94
N ASP A 1409 16.54 -34.50 38.05
CA ASP A 1409 15.44 -35.16 37.29
C ASP A 1409 16.01 -36.27 36.42
N ASN A 1410 17.19 -36.06 35.83
CA ASN A 1410 17.75 -37.06 34.89
C ASN A 1410 17.96 -38.35 35.67
N SER A 1411 18.39 -38.27 36.94
CA SER A 1411 18.44 -39.53 37.72
C SER A 1411 19.40 -40.50 37.03
N ARG A 1412 18.92 -41.69 36.65
CA ARG A 1412 19.81 -42.73 36.10
C ARG A 1412 20.49 -42.19 34.83
N ALA A 1413 19.78 -41.44 33.99
CA ALA A 1413 20.50 -40.86 32.82
C ALA A 1413 21.61 -39.94 33.32
N GLN A 1414 21.33 -39.12 34.34
CA GLN A 1414 22.40 -38.27 34.94
C GLN A 1414 23.47 -39.18 35.54
N ASP A 1415 23.04 -40.26 36.19
CA ASP A 1415 23.99 -41.20 36.86
C ASP A 1415 24.90 -41.82 35.79
N SER A 1416 24.34 -42.16 34.63
CA SER A 1416 25.15 -42.72 33.53
C SER A 1416 26.18 -41.68 33.10
N ALA A 1417 25.78 -40.41 33.01
CA ALA A 1417 26.75 -39.33 32.70
C ALA A 1417 27.80 -39.26 33.82
N ALA A 1418 27.34 -39.40 35.06
CA ALA A 1418 28.28 -39.40 36.21
C ALA A 1418 29.21 -40.60 36.08
N TYR A 1419 28.68 -41.75 35.66
CA TYR A 1419 29.50 -42.97 35.47
C TYR A 1419 30.54 -42.70 34.40
N ALA A 1420 30.13 -42.00 33.34
CA ALA A 1420 31.11 -41.65 32.28
C ALA A 1420 32.19 -40.76 32.89
N ILE A 1421 31.79 -39.82 33.75
CA ILE A 1421 32.80 -38.98 34.46
C ILE A 1421 33.64 -39.91 35.35
N GLN A 1422 33.00 -40.88 36.01
CA GLN A 1422 33.73 -41.84 36.86
C GLN A 1422 34.68 -42.65 35.97
N GLU A 1423 34.23 -43.03 34.77
CA GLU A 1423 35.09 -43.76 33.81
C GLU A 1423 36.27 -42.87 33.44
N LEU A 1424 36.02 -41.56 33.24
CA LEU A 1424 37.13 -40.62 32.96
C LEU A 1424 38.04 -40.58 34.19
N LEU A 1425 37.45 -40.58 35.39
CA LEU A 1425 38.27 -40.60 36.63
C LEU A 1425 39.05 -41.91 36.65
N SER A 1426 38.42 -43.02 36.26
CA SER A 1426 39.17 -44.29 36.16
C SER A 1426 40.27 -44.15 35.09
N ILE A 1427 39.94 -43.52 33.96
CA ILE A 1427 40.92 -43.40 32.83
C ILE A 1427 42.13 -42.56 33.27
N TYR A 1428 41.88 -41.47 34.01
CA TYR A 1428 43.00 -40.57 34.41
C TYR A 1428 43.03 -40.45 35.93
N ASP A 1429 44.20 -40.63 36.53
CA ASP A 1429 44.27 -40.62 38.02
C ASP A 1429 43.83 -39.24 38.48
N CYS A 1430 43.08 -39.15 39.58
CA CYS A 1430 42.50 -37.86 40.01
C CYS A 1430 42.93 -37.43 41.41
N ARG A 1431 43.33 -36.16 41.60
CA ARG A 1431 43.66 -35.58 42.94
C ARG A 1431 45.15 -35.72 43.24
N GLU A 1432 45.66 -34.88 44.14
CA GLU A 1432 47.10 -34.95 44.56
C GLU A 1432 47.33 -36.31 45.22
N MET A 1433 46.35 -36.77 46.01
CA MET A 1433 46.47 -38.07 46.71
C MET A 1433 46.56 -39.20 45.68
N GLU A 1434 47.36 -40.24 45.97
CA GLU A 1434 47.55 -41.40 45.05
C GLU A 1434 48.42 -40.99 43.86
N THR A 1435 48.03 -39.96 43.10
CA THR A 1435 48.80 -39.62 41.88
C THR A 1435 49.37 -38.22 41.97
N ASN A 1436 50.67 -38.08 41.68
CA ASN A 1436 51.33 -36.74 41.66
C ASN A 1436 51.19 -36.19 40.25
N GLY A 1437 50.54 -36.93 39.36
CA GLY A 1437 50.42 -36.54 37.94
C GLY A 1437 49.64 -35.26 37.77
N PRO A 1438 49.96 -34.44 36.73
CA PRO A 1438 49.32 -33.14 36.57
C PRO A 1438 47.82 -33.26 36.37
N GLY A 1439 47.36 -34.27 35.63
CA GLY A 1439 45.90 -34.46 35.51
C GLY A 1439 45.31 -34.74 36.88
N HIS A 1440 46.00 -35.54 37.70
CA HIS A 1440 45.53 -35.75 39.09
C HIS A 1440 45.59 -34.41 39.81
N GLN A 1441 46.66 -33.64 39.58
CA GLN A 1441 46.79 -32.30 40.19
C GLN A 1441 45.65 -31.43 39.67
N LEU A 1442 45.30 -31.57 38.39
CA LEU A 1442 44.19 -30.79 37.79
C LEU A 1442 42.89 -31.16 38.52
N TRP A 1443 42.70 -32.45 38.85
CA TRP A 1443 41.53 -32.83 39.66
C TRP A 1443 41.62 -32.15 41.02
N ARG A 1444 42.81 -32.08 41.60
CA ARG A 1444 43.00 -31.34 42.87
C ARG A 1444 42.69 -29.86 42.59
N ARG A 1445 43.10 -29.35 41.42
CA ARG A 1445 42.81 -27.96 41.02
C ARG A 1445 41.28 -27.80 40.90
N PHE A 1446 40.61 -28.83 40.40
CA PHE A 1446 39.13 -28.77 40.18
C PHE A 1446 38.47 -28.58 41.54
N PRO A 1447 37.30 -27.91 41.60
CA PRO A 1447 36.73 -27.55 42.89
C PRO A 1447 36.42 -28.73 43.77
N GLU A 1448 36.62 -28.56 45.09
CA GLU A 1448 36.48 -29.70 46.03
C GLU A 1448 35.05 -30.24 46.01
N HIS A 1449 34.02 -29.39 45.93
CA HIS A 1449 32.67 -30.00 45.91
C HIS A 1449 32.54 -30.86 44.65
N VAL A 1450 33.04 -30.37 43.52
CA VAL A 1450 33.04 -31.20 42.27
C VAL A 1450 33.94 -32.42 42.51
N ARG A 1451 35.09 -32.20 43.14
CA ARG A 1451 36.04 -33.32 43.41
C ARG A 1451 35.33 -34.31 44.34
N GLU A 1452 34.59 -33.80 45.32
CA GLU A 1452 33.88 -34.67 46.28
C GLU A 1452 32.87 -35.54 45.54
N ILE A 1453 32.17 -34.97 44.55
CA ILE A 1453 31.22 -35.81 43.76
C ILE A 1453 32.01 -36.90 43.03
N LEU A 1454 33.16 -36.56 42.45
CA LEU A 1454 34.01 -37.59 41.81
C LEU A 1454 34.48 -38.56 42.90
N GLU A 1455 34.84 -38.02 44.06
CA GLU A 1455 35.29 -38.85 45.20
C GLU A 1455 34.15 -39.76 45.63
N PRO A 1456 32.89 -39.28 45.65
CA PRO A 1456 31.82 -40.12 46.17
C PRO A 1456 31.76 -41.35 45.30
N HIS A 1457 31.86 -41.16 43.98
CA HIS A 1457 31.96 -42.37 43.12
C HIS A 1457 33.45 -42.74 43.04
N LEU A 1458 34.09 -43.09 44.16
CA LEU A 1458 35.50 -43.54 44.02
C LEU A 1458 35.51 -44.82 43.20
N ASN A 1459 34.58 -45.75 43.50
CA ASN A 1459 34.44 -46.97 42.66
C ASN A 1459 32.94 -47.18 42.39
N THR A 1460 32.32 -46.32 41.59
CA THR A 1460 30.90 -46.57 41.25
C THR A 1460 30.77 -46.71 39.75
N ARG A 1461 30.14 -47.79 39.28
CA ARG A 1461 29.91 -47.88 37.82
C ARG A 1461 28.41 -47.99 37.54
N TYR A 1462 27.87 -47.11 36.69
CA TYR A 1462 26.46 -47.25 36.24
C TYR A 1462 26.39 -48.55 35.47
N LYS A 1463 27.45 -48.87 34.70
CA LYS A 1463 27.51 -50.06 33.80
C LYS A 1463 27.15 -49.57 32.38
N SER A 1464 27.49 -50.37 31.37
CA SER A 1464 27.31 -49.90 29.96
C SER A 1464 25.83 -49.69 29.62
N SER A 1465 25.56 -48.66 28.82
CA SER A 1465 24.17 -48.43 28.34
C SER A 1465 23.76 -49.65 27.52
N GLN A 1466 24.71 -50.20 26.75
CA GLN A 1466 24.44 -51.40 25.91
C GLN A 1466 23.33 -51.06 24.91
N LYS A 1467 23.32 -49.82 24.41
CA LYS A 1467 22.36 -49.45 23.34
C LYS A 1467 23.23 -49.19 22.10
N SER A 1468 22.89 -49.82 20.97
CA SER A 1468 23.80 -49.68 19.80
C SER A 1468 23.14 -48.87 18.68
N THR A 1469 23.83 -47.83 18.21
CA THR A 1469 23.31 -47.02 17.07
C THR A 1469 24.36 -47.11 15.99
N ASP A 1470 23.97 -47.39 14.76
CA ASP A 1470 25.00 -47.59 13.70
C ASP A 1470 24.93 -46.43 12.70
N TRP A 1471 26.06 -45.79 12.43
CA TRP A 1471 26.09 -44.72 11.40
C TRP A 1471 25.71 -45.36 10.08
N SER A 1472 26.23 -46.57 9.83
CA SER A 1472 25.82 -47.32 8.61
C SER A 1472 24.32 -47.66 8.74
N GLY A 1473 23.58 -47.57 7.64
CA GLY A 1473 22.13 -47.84 7.69
C GLY A 1473 21.37 -46.62 8.20
N VAL A 1474 22.07 -45.50 8.36
CA VAL A 1474 21.42 -44.23 8.79
C VAL A 1474 21.81 -43.13 7.79
N LYS A 1475 20.98 -42.10 7.65
CA LYS A 1475 21.27 -41.04 6.64
C LYS A 1475 22.57 -40.31 7.01
N LYS A 1476 23.40 -39.99 6.01
CA LYS A 1476 24.66 -39.25 6.27
C LYS A 1476 24.33 -37.87 6.85
N PRO A 1477 23.30 -37.18 6.33
CA PRO A 1477 22.97 -35.86 6.85
C PRO A 1477 22.20 -36.01 8.15
N ILE A 1478 22.83 -35.69 9.28
CA ILE A 1478 22.10 -35.71 10.57
C ILE A 1478 20.90 -34.76 10.39
N TYR A 1479 21.10 -33.65 9.69
CA TYR A 1479 20.01 -32.67 9.44
C TYR A 1479 18.90 -33.32 8.61
N LEU A 1480 17.64 -33.00 8.90
CA LEU A 1480 16.43 -33.52 8.17
C LEU A 1480 16.04 -34.89 8.74
N SER A 1481 16.77 -35.40 9.73
CA SER A 1481 16.37 -36.65 10.43
C SER A 1481 15.27 -36.28 11.43
N LYS A 1482 14.51 -37.25 11.94
CA LYS A 1482 13.55 -36.87 13.01
C LYS A 1482 14.42 -36.34 14.15
N LEU A 1483 15.55 -36.99 14.41
CA LEU A 1483 16.53 -36.47 15.39
C LEU A 1483 17.03 -35.12 14.83
N GLY A 1484 17.24 -35.05 13.51
CA GLY A 1484 17.75 -33.83 12.87
C GLY A 1484 16.80 -32.66 13.09
N SER A 1485 15.50 -32.90 13.05
CA SER A 1485 14.54 -31.77 13.16
C SER A 1485 14.74 -31.08 14.52
N ASN A 1486 14.94 -31.84 15.59
CA ASN A 1486 15.29 -31.15 16.88
C ASN A 1486 16.77 -30.81 16.82
N PHE A 1487 17.14 -29.55 17.08
CA PHE A 1487 18.58 -29.20 16.90
C PHE A 1487 19.45 -29.99 17.86
N ALA A 1488 19.00 -30.12 19.12
CA ALA A 1488 19.80 -30.88 20.12
C ALA A 1488 19.88 -32.34 19.70
N GLU A 1489 18.75 -32.89 19.24
CA GLU A 1489 18.72 -34.29 18.78
C GLU A 1489 19.65 -34.42 17.55
N TRP A 1490 19.61 -33.42 16.65
CA TRP A 1490 20.45 -33.47 15.44
C TRP A 1490 21.91 -33.48 15.85
N SER A 1491 22.25 -32.66 16.84
CA SER A 1491 23.65 -32.63 17.32
C SER A 1491 23.99 -34.00 17.92
N ALA A 1492 23.04 -34.58 18.68
CA ALA A 1492 23.27 -35.92 19.27
C ALA A 1492 23.41 -36.95 18.14
N SER A 1493 22.56 -36.83 17.12
CA SER A 1493 22.63 -37.79 15.99
C SER A 1493 23.99 -37.62 15.29
N TRP A 1494 24.41 -36.38 15.11
CA TRP A 1494 25.73 -36.13 14.48
C TRP A 1494 26.81 -36.72 15.38
N ALA A 1495 26.66 -36.53 16.69
CA ALA A 1495 27.69 -37.01 17.64
C ALA A 1495 27.80 -38.53 17.59
N GLY A 1496 26.65 -39.21 17.53
CA GLY A 1496 26.69 -40.68 17.46
C GLY A 1496 27.35 -41.12 16.17
N TYR A 1497 27.03 -40.45 15.07
CA TYR A 1497 27.70 -40.77 13.78
C TYR A 1497 29.18 -40.44 13.92
N LEU A 1498 29.47 -39.31 14.56
CA LEU A 1498 30.88 -38.86 14.70
C LEU A 1498 31.63 -39.90 15.53
N ILE A 1499 31.01 -40.39 16.60
CA ILE A 1499 31.71 -41.36 17.48
C ILE A 1499 32.00 -42.62 16.66
N THR A 1500 31.02 -43.05 15.85
CA THR A 1500 31.24 -44.24 15.00
C THR A 1500 32.33 -43.92 14.00
N LYS A 1501 32.29 -42.72 13.43
CA LYS A 1501 33.33 -42.31 12.45
C LYS A 1501 34.70 -42.25 13.13
N VAL A 1502 34.73 -41.73 14.36
CA VAL A 1502 36.04 -41.53 15.06
C VAL A 1502 36.68 -42.89 15.36
N ARG A 1503 38.01 -42.97 15.24
CA ARG A 1503 38.70 -44.22 15.65
C ARG A 1503 39.85 -43.77 16.56
N HIS A 1504 39.49 -43.25 17.74
CA HIS A 1504 40.50 -42.81 18.75
C HIS A 1504 40.97 -44.04 19.55
N ASP A 1505 42.03 -43.86 20.33
CA ASP A 1505 42.51 -44.96 21.20
C ASP A 1505 41.85 -44.76 22.57
N LEU A 1506 42.61 -44.32 23.56
CA LEU A 1506 42.05 -44.05 24.91
C LEU A 1506 40.98 -42.96 24.75
N ALA A 1507 41.25 -41.99 23.88
CA ALA A 1507 40.29 -40.88 23.67
C ALA A 1507 38.96 -41.43 23.15
N SER A 1508 38.98 -42.42 22.25
CA SER A 1508 37.68 -43.01 21.81
C SER A 1508 36.97 -43.64 23.01
N LYS A 1509 37.71 -44.32 23.89
CA LYS A 1509 37.00 -44.98 25.00
C LYS A 1509 36.34 -43.87 25.83
N ILE A 1510 37.07 -42.78 26.06
CA ILE A 1510 36.48 -41.62 26.79
C ILE A 1510 35.32 -41.08 25.95
N PHE A 1511 35.51 -41.01 24.63
CA PHE A 1511 34.47 -40.45 23.73
C PHE A 1511 33.21 -41.32 23.80
N THR A 1512 33.39 -42.64 23.84
CA THR A 1512 32.21 -43.51 23.83
C THR A 1512 31.43 -43.25 25.09
N CYS A 1513 32.12 -43.11 26.22
CA CYS A 1513 31.43 -42.76 27.49
C CYS A 1513 30.82 -41.37 27.32
N CYS A 1514 31.57 -40.46 26.69
CA CYS A 1514 31.07 -39.07 26.48
C CYS A 1514 29.84 -39.11 25.59
N SER A 1515 29.82 -39.96 24.56
CA SER A 1515 28.68 -39.95 23.61
C SER A 1515 27.39 -40.32 24.35
N ILE A 1516 27.45 -41.31 25.25
CA ILE A 1516 26.24 -41.64 26.04
C ILE A 1516 25.89 -40.42 26.92
N MET A 1517 26.90 -39.80 27.51
CA MET A 1517 26.66 -38.58 28.34
C MET A 1517 26.11 -37.46 27.44
N MET A 1518 26.65 -37.34 26.23
CA MET A 1518 26.19 -36.30 25.28
C MET A 1518 24.72 -36.57 24.95
N LYS A 1519 24.37 -37.84 24.75
CA LYS A 1519 22.95 -38.16 24.50
C LYS A 1519 22.15 -37.76 25.75
N HIS A 1520 22.68 -38.05 26.94
CA HIS A 1520 21.98 -37.69 28.20
C HIS A 1520 21.84 -36.17 28.35
N ASP A 1521 22.88 -35.39 28.01
CA ASP A 1521 22.81 -33.92 28.27
C ASP A 1521 23.07 -33.08 27.02
N PHE A 1522 22.20 -32.11 26.74
CA PHE A 1522 22.44 -31.17 25.59
C PHE A 1522 23.71 -30.39 25.87
N LYS A 1523 23.90 -29.97 27.12
CA LYS A 1523 25.11 -29.21 27.50
C LYS A 1523 26.35 -30.11 27.28
N VAL A 1524 26.23 -31.40 27.64
CA VAL A 1524 27.36 -32.35 27.42
C VAL A 1524 27.58 -32.43 25.90
N THR A 1525 26.49 -32.44 25.13
CA THR A 1525 26.62 -32.47 23.67
C THR A 1525 27.33 -31.22 23.23
N ILE A 1526 27.02 -30.07 23.84
CA ILE A 1526 27.79 -28.85 23.49
C ILE A 1526 29.07 -28.86 24.33
N TYR A 1527 29.92 -29.87 24.16
CA TYR A 1527 31.24 -29.96 24.83
C TYR A 1527 31.89 -31.11 24.09
N LEU A 1528 31.05 -32.08 23.76
CA LEU A 1528 31.50 -33.26 22.98
C LEU A 1528 31.97 -32.77 21.61
N LEU A 1529 31.28 -31.78 21.03
CA LEU A 1529 31.58 -31.36 19.64
C LEU A 1529 33.04 -30.86 19.56
N PRO A 1530 33.57 -30.11 20.54
CA PRO A 1530 34.96 -29.72 20.42
C PRO A 1530 35.83 -30.96 20.43
N HIS A 1531 35.51 -31.92 21.30
CA HIS A 1531 36.26 -33.20 21.33
C HIS A 1531 36.04 -33.93 20.00
N ILE A 1532 34.81 -33.88 19.48
CA ILE A 1532 34.48 -34.57 18.20
C ILE A 1532 35.32 -33.93 17.09
N LEU A 1533 35.48 -32.61 17.13
CA LEU A 1533 36.31 -31.92 16.12
C LEU A 1533 37.75 -32.45 16.27
N VAL A 1534 38.21 -32.62 17.51
CA VAL A 1534 39.57 -33.18 17.74
C VAL A 1534 39.63 -34.61 17.18
N TYR A 1535 38.57 -35.40 17.39
CA TYR A 1535 38.54 -36.79 16.84
C TYR A 1535 38.57 -36.74 15.32
N VAL A 1536 37.82 -35.80 14.74
CA VAL A 1536 37.84 -35.63 13.25
C VAL A 1536 39.26 -35.20 12.86
N LEU A 1537 39.86 -34.33 13.68
CA LEU A 1537 41.23 -33.84 13.40
C LEU A 1537 42.21 -35.02 13.43
N LEU A 1538 42.04 -35.96 14.36
CA LEU A 1538 43.06 -37.04 14.45
C LEU A 1538 42.74 -38.11 13.41
N GLY A 1539 42.84 -37.77 12.13
CA GLY A 1539 42.66 -38.74 11.03
C GLY A 1539 41.21 -38.81 10.59
N CYS A 1540 40.97 -39.17 9.33
CA CYS A 1540 39.57 -39.42 8.88
C CYS A 1540 39.60 -40.34 7.66
N ASN A 1541 38.52 -41.09 7.39
CA ASN A 1541 38.45 -41.85 6.12
C ASN A 1541 38.29 -40.78 5.04
N GLN A 1542 38.86 -40.96 3.85
CA GLN A 1542 38.72 -39.84 2.87
C GLN A 1542 37.23 -39.66 2.58
N GLU A 1543 36.50 -40.76 2.40
CA GLU A 1543 35.03 -40.66 2.20
C GLU A 1543 34.39 -40.07 3.47
N ASP A 1544 34.85 -40.53 4.64
CA ASP A 1544 34.28 -40.03 5.93
C ASP A 1544 34.57 -38.52 6.06
N GLN A 1545 35.77 -38.09 5.68
CA GLN A 1545 36.09 -36.65 5.73
C GLN A 1545 35.14 -35.92 4.77
N GLN A 1546 34.91 -36.50 3.60
CA GLN A 1546 33.93 -35.90 2.65
C GLN A 1546 32.55 -35.93 3.29
N GLU A 1547 32.20 -37.03 3.96
CA GLU A 1547 30.89 -37.13 4.64
C GLU A 1547 30.82 -36.07 5.76
N VAL A 1548 31.93 -35.90 6.50
CA VAL A 1548 31.97 -34.85 7.56
C VAL A 1548 31.81 -33.49 6.88
N TYR A 1549 32.47 -33.30 5.74
CA TYR A 1549 32.33 -32.04 4.98
C TYR A 1549 30.88 -31.92 4.54
N ALA A 1550 30.30 -33.04 4.11
CA ALA A 1550 28.90 -33.04 3.65
C ALA A 1550 27.98 -32.67 4.82
N GLU A 1551 28.25 -33.22 6.00
CA GLU A 1551 27.43 -32.85 7.19
C GLU A 1551 27.61 -31.35 7.47
N ILE A 1552 28.84 -30.86 7.37
CA ILE A 1552 29.09 -29.40 7.55
C ILE A 1552 28.35 -28.67 6.43
N MET A 1553 28.41 -29.21 5.21
CA MET A 1553 27.73 -28.57 4.06
C MET A 1553 26.23 -28.57 4.33
N ALA A 1554 25.72 -29.67 4.90
CA ALA A 1554 24.26 -29.75 5.17
C ALA A 1554 23.87 -28.67 6.18
N VAL A 1555 24.71 -28.46 7.20
CA VAL A 1555 24.42 -27.35 8.16
C VAL A 1555 24.50 -26.02 7.41
N LEU A 1556 25.50 -25.87 6.53
CA LEU A 1556 25.62 -24.63 5.72
C LEU A 1556 24.39 -24.53 4.80
N LYS A 1557 23.99 -25.66 4.21
CA LYS A 1557 22.83 -25.67 3.29
C LYS A 1557 21.58 -25.25 4.06
N HIS A 1558 21.43 -25.73 5.30
CA HIS A 1558 20.19 -25.44 6.05
C HIS A 1558 20.10 -23.92 6.25
N ASP A 1559 18.90 -23.37 6.07
CA ASP A 1559 18.69 -21.92 6.29
C ASP A 1559 17.60 -21.74 7.35
N ASP A 1560 17.83 -20.90 8.36
CA ASP A 1560 16.76 -20.63 9.34
C ASP A 1560 15.62 -19.95 8.59
N GLN A 1561 14.36 -20.29 8.89
CA GLN A 1561 13.22 -19.74 8.12
C GLN A 1561 13.46 -20.10 6.65
N HIS A 1562 13.36 -19.12 5.74
CA HIS A 1562 13.66 -19.37 4.30
C HIS A 1562 13.24 -20.79 3.94
N SER A 1571 12.71 -21.60 16.78
CA SER A 1571 12.87 -22.15 18.15
C SER A 1571 13.98 -23.21 18.17
N ASP A 1572 14.19 -23.89 17.04
CA ASP A 1572 15.24 -24.94 16.96
C ASP A 1572 16.61 -24.29 17.19
N LEU A 1573 16.83 -23.10 16.63
CA LEU A 1573 18.16 -22.43 16.74
C LEU A 1573 19.20 -23.40 16.15
N CYS A 1574 18.83 -24.09 15.08
CA CYS A 1574 19.77 -25.02 14.41
C CYS A 1574 20.94 -24.18 13.89
N GLN A 1575 20.65 -22.99 13.36
CA GLN A 1575 21.71 -22.09 12.86
C GLN A 1575 22.62 -21.68 14.03
N LEU A 1576 22.05 -21.41 15.20
CA LEU A 1576 22.90 -21.11 16.38
C LEU A 1576 23.75 -22.33 16.69
N SER A 1577 23.16 -23.53 16.61
CA SER A 1577 23.94 -24.77 16.81
C SER A 1577 24.99 -24.87 15.70
N THR A 1578 24.61 -24.52 14.48
CA THR A 1578 25.57 -24.55 13.34
C THR A 1578 26.66 -23.55 13.63
N GLN A 1579 26.31 -22.39 14.17
CA GLN A 1579 27.34 -21.38 14.52
C GLN A 1579 28.26 -21.97 15.59
N THR A 1580 27.70 -22.70 16.55
CA THR A 1580 28.54 -23.37 17.56
C THR A 1580 29.40 -24.40 16.86
N VAL A 1581 28.82 -25.11 15.89
CA VAL A 1581 29.60 -26.12 15.09
C VAL A 1581 30.68 -25.37 14.31
N PHE A 1582 30.33 -24.20 13.76
CA PHE A 1582 31.33 -23.39 13.02
C PHE A 1582 32.40 -22.99 14.00
N SER A 1583 32.00 -22.63 15.22
CA SER A 1583 32.97 -22.27 16.27
C SER A 1583 33.85 -23.49 16.57
N MET A 1584 33.25 -24.68 16.61
CA MET A 1584 34.04 -25.92 16.83
C MET A 1584 35.02 -26.09 15.66
N LEU A 1585 34.57 -25.82 14.43
CA LEU A 1585 35.47 -25.88 13.27
C LEU A 1585 36.57 -24.82 13.45
N ASP A 1586 36.19 -23.64 13.95
CA ASP A 1586 37.19 -22.57 14.22
C ASP A 1586 38.15 -23.06 15.30
N HIS A 1587 37.62 -23.75 16.32
CA HIS A 1587 38.50 -24.30 17.38
C HIS A 1587 39.44 -25.33 16.74
N LEU A 1588 38.92 -26.13 15.81
CA LEU A 1588 39.78 -27.09 15.09
C LEU A 1588 40.81 -26.28 14.29
N THR A 1589 40.38 -25.18 13.67
CA THR A 1589 41.33 -24.32 12.93
C THR A 1589 42.33 -23.75 13.90
N GLN A 1590 41.88 -23.35 15.09
CA GLN A 1590 42.81 -22.84 16.13
C GLN A 1590 43.76 -23.97 16.51
N TRP A 1591 43.23 -25.19 16.63
CA TRP A 1591 44.10 -26.36 16.94
C TRP A 1591 45.08 -26.56 15.78
N ALA A 1592 44.59 -26.39 14.54
CA ALA A 1592 45.48 -26.50 13.36
C ALA A 1592 46.55 -25.41 13.43
N ARG A 1593 46.17 -24.21 13.85
CA ARG A 1593 47.18 -23.12 14.01
C ARG A 1593 48.17 -23.56 15.10
N HIS A 1594 47.66 -24.15 16.18
CA HIS A 1594 48.56 -24.67 17.25
C HIS A 1594 49.42 -25.78 16.63
N LYS A 1595 48.80 -26.63 15.80
CA LYS A 1595 49.55 -27.71 15.12
C LYS A 1595 50.60 -27.08 14.20
N PHE A 1596 50.25 -25.99 13.51
CA PHE A 1596 51.23 -25.30 12.63
C PHE A 1596 52.37 -24.79 13.50
N GLN A 1597 52.04 -24.25 14.68
CA GLN A 1597 53.10 -23.82 15.62
C GLN A 1597 53.90 -25.07 16.04
N ALA A 1598 53.20 -26.19 16.28
CA ALA A 1598 53.88 -27.44 16.68
C ALA A 1598 54.80 -27.89 15.54
N LEU A 1599 54.33 -27.75 14.30
CA LEU A 1599 55.17 -28.14 13.14
C LEU A 1599 56.07 -26.93 12.83
N LYS A 1600 57.09 -26.72 13.66
CA LYS A 1600 58.00 -25.55 13.54
C LYS A 1600 58.69 -25.39 14.90
N ALA A 1601 57.91 -25.07 15.94
CA ALA A 1601 58.48 -24.95 17.30
C ALA A 1601 59.88 -24.31 17.23
N VAL A 1621 54.35 -37.26 9.52
CA VAL A 1621 53.65 -37.88 10.69
C VAL A 1621 52.73 -36.81 11.31
N ASP A 1622 53.21 -36.12 12.34
CA ASP A 1622 52.41 -35.01 12.94
C ASP A 1622 52.23 -33.95 11.86
N TYR A 1623 53.28 -33.69 11.08
CA TYR A 1623 53.18 -32.70 9.96
C TYR A 1623 52.15 -33.23 8.95
N GLU A 1624 52.18 -34.54 8.69
CA GLU A 1624 51.19 -35.14 7.77
C GLU A 1624 49.79 -34.96 8.38
N ASP A 1625 49.65 -35.15 9.69
CA ASP A 1625 48.35 -34.93 10.35
C ASP A 1625 47.98 -33.44 10.21
N TYR A 1626 48.96 -32.55 10.36
CA TYR A 1626 48.71 -31.10 10.17
C TYR A 1626 48.31 -30.88 8.71
N GLN A 1627 48.98 -31.58 7.79
CA GLN A 1627 48.62 -31.47 6.36
C GLN A 1627 47.18 -31.99 6.18
N SER A 1628 46.84 -33.07 6.88
CA SER A 1628 45.44 -33.57 6.82
C SER A 1628 44.51 -32.51 7.42
N VAL A 1629 44.94 -31.86 8.51
CA VAL A 1629 44.13 -30.76 9.10
C VAL A 1629 44.03 -29.63 8.06
N THR A 1630 45.14 -29.35 7.37
CA THR A 1630 45.13 -28.32 6.32
C THR A 1630 44.18 -28.76 5.22
N ARG A 1631 44.20 -30.05 4.89
CA ARG A 1631 43.28 -30.59 3.86
C ARG A 1631 41.84 -30.41 4.35
N PHE A 1632 41.59 -30.66 5.65
CA PHE A 1632 40.23 -30.43 6.21
C PHE A 1632 39.91 -28.96 6.09
N LEU A 1633 40.90 -28.10 6.36
CA LEU A 1633 40.70 -26.64 6.23
C LEU A 1633 40.41 -26.34 4.76
N ASP A 1634 41.12 -27.01 3.84
CA ASP A 1634 40.85 -26.84 2.39
C ASP A 1634 39.44 -27.31 2.10
N LEU A 1635 39.02 -28.41 2.72
CA LEU A 1635 37.64 -28.93 2.52
C LEU A 1635 36.66 -27.87 3.02
N ILE A 1636 36.97 -27.24 4.15
CA ILE A 1636 36.10 -26.14 4.67
C ILE A 1636 36.14 -24.99 3.66
N PRO A 1637 35.02 -24.27 3.41
CA PRO A 1637 35.08 -23.21 2.40
C PRO A 1637 34.83 -21.85 3.02
N GLN A 1638 35.72 -20.90 2.73
CA GLN A 1638 35.57 -19.53 3.29
C GLN A 1638 34.27 -18.91 2.76
N ASP A 1639 33.96 -19.15 1.47
CA ASP A 1639 32.70 -18.64 0.90
C ASP A 1639 31.51 -19.30 1.63
N THR A 1640 31.62 -20.60 1.91
CA THR A 1640 30.56 -21.28 2.69
C THR A 1640 30.51 -20.65 4.06
N LEU A 1641 31.67 -20.36 4.64
CA LEU A 1641 31.73 -19.70 5.97
C LEU A 1641 31.08 -18.32 5.85
N ALA A 1642 31.33 -17.62 4.75
CA ALA A 1642 30.71 -16.28 4.55
C ALA A 1642 29.20 -16.45 4.44
N VAL A 1643 28.75 -17.48 3.72
CA VAL A 1643 27.28 -17.74 3.62
C VAL A 1643 26.77 -18.07 5.02
N ALA A 1644 27.53 -18.87 5.78
CA ALA A 1644 27.13 -19.22 7.16
C ALA A 1644 27.11 -17.95 8.00
N SER A 1645 28.08 -17.07 7.79
CA SER A 1645 28.14 -15.80 8.56
C SER A 1645 26.91 -14.96 8.20
N PHE A 1646 26.52 -14.96 6.93
CA PHE A 1646 25.29 -14.22 6.53
C PHE A 1646 24.09 -14.86 7.21
N ARG A 1647 24.07 -16.20 7.25
CA ARG A 1647 22.96 -16.90 7.95
C ARG A 1647 23.05 -16.53 9.44
N SER A 1648 24.27 -16.48 9.97
CA SER A 1648 24.47 -16.08 11.39
C SER A 1648 23.99 -14.64 11.57
N LYS A 1649 24.26 -13.78 10.58
CA LYS A 1649 23.91 -12.34 10.72
C LYS A 1649 24.66 -11.81 11.95
N ALA A 1650 25.89 -12.31 12.16
CA ALA A 1650 26.72 -11.85 13.29
C ALA A 1650 27.95 -11.16 12.71
N TYR A 1651 28.22 -9.93 13.16
CA TYR A 1651 29.35 -9.17 12.55
C TYR A 1651 30.66 -9.91 12.78
N THR A 1652 30.86 -10.45 13.98
CA THR A 1652 32.16 -11.09 14.26
C THR A 1652 32.34 -12.28 13.34
N ARG A 1653 31.28 -13.08 13.17
CA ARG A 1653 31.36 -14.22 12.24
C ARG A 1653 31.59 -13.68 10.82
N ALA A 1654 30.85 -12.61 10.47
CA ALA A 1654 30.96 -12.07 9.11
C ALA A 1654 32.37 -11.54 8.87
N VAL A 1655 32.92 -10.84 9.86
CA VAL A 1655 34.26 -10.22 9.62
C VAL A 1655 35.29 -11.34 9.40
N MET A 1656 35.20 -12.39 10.21
CA MET A 1656 36.19 -13.50 10.07
C MET A 1656 35.98 -14.15 8.69
N HIS A 1657 34.71 -14.36 8.32
CA HIS A 1657 34.42 -15.04 7.03
C HIS A 1657 34.91 -14.18 5.87
N PHE A 1658 34.66 -12.87 5.96
CA PHE A 1658 35.09 -11.95 4.87
C PHE A 1658 36.60 -11.97 4.79
N GLU A 1659 37.23 -11.93 5.96
CA GLU A 1659 38.71 -11.95 5.99
C GLU A 1659 39.18 -13.28 5.40
N SER A 1660 38.48 -14.36 5.76
CA SER A 1660 38.88 -15.69 5.27
C SER A 1660 38.73 -15.73 3.75
N PHE A 1661 37.65 -15.15 3.22
CA PHE A 1661 37.44 -15.25 1.75
C PHE A 1661 38.56 -14.53 1.02
N ILE A 1662 38.92 -13.34 1.52
CA ILE A 1662 40.04 -12.58 0.90
C ILE A 1662 41.34 -13.39 1.07
N THR A 1663 41.55 -13.96 2.25
CA THR A 1663 42.75 -14.78 2.49
C THR A 1663 42.74 -16.01 1.61
N GLU A 1664 41.57 -16.67 1.48
CA GLU A 1664 41.54 -17.95 0.74
C GLU A 1664 41.91 -17.75 -0.73
N LYS A 1665 41.40 -16.68 -1.35
CA LYS A 1665 41.66 -16.46 -2.79
C LYS A 1665 41.75 -14.96 -3.06
N LYS A 1666 42.45 -14.56 -4.11
CA LYS A 1666 42.43 -13.11 -4.45
C LYS A 1666 40.96 -12.81 -4.75
N GLN A 1667 40.44 -11.67 -4.28
CA GLN A 1667 38.99 -11.41 -4.45
C GLN A 1667 38.78 -10.19 -5.35
N ASN A 1668 37.91 -10.32 -6.35
CA ASN A 1668 37.59 -9.14 -7.19
C ASN A 1668 36.93 -8.13 -6.26
N ILE A 1669 37.20 -6.84 -6.45
CA ILE A 1669 36.67 -5.87 -5.45
C ILE A 1669 35.14 -5.98 -5.50
N GLN A 1670 34.56 -6.10 -6.69
CA GLN A 1670 33.09 -6.29 -6.81
C GLN A 1670 32.70 -7.62 -6.15
N GLU A 1671 33.50 -8.67 -6.37
CA GLU A 1671 33.14 -10.00 -5.82
C GLU A 1671 33.13 -9.93 -4.29
N HIS A 1672 34.10 -9.23 -3.70
CA HIS A 1672 34.17 -9.13 -2.22
C HIS A 1672 33.14 -8.10 -1.76
N LEU A 1673 32.99 -7.02 -2.51
CA LEU A 1673 32.03 -5.95 -2.17
C LEU A 1673 30.64 -6.50 -1.80
N GLY A 1674 30.13 -7.52 -2.51
CA GLY A 1674 28.77 -7.95 -2.12
C GLY A 1674 28.81 -8.45 -0.70
N PHE A 1675 29.84 -9.23 -0.35
CA PHE A 1675 30.00 -9.71 1.05
C PHE A 1675 30.20 -8.49 1.92
N LEU A 1676 30.99 -7.53 1.44
CA LEU A 1676 31.33 -6.35 2.26
C LEU A 1676 30.06 -5.56 2.59
N GLN A 1677 29.15 -5.41 1.63
CA GLN A 1677 27.95 -4.58 1.91
C GLN A 1677 27.20 -5.26 3.06
N LYS A 1678 27.11 -6.59 3.00
CA LYS A 1678 26.47 -7.33 4.12
C LYS A 1678 27.31 -7.09 5.37
N LEU A 1679 28.63 -7.13 5.22
CA LEU A 1679 29.55 -6.98 6.39
C LEU A 1679 29.34 -5.61 7.03
N TYR A 1680 29.19 -4.57 6.20
CA TYR A 1680 29.05 -3.20 6.73
C TYR A 1680 27.78 -3.15 7.57
N ALA A 1681 26.72 -3.79 7.07
CA ALA A 1681 25.43 -3.76 7.81
C ALA A 1681 25.60 -4.44 9.16
N ALA A 1682 26.31 -5.56 9.19
CA ALA A 1682 26.55 -6.28 10.46
C ALA A 1682 27.35 -5.37 11.38
N MET A 1683 28.32 -4.68 10.80
CA MET A 1683 29.15 -3.74 11.59
C MET A 1683 28.22 -2.64 12.11
N HIS A 1684 27.29 -2.19 11.26
CA HIS A 1684 26.42 -1.05 11.65
C HIS A 1684 27.37 0.11 11.95
N GLU A 1685 28.46 0.21 11.17
CA GLU A 1685 29.43 1.32 11.36
C GLU A 1685 29.46 2.19 10.10
N PRO A 1686 29.27 3.52 10.22
CA PRO A 1686 29.35 4.38 9.06
C PRO A 1686 30.73 4.38 8.45
N ASP A 1687 31.76 4.39 9.30
CA ASP A 1687 33.15 4.51 8.77
C ASP A 1687 33.47 3.30 7.89
N GLY A 1688 33.06 2.11 8.32
CA GLY A 1688 33.31 0.92 7.50
C GLY A 1688 32.57 1.04 6.19
N VAL A 1689 31.33 1.53 6.24
CA VAL A 1689 30.50 1.67 5.00
C VAL A 1689 31.18 2.67 4.06
N ALA A 1690 31.70 3.77 4.61
CA ALA A 1690 32.30 4.82 3.76
C ALA A 1690 33.49 4.24 3.02
N GLY A 1691 34.28 3.44 3.73
CA GLY A 1691 35.47 2.84 3.09
C GLY A 1691 35.04 1.94 1.96
N VAL A 1692 33.96 1.20 2.18
CA VAL A 1692 33.47 0.25 1.13
C VAL A 1692 33.07 1.08 -0.09
N SER A 1693 32.40 2.22 0.13
CA SER A 1693 31.92 2.99 -1.03
C SER A 1693 33.12 3.47 -1.85
N ALA A 1694 34.17 3.94 -1.18
CA ALA A 1694 35.40 4.36 -1.89
C ALA A 1694 36.01 3.15 -2.59
N ILE A 1695 36.00 2.01 -1.89
CA ILE A 1695 36.64 0.78 -2.42
C ILE A 1695 35.96 0.29 -3.71
N ARG A 1696 34.63 0.38 -3.79
CA ARG A 1696 33.93 -0.26 -4.94
C ARG A 1696 34.34 0.38 -6.28
N LYS A 1697 34.60 -0.46 -7.29
CA LYS A 1697 34.91 0.04 -8.66
C LYS A 1697 33.68 0.76 -9.24
N ALA A 1698 32.47 0.23 -9.00
CA ALA A 1698 31.25 0.79 -9.63
C ALA A 1698 30.38 1.47 -8.56
N GLU A 1699 29.91 2.68 -8.85
CA GLU A 1699 29.16 3.45 -7.82
C GLU A 1699 27.87 2.72 -7.44
N PRO A 1700 27.49 2.72 -6.14
CA PRO A 1700 26.25 2.08 -5.72
C PRO A 1700 25.07 2.81 -6.32
N SER A 1701 24.05 2.05 -6.73
CA SER A 1701 22.86 2.66 -7.37
C SER A 1701 21.60 2.06 -6.73
N LEU A 1702 20.50 2.81 -6.74
CA LEU A 1702 19.23 2.24 -6.22
C LEU A 1702 19.45 1.84 -4.75
N LYS A 1703 19.13 0.59 -4.41
CA LYS A 1703 19.25 0.14 -2.99
C LYS A 1703 20.71 0.24 -2.56
N GLU A 1704 21.65 -0.10 -3.44
CA GLU A 1704 23.08 0.00 -3.09
C GLU A 1704 23.39 1.47 -2.81
N GLN A 1705 22.84 2.37 -3.62
CA GLN A 1705 23.01 3.82 -3.36
C GLN A 1705 22.37 4.14 -2.01
N ILE A 1706 21.21 3.55 -1.73
CA ILE A 1706 20.46 3.85 -0.47
C ILE A 1706 21.30 3.44 0.75
N LEU A 1707 21.98 2.29 0.65
CA LEU A 1707 22.85 1.84 1.78
C LEU A 1707 23.94 2.88 1.95
N GLU A 1708 24.45 3.40 0.84
CA GLU A 1708 25.51 4.44 0.89
C GLU A 1708 24.92 5.66 1.60
N HIS A 1709 23.65 5.99 1.32
CA HIS A 1709 23.03 7.20 1.90
C HIS A 1709 23.01 7.09 3.42
N GLU A 1710 22.71 5.90 3.95
CA GLU A 1710 22.60 5.75 5.42
C GLU A 1710 23.98 6.05 6.02
N SER A 1711 25.05 5.57 5.39
CA SER A 1711 26.42 5.89 5.85
C SER A 1711 26.63 7.41 5.74
N LEU A 1712 26.14 7.99 4.65
CA LEU A 1712 26.34 9.45 4.41
C LEU A 1712 25.68 10.23 5.54
N GLY A 1713 24.50 9.79 5.97
CA GLY A 1713 23.84 10.45 7.12
C GLY A 1713 23.16 11.74 6.71
N LEU A 1714 23.00 12.01 5.41
CA LEU A 1714 22.42 13.31 5.01
C LEU A 1714 20.97 13.08 4.60
N LEU A 1715 20.02 13.73 5.30
CA LEU A 1715 18.58 13.50 5.03
C LEU A 1715 18.19 13.94 3.61
N ARG A 1716 18.68 15.09 3.15
CA ARG A 1716 18.23 15.58 1.83
C ARG A 1716 18.65 14.57 0.77
N ASP A 1717 19.88 14.07 0.88
CA ASP A 1717 20.36 13.04 -0.08
C ASP A 1717 19.49 11.80 0.07
N ALA A 1718 19.18 11.44 1.32
CA ALA A 1718 18.36 10.24 1.57
C ALA A 1718 16.97 10.41 0.96
N THR A 1719 16.39 11.59 1.13
CA THR A 1719 15.03 11.82 0.62
C THR A 1719 15.06 11.68 -0.87
N ALA A 1720 16.11 12.23 -1.49
CA ALA A 1720 16.25 12.12 -2.96
C ALA A 1720 16.44 10.65 -3.32
N CYS A 1721 17.25 9.95 -2.53
CA CYS A 1721 17.53 8.53 -2.84
C CYS A 1721 16.23 7.73 -2.74
N TYR A 1722 15.44 8.03 -1.70
CA TYR A 1722 14.17 7.29 -1.52
C TYR A 1722 13.28 7.59 -2.71
N ASP A 1723 13.26 8.86 -3.11
CA ASP A 1723 12.39 9.26 -4.26
C ASP A 1723 12.86 8.54 -5.52
N ARG A 1724 14.18 8.48 -5.72
CA ARG A 1724 14.73 7.82 -6.93
C ARG A 1724 14.37 6.33 -6.90
N ALA A 1725 14.50 5.72 -5.72
CA ALA A 1725 14.19 4.28 -5.59
C ALA A 1725 12.72 4.07 -5.90
N ILE A 1726 11.87 4.96 -5.37
CA ILE A 1726 10.40 4.84 -5.59
C ILE A 1726 10.15 4.99 -7.09
N GLN A 1727 10.86 5.92 -7.73
CA GLN A 1727 10.64 6.16 -9.16
C GLN A 1727 11.00 4.89 -9.93
N LEU A 1728 12.12 4.23 -9.58
CA LEU A 1728 12.42 2.95 -10.27
C LEU A 1728 11.34 1.91 -9.96
N GLU A 1729 10.93 1.80 -8.69
CA GLU A 1729 9.82 0.89 -8.32
C GLU A 1729 9.27 1.27 -6.95
N PRO A 1730 8.03 0.90 -6.57
CA PRO A 1730 7.61 1.14 -5.20
C PRO A 1730 6.99 -0.16 -4.71
N ASP A 1731 7.82 -1.20 -4.58
CA ASP A 1731 7.32 -2.51 -4.09
C ASP A 1731 7.64 -2.72 -2.60
N GLN A 1732 8.31 -1.77 -1.95
CA GLN A 1732 8.72 -2.04 -0.55
C GLN A 1732 8.11 -1.08 0.47
N ILE A 1733 7.45 -1.63 1.50
CA ILE A 1733 6.94 -0.77 2.62
C ILE A 1733 8.17 -0.14 3.28
N ILE A 1734 9.24 -0.93 3.42
CA ILE A 1734 10.49 -0.45 4.08
C ILE A 1734 11.06 0.72 3.26
N HIS A 1735 10.99 0.63 1.93
CA HIS A 1735 11.49 1.74 1.08
C HIS A 1735 10.64 2.97 1.40
N TYR A 1736 9.34 2.80 1.58
CA TYR A 1736 8.45 3.92 1.97
C TYR A 1736 8.91 4.39 3.36
N HIS A 1737 9.26 3.44 4.23
CA HIS A 1737 9.64 3.76 5.62
C HIS A 1737 10.89 4.65 5.64
N GLY A 1738 11.85 4.38 4.75
CA GLY A 1738 13.08 5.20 4.71
C GLY A 1738 12.73 6.62 4.36
N VAL A 1739 11.78 6.81 3.43
CA VAL A 1739 11.31 8.18 3.10
C VAL A 1739 10.66 8.76 4.36
N VAL A 1740 9.92 7.92 5.10
CA VAL A 1740 9.26 8.37 6.36
C VAL A 1740 10.37 8.79 7.32
N LYS A 1741 11.48 8.05 7.34
CA LYS A 1741 12.61 8.38 8.23
C LYS A 1741 13.12 9.77 7.80
N SER A 1742 13.15 10.03 6.51
CA SER A 1742 13.55 11.37 6.01
C SER A 1742 12.55 12.40 6.55
N MET A 1743 11.27 12.05 6.57
CA MET A 1743 10.23 12.97 7.12
C MET A 1743 10.54 13.19 8.60
N LEU A 1744 10.96 12.13 9.30
CA LEU A 1744 11.33 12.26 10.73
C LEU A 1744 12.52 13.21 10.85
N GLY A 1745 13.47 13.12 9.91
CA GLY A 1745 14.62 14.03 9.91
C GLY A 1745 14.11 15.44 9.72
N LEU A 1746 13.11 15.61 8.86
CA LEU A 1746 12.49 16.94 8.66
C LEU A 1746 11.88 17.36 10.00
N GLY A 1747 11.27 16.41 10.70
CA GLY A 1747 10.68 16.72 12.02
C GLY A 1747 9.65 17.83 11.94
N GLN A 1748 8.84 17.84 10.88
CA GLN A 1748 7.73 18.84 10.83
C GLN A 1748 6.44 18.06 11.09
N LEU A 1749 5.65 18.47 12.08
CA LEU A 1749 4.46 17.66 12.43
C LEU A 1749 3.48 17.62 11.25
N SER A 1750 3.26 18.76 10.60
CA SER A 1750 2.29 18.77 9.49
C SER A 1750 2.79 17.84 8.39
N THR A 1751 4.09 17.91 8.11
CA THR A 1751 4.68 17.06 7.06
C THR A 1751 4.57 15.61 7.46
N VAL A 1752 4.84 15.30 8.73
CA VAL A 1752 4.83 13.89 9.17
C VAL A 1752 3.42 13.34 8.99
N ILE A 1753 2.42 14.14 9.34
CA ILE A 1753 1.01 13.71 9.20
C ILE A 1753 0.75 13.48 7.71
N THR A 1754 1.26 14.40 6.88
CA THR A 1754 1.00 14.29 5.43
C THR A 1754 1.60 13.01 4.92
N GLN A 1755 2.82 12.71 5.37
CA GLN A 1755 3.49 11.46 4.94
C GLN A 1755 2.65 10.29 5.43
N VAL A 1756 2.17 10.38 6.66
CA VAL A 1756 1.41 9.24 7.26
C VAL A 1756 0.13 8.99 6.45
N ASN A 1757 -0.56 10.07 6.09
CA ASN A 1757 -1.86 9.88 5.38
C ASN A 1757 -1.59 9.20 4.04
N GLY A 1758 -0.54 9.65 3.35
CA GLY A 1758 -0.20 9.05 2.05
C GLY A 1758 0.19 7.61 2.26
N VAL A 1759 0.95 7.34 3.32
CA VAL A 1759 1.43 5.96 3.58
C VAL A 1759 0.24 5.04 3.84
N HIS A 1760 -0.76 5.51 4.60
CA HIS A 1760 -1.86 4.57 4.96
C HIS A 1760 -2.59 4.10 3.71
N ALA A 1761 -2.88 5.02 2.79
CA ALA A 1761 -3.51 4.62 1.51
C ALA A 1761 -2.55 3.73 0.70
N ASN A 1762 -1.28 4.10 0.65
CA ASN A 1762 -0.31 3.35 -0.19
C ASN A 1762 -0.16 1.91 0.30
N ARG A 1763 -0.07 1.73 1.62
CA ARG A 1763 0.14 0.37 2.18
C ARG A 1763 -1.21 -0.31 2.38
N SER A 1764 -1.88 -0.70 1.30
CA SER A 1764 -3.14 -1.47 1.50
C SER A 1764 -2.78 -2.79 2.19
N GLU A 1765 -1.69 -3.43 1.76
CA GLU A 1765 -1.28 -4.73 2.34
C GLU A 1765 -0.92 -4.56 3.82
N TRP A 1766 -0.19 -3.50 4.17
CA TRP A 1766 0.26 -3.31 5.57
C TRP A 1766 -0.02 -1.89 6.04
N THR A 1767 -1.29 -1.53 6.25
CA THR A 1767 -1.60 -0.20 6.78
C THR A 1767 -1.08 -0.10 8.21
N ASP A 1768 -0.52 1.05 8.59
CA ASP A 1768 -0.09 1.28 10.00
C ASP A 1768 1.28 0.62 10.28
N GLU A 1769 1.93 0.07 9.26
CA GLU A 1769 3.30 -0.46 9.50
C GLU A 1769 4.19 0.71 9.92
N LEU A 1770 4.03 1.85 9.26
CA LEU A 1770 4.79 3.08 9.62
C LEU A 1770 3.95 3.88 10.61
N ASN A 1771 2.78 3.36 10.97
CA ASN A 1771 1.87 4.09 11.90
C ASN A 1771 2.59 4.27 13.23
N THR A 1772 3.37 3.26 13.64
CA THR A 1772 4.15 3.37 14.88
C THR A 1772 5.12 4.52 14.72
N TYR A 1773 5.72 4.67 13.54
CA TYR A 1773 6.61 5.83 13.29
C TYR A 1773 5.74 7.07 13.43
N ARG A 1774 4.52 6.99 12.91
CA ARG A 1774 3.57 8.13 13.02
C ARG A 1774 3.29 8.38 14.51
N VAL A 1775 3.18 7.32 15.29
CA VAL A 1775 2.88 7.44 16.76
C VAL A 1775 4.02 8.21 17.43
N GLU A 1776 5.26 7.94 17.03
CA GLU A 1776 6.40 8.72 17.58
C GLU A 1776 6.17 10.17 17.16
N ALA A 1777 5.71 10.36 15.93
CA ALA A 1777 5.39 11.72 15.44
C ALA A 1777 4.28 12.28 16.32
N ALA A 1778 3.33 11.43 16.70
CA ALA A 1778 2.22 11.84 17.59
C ALA A 1778 2.82 12.27 18.93
N TRP A 1779 3.85 11.56 19.39
CA TRP A 1779 4.52 11.95 20.63
C TRP A 1779 5.10 13.34 20.39
N LYS A 1780 5.66 13.56 19.20
CA LYS A 1780 6.16 14.91 18.84
C LYS A 1780 4.95 15.85 18.81
N LEU A 1781 3.82 15.38 18.29
CA LEU A 1781 2.60 16.22 18.16
C LEU A 1781 2.15 16.63 19.57
N SER A 1782 2.27 15.72 20.53
CA SER A 1782 1.81 16.01 21.91
C SER A 1782 0.32 16.35 21.88
N GLN A 1783 -0.45 15.66 21.03
CA GLN A 1783 -1.91 15.87 21.02
C GLN A 1783 -2.54 14.56 21.51
N TRP A 1784 -3.41 14.63 22.52
CA TRP A 1784 -4.08 13.42 23.04
C TRP A 1784 -4.96 12.82 21.95
N ASP A 1785 -5.65 13.67 21.19
CA ASP A 1785 -6.50 13.19 20.06
C ASP A 1785 -5.60 12.53 19.02
N LEU A 1786 -4.43 13.13 18.76
CA LEU A 1786 -3.47 12.52 17.82
C LEU A 1786 -3.05 11.19 18.44
N VAL A 1787 -2.86 11.21 19.77
CA VAL A 1787 -2.45 9.98 20.50
C VAL A 1787 -3.57 8.94 20.32
N GLU A 1788 -4.81 9.39 20.36
CA GLU A 1788 -5.95 8.45 20.28
C GLU A 1788 -5.91 7.72 18.93
N ASN A 1789 -5.60 8.43 17.84
CA ASN A 1789 -5.64 7.74 16.52
C ASN A 1789 -4.59 6.63 16.52
N TYR A 1790 -3.41 6.92 17.06
CA TYR A 1790 -2.36 5.87 17.19
C TYR A 1790 -2.83 4.80 18.13
N LEU A 1791 -3.50 5.21 19.21
CA LEU A 1791 -3.96 4.25 20.25
C LEU A 1791 -4.96 3.31 19.58
N ALA A 1792 -5.81 3.88 18.71
CA ALA A 1792 -6.82 3.06 18.02
C ALA A 1792 -6.09 2.04 17.15
N ALA A 1793 -5.00 2.47 16.52
CA ALA A 1793 -4.20 1.52 15.71
C ALA A 1793 -3.62 0.46 16.63
N ASP A 1794 -3.63 -0.81 16.18
CA ASP A 1794 -2.99 -1.88 16.98
C ASP A 1794 -1.87 -2.52 16.15
N GLY A 1795 -0.67 -2.62 16.72
CA GLY A 1795 0.47 -3.23 16.00
C GLY A 1795 1.09 -4.34 16.80
N LYS A 1796 1.37 -5.49 16.19
CA LYS A 1796 2.11 -6.55 16.93
C LYS A 1796 3.60 -6.23 16.83
N SER A 1797 4.04 -5.15 17.47
CA SER A 1797 5.47 -4.74 17.42
C SER A 1797 5.88 -4.16 18.79
N THR A 1798 7.17 -4.21 19.12
CA THR A 1798 7.62 -3.57 20.38
C THR A 1798 7.33 -2.10 20.26
N THR A 1799 7.59 -1.50 19.10
CA THR A 1799 7.25 -0.09 18.83
C THR A 1799 8.31 0.79 19.45
N TRP A 1800 9.35 0.18 20.02
CA TRP A 1800 10.49 0.97 20.56
C TRP A 1800 9.95 1.98 21.57
N SER A 1801 10.35 3.25 21.43
CA SER A 1801 9.89 4.34 22.33
C SER A 1801 8.37 4.52 22.19
N VAL A 1802 7.83 4.37 20.98
CA VAL A 1802 6.38 4.67 20.72
C VAL A 1802 5.47 3.78 21.59
N ARG A 1803 5.81 2.51 21.79
CA ARG A 1803 4.96 1.68 22.70
C ARG A 1803 5.01 2.32 24.09
N LEU A 1804 6.17 2.81 24.50
CA LEU A 1804 6.29 3.51 25.80
C LEU A 1804 5.39 4.74 25.70
N GLY A 1805 5.35 5.35 24.52
CA GLY A 1805 4.51 6.54 24.29
C GLY A 1805 3.05 6.15 24.51
N GLN A 1806 2.66 4.95 24.10
CA GLN A 1806 1.27 4.48 24.30
C GLN A 1806 0.98 4.44 25.80
N LEU A 1807 1.94 3.98 26.60
CA LEU A 1807 1.76 4.02 28.08
C LEU A 1807 1.63 5.49 28.47
N LEU A 1808 2.42 6.35 27.84
CA LEU A 1808 2.39 7.81 28.09
C LEU A 1808 1.01 8.34 27.69
N LEU A 1809 0.38 7.73 26.68
CA LEU A 1809 -0.87 8.27 26.10
C LEU A 1809 -1.95 8.35 27.17
N SER A 1810 -2.06 7.37 28.07
CA SER A 1810 -3.13 7.57 29.08
C SER A 1810 -2.56 8.49 30.16
N ALA A 1811 -2.20 9.72 29.76
CA ALA A 1811 -1.74 10.74 30.73
C ALA A 1811 -2.91 11.04 31.67
N LYS A 1812 -4.10 11.13 31.09
CA LYS A 1812 -5.31 11.44 31.89
C LYS A 1812 -5.50 10.31 32.91
N LYS A 1813 -5.26 9.07 32.49
CA LYS A 1813 -5.51 7.94 33.42
C LYS A 1813 -4.56 8.16 34.60
N ARG A 1814 -3.32 8.54 34.33
CA ARG A 1814 -2.40 8.92 35.43
C ARG A 1814 -2.30 7.76 36.44
N ASP A 1815 -2.25 6.51 35.98
CA ASP A 1815 -2.24 5.41 36.98
C ASP A 1815 -0.82 4.86 37.05
N ILE A 1816 -0.20 4.94 38.23
CA ILE A 1816 1.22 4.52 38.34
C ILE A 1816 1.35 3.02 38.04
N THR A 1817 0.44 2.19 38.56
CA THR A 1817 0.62 0.74 38.39
C THR A 1817 0.56 0.37 36.92
N ALA A 1818 -0.41 0.92 36.20
CA ALA A 1818 -0.56 0.51 34.78
C ALA A 1818 0.70 0.97 34.04
N PHE A 1819 1.14 2.19 34.34
CA PHE A 1819 2.33 2.74 33.65
C PHE A 1819 3.53 1.90 34.00
N TYR A 1820 3.63 1.52 35.28
CA TYR A 1820 4.81 0.76 35.74
C TYR A 1820 4.84 -0.58 35.02
N ASP A 1821 3.68 -1.22 34.90
CA ASP A 1821 3.68 -2.58 34.28
C ASP A 1821 4.18 -2.45 32.84
N SER A 1822 3.68 -1.44 32.13
CA SER A 1822 4.17 -1.21 30.75
C SER A 1822 5.65 -0.84 30.79
N LEU A 1823 6.04 -0.01 31.75
CA LEU A 1823 7.44 0.48 31.80
C LEU A 1823 8.38 -0.70 32.03
N LYS A 1824 7.99 -1.61 32.92
CA LYS A 1824 8.88 -2.75 33.23
C LYS A 1824 9.03 -3.59 31.97
N LEU A 1825 7.93 -3.81 31.24
CA LEU A 1825 8.01 -4.69 30.05
C LEU A 1825 8.94 -4.04 29.02
N VAL A 1826 8.77 -2.73 28.82
CA VAL A 1826 9.65 -2.00 27.85
C VAL A 1826 11.10 -2.04 28.35
N ARG A 1827 11.28 -1.64 29.62
CA ARG A 1827 12.64 -1.51 30.17
C ARG A 1827 13.41 -2.83 30.03
N ALA A 1828 12.91 -3.90 30.66
CA ALA A 1828 13.70 -5.15 30.66
C ALA A 1828 13.88 -5.66 29.24
N GLU A 1829 12.82 -5.63 28.42
CA GLU A 1829 13.00 -6.22 27.07
C GLU A 1829 14.06 -5.44 26.29
N GLN A 1830 13.97 -4.10 26.37
CA GLN A 1830 14.96 -3.25 25.67
C GLN A 1830 16.35 -3.49 26.28
N ILE A 1831 16.41 -3.59 27.61
CA ILE A 1831 17.72 -3.74 28.29
C ILE A 1831 18.35 -5.06 27.86
N VAL A 1832 17.55 -6.12 27.79
CA VAL A 1832 18.14 -7.45 27.47
C VAL A 1832 18.73 -7.36 26.05
N PRO A 1833 18.02 -6.75 25.08
CA PRO A 1833 18.61 -6.61 23.76
C PRO A 1833 19.82 -5.73 23.81
N LEU A 1834 19.72 -4.63 24.57
CA LEU A 1834 20.85 -3.67 24.64
C LEU A 1834 22.07 -4.33 25.27
N SER A 1835 21.86 -5.12 26.33
CA SER A 1835 23.02 -5.70 27.05
C SER A 1835 23.81 -6.64 26.13
N ALA A 1836 23.11 -7.47 25.35
CA ALA A 1836 23.83 -8.34 24.39
C ALA A 1836 24.86 -9.11 25.21
N ALA A 1837 26.11 -9.12 24.76
CA ALA A 1837 27.19 -9.69 25.60
C ALA A 1837 28.24 -8.60 25.77
N SER A 1838 28.66 -8.30 27.00
CA SER A 1838 29.74 -7.29 27.15
C SER A 1838 31.11 -7.98 27.03
N PHE A 1839 31.45 -8.48 25.85
CA PHE A 1839 32.78 -9.09 25.63
C PHE A 1839 33.76 -8.03 25.12
N GLU A 1840 33.27 -6.83 24.85
CA GLU A 1840 34.14 -5.79 24.23
C GLU A 1840 34.22 -4.53 25.10
N ARG A 1841 35.44 -4.02 25.33
CA ARG A 1841 35.55 -2.73 26.05
C ARG A 1841 34.90 -1.65 25.17
N GLY A 1842 34.18 -0.71 25.76
CA GLY A 1842 33.45 0.29 24.95
C GLY A 1842 32.13 -0.28 24.46
N SER A 1843 31.79 -1.49 24.91
CA SER A 1843 30.48 -2.09 24.55
C SER A 1843 29.39 -1.17 25.11
N TYR A 1844 29.62 -0.65 26.33
CA TYR A 1844 28.64 0.26 26.97
C TYR A 1844 28.49 1.50 26.10
N GLN A 1845 29.59 1.99 25.54
CA GLN A 1845 29.53 3.16 24.62
C GLN A 1845 28.68 2.76 23.40
N ARG A 1846 28.87 1.53 22.91
CA ARG A 1846 28.10 1.04 21.75
C ARG A 1846 26.61 1.00 22.13
N GLY A 1847 26.31 0.60 23.37
CA GLY A 1847 24.92 0.49 23.83
C GLY A 1847 24.48 1.78 24.47
N TYR A 1848 25.34 2.81 24.46
CA TYR A 1848 25.05 4.07 25.18
C TYR A 1848 23.77 4.70 24.63
N GLU A 1849 23.54 4.68 23.32
CA GLU A 1849 22.32 5.36 22.82
C GLU A 1849 21.08 4.68 23.43
N TYR A 1850 21.09 3.34 23.48
CA TYR A 1850 19.97 2.61 24.12
C TYR A 1850 19.94 3.00 25.59
N ILE A 1851 21.12 3.11 26.20
CA ILE A 1851 21.22 3.47 27.64
C ILE A 1851 20.62 4.87 27.83
N VAL A 1852 20.87 5.77 26.88
CA VAL A 1852 20.34 7.16 26.96
C VAL A 1852 18.81 7.06 26.94
N ARG A 1853 18.26 6.17 26.11
CA ARG A 1853 16.79 5.99 26.08
C ARG A 1853 16.35 5.50 27.47
N LEU A 1854 17.12 4.60 28.07
CA LEU A 1854 16.80 4.11 29.44
C LEU A 1854 16.87 5.27 30.44
N HIS A 1855 17.86 6.14 30.31
CA HIS A 1855 17.99 7.32 31.21
C HIS A 1855 16.76 8.19 31.01
N MET A 1856 16.33 8.33 29.76
CA MET A 1856 15.11 9.12 29.44
C MET A 1856 13.92 8.45 30.11
N LEU A 1857 13.90 7.11 30.09
CA LEU A 1857 12.80 6.36 30.74
C LEU A 1857 12.81 6.65 32.24
N CYS A 1858 14.00 6.72 32.84
CA CYS A 1858 14.10 7.05 34.29
C CYS A 1858 13.54 8.47 34.49
N GLU A 1859 13.86 9.39 33.59
CA GLU A 1859 13.33 10.77 33.67
C GLU A 1859 11.81 10.71 33.53
N LEU A 1860 11.31 9.85 32.63
CA LEU A 1860 9.85 9.71 32.42
C LEU A 1860 9.24 9.20 33.72
N GLU A 1861 9.93 8.29 34.41
CA GLU A 1861 9.42 7.74 35.68
C GLU A 1861 9.31 8.88 36.71
N HIS A 1862 10.29 9.79 36.73
CA HIS A 1862 10.20 10.95 37.65
C HIS A 1862 8.98 11.78 37.26
N SER A 1863 8.75 11.95 35.97
CA SER A 1863 7.56 12.70 35.49
C SER A 1863 6.29 11.97 35.94
N ILE A 1864 6.29 10.63 35.86
CA ILE A 1864 5.11 9.82 36.27
C ILE A 1864 4.88 10.05 37.77
N LYS A 1865 5.96 10.10 38.54
CA LYS A 1865 5.85 10.32 40.01
C LYS A 1865 5.21 11.69 40.25
N PRO A 1866 5.60 12.73 39.47
CA PRO A 1866 4.96 14.04 39.63
C PRO A 1866 3.48 13.93 39.29
N LEU A 1867 3.17 13.17 38.24
CA LEU A 1867 1.75 13.00 37.81
C LEU A 1867 0.98 12.32 38.96
N PHE A 1868 1.58 11.33 39.60
CA PHE A 1868 0.93 10.65 40.75
C PHE A 1868 0.74 11.70 41.84
N GLN A 1869 1.74 12.55 42.03
CA GLN A 1869 1.65 13.64 43.06
C GLN A 1869 0.75 14.76 42.51
N ASP A 1879 9.87 12.25 40.58
CA ASP A 1879 11.12 12.89 41.10
C ASP A 1879 11.19 14.35 40.62
N SER A 1880 12.13 15.11 41.15
CA SER A 1880 12.27 16.55 40.76
C SER A 1880 13.73 16.84 40.41
N LEU A 1881 14.20 16.36 39.25
CA LEU A 1881 15.58 16.64 38.79
C LEU A 1881 15.48 17.39 37.47
N ASN A 1882 16.22 18.49 37.30
CA ASN A 1882 16.03 19.28 36.06
C ASN A 1882 16.41 18.41 34.85
N TRP A 1883 15.59 18.46 33.80
CA TRP A 1883 15.91 17.70 32.56
C TRP A 1883 17.21 18.25 31.98
N VAL A 1884 17.36 19.58 32.02
CA VAL A 1884 18.60 20.22 31.50
C VAL A 1884 19.78 19.75 32.35
N ALA A 1885 19.59 19.66 33.66
CA ALA A 1885 20.68 19.20 34.55
C ALA A 1885 21.02 17.76 34.16
N ARG A 1886 19.99 16.96 33.89
CA ARG A 1886 20.23 15.56 33.45
C ARG A 1886 20.97 15.57 32.11
N LEU A 1887 20.58 16.48 31.20
CA LEU A 1887 21.21 16.54 29.87
C LEU A 1887 22.70 16.87 30.01
N GLU A 1888 23.01 17.79 30.92
CA GLU A 1888 24.42 18.19 31.14
C GLU A 1888 25.18 16.95 31.66
N MET A 1889 24.55 16.19 32.55
CA MET A 1889 25.19 14.98 33.11
C MET A 1889 25.45 13.98 31.97
N THR A 1890 24.47 13.84 31.06
CA THR A 1890 24.60 12.88 29.96
C THR A 1890 25.73 13.31 29.06
N GLN A 1891 26.50 12.35 28.54
CA GLN A 1891 27.56 12.70 27.56
C GLN A 1891 26.88 13.27 26.30
N ASN A 1892 27.47 14.29 25.69
CA ASN A 1892 26.82 14.92 24.50
C ASN A 1892 26.73 13.88 23.39
N SER A 1893 25.63 13.86 22.63
CA SER A 1893 25.46 12.79 21.62
C SER A 1893 25.50 13.38 20.21
N TYR A 1894 26.36 12.84 19.34
CA TYR A 1894 26.38 13.29 17.92
C TYR A 1894 25.02 12.95 17.34
N ARG A 1895 24.51 11.76 17.67
CA ARG A 1895 23.20 11.32 17.13
C ARG A 1895 22.24 11.04 18.29
N ALA A 1896 21.01 11.54 18.21
CA ALA A 1896 19.96 11.24 19.21
C ALA A 1896 20.09 12.12 20.45
N LYS A 1897 21.04 13.07 20.46
CA LYS A 1897 21.09 14.02 21.59
C LYS A 1897 19.75 14.78 21.50
N GLU A 1898 19.35 15.10 20.26
CA GLU A 1898 18.06 15.79 20.04
C GLU A 1898 16.91 14.88 20.51
N PRO A 1899 16.99 13.55 20.28
CA PRO A 1899 15.89 12.69 20.66
C PRO A 1899 15.69 12.76 22.17
N ILE A 1900 16.79 12.78 22.91
CA ILE A 1900 16.71 12.90 24.40
C ILE A 1900 16.06 14.25 24.72
N LEU A 1901 16.45 15.28 23.98
CA LEU A 1901 15.88 16.64 24.20
C LEU A 1901 14.37 16.59 23.92
N ALA A 1902 13.97 15.85 22.90
CA ALA A 1902 12.54 15.75 22.53
C ALA A 1902 11.78 15.12 23.69
N LEU A 1903 12.38 14.12 24.33
CA LEU A 1903 11.74 13.47 25.50
C LEU A 1903 11.57 14.51 26.60
N ARG A 1904 12.58 15.37 26.80
CA ARG A 1904 12.48 16.44 27.81
C ARG A 1904 11.34 17.38 27.42
N ARG A 1905 11.22 17.67 26.12
CA ARG A 1905 10.16 18.58 25.62
C ARG A 1905 8.80 17.95 25.94
N ALA A 1906 8.71 16.63 25.77
CA ALA A 1906 7.43 15.92 26.04
C ALA A 1906 7.09 16.08 27.52
N LEU A 1907 8.11 16.02 28.39
CA LEU A 1907 7.87 16.17 29.84
C LEU A 1907 7.32 17.57 30.13
N LEU A 1908 7.86 18.59 29.45
CA LEU A 1908 7.35 19.96 29.62
C LEU A 1908 5.88 20.00 29.16
N SER A 1909 5.59 19.29 28.07
CA SER A 1909 4.21 19.23 27.53
C SER A 1909 3.30 18.57 28.57
N LEU A 1910 3.81 17.53 29.25
CA LEU A 1910 3.00 16.80 30.24
C LEU A 1910 2.61 17.76 31.37
N ASN A 1911 3.54 18.61 31.81
CA ASN A 1911 3.17 19.62 32.84
C ASN A 1911 2.10 20.54 32.26
N LYS A 1912 2.26 20.94 30.99
CA LYS A 1912 1.22 21.74 30.28
C LYS A 1912 1.24 23.19 30.80
N ARG A 1913 2.26 23.58 31.56
CA ARG A 1913 2.37 24.97 32.08
C ARG A 1913 2.63 25.92 30.90
N PRO A 1914 2.09 27.16 30.88
CA PRO A 1914 2.44 28.11 29.84
C PRO A 1914 3.93 28.36 30.01
N ASP A 1915 4.36 28.49 31.25
CA ASP A 1915 5.81 28.67 31.55
C ASP A 1915 6.55 27.42 31.06
N TYR A 1916 5.94 26.25 31.27
CA TYR A 1916 6.54 24.97 30.81
C TYR A 1916 6.68 25.00 29.30
N ASN A 1917 5.68 25.56 28.61
CA ASN A 1917 5.76 25.69 27.12
C ASN A 1917 6.94 26.59 26.78
N GLU A 1918 7.13 27.68 27.54
CA GLU A 1918 8.30 28.55 27.33
C GLU A 1918 9.56 27.72 27.60
N MET A 1919 9.52 26.89 28.63
CA MET A 1919 10.68 26.01 28.98
C MET A 1919 10.92 25.04 27.81
N VAL A 1920 9.85 24.54 27.19
CA VAL A 1920 9.97 23.61 26.05
C VAL A 1920 10.68 24.35 24.91
N GLY A 1921 10.35 25.63 24.71
CA GLY A 1921 11.07 26.43 23.69
C GLY A 1921 12.52 26.53 24.09
N GLU A 1922 12.79 26.70 25.39
CA GLU A 1922 14.17 26.76 25.90
C GLU A 1922 14.85 25.41 25.62
N CYS A 1923 14.12 24.31 25.80
CA CYS A 1923 14.66 22.96 25.50
C CYS A 1923 14.98 22.91 24.01
N TRP A 1924 14.13 23.48 23.18
CA TRP A 1924 14.39 23.55 21.72
C TRP A 1924 15.66 24.37 21.52
N LEU A 1925 15.82 25.45 22.29
CA LEU A 1925 17.04 26.29 22.21
C LEU A 1925 18.25 25.45 22.61
N GLN A 1926 18.10 24.62 23.65
CA GLN A 1926 19.20 23.72 24.07
C GLN A 1926 19.47 22.78 22.91
N SER A 1927 18.41 22.32 22.25
CA SER A 1927 18.55 21.44 21.07
C SER A 1927 19.30 22.22 19.99
N ALA A 1928 19.00 23.51 19.87
CA ALA A 1928 19.66 24.38 18.86
C ALA A 1928 21.16 24.47 19.14
N ARG A 1929 21.58 24.56 20.40
CA ARG A 1929 23.04 24.56 20.69
C ARG A 1929 23.61 23.23 20.22
N VAL A 1930 22.88 22.14 20.47
CA VAL A 1930 23.30 20.80 19.96
C VAL A 1930 23.28 20.89 18.44
N ALA A 1931 22.31 21.59 17.88
CA ALA A 1931 22.16 21.74 16.41
C ALA A 1931 23.38 22.46 15.85
N ARG A 1932 23.88 23.46 16.58
CA ARG A 1932 25.09 24.19 16.12
C ARG A 1932 26.24 23.18 16.05
N LYS A 1933 26.34 22.29 17.03
CA LYS A 1933 27.36 21.20 16.95
C LYS A 1933 26.99 20.31 15.76
N ALA A 1934 25.70 20.06 15.56
CA ALA A 1934 25.21 19.17 14.48
C ALA A 1934 25.56 19.72 13.10
N GLY A 1935 25.48 21.04 12.91
CA GLY A 1935 25.67 21.58 11.56
C GLY A 1935 24.64 20.99 10.64
N HIS A 1936 23.41 20.81 11.15
CA HIS A 1936 22.32 20.19 10.36
C HIS A 1936 21.27 21.26 10.05
N HIS A 1937 20.87 21.38 8.78
CA HIS A 1937 19.86 22.38 8.35
C HIS A 1937 18.54 22.05 9.05
N GLN A 1938 18.22 20.76 9.15
CA GLN A 1938 16.96 20.33 9.81
C GLN A 1938 17.02 20.78 11.28
N THR A 1939 18.21 20.68 11.90
CA THR A 1939 18.38 21.13 13.29
C THR A 1939 18.10 22.63 13.34
N ALA A 1940 18.57 23.37 12.34
CA ALA A 1940 18.28 24.82 12.27
C ALA A 1940 16.77 25.01 12.14
N TYR A 1941 16.13 24.16 11.34
CA TYR A 1941 14.66 24.23 11.13
C TYR A 1941 13.96 24.00 12.47
N ASN A 1942 14.49 23.06 13.27
CA ASN A 1942 13.90 22.74 14.59
C ASN A 1942 13.96 23.99 15.48
N ALA A 1943 15.08 24.72 15.41
CA ALA A 1943 15.20 25.97 16.20
C ALA A 1943 14.11 26.93 15.70
N LEU A 1944 13.91 26.96 14.39
CA LEU A 1944 12.82 27.81 13.81
C LEU A 1944 11.48 27.29 14.34
N LEU A 1945 11.32 25.97 14.49
CA LEU A 1945 10.02 25.38 14.88
C LEU A 1945 9.58 25.88 16.27
N ASN A 1946 10.50 26.02 17.23
CA ASN A 1946 10.03 26.59 18.52
C ASN A 1946 10.47 28.05 18.59
N ALA A 1947 9.52 28.98 18.75
CA ALA A 1947 9.87 30.42 18.75
C ALA A 1947 8.98 31.21 19.72
N GLY A 1948 9.45 32.38 20.18
CA GLY A 1948 8.62 33.26 21.03
C GLY A 1948 8.63 32.86 22.50
N GLU A 1949 9.44 31.88 22.87
CA GLU A 1949 9.55 31.50 24.30
C GLU A 1949 10.14 32.69 25.08
N SER A 1950 11.12 33.39 24.50
CA SER A 1950 11.79 34.51 25.21
C SER A 1950 11.63 35.83 24.43
N ARG A 1951 11.26 36.91 25.12
CA ARG A 1951 11.19 38.24 24.47
C ARG A 1951 12.61 38.59 24.02
N LEU A 1952 13.61 38.25 24.84
CA LEU A 1952 15.04 38.47 24.47
C LEU A 1952 15.32 37.48 23.34
N ALA A 1953 16.35 37.71 22.52
CA ALA A 1953 16.50 36.84 21.34
C ALA A 1953 16.66 35.40 21.84
N GLU A 1954 17.44 35.15 22.88
CA GLU A 1954 17.41 33.76 23.43
C GLU A 1954 17.78 32.80 22.31
N LEU A 1955 16.88 31.85 22.02
CA LEU A 1955 17.11 30.85 20.94
C LEU A 1955 17.25 31.61 19.61
N TYR A 1956 16.50 32.69 19.41
CA TYR A 1956 16.68 33.53 18.19
C TYR A 1956 18.11 34.08 18.22
N VAL A 1957 18.59 34.47 19.40
CA VAL A 1957 20.01 34.91 19.53
C VAL A 1957 20.88 33.70 19.15
N GLU A 1958 20.47 32.50 19.58
CA GLU A 1958 21.18 31.25 19.23
C GLU A 1958 21.12 31.11 17.70
N ARG A 1959 20.00 31.49 17.10
CA ARG A 1959 19.81 31.42 15.63
C ARG A 1959 20.89 32.32 14.99
N ALA A 1960 21.20 33.46 15.62
CA ALA A 1960 22.30 34.31 15.12
C ALA A 1960 23.59 33.48 15.19
N LYS A 1961 23.76 32.70 16.25
CA LYS A 1961 24.94 31.78 16.35
C LYS A 1961 24.83 30.78 15.19
N TRP A 1962 23.62 30.32 14.87
CA TRP A 1962 23.40 29.40 13.72
C TRP A 1962 23.81 30.14 12.46
N LEU A 1963 23.53 31.44 12.38
CA LEU A 1963 23.97 32.28 11.23
C LEU A 1963 25.50 32.26 11.21
N TRP A 1964 26.13 32.31 12.39
CA TRP A 1964 27.61 32.19 12.47
C TRP A 1964 27.97 30.81 11.93
N SER A 1965 27.17 29.79 12.25
CA SER A 1965 27.39 28.43 11.71
C SER A 1965 27.23 28.54 10.19
N LYS A 1966 26.27 29.33 9.73
CA LYS A 1966 26.07 29.58 8.28
C LYS A 1966 27.37 30.24 7.79
N GLY A 1967 27.95 31.10 8.62
CA GLY A 1967 29.23 31.75 8.24
C GLY A 1967 29.06 32.98 7.39
N ASP A 1968 27.82 33.47 7.21
CA ASP A 1968 27.70 34.75 6.45
C ASP A 1968 27.76 35.90 7.47
N VAL A 1969 28.82 36.71 7.39
CA VAL A 1969 29.01 37.80 8.38
C VAL A 1969 27.87 38.83 8.26
N HIS A 1970 27.47 39.18 7.04
CA HIS A 1970 26.44 40.25 6.89
C HIS A 1970 25.14 39.76 7.53
N GLN A 1971 24.78 38.50 7.28
CA GLN A 1971 23.56 37.93 7.89
C GLN A 1971 23.74 37.92 9.41
N ALA A 1972 24.94 37.53 9.87
CA ALA A 1972 25.21 37.47 11.32
C ALA A 1972 25.09 38.87 11.91
N LEU A 1973 25.62 39.87 11.20
CA LEU A 1973 25.58 41.27 11.69
C LEU A 1973 24.11 41.72 11.78
N ILE A 1974 23.31 41.35 10.79
CA ILE A 1974 21.87 41.73 10.80
C ILE A 1974 21.25 41.05 12.03
N VAL A 1975 21.63 39.80 12.26
CA VAL A 1975 21.08 39.05 13.43
C VAL A 1975 21.53 39.75 14.72
N LEU A 1976 22.78 40.21 14.76
CA LEU A 1976 23.30 40.85 16.01
C LEU A 1976 22.51 42.12 16.31
N GLN A 1977 22.22 42.91 15.29
CA GLN A 1977 21.41 44.14 15.49
C GLN A 1977 20.01 43.69 15.96
N LYS A 1978 19.50 42.63 15.34
CA LYS A 1978 18.14 42.13 15.69
C LYS A 1978 18.15 41.66 17.14
N GLY A 1979 19.22 40.98 17.56
CA GLY A 1979 19.30 40.45 18.93
C GLY A 1979 19.31 41.59 19.95
N VAL A 1980 20.04 42.65 19.64
CA VAL A 1980 20.07 43.82 20.58
C VAL A 1980 18.64 44.37 20.63
N GLU A 1981 18.00 44.43 19.46
CA GLU A 1981 16.60 44.94 19.38
C GLU A 1981 15.67 44.00 20.17
N LEU A 1982 15.90 42.70 20.09
CA LEU A 1982 14.94 41.76 20.74
C LEU A 1982 14.91 42.00 22.25
N CYS A 1983 16.07 42.19 22.90
CA CYS A 1983 15.99 42.51 24.34
C CYS A 1983 15.27 43.86 24.51
N PHE A 1984 15.65 44.85 23.70
CA PHE A 1984 14.96 46.18 23.71
C PHE A 1984 15.34 46.88 22.39
N PRO A 1985 14.63 47.94 21.95
CA PRO A 1985 15.09 48.59 20.73
C PRO A 1985 16.49 49.07 21.12
N GLU A 1986 16.63 49.57 22.34
CA GLU A 1986 17.97 49.95 22.87
C GLU A 1986 18.05 49.28 24.24
N ASN A 1987 18.23 47.96 24.26
CA ASN A 1987 18.15 47.23 25.55
C ASN A 1987 19.23 47.65 26.55
N GLU A 1988 18.84 47.87 27.80
CA GLU A 1988 19.82 48.13 28.89
C GLU A 1988 20.40 46.76 29.28
N THR A 1989 21.54 46.70 29.95
CA THR A 1989 22.00 45.36 30.37
C THR A 1989 20.91 44.83 31.26
N PRO A 1990 20.52 43.55 31.15
CA PRO A 1990 19.36 43.07 31.89
C PRO A 1990 19.49 43.09 33.41
N PRO A 1991 18.41 43.45 34.13
CA PRO A 1991 18.46 43.41 35.58
C PRO A 1991 18.68 41.97 35.99
N GLU A 1992 18.00 41.04 35.31
CA GLU A 1992 18.26 39.61 35.61
C GLU A 1992 19.72 39.33 35.22
N GLY A 1993 20.45 38.61 36.06
CA GLY A 1993 21.87 38.37 35.77
C GLY A 1993 22.04 37.55 34.51
N LYS A 1994 21.20 36.53 34.34
CA LYS A 1994 21.33 35.64 33.15
C LYS A 1994 21.05 36.45 31.88
N ASN A 1995 20.03 37.30 31.92
CA ASN A 1995 19.69 38.14 30.74
C ASN A 1995 20.85 39.09 30.45
N MET A 1996 21.44 39.67 31.50
CA MET A 1996 22.59 40.59 31.32
C MET A 1996 23.76 39.78 30.73
N LEU A 1997 23.95 38.56 31.22
CA LEU A 1997 25.05 37.69 30.71
C LEU A 1997 24.78 37.39 29.23
N ILE A 1998 23.52 37.16 28.88
CA ILE A 1998 23.16 36.86 27.45
C ILE A 1998 23.51 38.08 26.61
N HIS A 1999 23.23 39.29 27.13
CA HIS A 1999 23.57 40.53 26.38
C HIS A 1999 25.08 40.60 26.20
N GLY A 2000 25.84 40.25 27.24
CA GLY A 2000 27.31 40.23 27.15
C GLY A 2000 27.75 39.21 26.12
N ARG A 2001 27.10 38.05 26.09
CA ARG A 2001 27.45 36.98 25.12
C ARG A 2001 27.21 37.53 23.71
N ALA A 2002 26.11 38.28 23.53
CA ALA A 2002 25.81 38.87 22.21
C ALA A 2002 26.93 39.84 21.85
N MET A 2003 27.41 40.61 22.83
CA MET A 2003 28.52 41.57 22.58
C MET A 2003 29.76 40.76 22.17
N LEU A 2004 30.00 39.62 22.83
CA LEU A 2004 31.16 38.76 22.47
C LEU A 2004 30.98 38.27 21.04
N LEU A 2005 29.76 37.89 20.68
CA LEU A 2005 29.47 37.42 19.31
C LEU A 2005 29.76 38.58 18.35
N VAL A 2006 29.36 39.79 18.75
CA VAL A 2006 29.59 40.99 17.89
C VAL A 2006 31.10 41.19 17.70
N GLY A 2007 31.88 40.97 18.76
CA GLY A 2007 33.35 41.10 18.66
C GLY A 2007 33.89 40.08 17.70
N ARG A 2008 33.38 38.85 17.76
CA ARG A 2008 33.81 37.80 16.81
C ARG A 2008 33.42 38.25 15.39
N PHE A 2009 32.23 38.84 15.26
CA PHE A 2009 31.76 39.32 13.94
C PHE A 2009 32.69 40.42 13.44
N MET A 2010 33.12 41.30 14.35
CA MET A 2010 34.04 42.41 13.98
C MET A 2010 35.35 41.79 13.49
N GLU A 2011 35.81 40.74 14.16
CA GLU A 2011 37.05 40.05 13.74
C GLU A 2011 36.80 39.48 12.33
N GLU A 2012 35.62 38.93 12.11
CA GLU A 2012 35.26 38.41 10.76
C GLU A 2012 35.26 39.57 9.76
N THR A 2013 34.75 40.73 10.17
CA THR A 2013 34.60 41.88 9.24
C THR A 2013 35.96 42.32 8.75
N ALA A 2014 36.06 42.65 7.46
CA ALA A 2014 37.33 43.18 6.90
C ALA A 2014 37.66 44.50 7.58
N ASN A 2015 36.63 45.34 7.80
CA ASN A 2015 36.87 46.63 8.52
C ASN A 2015 36.17 46.59 9.88
N PHE A 2016 36.91 46.84 10.95
CA PHE A 2016 36.33 46.88 12.33
C PHE A 2016 37.07 47.98 13.08
N GLU A 2017 36.47 48.54 14.14
CA GLU A 2017 37.23 49.53 14.92
C GLU A 2017 37.76 48.82 16.18
N SER A 2018 39.08 48.86 16.39
CA SER A 2018 39.68 48.17 17.55
C SER A 2018 39.14 48.81 18.84
N ASN A 2019 39.02 50.13 18.85
CA ASN A 2019 38.46 50.83 20.04
C ASN A 2019 37.01 50.37 20.22
N ALA A 2020 36.27 50.24 19.12
CA ALA A 2020 34.87 49.78 19.20
C ALA A 2020 34.83 48.35 19.75
N ILE A 2021 35.75 47.50 19.30
CA ILE A 2021 35.81 46.10 19.79
C ILE A 2021 36.11 46.14 21.29
N MET A 2022 37.03 47.02 21.68
CA MET A 2022 37.40 47.15 23.11
C MET A 2022 36.16 47.60 23.90
N LYS A 2023 35.39 48.53 23.35
CA LYS A 2023 34.19 49.05 24.04
C LYS A 2023 33.19 47.90 24.22
N LYS A 2024 33.03 47.06 23.19
CA LYS A 2024 32.12 45.90 23.29
C LYS A 2024 32.66 44.96 24.37
N TYR A 2025 33.98 44.77 24.39
CA TYR A 2025 34.61 43.87 25.40
C TYR A 2025 34.37 44.45 26.77
N LYS A 2026 34.49 45.77 26.89
CA LYS A 2026 34.29 46.44 28.19
C LYS A 2026 32.83 46.22 28.61
N ASP A 2027 31.91 46.32 27.65
CA ASP A 2027 30.47 46.10 27.95
C ASP A 2027 30.26 44.66 28.42
N VAL A 2028 30.92 43.70 27.76
CA VAL A 2028 30.78 42.27 28.15
C VAL A 2028 31.34 42.08 29.57
N THR A 2029 32.47 42.72 29.85
CA THR A 2029 33.07 42.63 31.20
C THR A 2029 32.09 43.24 32.15
N ALA A 2030 31.48 44.35 31.73
CA ALA A 2030 30.52 45.07 32.59
C ALA A 2030 29.31 44.19 32.88
N CYS A 2031 28.81 43.45 31.88
CA CYS A 2031 27.56 42.70 32.15
C CYS A 2031 27.86 41.68 33.26
N LEU A 2032 28.98 40.96 33.17
CA LEU A 2032 29.37 40.11 34.32
C LEU A 2032 30.88 40.27 34.54
N PRO A 2033 31.35 40.87 35.67
CA PRO A 2033 32.78 40.83 35.94
C PRO A 2033 33.03 39.37 36.17
N GLU A 2034 32.10 38.73 36.89
CA GLU A 2034 32.24 37.30 37.27
C GLU A 2034 32.24 36.34 36.08
N TRP A 2035 31.43 36.59 35.05
CA TRP A 2035 31.31 35.55 33.99
C TRP A 2035 32.66 35.29 33.32
N GLU A 2036 33.00 34.01 33.17
CA GLU A 2036 34.25 33.61 32.49
C GLU A 2036 34.20 34.03 31.02
N ASP A 2037 33.05 33.86 30.37
CA ASP A 2037 32.98 34.10 28.91
C ASP A 2037 33.30 35.56 28.60
N GLY A 2038 32.78 36.51 29.38
CA GLY A 2038 33.08 37.90 29.01
C GLY A 2038 34.57 38.17 29.10
N HIS A 2039 35.20 37.69 30.18
CA HIS A 2039 36.66 37.88 30.35
C HIS A 2039 37.42 37.15 29.23
N PHE A 2040 37.00 35.93 28.90
CA PHE A 2040 37.72 35.11 27.88
C PHE A 2040 37.65 35.80 26.52
N TYR A 2041 36.48 36.34 26.19
CA TYR A 2041 36.31 37.03 24.88
C TYR A 2041 37.22 38.23 24.89
N LEU A 2042 37.26 38.93 26.03
CA LEU A 2042 38.11 40.13 26.15
C LEU A 2042 39.57 39.72 25.97
N ALA A 2043 39.95 38.58 26.56
CA ALA A 2043 41.35 38.11 26.46
C ALA A 2043 41.69 37.80 25.00
N LYS A 2044 40.75 37.17 24.28
CA LYS A 2044 40.99 36.87 22.85
C LYS A 2044 41.14 38.19 22.09
N TYR A 2045 40.29 39.17 22.41
CA TYR A 2045 40.35 40.50 21.74
C TYR A 2045 41.70 41.11 22.08
N TYR A 2046 42.11 40.95 23.33
CA TYR A 2046 43.38 41.56 23.79
C TYR A 2046 44.53 40.97 22.97
N ASP A 2047 44.49 39.66 22.72
CA ASP A 2047 45.62 39.02 22.01
C ASP A 2047 45.74 39.61 20.59
N LYS A 2048 44.60 39.78 19.92
CA LYS A 2048 44.62 40.41 18.56
C LYS A 2048 45.13 41.84 18.71
N LEU A 2049 44.68 42.53 19.76
CA LEU A 2049 45.10 43.92 20.00
C LEU A 2049 46.61 43.91 20.25
N MET A 2050 47.10 42.92 20.98
CA MET A 2050 48.54 42.85 21.35
C MET A 2050 49.38 42.75 20.08
N PRO A 2051 48.98 41.95 19.06
CA PRO A 2051 49.83 41.88 17.88
C PRO A 2051 49.90 43.26 17.25
N MET A 2052 48.76 43.95 17.18
CA MET A 2052 48.72 45.32 16.62
C MET A 2052 49.56 46.27 17.49
N VAL A 2053 49.45 46.13 18.82
CA VAL A 2053 50.19 47.03 19.76
C VAL A 2053 51.69 46.84 19.55
N THR A 2054 52.12 45.59 19.36
CA THR A 2054 53.54 45.34 19.09
C THR A 2054 53.86 46.02 17.79
N ASP A 2055 52.96 45.93 16.82
CA ASP A 2055 53.24 46.48 15.47
C ASP A 2055 54.50 45.78 14.98
N ASN A 2056 54.62 44.49 15.31
CA ASN A 2056 55.80 43.67 14.89
C ASN A 2056 56.99 43.96 15.81
N LYS A 2057 56.79 44.75 16.87
CA LYS A 2057 57.88 45.02 17.83
C LYS A 2057 57.50 44.51 19.22
N MET A 2058 58.36 43.68 19.83
CA MET A 2058 58.10 43.20 21.21
C MET A 2058 58.11 44.41 22.17
N GLU A 2059 59.05 45.34 21.95
CA GLU A 2059 59.18 46.50 22.85
C GLU A 2059 57.90 47.35 22.80
N LYS A 2060 57.33 47.52 21.60
CA LYS A 2060 56.14 48.39 21.47
C LYS A 2060 55.01 47.77 22.31
N GLN A 2061 54.86 46.45 22.25
CA GLN A 2061 53.86 45.75 23.10
C GLN A 2061 54.34 45.81 24.56
N GLY A 2062 53.41 45.88 25.52
CA GLY A 2062 53.86 45.81 26.93
C GLY A 2062 52.84 46.36 27.91
N ASP A 2063 52.55 47.67 27.88
CA ASP A 2063 51.49 48.18 28.78
C ASP A 2063 50.16 47.52 28.39
N LEU A 2064 49.91 47.41 27.08
CA LEU A 2064 48.69 46.72 26.60
C LEU A 2064 48.77 45.25 27.04
N ILE A 2065 49.97 44.67 26.92
CA ILE A 2065 50.14 43.23 27.27
C ILE A 2065 49.82 43.05 28.75
N ARG A 2066 50.28 43.98 29.59
CA ARG A 2066 50.06 43.86 31.05
C ARG A 2066 48.56 43.89 31.34
N TYR A 2067 47.83 44.79 30.66
CA TYR A 2067 46.36 44.87 30.86
C TYR A 2067 45.75 43.56 30.41
N ILE A 2068 46.23 43.03 29.29
CA ILE A 2068 45.68 41.76 28.74
C ILE A 2068 45.94 40.63 29.74
N VAL A 2069 47.13 40.62 30.34
CA VAL A 2069 47.50 39.52 31.28
C VAL A 2069 46.54 39.57 32.48
N LEU A 2070 46.25 40.78 32.96
CA LEU A 2070 45.34 40.93 34.13
C LEU A 2070 43.96 40.40 33.73
N HIS A 2071 43.53 40.73 32.51
CA HIS A 2071 42.21 40.25 32.02
C HIS A 2071 42.25 38.72 31.94
N PHE A 2072 43.38 38.18 31.48
CA PHE A 2072 43.49 36.71 31.31
C PHE A 2072 43.38 36.04 32.67
N GLY A 2073 44.03 36.63 33.68
CA GLY A 2073 43.95 36.07 35.04
C GLY A 2073 42.53 36.14 35.54
N ARG A 2074 41.85 37.25 35.28
CA ARG A 2074 40.44 37.42 35.72
C ARG A 2074 39.58 36.36 35.02
N SER A 2075 39.84 36.15 33.72
CA SER A 2075 39.04 35.18 32.94
C SER A 2075 39.26 33.76 33.51
N LEU A 2076 40.51 33.45 33.84
CA LEU A 2076 40.82 32.09 34.35
C LEU A 2076 40.09 31.89 35.69
N GLN A 2077 40.09 32.93 36.53
CA GLN A 2077 39.35 32.84 37.81
C GLN A 2077 37.85 32.71 37.50
N TYR A 2078 37.36 33.46 36.52
CA TYR A 2078 35.91 33.45 36.23
C TYR A 2078 35.47 32.07 35.76
N GLY A 2079 36.24 31.44 34.87
CA GLY A 2079 35.94 30.07 34.45
C GLY A 2079 37.19 29.28 34.12
N ASN A 2080 37.18 27.97 34.37
CA ASN A 2080 38.33 27.12 33.96
C ASN A 2080 38.17 26.68 32.50
N GLN A 2081 36.98 26.83 31.91
CA GLN A 2081 36.78 26.28 30.54
C GLN A 2081 37.71 26.97 29.54
N PHE A 2082 37.84 28.29 29.62
CA PHE A 2082 38.82 29.00 28.75
C PHE A 2082 40.11 29.14 29.53
N ILE A 2083 40.10 28.70 30.79
CA ILE A 2083 41.30 28.93 31.66
C ILE A 2083 42.51 28.20 31.08
N TYR A 2084 42.35 26.97 30.58
CA TYR A 2084 43.56 26.23 30.12
C TYR A 2084 44.21 26.99 28.97
N GLN A 2085 43.40 27.48 28.03
CA GLN A 2085 43.94 28.27 26.90
C GLN A 2085 44.58 29.55 27.45
N SER A 2086 43.91 30.18 28.42
CA SER A 2086 44.42 31.45 28.99
C SER A 2086 45.76 31.17 29.68
N MET A 2087 45.86 30.04 30.38
CA MET A 2087 47.10 29.73 31.14
C MET A 2087 48.27 29.61 30.17
N PRO A 2088 48.11 28.97 28.98
CA PRO A 2088 49.25 28.90 28.09
C PRO A 2088 49.65 30.30 27.66
N ARG A 2089 48.66 31.13 27.36
CA ARG A 2089 48.94 32.52 26.92
C ARG A 2089 49.63 33.28 28.05
N MET A 2090 49.15 33.09 29.28
CA MET A 2090 49.72 33.82 30.45
C MET A 2090 51.17 33.40 30.63
N LEU A 2091 51.45 32.11 30.47
CA LEU A 2091 52.83 31.61 30.66
C LEU A 2091 53.73 32.29 29.62
N THR A 2092 53.25 32.38 28.39
CA THR A 2092 54.04 33.01 27.32
C THR A 2092 54.27 34.46 27.68
N LEU A 2093 53.23 35.13 28.20
CA LEU A 2093 53.35 36.57 28.50
C LEU A 2093 54.41 36.78 29.60
N TRP A 2094 54.40 35.92 30.62
CA TRP A 2094 55.37 36.08 31.74
C TRP A 2094 56.79 35.91 31.20
N LEU A 2095 56.98 34.91 30.33
CA LEU A 2095 58.32 34.66 29.75
C LEU A 2095 58.73 35.88 28.93
N ASP A 2096 57.78 36.43 28.18
CA ASP A 2096 58.08 37.60 27.31
C ASP A 2096 58.49 38.77 28.19
N TYR A 2097 57.80 38.95 29.33
CA TYR A 2097 58.12 40.12 30.19
C TYR A 2097 59.54 39.99 30.70
N GLY A 2098 59.92 38.76 31.09
CA GLY A 2098 61.30 38.55 31.55
C GLY A 2098 62.28 38.80 30.44
N THR A 2099 61.95 38.34 29.22
CA THR A 2099 62.85 38.51 28.07
C THR A 2099 63.02 39.98 27.81
N LYS A 2100 61.92 40.73 27.87
CA LYS A 2100 61.97 42.18 27.56
C LYS A 2100 62.87 42.89 28.57
N ALA A 2101 62.75 42.52 29.86
CA ALA A 2101 63.56 43.19 30.90
C ALA A 2101 65.05 42.94 30.68
N TYR A 2102 65.41 41.70 30.35
CA TYR A 2102 66.83 41.36 30.07
C TYR A 2102 67.28 42.15 28.86
N GLU A 2103 66.41 42.21 27.86
CA GLU A 2103 66.75 42.95 26.61
C GLU A 2103 66.97 44.42 26.96
N TRP A 2104 66.11 44.96 27.83
CA TRP A 2104 66.20 46.40 28.19
C TRP A 2104 67.54 46.67 28.88
N GLU A 2105 67.97 45.77 29.78
CA GLU A 2105 69.22 46.06 30.51
C GLU A 2105 70.39 46.12 29.54
N LYS A 2106 70.45 45.18 28.58
CA LYS A 2106 71.52 45.22 27.54
C LYS A 2106 71.29 46.48 26.68
N ALA A 2107 70.03 46.77 26.37
CA ALA A 2107 69.66 47.89 25.48
C ALA A 2107 70.09 49.23 26.06
N GLY A 2108 69.96 49.42 27.37
CA GLY A 2108 70.18 50.78 27.91
C GLY A 2108 69.13 51.64 27.24
N ARG A 2109 67.94 51.08 27.03
CA ARG A 2109 66.82 51.79 26.35
C ARG A 2109 66.31 52.92 27.23
N SER A 2110 65.70 53.94 26.64
CA SER A 2110 65.28 55.12 27.44
C SER A 2110 64.27 54.70 28.51
N ASP A 2111 63.30 53.83 28.18
CA ASP A 2111 62.40 53.35 29.26
C ASP A 2111 63.27 52.61 30.26
N ARG A 2112 64.20 51.78 29.79
CA ARG A 2112 65.20 51.15 30.69
C ARG A 2112 64.54 50.39 31.84
N VAL A 2113 65.01 50.66 33.06
CA VAL A 2113 64.46 49.99 34.28
C VAL A 2113 62.98 50.40 34.44
N GLN A 2114 62.64 51.65 34.13
CA GLN A 2114 61.26 52.14 34.36
C GLN A 2114 60.28 51.32 33.50
N MET A 2115 60.63 51.01 32.25
CA MET A 2115 59.74 50.15 31.44
C MET A 2115 59.64 48.78 32.13
N ARG A 2116 60.77 48.29 32.64
CA ARG A 2116 60.77 46.99 33.37
C ARG A 2116 59.90 47.13 34.63
N ASN A 2117 59.96 48.28 35.31
CA ASN A 2117 59.20 48.50 36.57
C ASN A 2117 57.70 48.45 36.29
N ASP A 2118 57.27 49.02 35.16
CA ASP A 2118 55.82 48.93 34.80
C ASP A 2118 55.48 47.45 34.59
N LEU A 2119 56.39 46.72 33.93
CA LEU A 2119 56.17 45.26 33.72
C LEU A 2119 56.13 44.58 35.09
N GLY A 2120 57.02 44.98 36.00
CA GLY A 2120 57.08 44.38 37.34
C GLY A 2120 55.78 44.63 38.10
N LYS A 2121 55.23 45.84 37.97
CA LYS A 2121 53.94 46.16 38.64
C LYS A 2121 52.86 45.23 38.06
N ILE A 2122 52.90 45.03 36.74
CA ILE A 2122 51.94 44.08 36.09
C ILE A 2122 52.21 42.68 36.67
N ASN A 2123 53.49 42.34 36.85
CA ASN A 2123 53.88 41.01 37.37
C ASN A 2123 53.31 40.85 38.79
N LYS A 2124 53.39 41.91 39.59
CA LYS A 2124 52.87 41.86 40.98
C LYS A 2124 51.35 41.62 40.93
N VAL A 2125 50.66 42.27 40.00
CA VAL A 2125 49.20 42.04 39.83
C VAL A 2125 49.01 40.58 39.41
N ILE A 2126 49.87 40.08 38.54
CA ILE A 2126 49.79 38.67 38.06
C ILE A 2126 50.00 37.74 39.27
N THR A 2127 50.94 38.10 40.15
CA THR A 2127 51.23 37.28 41.34
C THR A 2127 49.99 37.26 42.21
N GLU A 2128 49.32 38.40 42.35
CA GLU A 2128 48.06 38.45 43.14
C GLU A 2128 47.02 37.54 42.48
N HIS A 2129 46.97 37.59 41.14
CA HIS A 2129 46.04 36.71 40.38
C HIS A 2129 46.44 35.26 40.66
N THR A 2130 47.74 35.01 40.69
CA THR A 2130 48.25 33.64 40.93
C THR A 2130 47.81 33.21 42.31
N ASN A 2131 47.86 34.13 43.29
CA ASN A 2131 47.46 33.78 44.67
C ASN A 2131 45.99 33.40 44.67
N TYR A 2132 45.17 34.14 43.91
CA TYR A 2132 43.73 33.78 43.79
C TYR A 2132 43.62 32.42 43.10
N LEU A 2133 44.44 32.19 42.08
CA LEU A 2133 44.37 30.92 41.30
C LEU A 2133 44.77 29.72 42.16
N ALA A 2134 44.10 28.58 41.98
CA ALA A 2134 44.52 27.35 42.69
C ALA A 2134 45.87 26.89 42.14
N PRO A 2135 46.77 26.30 42.96
CA PRO A 2135 48.00 25.76 42.40
C PRO A 2135 47.55 24.65 41.48
N TYR A 2136 46.52 23.90 41.89
CA TYR A 2136 45.95 22.83 41.02
C TYR A 2136 45.40 23.52 39.79
N GLN A 2137 44.80 24.70 39.98
CA GLN A 2137 44.23 25.46 38.84
C GLN A 2137 45.36 25.82 37.87
N PHE A 2138 46.55 26.19 38.38
CA PHE A 2138 47.66 26.47 37.44
C PHE A 2138 47.94 25.18 36.68
N LEU A 2139 47.96 24.03 37.39
CA LEU A 2139 48.04 22.74 36.65
C LEU A 2139 49.26 22.66 35.72
N THR A 2140 49.02 22.30 34.47
CA THR A 2140 50.09 22.15 33.46
C THR A 2140 50.78 23.48 33.26
N ALA A 2141 50.02 24.58 33.29
CA ALA A 2141 50.59 25.92 33.11
C ALA A 2141 51.59 26.16 34.24
N PHE A 2142 51.27 25.70 35.45
CA PHE A 2142 52.24 25.80 36.57
C PHE A 2142 53.48 24.98 36.19
N SER A 2143 53.27 23.82 35.56
CA SER A 2143 54.40 22.97 35.09
C SER A 2143 55.20 23.75 34.05
N GLN A 2144 54.52 24.49 33.18
CA GLN A 2144 55.20 25.32 32.14
C GLN A 2144 56.05 26.37 32.85
N LEU A 2145 55.55 26.93 33.95
CA LEU A 2145 56.34 27.91 34.74
C LEU A 2145 57.59 27.18 35.25
N ILE A 2146 57.42 25.93 35.67
CA ILE A 2146 58.59 25.11 36.11
C ILE A 2146 59.52 24.98 34.90
N SER A 2147 58.94 24.82 33.72
CA SER A 2147 59.75 24.70 32.48
C SER A 2147 60.55 25.99 32.28
N ARG A 2148 59.97 27.16 32.56
CA ARG A 2148 60.79 28.39 32.46
C ARG A 2148 61.91 28.30 33.52
N ILE A 2149 63.13 28.69 33.17
CA ILE A 2149 64.28 28.52 34.12
C ILE A 2149 65.28 29.67 33.94
N CYS A 2150 66.08 29.96 34.98
CA CYS A 2150 67.17 30.97 34.83
C CYS A 2150 66.61 32.32 34.35
N HIS A 2151 65.49 32.78 34.91
CA HIS A 2151 64.90 34.03 34.38
C HIS A 2151 65.93 35.14 34.60
N SER A 2152 66.09 36.03 33.61
CA SER A 2152 67.16 37.05 33.72
C SER A 2152 66.89 37.96 34.92
N HIS A 2153 65.64 38.37 35.14
CA HIS A 2153 65.36 39.17 36.36
C HIS A 2153 65.49 38.24 37.57
N ASP A 2154 66.20 38.69 38.61
CA ASP A 2154 66.22 37.87 39.85
C ASP A 2154 64.80 37.85 40.40
N GLU A 2155 64.12 38.99 40.34
CA GLU A 2155 62.73 39.10 40.85
C GLU A 2155 61.83 38.17 40.05
N VAL A 2156 62.02 38.11 38.72
CA VAL A 2156 61.13 37.28 37.87
C VAL A 2156 61.31 35.82 38.31
N PHE A 2157 62.56 35.41 38.56
CA PHE A 2157 62.83 34.03 39.01
C PHE A 2157 62.16 33.81 40.37
N VAL A 2158 62.25 34.81 41.24
CA VAL A 2158 61.67 34.68 42.61
C VAL A 2158 60.15 34.53 42.51
N VAL A 2159 59.52 35.30 41.62
CA VAL A 2159 58.04 35.24 41.47
C VAL A 2159 57.67 33.83 41.00
N LEU A 2160 58.46 33.30 40.06
CA LEU A 2160 58.20 31.92 39.55
C LEU A 2160 58.36 30.95 40.72
N MET A 2161 59.36 31.18 41.56
CA MET A 2161 59.63 30.26 42.69
C MET A 2161 58.42 30.27 43.64
N GLU A 2162 57.86 31.45 43.90
CA GLU A 2162 56.71 31.54 44.84
C GLU A 2162 55.54 30.74 44.26
N ILE A 2163 55.31 30.87 42.95
CA ILE A 2163 54.22 30.09 42.29
C ILE A 2163 54.57 28.61 42.41
N ILE A 2164 55.85 28.27 42.20
CA ILE A 2164 56.29 26.84 42.22
C ILE A 2164 56.02 26.26 43.62
N ALA A 2165 56.29 27.03 44.67
CA ALA A 2165 56.12 26.50 46.03
C ALA A 2165 54.64 26.17 46.24
N LYS A 2166 53.75 27.04 45.77
CA LYS A 2166 52.30 26.78 45.91
C LYS A 2166 51.94 25.52 45.12
N VAL A 2167 52.50 25.36 43.92
CA VAL A 2167 52.21 24.17 43.07
C VAL A 2167 52.70 22.91 43.79
N PHE A 2168 53.87 22.98 44.41
CA PHE A 2168 54.44 21.81 45.13
C PHE A 2168 53.48 21.48 46.26
N LEU A 2169 52.96 22.52 46.90
CA LEU A 2169 51.99 22.30 48.00
C LEU A 2169 50.73 21.63 47.43
N ALA A 2170 50.27 22.05 46.25
CA ALA A 2170 49.00 21.50 45.74
C ALA A 2170 49.11 20.00 45.49
N TYR A 2171 50.21 19.53 44.90
CA TYR A 2171 50.39 18.06 44.76
C TYR A 2171 51.75 17.65 45.29
N PRO A 2172 51.85 16.68 46.22
CA PRO A 2172 53.16 16.19 46.61
C PRO A 2172 53.75 15.56 45.36
N GLN A 2173 52.91 14.82 44.63
CA GLN A 2173 53.36 14.14 43.39
C GLN A 2173 53.81 15.18 42.35
N GLN A 2174 53.08 16.28 42.24
CA GLN A 2174 53.44 17.34 41.27
C GLN A 2174 54.82 17.88 41.68
N ALA A 2175 55.01 18.04 42.99
CA ALA A 2175 56.33 18.50 43.49
C ALA A 2175 57.37 17.46 43.13
N MET A 2176 57.02 16.18 43.24
CA MET A 2176 57.98 15.08 42.93
C MET A 2176 58.36 15.14 41.44
N TRP A 2177 57.39 15.40 40.56
CA TRP A 2177 57.69 15.51 39.12
C TRP A 2177 58.63 16.69 38.91
N MET A 2178 58.35 17.79 39.62
CA MET A 2178 59.21 18.99 39.53
C MET A 2178 60.60 18.63 40.05
N MET A 2179 60.67 17.83 41.10
CA MET A 2179 61.96 17.44 41.72
C MET A 2179 62.79 16.65 40.71
N THR A 2180 62.14 15.76 39.97
CA THR A 2180 62.87 14.96 38.96
C THR A 2180 63.42 15.94 37.95
N ALA A 2181 62.61 16.94 37.59
CA ALA A 2181 63.05 17.97 36.63
C ALA A 2181 64.24 18.75 37.20
N VAL A 2182 64.21 19.08 38.49
CA VAL A 2182 65.30 19.89 39.10
C VAL A 2182 66.60 19.09 39.01
N SER A 2183 66.53 17.78 39.29
CA SER A 2183 67.74 16.93 39.14
C SER A 2183 68.15 16.94 37.68
N LYS A 2184 67.16 16.89 36.79
CA LYS A 2184 67.43 16.86 35.33
C LYS A 2184 68.12 18.17 34.90
N SER A 2185 67.72 19.30 35.46
CA SER A 2185 68.26 20.60 34.98
C SER A 2185 69.77 20.67 35.21
N SER A 2186 70.25 20.18 36.36
CA SER A 2186 71.71 20.16 36.62
C SER A 2186 72.24 21.60 36.49
N TYR A 2187 71.45 22.57 36.94
CA TYR A 2187 71.85 24.00 36.84
C TYR A 2187 71.99 24.54 38.24
N PRO A 2188 73.11 25.18 38.62
CA PRO A 2188 73.25 25.59 40.01
C PRO A 2188 72.18 26.61 40.39
N MET A 2189 71.90 27.56 39.49
CA MET A 2189 70.82 28.54 39.77
C MET A 2189 69.49 27.80 39.87
N ARG A 2190 69.27 26.83 38.98
CA ARG A 2190 68.01 26.05 38.99
C ARG A 2190 67.91 25.28 40.31
N VAL A 2191 69.02 24.70 40.76
CA VAL A 2191 69.05 23.93 42.04
C VAL A 2191 68.73 24.92 43.17
N ASN A 2192 69.31 26.12 43.10
CA ASN A 2192 69.06 27.15 44.14
C ASN A 2192 67.57 27.53 44.12
N ARG A 2193 67.00 27.66 42.92
CA ARG A 2193 65.55 27.98 42.81
C ARG A 2193 64.75 26.84 43.42
N CYS A 2194 65.18 25.60 43.15
CA CYS A 2194 64.48 24.42 43.73
C CYS A 2194 64.61 24.49 45.25
N LYS A 2195 65.79 24.86 45.74
CA LYS A 2195 66.02 24.96 47.19
C LYS A 2195 65.10 26.04 47.78
N GLU A 2196 64.96 27.17 47.08
CA GLU A 2196 64.09 28.26 47.57
C GLU A 2196 62.65 27.75 47.63
N ILE A 2197 62.23 27.00 46.62
CA ILE A 2197 60.86 26.40 46.61
C ILE A 2197 60.79 25.43 47.81
N LEU A 2198 61.87 24.68 48.03
CA LEU A 2198 61.91 23.69 49.12
C LEU A 2198 61.78 24.42 50.47
N ASN A 2199 62.43 25.57 50.61
CA ASN A 2199 62.37 26.33 51.88
C ASN A 2199 60.92 26.79 52.12
N LYS A 2200 60.24 27.24 51.07
CA LYS A 2200 58.82 27.62 51.19
C LYS A 2200 58.00 26.38 51.57
N ALA A 2201 58.32 25.25 50.94
CA ALA A 2201 57.61 23.98 51.23
C ALA A 2201 57.86 23.58 52.69
N ILE A 2202 59.09 23.77 53.15
CA ILE A 2202 59.44 23.43 54.55
C ILE A 2202 58.61 24.34 55.46
N HIS A 2203 58.46 25.60 55.08
CA HIS A 2203 57.60 26.48 55.88
C HIS A 2203 56.16 25.95 55.85
N MET A 2204 55.65 25.53 54.69
CA MET A 2204 54.24 25.08 54.70
C MET A 2204 54.13 23.84 55.58
N LYS A 2205 55.06 22.88 55.43
CA LYS A 2205 55.10 21.71 56.34
C LYS A 2205 56.57 21.39 56.63
N LYS A 2206 56.95 21.19 57.88
CA LYS A 2206 58.33 20.72 58.15
C LYS A 2206 58.45 19.33 57.52
N SER A 2207 57.41 18.51 57.67
CA SER A 2207 57.40 17.14 57.13
C SER A 2207 57.51 17.15 55.61
N LEU A 2208 56.84 18.09 54.95
CA LEU A 2208 56.84 18.10 53.47
C LEU A 2208 58.27 18.30 52.97
N GLU A 2209 59.03 19.19 53.61
CA GLU A 2209 60.44 19.41 53.22
C GLU A 2209 61.23 18.11 53.45
N LYS A 2210 60.99 17.44 54.58
CA LYS A 2210 61.71 16.18 54.89
C LYS A 2210 61.36 15.13 53.84
N PHE A 2211 60.08 15.07 53.44
CA PHE A 2211 59.63 14.08 52.44
C PHE A 2211 60.35 14.37 51.13
N VAL A 2212 60.47 15.67 50.81
CA VAL A 2212 61.12 16.07 49.53
C VAL A 2212 62.60 15.62 49.55
N GLY A 2213 63.27 15.77 50.69
CA GLY A 2213 64.67 15.33 50.79
C GLY A 2213 64.77 13.84 50.60
N ASP A 2214 63.84 13.08 51.19
CA ASP A 2214 63.83 11.60 51.02
C ASP A 2214 63.59 11.29 49.55
N ALA A 2215 62.68 12.04 48.92
CA ALA A 2215 62.37 11.82 47.49
C ALA A 2215 63.61 12.09 46.66
N THR A 2216 64.36 13.14 47.01
CA THR A 2216 65.58 13.48 46.26
C THR A 2216 66.56 12.34 46.38
N ARG A 2217 66.66 11.76 47.58
CA ARG A 2217 67.59 10.63 47.80
C ARG A 2217 67.13 9.44 46.93
N LEU A 2218 65.81 9.21 46.89
CA LEU A 2218 65.27 8.09 46.08
C LEU A 2218 65.58 8.36 44.60
N THR A 2219 65.44 9.62 44.18
CA THR A 2219 65.69 9.97 42.77
C THR A 2219 67.14 9.69 42.45
N ASP A 2220 68.03 10.03 43.38
CA ASP A 2220 69.48 9.85 43.15
C ASP A 2220 69.76 8.34 42.98
N LYS A 2221 69.11 7.52 43.80
CA LYS A 2221 69.32 6.05 43.71
C LYS A 2221 68.82 5.56 42.34
N LEU A 2222 67.68 6.08 41.90
CA LEU A 2222 67.12 5.67 40.57
C LEU A 2222 68.10 6.10 39.47
N LEU A 2223 68.66 7.31 39.60
CA LEU A 2223 69.61 7.81 38.59
C LEU A 2223 70.83 6.88 38.60
N GLU A 2224 71.25 6.47 39.80
CA GLU A 2224 72.43 5.57 39.93
C GLU A 2224 72.11 4.25 39.23
N LEU A 2225 70.88 3.74 39.38
CA LEU A 2225 70.52 2.44 38.79
C LEU A 2225 70.61 2.55 37.25
N CYS A 2226 70.11 3.66 36.69
CA CYS A 2226 70.24 3.87 35.22
C CYS A 2226 71.73 3.99 34.87
N ASN A 2227 72.49 4.69 35.71
CA ASN A 2227 73.94 4.93 35.45
C ASN A 2227 74.71 3.61 35.45
N LYS A 2228 74.38 2.69 36.36
CA LYS A 2228 75.19 1.46 36.50
C LYS A 2228 75.14 0.62 35.22
N PRO A 2229 76.28 0.04 34.79
CA PRO A 2229 76.29 -0.84 33.63
C PRO A 2229 75.59 -2.16 33.94
N VAL A 2230 74.97 -2.77 32.93
CA VAL A 2230 74.34 -4.10 33.15
C VAL A 2230 75.17 -5.16 32.42
N ASP A 2231 75.56 -6.23 33.12
CA ASP A 2231 76.42 -7.28 32.52
C ASP A 2231 75.90 -8.67 32.91
N GLY A 2232 76.20 -9.69 32.10
CA GLY A 2232 75.80 -11.07 32.42
C GLY A 2232 74.48 -11.48 31.79
N SER A 2233 74.25 -12.79 31.70
CA SER A 2233 73.03 -13.34 31.02
C SER A 2233 71.73 -12.92 31.72
N SER A 2234 71.70 -12.93 33.06
CA SER A 2234 70.41 -12.67 33.75
C SER A 2234 69.88 -11.27 33.45
N SER A 2235 68.57 -11.16 33.18
CA SER A 2235 67.94 -9.85 32.90
C SER A 2235 68.01 -8.95 34.13
N THR A 2236 67.80 -9.50 35.33
CA THR A 2236 67.74 -8.65 36.54
C THR A 2236 68.80 -9.00 37.55
N LEU A 2237 69.56 -8.02 38.02
CA LEU A 2237 70.50 -8.25 39.15
C LEU A 2237 69.63 -8.64 40.34
N SER A 2238 68.46 -8.00 40.48
CA SER A 2238 67.51 -8.20 41.61
C SER A 2238 67.73 -7.08 42.63
N MET A 2239 66.73 -6.81 43.47
CA MET A 2239 66.84 -5.65 44.38
C MET A 2239 68.01 -5.87 45.36
N SER A 2240 68.19 -7.08 45.88
CA SER A 2240 69.31 -7.20 46.84
C SER A 2240 70.63 -6.92 46.10
N THR A 2241 70.79 -7.49 44.91
CA THR A 2241 72.08 -7.33 44.20
C THR A 2241 72.33 -5.88 43.82
N HIS A 2242 71.31 -5.19 43.30
CA HIS A 2242 71.58 -3.81 42.81
C HIS A 2242 71.03 -2.74 43.77
N PHE A 2243 69.77 -2.88 44.19
CA PHE A 2243 69.14 -1.85 45.05
C PHE A 2243 69.89 -1.80 46.37
N LYS A 2244 70.25 -2.98 46.90
CA LYS A 2244 71.07 -3.02 48.14
C LYS A 2244 70.36 -2.24 49.26
N MET A 2245 71.10 -1.35 49.93
CA MET A 2245 70.53 -0.54 51.05
C MET A 2245 69.40 0.35 50.56
N LEU A 2246 69.52 0.93 49.36
CA LEU A 2246 68.51 1.92 48.89
C LEU A 2246 67.12 1.26 48.78
N LYS A 2247 67.04 0.01 48.28
CA LYS A 2247 65.72 -0.66 48.24
C LYS A 2247 65.21 -0.81 49.68
N LYS A 2248 66.10 -1.18 50.59
CA LYS A 2248 65.71 -1.34 52.02
C LYS A 2248 65.22 0.01 52.56
N LEU A 2249 65.90 1.09 52.20
CA LEU A 2249 65.53 2.45 52.70
C LEU A 2249 64.13 2.79 52.19
N VAL A 2250 63.85 2.46 50.93
CA VAL A 2250 62.50 2.74 50.35
C VAL A 2250 61.49 1.91 51.16
N GLU A 2251 61.86 0.68 51.49
CA GLU A 2251 60.98 -0.21 52.29
C GLU A 2251 60.77 0.42 53.67
N GLU A 2252 61.82 1.04 54.24
CA GLU A 2252 61.72 1.55 55.62
C GLU A 2252 60.65 2.64 55.74
N ALA A 2253 59.89 2.61 56.85
CA ALA A 2253 58.82 3.61 57.11
C ALA A 2253 59.43 5.00 57.26
N THR A 2254 60.60 5.09 57.89
CA THR A 2254 61.19 6.41 58.18
C THR A 2254 61.45 7.13 56.88
N PHE A 2255 61.93 6.44 55.84
CA PHE A 2255 62.06 7.14 54.54
C PHE A 2255 60.65 7.54 54.11
N SER A 2256 60.50 8.75 53.58
CA SER A 2256 59.14 9.24 53.26
C SER A 2256 58.51 8.35 52.18
N GLU A 2257 57.22 8.02 52.33
CA GLU A 2257 56.55 7.24 51.27
C GLU A 2257 56.50 8.08 49.99
N ILE A 2258 56.74 7.47 48.83
CA ILE A 2258 56.63 8.21 47.54
C ILE A 2258 55.57 7.51 46.69
N LEU A 2259 54.60 8.26 46.15
CA LEU A 2259 53.63 7.64 45.23
C LEU A 2259 54.39 7.17 43.99
N ILE A 2260 54.06 5.99 43.47
CA ILE A 2260 54.71 5.54 42.21
C ILE A 2260 54.27 6.51 41.10
N PRO A 2261 55.15 6.90 40.14
CA PRO A 2261 54.68 7.81 39.11
C PRO A 2261 53.60 7.12 38.29
N LEU A 2262 52.55 7.85 37.94
CA LEU A 2262 51.45 7.29 37.12
C LEU A 2262 51.31 8.15 35.86
N GLN A 2263 51.19 7.54 34.67
CA GLN A 2263 50.99 8.43 33.51
C GLN A 2263 49.64 9.13 33.71
N SER A 2264 49.59 10.45 33.51
CA SER A 2264 48.35 11.25 33.63
C SER A 2264 48.10 11.55 35.11
N VAL A 2265 48.97 11.07 36.00
CA VAL A 2265 48.85 11.39 37.44
C VAL A 2265 49.05 12.91 37.58
N MET A 2266 49.99 13.44 36.81
CA MET A 2266 50.32 14.89 36.90
C MET A 2266 49.08 15.72 36.52
N ILE A 2267 48.33 15.29 35.50
CA ILE A 2267 47.22 16.15 35.04
C ILE A 2267 46.21 16.33 36.17
N PRO A 2268 45.71 17.57 36.41
CA PRO A 2268 44.68 17.80 37.41
C PRO A 2268 43.37 17.26 36.87
N THR A 2269 42.44 16.90 37.75
CA THR A 2269 41.12 16.47 37.22
C THR A 2269 40.52 17.66 36.50
N LEU A 2270 39.88 17.43 35.35
CA LEU A 2270 39.35 18.54 34.53
C LEU A 2270 38.25 19.26 35.33
N PRO A 2271 38.15 20.60 35.29
CA PRO A 2271 37.17 21.31 36.11
C PRO A 2271 35.71 21.08 35.75
N SER A 2272 34.85 20.99 36.76
CA SER A 2272 33.38 20.85 36.51
C SER A 2272 32.77 22.16 35.99
N ILE A 2273 31.64 22.07 35.28
CA ILE A 2273 30.93 23.26 34.74
C ILE A 2273 30.49 24.15 35.91
N LEU A 2274 30.08 23.55 37.04
CA LEU A 2274 29.51 24.34 38.17
C LEU A 2274 30.53 25.33 38.74
N GLY A 2275 30.06 26.48 39.24
CA GLY A 2275 30.95 27.56 39.71
C GLY A 2275 31.86 27.19 40.86
N THR A 2276 31.38 26.39 41.82
CA THR A 2276 32.29 25.95 42.90
C THR A 2276 33.40 25.16 42.26
N HIS A 2277 33.07 24.34 41.26
CA HIS A 2277 34.11 23.59 40.49
C HIS A 2277 35.00 24.61 39.77
N ALA A 2278 34.41 25.69 39.25
CA ALA A 2278 35.18 26.75 38.55
C ALA A 2278 36.17 27.35 39.54
N ASN A 2279 35.74 27.55 40.79
CA ASN A 2279 36.68 28.04 41.84
C ASN A 2279 37.76 26.97 41.94
N HIS A 2280 37.37 25.69 41.88
CA HIS A 2280 38.33 24.56 41.87
C HIS A 2280 38.76 24.21 43.30
N ALA A 2281 38.18 24.87 44.30
CA ALA A 2281 38.51 24.44 45.68
C ALA A 2281 38.01 23.00 45.79
N SER A 2282 36.80 22.74 45.27
CA SER A 2282 36.27 21.35 45.23
C SER A 2282 37.16 20.49 44.33
N HIS A 2283 37.60 21.04 43.19
CA HIS A 2283 38.39 20.24 42.20
C HIS A 2283 39.73 19.81 42.80
N GLU A 2284 40.16 18.59 42.49
CA GLU A 2284 41.49 18.13 42.95
C GLU A 2284 42.38 17.83 41.75
N PRO A 2285 43.61 18.38 41.67
CA PRO A 2285 44.51 17.99 40.59
C PRO A 2285 44.89 16.56 40.90
N PHE A 2286 45.07 15.71 39.88
CA PHE A 2286 45.35 14.29 40.15
C PHE A 2286 44.22 13.73 41.01
N PRO A 2287 42.95 14.09 40.72
CA PRO A 2287 41.84 13.66 41.55
C PRO A 2287 41.62 12.16 41.40
N GLY A 2288 41.02 11.52 42.41
CA GLY A 2288 40.88 10.06 42.40
C GLY A 2288 42.02 9.38 43.14
N HIS A 2289 42.06 8.05 43.16
CA HIS A 2289 43.06 7.34 44.00
C HIS A 2289 44.50 7.63 43.57
N TRP A 2290 45.39 7.81 44.56
CA TRP A 2290 46.84 8.02 44.26
C TRP A 2290 47.60 6.91 44.97
N ALA A 2291 48.53 6.24 44.28
CA ALA A 2291 49.21 5.08 44.90
C ALA A 2291 50.70 5.36 45.10
N TYR A 2292 51.21 5.08 46.30
CA TYR A 2292 52.66 5.26 46.59
C TYR A 2292 53.22 3.89 46.94
N ILE A 2293 54.34 3.48 46.34
CA ILE A 2293 54.83 2.09 46.60
C ILE A 2293 56.08 2.14 47.48
N ALA A 2294 56.04 1.48 48.64
CA ALA A 2294 57.20 1.41 49.56
C ALA A 2294 58.36 0.64 48.93
N GLY A 2295 58.07 -0.45 48.22
CA GLY A 2295 59.17 -1.32 47.74
C GLY A 2295 59.09 -1.66 46.27
N PHE A 2296 60.23 -2.04 45.67
CA PHE A 2296 60.29 -2.41 44.24
C PHE A 2296 60.67 -3.88 44.11
N ASP A 2297 59.93 -4.64 43.28
CA ASP A 2297 60.20 -6.09 43.10
C ASP A 2297 61.60 -6.26 42.47
N ASP A 2298 62.33 -7.29 42.89
CA ASP A 2298 63.72 -7.48 42.43
C ASP A 2298 63.81 -7.71 40.92
N MET A 2299 62.89 -8.47 40.34
CA MET A 2299 63.02 -8.82 38.89
C MET A 2299 62.92 -7.56 38.02
N VAL A 2300 63.79 -7.44 37.00
CA VAL A 2300 63.75 -6.30 36.05
C VAL A 2300 64.27 -6.80 34.70
N GLU A 2301 63.95 -6.13 33.59
CA GLU A 2301 64.38 -6.66 32.27
C GLU A 2301 65.40 -5.69 31.64
N ILE A 2302 66.57 -6.20 31.24
CA ILE A 2302 67.64 -5.30 30.72
C ILE A 2302 67.15 -4.64 29.42
N LEU A 2303 67.47 -3.36 29.22
CA LEU A 2303 67.01 -2.62 28.02
C LEU A 2303 67.64 -3.26 26.78
N ALA A 2304 66.88 -3.33 25.69
CA ALA A 2304 67.40 -3.98 24.46
C ALA A 2304 68.58 -3.19 23.90
N SER A 2305 69.58 -3.89 23.37
CA SER A 2305 70.74 -3.23 22.71
C SER A 2305 71.51 -2.28 23.63
N LEU A 2306 71.76 -1.05 23.17
CA LEU A 2306 72.64 -0.10 23.91
C LEU A 2306 72.14 0.31 25.30
N GLN A 2307 70.84 0.56 25.48
CA GLN A 2307 70.41 1.11 26.81
C GLN A 2307 70.75 0.11 27.91
N LYS A 2308 70.49 -1.18 27.71
CA LYS A 2308 70.95 -2.21 28.69
C LYS A 2308 70.44 -1.85 30.09
N PRO A 2309 69.21 -1.36 30.30
CA PRO A 2309 68.78 -1.06 31.66
C PRO A 2309 67.57 -1.88 32.07
N LYS A 2310 67.67 -2.57 33.22
CA LYS A 2310 66.57 -3.45 33.68
C LYS A 2310 65.33 -2.59 34.00
N LYS A 2311 64.13 -3.10 33.67
CA LYS A 2311 62.89 -2.37 34.01
C LYS A 2311 62.09 -3.22 35.02
N ILE A 2312 61.71 -2.64 36.15
CA ILE A 2312 61.01 -3.44 37.20
C ILE A 2312 59.64 -2.81 37.49
N SER A 2313 58.58 -3.62 37.45
CA SER A 2313 57.24 -3.11 37.85
C SER A 2313 57.33 -2.72 39.32
N LEU A 2314 58.04 -3.52 40.13
CA LEU A 2314 58.28 -3.19 41.57
C LEU A 2314 57.07 -3.66 42.40
N LYS A 2315 57.14 -3.49 43.72
CA LYS A 2315 55.94 -3.80 44.54
C LYS A 2315 54.88 -2.75 44.15
N GLY A 2316 53.61 -3.16 44.02
CA GLY A 2316 52.62 -2.17 43.56
C GLY A 2316 52.40 -1.08 44.57
N SER A 2317 52.29 0.18 44.11
CA SER A 2317 51.93 1.28 45.03
C SER A 2317 50.52 0.98 45.53
N ASP A 2318 49.66 0.49 44.64
CA ASP A 2318 48.27 0.09 44.99
C ASP A 2318 48.32 -1.44 45.20
N GLY A 2319 49.52 -2.01 45.21
CA GLY A 2319 49.67 -3.48 45.27
C GLY A 2319 49.70 -4.04 43.86
N LYS A 2320 49.63 -3.18 42.84
CA LYS A 2320 49.80 -3.67 41.45
C LYS A 2320 51.11 -3.06 40.90
N PHE A 2321 52.03 -3.92 40.44
CA PHE A 2321 53.36 -3.43 39.96
C PHE A 2321 53.24 -2.65 38.67
N TYR A 2322 54.01 -1.56 38.51
CA TYR A 2322 54.04 -0.85 37.21
C TYR A 2322 55.48 -0.85 36.72
N ILE A 2323 55.74 -1.34 35.49
CA ILE A 2323 57.15 -1.48 35.04
C ILE A 2323 57.80 -0.10 34.86
N MET A 2324 59.04 0.07 35.34
CA MET A 2324 59.79 1.34 35.07
C MET A 2324 61.14 0.96 34.47
N MET A 2325 61.53 1.55 33.34
CA MET A 2325 62.80 1.12 32.69
C MET A 2325 63.77 2.30 32.59
N CYS A 2326 65.02 2.13 33.05
CA CYS A 2326 66.03 3.21 32.88
C CYS A 2326 66.32 3.35 31.37
N LYS A 2327 66.49 4.57 30.87
CA LYS A 2327 66.68 4.73 29.40
C LYS A 2327 68.01 5.43 29.11
N PRO A 2328 68.88 4.87 28.25
CA PRO A 2328 70.10 5.58 27.86
C PRO A 2328 69.75 6.73 26.93
N LYS A 2329 70.46 7.86 27.04
CA LYS A 2329 70.25 8.97 26.07
C LYS A 2329 68.77 9.37 26.05
N ASP A 2330 68.12 9.44 27.21
CA ASP A 2330 66.66 9.72 27.26
C ASP A 2330 66.42 11.10 27.88
N ASP A 2331 65.61 11.94 27.22
CA ASP A 2331 65.27 13.26 27.83
C ASP A 2331 63.83 13.22 28.33
N LEU A 2332 63.64 13.46 29.63
CA LEU A 2332 62.28 13.48 30.23
C LEU A 2332 61.47 14.63 29.63
N ARG A 2333 62.09 15.78 29.39
CA ARG A 2333 61.33 16.97 28.91
C ARG A 2333 60.69 16.71 27.54
N LYS A 2334 61.41 16.04 26.63
CA LYS A 2334 60.79 15.71 25.33
C LYS A 2334 59.58 14.79 25.60
N ASP A 2335 59.76 13.83 26.51
CA ASP A 2335 58.66 12.90 26.86
C ASP A 2335 57.50 13.70 27.47
N CYS A 2336 57.81 14.68 28.33
CA CYS A 2336 56.75 15.45 29.02
C CYS A 2336 55.91 16.23 28.01
N ARG A 2337 56.56 16.82 27.00
CA ARG A 2337 55.81 17.56 25.96
C ARG A 2337 54.90 16.57 25.23
N LEU A 2338 55.44 15.38 24.94
CA LEU A 2338 54.63 14.33 24.25
C LEU A 2338 53.46 13.95 25.15
N MET A 2339 53.72 13.82 26.46
CA MET A 2339 52.66 13.42 27.42
C MET A 2339 51.56 14.49 27.43
N GLU A 2340 51.96 15.76 27.39
CA GLU A 2340 50.97 16.86 27.42
C GLU A 2340 50.11 16.76 26.17
N PHE A 2341 50.75 16.46 25.03
CA PHE A 2341 49.99 16.31 23.75
C PHE A 2341 49.03 15.14 23.89
N ASN A 2342 49.50 14.06 24.52
CA ASN A 2342 48.65 12.85 24.70
C ASN A 2342 47.45 13.23 25.57
N SER A 2343 47.69 14.03 26.61
CA SER A 2343 46.60 14.46 27.51
C SER A 2343 45.59 15.28 26.70
N LEU A 2344 46.10 16.14 25.82
CA LEU A 2344 45.21 16.97 24.96
C LEU A 2344 44.40 16.02 24.06
N ILE A 2345 45.04 14.98 23.55
CA ILE A 2345 44.34 14.03 22.64
C ILE A 2345 43.21 13.35 23.42
N ASN A 2346 43.47 12.98 24.67
CA ASN A 2346 42.43 12.35 25.52
C ASN A 2346 41.30 13.36 25.71
N LYS A 2347 41.67 14.62 25.94
CA LYS A 2347 40.65 15.68 26.15
C LYS A 2347 39.81 15.81 24.88
N CYS A 2348 40.46 15.74 23.71
CA CYS A 2348 39.74 15.85 22.42
C CYS A 2348 38.76 14.67 22.27
N LEU A 2349 39.18 13.47 22.66
CA LEU A 2349 38.29 12.29 22.56
C LEU A 2349 37.08 12.54 23.46
N ARG A 2350 37.33 13.09 24.66
CA ARG A 2350 36.22 13.45 25.57
C ARG A 2350 35.38 14.53 24.90
N LYS A 2351 36.02 15.47 24.21
CA LYS A 2351 35.31 16.62 23.59
C LYS A 2351 34.32 16.14 22.52
N ASP A 2352 34.67 15.15 21.72
CA ASP A 2352 33.79 14.76 20.59
C ASP A 2352 33.09 13.42 20.86
N ALA A 2353 31.77 13.36 20.67
CA ALA A 2353 31.04 12.09 20.83
C ALA A 2353 31.56 11.10 19.78
N GLU A 2354 31.80 11.59 18.56
CA GLU A 2354 32.41 10.73 17.51
C GLU A 2354 33.80 10.32 17.99
N SER A 2355 34.52 11.26 18.62
CA SER A 2355 35.88 10.95 19.15
C SER A 2355 35.76 9.87 20.22
N ARG A 2356 34.73 9.93 21.07
CA ARG A 2356 34.50 8.89 22.09
C ARG A 2356 34.22 7.57 21.37
N ARG A 2357 33.47 7.61 20.27
CA ARG A 2357 33.19 6.39 19.49
C ARG A 2357 34.52 5.85 18.97
N ARG A 2358 35.40 6.74 18.52
CA ARG A 2358 36.76 6.32 18.09
C ARG A 2358 37.46 5.75 19.33
N GLU A 2359 37.27 6.40 20.48
CA GLU A 2359 37.90 5.95 21.75
C GLU A 2359 39.42 5.95 21.57
N LEU A 2360 39.96 6.92 20.83
CA LEU A 2360 41.44 7.01 20.69
C LEU A 2360 42.05 7.34 22.08
N HIS A 2361 43.16 6.68 22.41
CA HIS A 2361 43.85 6.95 23.70
C HIS A 2361 45.37 6.91 23.49
N ILE A 2362 46.13 7.59 24.35
CA ILE A 2362 47.61 7.48 24.26
C ILE A 2362 48.10 6.78 25.53
N ARG A 2363 48.85 5.69 25.39
CA ARG A 2363 49.32 4.90 26.56
C ARG A 2363 50.71 5.39 27.02
N THR A 2364 51.30 6.37 26.35
CA THR A 2364 52.69 6.78 26.67
C THR A 2364 52.79 7.34 28.07
N TYR A 2365 53.88 7.00 28.78
CA TYR A 2365 54.13 7.56 30.14
C TYR A 2365 55.45 8.32 30.10
N ALA A 2366 55.49 9.55 30.60
CA ALA A 2366 56.72 10.37 30.50
C ALA A 2366 57.87 9.75 31.29
N VAL A 2367 59.08 9.80 30.73
CA VAL A 2367 60.29 9.28 31.43
C VAL A 2367 60.57 10.16 32.65
N ILE A 2368 61.01 9.57 33.77
CA ILE A 2368 61.39 10.41 34.94
C ILE A 2368 62.58 11.30 34.56
N PRO A 2369 62.61 12.59 34.96
CA PRO A 2369 63.72 13.46 34.62
C PRO A 2369 65.04 13.15 35.32
N LEU A 2370 66.16 13.23 34.57
CA LEU A 2370 67.51 13.06 35.19
C LEU A 2370 68.44 14.11 34.57
N ASN A 2371 69.45 14.58 35.30
CA ASN A 2371 70.44 15.50 34.65
C ASN A 2371 71.11 14.70 33.54
N ASP A 2372 71.43 13.44 33.84
CA ASP A 2372 71.98 12.52 32.80
C ASP A 2372 70.80 12.14 31.88
N GLU A 2373 71.07 11.66 30.68
CA GLU A 2373 69.92 11.39 29.78
C GLU A 2373 69.37 10.01 30.17
N CYS A 2374 68.67 9.96 31.31
CA CYS A 2374 68.05 8.70 31.78
C CYS A 2374 66.55 8.96 31.97
N GLY A 2375 65.70 8.07 31.45
CA GLY A 2375 64.24 8.23 31.58
C GLY A 2375 63.61 6.92 32.00
N ILE A 2376 62.43 6.96 32.63
CA ILE A 2376 61.80 5.71 33.14
C ILE A 2376 60.61 5.37 32.23
N ILE A 2377 60.57 4.15 31.70
CA ILE A 2377 59.50 3.81 30.71
C ILE A 2377 58.61 2.67 31.21
N GLU A 2378 57.29 2.86 31.17
CA GLU A 2378 56.35 1.76 31.50
C GLU A 2378 56.40 0.73 30.36
N TRP A 2379 56.15 -0.54 30.66
CA TRP A 2379 56.09 -1.54 29.57
C TRP A 2379 54.64 -1.93 29.33
N VAL A 2380 54.17 -1.80 28.08
CA VAL A 2380 52.74 -2.11 27.74
C VAL A 2380 52.48 -3.61 27.87
N ASN A 2381 51.26 -4.00 28.29
CA ASN A 2381 50.94 -5.44 28.30
C ASN A 2381 50.98 -5.95 26.86
N ASN A 2382 51.58 -7.12 26.63
CA ASN A 2382 51.70 -7.68 25.26
C ASN A 2382 52.42 -6.66 24.38
N THR A 2383 53.38 -5.93 24.95
CA THR A 2383 54.14 -4.94 24.17
C THR A 2383 55.01 -5.69 23.18
N ALA A 2384 55.09 -5.22 21.93
CA ALA A 2384 56.02 -5.83 20.96
C ALA A 2384 56.63 -4.73 20.11
N GLY A 2385 57.86 -4.91 19.62
CA GLY A 2385 58.39 -3.91 18.67
C GLY A 2385 57.55 -4.03 17.41
N LEU A 2386 57.21 -2.93 16.75
CA LEU A 2386 56.47 -3.12 15.47
C LEU A 2386 57.41 -3.86 14.50
N ARG A 2387 58.69 -3.48 14.48
CA ARG A 2387 59.69 -4.19 13.64
C ARG A 2387 59.79 -5.64 14.17
N PRO A 2388 59.79 -5.84 15.50
CA PRO A 2388 59.92 -7.18 16.05
C PRO A 2388 58.73 -8.03 15.63
N ILE A 2389 57.54 -7.45 15.63
CA ILE A 2389 56.31 -8.19 15.21
C ILE A 2389 56.51 -8.57 13.74
N LEU A 2390 57.06 -7.65 12.95
CA LEU A 2390 57.33 -7.95 11.52
C LEU A 2390 58.34 -9.10 11.45
N THR A 2391 59.34 -9.08 12.34
CA THR A 2391 60.36 -10.14 12.37
C THR A 2391 59.69 -11.46 12.69
N LYS A 2392 58.74 -11.43 13.62
CA LYS A 2392 58.00 -12.66 14.00
C LYS A 2392 57.23 -13.17 12.78
N LEU A 2393 56.62 -12.24 12.02
CA LEU A 2393 55.89 -12.63 10.80
C LEU A 2393 56.89 -13.24 9.81
N TYR A 2394 58.09 -12.66 9.72
CA TYR A 2394 59.14 -13.18 8.80
C TYR A 2394 59.50 -14.58 9.23
N LYS A 2395 59.60 -14.80 10.55
CA LYS A 2395 59.92 -16.15 11.09
C LYS A 2395 58.80 -17.11 10.69
N GLU A 2396 57.55 -16.67 10.79
CA GLU A 2396 56.39 -17.53 10.44
C GLU A 2396 56.50 -17.89 8.95
N LYS A 2397 56.86 -16.91 8.12
CA LYS A 2397 57.08 -17.17 6.67
C LYS A 2397 58.25 -18.15 6.56
N GLY A 2398 59.26 -17.97 7.40
CA GLY A 2398 60.49 -18.78 7.28
C GLY A 2398 61.39 -18.13 6.25
N VAL A 2399 60.95 -16.99 5.71
CA VAL A 2399 61.82 -16.24 4.76
C VAL A 2399 63.03 -15.69 5.55
N TYR A 2400 64.22 -15.75 4.95
CA TYR A 2400 65.43 -15.19 5.62
C TYR A 2400 66.11 -14.19 4.68
N MET A 2401 66.50 -13.03 5.20
CA MET A 2401 67.27 -12.08 4.35
C MET A 2401 68.68 -11.94 4.92
N THR A 2402 69.70 -12.17 4.11
CA THR A 2402 71.11 -11.99 4.56
C THR A 2402 71.34 -10.51 4.77
N GLY A 2403 72.14 -10.14 5.77
CA GLY A 2403 72.47 -8.71 5.90
C GLY A 2403 73.23 -8.25 4.68
N LYS A 2404 74.17 -9.06 4.18
CA LYS A 2404 74.89 -8.73 2.93
C LYS A 2404 73.89 -8.70 1.77
N GLU A 2405 72.95 -9.64 1.76
CA GLU A 2405 71.91 -9.69 0.68
C GLU A 2405 71.08 -8.40 0.79
N LEU A 2406 70.78 -7.98 2.01
CA LEU A 2406 69.99 -6.75 2.23
C LEU A 2406 70.79 -5.56 1.68
N ARG A 2407 72.11 -5.56 1.89
CA ARG A 2407 72.97 -4.47 1.36
C ARG A 2407 72.89 -4.49 -0.18
N GLN A 2408 72.91 -5.68 -0.79
CA GLN A 2408 72.80 -5.79 -2.26
C GLN A 2408 71.44 -5.23 -2.70
N CYS A 2409 70.39 -5.56 -1.95
CA CYS A 2409 69.04 -5.02 -2.24
C CYS A 2409 69.08 -3.50 -2.06
N MET A 2410 69.80 -3.02 -1.05
CA MET A 2410 69.84 -1.58 -0.73
C MET A 2410 70.46 -0.80 -1.89
N LEU A 2411 69.93 0.40 -2.15
CA LEU A 2411 70.44 1.26 -3.25
C LEU A 2411 71.01 2.54 -2.62
N PRO A 2412 72.23 2.98 -3.02
CA PRO A 2412 72.85 4.13 -2.38
C PRO A 2412 72.15 5.44 -2.66
N LYS A 2413 72.30 6.42 -1.76
CA LYS A 2413 71.72 7.76 -2.01
C LYS A 2413 72.40 8.26 -3.29
N SER A 2414 73.70 7.99 -3.43
CA SER A 2414 74.43 8.33 -4.68
C SER A 2414 73.77 7.55 -5.82
N ALA A 2415 73.38 6.30 -5.58
CA ALA A 2415 72.73 5.46 -6.60
C ALA A 2415 71.40 6.11 -6.99
N ALA A 2416 71.00 5.98 -8.25
CA ALA A 2416 69.79 6.71 -8.73
C ALA A 2416 68.54 6.27 -7.97
N LEU A 2417 67.68 7.23 -7.65
CA LEU A 2417 66.43 6.94 -6.90
C LEU A 2417 65.54 6.00 -7.72
N SER A 2418 65.47 6.22 -9.03
CA SER A 2418 64.65 5.36 -9.91
C SER A 2418 65.21 3.93 -9.84
N GLU A 2419 66.54 3.80 -9.85
CA GLU A 2419 67.16 2.45 -9.72
C GLU A 2419 66.78 1.86 -8.36
N LYS A 2420 66.79 2.68 -7.31
CA LYS A 2420 66.42 2.22 -5.96
C LYS A 2420 64.94 1.78 -5.97
N LEU A 2421 64.09 2.54 -6.67
CA LEU A 2421 62.65 2.20 -6.77
C LEU A 2421 62.52 0.85 -7.48
N LYS A 2422 63.33 0.62 -8.50
CA LYS A 2422 63.31 -0.68 -9.22
C LYS A 2422 63.72 -1.79 -8.24
N VAL A 2423 64.71 -1.50 -7.40
CA VAL A 2423 65.18 -2.51 -6.39
C VAL A 2423 64.01 -2.80 -5.43
N PHE A 2424 63.27 -1.78 -5.01
CA PHE A 2424 62.08 -2.02 -4.15
C PHE A 2424 61.06 -2.83 -4.94
N ARG A 2425 60.90 -2.49 -6.22
CA ARG A 2425 59.88 -3.18 -7.07
C ARG A 2425 60.23 -4.66 -7.25
N GLU A 2426 61.51 -4.99 -7.42
CA GLU A 2426 61.90 -6.39 -7.73
C GLU A 2426 62.81 -6.95 -6.64
N PHE A 2427 62.51 -8.16 -6.15
CA PHE A 2427 63.32 -8.79 -5.06
C PHE A 2427 62.97 -8.13 -3.72
N LEU A 2428 63.09 -6.81 -3.59
CA LEU A 2428 62.66 -6.19 -2.32
C LEU A 2428 61.15 -6.43 -2.13
N LEU A 2429 60.38 -6.29 -3.22
CA LEU A 2429 58.92 -6.57 -3.16
C LEU A 2429 58.71 -8.05 -2.81
N PRO A 2430 59.51 -8.96 -3.39
CA PRO A 2430 59.40 -10.37 -3.07
C PRO A 2430 59.71 -10.60 -1.61
N ARG A 2431 60.72 -9.89 -1.09
CA ARG A 2431 61.17 -10.13 0.30
C ARG A 2431 60.04 -9.82 1.29
N HIS A 2432 59.26 -8.76 1.06
CA HIS A 2432 58.23 -8.45 2.08
C HIS A 2432 56.82 -8.69 1.52
N PRO A 2433 56.01 -9.54 2.17
CA PRO A 2433 54.62 -9.72 1.76
C PRO A 2433 53.94 -9.43 3.07
N PRO A 2434 52.87 -8.60 3.12
CA PRO A 2434 52.34 -8.27 4.44
C PRO A 2434 51.79 -9.49 5.14
N ILE A 2435 52.16 -9.69 6.41
CA ILE A 2435 51.60 -10.82 7.21
C ILE A 2435 50.69 -10.24 8.30
N PHE A 2436 50.39 -8.94 8.26
CA PHE A 2436 49.65 -8.31 9.38
C PHE A 2436 48.26 -8.93 9.50
N HIS A 2437 47.59 -9.21 8.39
CA HIS A 2437 46.20 -9.73 8.53
C HIS A 2437 46.27 -11.06 9.28
N GLU A 2438 47.25 -11.89 8.93
CA GLU A 2438 47.43 -13.18 9.64
C GLU A 2438 47.79 -12.89 11.11
N TRP A 2439 48.63 -11.89 11.34
CA TRP A 2439 49.07 -11.56 12.71
C TRP A 2439 47.87 -11.13 13.55
N PHE A 2440 46.97 -10.35 12.95
CA PHE A 2440 45.77 -9.88 13.68
C PHE A 2440 44.92 -11.07 14.06
N LEU A 2441 44.79 -12.03 13.15
CA LEU A 2441 44.00 -13.25 13.44
C LEU A 2441 44.68 -13.99 14.59
N ARG A 2442 46.02 -14.05 14.57
CA ARG A 2442 46.77 -14.69 15.67
C ARG A 2442 46.53 -13.89 16.96
N THR A 2443 46.49 -12.56 16.86
CA THR A 2443 46.40 -11.72 18.07
C THR A 2443 45.10 -11.99 18.81
N PHE A 2444 43.98 -12.14 18.10
CA PHE A 2444 42.75 -12.50 18.86
C PHE A 2444 42.21 -13.83 18.38
N PRO A 2445 42.09 -14.84 19.27
CA PRO A 2445 41.47 -16.09 18.85
C PRO A 2445 40.01 -15.87 18.49
N ASP A 2446 39.32 -15.06 19.29
CA ASP A 2446 37.86 -14.85 19.07
C ASP A 2446 37.63 -14.11 17.76
N PRO A 2447 36.59 -14.45 16.97
CA PRO A 2447 36.29 -13.66 15.79
C PRO A 2447 35.93 -12.28 16.32
N THR A 2448 35.18 -12.25 17.42
CA THR A 2448 34.77 -10.97 18.02
C THR A 2448 36.00 -10.25 18.51
N SER A 2449 36.93 -10.99 19.10
CA SER A 2449 38.18 -10.37 19.60
C SER A 2449 38.95 -9.79 18.40
N TRP A 2450 38.97 -10.52 17.29
CA TRP A 2450 39.66 -10.04 16.07
C TRP A 2450 39.00 -8.76 15.57
N TYR A 2451 37.66 -8.72 15.59
CA TYR A 2451 36.93 -7.52 15.13
C TYR A 2451 37.28 -6.35 16.04
N SER A 2452 37.34 -6.61 17.34
CA SER A 2452 37.73 -5.55 18.30
C SER A 2452 39.16 -5.11 18.00
N SER A 2453 40.03 -6.07 17.70
CA SER A 2453 41.45 -5.76 17.38
C SER A 2453 41.50 -4.90 16.12
N ARG A 2454 40.66 -5.21 15.13
CA ARG A 2454 40.66 -4.46 13.85
C ARG A 2454 40.29 -3.00 14.14
N SER A 2455 39.30 -2.78 15.01
CA SER A 2455 38.92 -1.40 15.38
C SER A 2455 40.11 -0.73 16.09
N ALA A 2456 40.80 -1.48 16.95
CA ALA A 2456 41.98 -0.94 17.66
C ALA A 2456 43.05 -0.59 16.63
N TYR A 2457 43.20 -1.45 15.62
CA TYR A 2457 44.20 -1.21 14.54
C TYR A 2457 43.82 0.07 13.81
N CYS A 2458 42.52 0.26 13.58
CA CYS A 2458 42.06 1.47 12.84
C CYS A 2458 42.43 2.70 13.68
N ARG A 2459 42.24 2.63 15.00
CA ARG A 2459 42.66 3.75 15.88
C ARG A 2459 44.19 3.88 15.79
N SER A 2460 44.89 2.75 15.76
CA SER A 2460 46.38 2.75 15.74
C SER A 2460 46.88 3.37 14.44
N THR A 2461 47.98 4.12 14.49
CA THR A 2461 48.58 4.73 13.27
C THR A 2461 47.75 5.91 12.82
N ALA A 2462 46.44 5.72 12.63
CA ALA A 2462 45.58 6.80 12.12
C ALA A 2462 45.58 7.95 13.11
N VAL A 2463 45.56 7.65 14.41
CA VAL A 2463 45.63 8.73 15.43
C VAL A 2463 46.97 9.48 15.32
N MET A 2464 48.07 8.76 15.13
CA MET A 2464 49.39 9.41 14.93
C MET A 2464 49.31 10.23 13.64
N SER A 2465 48.69 9.67 12.61
CA SER A 2465 48.52 10.36 11.31
C SER A 2465 47.67 11.61 11.55
N MET A 2466 46.66 11.50 12.40
CA MET A 2466 45.75 12.64 12.67
C MET A 2466 46.60 13.76 13.28
N VAL A 2467 47.54 13.43 14.16
CA VAL A 2467 48.44 14.51 14.66
C VAL A 2467 49.21 15.05 13.46
N GLY A 2468 49.68 14.17 12.56
CA GLY A 2468 50.29 14.65 11.31
C GLY A 2468 51.45 15.61 11.53
N TYR A 2469 51.40 16.77 10.88
CA TYR A 2469 52.46 17.82 11.05
C TYR A 2469 52.44 18.22 12.50
N ILE A 2470 51.24 18.31 13.07
CA ILE A 2470 51.11 18.63 14.52
C ILE A 2470 51.82 17.51 15.29
N LEU A 2471 51.68 16.26 14.84
CA LEU A 2471 52.45 15.17 15.50
C LEU A 2471 53.93 15.49 15.34
N GLY A 2472 54.33 15.97 14.16
CA GLY A 2472 55.72 16.40 13.97
C GLY A 2472 56.65 15.25 14.32
N LEU A 2473 56.30 14.03 13.93
CA LEU A 2473 57.23 12.90 14.17
C LEU A 2473 58.50 13.12 13.34
N GLY A 2474 59.67 12.83 13.90
CA GLY A 2474 60.91 12.93 13.12
C GLY A 2474 61.62 11.59 13.06
N ASP A 2475 61.97 11.13 11.86
CA ASP A 2475 62.72 9.85 11.72
C ASP A 2475 61.92 8.71 12.36
N ARG A 2476 60.59 8.74 12.21
CA ARG A 2476 59.74 7.66 12.76
C ARG A 2476 60.08 6.34 12.04
N HIS A 2477 60.13 5.23 12.77
CA HIS A 2477 60.44 3.91 12.17
C HIS A 2477 59.50 2.86 12.73
N GLY A 2478 59.27 1.78 11.98
CA GLY A 2478 58.46 0.67 12.53
C GLY A 2478 59.19 0.12 13.74
N GLU A 2479 60.51 -0.01 13.64
CA GLU A 2479 61.32 -0.43 14.82
C GLU A 2479 61.15 0.64 15.89
N ASN A 2480 61.12 1.91 15.49
CA ASN A 2480 61.07 3.03 16.48
C ASN A 2480 59.79 2.94 17.32
N ILE A 2481 58.64 2.60 16.73
CA ILE A 2481 57.38 2.62 17.53
C ILE A 2481 56.91 1.18 17.77
N LEU A 2482 56.76 0.78 19.02
CA LEU A 2482 56.30 -0.60 19.37
C LEU A 2482 54.80 -0.79 19.10
N PHE A 2483 54.39 -1.97 18.63
CA PHE A 2483 52.94 -2.26 18.47
C PHE A 2483 52.59 -3.38 19.45
N ASP A 2484 51.55 -3.21 20.26
CA ASP A 2484 51.26 -4.23 21.32
C ASP A 2484 49.99 -5.00 20.97
N SER A 2485 50.07 -6.34 20.97
CA SER A 2485 48.91 -7.18 20.60
C SER A 2485 47.75 -7.00 21.58
N LEU A 2486 48.04 -6.91 22.89
CA LEU A 2486 46.92 -6.83 23.86
C LEU A 2486 46.12 -5.56 23.58
N THR A 2487 46.82 -4.45 23.30
CA THR A 2487 46.11 -3.21 22.92
C THR A 2487 45.39 -3.45 21.63
N GLY A 2488 46.03 -4.17 20.69
CA GLY A 2488 45.46 -4.38 19.36
C GLY A 2488 45.72 -3.16 18.50
N GLU A 2489 46.46 -2.18 19.04
CA GLU A 2489 46.82 -0.97 18.25
C GLU A 2489 48.34 -0.76 18.28
N CYS A 2490 48.97 -0.53 17.13
CA CYS A 2490 50.42 -0.19 17.11
C CYS A 2490 50.60 1.17 17.79
N VAL A 2491 51.68 1.36 18.56
CA VAL A 2491 51.85 2.63 19.33
C VAL A 2491 53.15 3.33 18.90
N HIS A 2492 53.09 4.64 18.62
CA HIS A 2492 54.35 5.37 18.31
C HIS A 2492 55.19 5.31 19.59
N VAL A 2493 56.50 5.11 19.46
CA VAL A 2493 57.31 4.91 20.70
C VAL A 2493 58.38 6.01 20.84
N ASP A 2494 58.44 6.65 22.02
CA ASP A 2494 59.50 7.65 22.34
C ASP A 2494 59.06 9.07 22.00
N PHE A 2495 59.66 10.07 22.66
CA PHE A 2495 59.39 11.50 22.35
C PHE A 2495 60.53 12.00 21.48
N ASN A 2496 61.43 11.10 21.08
CA ASN A 2496 62.64 11.51 20.32
C ASN A 2496 62.23 12.16 19.00
N CYS A 2497 61.20 11.62 18.33
CA CYS A 2497 60.84 12.16 17.00
C CYS A 2497 60.44 13.64 17.18
N LEU A 2498 60.90 14.51 16.28
CA LEU A 2498 60.60 15.96 16.38
C LEU A 2498 60.26 16.46 14.97
N PHE A 2499 59.49 17.55 14.85
CA PHE A 2499 59.15 17.94 13.46
C PHE A 2499 60.45 18.28 12.76
N ASN A 2500 60.64 17.79 11.53
CA ASN A 2500 61.86 18.08 10.73
C ASN A 2500 63.02 17.19 11.22
N LYS A 2501 62.75 16.27 12.15
CA LYS A 2501 63.81 15.32 12.61
C LYS A 2501 64.19 14.45 11.41
N GLY A 2502 63.21 14.04 10.60
CA GLY A 2502 63.49 13.27 9.38
C GLY A 2502 64.34 14.09 8.44
N GLU A 2503 64.05 15.39 8.34
CA GLU A 2503 64.86 16.29 7.48
C GLU A 2503 66.29 16.31 8.04
N THR A 2504 66.43 16.31 9.37
CA THR A 2504 67.76 16.27 9.99
C THR A 2504 68.40 14.96 9.57
N PHE A 2505 67.60 13.88 9.54
CA PHE A 2505 68.11 12.56 9.10
C PHE A 2505 68.52 12.68 7.64
N GLU A 2506 69.56 11.94 7.24
CA GLU A 2506 70.10 12.10 5.85
C GLU A 2506 69.00 11.74 4.85
N VAL A 2507 68.21 10.70 5.13
CA VAL A 2507 67.07 10.39 4.22
C VAL A 2507 65.76 10.71 4.96
N PRO A 2508 64.86 11.53 4.38
CA PRO A 2508 63.59 11.85 5.03
C PRO A 2508 62.42 11.47 4.14
N GLU A 2509 61.42 10.77 4.69
CA GLU A 2509 60.20 10.46 3.90
C GLU A 2509 59.00 11.17 4.55
N ILE A 2510 58.22 11.91 3.76
CA ILE A 2510 57.06 12.67 4.30
C ILE A 2510 56.03 11.70 4.88
N VAL A 2511 55.80 10.57 4.22
CA VAL A 2511 54.74 9.62 4.67
C VAL A 2511 55.11 9.07 6.04
N PRO A 2512 54.13 8.88 6.95
CA PRO A 2512 54.39 8.37 8.29
C PRO A 2512 53.36 7.30 8.58
N PHE A 2513 53.66 6.36 9.49
CA PHE A 2513 52.70 5.25 9.72
C PHE A 2513 52.46 4.57 8.37
N ARG A 2514 53.54 4.34 7.61
CA ARG A 2514 53.37 3.81 6.23
C ARG A 2514 52.69 2.44 6.23
N LEU A 2515 51.81 2.21 5.26
CA LEU A 2515 51.05 0.94 5.15
C LEU A 2515 51.80 -0.03 4.24
N THR A 2516 53.00 0.34 3.80
CA THR A 2516 53.71 -0.52 2.83
C THR A 2516 54.00 -1.86 3.47
N HIS A 2517 53.97 -2.93 2.67
CA HIS A 2517 54.22 -4.31 3.21
C HIS A 2517 53.18 -4.71 4.25
N ASN A 2518 53.61 -5.10 5.46
CA ASN A 2518 52.70 -5.69 6.48
C ASN A 2518 51.58 -4.72 6.88
N MET A 2519 51.85 -3.41 6.95
CA MET A 2519 50.81 -2.48 7.45
C MET A 2519 49.59 -2.59 6.52
N VAL A 2520 49.82 -2.76 5.23
CA VAL A 2520 48.71 -2.90 4.24
C VAL A 2520 47.91 -4.17 4.59
N ASN A 2521 48.59 -5.25 5.00
CA ASN A 2521 47.90 -6.50 5.41
C ASN A 2521 47.02 -6.17 6.62
N GLY A 2522 47.52 -5.33 7.53
CA GLY A 2522 46.72 -4.92 8.69
C GLY A 2522 45.48 -4.17 8.21
N MET A 2523 45.62 -3.34 7.18
CA MET A 2523 44.44 -2.66 6.60
C MET A 2523 43.50 -3.73 6.04
N GLY A 2524 44.06 -4.76 5.40
CA GLY A 2524 43.24 -5.87 4.88
C GLY A 2524 42.19 -5.38 3.90
N PRO A 2525 40.91 -5.75 4.07
CA PRO A 2525 39.89 -5.36 3.10
C PRO A 2525 39.82 -3.85 3.11
N MET A 2526 39.91 -3.27 4.29
CA MET A 2526 39.90 -1.79 4.40
C MET A 2526 41.15 -1.25 3.68
N GLY A 2527 41.02 -0.12 2.98
CA GLY A 2527 42.15 0.40 2.20
C GLY A 2527 43.30 0.78 3.13
N THR A 2528 44.54 0.51 2.69
CA THR A 2528 45.71 0.77 3.56
C THR A 2528 45.76 2.26 3.84
N GLU A 2529 45.47 3.09 2.84
CA GLU A 2529 45.40 4.56 3.09
C GLU A 2529 43.95 5.00 2.91
N GLY A 2530 43.38 5.67 3.91
CA GLY A 2530 41.98 6.12 3.84
C GLY A 2530 41.06 5.04 4.38
N LEU A 2531 39.82 5.40 4.72
CA LEU A 2531 38.82 4.43 5.25
C LEU A 2531 39.23 4.04 6.67
N PHE A 2532 40.44 3.50 6.85
CA PHE A 2532 40.96 3.21 8.21
C PHE A 2532 41.07 4.53 8.92
N ARG A 2533 41.54 5.55 8.20
CA ARG A 2533 41.59 6.90 8.81
C ARG A 2533 40.13 7.29 9.12
N ARG A 2534 39.21 7.00 8.20
CA ARG A 2534 37.78 7.22 8.52
C ARG A 2534 37.56 8.67 8.93
N ALA A 2535 36.88 8.88 10.07
CA ALA A 2535 36.56 10.23 10.57
C ALA A 2535 37.70 10.76 11.43
N CYS A 2536 38.78 9.98 11.59
CA CYS A 2536 39.91 10.39 12.46
C CYS A 2536 40.52 11.68 11.88
N GLU A 2537 40.61 11.78 10.56
CA GLU A 2537 41.10 13.03 9.93
C GLU A 2537 40.13 14.15 10.30
N VAL A 2538 38.83 13.86 10.28
CA VAL A 2538 37.79 14.87 10.68
C VAL A 2538 38.05 15.23 12.16
N THR A 2539 38.39 14.24 12.98
CA THR A 2539 38.69 14.48 14.40
C THR A 2539 39.89 15.38 14.46
N MET A 2540 40.86 15.18 13.57
CA MET A 2540 42.06 16.05 13.51
C MET A 2540 41.61 17.47 13.17
N ARG A 2541 40.63 17.61 12.28
CA ARG A 2541 40.08 18.96 11.94
C ARG A 2541 39.44 19.55 13.20
N LEU A 2542 38.74 18.74 14.00
CA LEU A 2542 38.17 19.20 15.28
C LEU A 2542 39.34 19.61 16.18
N MET A 2543 40.42 18.83 16.12
CA MET A 2543 41.64 19.15 16.89
C MET A 2543 42.15 20.50 16.39
N ARG A 2544 42.06 20.75 15.09
CA ARG A 2544 42.49 22.04 14.49
C ARG A 2544 41.63 23.17 15.07
N ASP A 2545 40.34 22.91 15.28
CA ASP A 2545 39.45 23.94 15.88
C ASP A 2545 39.97 24.28 17.28
N GLN A 2546 40.42 23.27 18.04
CA GLN A 2546 41.00 23.49 19.39
C GLN A 2546 42.50 23.73 19.23
N ARG A 2547 42.99 23.72 17.99
CA ARG A 2547 44.45 23.79 17.72
C ARG A 2547 45.05 25.11 18.23
N GLU A 2548 44.36 26.24 18.10
CA GLU A 2548 45.02 27.50 18.48
C GLU A 2548 45.40 27.46 19.96
N PRO A 2549 44.55 26.96 20.88
CA PRO A 2549 44.97 26.85 22.27
C PRO A 2549 46.13 25.88 22.36
N LEU A 2550 46.06 24.80 21.61
CA LEU A 2550 47.13 23.77 21.62
C LEU A 2550 48.43 24.40 21.11
N MET A 2551 48.34 25.26 20.09
CA MET A 2551 49.55 25.88 19.48
C MET A 2551 50.27 26.74 20.51
N SER A 2552 49.53 27.46 21.36
CA SER A 2552 50.21 28.24 22.42
C SER A 2552 50.94 27.25 23.34
N VAL A 2553 50.29 26.13 23.66
CA VAL A 2553 50.96 25.08 24.47
C VAL A 2553 52.16 24.57 23.67
N LEU A 2554 51.99 24.41 22.37
CA LEU A 2554 53.07 23.86 21.49
C LEU A 2554 54.27 24.81 21.53
N LYS A 2555 54.01 26.13 21.50
CA LYS A 2555 55.12 27.11 21.50
C LYS A 2555 55.91 26.96 22.81
N THR A 2556 55.20 26.77 23.92
CA THR A 2556 55.88 26.57 25.22
C THR A 2556 56.69 25.30 25.15
N PHE A 2557 56.12 24.27 24.54
CA PHE A 2557 56.87 22.99 24.36
C PHE A 2557 58.08 23.22 23.47
N LEU A 2558 57.92 24.01 22.41
CA LEU A 2558 59.03 24.18 21.42
C LEU A 2558 60.25 24.81 22.09
N HIS A 2559 60.05 25.83 22.93
CA HIS A 2559 61.22 26.37 23.67
C HIS A 2559 60.96 26.31 25.17
N ASP A 2560 61.87 25.69 25.93
CA ASP A 2560 61.74 25.67 27.41
C ASP A 2560 63.03 26.27 27.97
N PRO A 2561 62.97 27.22 28.93
CA PRO A 2561 64.25 27.73 29.41
C PRO A 2561 64.94 26.53 30.04
N LEU A 2562 64.20 25.72 30.79
CA LEU A 2562 64.78 24.48 31.39
C LEU A 2562 65.20 23.48 30.30
N VAL A 2563 64.40 23.30 29.25
CA VAL A 2563 64.71 22.25 28.25
C VAL A 2563 64.82 22.85 26.84
N GLU A 2564 65.89 22.51 26.11
CA GLU A 2564 66.07 23.06 24.74
C GLU A 2564 65.82 21.92 23.74
N TRP A 2565 64.94 22.16 22.77
CA TRP A 2565 64.65 21.14 21.74
C TRP A 2565 65.94 20.87 20.97
N SER A 2566 66.68 21.94 20.68
CA SER A 2566 68.00 21.74 20.01
C SER A 2566 68.92 20.98 20.98
N LYS A 2567 69.73 20.05 20.46
CA LYS A 2567 70.59 19.23 21.35
C LYS A 2567 71.60 20.17 22.03
N PRO A 2568 71.92 19.97 23.33
CA PRO A 2568 72.84 20.89 23.99
C PRO A 2568 74.20 20.79 23.34
N VAL A 2569 74.86 21.93 23.14
CA VAL A 2569 76.23 21.93 22.56
C VAL A 2569 77.20 21.27 23.55
N LYS A 2570 78.15 20.47 23.07
CA LYS A 2570 79.18 19.89 23.96
C LYS A 2570 80.09 21.04 24.40
N GLY A 2571 80.69 20.97 25.59
CA GLY A 2571 81.47 22.13 26.05
C GLY A 2571 80.60 23.37 26.07
N HIS A 2572 79.37 23.22 26.57
CA HIS A 2572 78.39 24.35 26.56
C HIS A 2572 78.92 25.49 27.42
N SER A 2573 78.63 26.74 27.03
CA SER A 2573 79.20 27.91 27.74
C SER A 2573 78.74 27.96 29.20
N LYS A 2574 79.62 28.41 30.10
CA LYS A 2574 79.32 28.40 31.55
C LYS A 2574 78.11 29.30 31.86
N ALA A 2575 77.99 30.46 31.21
CA ALA A 2575 76.88 31.35 31.59
C ALA A 2575 75.55 30.63 31.31
N PRO A 2576 75.42 29.91 30.17
CA PRO A 2576 74.22 29.12 29.95
C PRO A 2576 74.12 28.02 31.00
N LEU A 2577 75.25 27.40 31.33
CA LEU A 2577 75.27 26.28 32.30
C LEU A 2577 74.83 26.77 33.69
N ASN A 2578 74.03 25.96 34.39
CA ASN A 2578 73.57 26.32 35.76
C ASN A 2578 72.42 27.32 35.59
N GLU A 2579 72.02 27.57 34.33
CA GLU A 2579 70.94 28.53 34.05
C GLU A 2579 69.87 27.84 33.20
N THR A 2580 69.60 28.36 32.00
CA THR A 2580 68.54 27.79 31.15
C THR A 2580 69.13 27.27 29.86
N GLY A 2581 68.83 26.02 29.48
CA GLY A 2581 69.28 25.48 28.18
C GLY A 2581 68.61 26.25 27.06
N GLU A 2582 69.33 26.47 25.95
CA GLU A 2582 68.76 27.34 24.89
C GLU A 2582 68.40 26.54 23.62
N VAL A 2583 67.17 26.71 23.14
CA VAL A 2583 66.73 26.06 21.87
C VAL A 2583 66.41 27.23 20.93
N VAL A 2584 66.87 27.20 19.68
CA VAL A 2584 66.68 28.42 18.84
C VAL A 2584 65.18 28.69 18.66
N ASN A 2585 64.78 29.96 18.82
CA ASN A 2585 63.36 30.36 18.62
C ASN A 2585 62.96 30.13 17.16
N GLU A 2586 63.86 30.45 16.22
CA GLU A 2586 63.49 30.40 14.79
C GLU A 2586 63.12 28.97 14.38
N LYS A 2587 63.85 27.96 14.86
CA LYS A 2587 63.50 26.59 14.41
C LYS A 2587 62.09 26.29 14.93
N ALA A 2588 61.81 26.69 16.17
CA ALA A 2588 60.45 26.47 16.74
C ALA A 2588 59.43 27.27 15.93
N LYS A 2589 59.78 28.49 15.54
CA LYS A 2589 58.86 29.37 14.77
C LYS A 2589 58.55 28.72 13.42
N THR A 2590 59.56 28.14 12.78
CA THR A 2590 59.36 27.47 11.48
C THR A 2590 58.41 26.31 11.71
N HIS A 2591 58.60 25.59 12.81
CA HIS A 2591 57.72 24.45 13.14
C HIS A 2591 56.30 24.99 13.36
N VAL A 2592 56.20 26.14 14.04
CA VAL A 2592 54.87 26.76 14.32
C VAL A 2592 54.21 27.12 12.98
N LEU A 2593 54.99 27.63 12.04
CA LEU A 2593 54.45 27.97 10.70
C LEU A 2593 53.95 26.69 10.05
N ASP A 2594 54.70 25.59 10.20
CA ASP A 2594 54.26 24.28 9.66
C ASP A 2594 52.96 23.87 10.35
N ILE A 2595 52.86 24.12 11.66
CA ILE A 2595 51.63 23.78 12.43
C ILE A 2595 50.48 24.61 11.86
N GLU A 2596 50.75 25.88 11.54
CA GLU A 2596 49.70 26.75 10.94
C GLU A 2596 49.30 26.15 9.60
N GLN A 2597 50.28 25.66 8.84
CA GLN A 2597 50.00 25.01 7.53
C GLN A 2597 49.13 23.77 7.77
N ARG A 2598 49.43 23.01 8.83
CA ARG A 2598 48.63 21.80 9.14
C ARG A 2598 47.20 22.25 9.47
N LEU A 2599 47.05 23.34 10.22
CA LEU A 2599 45.70 23.88 10.52
C LEU A 2599 45.06 24.30 9.20
N GLN A 2600 45.86 24.90 8.32
CA GLN A 2600 45.35 25.38 7.00
C GLN A 2600 44.86 24.19 6.18
N GLY A 2601 45.57 23.05 6.23
CA GLY A 2601 45.22 21.94 5.35
C GLY A 2601 45.86 22.17 3.98
N VAL A 2602 46.72 23.18 3.88
CA VAL A 2602 47.44 23.45 2.60
C VAL A 2602 48.87 22.92 2.77
N ILE A 2603 49.34 22.10 1.84
CA ILE A 2603 50.68 21.45 2.02
C ILE A 2603 51.80 22.50 2.03
N LYS A 2604 52.78 22.33 2.92
CA LYS A 2604 53.97 23.23 2.94
C LYS A 2604 54.72 23.06 1.62
N THR A 2605 54.80 21.83 1.11
CA THR A 2605 55.59 21.56 -0.10
C THR A 2605 54.99 22.35 -1.24
N ARG A 2606 55.84 22.90 -2.11
CA ARG A 2606 55.33 23.78 -3.19
C ARG A 2606 55.55 23.15 -4.57
N ASN A 2607 54.49 23.13 -5.39
CA ASN A 2607 54.60 22.63 -6.78
C ASN A 2607 54.92 23.83 -7.66
N ARG A 2608 55.14 25.00 -7.04
CA ARG A 2608 55.35 26.27 -7.80
C ARG A 2608 53.95 26.82 -8.12
N VAL A 2609 52.91 26.17 -7.59
CA VAL A 2609 51.51 26.64 -7.79
C VAL A 2609 50.95 26.99 -6.40
N THR A 2610 50.32 28.15 -6.26
CA THR A 2610 49.84 28.59 -4.93
C THR A 2610 48.35 28.38 -4.86
N GLY A 2611 47.87 27.70 -3.81
CA GLY A 2611 46.43 27.36 -3.71
C GLY A 2611 45.87 27.62 -2.34
N LEU A 2612 44.55 27.82 -2.26
CA LEU A 2612 43.87 28.03 -0.95
C LEU A 2612 44.04 26.74 -0.14
N PRO A 2613 44.15 26.81 1.20
CA PRO A 2613 44.45 25.60 1.95
C PRO A 2613 43.37 24.55 1.76
N LEU A 2614 43.79 23.30 1.60
CA LEU A 2614 42.83 22.20 1.31
C LEU A 2614 41.94 21.89 2.52
N SER A 2615 40.72 21.43 2.26
CA SER A 2615 39.80 21.03 3.37
C SER A 2615 40.45 19.85 4.08
N ILE A 2616 40.24 19.71 5.39
CA ILE A 2616 40.99 18.65 6.14
C ILE A 2616 40.62 17.27 5.59
N GLU A 2617 39.35 17.01 5.25
CA GLU A 2617 39.06 15.67 4.70
C GLU A 2617 39.82 15.48 3.37
N GLY A 2618 39.83 16.52 2.52
CA GLY A 2618 40.59 16.44 1.26
C GLY A 2618 42.07 16.30 1.54
N HIS A 2619 42.57 17.04 2.53
CA HIS A 2619 44.00 17.01 2.90
C HIS A 2619 44.33 15.59 3.36
N VAL A 2620 43.42 14.99 4.13
CA VAL A 2620 43.65 13.61 4.64
C VAL A 2620 43.76 12.65 3.46
N HIS A 2621 42.91 12.84 2.44
CA HIS A 2621 42.98 11.97 1.23
C HIS A 2621 44.34 12.19 0.56
N TYR A 2622 44.78 13.44 0.51
CA TYR A 2622 46.11 13.76 -0.08
C TYR A 2622 47.18 13.09 0.76
N LEU A 2623 47.02 13.13 2.08
CA LEU A 2623 48.00 12.52 3.00
C LEU A 2623 48.03 11.01 2.75
N ILE A 2624 46.86 10.40 2.54
CA ILE A 2624 46.77 8.94 2.26
C ILE A 2624 47.53 8.68 0.95
N GLN A 2625 47.34 9.57 -0.02
CA GLN A 2625 48.07 9.43 -1.31
C GLN A 2625 49.57 9.58 -1.02
N GLU A 2626 49.93 10.50 -0.13
CA GLU A 2626 51.36 10.73 0.19
C GLU A 2626 51.94 9.46 0.80
N ALA A 2627 51.16 8.81 1.68
CA ALA A 2627 51.64 7.57 2.33
C ALA A 2627 51.87 6.50 1.26
N THR A 2628 50.95 6.40 0.30
CA THR A 2628 51.15 5.45 -0.83
C THR A 2628 51.96 6.12 -1.91
N ASP A 2629 53.25 6.35 -1.69
CA ASP A 2629 54.10 6.92 -2.77
C ASP A 2629 55.30 6.00 -3.05
N GLU A 2630 55.56 5.67 -4.31
CA GLU A 2630 56.80 4.91 -4.63
C GLU A 2630 57.98 5.81 -4.25
N ASN A 2631 57.87 7.10 -4.54
CA ASN A 2631 58.92 8.08 -4.16
C ASN A 2631 59.00 8.08 -2.63
N LEU A 2632 57.84 8.02 -1.98
CA LEU A 2632 57.82 8.02 -0.49
C LEU A 2632 58.58 6.77 -0.03
N LEU A 2633 58.39 5.63 -0.70
CA LEU A 2633 59.22 4.45 -0.35
C LEU A 2633 60.55 4.61 -1.10
N CYS A 2634 61.28 5.68 -0.80
CA CYS A 2634 62.61 5.92 -1.39
C CYS A 2634 63.18 7.07 -0.57
N GLN A 2635 62.30 8.00 -0.20
CA GLN A 2635 62.71 9.14 0.67
C GLN A 2635 63.16 8.57 2.02
N MET A 2636 62.45 7.56 2.51
CA MET A 2636 62.79 6.95 3.82
C MET A 2636 64.19 6.32 3.72
N TYR A 2637 64.97 6.44 4.79
CA TYR A 2637 66.36 5.90 4.76
C TYR A 2637 66.32 4.39 4.63
N LEU A 2638 67.25 3.84 3.83
CA LEU A 2638 67.33 2.36 3.72
C LEU A 2638 67.69 1.80 5.11
N GLY A 2639 68.57 2.51 5.82
CA GLY A 2639 68.97 2.07 7.17
C GLY A 2639 67.76 2.08 8.08
N TRP A 2640 66.89 3.09 7.96
CA TRP A 2640 65.66 3.08 8.76
C TRP A 2640 64.84 1.86 8.33
N THR A 2641 64.81 1.58 7.03
CA THR A 2641 64.13 0.37 6.53
C THR A 2641 62.69 0.39 6.99
N PRO A 2642 62.02 1.57 7.02
CA PRO A 2642 60.61 1.57 7.37
C PRO A 2642 59.95 0.78 6.25
N TYR A 2643 60.40 1.01 5.01
CA TYR A 2643 59.86 0.26 3.86
C TYR A 2643 60.18 -1.21 4.03
N MET A 2644 61.40 -1.52 4.50
CA MET A 2644 61.81 -2.93 4.71
C MET A 2644 60.76 -3.62 5.59
N SER B 87 -85.15 -4.80 -28.50
CA SER B 87 -83.69 -5.00 -28.43
C SER B 87 -83.00 -3.72 -27.94
N GLY B 88 -83.31 -2.58 -28.56
CA GLY B 88 -82.69 -1.30 -28.18
C GLY B 88 -82.64 -1.12 -26.68
N SER B 89 -83.77 -1.25 -26.00
CA SER B 89 -83.81 -0.99 -24.54
C SER B 89 -82.91 -2.00 -23.81
N HIS B 90 -82.15 -1.55 -22.82
CA HIS B 90 -81.21 -2.47 -22.12
C HIS B 90 -81.99 -3.58 -21.42
N GLU B 91 -83.11 -3.22 -20.78
CA GLU B 91 -83.95 -4.26 -20.13
C GLU B 91 -84.50 -5.20 -21.21
N ALA B 92 -84.93 -4.65 -22.35
CA ALA B 92 -85.41 -5.49 -23.46
C ALA B 92 -84.26 -6.35 -23.96
N LYS B 93 -83.07 -5.75 -24.06
CA LYS B 93 -81.88 -6.50 -24.54
C LYS B 93 -81.58 -7.63 -23.54
N GLY B 94 -81.68 -7.35 -22.24
CA GLY B 94 -81.45 -8.40 -21.23
C GLY B 94 -82.49 -9.50 -21.36
N SER B 95 -83.74 -9.12 -21.58
CA SER B 95 -84.80 -10.15 -21.80
C SER B 95 -84.50 -10.92 -23.08
N CYS B 96 -84.08 -10.21 -24.13
CA CYS B 96 -83.72 -10.88 -25.41
C CYS B 96 -82.52 -11.80 -25.16
N ILE B 97 -81.54 -11.33 -24.39
CA ILE B 97 -80.34 -12.15 -24.09
C ILE B 97 -80.78 -13.39 -23.32
N GLU B 98 -81.71 -13.22 -22.37
CA GLU B 98 -82.23 -14.39 -21.62
C GLU B 98 -82.95 -15.33 -22.59
N PHE B 99 -83.73 -14.77 -23.51
CA PHE B 99 -84.42 -15.61 -24.53
C PHE B 99 -83.35 -16.28 -25.39
N SER B 100 -82.32 -15.52 -25.75
CA SER B 100 -81.22 -16.08 -26.57
C SER B 100 -80.51 -17.19 -25.79
N ASN B 101 -80.29 -16.97 -24.48
CA ASN B 101 -79.61 -17.99 -23.65
C ASN B 101 -80.47 -19.26 -23.59
N TRP B 102 -81.78 -19.09 -23.45
CA TRP B 102 -82.68 -20.27 -23.46
C TRP B 102 -82.60 -20.93 -24.83
N ILE B 103 -82.60 -20.11 -25.89
CA ILE B 103 -82.47 -20.67 -27.27
C ILE B 103 -81.11 -21.36 -27.38
N ILE B 104 -80.07 -20.73 -26.83
CA ILE B 104 -78.70 -21.32 -26.89
C ILE B 104 -78.70 -22.65 -26.13
N THR B 105 -79.35 -22.70 -24.97
CA THR B 105 -79.43 -23.96 -24.22
C THR B 105 -80.18 -24.98 -25.06
N ARG B 106 -81.28 -24.55 -25.68
CA ARG B 106 -82.03 -25.47 -26.58
C ARG B 106 -81.11 -25.85 -27.74
N LEU B 107 -80.37 -24.86 -28.26
CA LEU B 107 -79.46 -25.12 -29.39
C LEU B 107 -78.38 -26.12 -28.94
N LEU B 108 -77.87 -25.96 -27.72
CA LEU B 108 -76.77 -26.84 -27.27
C LEU B 108 -77.26 -28.29 -27.21
N ARG B 109 -78.47 -28.52 -26.70
CA ARG B 109 -79.02 -29.89 -26.69
C ARG B 109 -79.21 -30.35 -28.15
N ILE B 110 -79.70 -29.44 -28.99
CA ILE B 110 -79.88 -29.75 -30.44
C ILE B 110 -78.50 -30.00 -31.07
N ALA B 111 -77.49 -29.21 -30.68
CA ALA B 111 -76.18 -29.30 -31.33
C ALA B 111 -75.56 -30.68 -31.12
N ALA B 112 -75.67 -31.27 -29.92
CA ALA B 112 -75.00 -32.57 -29.79
C ALA B 112 -75.66 -33.54 -30.77
N THR B 113 -76.99 -33.56 -30.84
CA THR B 113 -77.68 -34.37 -31.88
C THR B 113 -77.19 -35.81 -31.84
N PRO B 114 -77.02 -36.48 -30.67
CA PRO B 114 -76.45 -37.81 -30.66
C PRO B 114 -75.12 -37.52 -31.33
N SER B 115 -74.76 -38.26 -32.38
CA SER B 115 -73.55 -37.82 -33.11
C SER B 115 -74.01 -37.23 -34.45
N CYS B 116 -73.79 -35.92 -34.64
CA CYS B 116 -74.14 -35.25 -35.93
C CYS B 116 -72.96 -34.36 -36.33
N HIS B 117 -71.86 -34.95 -36.81
CA HIS B 117 -70.66 -34.10 -37.05
C HIS B 117 -70.95 -33.03 -38.11
N LEU B 118 -71.65 -33.39 -39.18
CA LEU B 118 -72.01 -32.36 -40.20
C LEU B 118 -72.93 -31.30 -39.58
N LEU B 119 -73.91 -31.74 -38.78
CA LEU B 119 -74.84 -30.79 -38.13
C LEU B 119 -74.06 -29.90 -37.16
N HIS B 120 -73.12 -30.49 -36.43
CA HIS B 120 -72.37 -29.72 -35.41
C HIS B 120 -71.58 -28.61 -36.10
N LYS B 121 -70.97 -28.93 -37.24
CA LYS B 121 -70.17 -27.92 -37.98
C LYS B 121 -71.09 -26.77 -38.41
N LYS B 122 -72.28 -27.11 -38.91
CA LYS B 122 -73.26 -26.06 -39.28
C LYS B 122 -73.65 -25.27 -38.03
N ILE B 123 -73.86 -25.99 -36.92
CA ILE B 123 -74.27 -25.32 -35.65
C ILE B 123 -73.14 -24.38 -35.21
N CYS B 124 -71.89 -24.83 -35.34
CA CYS B 124 -70.74 -24.00 -34.92
C CYS B 124 -70.70 -22.72 -35.77
N GLU B 125 -70.95 -22.86 -37.07
CA GLU B 125 -70.98 -21.66 -37.95
C GLU B 125 -72.14 -20.77 -37.51
N VAL B 126 -73.29 -21.37 -37.19
CA VAL B 126 -74.46 -20.58 -36.72
C VAL B 126 -74.08 -19.91 -35.39
N ILE B 127 -73.38 -20.64 -34.53
CA ILE B 127 -73.00 -20.09 -33.20
C ILE B 127 -72.09 -18.88 -33.42
N CYS B 128 -71.17 -18.97 -34.38
CA CYS B 128 -70.23 -17.85 -34.62
C CYS B 128 -71.03 -16.62 -35.07
N SER B 129 -72.02 -16.82 -35.94
CA SER B 129 -72.88 -15.68 -36.37
C SER B 129 -73.66 -15.13 -35.17
N LEU B 130 -74.17 -16.02 -34.31
CA LEU B 130 -74.90 -15.57 -33.11
C LEU B 130 -73.94 -14.80 -32.21
N LEU B 131 -72.71 -15.30 -32.09
CA LEU B 131 -71.69 -14.63 -31.26
C LEU B 131 -71.42 -13.25 -31.85
N PHE B 132 -71.33 -13.18 -33.19
CA PHE B 132 -71.05 -11.89 -33.85
C PHE B 132 -72.19 -10.92 -33.54
N LEU B 133 -73.42 -11.42 -33.58
CA LEU B 133 -74.58 -10.56 -33.23
C LEU B 133 -74.47 -10.14 -31.75
N PHE B 134 -74.08 -11.08 -30.89
CA PHE B 134 -73.96 -10.77 -29.44
C PHE B 134 -72.87 -9.74 -29.27
N LYS B 135 -71.77 -9.90 -30.01
CA LYS B 135 -70.65 -8.94 -29.90
C LYS B 135 -71.15 -7.56 -30.33
N SER B 136 -71.93 -7.53 -31.40
CA SER B 136 -72.40 -6.23 -31.93
C SER B 136 -73.28 -5.53 -30.89
N LYS B 137 -74.18 -6.27 -30.22
CA LYS B 137 -75.10 -5.55 -29.29
C LYS B 137 -74.30 -4.91 -28.14
N SER B 138 -73.35 -5.64 -27.54
CA SER B 138 -72.46 -5.02 -26.51
C SER B 138 -71.21 -5.88 -26.35
N PRO B 139 -70.08 -5.33 -25.83
CA PRO B 139 -68.94 -6.19 -25.53
C PRO B 139 -69.42 -7.11 -24.43
N ALA B 140 -70.16 -6.55 -23.47
CA ALA B 140 -70.72 -7.34 -22.35
C ALA B 140 -71.71 -8.36 -22.90
N ILE B 141 -72.51 -7.92 -23.89
CA ILE B 141 -73.51 -8.83 -24.52
C ILE B 141 -72.74 -9.97 -25.20
N PHE B 142 -71.60 -9.66 -25.82
CA PHE B 142 -70.83 -10.78 -26.40
C PHE B 142 -70.36 -11.73 -25.31
N GLY B 143 -69.87 -11.23 -24.18
CA GLY B 143 -69.38 -12.21 -23.18
C GLY B 143 -70.49 -13.09 -22.66
N VAL B 144 -71.65 -12.53 -22.30
CA VAL B 144 -72.86 -13.32 -21.94
C VAL B 144 -72.57 -14.83 -21.91
N LEU B 145 -72.75 -15.48 -23.06
CA LEU B 145 -72.55 -16.95 -23.21
C LEU B 145 -71.08 -17.35 -22.97
N THR B 146 -70.13 -16.56 -23.45
CA THR B 146 -68.71 -16.97 -23.37
C THR B 146 -68.31 -17.14 -21.93
N LYS B 147 -68.75 -16.27 -21.02
CA LYS B 147 -68.41 -16.51 -19.60
C LYS B 147 -69.06 -17.83 -19.17
N GLU B 148 -70.30 -18.07 -19.58
CA GLU B 148 -70.96 -19.37 -19.28
C GLU B 148 -70.18 -20.49 -19.98
N LEU B 149 -69.75 -20.24 -21.23
CA LEU B 149 -69.03 -21.26 -22.02
C LEU B 149 -67.71 -21.59 -21.31
N LEU B 150 -67.04 -20.57 -20.76
CA LEU B 150 -65.78 -20.83 -20.02
C LEU B 150 -66.12 -21.72 -18.81
N GLN B 151 -67.23 -21.43 -18.13
CA GLN B 151 -67.66 -22.31 -17.01
C GLN B 151 -67.98 -23.71 -17.57
N LEU B 152 -68.64 -23.77 -18.73
CA LEU B 152 -68.97 -25.07 -19.36
C LEU B 152 -67.66 -25.79 -19.73
N PHE B 153 -66.68 -25.05 -20.25
CA PHE B 153 -65.37 -25.65 -20.60
C PHE B 153 -64.73 -26.18 -19.33
N GLU B 154 -64.86 -25.42 -18.24
CA GLU B 154 -64.30 -25.87 -16.94
C GLU B 154 -65.05 -27.15 -16.53
N ASP B 155 -66.37 -27.18 -16.75
CA ASP B 155 -67.16 -28.39 -16.44
C ASP B 155 -66.67 -29.55 -17.32
N LEU B 156 -66.39 -29.28 -18.59
CA LEU B 156 -65.84 -30.34 -19.48
C LEU B 156 -64.47 -30.77 -18.93
N VAL B 157 -63.66 -29.81 -18.50
CA VAL B 157 -62.34 -30.13 -17.88
C VAL B 157 -62.62 -30.94 -16.60
N TYR B 158 -63.64 -30.53 -15.84
CA TYR B 158 -64.01 -31.27 -14.60
C TYR B 158 -64.45 -32.67 -14.99
N LEU B 159 -65.21 -32.78 -16.08
CA LEU B 159 -65.64 -34.12 -16.56
C LEU B 159 -64.41 -34.94 -16.94
N HIS B 160 -63.43 -34.30 -17.60
CA HIS B 160 -62.17 -35.01 -17.92
C HIS B 160 -61.48 -35.38 -16.61
N ARG B 161 -61.49 -34.46 -15.63
CA ARG B 161 -60.90 -34.76 -14.31
C ARG B 161 -61.68 -35.90 -13.66
N ARG B 162 -63.01 -35.89 -13.80
CA ARG B 162 -63.85 -36.97 -13.24
C ARG B 162 -63.47 -38.29 -13.93
N ASN B 163 -63.24 -38.24 -15.25
CA ASN B 163 -62.82 -39.47 -15.97
C ASN B 163 -61.46 -39.92 -15.43
N VAL B 164 -60.55 -38.98 -15.19
CA VAL B 164 -59.25 -39.35 -14.55
C VAL B 164 -59.57 -39.89 -13.14
N MET B 165 -60.50 -39.22 -12.45
CA MET B 165 -60.93 -39.67 -11.11
C MET B 165 -61.58 -41.05 -11.22
N GLY B 166 -62.37 -41.27 -12.28
CA GLY B 166 -63.12 -42.53 -12.41
C GLY B 166 -64.41 -42.44 -11.60
N HIS B 167 -64.70 -41.27 -11.04
CA HIS B 167 -65.94 -41.07 -10.25
C HIS B 167 -66.87 -40.12 -11.01
N PRO B 172 -70.25 -38.84 -15.06
CA PRO B 172 -71.38 -39.68 -15.45
C PRO B 172 -72.68 -39.18 -14.85
N VAL B 173 -73.09 -37.95 -15.19
CA VAL B 173 -74.35 -37.38 -14.65
C VAL B 173 -75.32 -37.15 -15.83
N VAL B 174 -76.56 -37.62 -15.70
CA VAL B 174 -77.53 -37.50 -16.83
C VAL B 174 -77.80 -36.02 -17.12
N MET B 175 -77.92 -35.18 -16.09
CA MET B 175 -78.28 -33.75 -16.30
C MET B 175 -77.19 -33.03 -17.11
N SER B 176 -77.60 -32.13 -18.01
CA SER B 176 -76.63 -31.31 -18.78
C SER B 176 -75.85 -30.41 -17.79
N ARG B 177 -76.56 -29.87 -16.80
CA ARG B 177 -75.91 -28.97 -15.80
C ARG B 177 -75.07 -27.92 -16.53
N ALA B 192 -80.65 -31.47 -21.34
CA ALA B 192 -79.54 -32.05 -22.13
C ALA B 192 -78.87 -33.18 -21.33
N PRO B 193 -77.99 -34.00 -21.94
CA PRO B 193 -77.29 -35.01 -21.17
C PRO B 193 -75.80 -34.74 -21.17
N LEU B 194 -75.20 -34.69 -19.97
CA LEU B 194 -73.74 -34.44 -19.85
C LEU B 194 -73.10 -35.47 -18.92
N GLN B 195 -72.95 -36.71 -19.38
CA GLN B 195 -72.39 -37.77 -18.50
C GLN B 195 -71.00 -38.15 -19.01
N LEU B 196 -70.00 -38.12 -18.12
CA LEU B 196 -68.61 -38.39 -18.56
C LEU B 196 -68.58 -39.83 -19.09
N MET B 197 -69.27 -40.73 -18.42
CA MET B 197 -69.35 -42.14 -18.89
C MET B 197 -70.03 -42.20 -20.26
N SER B 198 -71.07 -41.41 -20.49
CA SER B 198 -71.83 -41.54 -21.77
C SER B 198 -70.95 -41.18 -22.97
N MET B 199 -70.99 -42.00 -24.02
CA MET B 199 -70.25 -41.70 -25.28
C MET B 199 -70.84 -40.43 -25.92
N GLN B 200 -72.16 -40.29 -25.89
CA GLN B 200 -72.81 -39.14 -26.58
C GLN B 200 -72.35 -37.83 -25.93
N ASN B 201 -72.23 -37.79 -24.60
CA ASN B 201 -71.71 -36.57 -23.94
C ASN B 201 -70.26 -36.34 -24.37
N LEU B 202 -69.46 -37.41 -24.48
CA LEU B 202 -68.07 -37.26 -24.98
C LEU B 202 -68.13 -36.76 -26.43
N GLU B 203 -69.06 -37.29 -27.23
CA GLU B 203 -69.23 -36.81 -28.63
C GLU B 203 -69.66 -35.34 -28.60
N PHE B 204 -70.54 -35.00 -27.65
CA PHE B 204 -71.01 -33.59 -27.51
C PHE B 204 -69.81 -32.72 -27.16
N ILE B 205 -68.94 -33.23 -26.30
CA ILE B 205 -67.71 -32.47 -25.91
C ILE B 205 -66.86 -32.26 -27.16
N GLU B 206 -66.74 -33.28 -28.02
CA GLU B 206 -66.00 -33.11 -29.29
C GLU B 206 -66.71 -32.04 -30.14
N VAL B 207 -68.05 -32.08 -30.17
CA VAL B 207 -68.83 -31.05 -30.91
C VAL B 207 -68.56 -29.68 -30.25
N THR B 208 -68.50 -29.65 -28.92
CA THR B 208 -68.22 -28.39 -28.19
C THR B 208 -66.84 -27.91 -28.58
N LEU B 209 -65.89 -28.84 -28.73
CA LEU B 209 -64.51 -28.48 -29.12
C LEU B 209 -64.56 -27.86 -30.53
N LEU B 210 -65.38 -28.42 -31.42
CA LEU B 210 -65.54 -27.81 -32.77
C LEU B 210 -66.15 -26.41 -32.58
N MET B 211 -67.12 -26.28 -31.68
CA MET B 211 -67.72 -24.95 -31.38
C MET B 211 -66.64 -24.05 -30.79
N VAL B 212 -65.79 -24.60 -29.93
CA VAL B 212 -64.68 -23.81 -29.32
C VAL B 212 -63.74 -23.37 -30.45
N LEU B 213 -63.50 -24.25 -31.42
CA LEU B 213 -62.64 -23.90 -32.58
C LEU B 213 -63.31 -22.75 -33.36
N THR B 214 -64.63 -22.81 -33.53
CA THR B 214 -65.35 -21.72 -34.22
C THR B 214 -65.18 -20.47 -33.39
N ARG B 215 -65.26 -20.60 -32.08
CA ARG B 215 -65.08 -19.44 -31.17
C ARG B 215 -63.63 -18.94 -31.30
N ILE B 216 -63.43 -17.62 -31.20
CA ILE B 216 -62.07 -17.06 -31.35
C ILE B 216 -61.65 -16.45 -30.00
N ILE B 217 -60.45 -16.82 -29.52
CA ILE B 217 -59.92 -16.24 -28.26
C ILE B 217 -59.77 -14.73 -28.52
N ALA B 218 -59.33 -14.37 -29.72
CA ALA B 218 -59.22 -12.94 -30.09
C ALA B 218 -60.60 -12.30 -30.05
N ILE B 219 -61.63 -13.02 -30.51
CA ILE B 219 -63.01 -12.47 -30.41
C ILE B 219 -63.34 -12.29 -28.92
N VAL B 220 -62.96 -13.26 -28.08
CA VAL B 220 -63.16 -13.06 -26.60
C VAL B 220 -62.33 -11.85 -26.17
N PHE B 221 -61.10 -11.74 -26.68
CA PHE B 221 -60.21 -10.58 -26.38
C PHE B 221 -60.01 -10.44 -24.86
N PHE B 222 -59.89 -11.56 -24.15
CA PHE B 222 -59.57 -11.46 -22.70
C PHE B 222 -58.31 -12.25 -22.38
N ARG B 223 -57.36 -11.62 -21.67
CA ARG B 223 -56.15 -12.36 -21.24
C ARG B 223 -56.61 -13.48 -20.29
N ARG B 224 -57.58 -13.17 -19.43
CA ARG B 224 -58.13 -14.21 -18.51
C ARG B 224 -58.79 -15.31 -19.34
N GLN B 225 -59.50 -14.94 -20.41
CA GLN B 225 -60.12 -15.94 -21.30
C GLN B 225 -59.01 -16.78 -21.93
N GLU B 226 -57.91 -16.13 -22.31
CA GLU B 226 -56.76 -16.86 -22.90
C GLU B 226 -56.21 -17.84 -21.86
N LEU B 227 -56.13 -17.42 -20.60
CA LEU B 227 -55.67 -18.35 -19.53
C LEU B 227 -56.69 -19.51 -19.41
N LEU B 228 -57.98 -19.20 -19.48
CA LEU B 228 -59.01 -20.26 -19.44
C LEU B 228 -58.84 -21.16 -20.67
N LEU B 229 -58.56 -20.55 -21.82
CA LEU B 229 -58.35 -21.32 -23.07
C LEU B 229 -57.12 -22.22 -22.88
N TRP B 230 -56.08 -21.69 -22.24
CA TRP B 230 -54.84 -22.48 -22.01
C TRP B 230 -55.18 -23.68 -21.13
N GLN B 231 -56.01 -23.47 -20.11
CA GLN B 231 -56.44 -24.60 -19.24
C GLN B 231 -57.24 -25.59 -20.10
N ILE B 232 -58.11 -25.08 -20.99
CA ILE B 232 -58.90 -25.97 -21.89
C ILE B 232 -57.94 -26.73 -22.81
N GLY B 233 -56.91 -26.04 -23.32
CA GLY B 233 -55.91 -26.70 -24.17
C GLY B 233 -55.19 -27.77 -23.38
N CYS B 234 -54.86 -27.48 -22.13
CA CYS B 234 -54.22 -28.48 -21.26
C CYS B 234 -55.19 -29.66 -21.08
N VAL B 235 -56.47 -29.36 -20.90
CA VAL B 235 -57.51 -30.42 -20.74
C VAL B 235 -57.54 -31.25 -22.04
N LEU B 236 -57.45 -30.59 -23.19
CA LEU B 236 -57.43 -31.33 -24.47
C LEU B 236 -56.20 -32.23 -24.52
N LEU B 237 -55.04 -31.73 -24.07
CA LEU B 237 -53.85 -32.61 -23.98
C LEU B 237 -54.14 -33.73 -22.96
N GLU B 238 -54.77 -33.37 -21.84
CA GLU B 238 -55.02 -34.35 -20.75
C GLU B 238 -55.96 -35.49 -21.17
N TYR B 239 -57.00 -35.20 -21.96
CA TYR B 239 -58.03 -36.23 -22.25
C TYR B 239 -58.34 -36.35 -23.74
N GLY B 240 -58.91 -37.48 -24.16
CA GLY B 240 -59.26 -37.72 -25.57
C GLY B 240 -58.17 -38.38 -26.40
N SER B 241 -57.01 -38.69 -25.79
CA SER B 241 -55.99 -39.49 -26.54
C SER B 241 -55.65 -38.82 -27.88
N PRO B 242 -55.44 -37.48 -27.94
CA PRO B 242 -55.22 -36.81 -29.22
C PRO B 242 -56.44 -37.06 -30.09
N LYS B 243 -56.28 -37.48 -31.35
CA LYS B 243 -57.53 -37.73 -32.11
C LYS B 243 -58.32 -36.40 -32.14
N ILE B 244 -59.58 -36.42 -31.71
CA ILE B 244 -60.42 -35.19 -31.66
C ILE B 244 -59.73 -34.21 -30.70
N LYS B 245 -59.16 -34.71 -29.61
CA LYS B 245 -58.41 -33.83 -28.67
C LYS B 245 -57.22 -33.25 -29.43
N SER B 246 -56.56 -34.02 -30.30
CA SER B 246 -55.47 -33.48 -31.13
C SER B 246 -56.02 -32.39 -32.05
N LEU B 247 -57.22 -32.59 -32.60
CA LEU B 247 -57.84 -31.50 -33.41
C LEU B 247 -58.07 -30.31 -32.48
N ALA B 248 -58.53 -30.57 -31.24
CA ALA B 248 -58.68 -29.48 -30.25
C ALA B 248 -57.30 -28.89 -29.97
N ILE B 249 -56.29 -29.76 -29.89
CA ILE B 249 -54.88 -29.30 -29.68
C ILE B 249 -54.48 -28.43 -30.89
N SER B 250 -54.91 -28.81 -32.09
CA SER B 250 -54.63 -27.97 -33.28
C SER B 250 -55.33 -26.61 -33.08
N PHE B 251 -56.55 -26.61 -32.55
CA PHE B 251 -57.22 -25.31 -32.23
C PHE B 251 -56.37 -24.62 -31.17
N LEU B 252 -55.87 -25.38 -30.19
CA LEU B 252 -54.98 -24.82 -29.16
C LEU B 252 -53.71 -24.31 -29.86
N THR B 253 -53.24 -25.04 -30.87
CA THR B 253 -52.05 -24.61 -31.65
C THR B 253 -52.38 -23.31 -32.33
N GLU B 254 -53.60 -23.14 -32.83
CA GLU B 254 -53.99 -21.82 -33.40
C GLU B 254 -53.93 -20.78 -32.28
N LEU B 255 -54.40 -21.14 -31.08
CA LEU B 255 -54.26 -20.22 -29.92
C LEU B 255 -52.76 -20.04 -29.66
N PHE B 256 -51.99 -21.12 -29.78
CA PHE B 256 -50.51 -21.06 -29.62
C PHE B 256 -49.92 -20.16 -30.72
N GLN B 257 -50.48 -20.22 -31.92
CA GLN B 257 -49.99 -19.31 -32.99
C GLN B 257 -50.26 -17.89 -32.53
N LEU B 258 -51.43 -17.61 -31.94
CA LEU B 258 -51.65 -16.28 -31.33
C LEU B 258 -50.62 -16.20 -30.19
N GLY B 259 -50.43 -17.31 -29.48
CA GLY B 259 -49.47 -17.40 -28.37
C GLY B 259 -50.08 -17.02 -27.05
N GLY B 260 -51.32 -16.50 -27.07
CA GLY B 260 -51.99 -16.26 -25.77
C GLY B 260 -51.07 -15.45 -24.89
N LEU B 261 -50.88 -15.88 -23.65
CA LEU B 261 -49.86 -15.24 -22.78
C LEU B 261 -48.89 -16.36 -22.39
N PRO B 262 -47.55 -16.18 -22.54
CA PRO B 262 -46.67 -17.30 -22.22
C PRO B 262 -46.84 -17.60 -20.74
N ALA B 263 -46.96 -16.54 -19.94
CA ALA B 263 -47.14 -16.72 -18.48
C ALA B 263 -48.45 -17.44 -18.20
N GLN B 264 -49.52 -17.11 -18.93
CA GLN B 264 -50.83 -17.74 -18.59
C GLN B 264 -50.71 -19.26 -18.79
N PRO B 265 -50.08 -19.75 -19.88
CA PRO B 265 -49.89 -21.19 -20.01
C PRO B 265 -49.00 -21.63 -18.88
N ALA B 266 -47.95 -20.85 -18.59
CA ALA B 266 -47.04 -21.15 -17.48
C ALA B 266 -46.48 -22.56 -17.64
N SER B 267 -46.51 -23.33 -16.55
CA SER B 267 -46.06 -24.74 -16.60
C SER B 267 -46.97 -25.54 -17.53
N THR B 268 -48.27 -25.27 -17.50
CA THR B 268 -49.24 -26.10 -18.26
C THR B 268 -48.94 -26.02 -19.74
N PHE B 269 -48.60 -24.86 -20.28
CA PHE B 269 -48.36 -24.86 -21.75
C PHE B 269 -47.16 -25.76 -22.03
N PHE B 270 -46.12 -25.65 -21.20
CA PHE B 270 -44.94 -26.54 -21.35
C PHE B 270 -45.38 -27.97 -21.09
N SER B 271 -46.23 -28.16 -20.08
CA SER B 271 -46.70 -29.51 -19.69
C SER B 271 -47.48 -30.14 -20.84
N SER B 272 -48.32 -29.36 -21.52
CA SER B 272 -49.07 -29.90 -22.68
C SER B 272 -48.07 -30.32 -23.76
N PHE B 273 -47.04 -29.50 -23.99
CA PHE B 273 -45.99 -29.91 -24.97
C PHE B 273 -45.29 -31.15 -24.43
N LEU B 274 -45.03 -31.15 -23.12
CA LEU B 274 -44.35 -32.31 -22.47
C LEU B 274 -45.27 -33.55 -22.58
N GLU B 275 -46.58 -33.36 -22.40
CA GLU B 275 -47.52 -34.50 -22.39
C GLU B 275 -47.46 -35.18 -23.76
N LEU B 276 -47.37 -34.38 -24.83
CA LEU B 276 -47.38 -34.97 -26.19
C LEU B 276 -45.95 -35.07 -26.71
N LEU B 277 -45.61 -34.27 -27.72
CA LEU B 277 -44.24 -34.26 -28.30
C LEU B 277 -43.88 -35.67 -28.79
N LYS B 278 -42.67 -36.13 -28.46
CA LYS B 278 -42.20 -37.46 -28.92
C LYS B 278 -43.08 -38.57 -28.35
N HIS B 279 -43.45 -38.46 -27.08
CA HIS B 279 -44.19 -39.60 -26.45
C HIS B 279 -45.52 -39.80 -27.17
N LEU B 280 -46.21 -38.71 -27.48
CA LEU B 280 -47.51 -38.82 -28.19
C LEU B 280 -47.30 -39.44 -29.58
N VAL B 281 -46.24 -39.02 -30.28
CA VAL B 281 -46.11 -39.50 -31.69
C VAL B 281 -45.94 -41.02 -31.73
N GLU B 282 -45.12 -41.58 -30.85
CA GLU B 282 -45.03 -43.07 -30.82
C GLU B 282 -46.38 -43.65 -30.38
N MET B 283 -47.00 -43.04 -29.36
CA MET B 283 -48.29 -43.55 -28.83
C MET B 283 -49.39 -43.44 -29.89
N ASP B 284 -49.44 -42.33 -30.61
CA ASP B 284 -50.58 -42.08 -31.56
C ASP B 284 -50.59 -43.15 -32.67
N THR B 285 -49.42 -43.53 -33.21
CA THR B 285 -49.43 -44.65 -34.20
C THR B 285 -50.32 -44.28 -35.35
N ASP B 286 -51.31 -45.13 -35.66
CA ASP B 286 -52.23 -44.89 -36.81
C ASP B 286 -52.98 -43.58 -36.54
N GLN B 287 -53.35 -43.31 -35.29
CA GLN B 287 -53.99 -42.02 -34.96
C GLN B 287 -53.01 -40.89 -35.30
N LEU B 288 -51.70 -41.07 -35.03
CA LEU B 288 -50.71 -40.05 -35.43
C LEU B 288 -50.73 -39.94 -36.96
N LYS B 289 -50.86 -41.08 -37.65
CA LYS B 289 -50.97 -41.03 -39.13
C LYS B 289 -52.26 -40.27 -39.48
N LEU B 290 -53.35 -40.52 -38.72
CA LEU B 290 -54.60 -39.77 -38.95
C LEU B 290 -54.35 -38.28 -38.67
N TYR B 291 -53.61 -37.95 -37.60
CA TYR B 291 -53.26 -36.53 -37.33
C TYR B 291 -52.39 -36.07 -38.49
N GLU B 292 -51.46 -36.91 -38.95
CA GLU B 292 -50.62 -36.62 -40.15
C GLU B 292 -49.44 -35.69 -39.80
N GLU B 293 -48.65 -35.33 -40.79
CA GLU B 293 -47.54 -34.36 -40.59
C GLU B 293 -48.14 -33.01 -40.19
N PRO B 294 -49.28 -32.60 -40.80
CA PRO B 294 -49.81 -31.27 -40.55
C PRO B 294 -50.23 -30.92 -39.13
N LEU B 295 -50.86 -31.82 -38.40
CA LEU B 295 -51.18 -31.43 -37.00
C LEU B 295 -49.85 -31.19 -36.27
N SER B 296 -48.87 -32.07 -36.48
CA SER B 296 -47.53 -31.86 -35.88
C SER B 296 -46.92 -30.58 -36.47
N LYS B 297 -47.09 -30.38 -37.77
CA LYS B 297 -46.52 -29.19 -38.45
C LYS B 297 -47.17 -27.94 -37.86
N LEU B 298 -48.47 -28.00 -37.60
CA LEU B 298 -49.18 -26.82 -37.05
C LEU B 298 -48.58 -26.53 -35.67
N ILE B 299 -48.31 -27.58 -34.89
CA ILE B 299 -47.65 -27.37 -33.57
C ILE B 299 -46.24 -26.79 -33.80
N LYS B 300 -45.52 -27.33 -34.79
CA LYS B 300 -44.16 -26.82 -35.08
C LYS B 300 -44.25 -25.35 -35.53
N THR B 301 -45.23 -25.05 -36.37
CA THR B 301 -45.44 -23.64 -36.82
C THR B 301 -45.80 -22.81 -35.62
N LEU B 302 -46.65 -23.36 -34.73
CA LEU B 302 -47.14 -22.57 -33.57
C LEU B 302 -45.98 -22.19 -32.66
N PHE B 303 -45.02 -23.10 -32.44
CA PHE B 303 -43.96 -22.80 -31.44
C PHE B 303 -42.58 -22.68 -32.07
N PRO B 304 -41.85 -21.59 -31.80
CA PRO B 304 -40.46 -21.48 -32.27
C PRO B 304 -40.24 -21.68 -33.76
N PHE B 305 -41.10 -21.12 -34.61
CA PHE B 305 -40.89 -21.41 -36.06
C PHE B 305 -40.36 -20.17 -36.78
N GLU B 306 -39.19 -20.28 -37.42
CA GLU B 306 -38.61 -19.19 -38.26
C GLU B 306 -38.09 -18.00 -37.43
N ALA B 307 -38.97 -17.35 -36.66
CA ALA B 307 -38.54 -16.13 -35.91
C ALA B 307 -37.48 -16.49 -34.87
N GLU B 308 -37.66 -17.62 -34.17
CA GLU B 308 -36.72 -18.05 -33.11
C GLU B 308 -36.60 -16.93 -32.06
N ALA B 309 -35.37 -16.60 -31.63
CA ALA B 309 -35.11 -15.49 -30.66
C ALA B 309 -35.40 -15.96 -29.23
N TYR B 310 -35.20 -15.08 -28.25
CA TYR B 310 -35.54 -15.41 -26.84
C TYR B 310 -37.05 -15.64 -26.69
N ARG B 311 -37.86 -14.82 -27.37
CA ARG B 311 -39.33 -14.88 -27.17
C ARG B 311 -39.93 -16.24 -27.60
N ASN B 312 -39.45 -16.81 -28.71
CA ASN B 312 -40.09 -18.07 -29.22
C ASN B 312 -39.94 -19.19 -28.19
N ILE B 313 -38.78 -19.29 -27.53
CA ILE B 313 -38.54 -20.45 -26.61
C ILE B 313 -38.57 -19.95 -25.16
N GLU B 314 -39.39 -20.58 -24.31
CA GLU B 314 -39.52 -20.08 -22.93
C GLU B 314 -38.17 -20.20 -22.23
N PRO B 315 -37.77 -19.19 -21.42
CA PRO B 315 -36.53 -19.31 -20.68
C PRO B 315 -36.74 -20.47 -19.75
N VAL B 316 -37.94 -20.58 -19.19
CA VAL B 316 -38.24 -21.68 -18.23
C VAL B 316 -38.13 -23.03 -18.96
N TYR B 317 -38.63 -23.15 -20.20
CA TYR B 317 -38.48 -24.47 -20.84
C TYR B 317 -36.99 -24.72 -20.99
N LEU B 318 -36.24 -23.72 -21.42
CA LEU B 318 -34.76 -23.81 -21.43
C LEU B 318 -34.29 -25.07 -22.17
N ASN B 319 -33.37 -25.80 -21.54
CA ASN B 319 -32.85 -27.08 -22.09
C ASN B 319 -33.98 -28.10 -22.17
N MET B 320 -34.89 -28.13 -21.19
CA MET B 320 -35.90 -29.22 -21.13
C MET B 320 -36.78 -29.24 -22.39
N LEU B 321 -37.20 -28.08 -22.91
CA LEU B 321 -38.00 -28.17 -24.16
C LEU B 321 -37.09 -28.80 -25.23
N LEU B 322 -35.83 -28.37 -25.29
CA LEU B 322 -34.84 -28.98 -26.23
C LEU B 322 -34.64 -30.45 -25.84
N GLU B 323 -34.58 -30.74 -24.54
CA GLU B 323 -34.28 -32.11 -24.06
C GLU B 323 -35.39 -33.08 -24.52
N LYS B 324 -36.66 -32.66 -24.47
CA LYS B 324 -37.70 -33.58 -24.99
C LYS B 324 -37.43 -33.83 -26.47
N LEU B 325 -37.07 -32.77 -27.21
CA LEU B 325 -36.68 -32.96 -28.63
C LEU B 325 -35.42 -33.82 -28.67
N CYS B 326 -34.48 -33.57 -27.75
CA CYS B 326 -33.20 -34.32 -27.72
C CYS B 326 -33.51 -35.79 -27.44
N VAL B 327 -34.46 -36.07 -26.53
CA VAL B 327 -34.85 -37.48 -26.26
C VAL B 327 -35.45 -38.06 -27.55
N MET B 328 -36.27 -37.27 -28.25
CA MET B 328 -36.82 -37.75 -29.55
C MET B 328 -35.66 -37.96 -30.52
N PHE B 329 -34.69 -37.04 -30.52
CA PHE B 329 -33.50 -37.18 -31.41
C PHE B 329 -32.72 -38.42 -31.01
N GLU B 330 -32.60 -38.64 -29.70
CA GLU B 330 -31.85 -39.83 -29.21
C GLU B 330 -32.58 -41.08 -29.70
N ASP B 331 -33.91 -41.08 -29.62
CA ASP B 331 -34.65 -42.24 -30.20
C ASP B 331 -34.42 -42.24 -31.71
N GLY B 332 -34.46 -41.07 -32.35
CA GLY B 332 -34.21 -40.96 -33.80
C GLY B 332 -35.15 -41.91 -34.52
N VAL B 333 -36.39 -42.03 -34.06
CA VAL B 333 -37.29 -43.07 -34.65
C VAL B 333 -38.00 -42.56 -35.91
N LEU B 334 -37.26 -42.31 -37.00
CA LEU B 334 -37.94 -41.97 -38.28
C LEU B 334 -38.75 -43.21 -38.71
N MET B 335 -38.15 -44.39 -38.55
CA MET B 335 -38.82 -45.67 -38.95
C MET B 335 -40.08 -45.89 -38.11
N ARG B 336 -40.02 -45.59 -36.82
CA ARG B 336 -41.16 -45.88 -35.90
C ARG B 336 -42.39 -45.09 -36.37
N LEU B 337 -42.21 -43.84 -36.81
CA LEU B 337 -43.41 -43.02 -37.14
C LEU B 337 -44.18 -43.71 -38.28
N LYS B 338 -45.52 -43.73 -38.18
CA LYS B 338 -46.37 -44.41 -39.20
C LYS B 338 -46.19 -43.70 -40.54
N SER B 339 -46.12 -42.37 -40.53
CA SER B 339 -46.03 -41.60 -41.80
C SER B 339 -44.63 -41.00 -41.96
N ASP B 340 -44.00 -41.26 -43.11
CA ASP B 340 -42.65 -40.70 -43.37
C ASP B 340 -42.77 -39.17 -43.40
N LEU B 341 -43.84 -38.65 -44.00
CA LEU B 341 -44.04 -37.19 -44.09
C LEU B 341 -44.17 -36.61 -42.68
N LEU B 342 -44.89 -37.30 -41.80
CA LEU B 342 -44.97 -36.82 -40.39
C LEU B 342 -43.57 -36.88 -39.78
N LYS B 343 -42.82 -37.96 -40.05
CA LYS B 343 -41.43 -38.06 -39.56
C LYS B 343 -40.59 -36.95 -40.19
N ALA B 344 -40.80 -36.69 -41.49
CA ALA B 344 -40.06 -35.61 -42.18
C ALA B 344 -40.42 -34.28 -41.54
N ALA B 345 -41.70 -34.09 -41.23
CA ALA B 345 -42.13 -32.84 -40.56
C ALA B 345 -41.44 -32.74 -39.20
N LEU B 346 -41.37 -33.86 -38.47
CA LEU B 346 -40.66 -33.87 -37.18
C LEU B 346 -39.17 -33.57 -37.41
N CYS B 347 -38.60 -34.16 -38.46
CA CYS B 347 -37.18 -33.90 -38.78
C CYS B 347 -37.03 -32.42 -39.16
N HIS B 348 -37.99 -31.90 -39.92
CA HIS B 348 -37.96 -30.47 -40.31
C HIS B 348 -38.07 -29.61 -39.04
N LEU B 349 -38.94 -30.04 -38.11
CA LEU B 349 -39.10 -29.29 -36.84
C LEU B 349 -37.76 -29.36 -36.08
N LEU B 350 -37.11 -30.52 -36.07
CA LEU B 350 -35.79 -30.64 -35.41
C LEU B 350 -34.77 -29.74 -36.13
N GLN B 351 -34.81 -29.71 -37.46
CA GLN B 351 -33.92 -28.80 -38.22
C GLN B 351 -34.28 -27.36 -37.85
N TYR B 352 -35.59 -27.08 -37.75
CA TYR B 352 -36.06 -25.73 -37.35
C TYR B 352 -35.56 -25.47 -35.94
N PHE B 353 -35.64 -26.49 -35.09
CA PHE B 353 -35.21 -26.32 -33.67
C PHE B 353 -33.73 -26.00 -33.64
N LEU B 354 -32.94 -26.66 -34.48
CA LEU B 354 -31.49 -26.34 -34.54
C LEU B 354 -31.31 -24.89 -35.02
N LYS B 355 -32.09 -24.49 -36.03
CA LYS B 355 -32.02 -23.08 -36.51
C LYS B 355 -32.50 -22.18 -35.36
N PHE B 356 -33.56 -22.61 -34.67
CA PHE B 356 -34.09 -21.83 -33.52
C PHE B 356 -33.03 -21.79 -32.44
N VAL B 357 -32.32 -22.91 -32.25
CA VAL B 357 -31.36 -22.95 -31.11
C VAL B 357 -30.29 -21.88 -31.33
N PRO B 358 -29.94 -21.11 -30.28
CA PRO B 358 -28.89 -20.12 -30.38
C PRO B 358 -28.29 -20.33 -29.01
N ALA B 359 -27.02 -19.99 -28.79
CA ALA B 359 -26.53 -20.27 -27.43
C ALA B 359 -27.38 -19.45 -26.47
N GLY B 360 -27.83 -20.06 -25.37
CA GLY B 360 -28.72 -19.36 -24.44
C GLY B 360 -28.41 -19.71 -23.00
N TYR B 361 -28.76 -18.84 -22.05
CA TYR B 361 -28.58 -19.24 -20.63
C TYR B 361 -29.51 -20.42 -20.40
N GLU B 362 -29.04 -21.44 -19.65
CA GLU B 362 -29.84 -22.66 -19.36
C GLU B 362 -29.79 -23.58 -20.59
N SER B 363 -28.97 -23.24 -21.59
CA SER B 363 -28.80 -24.11 -22.78
C SER B 363 -27.31 -24.47 -22.88
N ALA B 364 -26.96 -25.75 -23.06
CA ALA B 364 -25.53 -26.13 -23.05
C ALA B 364 -25.12 -26.58 -24.45
N LEU B 365 -24.04 -26.00 -24.98
CA LEU B 365 -23.55 -26.36 -26.33
C LEU B 365 -23.13 -27.84 -26.32
N GLN B 366 -22.46 -28.28 -25.24
CA GLN B 366 -22.06 -29.70 -25.14
C GLN B 366 -23.31 -30.58 -25.10
N VAL B 367 -24.33 -30.17 -24.36
CA VAL B 367 -25.61 -30.94 -24.34
C VAL B 367 -26.19 -30.91 -25.76
N ARG B 368 -26.12 -29.73 -26.41
CA ARG B 368 -26.64 -29.61 -27.79
C ARG B 368 -25.81 -30.53 -28.69
N LYS B 369 -24.49 -30.56 -28.48
CA LYS B 369 -23.61 -31.42 -29.31
C LYS B 369 -23.99 -32.89 -29.10
N VAL B 370 -24.26 -33.27 -27.86
CA VAL B 370 -24.69 -34.67 -27.58
C VAL B 370 -26.02 -34.93 -28.30
N TYR B 371 -26.94 -33.95 -28.24
CA TYR B 371 -28.22 -34.10 -28.98
C TYR B 371 -27.91 -34.16 -30.47
N VAL B 372 -26.97 -33.30 -30.90
CA VAL B 372 -26.58 -33.27 -32.34
C VAL B 372 -25.97 -34.63 -32.70
N ARG B 373 -25.16 -35.19 -31.80
CA ARG B 373 -24.53 -36.51 -32.06
C ARG B 373 -25.66 -37.55 -32.17
N ASN B 374 -26.67 -37.46 -31.30
CA ASN B 374 -27.82 -38.38 -31.41
C ASN B 374 -28.52 -38.10 -32.74
N ILE B 375 -28.66 -36.82 -33.09
CA ILE B 375 -29.30 -36.44 -34.39
C ILE B 375 -28.43 -36.98 -35.54
N CYS B 376 -27.11 -36.87 -35.40
CA CYS B 376 -26.20 -37.33 -36.48
C CYS B 376 -26.35 -38.84 -36.68
N LYS B 377 -26.46 -39.59 -35.58
CA LYS B 377 -26.68 -41.05 -35.70
C LYS B 377 -28.03 -41.30 -36.39
N ALA B 378 -29.05 -40.52 -36.01
CA ALA B 378 -30.37 -40.65 -36.67
C ALA B 378 -30.23 -40.27 -38.14
N LEU B 379 -29.45 -39.22 -38.41
CA LEU B 379 -29.25 -38.75 -39.81
C LEU B 379 -28.56 -39.87 -40.60
N LEU B 380 -27.58 -40.53 -39.97
CA LEU B 380 -26.86 -41.63 -40.66
C LEU B 380 -27.85 -42.77 -40.97
N ASP B 381 -28.75 -43.08 -40.03
CA ASP B 381 -29.78 -44.10 -40.29
C ASP B 381 -30.68 -43.64 -41.43
N VAL B 382 -31.07 -42.36 -41.41
CA VAL B 382 -31.91 -41.80 -42.51
C VAL B 382 -31.10 -41.88 -43.82
N LEU B 383 -29.80 -41.58 -43.74
CA LEU B 383 -28.94 -41.62 -44.93
C LEU B 383 -28.90 -43.06 -45.45
N GLY B 384 -28.83 -44.03 -44.53
CA GLY B 384 -28.75 -45.43 -44.94
C GLY B 384 -30.01 -45.82 -45.70
N ILE B 385 -31.17 -45.36 -45.24
CA ILE B 385 -32.43 -45.63 -45.99
C ILE B 385 -33.24 -44.34 -46.15
N GLU B 386 -32.77 -43.39 -46.97
CA GLU B 386 -33.60 -42.18 -47.23
C GLU B 386 -33.91 -42.09 -48.74
N VAL B 387 -35.19 -41.98 -49.10
CA VAL B 387 -35.52 -41.79 -50.55
C VAL B 387 -34.91 -40.46 -51.00
N ASP B 388 -35.02 -39.43 -50.16
CA ASP B 388 -34.43 -38.10 -50.46
C ASP B 388 -33.80 -37.57 -49.17
N ALA B 389 -32.80 -36.69 -49.27
CA ALA B 389 -32.27 -36.11 -48.02
C ALA B 389 -33.39 -35.30 -47.35
N GLU B 390 -34.16 -34.54 -48.12
CA GLU B 390 -35.37 -33.88 -47.54
C GLU B 390 -35.00 -33.03 -46.33
N TYR B 391 -35.69 -33.24 -45.21
CA TYR B 391 -35.46 -32.47 -43.96
C TYR B 391 -34.03 -32.72 -43.51
N LEU B 392 -33.56 -33.95 -43.68
CA LEU B 392 -32.19 -34.33 -43.24
C LEU B 392 -31.18 -33.45 -43.99
N LEU B 393 -31.42 -33.15 -45.26
CA LEU B 393 -30.47 -32.22 -45.95
C LEU B 393 -30.50 -30.87 -45.23
N GLY B 394 -31.68 -30.39 -44.82
CA GLY B 394 -31.75 -29.15 -44.03
C GLY B 394 -31.03 -29.36 -42.71
N PRO B 395 -31.19 -30.53 -42.07
CA PRO B 395 -30.47 -30.83 -40.83
C PRO B 395 -28.97 -30.86 -41.10
N LEU B 396 -28.58 -31.41 -42.26
CA LEU B 396 -27.14 -31.47 -42.62
C LEU B 396 -26.61 -30.04 -42.76
N TYR B 397 -27.40 -29.13 -43.33
CA TYR B 397 -26.97 -27.71 -43.42
C TYR B 397 -26.83 -27.18 -42.01
N ALA B 398 -27.76 -27.55 -41.12
CA ALA B 398 -27.65 -27.16 -39.69
C ALA B 398 -26.38 -27.79 -39.11
N ALA B 399 -26.09 -29.03 -39.51
CA ALA B 399 -24.88 -29.73 -39.04
C ALA B 399 -23.65 -28.94 -39.51
N LEU B 400 -23.70 -28.43 -40.75
CA LEU B 400 -22.59 -27.61 -41.27
C LEU B 400 -22.46 -26.36 -40.38
N LYS B 401 -23.59 -25.78 -39.97
CA LYS B 401 -23.55 -24.61 -39.06
C LYS B 401 -22.96 -25.07 -37.73
N MET B 402 -22.25 -24.19 -37.01
CA MET B 402 -21.55 -24.58 -35.75
C MET B 402 -20.29 -25.38 -36.11
N GLU B 403 -20.43 -26.43 -36.92
CA GLU B 403 -19.21 -27.14 -37.39
C GLU B 403 -18.41 -26.10 -38.20
N SER B 404 -19.11 -25.29 -39.00
CA SER B 404 -18.43 -24.19 -39.74
C SER B 404 -17.82 -23.21 -38.72
N MET B 405 -18.54 -22.92 -37.65
CA MET B 405 -18.00 -22.02 -36.58
C MET B 405 -16.76 -22.68 -35.97
N GLU B 406 -16.80 -24.00 -35.75
CA GLU B 406 -15.61 -24.72 -35.23
C GLU B 406 -14.48 -24.58 -36.27
N ILE B 407 -14.81 -24.70 -37.55
CA ILE B 407 -13.80 -24.51 -38.63
C ILE B 407 -13.32 -23.06 -38.56
N ILE B 408 -14.23 -22.12 -38.30
CA ILE B 408 -13.86 -20.67 -38.23
C ILE B 408 -12.85 -20.51 -37.09
N GLU B 409 -13.06 -21.22 -35.98
CA GLU B 409 -12.09 -21.16 -34.86
C GLU B 409 -11.13 -22.35 -35.04
N GLU B 410 -11.21 -23.35 -34.18
CA GLU B 410 -10.36 -24.56 -34.33
C GLU B 410 -10.13 -24.83 -35.83
N ILE B 451 -7.85 -27.19 -42.60
CA ILE B 451 -8.81 -27.90 -43.49
C ILE B 451 -8.50 -29.40 -43.46
N LYS B 452 -8.69 -30.05 -42.31
CA LYS B 452 -8.45 -31.51 -42.19
C LYS B 452 -9.77 -32.20 -41.81
N HIS B 453 -10.16 -33.25 -42.54
CA HIS B 453 -11.46 -33.92 -42.29
C HIS B 453 -11.23 -35.35 -41.80
N VAL B 454 -11.89 -35.72 -40.71
CA VAL B 454 -11.75 -37.11 -40.16
C VAL B 454 -12.27 -38.10 -41.23
N ASP B 455 -13.37 -37.75 -41.90
CA ASP B 455 -13.93 -38.63 -42.97
C ASP B 455 -13.99 -40.08 -42.48
N ILE B 461 -13.28 -33.99 -37.85
CA ILE B 461 -14.48 -33.75 -36.99
C ILE B 461 -15.49 -34.90 -37.19
N LEU B 462 -16.44 -35.05 -36.27
CA LEU B 462 -17.49 -36.08 -36.45
C LEU B 462 -18.28 -35.73 -37.72
N TRP B 463 -18.57 -34.43 -37.91
CA TRP B 463 -19.27 -33.99 -39.15
C TRP B 463 -18.38 -34.32 -40.33
N SER B 464 -17.07 -34.12 -40.17
CA SER B 464 -16.11 -34.44 -41.25
C SER B 464 -16.19 -35.94 -41.53
N ALA B 465 -16.34 -36.76 -40.48
CA ALA B 465 -16.37 -38.23 -40.65
C ALA B 465 -17.83 -38.69 -40.77
N LEU B 466 -18.37 -39.36 -39.76
CA LEU B 466 -19.76 -39.93 -39.81
C LEU B 466 -20.33 -39.95 -41.24
N LYS B 467 -20.84 -38.82 -41.74
CA LYS B 467 -21.50 -38.82 -43.07
C LYS B 467 -20.49 -39.23 -44.15
N GLN B 468 -19.26 -38.74 -44.06
CA GLN B 468 -18.20 -39.14 -45.02
C GLN B 468 -17.94 -40.66 -44.89
N LYS B 469 -17.97 -41.20 -43.68
CA LYS B 469 -17.81 -42.67 -43.51
C LYS B 469 -18.99 -43.38 -44.20
N ALA B 470 -20.21 -42.86 -44.07
CA ALA B 470 -21.35 -43.44 -44.80
C ALA B 470 -21.08 -43.27 -46.30
N GLU B 471 -20.54 -42.11 -46.69
CA GLU B 471 -20.17 -41.84 -48.09
C GLU B 471 -19.07 -42.85 -48.49
N SER B 472 -18.18 -43.19 -47.56
CA SER B 472 -17.02 -44.07 -47.87
C SER B 472 -17.53 -45.44 -48.33
N LEU B 473 -18.61 -45.97 -47.76
CA LEU B 473 -19.06 -47.29 -48.28
C LEU B 473 -19.40 -47.09 -49.76
N GLN B 474 -20.08 -45.98 -50.11
CA GLN B 474 -20.25 -45.61 -51.55
C GLN B 474 -20.88 -46.72 -52.40
N ILE B 475 -20.23 -47.03 -53.53
CA ILE B 475 -20.77 -48.04 -54.50
C ILE B 475 -20.88 -49.39 -53.81
N SER B 476 -19.92 -49.75 -52.96
CA SER B 476 -20.00 -51.10 -52.35
C SER B 476 -21.29 -51.17 -51.53
N LEU B 477 -21.63 -50.09 -50.81
CA LEU B 477 -22.93 -50.07 -50.09
C LEU B 477 -24.07 -50.16 -51.11
N GLU B 478 -23.94 -49.44 -52.23
CA GLU B 478 -24.98 -49.47 -53.29
C GLU B 478 -25.08 -50.90 -53.87
N TYR B 479 -23.93 -51.56 -54.06
CA TYR B 479 -23.92 -52.93 -54.65
C TYR B 479 -24.68 -53.85 -53.71
N SER B 480 -24.46 -53.69 -52.40
CA SER B 480 -25.20 -54.50 -51.41
C SER B 480 -26.71 -54.33 -51.63
N VAL B 486 -32.94 -48.00 -50.54
CA VAL B 486 -31.95 -48.84 -51.28
C VAL B 486 -31.31 -47.96 -52.37
N ILE B 487 -31.78 -48.05 -53.61
CA ILE B 487 -31.27 -47.16 -54.68
C ILE B 487 -31.61 -45.72 -54.29
N GLU B 488 -32.81 -45.52 -53.74
CA GLU B 488 -33.21 -44.17 -53.26
C GLU B 488 -32.27 -43.74 -52.14
N MET B 489 -31.92 -44.66 -51.23
CA MET B 489 -30.95 -44.34 -50.15
C MET B 489 -29.60 -43.98 -50.76
N LEU B 490 -29.18 -44.71 -51.80
CA LEU B 490 -27.90 -44.39 -52.50
C LEU B 490 -28.02 -42.99 -53.13
N GLU B 491 -29.19 -42.68 -53.70
CA GLU B 491 -29.42 -41.33 -54.26
C GLU B 491 -29.33 -40.32 -53.11
N GLY B 492 -29.87 -40.67 -51.95
CA GLY B 492 -29.78 -39.79 -50.77
C GLY B 492 -28.33 -39.60 -50.38
N ILE B 493 -27.54 -40.68 -50.44
CA ILE B 493 -26.09 -40.58 -50.13
C ILE B 493 -25.43 -39.64 -51.15
N ALA B 494 -25.82 -39.75 -52.42
CA ALA B 494 -25.28 -38.83 -53.45
C ALA B 494 -25.71 -37.40 -53.11
N VAL B 495 -26.95 -37.24 -52.66
CA VAL B 495 -27.46 -35.90 -52.25
C VAL B 495 -26.62 -35.42 -51.07
N VAL B 496 -26.31 -36.33 -50.13
CA VAL B 496 -25.47 -35.96 -48.95
C VAL B 496 -24.09 -35.52 -49.45
N LEU B 497 -23.54 -36.22 -50.44
CA LEU B 497 -22.24 -35.80 -51.02
C LEU B 497 -22.41 -34.42 -51.65
N GLN B 498 -23.53 -34.20 -52.35
CA GLN B 498 -23.81 -32.87 -52.95
C GLN B 498 -23.93 -31.85 -51.81
N LEU B 499 -24.58 -32.25 -50.72
CA LEU B 499 -24.75 -31.35 -49.54
C LEU B 499 -23.35 -31.04 -48.99
N THR B 500 -22.47 -32.03 -48.96
CA THR B 500 -21.10 -31.82 -48.43
C THR B 500 -20.41 -30.81 -49.31
N ALA B 501 -20.58 -30.89 -50.63
CA ALA B 501 -19.99 -29.88 -51.54
C ALA B 501 -20.60 -28.51 -51.26
N LEU B 502 -21.91 -28.47 -51.03
CA LEU B 502 -22.59 -27.19 -50.69
C LEU B 502 -22.03 -26.69 -49.35
N CYS B 503 -21.82 -27.60 -48.39
CA CYS B 503 -21.26 -27.21 -47.07
C CYS B 503 -19.85 -26.65 -47.26
N THR B 504 -19.07 -27.27 -48.15
CA THR B 504 -17.71 -26.77 -48.44
C THR B 504 -17.84 -25.38 -49.03
N VAL B 505 -18.83 -25.19 -49.91
CA VAL B 505 -19.07 -23.85 -50.51
C VAL B 505 -19.45 -22.89 -49.36
N HIS B 506 -20.27 -23.37 -48.43
CA HIS B 506 -20.63 -22.54 -47.24
C HIS B 506 -19.37 -22.26 -46.42
N CYS B 507 -18.50 -23.25 -46.28
CA CYS B 507 -17.28 -23.09 -45.44
C CYS B 507 -16.38 -21.99 -46.02
N SER B 508 -16.24 -21.95 -47.35
CA SER B 508 -15.42 -20.90 -48.01
C SER B 508 -15.66 -19.55 -47.33
N VAL B 530 -12.84 -31.38 -40.06
CA VAL B 530 -13.56 -30.47 -41.00
C VAL B 530 -12.56 -29.97 -42.06
N VAL B 531 -12.77 -30.34 -43.33
CA VAL B 531 -11.82 -29.94 -44.42
C VAL B 531 -12.57 -29.06 -45.43
N ILE B 532 -11.98 -27.94 -45.82
CA ILE B 532 -12.60 -27.09 -46.89
C ILE B 532 -12.62 -27.99 -48.15
N THR B 533 -11.55 -28.75 -48.37
CA THR B 533 -11.51 -29.69 -49.51
C THR B 533 -12.61 -30.72 -49.31
N TRP B 534 -12.82 -31.17 -48.07
CA TRP B 534 -13.91 -32.12 -47.75
C TRP B 534 -13.74 -33.40 -48.58
N MET B 535 -14.82 -33.83 -49.25
CA MET B 535 -14.76 -35.12 -49.99
C MET B 535 -13.73 -35.03 -51.12
N SER B 536 -12.97 -36.11 -51.33
CA SER B 536 -11.92 -36.12 -52.38
C SER B 536 -12.56 -35.99 -53.77
N LEU B 537 -11.92 -35.25 -54.67
CA LEU B 537 -12.41 -35.15 -56.06
C LEU B 537 -12.34 -36.56 -56.66
N ASP B 538 -11.26 -37.29 -56.34
CA ASP B 538 -11.09 -38.68 -56.85
C ASP B 538 -12.24 -39.54 -56.32
N PHE B 539 -12.61 -39.35 -55.05
CA PHE B 539 -13.75 -40.12 -54.48
C PHE B 539 -15.01 -39.79 -55.27
N TYR B 540 -15.20 -38.51 -55.59
CA TYR B 540 -16.36 -38.11 -56.43
C TYR B 540 -16.23 -38.78 -57.80
N THR B 541 -15.01 -38.82 -58.34
CA THR B 541 -14.77 -39.45 -59.66
C THR B 541 -15.09 -40.93 -59.57
N LYS B 542 -14.72 -41.57 -58.45
CA LYS B 542 -15.05 -43.00 -58.26
C LYS B 542 -16.57 -43.12 -58.23
N VAL B 543 -17.24 -42.17 -57.58
CA VAL B 543 -18.73 -42.17 -57.56
C VAL B 543 -19.23 -41.99 -59.00
N LEU B 544 -18.58 -41.13 -59.77
CA LEU B 544 -18.98 -40.91 -61.18
C LEU B 544 -18.80 -42.21 -61.98
N LYS B 545 -17.71 -42.94 -61.72
CA LYS B 545 -17.51 -44.24 -62.40
C LYS B 545 -18.64 -45.18 -61.96
N SER B 546 -18.99 -45.15 -60.67
CA SER B 546 -20.13 -45.96 -60.17
C SER B 546 -21.40 -45.49 -60.87
N CYS B 547 -21.55 -44.17 -61.03
CA CYS B 547 -22.75 -43.60 -61.70
C CYS B 547 -22.80 -44.11 -63.14
N ARG B 548 -21.65 -44.17 -63.81
CA ARG B 548 -21.62 -44.70 -65.20
C ARG B 548 -22.06 -46.17 -65.16
N SER B 549 -21.60 -46.93 -64.16
CA SER B 549 -22.05 -48.33 -64.02
C SER B 549 -23.56 -48.36 -63.75
N LEU B 550 -24.04 -47.43 -62.93
CA LEU B 550 -25.49 -47.34 -62.64
C LEU B 550 -26.24 -47.00 -63.94
N LEU B 551 -25.66 -46.11 -64.74
CA LEU B 551 -26.29 -45.74 -66.04
C LEU B 551 -26.34 -47.01 -66.91
N GLU B 552 -25.27 -47.81 -66.88
CA GLU B 552 -25.27 -49.09 -67.64
C GLU B 552 -26.37 -50.00 -67.08
N SER B 553 -26.53 -50.01 -65.75
CA SER B 553 -27.57 -50.86 -65.11
C SER B 553 -28.96 -50.45 -65.62
N ALA B 561 -37.77 -42.33 -61.67
CA ALA B 561 -37.40 -43.31 -60.62
C ALA B 561 -35.90 -43.55 -60.68
N THR B 562 -35.49 -44.63 -61.35
CA THR B 562 -34.04 -44.88 -61.52
C THR B 562 -33.48 -43.73 -62.33
N ILE B 563 -34.23 -43.29 -63.34
CA ILE B 563 -33.80 -42.11 -64.15
C ILE B 563 -33.75 -40.89 -63.21
N ASP B 564 -34.74 -40.77 -62.33
CA ASP B 564 -34.73 -39.65 -61.35
C ASP B 564 -33.51 -39.77 -60.44
N LYS B 565 -33.20 -41.00 -60.02
CA LYS B 565 -31.98 -41.22 -59.19
C LYS B 565 -30.75 -40.83 -60.02
N VAL B 566 -30.73 -41.19 -61.30
CA VAL B 566 -29.61 -40.80 -62.20
C VAL B 566 -29.60 -39.27 -62.30
N VAL B 567 -30.78 -38.67 -62.42
CA VAL B 567 -30.89 -37.18 -62.49
C VAL B 567 -30.36 -36.60 -61.17
N LYS B 568 -30.68 -37.24 -60.06
CA LYS B 568 -30.16 -36.78 -58.74
C LYS B 568 -28.64 -36.90 -58.74
N ILE B 569 -28.12 -37.99 -59.30
CA ILE B 569 -26.63 -38.14 -59.41
C ILE B 569 -26.11 -37.02 -60.32
N TYR B 570 -26.82 -36.73 -61.41
CA TYR B 570 -26.43 -35.62 -62.32
C TYR B 570 -26.50 -34.32 -61.53
N ASP B 571 -27.54 -34.19 -60.71
CA ASP B 571 -27.70 -32.96 -59.88
C ASP B 571 -26.51 -32.90 -58.93
N ALA B 572 -26.12 -34.05 -58.39
CA ALA B 572 -24.99 -34.07 -57.43
C ALA B 572 -23.72 -33.60 -58.12
N LEU B 573 -22.89 -32.81 -57.43
CA LEU B 573 -21.59 -32.31 -57.96
C LEU B 573 -21.83 -31.08 -58.84
N ILE B 574 -23.08 -30.61 -58.98
CA ILE B 574 -23.31 -29.34 -59.72
C ILE B 574 -22.61 -28.23 -58.91
N TYR B 575 -22.73 -28.28 -57.57
CA TYR B 575 -22.05 -27.29 -56.70
C TYR B 575 -20.54 -27.46 -56.86
N MET B 576 -20.08 -28.72 -56.96
CA MET B 576 -18.63 -28.99 -57.14
C MET B 576 -18.21 -28.40 -58.49
N GLN B 577 -19.04 -28.54 -59.52
CA GLN B 577 -18.72 -27.92 -60.82
C GLN B 577 -18.68 -26.40 -60.64
N VAL B 578 -19.62 -25.86 -59.86
CA VAL B 578 -19.62 -24.40 -59.57
C VAL B 578 -18.33 -24.07 -58.79
N ASN B 579 -17.95 -24.92 -57.85
CA ASN B 579 -16.70 -24.70 -57.06
C ASN B 579 -15.52 -24.73 -58.01
N SER B 580 -15.52 -25.66 -58.98
CA SER B 580 -14.42 -25.76 -59.96
C SER B 580 -14.31 -24.46 -60.76
N HIS B 585 -12.19 -33.07 -69.12
CA HIS B 585 -12.08 -34.47 -68.62
C HIS B 585 -13.36 -34.84 -67.87
N ILE B 586 -13.31 -34.73 -66.54
CA ILE B 586 -14.53 -34.99 -65.73
C ILE B 586 -15.58 -33.94 -66.13
N LEU B 587 -15.15 -32.69 -66.33
CA LEU B 587 -16.07 -31.62 -66.77
C LEU B 587 -16.62 -31.99 -68.15
N GLU B 588 -15.76 -32.52 -69.03
CA GLU B 588 -16.23 -32.95 -70.37
C GLU B 588 -17.26 -34.07 -70.19
N ASP B 589 -17.00 -35.00 -69.25
CA ASP B 589 -17.96 -36.11 -68.97
C ASP B 589 -19.26 -35.49 -68.45
N LEU B 590 -19.16 -34.43 -67.64
CA LEU B 590 -20.35 -33.78 -67.02
C LEU B 590 -21.16 -33.01 -68.07
N CYS B 591 -22.42 -32.67 -67.75
CA CYS B 591 -23.32 -31.96 -68.69
C CYS B 591 -23.64 -32.77 -69.95
N GLY B 592 -23.39 -32.24 -71.15
CA GLY B 592 -23.87 -32.91 -72.37
C GLY B 592 -23.32 -34.30 -72.56
N MET B 593 -22.03 -34.54 -72.28
CA MET B 593 -21.57 -35.96 -72.40
C MET B 593 -22.35 -36.83 -71.40
N LEU B 594 -22.56 -36.34 -70.18
CA LEU B 594 -23.38 -37.10 -69.20
C LEU B 594 -24.80 -37.25 -69.75
N SER B 595 -25.32 -36.18 -70.37
CA SER B 595 -26.70 -36.21 -70.91
C SER B 595 -26.80 -37.24 -72.04
N LEU B 596 -27.93 -37.94 -72.12
CA LEU B 596 -28.13 -38.89 -73.25
C LEU B 596 -28.11 -38.08 -74.56
N PRO B 597 -28.72 -36.88 -74.57
CA PRO B 597 -28.72 -36.05 -75.77
C PRO B 597 -27.32 -35.57 -76.17
N TRP B 598 -27.05 -35.53 -77.47
CA TRP B 598 -25.70 -35.14 -77.99
C TRP B 598 -25.38 -33.66 -77.74
N ILE B 599 -24.10 -33.34 -77.51
CA ILE B 599 -23.65 -31.92 -77.36
C ILE B 599 -23.71 -31.28 -78.75
N TYR B 600 -23.87 -32.09 -79.81
CA TYR B 600 -23.85 -31.61 -81.22
C TYR B 600 -24.95 -30.60 -81.60
N SER B 601 -26.19 -30.70 -81.09
CA SER B 601 -27.28 -29.84 -81.63
C SER B 601 -27.49 -28.52 -80.88
N HIS B 602 -28.57 -28.33 -80.13
CA HIS B 602 -28.79 -26.98 -79.51
C HIS B 602 -29.28 -27.05 -78.07
N SER B 603 -28.93 -26.04 -77.26
CA SER B 603 -29.45 -25.98 -75.87
C SER B 603 -30.24 -24.67 -75.67
N PRO B 630 -38.83 -34.30 -70.14
CA PRO B 630 -39.36 -32.99 -69.78
C PRO B 630 -38.57 -32.41 -68.62
N GLN B 631 -38.91 -32.82 -67.39
CA GLN B 631 -38.12 -32.36 -66.22
C GLN B 631 -36.68 -32.89 -66.35
N ALA B 632 -36.53 -34.14 -66.80
CA ALA B 632 -35.18 -34.70 -67.02
C ALA B 632 -34.49 -33.89 -68.12
N GLN B 633 -35.24 -33.52 -69.16
CA GLN B 633 -34.67 -32.67 -70.23
C GLN B 633 -34.29 -31.33 -69.62
N SER B 634 -35.13 -30.80 -68.72
CA SER B 634 -34.82 -29.52 -68.05
C SER B 634 -33.54 -29.70 -67.23
N ARG B 635 -33.39 -30.84 -66.55
CA ARG B 635 -32.17 -31.11 -65.76
C ARG B 635 -30.96 -31.16 -66.70
N CYS B 636 -31.13 -31.78 -67.87
CA CYS B 636 -30.01 -31.83 -68.86
C CYS B 636 -29.78 -30.40 -69.37
N VAL B 637 -30.85 -29.67 -69.65
CA VAL B 637 -30.71 -28.25 -70.07
C VAL B 637 -30.04 -27.48 -68.92
N PHE B 638 -30.41 -27.79 -67.68
CA PHE B 638 -29.77 -27.15 -66.50
C PHE B 638 -28.30 -27.54 -66.50
N LEU B 639 -28.01 -28.79 -66.84
CA LEU B 639 -26.61 -29.28 -66.88
C LEU B 639 -25.83 -28.48 -67.91
N LEU B 640 -26.45 -28.17 -69.06
CA LEU B 640 -25.76 -27.33 -70.08
C LEU B 640 -25.49 -25.94 -69.47
N THR B 641 -26.45 -25.39 -68.72
CA THR B 641 -26.22 -24.11 -68.03
C THR B 641 -25.09 -24.30 -67.04
N LEU B 642 -25.09 -25.44 -66.36
CA LEU B 642 -24.03 -25.77 -65.37
C LEU B 642 -22.67 -25.85 -66.07
N PHE B 643 -22.62 -26.38 -67.29
CA PHE B 643 -21.30 -26.61 -67.94
C PHE B 643 -20.57 -25.29 -68.11
N PRO B 644 -19.24 -25.26 -67.86
CA PRO B 644 -18.48 -24.02 -67.89
C PRO B 644 -18.29 -23.26 -69.19
N ARG B 645 -18.29 -21.92 -69.10
CA ARG B 645 -17.98 -21.10 -70.30
C ARG B 645 -16.53 -21.42 -70.72
N ARG B 646 -15.65 -21.60 -69.74
CA ARG B 646 -14.22 -21.80 -70.06
C ARG B 646 -14.04 -23.08 -70.90
N ILE B 647 -14.77 -24.16 -70.58
CA ILE B 647 -14.52 -25.42 -71.34
C ILE B 647 -15.77 -25.81 -72.16
N PHE B 648 -15.60 -26.02 -73.47
CA PHE B 648 -16.72 -26.51 -74.32
C PHE B 648 -17.94 -25.57 -74.23
N LEU B 649 -17.74 -24.26 -74.18
CA LEU B 649 -18.93 -23.37 -74.02
C LEU B 649 -19.83 -23.54 -75.24
N GLU B 650 -19.24 -23.60 -76.44
CA GLU B 650 -20.03 -23.82 -77.67
C GLU B 650 -20.71 -25.20 -77.59
N TRP B 651 -19.98 -26.21 -77.12
CA TRP B 651 -20.58 -27.55 -76.96
C TRP B 651 -21.70 -27.45 -75.93
N ARG B 652 -21.49 -26.70 -74.85
CA ARG B 652 -22.53 -26.52 -73.80
C ARG B 652 -23.74 -25.80 -74.40
N THR B 653 -23.49 -24.79 -75.26
CA THR B 653 -24.59 -24.06 -75.91
C THR B 653 -25.36 -25.02 -76.77
N ALA B 654 -24.67 -25.93 -77.44
CA ALA B 654 -25.31 -26.94 -78.31
C ALA B 654 -25.60 -28.24 -77.55
N VAL B 655 -25.23 -28.34 -76.26
CA VAL B 655 -25.32 -29.64 -75.51
C VAL B 655 -26.73 -30.22 -75.37
N TYR B 656 -27.76 -29.41 -75.08
CA TYR B 656 -29.08 -30.03 -74.79
C TYR B 656 -29.58 -30.81 -76.01
N ASN B 657 -29.43 -30.25 -77.21
CA ASN B 657 -29.80 -30.95 -78.48
C ASN B 657 -31.33 -30.93 -78.62
N TRP B 658 -31.85 -31.58 -79.66
CA TRP B 658 -33.33 -31.76 -79.75
C TRP B 658 -34.07 -30.42 -79.65
N ALA B 659 -35.06 -30.37 -78.76
CA ALA B 659 -35.91 -29.18 -78.61
C ALA B 659 -35.11 -27.96 -78.15
N LEU B 660 -34.14 -28.14 -77.23
CA LEU B 660 -33.46 -26.95 -76.67
C LEU B 660 -34.56 -26.11 -75.98
N GLN B 661 -34.69 -24.82 -76.30
CA GLN B 661 -35.81 -24.06 -75.71
C GLN B 661 -37.07 -24.31 -76.56
N SER B 662 -37.63 -25.52 -76.44
CA SER B 662 -38.83 -25.92 -77.22
C SER B 662 -39.54 -27.05 -76.47
N SER B 663 -40.78 -27.39 -76.88
CA SER B 663 -41.55 -28.46 -76.20
C SER B 663 -41.81 -28.07 -74.74
N HIS B 664 -41.46 -28.92 -73.78
CA HIS B 664 -41.85 -28.62 -72.37
C HIS B 664 -41.23 -27.29 -71.95
N GLU B 665 -42.01 -26.46 -71.26
CA GLU B 665 -41.55 -25.12 -70.84
C GLU B 665 -40.38 -25.27 -69.87
N VAL B 666 -40.45 -26.24 -68.95
CA VAL B 666 -39.38 -26.36 -67.92
C VAL B 666 -38.05 -26.65 -68.63
N ILE B 667 -38.08 -27.54 -69.63
CA ILE B 667 -36.83 -27.81 -70.42
C ILE B 667 -36.43 -26.51 -71.13
N ARG B 668 -37.40 -25.78 -71.69
CA ARG B 668 -37.09 -24.52 -72.40
C ARG B 668 -36.52 -23.49 -71.42
N ALA B 669 -37.09 -23.40 -70.21
CA ALA B 669 -36.59 -22.43 -69.20
C ALA B 669 -35.16 -22.78 -68.80
N SER B 670 -34.89 -24.07 -68.62
CA SER B 670 -33.51 -24.53 -68.29
C SER B 670 -32.59 -24.19 -69.47
N CYS B 671 -33.08 -24.38 -70.69
CA CYS B 671 -32.30 -24.04 -71.91
C CYS B 671 -32.03 -22.52 -71.89
N VAL B 672 -33.04 -21.73 -71.47
CA VAL B 672 -32.87 -20.26 -71.37
C VAL B 672 -31.76 -19.97 -70.35
N SER B 673 -31.72 -20.74 -69.24
CA SER B 673 -30.62 -20.56 -68.26
C SER B 673 -29.28 -20.90 -68.94
N GLY B 674 -29.24 -21.95 -69.76
CA GLY B 674 -28.01 -22.26 -70.51
C GLY B 674 -27.67 -21.13 -71.46
N PHE B 675 -28.69 -20.56 -72.12
CA PHE B 675 -28.47 -19.39 -73.01
C PHE B 675 -27.94 -18.23 -72.18
N PHE B 676 -28.48 -18.07 -70.96
CA PHE B 676 -28.03 -16.97 -70.06
C PHE B 676 -26.56 -17.18 -69.74
N ILE B 677 -26.17 -18.44 -69.51
CA ILE B 677 -24.72 -18.74 -69.24
C ILE B 677 -23.91 -18.34 -70.49
N LEU B 678 -24.43 -18.65 -71.69
CA LEU B 678 -23.75 -18.23 -72.94
C LEU B 678 -23.71 -16.70 -73.00
N LEU B 679 -24.80 -16.04 -72.58
CA LEU B 679 -24.86 -14.55 -72.59
C LEU B 679 -23.80 -14.01 -71.62
N GLN B 680 -23.63 -14.66 -70.47
CA GLN B 680 -22.63 -14.20 -69.47
C GLN B 680 -21.23 -14.28 -70.10
N GLN B 681 -20.94 -15.35 -70.85
CA GLN B 681 -19.64 -15.48 -71.54
C GLN B 681 -19.42 -14.26 -72.44
N ARG B 687 -27.31 -11.56 -74.51
CA ARG B 687 -28.67 -12.10 -74.79
C ARG B 687 -28.88 -12.18 -76.31
N VAL B 688 -29.08 -13.40 -76.83
CA VAL B 688 -29.22 -13.57 -78.30
C VAL B 688 -30.50 -12.84 -78.76
N PRO B 689 -30.49 -12.15 -79.92
CA PRO B 689 -31.69 -11.52 -80.42
C PRO B 689 -32.71 -12.61 -80.68
N LYS B 690 -32.25 -13.73 -81.23
CA LYS B 690 -33.16 -14.87 -81.53
C LYS B 690 -33.75 -15.40 -80.22
N ILE B 691 -32.92 -15.48 -79.17
CA ILE B 691 -33.45 -15.93 -77.84
C ILE B 691 -34.49 -14.89 -77.37
N LEU B 692 -34.21 -13.61 -77.57
CA LEU B 692 -35.20 -12.55 -77.20
C LEU B 692 -36.45 -12.74 -78.07
N ILE B 693 -36.27 -13.05 -79.35
CA ILE B 693 -37.42 -13.29 -80.26
C ILE B 693 -38.19 -14.51 -79.75
N ASP B 694 -37.46 -15.54 -79.31
CA ASP B 694 -38.14 -16.76 -78.75
C ASP B 694 -38.92 -16.34 -77.51
N LYS B 695 -38.35 -15.48 -76.68
CA LYS B 695 -39.08 -14.98 -75.48
C LYS B 695 -40.31 -14.19 -75.96
N VAL B 696 -40.15 -13.38 -77.01
CA VAL B 696 -41.30 -12.61 -77.56
C VAL B 696 -42.33 -13.62 -78.08
N LYS B 697 -41.88 -14.69 -78.73
CA LYS B 697 -42.80 -15.73 -79.26
C LYS B 697 -43.53 -16.39 -78.06
N ASP B 698 -42.80 -16.63 -76.97
CA ASP B 698 -43.42 -17.26 -75.77
C ASP B 698 -44.58 -16.38 -75.28
N VAL B 703 -43.72 -20.89 -68.81
CA VAL B 703 -44.04 -20.19 -70.09
C VAL B 703 -43.81 -18.68 -69.88
N LYS B 704 -44.88 -17.92 -69.63
CA LYS B 704 -44.71 -16.47 -69.34
C LYS B 704 -43.89 -16.36 -68.05
N LYS B 705 -44.17 -17.23 -67.07
CA LYS B 705 -43.40 -17.24 -65.81
C LYS B 705 -41.94 -17.59 -66.12
N GLU B 706 -41.71 -18.55 -67.01
CA GLU B 706 -40.33 -18.92 -67.40
C GLU B 706 -39.64 -17.71 -68.05
N PHE B 707 -40.36 -16.98 -68.91
CA PHE B 707 -39.78 -15.77 -69.54
C PHE B 707 -39.48 -14.74 -68.46
N ALA B 708 -40.39 -14.61 -67.49
CA ALA B 708 -40.18 -13.67 -66.36
C ALA B 708 -38.95 -14.13 -65.57
N SER B 709 -38.82 -15.45 -65.38
CA SER B 709 -37.66 -15.99 -64.64
C SER B 709 -36.37 -15.67 -65.42
N ILE B 710 -36.42 -15.79 -66.75
CA ILE B 710 -35.21 -15.56 -67.59
C ILE B 710 -34.78 -14.09 -67.41
N LEU B 711 -35.74 -13.17 -67.37
CA LEU B 711 -35.41 -11.72 -67.25
C LEU B 711 -36.24 -11.10 -66.13
N GLY B 712 -35.88 -11.39 -64.86
CA GLY B 712 -36.67 -10.85 -63.73
C GLY B 712 -36.61 -9.35 -63.74
N GLN B 713 -35.44 -8.76 -64.02
CA GLN B 713 -35.31 -7.29 -64.17
C GLN B 713 -35.44 -6.61 -62.80
N LEU B 714 -35.74 -5.30 -62.80
CA LEU B 714 -35.94 -4.52 -61.54
C LEU B 714 -34.59 -4.08 -60.96
N VAL B 715 -34.60 -3.38 -59.82
CA VAL B 715 -33.34 -2.92 -59.14
C VAL B 715 -32.87 -1.64 -59.85
N CYS B 716 -31.76 -1.05 -59.40
CA CYS B 716 -31.22 0.11 -60.17
C CYS B 716 -30.81 -0.42 -61.55
N THR B 717 -30.18 -1.60 -61.58
CA THR B 717 -29.82 -2.23 -62.87
C THR B 717 -30.35 -3.64 -62.88
N LEU B 718 -31.03 -4.05 -63.95
CA LEU B 718 -31.47 -5.47 -64.06
C LEU B 718 -30.21 -6.36 -64.11
N HIS B 719 -29.18 -5.93 -64.85
CA HIS B 719 -27.90 -6.69 -64.95
C HIS B 719 -28.18 -8.10 -65.48
N GLY B 720 -29.13 -8.23 -66.41
CA GLY B 720 -29.42 -9.55 -67.01
C GLY B 720 -28.20 -10.04 -67.77
N MET B 721 -27.53 -9.13 -68.49
CA MET B 721 -26.34 -9.50 -69.32
C MET B 721 -25.21 -9.99 -68.40
N PHE B 722 -24.46 -11.00 -68.86
CA PHE B 722 -23.30 -11.51 -68.08
C PHE B 722 -23.69 -11.63 -66.61
N GLU B 730 -26.65 -15.50 -57.53
CA GLU B 730 -27.26 -16.42 -58.53
C GLU B 730 -27.95 -17.58 -57.78
N PRO B 731 -27.43 -18.04 -56.62
CA PRO B 731 -28.12 -19.06 -55.86
C PRO B 731 -28.48 -18.49 -54.49
N PHE B 732 -29.73 -18.70 -54.07
CA PHE B 732 -30.21 -18.10 -52.79
C PHE B 732 -29.42 -18.68 -51.62
N SER B 733 -29.11 -17.82 -50.64
CA SER B 733 -28.37 -18.26 -49.43
C SER B 733 -29.18 -19.30 -48.65
N GLU B 734 -30.51 -19.12 -48.57
CA GLU B 734 -31.33 -20.02 -47.72
C GLU B 734 -31.23 -21.46 -48.22
N HIS B 735 -31.14 -22.41 -47.30
CA HIS B 735 -30.98 -23.86 -47.63
C HIS B 735 -32.28 -24.46 -48.19
N GLY B 736 -32.16 -25.59 -48.91
CA GLY B 736 -33.35 -26.28 -49.43
C GLY B 736 -33.84 -25.83 -50.79
N HIS B 737 -33.11 -24.96 -51.50
CA HIS B 737 -33.59 -24.65 -52.88
C HIS B 737 -32.74 -25.43 -53.89
N VAL B 738 -33.39 -26.34 -54.63
CA VAL B 738 -32.69 -27.14 -55.68
C VAL B 738 -32.18 -26.23 -56.81
N ASP B 739 -32.98 -25.24 -57.21
CA ASP B 739 -32.61 -24.42 -58.40
C ASP B 739 -31.31 -23.64 -58.16
N LEU B 740 -30.45 -23.58 -59.18
CA LEU B 740 -29.19 -22.78 -59.13
C LEU B 740 -28.13 -23.55 -58.34
N PHE B 741 -28.43 -24.80 -57.95
CA PHE B 741 -27.41 -25.63 -57.26
C PHE B 741 -26.94 -24.83 -56.06
N CYS B 742 -25.63 -24.70 -55.90
CA CYS B 742 -25.09 -23.84 -54.82
C CYS B 742 -24.04 -22.92 -55.46
N ARG B 743 -24.48 -21.94 -56.24
CA ARG B 743 -23.55 -21.00 -56.92
C ARG B 743 -24.02 -19.55 -56.68
N ASN B 744 -23.84 -19.03 -55.47
CA ASN B 744 -24.35 -17.66 -55.16
C ASN B 744 -23.61 -16.66 -56.06
N LEU B 745 -22.30 -16.85 -56.25
CA LEU B 745 -21.52 -15.98 -57.16
C LEU B 745 -22.03 -16.18 -58.60
N LYS B 746 -22.07 -15.11 -59.39
CA LYS B 746 -22.52 -15.23 -60.80
C LYS B 746 -21.35 -14.89 -61.74
N ALA B 747 -21.07 -15.76 -62.71
CA ALA B 747 -19.94 -15.53 -63.63
C ALA B 747 -20.19 -14.28 -64.47
N THR B 748 -19.14 -13.49 -64.71
CA THR B 748 -19.27 -12.27 -65.53
C THR B 748 -19.48 -12.68 -66.98
N GLN B 757 -23.47 -0.25 -65.77
CA GLN B 757 -22.56 0.91 -65.91
C GLN B 757 -22.89 1.66 -67.22
N LEU B 758 -23.13 0.92 -68.30
CA LEU B 758 -23.43 1.56 -69.60
C LEU B 758 -24.77 2.30 -69.50
N LYS B 759 -24.87 3.47 -70.13
CA LYS B 759 -26.15 4.23 -70.11
C LYS B 759 -27.21 3.38 -70.83
N ALA B 760 -26.82 2.73 -71.94
CA ALA B 760 -27.75 1.85 -72.66
C ALA B 760 -28.18 0.70 -71.75
N LYS B 803 -38.70 9.81 -70.02
CA LYS B 803 -38.08 9.08 -71.17
C LYS B 803 -39.11 8.16 -71.82
N ALA B 804 -38.83 7.67 -73.02
CA ALA B 804 -39.75 6.72 -73.68
C ALA B 804 -39.84 5.45 -72.84
N VAL B 805 -38.71 4.98 -72.32
CA VAL B 805 -38.71 3.79 -71.42
C VAL B 805 -39.53 4.11 -70.16
N LEU B 806 -39.37 5.32 -69.62
CA LEU B 806 -40.15 5.75 -68.43
C LEU B 806 -41.64 5.77 -68.81
N GLY B 807 -41.96 6.25 -70.01
CA GLY B 807 -43.35 6.25 -70.47
C GLY B 807 -43.87 4.83 -70.57
N THR B 808 -43.03 3.92 -71.07
CA THR B 808 -43.42 2.50 -71.15
C THR B 808 -43.66 1.97 -69.74
N LEU B 809 -42.81 2.35 -68.79
CA LEU B 809 -43.01 1.94 -67.39
C LEU B 809 -44.32 2.54 -66.87
N LEU B 810 -44.59 3.80 -67.21
CA LEU B 810 -45.87 4.44 -66.81
C LEU B 810 -47.01 3.68 -67.47
N ASN B 811 -46.83 3.30 -68.75
CA ASN B 811 -47.87 2.54 -69.49
C ASN B 811 -48.09 1.19 -68.80
N LEU B 812 -47.01 0.55 -68.36
CA LEU B 812 -47.13 -0.76 -67.66
C LEU B 812 -47.93 -0.53 -66.38
N MET B 813 -47.65 0.56 -65.66
CA MET B 813 -48.42 0.90 -64.43
C MET B 813 -49.88 1.16 -64.84
N GLU B 814 -50.06 1.86 -65.97
CA GLU B 814 -51.42 2.21 -66.46
C GLU B 814 -52.23 0.94 -66.78
N ASP B 815 -51.61 -0.08 -67.37
CA ASP B 815 -52.40 -1.25 -67.83
C ASP B 815 -52.65 -2.23 -66.69
N PRO B 816 -53.52 -1.89 -65.70
CA PRO B 816 -53.90 -2.84 -64.66
C PRO B 816 -52.71 -3.40 -63.89
N ASP B 817 -51.70 -2.57 -63.67
CA ASP B 817 -50.53 -3.04 -62.86
C ASP B 817 -51.01 -3.32 -61.44
N LYS B 818 -51.90 -2.50 -60.89
CA LYS B 818 -52.46 -2.79 -59.54
C LYS B 818 -51.30 -2.80 -58.54
N ASP B 819 -51.15 -3.90 -57.78
CA ASP B 819 -50.09 -3.99 -56.74
C ASP B 819 -48.75 -3.84 -57.46
N VAL B 820 -48.62 -4.41 -58.65
CA VAL B 820 -47.36 -4.30 -59.43
C VAL B 820 -47.12 -2.81 -59.73
N ARG B 821 -48.19 -2.04 -60.03
CA ARG B 821 -48.03 -0.59 -60.28
C ARG B 821 -47.49 0.09 -59.02
N VAL B 822 -47.97 -0.31 -57.84
CA VAL B 822 -47.39 0.26 -56.59
C VAL B 822 -45.92 -0.15 -56.52
N ALA B 823 -45.60 -1.40 -56.87
CA ALA B 823 -44.19 -1.84 -56.89
C ALA B 823 -43.44 -1.01 -57.95
N PHE B 824 -44.11 -0.77 -59.09
CA PHE B 824 -43.48 0.03 -60.18
C PHE B 824 -43.23 1.44 -59.65
N SER B 825 -44.18 1.96 -58.88
CA SER B 825 -44.01 3.33 -58.32
C SER B 825 -42.80 3.36 -57.39
N GLY B 826 -42.63 2.32 -56.57
CA GLY B 826 -41.41 2.25 -55.72
C GLY B 826 -40.19 2.16 -56.61
N ASN B 827 -40.27 1.36 -57.67
CA ASN B 827 -39.14 1.24 -58.64
C ASN B 827 -38.93 2.59 -59.30
N ILE B 828 -40.01 3.29 -59.62
CA ILE B 828 -39.92 4.62 -60.29
C ILE B 828 -39.19 5.59 -59.34
N LYS B 829 -39.49 5.51 -58.04
CA LYS B 829 -38.77 6.36 -57.06
C LYS B 829 -37.29 5.96 -57.08
N HIS B 830 -37.00 4.67 -57.16
CA HIS B 830 -35.59 4.21 -57.26
C HIS B 830 -34.98 4.73 -58.58
N ILE B 831 -35.77 4.67 -59.66
CA ILE B 831 -35.28 5.17 -60.98
C ILE B 831 -35.01 6.68 -60.86
N LEU B 832 -35.89 7.39 -60.16
CA LEU B 832 -35.70 8.86 -59.99
C LEU B 832 -34.40 9.08 -59.21
N GLU B 833 -34.15 8.25 -58.19
CA GLU B 833 -32.88 8.35 -57.42
C GLU B 833 -31.70 8.14 -58.36
N ASP B 839 -33.95 13.35 -66.63
CA ASP B 839 -33.72 14.81 -66.43
C ASP B 839 -33.99 15.55 -67.73
N GLY B 840 -34.24 16.86 -67.66
CA GLY B 840 -34.42 17.64 -68.90
C GLY B 840 -35.57 17.09 -69.72
N PHE B 841 -35.34 16.85 -71.01
CA PHE B 841 -36.43 16.39 -71.91
C PHE B 841 -36.94 15.04 -71.42
N ILE B 842 -36.02 14.16 -71.00
CA ILE B 842 -36.43 12.82 -70.50
C ILE B 842 -37.30 13.01 -69.25
N LYS B 843 -36.93 13.94 -68.37
CA LYS B 843 -37.78 14.21 -67.18
C LYS B 843 -39.13 14.76 -67.66
N GLU B 844 -39.09 15.64 -68.67
CA GLU B 844 -40.34 16.24 -69.19
C GLU B 844 -41.21 15.12 -69.78
N LEU B 845 -40.59 14.18 -70.50
CA LEU B 845 -41.35 13.06 -71.10
C LEU B 845 -41.98 12.22 -69.97
N PHE B 846 -41.21 11.98 -68.91
CA PHE B 846 -41.77 11.24 -67.74
C PHE B 846 -42.90 12.06 -67.14
N VAL B 847 -42.70 13.38 -67.04
CA VAL B 847 -43.75 14.28 -66.49
C VAL B 847 -44.98 14.21 -67.41
N LEU B 848 -44.75 14.20 -68.72
CA LEU B 848 -45.87 14.10 -69.69
C LEU B 848 -46.58 12.76 -69.48
N ARG B 849 -45.81 11.70 -69.27
CA ARG B 849 -46.42 10.37 -69.01
C ARG B 849 -47.22 10.44 -67.70
N MET B 850 -46.66 11.10 -66.69
CA MET B 850 -47.38 11.26 -65.40
C MET B 850 -48.65 12.09 -65.63
N LYS B 851 -48.55 13.16 -66.43
CA LYS B 851 -49.73 13.98 -66.74
C LYS B 851 -50.74 13.12 -67.50
N GLU B 852 -50.25 12.29 -68.42
CA GLU B 852 -51.14 11.40 -69.21
C GLU B 852 -51.81 10.43 -68.24
N ALA B 853 -51.05 9.92 -67.28
CA ALA B 853 -51.61 8.97 -66.29
C ALA B 853 -52.70 9.66 -65.48
N TYR B 854 -52.45 10.92 -65.09
CA TYR B 854 -53.48 11.68 -64.32
C TYR B 854 -54.70 11.85 -65.19
N THR B 855 -54.49 12.16 -66.48
CA THR B 855 -55.63 12.29 -67.41
C THR B 855 -56.31 10.95 -67.54
N HIS B 856 -55.50 9.88 -67.61
CA HIS B 856 -56.07 8.51 -67.76
C HIS B 856 -56.90 8.18 -66.54
N ALA B 857 -56.41 8.55 -65.35
CA ALA B 857 -57.16 8.28 -64.11
C ALA B 857 -58.48 9.05 -64.15
N GLN B 858 -58.43 10.30 -64.62
CA GLN B 858 -59.67 11.08 -64.78
C GLN B 858 -60.58 10.40 -65.82
N ILE B 859 -59.98 9.92 -66.91
CA ILE B 859 -60.77 9.21 -67.96
C ILE B 859 -61.35 7.94 -67.33
N SER B 860 -60.54 7.25 -66.52
CA SER B 860 -61.01 6.03 -65.83
C SER B 860 -62.16 6.39 -64.88
N ARG B 861 -62.02 7.52 -64.18
CA ARG B 861 -63.04 7.90 -63.16
C ARG B 861 -63.11 6.74 -62.16
N ASN B 862 -61.96 6.15 -61.82
CA ASN B 862 -61.94 4.97 -60.92
C ASN B 862 -61.17 5.32 -59.65
N ASN B 863 -61.73 5.00 -58.48
CA ASN B 863 -61.07 5.30 -57.19
C ASN B 863 -59.76 4.51 -57.13
N GLU B 864 -59.77 3.26 -57.59
CA GLU B 864 -58.52 2.45 -57.62
C GLU B 864 -57.49 3.11 -58.56
N LEU B 865 -57.96 3.61 -59.71
CA LEU B 865 -57.03 4.33 -60.63
C LEU B 865 -56.52 5.58 -59.91
N LYS B 866 -57.41 6.28 -59.18
CA LYS B 866 -57.00 7.47 -58.41
C LYS B 866 -56.01 7.00 -57.33
N ASP B 867 -56.28 5.85 -56.71
CA ASP B 867 -55.38 5.30 -55.66
C ASP B 867 -54.02 4.98 -56.28
N THR B 868 -54.01 4.43 -57.49
CA THR B 868 -52.72 4.16 -58.16
C THR B 868 -52.02 5.48 -58.40
N LEU B 869 -52.77 6.50 -58.82
CA LEU B 869 -52.17 7.86 -58.99
C LEU B 869 -51.69 8.35 -57.63
N ILE B 870 -52.48 8.11 -56.58
CA ILE B 870 -52.09 8.55 -55.21
C ILE B 870 -50.82 7.80 -54.81
N LEU B 871 -50.74 6.51 -55.15
CA LEU B 871 -49.52 5.72 -54.84
C LEU B 871 -48.34 6.33 -55.61
N THR B 872 -48.58 6.72 -56.87
CA THR B 872 -47.51 7.36 -57.66
C THR B 872 -47.15 8.66 -56.98
N THR B 873 -48.15 9.39 -56.50
CA THR B 873 -47.89 10.68 -55.80
C THR B 873 -47.10 10.39 -54.55
N GLY B 874 -47.43 9.31 -53.83
CA GLY B 874 -46.65 8.94 -52.64
C GLY B 874 -45.23 8.58 -53.02
N ASP B 875 -45.06 7.85 -54.13
CA ASP B 875 -43.69 7.51 -54.61
C ASP B 875 -42.97 8.80 -54.98
N ILE B 876 -43.70 9.73 -55.62
CA ILE B 876 -43.11 11.05 -55.97
C ILE B 876 -42.74 11.75 -54.66
N GLY B 877 -43.60 11.66 -53.64
CA GLY B 877 -43.30 12.41 -52.41
C GLY B 877 -42.01 11.91 -51.81
N ARG B 878 -41.79 10.60 -51.81
CA ARG B 878 -40.50 10.05 -51.32
C ARG B 878 -39.34 10.51 -52.22
N ALA B 879 -39.53 10.53 -53.54
CA ALA B 879 -38.42 10.88 -54.48
C ALA B 879 -38.90 11.92 -55.50
N ALA B 880 -38.97 13.19 -55.11
CA ALA B 880 -39.55 14.19 -56.04
C ALA B 880 -38.52 15.16 -56.60
N LYS B 881 -38.50 15.30 -57.93
CA LYS B 881 -37.64 16.34 -58.56
C LYS B 881 -38.36 17.66 -58.25
N GLY B 882 -37.67 18.80 -58.29
CA GLY B 882 -38.37 20.03 -57.86
C GLY B 882 -39.57 20.27 -58.75
N ASP B 883 -39.44 20.05 -60.06
CA ASP B 883 -40.64 20.16 -60.94
C ASP B 883 -41.66 19.10 -60.54
N LEU B 884 -41.21 17.88 -60.24
CA LEU B 884 -42.12 16.79 -59.82
C LEU B 884 -42.80 17.17 -58.50
N VAL B 885 -42.04 17.77 -57.58
CA VAL B 885 -42.60 18.18 -56.26
C VAL B 885 -43.69 19.23 -56.50
N PRO B 886 -43.49 20.19 -57.43
CA PRO B 886 -44.55 21.15 -57.73
C PRO B 886 -45.74 20.40 -58.30
N PHE B 887 -45.46 19.42 -59.17
CA PHE B 887 -46.54 18.61 -59.77
C PHE B 887 -47.24 17.86 -58.65
N ALA B 888 -46.47 17.34 -57.70
CA ALA B 888 -47.06 16.62 -56.55
C ALA B 888 -47.93 17.59 -55.75
N LEU B 889 -47.46 18.82 -55.57
CA LEU B 889 -48.28 19.84 -54.85
C LEU B 889 -49.57 20.10 -55.65
N LEU B 890 -49.46 20.17 -56.97
CA LEU B 890 -50.69 20.34 -57.81
C LEU B 890 -51.55 19.09 -57.63
N HIS B 891 -50.92 17.92 -57.58
CA HIS B 891 -51.66 16.65 -57.37
C HIS B 891 -52.31 16.71 -55.99
N LEU B 892 -51.60 17.25 -55.00
CA LEU B 892 -52.15 17.37 -53.63
C LEU B 892 -53.38 18.31 -53.68
N LEU B 893 -53.28 19.40 -54.44
CA LEU B 893 -54.46 20.30 -54.59
C LEU B 893 -55.58 19.51 -55.27
N HIS B 894 -55.22 18.71 -56.28
CA HIS B 894 -56.22 17.85 -56.96
C HIS B 894 -56.77 16.84 -55.96
N CYS B 895 -55.89 16.30 -55.10
CA CYS B 895 -56.31 15.30 -54.10
C CYS B 895 -57.31 15.94 -53.14
N LEU B 896 -57.06 17.20 -52.74
CA LEU B 896 -58.04 17.92 -51.89
C LEU B 896 -59.33 18.08 -52.69
N LEU B 897 -59.20 18.38 -53.98
CA LEU B 897 -60.39 18.58 -54.86
C LEU B 897 -61.18 17.27 -54.95
N SER B 898 -60.51 16.12 -55.02
CA SER B 898 -61.25 14.85 -55.24
C SER B 898 -62.20 14.60 -54.06
N LYS B 899 -63.43 14.17 -54.35
CA LYS B 899 -64.44 13.96 -53.28
C LYS B 899 -64.00 12.85 -52.32
N SER B 900 -63.44 11.75 -52.85
CA SER B 900 -63.09 10.61 -51.96
C SER B 900 -62.02 11.07 -50.96
N ALA B 901 -61.03 11.83 -51.43
CA ALA B 901 -59.96 12.38 -50.57
C ALA B 901 -59.01 11.25 -50.19
N SER B 902 -59.15 10.08 -50.83
CA SER B 902 -58.20 8.97 -50.59
C SER B 902 -56.83 9.46 -51.04
N VAL B 903 -56.80 10.16 -52.18
CA VAL B 903 -55.53 10.75 -52.67
C VAL B 903 -55.05 11.77 -51.64
N SER B 904 -55.98 12.54 -51.06
CA SER B 904 -55.56 13.60 -50.11
C SER B 904 -54.86 12.98 -48.90
N GLY B 905 -55.38 11.87 -48.38
CA GLY B 905 -54.66 11.20 -47.27
C GLY B 905 -53.30 10.73 -47.75
N ALA B 906 -53.24 10.17 -48.96
CA ALA B 906 -51.94 9.74 -49.53
C ALA B 906 -51.06 10.97 -49.73
N ALA B 907 -51.65 12.07 -50.18
CA ALA B 907 -50.87 13.30 -50.44
C ALA B 907 -50.26 13.81 -49.14
N TYR B 908 -51.01 13.74 -48.04
CA TYR B 908 -50.46 14.17 -46.73
C TYR B 908 -49.28 13.25 -46.38
N THR B 909 -49.45 11.94 -46.64
CA THR B 909 -48.33 11.00 -46.41
C THR B 909 -47.18 11.36 -47.33
N GLU B 910 -47.48 11.69 -48.58
CA GLU B 910 -46.44 12.08 -49.56
C GLU B 910 -45.77 13.36 -49.05
N ILE B 911 -46.56 14.28 -48.52
CA ILE B 911 -46.01 15.58 -48.01
C ILE B 911 -45.04 15.26 -46.86
N ARG B 912 -45.40 14.30 -46.00
CA ARG B 912 -44.48 13.91 -44.90
C ARG B 912 -43.20 13.32 -45.52
N ALA B 913 -43.35 12.50 -46.56
CA ALA B 913 -42.16 11.93 -47.25
C ALA B 913 -41.34 13.07 -47.86
N LEU B 914 -42.02 14.05 -48.46
CA LEU B 914 -41.30 15.22 -49.04
C LEU B 914 -40.58 15.99 -47.92
N VAL B 915 -41.25 16.14 -46.77
CA VAL B 915 -40.64 16.90 -45.64
C VAL B 915 -39.38 16.14 -45.19
N ALA B 916 -39.46 14.81 -45.16
CA ALA B 916 -38.28 13.99 -44.79
C ALA B 916 -37.17 14.23 -45.82
N LYS B 921 -39.51 20.24 -43.09
CA LYS B 921 -40.89 20.49 -42.60
C LYS B 921 -41.82 20.71 -43.79
N LEU B 922 -43.08 20.29 -43.67
CA LEU B 922 -44.06 20.52 -44.78
C LEU B 922 -44.26 22.03 -44.97
N GLN B 923 -44.33 22.79 -43.88
CA GLN B 923 -44.41 24.27 -44.01
C GLN B 923 -43.12 24.77 -44.67
N SER B 924 -41.97 24.22 -44.28
CA SER B 924 -40.69 24.58 -44.94
C SER B 924 -40.75 24.15 -46.40
N PHE B 925 -41.33 22.97 -46.66
CA PHE B 925 -41.47 22.49 -48.06
C PHE B 925 -42.38 23.45 -48.81
N PHE B 926 -43.43 23.94 -48.15
CA PHE B 926 -44.32 24.94 -48.80
C PHE B 926 -43.51 26.20 -49.07
N SER B 927 -42.66 26.58 -48.12
CA SER B 927 -41.76 27.73 -48.35
C SER B 927 -40.80 27.38 -49.50
N GLN B 928 -40.31 26.14 -49.52
CA GLN B 928 -39.41 25.69 -50.61
C GLN B 928 -40.18 25.75 -51.93
N TYR B 929 -41.46 25.35 -51.91
CA TYR B 929 -42.30 25.39 -53.13
C TYR B 929 -42.38 26.84 -53.57
N LYS B 930 -42.56 27.77 -52.61
CA LYS B 930 -42.48 29.21 -52.99
C LYS B 930 -43.52 29.52 -54.06
N LYS B 931 -43.08 30.08 -55.19
CA LYS B 931 -44.00 30.49 -56.28
C LYS B 931 -44.75 29.26 -56.79
N PRO B 932 -44.14 28.07 -56.90
CA PRO B 932 -44.90 26.94 -57.38
C PRO B 932 -46.06 26.67 -56.42
N ILE B 933 -45.81 26.78 -55.11
CA ILE B 933 -46.94 26.65 -54.14
C ILE B 933 -47.94 27.79 -54.40
N CYS B 934 -47.43 29.00 -54.65
CA CYS B 934 -48.31 30.16 -54.93
C CYS B 934 -49.11 29.88 -56.21
N GLN B 935 -48.46 29.29 -57.21
CA GLN B 935 -49.14 28.95 -58.49
C GLN B 935 -50.25 27.92 -58.18
N PHE B 936 -49.96 26.95 -57.32
CA PHE B 936 -51.00 25.97 -56.93
C PHE B 936 -52.13 26.71 -56.22
N LEU B 937 -51.78 27.67 -55.37
CA LEU B 937 -52.82 28.49 -54.70
C LEU B 937 -53.58 29.28 -55.77
N VAL B 938 -52.86 29.82 -56.76
CA VAL B 938 -53.51 30.56 -57.88
C VAL B 938 -54.41 29.59 -58.64
N GLU B 939 -53.96 28.36 -58.86
CA GLU B 939 -54.80 27.35 -59.54
C GLU B 939 -56.03 27.08 -58.68
N SER B 940 -55.84 26.99 -57.35
CA SER B 940 -56.99 26.81 -56.44
C SER B 940 -57.90 28.04 -56.55
N LEU B 941 -57.31 29.23 -56.64
CA LEU B 941 -58.11 30.47 -56.81
C LEU B 941 -58.86 30.39 -58.14
N HIS B 942 -58.20 29.89 -59.19
CA HIS B 942 -58.87 29.74 -60.51
C HIS B 942 -60.03 28.76 -60.38
N SER B 943 -59.81 27.67 -59.64
CA SER B 943 -60.92 26.71 -59.39
C SER B 943 -62.01 27.43 -58.60
N SER B 944 -61.61 28.23 -57.62
CA SER B 944 -62.59 29.03 -56.83
C SER B 944 -63.30 30.02 -57.76
N GLN B 945 -62.56 30.60 -58.70
CA GLN B 945 -63.16 31.55 -59.67
C GLN B 945 -64.20 30.81 -60.52
N MET B 946 -63.89 29.57 -60.92
CA MET B 946 -64.89 28.77 -61.67
C MET B 946 -66.10 28.54 -60.74
N THR B 947 -65.85 28.24 -59.47
CA THR B 947 -66.95 28.05 -58.50
C THR B 947 -67.71 29.36 -58.33
N ALA B 948 -67.00 30.49 -58.28
CA ALA B 948 -67.66 31.80 -58.04
C ALA B 948 -66.78 32.92 -58.57
N VAL B 964 -71.01 31.90 -54.78
CA VAL B 964 -71.88 32.25 -53.63
C VAL B 964 -71.00 32.63 -52.43
N ALA B 965 -71.56 33.32 -51.44
CA ALA B 965 -70.79 33.63 -50.21
C ALA B 965 -70.42 32.31 -49.54
N HIS B 966 -71.36 31.38 -49.52
CA HIS B 966 -71.08 30.04 -48.95
C HIS B 966 -69.98 29.36 -49.78
N GLN B 967 -70.04 29.52 -51.10
CA GLN B 967 -69.00 28.93 -51.99
C GLN B 967 -67.66 29.60 -51.66
N ARG B 968 -67.66 30.92 -51.45
CA ARG B 968 -66.42 31.62 -51.05
C ARG B 968 -65.95 31.06 -49.71
N GLU B 969 -66.90 30.84 -48.79
CA GLU B 969 -66.56 30.26 -47.46
C GLU B 969 -65.98 28.86 -47.66
N MET B 970 -66.56 28.08 -48.57
CA MET B 970 -66.04 26.71 -48.85
C MET B 970 -64.62 26.84 -49.40
N ALA B 971 -64.39 27.83 -50.27
CA ALA B 971 -63.02 28.05 -50.79
C ALA B 971 -62.11 28.45 -49.62
N LEU B 972 -62.62 29.28 -48.71
CA LEU B 972 -61.82 29.69 -47.52
C LEU B 972 -61.54 28.43 -46.68
N ASN B 973 -62.54 27.55 -46.53
CA ASN B 973 -62.35 26.29 -45.77
C ASN B 973 -61.28 25.46 -46.47
N THR B 974 -61.32 25.42 -47.81
CA THR B 974 -60.32 24.66 -48.58
C THR B 974 -58.95 25.27 -48.32
N LEU B 975 -58.87 26.60 -48.27
CA LEU B 975 -57.59 27.28 -47.97
C LEU B 975 -57.13 26.89 -46.57
N SER B 976 -58.07 26.83 -45.62
CA SER B 976 -57.72 26.39 -44.25
C SER B 976 -57.24 24.92 -44.32
N GLU B 977 -57.90 24.10 -45.12
CA GLU B 977 -57.47 22.69 -45.29
C GLU B 977 -56.07 22.70 -45.93
N ILE B 978 -55.85 23.59 -46.90
CA ILE B 978 -54.52 23.69 -47.56
C ILE B 978 -53.47 24.08 -46.51
N ALA B 979 -53.84 25.01 -45.61
CA ALA B 979 -52.90 25.41 -44.53
C ALA B 979 -52.62 24.20 -43.64
N ASN B 980 -53.65 23.40 -43.35
CA ASN B 980 -53.45 22.16 -42.57
C ASN B 980 -52.55 21.20 -43.35
N VAL B 981 -52.76 21.10 -44.66
CA VAL B 981 -51.89 20.23 -45.52
C VAL B 981 -50.48 20.81 -45.46
N PHE B 982 -50.35 22.13 -45.49
CA PHE B 982 -49.03 22.79 -45.35
C PHE B 982 -48.51 22.43 -43.97
N ASP B 983 -49.39 22.37 -42.97
CA ASP B 983 -49.01 22.08 -41.56
C ASP B 983 -48.52 23.40 -40.95
N PHE B 984 -48.66 24.49 -41.72
CA PHE B 984 -48.29 25.83 -41.18
C PHE B 984 -49.50 26.34 -40.41
N PRO B 985 -49.80 25.76 -39.22
CA PRO B 985 -50.89 26.26 -38.40
C PRO B 985 -52.18 26.26 -39.19
N ASP B 986 -52.90 27.38 -39.14
CA ASP B 986 -54.15 27.52 -39.93
C ASP B 986 -54.09 28.88 -40.65
N LEU B 987 -53.26 29.00 -41.70
CA LEU B 987 -53.13 30.28 -42.42
C LEU B 987 -52.70 31.36 -41.42
N ASN B 988 -53.40 32.49 -41.39
CA ASN B 988 -53.09 33.53 -40.36
C ASN B 988 -51.62 33.96 -40.53
N ARG B 989 -50.84 33.93 -39.46
CA ARG B 989 -49.42 34.40 -39.52
C ARG B 989 -48.66 33.55 -40.52
N PHE B 990 -48.94 32.25 -40.55
CA PHE B 990 -48.25 31.32 -41.49
C PHE B 990 -48.56 31.78 -42.91
N LEU B 991 -49.78 32.24 -43.16
CA LEU B 991 -50.17 32.76 -44.49
C LEU B 991 -49.95 34.27 -44.45
N THR B 992 -51.03 35.07 -44.43
CA THR B 992 -50.87 36.54 -44.28
C THR B 992 -50.06 37.08 -45.43
N ARG B 993 -48.98 37.82 -45.14
CA ARG B 993 -48.22 38.50 -46.22
C ARG B 993 -47.63 37.48 -47.20
N THR B 994 -47.13 36.34 -46.73
CA THR B 994 -46.64 35.35 -47.71
C THR B 994 -47.80 34.93 -48.58
N LEU B 995 -48.97 34.69 -47.97
CA LEU B 995 -50.18 34.37 -48.77
C LEU B 995 -50.52 35.60 -49.64
N GLN B 996 -50.38 36.80 -49.08
CA GLN B 996 -50.75 38.03 -49.81
C GLN B 996 -49.86 38.19 -51.06
N VAL B 997 -48.57 37.88 -50.93
CA VAL B 997 -47.68 37.96 -52.12
C VAL B 997 -48.19 36.95 -53.16
N LEU B 998 -48.56 35.74 -52.71
CA LEU B 998 -49.14 34.76 -53.64
C LEU B 998 -50.46 35.34 -54.17
N LEU B 999 -51.24 35.96 -53.28
CA LEU B 999 -52.56 36.52 -53.67
C LEU B 999 -52.36 37.62 -54.71
N PRO B 1000 -51.34 38.49 -54.59
CA PRO B 1000 -51.23 39.56 -55.57
C PRO B 1000 -51.02 38.98 -56.94
N ASP B 1001 -50.14 37.97 -57.04
CA ASP B 1001 -49.97 37.27 -58.35
C ASP B 1001 -51.28 36.58 -58.71
N LEU B 1002 -51.93 35.97 -57.71
CA LEU B 1002 -53.20 35.24 -57.96
C LEU B 1002 -54.27 36.22 -58.46
N ALA B 1003 -54.30 37.44 -57.90
CA ALA B 1003 -55.38 38.39 -58.25
C ALA B 1003 -55.30 38.74 -59.74
N ALA B 1004 -54.10 38.93 -60.28
CA ALA B 1004 -54.02 39.19 -61.74
C ALA B 1004 -54.57 37.99 -62.52
N LYS B 1005 -54.21 36.77 -62.11
CA LYS B 1005 -54.79 35.56 -62.76
C LYS B 1005 -56.30 35.52 -62.50
N ALA B 1006 -56.70 35.87 -61.28
CA ALA B 1006 -58.13 35.79 -60.86
C ALA B 1006 -59.04 36.70 -61.68
N SER B 1007 -58.60 37.91 -62.04
CA SER B 1007 -59.54 38.84 -62.72
C SER B 1007 -60.76 39.02 -61.82
N PRO B 1008 -60.59 39.30 -60.51
CA PRO B 1008 -61.70 39.37 -59.56
C PRO B 1008 -62.33 38.00 -59.51
N ALA B 1009 -63.66 37.88 -59.66
CA ALA B 1009 -64.24 36.52 -59.50
C ALA B 1009 -63.90 36.07 -58.07
N ALA B 1010 -63.22 34.93 -57.94
CA ALA B 1010 -62.91 34.40 -56.60
C ALA B 1010 -62.05 35.41 -55.85
N SER B 1011 -61.12 36.09 -56.52
CA SER B 1011 -60.21 37.01 -55.79
C SER B 1011 -61.02 38.12 -55.12
N ALA B 1012 -62.05 38.66 -55.79
CA ALA B 1012 -62.88 39.67 -55.09
C ALA B 1012 -63.53 39.02 -53.87
N LEU B 1013 -64.04 37.80 -54.02
CA LEU B 1013 -64.60 37.07 -52.85
C LEU B 1013 -63.46 36.80 -51.85
N ILE B 1014 -62.28 36.44 -52.35
CA ILE B 1014 -61.11 36.17 -51.47
C ILE B 1014 -60.75 37.46 -50.75
N ARG B 1015 -60.83 38.59 -51.45
CA ARG B 1015 -60.51 39.89 -50.83
C ARG B 1015 -61.51 40.14 -49.70
N THR B 1016 -62.79 39.81 -49.92
CA THR B 1016 -63.78 39.94 -48.82
C THR B 1016 -63.39 39.01 -47.71
N LEU B 1017 -62.98 37.78 -48.04
CA LEU B 1017 -62.51 36.83 -47.00
C LEU B 1017 -61.24 37.41 -46.34
N GLY B 1018 -60.35 37.99 -47.14
CA GLY B 1018 -59.13 38.61 -46.59
C GLY B 1018 -59.49 39.78 -45.71
N LYS B 1019 -60.49 40.57 -46.13
CA LYS B 1019 -60.95 41.70 -45.28
C LYS B 1019 -61.52 41.13 -43.97
N GLN B 1020 -62.26 40.02 -44.06
CA GLN B 1020 -62.73 39.41 -42.79
C GLN B 1020 -61.52 38.94 -41.97
N LEU B 1021 -60.53 38.32 -42.62
CA LEU B 1021 -59.32 37.84 -41.91
C LEU B 1021 -58.52 39.01 -41.31
N ASN B 1022 -58.36 40.10 -42.07
CA ASN B 1022 -57.54 41.25 -41.59
C ASN B 1022 -58.35 42.55 -41.68
N VAL B 1023 -58.37 43.34 -40.60
CA VAL B 1023 -59.09 44.65 -40.61
C VAL B 1023 -60.41 44.49 -41.39
N PHE B 1033 -52.50 47.29 -52.05
CA PHE B 1033 -51.60 47.93 -51.05
C PHE B 1033 -50.42 47.00 -50.77
N LYS B 1034 -49.98 46.26 -51.79
CA LYS B 1034 -48.88 45.28 -51.58
C LYS B 1034 -47.67 45.64 -52.44
N TYR B 1035 -46.48 45.68 -51.85
CA TYR B 1035 -45.23 45.91 -52.63
C TYR B 1035 -45.09 44.72 -53.58
N ILE B 1036 -45.44 43.53 -53.09
CA ILE B 1036 -45.30 42.28 -53.89
C ILE B 1036 -46.19 42.41 -55.14
N PHE B 1037 -47.38 42.99 -55.00
CA PHE B 1037 -48.31 43.09 -56.15
C PHE B 1037 -47.65 43.93 -57.24
N SER B 1038 -46.98 45.02 -56.85
CA SER B 1038 -46.25 45.84 -57.86
C SER B 1038 -45.14 44.99 -58.50
N HIS B 1039 -44.43 44.19 -57.70
CA HIS B 1039 -43.38 43.29 -58.25
C HIS B 1039 -44.05 42.27 -59.17
N LEU B 1040 -45.22 41.76 -58.77
CA LEU B 1040 -45.95 40.78 -59.60
C LEU B 1040 -46.33 41.44 -60.92
N VAL B 1041 -46.76 42.71 -60.86
CA VAL B 1041 -47.13 43.46 -62.10
C VAL B 1041 -45.88 43.57 -62.98
N CYS B 1042 -44.73 43.84 -62.37
CA CYS B 1042 -43.46 43.94 -63.14
C CYS B 1042 -43.18 42.58 -63.79
N SER B 1043 -43.41 41.49 -63.06
CA SER B 1043 -43.19 40.13 -63.61
C SER B 1043 -44.08 39.91 -64.84
N ASP B 1071 -43.28 56.25 -51.02
CA ASP B 1071 -44.31 56.80 -51.95
C ASP B 1071 -45.14 55.65 -52.51
N PHE B 1072 -46.41 55.53 -52.09
CA PHE B 1072 -47.26 54.40 -52.55
C PHE B 1072 -46.51 53.13 -52.13
N GLN B 1073 -46.32 52.18 -53.06
CA GLN B 1073 -45.50 50.99 -52.73
C GLN B 1073 -44.03 51.39 -52.96
N GLY B 1074 -43.47 52.19 -52.05
CA GLY B 1074 -42.09 52.66 -52.20
C GLY B 1074 -41.11 51.50 -52.14
N LEU B 1075 -41.36 50.53 -51.25
CA LEU B 1075 -40.40 49.42 -51.07
C LEU B 1075 -40.27 48.62 -52.38
N HIS B 1076 -41.38 48.37 -53.08
CA HIS B 1076 -41.27 47.55 -54.30
C HIS B 1076 -40.38 48.28 -55.30
N ASN B 1077 -40.59 49.60 -55.43
CA ASN B 1077 -39.73 50.41 -56.33
C ASN B 1077 -38.30 50.39 -55.78
N GLU B 1078 -38.14 50.51 -54.47
CA GLU B 1078 -36.79 50.56 -53.86
C GLU B 1078 -36.06 49.23 -54.12
N LEU B 1079 -36.79 48.12 -54.00
CA LEU B 1079 -36.14 46.80 -54.18
C LEU B 1079 -36.98 45.92 -55.12
N LEU B 1080 -37.01 46.24 -56.42
CA LEU B 1080 -37.69 45.33 -57.38
C LEU B 1080 -36.65 44.28 -57.77
N LEU B 1081 -36.33 43.35 -56.87
CA LEU B 1081 -35.22 42.41 -57.17
C LEU B 1081 -35.57 41.54 -58.38
N ARG B 1082 -36.81 41.05 -58.48
CA ARG B 1082 -37.10 40.16 -59.63
C ARG B 1082 -36.93 40.98 -60.92
N ILE B 1083 -37.45 42.20 -60.92
CA ILE B 1083 -37.28 43.10 -62.11
C ILE B 1083 -35.79 43.41 -62.27
N GLY B 1084 -35.09 43.68 -61.16
CA GLY B 1084 -33.66 43.99 -61.23
C GLY B 1084 -32.87 42.81 -61.75
N GLU B 1085 -33.21 41.60 -61.29
CA GLU B 1085 -32.54 40.39 -61.82
C GLU B 1085 -32.88 40.25 -63.31
N HIS B 1086 -34.14 40.47 -63.68
CA HIS B 1086 -34.50 40.45 -65.12
C HIS B 1086 -33.76 41.58 -65.84
N TYR B 1087 -33.73 42.77 -65.22
CA TYR B 1087 -32.98 43.93 -65.78
C TYR B 1087 -33.74 44.44 -67.02
N GLN B 1088 -33.09 45.27 -67.83
CA GLN B 1088 -33.68 45.69 -69.13
C GLN B 1088 -35.07 46.34 -68.95
N GLN B 1089 -36.04 45.88 -69.74
CA GLN B 1089 -37.41 46.45 -69.71
C GLN B 1089 -38.04 46.20 -68.33
N VAL B 1090 -37.81 45.01 -67.76
CA VAL B 1090 -38.37 44.71 -66.41
C VAL B 1090 -37.74 45.71 -65.43
N PHE B 1091 -36.44 45.97 -65.56
CA PHE B 1091 -35.81 47.00 -64.69
C PHE B 1091 -36.45 48.35 -65.02
N ASN B 1092 -36.69 48.60 -66.31
CA ASN B 1092 -37.31 49.88 -66.74
C ASN B 1092 -38.70 49.99 -66.14
N GLY B 1093 -39.46 48.89 -66.12
CA GLY B 1093 -40.83 48.90 -65.58
C GLY B 1093 -40.94 49.79 -64.35
N LEU B 1123 -32.64 59.30 -63.52
CA LEU B 1123 -32.99 59.22 -62.07
C LEU B 1123 -31.81 58.58 -61.31
N GLN B 1124 -30.59 58.93 -61.68
CA GLN B 1124 -29.40 58.34 -61.01
C GLN B 1124 -29.39 58.73 -59.53
N PRO B 1125 -29.74 59.98 -59.16
CA PRO B 1125 -29.82 60.34 -57.75
C PRO B 1125 -30.90 59.51 -57.06
N LYS B 1126 -32.04 59.34 -57.73
CA LYS B 1126 -33.13 58.52 -57.16
C LYS B 1126 -32.60 57.08 -57.02
N LEU B 1127 -31.83 56.64 -58.01
CA LEU B 1127 -31.26 55.26 -57.98
C LEU B 1127 -30.32 55.16 -56.78
N LEU B 1128 -29.53 56.21 -56.50
CA LEU B 1128 -28.58 56.16 -55.37
C LEU B 1128 -29.35 56.00 -54.06
N GLY B 1129 -30.48 56.71 -53.91
CA GLY B 1129 -31.32 56.52 -52.71
C GLY B 1129 -31.84 55.10 -52.67
N ILE B 1130 -32.26 54.58 -53.82
CA ILE B 1130 -32.76 53.18 -53.90
C ILE B 1130 -31.62 52.23 -53.54
N LEU B 1131 -30.39 52.55 -53.99
CA LEU B 1131 -29.23 51.67 -53.74
C LEU B 1131 -29.00 51.60 -52.22
N ALA B 1132 -29.14 52.72 -51.52
CA ALA B 1132 -29.01 52.68 -50.05
C ALA B 1132 -30.12 51.81 -49.46
N PHE B 1133 -31.34 51.91 -50.00
CA PHE B 1133 -32.44 51.03 -49.54
C PHE B 1133 -32.10 49.58 -49.85
N PHE B 1134 -31.51 49.36 -51.04
CA PHE B 1134 -31.11 47.99 -51.45
C PHE B 1134 -30.04 47.48 -50.48
N ASN B 1135 -29.13 48.36 -50.08
CA ASN B 1135 -28.07 47.96 -49.13
C ASN B 1135 -28.74 47.57 -47.81
N MET B 1136 -29.77 48.32 -47.40
CA MET B 1136 -30.52 47.97 -46.17
C MET B 1136 -31.18 46.60 -46.35
N GLN B 1137 -31.75 46.33 -47.54
CA GLN B 1137 -32.36 45.01 -47.81
C GLN B 1137 -31.29 43.91 -47.73
N LEU B 1138 -30.10 44.17 -48.28
CA LEU B 1138 -28.99 43.19 -48.21
C LEU B 1138 -28.62 43.03 -46.72
N LEU B 1139 -28.61 44.14 -45.99
CA LEU B 1139 -28.33 44.11 -44.53
C LEU B 1139 -29.43 43.30 -43.84
N SER B 1140 -30.66 43.41 -44.30
CA SER B 1140 -31.80 42.76 -43.58
C SER B 1140 -31.63 41.24 -43.48
N SER B 1141 -31.95 40.68 -42.32
CA SER B 1141 -31.84 39.22 -42.05
C SER B 1141 -32.78 38.39 -42.94
N SER B 1142 -33.98 38.89 -43.22
CA SER B 1142 -35.00 38.04 -43.90
C SER B 1142 -34.51 37.56 -45.28
N VAL B 1143 -33.84 38.39 -46.07
CA VAL B 1143 -33.33 37.81 -47.35
C VAL B 1143 -32.32 36.73 -46.93
N GLY B 1144 -32.40 35.52 -47.50
CA GLY B 1144 -31.51 34.45 -47.03
C GLY B 1144 -31.07 33.48 -48.10
N ILE B 1145 -29.86 32.91 -47.97
CA ILE B 1145 -29.42 31.82 -48.89
C ILE B 1145 -29.47 32.28 -50.35
N GLU B 1146 -30.08 31.46 -51.21
CA GLU B 1146 -30.18 31.78 -52.65
C GLU B 1146 -30.99 33.07 -52.82
N ASP B 1147 -32.06 33.22 -52.04
CA ASP B 1147 -32.93 34.42 -52.20
C ASP B 1147 -32.09 35.66 -51.89
N LYS B 1148 -31.28 35.59 -50.83
CA LYS B 1148 -30.36 36.73 -50.54
C LYS B 1148 -29.37 36.88 -51.70
N LYS B 1149 -28.86 35.75 -52.21
CA LYS B 1149 -27.91 35.78 -53.34
C LYS B 1149 -28.61 36.37 -54.57
N MET B 1150 -29.87 35.97 -54.80
CA MET B 1150 -30.64 36.51 -55.94
C MET B 1150 -30.84 38.02 -55.75
N ALA B 1151 -31.14 38.44 -54.52
CA ALA B 1151 -31.27 39.89 -54.24
C ALA B 1151 -29.92 40.55 -54.49
N LEU B 1152 -28.84 39.89 -54.04
CA LEU B 1152 -27.49 40.43 -54.29
C LEU B 1152 -27.24 40.47 -55.79
N ASN B 1153 -27.66 39.42 -56.51
CA ASN B 1153 -27.50 39.38 -57.98
C ASN B 1153 -28.32 40.52 -58.60
N SER B 1154 -29.54 40.74 -58.10
CA SER B 1154 -30.35 41.88 -58.61
C SER B 1154 -29.64 43.19 -58.27
N LEU B 1155 -29.09 43.30 -57.06
CA LEU B 1155 -28.31 44.50 -56.68
C LEU B 1155 -27.07 44.57 -57.60
N MET B 1156 -26.45 43.41 -57.85
CA MET B 1156 -25.26 43.35 -58.74
C MET B 1156 -25.69 43.79 -60.15
N SER B 1157 -26.87 43.36 -60.59
CA SER B 1157 -27.37 43.77 -61.93
C SER B 1157 -27.57 45.29 -61.94
N LEU B 1158 -28.14 45.85 -60.86
CA LEU B 1158 -28.29 47.32 -60.79
C LEU B 1158 -26.87 47.92 -60.77
N MET B 1159 -25.97 47.30 -60.02
CA MET B 1159 -24.56 47.77 -59.98
C MET B 1159 -23.96 47.62 -61.38
N LYS B 1160 -24.26 46.51 -62.04
CA LYS B 1160 -23.68 46.27 -63.38
C LYS B 1160 -24.17 47.37 -64.33
N LEU B 1161 -25.46 47.70 -64.26
CA LEU B 1161 -25.93 48.84 -65.09
C LEU B 1161 -25.22 50.11 -64.61
N MET B 1162 -25.13 50.29 -63.28
CA MET B 1162 -24.37 51.43 -62.71
C MET B 1162 -24.88 52.74 -63.34
N GLY B 1163 -23.96 53.59 -63.78
CA GLY B 1163 -24.31 54.82 -64.52
C GLY B 1163 -24.59 55.99 -63.62
N PRO B 1164 -24.68 55.83 -62.28
CA PRO B 1164 -24.80 57.02 -61.44
C PRO B 1164 -23.45 57.66 -61.69
N LYS B 1165 -22.39 56.84 -61.69
CA LYS B 1165 -21.01 57.29 -61.97
C LYS B 1165 -20.46 57.98 -60.72
N HIS B 1166 -21.27 58.01 -59.65
CA HIS B 1166 -20.84 58.75 -58.43
C HIS B 1166 -19.59 58.11 -57.83
N VAL B 1167 -19.57 56.78 -57.75
CA VAL B 1167 -18.44 56.07 -57.08
C VAL B 1167 -18.37 56.72 -55.69
N SER B 1168 -17.18 57.08 -55.22
CA SER B 1168 -17.09 57.89 -53.97
C SER B 1168 -17.85 57.24 -52.82
N SER B 1169 -18.72 58.02 -52.17
CA SER B 1169 -19.54 57.52 -51.04
C SER B 1169 -20.49 56.42 -51.55
N VAL B 1170 -21.03 56.59 -52.76
CA VAL B 1170 -21.95 55.57 -53.32
C VAL B 1170 -21.14 54.27 -53.45
N ARG B 1171 -19.89 54.38 -53.90
CA ARG B 1171 -19.02 53.17 -53.94
C ARG B 1171 -18.82 52.66 -52.51
N VAL B 1172 -18.63 53.57 -51.55
CA VAL B 1172 -18.45 53.17 -50.13
C VAL B 1172 -19.73 52.49 -49.63
N LYS B 1173 -20.91 53.00 -50.00
CA LYS B 1173 -22.17 52.33 -49.62
C LYS B 1173 -22.20 50.95 -50.27
N MET B 1174 -21.77 50.87 -51.53
CA MET B 1174 -21.67 49.55 -52.21
C MET B 1174 -20.65 48.71 -51.45
N MET B 1175 -19.55 49.32 -51.01
CA MET B 1175 -18.52 48.59 -50.23
C MET B 1175 -19.14 48.12 -48.92
N THR B 1176 -19.97 48.95 -48.29
CA THR B 1176 -20.66 48.49 -47.06
C THR B 1176 -21.55 47.34 -47.42
N THR B 1177 -22.24 47.43 -48.56
CA THR B 1177 -23.06 46.29 -49.03
C THR B 1177 -22.14 45.13 -49.31
N LEU B 1178 -20.97 45.41 -49.91
CA LEU B 1178 -19.97 44.36 -50.20
C LEU B 1178 -19.50 43.76 -48.85
N ARG B 1179 -19.32 44.60 -47.84
CA ARG B 1179 -18.93 44.11 -46.50
C ARG B 1179 -20.03 43.18 -45.97
N THR B 1180 -21.30 43.57 -46.17
CA THR B 1180 -22.40 42.67 -45.77
C THR B 1180 -22.27 41.42 -46.61
N GLY B 1181 -21.94 41.59 -47.90
CA GLY B 1181 -21.72 40.43 -48.78
C GLY B 1181 -20.55 39.62 -48.28
N LEU B 1182 -19.49 40.27 -47.81
CA LEU B 1182 -18.28 39.57 -47.29
C LEU B 1182 -18.68 38.73 -46.08
N ARG B 1183 -19.55 39.27 -45.22
CA ARG B 1183 -20.04 38.49 -44.06
C ARG B 1183 -20.77 37.27 -44.61
N PHE B 1184 -21.54 37.45 -45.68
CA PHE B 1184 -22.32 36.35 -46.29
C PHE B 1184 -21.47 35.66 -47.35
N LYS B 1185 -20.22 36.08 -47.54
CA LYS B 1185 -19.38 35.55 -48.66
C LYS B 1185 -19.17 34.03 -48.53
N ASP B 1186 -18.96 33.50 -47.32
CA ASP B 1186 -18.77 32.03 -47.30
C ASP B 1186 -20.07 31.40 -47.80
N ASP B 1187 -21.22 31.92 -47.37
CA ASP B 1187 -22.52 31.45 -47.92
C ASP B 1187 -22.59 31.81 -49.41
N PHE B 1188 -22.11 33.00 -49.77
CA PHE B 1188 -22.22 33.49 -51.17
C PHE B 1188 -21.43 32.63 -52.13
N PRO B 1189 -21.94 32.46 -53.38
CA PRO B 1189 -21.23 31.69 -54.38
C PRO B 1189 -19.97 32.41 -54.82
N GLU B 1190 -18.97 31.64 -55.27
CA GLU B 1190 -17.72 32.26 -55.77
C GLU B 1190 -18.10 33.13 -56.97
N LEU B 1191 -19.03 32.69 -57.81
CA LEU B 1191 -19.50 33.53 -58.93
C LEU B 1191 -20.15 34.80 -58.36
N CYS B 1192 -20.91 34.68 -57.27
CA CYS B 1192 -21.47 35.90 -56.62
C CYS B 1192 -20.29 36.75 -56.12
N CYS B 1193 -19.26 36.12 -55.57
CA CYS B 1193 -18.05 36.86 -55.15
C CYS B 1193 -17.42 37.49 -56.40
N ARG B 1194 -17.41 36.75 -57.51
CA ARG B 1194 -16.85 37.26 -58.79
C ARG B 1194 -17.69 38.49 -59.21
N ALA B 1195 -19.00 38.43 -59.00
CA ALA B 1195 -19.87 39.59 -59.32
C ALA B 1195 -19.45 40.79 -58.46
N TRP B 1196 -19.11 40.55 -57.18
CA TRP B 1196 -18.60 41.66 -56.34
C TRP B 1196 -17.28 42.16 -56.94
N ASP B 1197 -16.44 41.24 -57.42
CA ASP B 1197 -15.17 41.63 -58.09
C ASP B 1197 -15.54 42.42 -59.36
N CYS B 1198 -16.59 41.98 -60.06
CA CYS B 1198 -17.06 42.70 -61.27
C CYS B 1198 -17.51 44.11 -60.87
N PHE B 1199 -18.16 44.24 -59.72
CA PHE B 1199 -18.56 45.59 -59.22
C PHE B 1199 -17.29 46.39 -58.98
N VAL B 1200 -16.25 45.75 -58.43
CA VAL B 1200 -14.94 46.45 -58.27
C VAL B 1200 -14.40 46.82 -59.66
N ARG B 1201 -14.55 45.90 -60.63
CA ARG B 1201 -14.13 46.19 -62.03
C ARG B 1201 -15.00 47.36 -62.52
N CYS B 1202 -16.28 47.34 -62.17
CA CYS B 1202 -17.21 48.44 -62.54
C CYS B 1202 -16.69 49.72 -61.90
N LEU B 1203 -16.16 49.64 -60.68
CA LEU B 1203 -15.73 50.87 -59.95
C LEU B 1203 -14.63 51.54 -60.77
N ASP B 1204 -14.63 52.87 -60.82
CA ASP B 1204 -13.70 53.64 -61.69
C ASP B 1204 -12.22 53.49 -61.33
N HIS B 1205 -11.35 53.49 -62.34
CA HIS B 1205 -9.87 53.44 -62.13
C HIS B 1205 -9.44 54.67 -61.35
N ALA B 1206 -10.08 55.82 -61.60
CA ALA B 1206 -9.68 57.09 -60.97
C ALA B 1206 -9.82 56.99 -59.44
N CYS B 1207 -10.83 56.31 -58.91
CA CYS B 1207 -10.86 56.16 -57.44
C CYS B 1207 -9.57 55.43 -57.04
N LEU B 1208 -8.92 55.84 -55.96
CA LEU B 1208 -7.57 55.31 -55.64
C LEU B 1208 -7.30 55.41 -54.13
N GLY B 1209 -6.21 54.79 -53.67
CA GLY B 1209 -5.87 54.90 -52.24
C GLY B 1209 -6.91 54.24 -51.37
N SER B 1210 -7.50 54.97 -50.42
CA SER B 1210 -8.40 54.31 -49.43
C SER B 1210 -9.59 53.65 -50.15
N LEU B 1211 -10.15 54.28 -51.19
CA LEU B 1211 -11.24 53.57 -51.90
C LEU B 1211 -10.65 52.28 -52.51
N LEU B 1212 -9.45 52.36 -53.10
CA LEU B 1212 -8.79 51.14 -53.63
C LEU B 1212 -8.48 50.18 -52.47
N SER B 1213 -8.04 50.72 -51.33
CA SER B 1213 -7.66 49.89 -50.16
C SER B 1213 -8.88 49.12 -49.64
N HIS B 1214 -10.05 49.76 -49.59
CA HIS B 1214 -11.27 49.05 -49.14
C HIS B 1214 -11.53 47.91 -50.13
N VAL B 1215 -11.34 48.20 -51.43
CA VAL B 1215 -11.50 47.14 -52.47
C VAL B 1215 -10.43 46.07 -52.21
N ILE B 1216 -9.21 46.49 -51.85
CA ILE B 1216 -8.10 45.53 -51.61
C ILE B 1216 -8.47 44.62 -50.43
N VAL B 1217 -9.08 45.19 -49.39
CA VAL B 1217 -9.53 44.36 -48.23
C VAL B 1217 -10.59 43.37 -48.73
N ALA B 1218 -11.50 43.84 -49.59
CA ALA B 1218 -12.51 42.94 -50.18
C ALA B 1218 -11.79 41.88 -51.03
N LEU B 1219 -10.76 42.32 -51.76
CA LEU B 1219 -10.01 41.39 -52.63
C LEU B 1219 -9.34 40.32 -51.76
N LEU B 1220 -8.81 40.71 -50.60
CA LEU B 1220 -8.17 39.73 -49.70
C LEU B 1220 -9.23 38.71 -49.25
N PRO B 1221 -10.47 39.13 -48.92
CA PRO B 1221 -11.49 38.15 -48.60
C PRO B 1221 -11.77 37.28 -49.81
N LEU B 1222 -11.81 37.90 -50.99
CA LEU B 1222 -12.06 37.15 -52.24
C LEU B 1222 -10.90 36.16 -52.44
N ILE B 1223 -9.68 36.60 -52.13
CA ILE B 1223 -8.49 35.72 -52.33
C ILE B 1223 -8.66 34.52 -51.40
N HIS B 1224 -9.16 34.73 -50.18
CA HIS B 1224 -9.38 33.53 -49.34
C HIS B 1224 -10.43 32.63 -50.01
N ILE B 1225 -11.53 33.18 -50.53
CA ILE B 1225 -12.52 32.22 -51.12
C ILE B 1225 -11.89 31.53 -52.33
N GLN B 1226 -11.24 32.28 -53.22
CA GLN B 1226 -10.46 31.65 -54.33
C GLN B 1226 -9.18 32.45 -54.50
N PRO B 1227 -7.97 31.85 -54.48
CA PRO B 1227 -6.80 32.68 -54.75
C PRO B 1227 -6.82 33.21 -56.18
N LYS B 1228 -7.17 32.33 -57.12
CA LYS B 1228 -7.15 32.72 -58.55
C LYS B 1228 -8.16 33.82 -58.90
N GLU B 1229 -9.38 33.74 -58.37
CA GLU B 1229 -10.40 34.73 -58.79
C GLU B 1229 -9.96 36.14 -58.38
N THR B 1230 -9.45 36.27 -57.16
CA THR B 1230 -8.94 37.58 -56.71
C THR B 1230 -7.76 37.95 -57.57
N ALA B 1231 -6.89 36.99 -57.86
CA ALA B 1231 -5.65 37.34 -58.60
C ALA B 1231 -6.02 37.86 -59.99
N ALA B 1232 -7.00 37.22 -60.64
CA ALA B 1232 -7.41 37.69 -61.98
C ALA B 1232 -8.01 39.10 -61.85
N ILE B 1233 -8.84 39.30 -60.82
CA ILE B 1233 -9.42 40.65 -60.60
C ILE B 1233 -8.29 41.64 -60.29
N PHE B 1234 -7.34 41.22 -59.46
CA PHE B 1234 -6.25 42.15 -59.03
C PHE B 1234 -5.43 42.56 -60.23
N HIS B 1235 -5.12 41.61 -61.12
CA HIS B 1235 -4.23 41.96 -62.26
C HIS B 1235 -4.92 43.00 -63.13
N TYR B 1236 -6.22 42.79 -63.38
CA TYR B 1236 -6.99 43.78 -64.19
C TYR B 1236 -7.02 45.11 -63.44
N LEU B 1237 -7.25 45.02 -62.13
CA LEU B 1237 -7.30 46.26 -61.31
C LEU B 1237 -5.93 46.93 -61.35
N ILE B 1238 -4.87 46.13 -61.26
CA ILE B 1238 -3.51 46.75 -61.21
C ILE B 1238 -3.28 47.47 -62.54
N ILE B 1239 -3.65 46.84 -63.66
CA ILE B 1239 -3.39 47.48 -64.98
C ILE B 1239 -4.20 48.78 -65.07
N GLU B 1240 -5.45 48.74 -64.63
CA GLU B 1240 -6.32 49.96 -64.66
C GLU B 1240 -5.76 51.03 -63.72
N ASN B 1241 -5.26 50.62 -62.55
CA ASN B 1241 -4.82 51.58 -61.51
C ASN B 1241 -3.29 51.67 -61.44
N ARG B 1242 -2.55 51.23 -62.46
CA ARG B 1242 -1.08 51.11 -62.30
C ARG B 1242 -0.40 52.46 -61.98
N ASP B 1243 -0.78 53.58 -62.60
CA ASP B 1243 -0.08 54.83 -62.18
C ASP B 1243 -0.39 55.08 -60.71
N ALA B 1244 -1.64 54.91 -60.29
CA ALA B 1244 -2.01 55.01 -58.85
C ALA B 1244 -1.34 53.87 -58.10
N VAL B 1245 -1.30 52.68 -58.72
CA VAL B 1245 -0.76 51.46 -58.06
C VAL B 1245 0.71 51.68 -57.70
N GLN B 1246 1.49 52.35 -58.55
CA GLN B 1246 2.92 52.45 -58.21
C GLN B 1246 3.04 53.19 -56.87
N ASP B 1247 2.25 54.25 -56.67
CA ASP B 1247 2.25 54.93 -55.34
C ASP B 1247 1.74 53.96 -54.27
N PHE B 1248 0.67 53.23 -54.58
CA PHE B 1248 0.11 52.23 -53.62
C PHE B 1248 1.14 51.14 -53.36
N LEU B 1249 1.83 50.70 -54.42
CA LEU B 1249 2.80 49.59 -54.29
C LEU B 1249 3.90 50.05 -53.33
N HIS B 1250 4.30 51.32 -53.45
CA HIS B 1250 5.30 51.85 -52.50
C HIS B 1250 4.70 51.79 -51.09
N GLU B 1251 3.40 52.12 -50.95
CA GLU B 1251 2.81 52.15 -49.59
C GLU B 1251 2.82 50.72 -49.02
N ILE B 1252 3.22 50.58 -47.75
CA ILE B 1252 3.26 49.25 -47.09
C ILE B 1252 1.84 48.66 -46.97
N TYR B 1253 0.86 49.50 -46.61
CA TYR B 1253 -0.51 48.96 -46.36
C TYR B 1253 -1.07 48.35 -47.64
N PHE B 1254 -0.85 49.03 -48.76
CA PHE B 1254 -1.37 48.51 -50.06
C PHE B 1254 -0.68 47.18 -50.35
N LEU B 1255 0.62 47.07 -50.05
CA LEU B 1255 1.36 45.83 -50.39
C LEU B 1255 0.75 44.67 -49.59
N PRO B 1256 0.56 43.49 -50.23
CA PRO B 1256 -0.06 42.36 -49.55
C PRO B 1256 0.60 41.06 -49.98
N ASP B 1257 0.48 40.00 -49.16
CA ASP B 1257 1.01 38.69 -49.59
C ASP B 1257 0.21 38.25 -50.82
N HIS B 1258 0.88 37.64 -51.81
CA HIS B 1258 0.16 37.31 -53.08
C HIS B 1258 0.13 35.79 -53.31
N PRO B 1259 -1.06 35.22 -53.62
CA PRO B 1259 -1.17 33.81 -53.93
C PRO B 1259 -0.35 33.50 -55.17
N GLU B 1260 -0.40 34.41 -56.16
CA GLU B 1260 0.33 34.17 -57.43
C GLU B 1260 1.56 35.07 -57.47
N LEU B 1261 2.73 34.49 -57.73
CA LEU B 1261 3.99 35.26 -57.73
C LEU B 1261 3.94 36.33 -58.82
N LYS B 1262 3.37 36.00 -59.98
CA LYS B 1262 3.35 36.95 -61.12
C LYS B 1262 2.56 38.20 -60.73
N LYS B 1263 1.44 38.04 -60.02
CA LYS B 1263 0.66 39.22 -59.58
C LYS B 1263 1.52 40.07 -58.62
N ILE B 1264 2.25 39.40 -57.71
CA ILE B 1264 3.17 40.15 -56.81
C ILE B 1264 4.24 40.82 -57.67
N LYS B 1265 4.73 40.11 -58.68
CA LYS B 1265 5.81 40.64 -59.55
C LYS B 1265 5.28 41.88 -60.30
N ALA B 1266 4.04 41.81 -60.77
CA ALA B 1266 3.47 42.96 -61.52
C ALA B 1266 3.41 44.16 -60.57
N VAL B 1267 2.99 43.92 -59.33
CA VAL B 1267 3.01 45.01 -58.30
C VAL B 1267 4.46 45.42 -58.06
N LEU B 1268 5.37 44.45 -58.01
CA LEU B 1268 6.78 44.73 -57.67
C LEU B 1268 7.44 45.70 -58.65
N GLN B 1269 7.19 45.58 -59.96
CA GLN B 1269 7.97 46.48 -60.86
C GLN B 1269 7.55 47.93 -60.57
N GLU B 1270 6.25 48.16 -60.40
CA GLU B 1270 5.76 49.53 -60.05
C GLU B 1270 6.31 49.90 -58.67
N TYR B 1271 6.34 48.94 -57.73
CA TYR B 1271 6.81 49.21 -56.35
C TYR B 1271 8.27 49.61 -56.41
N ARG B 1272 9.04 48.95 -57.26
CA ARG B 1272 10.49 49.26 -57.40
C ARG B 1272 10.67 50.22 -58.57
N ASP B 1280 18.24 37.84 -49.26
CA ASP B 1280 16.96 37.67 -49.99
C ASP B 1280 15.85 37.36 -49.00
N LEU B 1281 16.05 36.34 -48.17
CA LEU B 1281 15.04 35.96 -47.15
C LEU B 1281 14.88 37.13 -46.18
N GLN B 1282 15.99 37.78 -45.81
CA GLN B 1282 15.93 38.92 -44.86
C GLN B 1282 15.11 40.05 -45.50
N THR B 1283 15.31 40.29 -46.80
CA THR B 1283 14.53 41.32 -47.51
C THR B 1283 13.08 40.91 -47.48
N THR B 1284 12.82 39.61 -47.67
CA THR B 1284 11.44 39.11 -47.66
C THR B 1284 10.89 39.36 -46.29
N LEU B 1285 11.73 39.16 -45.28
CA LEU B 1285 11.31 39.41 -43.88
C LEU B 1285 10.97 40.89 -43.74
N GLN B 1286 11.78 41.75 -44.35
CA GLN B 1286 11.54 43.22 -44.23
C GLN B 1286 10.17 43.53 -44.83
N LEU B 1287 9.85 42.90 -45.96
CA LEU B 1287 8.50 43.07 -46.56
C LEU B 1287 7.49 42.51 -45.56
N SER B 1288 7.83 41.39 -44.93
CA SER B 1288 6.92 40.74 -43.96
C SER B 1288 6.66 41.68 -42.78
N MET B 1289 7.69 42.38 -42.32
CA MET B 1289 7.53 43.31 -41.18
C MET B 1289 6.54 44.41 -41.57
N LYS B 1290 6.66 44.91 -42.80
CA LYS B 1290 5.69 45.92 -43.29
C LYS B 1290 4.33 45.22 -43.30
N ALA B 1291 4.33 43.95 -43.70
CA ALA B 1291 3.09 43.16 -43.77
C ALA B 1291 2.49 43.04 -42.36
N ILE B 1292 3.35 42.87 -41.35
CA ILE B 1292 2.81 42.63 -39.99
C ILE B 1292 1.98 43.85 -39.58
N GLN B 1293 2.47 45.06 -39.88
CA GLN B 1293 1.60 46.23 -39.60
C GLN B 1293 0.39 46.07 -40.53
N HIS B 1294 -0.84 46.27 -40.03
CA HIS B 1294 -1.99 46.01 -40.94
C HIS B 1294 -2.89 47.24 -41.09
N GLU B 1295 -3.16 47.65 -42.33
CA GLU B 1295 -4.15 48.74 -42.55
C GLU B 1295 -5.51 48.18 -42.09
N ASN B 1296 -5.78 46.92 -42.40
CA ASN B 1296 -7.06 46.26 -42.02
C ASN B 1296 -6.75 45.06 -41.12
N VAL B 1297 -7.49 44.92 -40.02
CA VAL B 1297 -7.22 43.81 -39.06
C VAL B 1297 -7.46 42.49 -39.79
N ASP B 1298 -8.50 42.44 -40.63
CA ASP B 1298 -8.79 41.21 -41.42
C ASP B 1298 -7.60 40.95 -42.34
N VAL B 1299 -7.05 42.01 -42.94
CA VAL B 1299 -5.86 41.86 -43.82
C VAL B 1299 -4.70 41.33 -42.96
N ARG B 1300 -4.59 41.82 -41.72
CA ARG B 1300 -3.48 41.41 -40.83
C ARG B 1300 -3.56 39.91 -40.57
N ILE B 1301 -4.76 39.37 -40.36
CA ILE B 1301 -4.89 37.94 -39.99
C ILE B 1301 -4.33 37.07 -41.13
N HIS B 1302 -4.63 37.44 -42.38
CA HIS B 1302 -4.09 36.68 -43.53
C HIS B 1302 -2.57 36.81 -43.49
N ALA B 1303 -2.09 38.02 -43.19
CA ALA B 1303 -0.64 38.25 -43.13
C ALA B 1303 -0.04 37.40 -42.02
N LEU B 1304 -0.73 37.30 -40.88
CA LEU B 1304 -0.20 36.53 -39.74
C LEU B 1304 -0.07 35.06 -40.14
N THR B 1305 -1.05 34.55 -40.87
CA THR B 1305 -1.00 33.14 -41.29
C THR B 1305 0.20 32.99 -42.19
N SER B 1306 0.40 33.97 -43.08
CA SER B 1306 1.56 33.93 -43.98
C SER B 1306 2.85 34.00 -43.16
N LEU B 1307 2.85 34.85 -42.12
CA LEU B 1307 4.08 35.04 -41.30
C LEU B 1307 4.44 33.73 -40.59
N LYS B 1308 3.44 33.03 -40.07
CA LYS B 1308 3.71 31.75 -39.36
C LYS B 1308 4.30 30.79 -40.40
N GLU B 1309 3.73 30.82 -41.59
CA GLU B 1309 4.24 29.95 -42.68
C GLU B 1309 5.67 30.35 -43.00
N THR B 1310 5.95 31.66 -43.02
CA THR B 1310 7.30 32.13 -43.40
C THR B 1310 8.29 31.62 -42.41
N LEU B 1311 7.92 31.65 -41.12
CA LEU B 1311 8.84 31.16 -40.07
C LEU B 1311 9.08 29.66 -40.29
N TYR B 1312 8.01 28.93 -40.60
CA TYR B 1312 8.15 27.47 -40.85
C TYR B 1312 9.02 27.27 -42.08
N LYS B 1313 8.81 28.11 -43.09
CA LYS B 1313 9.59 28.00 -44.34
C LYS B 1313 11.05 28.26 -44.01
N ASN B 1314 11.29 29.25 -43.14
CA ASN B 1314 12.68 29.57 -42.74
C ASN B 1314 13.24 28.34 -42.04
N GLN B 1315 12.44 27.69 -41.18
CA GLN B 1315 12.88 26.40 -40.60
C GLN B 1315 14.22 26.57 -39.87
N GLU B 1316 15.18 25.69 -40.17
CA GLU B 1316 16.53 25.77 -39.55
C GLU B 1316 17.17 27.10 -39.95
N LYS B 1317 16.92 27.54 -41.19
CA LYS B 1317 17.51 28.80 -41.70
C LYS B 1317 17.00 29.96 -40.83
N LEU B 1318 15.73 29.91 -40.41
CA LEU B 1318 15.21 30.99 -39.52
C LEU B 1318 16.04 30.96 -38.23
N ILE B 1319 16.35 29.77 -37.72
CA ILE B 1319 17.20 29.65 -36.51
C ILE B 1319 18.58 30.23 -36.83
N LYS B 1320 19.08 29.97 -38.04
CA LYS B 1320 20.40 30.50 -38.47
C LYS B 1320 20.33 32.03 -38.50
N TYR B 1321 19.22 32.59 -38.97
CA TYR B 1321 19.07 34.07 -38.94
C TYR B 1321 19.08 34.49 -37.48
N ALA B 1322 18.42 33.71 -36.64
CA ALA B 1322 18.35 34.03 -35.20
C ALA B 1322 19.75 34.00 -34.57
N THR B 1323 20.57 33.01 -34.92
CA THR B 1323 21.87 32.88 -34.24
C THR B 1323 23.02 33.07 -35.21
N ASP B 1324 23.93 33.99 -34.90
CA ASP B 1324 25.09 34.27 -35.78
C ASP B 1324 26.08 35.10 -34.96
N SER B 1325 25.53 35.96 -34.09
CA SER B 1325 26.38 36.82 -33.22
C SER B 1325 25.85 36.73 -31.79
N GLU B 1326 26.72 36.96 -30.79
CA GLU B 1326 26.25 36.97 -29.39
C GLU B 1326 25.26 38.13 -29.31
N THR B 1327 25.58 39.25 -29.97
CA THR B 1327 24.62 40.37 -30.03
C THR B 1327 23.41 39.89 -30.81
N VAL B 1328 22.22 40.31 -30.42
CA VAL B 1328 20.97 39.81 -31.08
C VAL B 1328 20.98 40.25 -32.56
N GLU B 1329 20.49 39.39 -33.46
CA GLU B 1329 20.53 39.71 -34.90
C GLU B 1329 19.67 40.94 -35.19
N PRO B 1330 20.11 41.86 -36.08
CA PRO B 1330 19.29 43.01 -36.44
C PRO B 1330 18.02 42.50 -37.11
N ILE B 1331 18.17 41.47 -37.95
CA ILE B 1331 17.01 40.87 -38.65
C ILE B 1331 16.07 40.31 -37.57
N ILE B 1332 16.65 39.71 -36.53
CA ILE B 1332 15.84 39.22 -35.38
C ILE B 1332 15.18 40.48 -34.80
N SER B 1333 15.92 41.60 -34.78
CA SER B 1333 15.39 42.85 -34.20
C SER B 1333 14.15 43.27 -34.99
N GLN B 1334 14.19 43.13 -36.31
CA GLN B 1334 12.96 43.39 -37.09
C GLN B 1334 11.94 42.35 -36.62
N LEU B 1335 12.39 41.12 -36.40
CA LEU B 1335 11.50 40.05 -35.88
C LEU B 1335 11.04 40.45 -34.49
N VAL B 1336 11.94 41.04 -33.69
CA VAL B 1336 11.60 41.48 -32.31
C VAL B 1336 10.51 42.56 -32.42
N THR B 1337 10.64 43.45 -33.41
CA THR B 1337 9.62 44.49 -33.62
C THR B 1337 8.35 43.76 -33.95
N VAL B 1338 8.49 42.68 -34.72
CA VAL B 1338 7.30 41.89 -35.14
C VAL B 1338 6.63 41.34 -33.87
N LEU B 1339 7.42 40.88 -32.90
CA LEU B 1339 6.85 40.39 -31.62
C LEU B 1339 6.11 41.52 -30.90
N LEU B 1340 6.67 42.73 -30.91
CA LEU B 1340 6.03 43.91 -30.25
C LEU B 1340 4.69 44.15 -30.96
N LYS B 1341 4.67 43.97 -32.27
CA LYS B 1341 3.47 44.21 -33.10
C LYS B 1341 2.81 42.86 -33.34
N GLY B 1342 3.14 41.84 -32.54
CA GLY B 1342 2.68 40.47 -32.83
C GLY B 1342 1.38 40.15 -32.15
N CYS B 1343 1.37 39.32 -31.11
CA CYS B 1343 0.06 38.87 -30.57
C CYS B 1343 -0.52 39.94 -29.62
N GLN B 1344 -0.99 41.06 -30.19
CA GLN B 1344 -1.69 42.09 -29.39
C GLN B 1344 -2.95 42.42 -30.20
N ASP B 1345 -3.94 41.50 -30.21
CA ASP B 1345 -5.13 41.70 -31.09
C ASP B 1345 -6.41 41.76 -30.25
N ALA B 1346 -7.26 42.75 -30.53
CA ALA B 1346 -8.55 42.82 -29.81
C ALA B 1346 -9.33 41.55 -30.15
N ASN B 1347 -9.30 41.13 -31.41
CA ASN B 1347 -9.93 39.82 -31.72
C ASN B 1347 -9.09 38.78 -30.98
N SER B 1348 -9.75 37.85 -30.29
CA SER B 1348 -8.96 36.77 -29.63
C SER B 1348 -8.25 35.94 -30.69
N GLN B 1349 -8.95 35.63 -31.78
CA GLN B 1349 -8.35 34.76 -32.83
C GLN B 1349 -7.14 35.48 -33.44
N ALA B 1350 -7.27 36.78 -33.68
CA ALA B 1350 -6.16 37.51 -34.34
C ALA B 1350 -4.93 37.47 -33.43
N ARG B 1351 -5.16 37.69 -32.14
CA ARG B 1351 -4.04 37.65 -31.17
C ARG B 1351 -3.46 36.23 -31.16
N LEU B 1352 -4.33 35.22 -31.21
CA LEU B 1352 -3.87 33.81 -31.11
C LEU B 1352 -2.95 33.47 -32.30
N LEU B 1353 -3.33 33.92 -33.49
CA LEU B 1353 -2.52 33.61 -34.69
C LEU B 1353 -1.14 34.26 -34.51
N CYS B 1354 -1.14 35.50 -34.01
CA CYS B 1354 0.14 36.22 -33.78
C CYS B 1354 0.95 35.46 -32.74
N GLY B 1355 0.28 34.96 -31.70
CA GLY B 1355 0.98 34.20 -30.65
C GLY B 1355 1.58 32.94 -31.23
N GLU B 1356 0.85 32.29 -32.13
CA GLU B 1356 1.35 31.03 -32.74
C GLU B 1356 2.62 31.36 -33.51
N CYS B 1357 2.63 32.50 -34.21
CA CYS B 1357 3.84 32.92 -34.96
C CYS B 1357 4.98 33.15 -33.97
N LEU B 1358 4.69 33.77 -32.82
CA LEU B 1358 5.73 34.04 -31.80
C LEU B 1358 6.30 32.70 -31.31
N GLY B 1359 5.44 31.71 -31.14
CA GLY B 1359 5.89 30.39 -30.65
C GLY B 1359 6.86 29.76 -31.64
N GLU B 1360 6.58 29.91 -32.94
CA GLU B 1360 7.53 29.41 -33.96
C GLU B 1360 8.82 30.19 -33.77
N LEU B 1361 8.70 31.49 -33.51
CA LEU B 1361 9.89 32.34 -33.24
C LEU B 1361 10.58 31.78 -31.98
N GLY B 1362 9.80 31.38 -30.99
CA GLY B 1362 10.39 30.94 -29.71
C GLY B 1362 10.67 32.16 -28.85
N ALA B 1363 11.30 31.99 -27.69
CA ALA B 1363 11.44 33.19 -26.82
C ALA B 1363 12.89 33.67 -26.83
N ILE B 1364 13.08 34.94 -27.23
CA ILE B 1364 14.44 35.56 -27.19
C ILE B 1364 14.79 35.82 -25.73
N ASP B 1365 16.07 35.83 -25.40
CA ASP B 1365 16.41 36.22 -24.01
C ASP B 1365 15.96 37.66 -23.84
N PRO B 1366 15.37 38.08 -22.71
CA PRO B 1366 14.99 39.47 -22.58
C PRO B 1366 16.28 40.25 -22.65
N GLY B 1367 17.33 39.74 -22.00
CA GLY B 1367 18.64 40.39 -22.05
C GLY B 1367 19.12 40.37 -23.49
N ARG B 1368 18.87 39.26 -24.19
CA ARG B 1368 19.30 39.14 -25.60
C ARG B 1368 18.60 40.23 -26.40
N LEU B 1369 17.32 40.49 -26.11
CA LEU B 1369 16.59 41.49 -26.94
C LEU B 1369 17.28 42.84 -26.76
N ASP B 1370 17.53 43.54 -27.88
CA ASP B 1370 18.22 44.86 -27.83
C ASP B 1370 17.25 46.00 -28.14
N PHE B 1371 15.93 45.73 -28.20
CA PHE B 1371 15.02 46.80 -28.67
C PHE B 1371 14.62 47.76 -27.56
N SER B 1372 15.57 48.54 -27.05
CA SER B 1372 15.21 49.62 -26.09
C SER B 1372 15.05 50.92 -26.90
N THR B 1373 15.33 50.86 -28.20
CA THR B 1373 15.28 52.05 -29.07
C THR B 1373 13.89 52.63 -29.16
N THR B 1374 12.86 51.78 -29.24
CA THR B 1374 11.49 52.28 -29.50
C THR B 1374 11.01 53.18 -28.39
N GLU B 1375 10.27 54.24 -28.74
CA GLU B 1375 9.73 55.17 -27.72
C GLU B 1375 8.80 54.37 -26.81
N THR B 1376 8.00 53.46 -27.40
CA THR B 1376 7.18 52.57 -26.55
C THR B 1376 6.24 53.38 -25.68
N GLN B 1377 6.27 53.12 -24.37
CA GLN B 1377 5.30 53.77 -23.45
C GLN B 1377 5.46 55.30 -23.45
N GLY B 1378 6.69 55.82 -23.50
CA GLY B 1378 6.82 57.28 -23.36
C GLY B 1378 6.12 58.01 -24.49
N LYS B 1379 5.37 59.07 -24.16
CA LYS B 1379 4.61 59.85 -25.18
C LYS B 1379 4.33 61.25 -24.62
N ASP B 1380 3.94 62.21 -25.48
CA ASP B 1380 3.55 63.55 -24.96
C ASP B 1380 2.29 63.32 -24.10
N PHE B 1381 2.13 64.06 -23.00
CA PHE B 1381 1.00 63.73 -22.08
C PHE B 1381 -0.36 63.91 -22.74
N THR B 1382 -1.24 62.92 -22.56
CA THR B 1382 -2.63 62.99 -23.08
C THR B 1382 -3.40 64.10 -22.41
N PHE B 1383 -3.19 64.30 -21.11
CA PHE B 1383 -4.05 65.23 -20.34
C PHE B 1383 -4.00 66.66 -20.83
N VAL B 1384 -5.16 67.30 -20.88
CA VAL B 1384 -5.29 68.72 -21.31
C VAL B 1384 -6.33 69.32 -20.35
N THR B 1385 -6.37 70.64 -20.16
CA THR B 1385 -7.32 71.16 -19.14
C THR B 1385 -8.72 70.79 -19.58
N GLY B 1386 -9.04 70.87 -20.86
CA GLY B 1386 -10.35 70.35 -21.31
C GLY B 1386 -11.37 71.44 -21.61
N VAL B 1387 -12.38 71.12 -22.42
CA VAL B 1387 -13.45 72.09 -22.83
C VAL B 1387 -12.81 73.08 -23.80
N GLU B 1388 -11.79 73.81 -23.36
CA GLU B 1388 -11.04 74.69 -24.28
C GLU B 1388 -10.37 73.77 -25.32
N ASP B 1389 -9.83 72.64 -24.85
CA ASP B 1389 -9.09 71.73 -25.77
C ASP B 1389 -10.00 71.15 -26.84
N SER B 1390 -9.51 71.09 -28.09
CA SER B 1390 -10.28 70.43 -29.18
C SER B 1390 -10.42 68.95 -28.84
N SER B 1391 -9.36 68.35 -28.28
CA SER B 1391 -9.36 66.90 -27.96
C SER B 1391 -10.45 66.58 -26.93
N PHE B 1392 -10.65 67.44 -25.93
CA PHE B 1392 -11.74 67.19 -24.95
C PHE B 1392 -13.08 67.23 -25.69
N ALA B 1393 -13.24 68.18 -26.60
CA ALA B 1393 -14.48 68.21 -27.43
C ALA B 1393 -14.53 66.94 -28.27
N TYR B 1394 -13.37 66.54 -28.83
CA TYR B 1394 -13.30 65.30 -29.63
C TYR B 1394 -13.65 64.12 -28.73
N GLY B 1395 -13.17 64.15 -27.49
CA GLY B 1395 -13.49 63.08 -26.53
C GLY B 1395 -14.99 63.04 -26.27
N LEU B 1396 -15.62 64.20 -26.16
CA LEU B 1396 -17.10 64.23 -26.01
C LEU B 1396 -17.73 63.63 -27.28
N LEU B 1397 -17.17 63.98 -28.45
CA LEU B 1397 -17.66 63.38 -29.73
C LEU B 1397 -17.40 61.87 -29.70
N MET B 1398 -16.24 61.47 -29.18
CA MET B 1398 -15.91 60.02 -29.07
C MET B 1398 -16.92 59.38 -28.12
N GLU B 1399 -17.26 60.07 -27.04
CA GLU B 1399 -18.27 59.55 -26.08
C GLU B 1399 -19.60 59.42 -26.85
N LEU B 1400 -19.92 60.41 -27.69
CA LEU B 1400 -21.17 60.39 -28.50
C LEU B 1400 -21.11 59.18 -29.44
N THR B 1401 -19.94 58.89 -29.99
CA THR B 1401 -19.76 57.75 -30.93
C THR B 1401 -19.82 56.46 -30.15
N ARG B 1402 -20.04 55.33 -30.84
CA ARG B 1402 -20.14 54.00 -30.18
C ARG B 1402 -21.36 53.92 -29.24
N ALA B 1403 -21.17 53.63 -27.95
CA ALA B 1403 -22.33 53.35 -27.07
C ALA B 1403 -23.29 54.53 -26.97
N TYR B 1404 -22.82 55.77 -26.90
CA TYR B 1404 -23.79 56.90 -26.91
C TYR B 1404 -24.53 56.87 -28.26
N LEU B 1405 -23.80 56.59 -29.36
CA LEU B 1405 -24.47 56.47 -30.69
C LEU B 1405 -25.46 55.29 -30.64
N ALA B 1406 -25.08 54.19 -29.98
CA ALA B 1406 -26.02 53.05 -29.82
C ALA B 1406 -27.20 53.55 -28.97
N TYR B 1407 -26.91 54.35 -27.95
CA TYR B 1407 -27.99 54.94 -27.11
C TYR B 1407 -28.84 55.83 -28.00
N ALA B 1408 -28.19 56.57 -28.90
CA ALA B 1408 -28.93 57.47 -29.82
C ALA B 1408 -29.86 56.60 -30.67
N ASP B 1409 -29.39 55.42 -31.07
CA ASP B 1409 -30.30 54.51 -31.82
C ASP B 1409 -31.51 54.15 -30.95
N ASN B 1410 -31.33 53.86 -29.65
CA ASN B 1410 -32.53 53.61 -28.81
C ASN B 1410 -33.35 54.91 -28.71
N SER B 1411 -34.67 54.85 -28.90
CA SER B 1411 -35.43 56.12 -28.92
C SER B 1411 -35.40 56.87 -27.58
N ARG B 1412 -35.58 56.16 -26.45
CA ARG B 1412 -35.65 56.89 -25.16
C ARG B 1412 -34.31 57.55 -24.88
N ALA B 1413 -33.21 56.81 -25.11
CA ALA B 1413 -31.85 57.38 -24.95
C ALA B 1413 -31.65 58.48 -26.00
N GLN B 1414 -32.19 58.28 -27.20
CA GLN B 1414 -31.93 59.23 -28.31
C GLN B 1414 -32.46 60.62 -27.97
N ASP B 1415 -33.63 60.75 -27.35
CA ASP B 1415 -34.11 62.14 -27.14
C ASP B 1415 -33.09 62.85 -26.26
N SER B 1416 -32.60 62.20 -25.20
CA SER B 1416 -31.51 62.82 -24.39
C SER B 1416 -30.26 62.96 -25.25
N ALA B 1417 -29.93 61.92 -26.03
CA ALA B 1417 -28.69 61.93 -26.84
C ALA B 1417 -28.78 63.04 -27.90
N ALA B 1418 -29.94 63.20 -28.53
CA ALA B 1418 -30.10 64.22 -29.58
C ALA B 1418 -29.90 65.60 -28.96
N TYR B 1419 -30.47 65.80 -27.77
CA TYR B 1419 -30.32 67.11 -27.09
C TYR B 1419 -28.85 67.33 -26.79
N ALA B 1420 -28.16 66.28 -26.31
CA ALA B 1420 -26.72 66.40 -26.05
C ALA B 1420 -25.98 66.65 -27.36
N ILE B 1421 -26.37 65.93 -28.42
CA ILE B 1421 -25.69 66.07 -29.75
C ILE B 1421 -25.91 67.50 -30.25
N GLN B 1422 -27.13 68.01 -30.10
CA GLN B 1422 -27.42 69.40 -30.53
C GLN B 1422 -26.59 70.37 -29.69
N GLU B 1423 -26.50 70.09 -28.38
CA GLU B 1423 -25.71 70.97 -27.47
C GLU B 1423 -24.23 70.90 -27.90
N LEU B 1424 -23.76 69.71 -28.23
CA LEU B 1424 -22.35 69.56 -28.70
C LEU B 1424 -22.18 70.33 -30.01
N LEU B 1425 -23.16 70.23 -30.90
CA LEU B 1425 -23.10 70.98 -32.18
C LEU B 1425 -23.11 72.48 -31.87
N SER B 1426 -23.95 72.91 -30.93
CA SER B 1426 -23.93 74.35 -30.53
C SER B 1426 -22.57 74.68 -29.91
N ILE B 1427 -22.06 73.81 -29.04
CA ILE B 1427 -20.77 74.10 -28.34
C ILE B 1427 -19.63 74.20 -29.35
N TYR B 1428 -19.58 73.29 -30.33
CA TYR B 1428 -18.43 73.27 -31.28
C TYR B 1428 -18.94 73.33 -32.71
N ASP B 1429 -18.38 74.22 -33.53
CA ASP B 1429 -18.75 74.21 -34.96
C ASP B 1429 -18.29 72.88 -35.55
N CYS B 1430 -19.10 72.27 -36.42
CA CYS B 1430 -18.67 71.02 -37.08
C CYS B 1430 -17.43 71.33 -37.92
N ARG B 1431 -17.43 72.48 -38.60
CA ARG B 1431 -16.25 72.90 -39.41
C ARG B 1431 -15.21 73.52 -38.47
N HIS B 1440 -13.16 75.26 -41.22
CA HIS B 1440 -13.22 73.78 -41.12
C HIS B 1440 -12.04 73.28 -40.29
N GLN B 1441 -11.43 74.18 -39.51
CA GLN B 1441 -10.29 73.77 -38.64
C GLN B 1441 -10.80 72.75 -37.60
N LEU B 1442 -11.99 72.99 -37.05
CA LEU B 1442 -12.58 72.01 -36.10
C LEU B 1442 -12.83 70.70 -36.85
N TRP B 1443 -13.31 70.78 -38.10
CA TRP B 1443 -13.53 69.56 -38.90
C TRP B 1443 -12.19 68.85 -39.14
N ARG B 1444 -11.13 69.63 -39.42
CA ARG B 1444 -9.79 69.02 -39.60
C ARG B 1444 -9.35 68.38 -38.28
N ARG B 1445 -9.62 69.05 -37.15
CA ARG B 1445 -9.29 68.46 -35.83
C ARG B 1445 -10.14 67.21 -35.64
N PHE B 1446 -11.40 67.26 -36.06
CA PHE B 1446 -12.32 66.11 -35.89
C PHE B 1446 -11.91 64.93 -36.75
N PRO B 1447 -12.15 63.68 -36.30
CA PRO B 1447 -11.85 62.52 -37.12
C PRO B 1447 -12.74 62.63 -38.33
N GLU B 1448 -13.97 63.11 -38.14
CA GLU B 1448 -14.96 63.24 -39.24
C GLU B 1448 -15.24 61.87 -39.87
N HIS B 1449 -15.23 61.76 -41.20
CA HIS B 1449 -15.62 60.46 -41.80
C HIS B 1449 -17.03 60.16 -41.31
N VAL B 1450 -17.23 58.96 -40.73
CA VAL B 1450 -18.57 58.57 -40.17
C VAL B 1450 -18.92 59.57 -39.06
N ARG B 1451 -17.93 59.97 -38.26
CA ARG B 1451 -18.16 60.92 -37.15
C ARG B 1451 -18.66 62.25 -37.73
N GLU B 1452 -18.13 62.68 -38.89
CA GLU B 1452 -18.63 63.92 -39.52
C GLU B 1452 -20.11 63.74 -39.88
N ILE B 1453 -20.50 62.56 -40.37
CA ILE B 1453 -21.95 62.31 -40.64
C ILE B 1453 -22.68 62.39 -39.30
N LEU B 1454 -22.09 61.85 -38.24
CA LEU B 1454 -22.70 61.94 -36.89
C LEU B 1454 -22.77 63.42 -36.48
N GLU B 1455 -21.71 64.19 -36.78
CA GLU B 1455 -21.69 65.64 -36.44
C GLU B 1455 -22.82 66.34 -37.21
N PRO B 1456 -23.07 66.00 -38.49
CA PRO B 1456 -24.19 66.61 -39.19
C PRO B 1456 -25.48 66.22 -38.49
N HIS B 1457 -25.59 64.96 -38.05
CA HIS B 1457 -26.78 64.51 -37.31
C HIS B 1457 -26.89 65.30 -36.00
N LEU B 1458 -25.74 65.54 -35.35
CA LEU B 1458 -25.73 66.32 -34.09
C LEU B 1458 -26.24 67.73 -34.40
N ASN B 1459 -25.83 68.31 -35.53
CA ASN B 1459 -26.31 69.65 -35.94
C ASN B 1459 -27.82 69.56 -36.24
N LYS B 1475 -18.13 61.55 -0.09
CA LYS B 1475 -19.20 62.52 0.21
C LYS B 1475 -20.47 62.15 -0.59
N LYS B 1476 -20.54 60.91 -1.09
CA LYS B 1476 -21.69 60.48 -1.93
C LYS B 1476 -22.22 59.13 -1.42
N PRO B 1477 -22.92 59.09 -0.27
CA PRO B 1477 -23.52 57.84 0.21
C PRO B 1477 -24.54 57.35 -0.79
N ILE B 1478 -25.32 58.28 -1.36
CA ILE B 1478 -26.39 57.91 -2.32
C ILE B 1478 -25.74 57.24 -3.55
N TYR B 1479 -24.59 57.73 -3.99
CA TYR B 1479 -23.92 57.16 -5.19
C TYR B 1479 -23.49 55.71 -4.92
N LEU B 1480 -23.64 54.82 -5.90
CA LEU B 1480 -23.21 53.39 -5.82
C LEU B 1480 -24.13 52.58 -4.89
N SER B 1481 -24.25 52.97 -3.62
CA SER B 1481 -25.20 52.28 -2.70
C SER B 1481 -26.64 52.61 -3.10
N LYS B 1482 -27.57 51.68 -2.93
CA LYS B 1482 -28.99 52.06 -3.16
C LYS B 1482 -29.18 52.56 -4.60
N LEU B 1483 -29.69 53.79 -4.75
CA LEU B 1483 -30.05 54.32 -6.10
C LEU B 1483 -28.82 54.39 -7.00
N GLY B 1484 -27.63 54.73 -6.47
CA GLY B 1484 -26.47 54.88 -7.37
C GLY B 1484 -26.22 53.57 -8.07
N SER B 1485 -26.35 52.43 -7.37
CA SER B 1485 -26.28 51.11 -8.04
C SER B 1485 -24.95 50.91 -8.79
N ASN B 1486 -25.01 50.47 -10.05
CA ASN B 1486 -23.73 50.15 -10.76
C ASN B 1486 -23.11 51.37 -11.41
N PHE B 1487 -22.65 52.36 -10.64
CA PHE B 1487 -21.86 53.50 -11.19
C PHE B 1487 -22.68 54.47 -12.05
N ALA B 1488 -23.31 53.98 -13.13
CA ALA B 1488 -23.99 54.92 -14.06
C ALA B 1488 -25.15 55.65 -13.38
N GLU B 1489 -25.95 54.94 -12.59
CA GLU B 1489 -27.05 55.62 -11.84
C GLU B 1489 -26.41 56.60 -10.86
N TRP B 1490 -25.31 56.19 -10.23
CA TRP B 1490 -24.62 57.07 -9.26
C TRP B 1490 -24.11 58.30 -10.00
N SER B 1491 -23.59 58.08 -11.21
CA SER B 1491 -23.04 59.20 -12.01
C SER B 1491 -24.17 60.18 -12.33
N ALA B 1492 -25.36 59.66 -12.68
CA ALA B 1492 -26.47 60.56 -13.05
C ALA B 1492 -26.86 61.41 -11.84
N SER B 1493 -26.91 60.80 -10.66
CA SER B 1493 -27.20 61.59 -9.43
C SER B 1493 -26.07 62.58 -9.20
N TRP B 1494 -24.84 62.12 -9.41
CA TRP B 1494 -23.66 63.01 -9.22
C TRP B 1494 -23.72 64.14 -10.24
N ALA B 1495 -24.12 63.84 -11.47
CA ALA B 1495 -24.12 64.86 -12.54
C ALA B 1495 -25.09 65.98 -12.20
N GLY B 1496 -26.27 65.65 -11.67
CA GLY B 1496 -27.19 66.74 -11.27
C GLY B 1496 -26.57 67.57 -10.16
N TYR B 1497 -25.94 66.91 -9.18
CA TYR B 1497 -25.24 67.67 -8.11
C TYR B 1497 -24.08 68.45 -8.73
N LEU B 1498 -23.35 67.82 -9.66
CA LEU B 1498 -22.14 68.45 -10.25
C LEU B 1498 -22.54 69.72 -11.02
N ILE B 1499 -23.66 69.68 -11.76
CA ILE B 1499 -23.98 70.88 -12.58
C ILE B 1499 -24.22 72.05 -11.61
N THR B 1500 -24.94 71.78 -10.51
CA THR B 1500 -25.13 72.83 -9.48
C THR B 1500 -23.78 73.18 -8.88
N LYS B 1501 -22.95 72.17 -8.61
CA LYS B 1501 -21.66 72.42 -7.92
C LYS B 1501 -20.73 73.30 -8.76
N VAL B 1502 -20.66 73.09 -10.08
CA VAL B 1502 -19.65 73.87 -10.87
C VAL B 1502 -19.98 75.36 -10.80
N ARG B 1503 -18.98 76.20 -10.53
CA ARG B 1503 -19.18 77.66 -10.53
C ARG B 1503 -19.54 78.17 -11.94
N HIS B 1504 -18.87 77.65 -12.98
CA HIS B 1504 -19.09 78.20 -14.35
C HIS B 1504 -20.45 77.79 -14.90
N ASP B 1505 -21.18 78.74 -15.48
CA ASP B 1505 -22.46 78.39 -16.15
C ASP B 1505 -22.14 77.48 -17.34
N LEU B 1506 -21.07 77.81 -18.08
CA LEU B 1506 -20.69 77.01 -19.27
C LEU B 1506 -20.30 75.60 -18.83
N ALA B 1507 -19.58 75.48 -17.72
CA ALA B 1507 -19.24 74.13 -17.21
C ALA B 1507 -20.54 73.42 -16.83
N SER B 1508 -21.45 74.13 -16.18
CA SER B 1508 -22.76 73.54 -15.82
C SER B 1508 -23.51 73.17 -17.11
N LYS B 1509 -23.46 74.05 -18.11
CA LYS B 1509 -24.14 73.77 -19.41
C LYS B 1509 -23.51 72.54 -20.05
N ILE B 1510 -22.18 72.46 -20.00
CA ILE B 1510 -21.48 71.26 -20.55
C ILE B 1510 -21.93 70.05 -19.72
N PHE B 1511 -22.03 70.23 -18.41
CA PHE B 1511 -22.45 69.12 -17.51
C PHE B 1511 -23.87 68.70 -17.86
N THR B 1512 -24.75 69.67 -18.12
CA THR B 1512 -26.15 69.34 -18.47
C THR B 1512 -26.16 68.57 -19.77
N CYS B 1513 -25.37 68.99 -20.76
CA CYS B 1513 -25.28 68.23 -22.03
C CYS B 1513 -24.69 66.85 -21.71
N CYS B 1514 -23.68 66.82 -20.83
CA CYS B 1514 -23.06 65.53 -20.43
C CYS B 1514 -24.11 64.68 -19.72
N SER B 1515 -24.94 65.30 -18.87
CA SER B 1515 -25.92 64.51 -18.08
C SER B 1515 -26.90 63.79 -19.01
N ILE B 1516 -27.37 64.46 -20.07
CA ILE B 1516 -28.26 63.76 -21.03
C ILE B 1516 -27.47 62.61 -21.69
N MET B 1517 -26.21 62.88 -22.06
CA MET B 1517 -25.35 61.81 -22.64
C MET B 1517 -25.11 60.72 -21.58
N MET B 1518 -24.88 61.12 -20.33
CA MET B 1518 -24.57 60.16 -19.24
C MET B 1518 -25.78 59.23 -19.05
N LYS B 1519 -26.99 59.78 -19.09
CA LYS B 1519 -28.19 58.92 -18.98
C LYS B 1519 -28.21 57.98 -20.19
N HIS B 1520 -27.89 58.52 -21.38
CA HIS B 1520 -27.95 57.68 -22.62
C HIS B 1520 -26.93 56.54 -22.56
N ASP B 1521 -25.70 56.81 -22.12
CA ASP B 1521 -24.65 55.74 -22.11
C ASP B 1521 -23.95 55.65 -20.75
N PHE B 1522 -23.81 54.44 -20.20
CA PHE B 1522 -23.04 54.27 -18.94
C PHE B 1522 -21.58 54.63 -19.19
N LYS B 1523 -21.04 54.21 -20.35
CA LYS B 1523 -19.64 54.54 -20.70
C LYS B 1523 -19.51 56.06 -20.86
N VAL B 1524 -20.52 56.69 -21.49
CA VAL B 1524 -20.51 58.18 -21.64
C VAL B 1524 -20.53 58.77 -20.23
N THR B 1525 -21.32 58.17 -19.33
CA THR B 1525 -21.43 58.70 -17.96
C THR B 1525 -20.08 58.64 -17.30
N ILE B 1526 -19.33 57.54 -17.51
CA ILE B 1526 -17.96 57.43 -16.91
C ILE B 1526 -17.06 58.53 -17.50
N TYR B 1527 -17.14 58.76 -18.82
CA TYR B 1527 -16.35 59.85 -19.44
C TYR B 1527 -16.83 61.18 -18.87
N LEU B 1528 -18.16 61.30 -18.74
CA LEU B 1528 -18.77 62.55 -18.20
C LEU B 1528 -18.29 62.75 -16.76
N LEU B 1529 -18.21 61.68 -15.98
CA LEU B 1529 -17.89 61.83 -14.54
C LEU B 1529 -16.49 62.45 -14.40
N PRO B 1530 -15.47 62.06 -15.21
CA PRO B 1530 -14.19 62.70 -15.02
C PRO B 1530 -14.30 64.18 -15.32
N HIS B 1531 -15.02 64.53 -16.38
CA HIS B 1531 -15.25 65.97 -16.70
C HIS B 1531 -16.07 66.61 -15.58
N ILE B 1532 -17.08 65.88 -15.09
CA ILE B 1532 -17.97 66.42 -14.01
C ILE B 1532 -17.11 66.67 -12.76
N LEU B 1533 -16.19 65.75 -12.48
CA LEU B 1533 -15.30 65.90 -11.30
C LEU B 1533 -14.45 67.16 -11.50
N VAL B 1534 -13.97 67.38 -12.73
CA VAL B 1534 -13.18 68.61 -13.02
C VAL B 1534 -14.07 69.83 -12.80
N TYR B 1535 -15.33 69.77 -13.24
CA TYR B 1535 -16.28 70.90 -13.00
C TYR B 1535 -16.49 71.05 -11.49
N VAL B 1536 -16.63 69.92 -10.80
CA VAL B 1536 -16.81 69.94 -9.32
C VAL B 1536 -15.56 70.56 -8.69
N LEU B 1537 -14.38 70.21 -9.21
CA LEU B 1537 -13.14 70.85 -8.70
C LEU B 1537 -13.18 72.36 -8.97
N LEU B 1538 -13.63 72.78 -10.17
CA LEU B 1538 -13.56 74.22 -10.50
C LEU B 1538 -14.45 75.00 -9.53
N GLY B 1539 -15.66 74.51 -9.26
CA GLY B 1539 -16.51 75.16 -8.22
C GLY B 1539 -16.96 74.09 -7.25
N CYS B 1540 -16.76 74.26 -5.95
CA CYS B 1540 -17.28 73.20 -5.04
C CYS B 1540 -18.26 73.78 -4.02
N ASN B 1541 -19.46 73.21 -3.92
CA ASN B 1541 -20.40 73.61 -2.84
C ASN B 1541 -19.86 73.05 -1.53
N GLN B 1542 -20.14 73.68 -0.38
CA GLN B 1542 -19.70 73.07 0.90
C GLN B 1542 -20.41 71.71 1.01
N GLU B 1543 -21.69 71.66 0.63
CA GLU B 1543 -22.42 70.37 0.62
C GLU B 1543 -21.75 69.43 -0.40
N ASP B 1544 -21.35 69.97 -1.55
CA ASP B 1544 -20.64 69.15 -2.58
C ASP B 1544 -19.33 68.64 -1.97
N GLN B 1545 -18.63 69.48 -1.20
CA GLN B 1545 -17.39 69.02 -0.53
C GLN B 1545 -17.75 67.89 0.44
N GLN B 1546 -18.87 68.04 1.16
CA GLN B 1546 -19.34 66.94 2.04
C GLN B 1546 -19.66 65.73 1.16
N GLU B 1547 -20.27 65.97 -0.01
CA GLU B 1547 -20.60 64.87 -0.96
C GLU B 1547 -19.28 64.24 -1.44
N VAL B 1548 -18.25 65.06 -1.68
CA VAL B 1548 -16.93 64.51 -2.09
C VAL B 1548 -16.41 63.64 -0.93
N TYR B 1549 -16.60 64.10 0.31
CA TYR B 1549 -16.20 63.28 1.48
C TYR B 1549 -17.06 62.02 1.46
N ALA B 1550 -18.35 62.18 1.13
CA ALA B 1550 -19.27 61.02 1.06
C ALA B 1550 -18.78 60.06 -0.03
N GLU B 1551 -18.31 60.59 -1.15
CA GLU B 1551 -17.79 59.72 -2.24
C GLU B 1551 -16.57 58.95 -1.72
N ILE B 1552 -15.71 59.61 -0.94
CA ILE B 1552 -14.55 58.90 -0.32
C ILE B 1552 -15.10 57.82 0.62
N MET B 1553 -16.15 58.15 1.38
CA MET B 1553 -16.77 57.13 2.27
C MET B 1553 -17.36 56.02 1.40
N ALA B 1554 -17.98 56.38 0.28
CA ALA B 1554 -18.54 55.35 -0.63
C ALA B 1554 -17.41 54.49 -1.17
N VAL B 1555 -16.28 55.12 -1.51
CA VAL B 1555 -15.09 54.35 -1.97
C VAL B 1555 -14.63 53.45 -0.82
N LEU B 1556 -14.64 53.98 0.40
CA LEU B 1556 -14.27 53.15 1.58
C LEU B 1556 -15.28 52.01 1.72
N LYS B 1557 -16.57 52.31 1.51
CA LYS B 1557 -17.62 51.28 1.61
C LYS B 1557 -17.38 50.21 0.54
N HIS B 1558 -16.98 50.63 -0.67
CA HIS B 1558 -16.71 49.68 -1.77
C HIS B 1558 -15.59 48.71 -1.32
N ILE B 1569 -17.79 43.13 -9.03
CA ILE B 1569 -18.64 43.51 -10.20
C ILE B 1569 -19.01 44.99 -10.07
N ALA B 1570 -20.16 45.29 -9.47
CA ALA B 1570 -20.54 46.71 -9.23
C ALA B 1570 -19.51 47.30 -8.27
N SER B 1571 -19.10 46.53 -7.27
CA SER B 1571 -18.04 47.00 -6.33
C SER B 1571 -16.74 47.21 -7.12
N ASP B 1572 -16.43 46.29 -8.04
CA ASP B 1572 -15.23 46.47 -8.90
C ASP B 1572 -15.42 47.73 -9.74
N LEU B 1573 -16.63 47.94 -10.27
CA LEU B 1573 -16.90 49.18 -11.04
C LEU B 1573 -16.74 50.38 -10.10
N CYS B 1574 -17.22 50.24 -8.86
CA CYS B 1574 -17.06 51.34 -7.85
C CYS B 1574 -15.57 51.55 -7.60
N GLN B 1575 -14.80 50.45 -7.50
CA GLN B 1575 -13.33 50.58 -7.32
C GLN B 1575 -12.76 51.28 -8.56
N LEU B 1576 -13.25 50.91 -9.75
CA LEU B 1576 -12.79 51.58 -10.99
C LEU B 1576 -13.20 53.05 -10.91
N SER B 1577 -14.41 53.32 -10.40
CA SER B 1577 -14.88 54.72 -10.26
C SER B 1577 -13.98 55.49 -9.28
N THR B 1578 -13.59 54.84 -8.18
CA THR B 1578 -12.66 55.50 -7.23
C THR B 1578 -11.35 55.76 -7.96
N GLN B 1579 -10.90 54.79 -8.76
CA GLN B 1579 -9.67 54.98 -9.55
C GLN B 1579 -9.91 56.13 -10.55
N THR B 1580 -11.10 56.16 -11.16
CA THR B 1580 -11.43 57.24 -12.09
C THR B 1580 -11.43 58.55 -11.35
N VAL B 1581 -11.95 58.55 -10.13
CA VAL B 1581 -11.93 59.79 -9.29
C VAL B 1581 -10.47 60.15 -9.01
N PHE B 1582 -9.63 59.14 -8.73
CA PHE B 1582 -8.18 59.41 -8.53
C PHE B 1582 -7.60 59.95 -9.83
N SER B 1583 -8.02 59.36 -10.96
CA SER B 1583 -7.56 59.86 -12.29
C SER B 1583 -8.07 61.29 -12.49
N MET B 1584 -9.31 61.56 -12.08
CA MET B 1584 -9.86 62.94 -12.18
C MET B 1584 -9.01 63.83 -11.26
N LEU B 1585 -8.64 63.31 -10.09
CA LEU B 1585 -7.79 64.09 -9.16
C LEU B 1585 -6.44 64.34 -9.83
N ASP B 1586 -5.91 63.35 -10.55
CA ASP B 1586 -4.64 63.56 -11.31
C ASP B 1586 -4.87 64.63 -12.37
N HIS B 1587 -6.02 64.59 -13.07
CA HIS B 1587 -6.34 65.65 -14.05
C HIS B 1587 -6.46 66.98 -13.30
N LEU B 1588 -7.08 66.94 -12.12
CA LEU B 1588 -7.19 68.16 -11.27
C LEU B 1588 -5.77 68.58 -10.88
N THR B 1589 -4.92 67.60 -10.56
CA THR B 1589 -3.53 67.89 -10.19
C THR B 1589 -2.85 68.54 -11.37
N GLN B 1590 -3.11 68.05 -12.58
CA GLN B 1590 -2.53 68.71 -13.78
C GLN B 1590 -3.08 70.15 -13.86
N TRP B 1591 -4.37 70.34 -13.60
CA TRP B 1591 -4.94 71.72 -13.56
C TRP B 1591 -4.28 72.49 -12.42
N ALA B 1592 -4.08 71.84 -11.28
CA ALA B 1592 -3.42 72.49 -10.12
C ALA B 1592 -1.98 72.84 -10.51
N ARG B 1593 -1.33 71.94 -11.25
CA ARG B 1593 0.06 72.21 -11.71
C ARG B 1593 0.04 73.44 -12.62
N HIS B 1594 -0.97 73.55 -13.49
CA HIS B 1594 -1.08 74.76 -14.33
C HIS B 1594 -1.29 75.97 -13.41
N LYS B 1595 -2.12 75.82 -12.38
CA LYS B 1595 -2.32 76.91 -11.41
C LYS B 1595 -0.99 77.17 -10.70
N PHE B 1596 -0.25 76.12 -10.36
CA PHE B 1596 1.08 76.27 -9.69
C PHE B 1596 2.02 76.99 -10.64
N GLN B 1597 1.94 76.64 -11.92
CA GLN B 1597 2.83 77.29 -12.93
C GLN B 1597 2.48 78.79 -12.96
N ALA B 1598 1.20 79.12 -12.87
CA ALA B 1598 0.81 80.54 -12.80
C ALA B 1598 1.34 81.12 -11.49
N LEU B 1599 1.84 82.37 -11.53
CA LEU B 1599 2.42 82.99 -10.31
C LEU B 1599 3.21 81.93 -9.53
N THR B 1620 -4.63 82.93 -6.85
CA THR B 1620 -5.66 83.56 -5.99
C THR B 1620 -6.84 82.62 -5.88
N VAL B 1621 -7.91 82.88 -6.64
CA VAL B 1621 -9.10 81.98 -6.64
C VAL B 1621 -8.66 80.61 -7.17
N ASP B 1622 -7.81 80.59 -8.21
CA ASP B 1622 -7.29 79.29 -8.74
C ASP B 1622 -6.46 78.62 -7.65
N TYR B 1623 -5.65 79.40 -6.92
CA TYR B 1623 -4.86 78.84 -5.80
C TYR B 1623 -5.84 78.32 -4.75
N GLU B 1624 -6.92 79.08 -4.50
CA GLU B 1624 -7.94 78.63 -3.53
C GLU B 1624 -8.59 77.34 -4.06
N ASP B 1625 -8.84 77.28 -5.38
CA ASP B 1625 -9.40 76.04 -5.97
C ASP B 1625 -8.37 74.91 -5.79
N TYR B 1626 -7.09 75.22 -5.99
CA TYR B 1626 -6.03 74.20 -5.78
C TYR B 1626 -6.02 73.82 -4.30
N GLN B 1627 -6.18 74.81 -3.41
CA GLN B 1627 -6.24 74.52 -1.95
C GLN B 1627 -7.47 73.65 -1.67
N SER B 1628 -8.60 73.95 -2.33
CA SER B 1628 -9.82 73.12 -2.16
C SER B 1628 -9.54 71.70 -2.66
N VAL B 1629 -8.83 71.58 -3.79
CA VAL B 1629 -8.46 70.22 -4.31
C VAL B 1629 -7.54 69.57 -3.26
N THR B 1630 -6.61 70.35 -2.69
CA THR B 1630 -5.72 69.82 -1.65
C THR B 1630 -6.56 69.41 -0.46
N ARG B 1631 -7.56 70.21 -0.13
CA ARG B 1631 -8.47 69.87 1.00
C ARG B 1631 -9.22 68.58 0.67
N PHE B 1632 -9.67 68.41 -0.58
CA PHE B 1632 -10.33 67.14 -0.98
C PHE B 1632 -9.32 66.02 -0.85
N LEU B 1633 -8.08 66.28 -1.28
CA LEU B 1633 -7.00 65.27 -1.13
C LEU B 1633 -6.79 65.02 0.36
N ASP B 1634 -6.81 66.08 1.17
CA ASP B 1634 -6.62 65.93 2.65
C ASP B 1634 -7.78 65.09 3.20
N LEU B 1635 -9.00 65.34 2.71
CA LEU B 1635 -10.17 64.58 3.19
C LEU B 1635 -9.95 63.10 2.84
N ILE B 1636 -9.42 62.83 1.65
CA ILE B 1636 -9.10 61.43 1.27
C ILE B 1636 -7.94 60.97 2.17
N PRO B 1637 -7.88 59.69 2.60
CA PRO B 1637 -6.72 59.26 3.36
C PRO B 1637 -5.96 58.36 2.43
N GLN B 1638 -4.68 58.67 2.20
CA GLN B 1638 -3.89 57.88 1.22
C GLN B 1638 -3.79 56.43 1.73
N ASP B 1639 -3.59 56.25 3.04
CA ASP B 1639 -3.54 54.88 3.61
C ASP B 1639 -4.89 54.19 3.41
N THR B 1640 -5.99 54.91 3.63
CA THR B 1640 -7.32 54.31 3.36
C THR B 1640 -7.42 54.02 1.88
N LEU B 1641 -6.92 54.94 1.06
CA LEU B 1641 -6.94 54.73 -0.41
C LEU B 1641 -6.07 53.51 -0.73
N ALA B 1642 -4.93 53.38 -0.05
CA ALA B 1642 -4.05 52.21 -0.27
C ALA B 1642 -4.78 50.94 0.15
N VAL B 1643 -5.52 50.98 1.26
CA VAL B 1643 -6.31 49.79 1.68
C VAL B 1643 -7.37 49.50 0.60
N ALA B 1644 -8.02 50.56 0.09
CA ALA B 1644 -8.98 50.38 -1.01
C ALA B 1644 -8.21 49.86 -2.22
N SER B 1645 -7.01 50.40 -2.44
CA SER B 1645 -6.15 49.98 -3.56
C SER B 1645 -5.76 48.51 -3.39
N PHE B 1646 -5.50 48.06 -2.16
CA PHE B 1646 -5.20 46.63 -1.93
C PHE B 1646 -6.43 45.81 -2.34
N ARG B 1647 -7.63 46.27 -1.99
CA ARG B 1647 -8.86 45.58 -2.46
C ARG B 1647 -8.86 45.70 -3.99
N SER B 1648 -8.46 46.86 -4.51
CA SER B 1648 -8.35 47.11 -5.97
C SER B 1648 -7.27 46.20 -6.57
N LYS B 1649 -6.32 45.71 -5.77
CA LYS B 1649 -5.14 44.97 -6.31
C LYS B 1649 -4.37 45.97 -7.19
N ALA B 1650 -4.33 47.23 -6.75
CA ALA B 1650 -3.60 48.29 -7.46
C ALA B 1650 -2.10 47.95 -7.49
N TYR B 1651 -1.57 47.34 -6.41
CA TYR B 1651 -0.15 46.92 -6.44
C TYR B 1651 0.72 48.16 -6.53
N THR B 1652 1.53 48.32 -7.58
CA THR B 1652 2.48 49.44 -7.61
C THR B 1652 1.71 50.74 -7.51
N ARG B 1653 0.55 50.84 -8.17
CA ARG B 1653 -0.27 52.06 -7.97
C ARG B 1653 -0.68 52.17 -6.49
N ALA B 1654 -1.05 51.05 -5.86
CA ALA B 1654 -1.40 51.05 -4.41
C ALA B 1654 -0.17 51.45 -3.61
N VAL B 1655 1.00 50.94 -4.00
CA VAL B 1655 2.24 51.22 -3.23
C VAL B 1655 2.50 52.73 -3.26
N MET B 1656 2.25 53.35 -4.41
CA MET B 1656 2.44 54.82 -4.51
C MET B 1656 1.48 55.51 -3.55
N HIS B 1657 0.24 55.03 -3.46
CA HIS B 1657 -0.71 55.62 -2.49
C HIS B 1657 -0.20 55.39 -1.06
N PHE B 1658 0.33 54.19 -0.79
CA PHE B 1658 0.90 53.90 0.55
C PHE B 1658 2.10 54.81 0.80
N GLU B 1659 2.93 54.99 -0.22
CA GLU B 1659 4.10 55.89 -0.08
C GLU B 1659 3.59 57.30 0.18
N SER B 1660 2.51 57.68 -0.51
CA SER B 1660 1.94 59.03 -0.32
C SER B 1660 1.46 59.16 1.12
N PHE B 1661 0.86 58.11 1.67
CA PHE B 1661 0.33 58.18 3.05
C PHE B 1661 1.48 58.42 4.02
N ILE B 1662 2.59 57.71 3.80
CA ILE B 1662 3.78 57.90 4.69
C ILE B 1662 4.26 59.35 4.54
N THR B 1663 4.31 59.84 3.31
CA THR B 1663 4.70 61.25 3.08
C THR B 1663 3.67 62.16 3.72
N GLU B 1664 2.38 61.82 3.57
CA GLU B 1664 1.31 62.72 4.07
C GLU B 1664 1.38 62.87 5.59
N LYS B 1665 1.66 61.78 6.30
CA LYS B 1665 1.64 61.85 7.78
C LYS B 1665 2.71 60.89 8.35
N LYS B 1666 3.45 61.35 9.35
CA LYS B 1666 4.49 60.50 9.96
C LYS B 1666 3.77 59.26 10.52
N GLN B 1667 4.37 58.08 10.33
CA GLN B 1667 3.69 56.83 10.76
C GLN B 1667 4.72 55.94 11.49
N ASN B 1668 4.24 55.07 12.37
CA ASN B 1668 5.18 54.12 13.03
C ASN B 1668 5.78 53.24 11.94
N ILE B 1669 7.07 52.95 12.02
CA ILE B 1669 7.71 52.17 10.92
C ILE B 1669 7.01 50.81 10.89
N GLN B 1670 6.74 50.24 12.06
CA GLN B 1670 6.00 48.95 12.12
C GLN B 1670 4.58 49.12 11.55
N GLU B 1671 3.91 50.23 11.88
CA GLU B 1671 2.52 50.42 11.40
C GLU B 1671 2.56 50.49 9.87
N HIS B 1672 3.54 51.20 9.33
CA HIS B 1672 3.74 51.25 7.86
C HIS B 1672 4.06 49.84 7.36
N LEU B 1673 4.86 49.11 8.13
CA LEU B 1673 5.36 47.78 7.69
C LEU B 1673 4.21 46.79 7.46
N GLY B 1674 3.19 46.74 8.32
CA GLY B 1674 2.15 45.72 8.07
C GLY B 1674 1.47 45.98 6.73
N PHE B 1675 1.18 47.25 6.43
CA PHE B 1675 0.61 47.60 5.11
C PHE B 1675 1.65 47.27 4.06
N LEU B 1676 2.92 47.55 4.36
CA LEU B 1676 4.02 47.33 3.40
C LEU B 1676 4.12 45.84 3.05
N GLN B 1677 3.96 44.97 4.05
CA GLN B 1677 4.08 43.51 3.80
C GLN B 1677 2.98 43.11 2.82
N LYS B 1678 1.77 43.65 3.02
CA LYS B 1678 0.67 43.37 2.07
C LYS B 1678 1.07 43.95 0.71
N LEU B 1679 1.66 45.14 0.72
CA LEU B 1679 2.09 45.81 -0.54
C LEU B 1679 3.15 44.95 -1.23
N TYR B 1680 4.07 44.37 -0.46
CA TYR B 1680 5.17 43.56 -1.05
C TYR B 1680 4.57 42.38 -1.77
N ALA B 1681 3.55 41.76 -1.16
CA ALA B 1681 2.89 40.61 -1.82
C ALA B 1681 2.27 41.06 -3.14
N ALA B 1682 1.62 42.24 -3.13
CA ALA B 1682 1.03 42.78 -4.38
C ALA B 1682 2.16 43.04 -5.37
N MET B 1683 3.28 43.57 -4.87
CA MET B 1683 4.44 43.89 -5.73
C MET B 1683 4.99 42.60 -6.35
N HIS B 1684 5.02 41.52 -5.58
CA HIS B 1684 5.67 40.27 -6.08
C HIS B 1684 7.12 40.65 -6.37
N GLU B 1685 7.69 41.52 -5.54
CA GLU B 1685 9.10 41.96 -5.69
C GLU B 1685 10.01 40.76 -5.39
N PRO B 1686 11.20 40.63 -6.01
CA PRO B 1686 11.98 39.45 -5.71
C PRO B 1686 12.31 39.50 -4.23
N ASP B 1687 12.70 40.68 -3.72
CA ASP B 1687 12.86 40.79 -2.24
C ASP B 1687 11.48 40.58 -1.64
N GLY B 1688 10.46 41.19 -2.25
CA GLY B 1688 9.07 41.00 -1.80
C GLY B 1688 8.89 41.35 -0.35
N VAL B 1689 8.22 40.47 0.40
CA VAL B 1689 8.02 40.67 1.87
C VAL B 1689 9.39 40.65 2.56
N ALA B 1690 10.29 39.77 2.13
CA ALA B 1690 11.59 39.61 2.81
C ALA B 1690 12.42 40.90 2.73
N GLY B 1691 12.42 41.58 1.57
CA GLY B 1691 13.14 42.85 1.48
C GLY B 1691 12.52 43.86 2.43
N VAL B 1692 11.19 43.89 2.49
CA VAL B 1692 10.48 44.81 3.43
C VAL B 1692 10.85 44.40 4.86
N SER B 1693 10.92 43.10 5.13
CA SER B 1693 11.21 42.59 6.50
C SER B 1693 12.62 43.04 6.91
N ALA B 1694 13.57 42.98 5.99
CA ALA B 1694 14.95 43.40 6.30
C ALA B 1694 14.91 44.88 6.66
N ILE B 1695 14.13 45.66 5.92
CA ILE B 1695 13.96 47.10 6.25
C ILE B 1695 13.31 47.21 7.63
N ARG B 1696 12.33 46.34 7.91
CA ARG B 1696 11.57 46.44 9.18
C ARG B 1696 12.49 46.22 10.39
N LYS B 1697 12.29 47.01 11.45
CA LYS B 1697 13.08 46.84 12.70
C LYS B 1697 12.33 45.90 13.64
N ALA B 1698 11.15 45.42 13.23
CA ALA B 1698 10.30 44.60 14.12
C ALA B 1698 10.30 43.15 13.63
N GLU B 1699 10.50 42.21 14.57
CA GLU B 1699 10.60 40.77 14.17
C GLU B 1699 9.28 40.33 13.54
N PRO B 1700 9.30 39.51 12.47
CA PRO B 1700 8.08 39.14 11.78
C PRO B 1700 7.12 38.24 12.53
N SER B 1701 5.82 38.40 12.28
CA SER B 1701 4.82 37.49 12.87
C SER B 1701 5.06 36.13 12.22
N LEU B 1702 4.77 35.01 12.89
CA LEU B 1702 5.15 33.71 12.30
C LEU B 1702 4.43 33.51 10.96
N LYS B 1703 3.15 33.88 10.86
CA LYS B 1703 2.47 33.79 9.54
C LYS B 1703 3.17 34.75 8.57
N GLU B 1704 3.53 35.95 9.05
CA GLU B 1704 4.23 36.93 8.19
C GLU B 1704 5.58 36.36 7.77
N GLN B 1705 6.27 35.69 8.69
CA GLN B 1705 7.60 35.09 8.42
C GLN B 1705 7.45 34.02 7.33
N ILE B 1706 6.38 33.24 7.40
CA ILE B 1706 6.12 32.21 6.36
C ILE B 1706 5.93 32.93 5.02
N LEU B 1707 5.21 34.06 5.05
CA LEU B 1707 5.02 34.86 3.82
C LEU B 1707 6.40 35.39 3.37
N GLU B 1708 7.23 35.82 4.31
CA GLU B 1708 8.59 36.33 4.00
C GLU B 1708 9.42 35.21 3.36
N HIS B 1709 9.30 33.99 3.88
CA HIS B 1709 10.06 32.84 3.33
C HIS B 1709 9.59 32.63 1.89
N GLU B 1710 8.28 32.76 1.66
CA GLU B 1710 7.72 32.64 0.29
C GLU B 1710 8.30 33.77 -0.57
N SER B 1711 8.41 34.98 -0.01
CA SER B 1711 8.95 36.13 -0.77
C SER B 1711 10.40 35.81 -1.13
N LEU B 1712 11.15 35.22 -0.19
CA LEU B 1712 12.52 34.79 -0.50
C LEU B 1712 12.42 33.71 -1.58
N GLY B 1713 11.41 32.84 -1.47
CA GLY B 1713 11.28 31.72 -2.41
C GLY B 1713 12.54 30.88 -2.32
N LEU B 1714 13.09 30.78 -1.11
CA LEU B 1714 14.35 30.01 -0.92
C LEU B 1714 14.09 28.55 -1.29
N LEU B 1715 12.94 28.02 -0.87
CA LEU B 1715 12.57 26.62 -1.22
C LEU B 1715 13.46 25.68 -0.40
N ARG B 1716 13.55 24.42 -0.79
CA ARG B 1716 14.51 23.52 -0.09
C ARG B 1716 14.18 23.52 1.41
N ASP B 1717 15.18 23.77 2.24
CA ASP B 1717 14.98 23.77 3.71
C ASP B 1717 14.00 24.88 4.11
N ALA B 1718 13.14 24.62 5.10
CA ALA B 1718 12.15 25.59 5.61
C ALA B 1718 10.85 25.48 4.81
N THR B 1719 10.83 24.67 3.75
CA THR B 1719 9.54 24.40 3.08
C THR B 1719 8.73 23.68 4.13
N ALA B 1720 9.40 22.76 4.84
CA ALA B 1720 8.76 22.01 5.94
C ALA B 1720 8.37 23.00 7.04
N CYS B 1721 9.21 24.01 7.29
CA CYS B 1721 8.95 24.97 8.40
C CYS B 1721 7.64 25.71 8.14
N TYR B 1722 7.37 26.10 6.88
CA TYR B 1722 6.07 26.75 6.58
C TYR B 1722 4.98 25.74 6.89
N ASP B 1723 5.21 24.48 6.54
CA ASP B 1723 4.23 23.41 6.85
C ASP B 1723 4.09 23.29 8.37
N ARG B 1724 5.21 23.42 9.11
CA ARG B 1724 5.21 23.27 10.59
C ARG B 1724 4.33 24.36 11.23
N ALA B 1725 4.39 25.59 10.70
CA ALA B 1725 3.52 26.65 11.22
C ALA B 1725 2.07 26.24 10.96
N ILE B 1726 1.82 25.65 9.79
CA ILE B 1726 0.46 25.13 9.46
C ILE B 1726 0.15 24.02 10.46
N GLN B 1727 1.16 23.21 10.78
CA GLN B 1727 0.95 22.10 11.75
C GLN B 1727 0.55 22.69 13.11
N LEU B 1728 1.19 23.79 13.53
CA LEU B 1728 0.86 24.30 14.88
C LEU B 1728 -0.62 24.70 14.87
N GLU B 1729 -1.05 25.41 13.83
CA GLU B 1729 -2.50 25.69 13.66
C GLU B 1729 -2.78 25.82 12.17
N PRO B 1730 -3.95 25.40 11.65
CA PRO B 1730 -4.21 25.67 10.24
C PRO B 1730 -5.49 26.47 10.16
N ASP B 1731 -5.46 27.65 9.57
CA ASP B 1731 -6.73 28.40 9.36
C ASP B 1731 -7.12 28.31 7.88
N GLN B 1732 -6.17 27.96 7.01
CA GLN B 1732 -6.48 27.97 5.56
C GLN B 1732 -6.17 26.63 4.91
N ILE B 1733 -7.13 26.07 4.16
CA ILE B 1733 -6.83 24.85 3.35
C ILE B 1733 -5.77 25.29 2.34
N ILE B 1734 -5.90 26.50 1.80
CA ILE B 1734 -4.94 27.06 0.80
C ILE B 1734 -3.55 27.19 1.45
N HIS B 1735 -3.50 27.60 2.71
CA HIS B 1735 -2.18 27.70 3.42
C HIS B 1735 -1.60 26.28 3.46
N TYR B 1736 -2.46 25.29 3.72
CA TYR B 1736 -2.01 23.87 3.71
C TYR B 1736 -1.55 23.56 2.29
N HIS B 1737 -2.26 24.06 1.28
CA HIS B 1737 -1.91 23.80 -0.14
C HIS B 1737 -0.52 24.38 -0.44
N GLY B 1738 -0.22 25.56 0.11
CA GLY B 1738 1.12 26.15 -0.07
C GLY B 1738 2.14 25.23 0.57
N VAL B 1739 1.81 24.67 1.73
CA VAL B 1739 2.69 23.68 2.40
C VAL B 1739 2.82 22.48 1.47
N VAL B 1740 1.72 22.09 0.80
CA VAL B 1740 1.74 20.94 -0.16
C VAL B 1740 2.68 21.27 -1.32
N LYS B 1741 2.68 22.52 -1.79
CA LYS B 1741 3.63 22.92 -2.87
C LYS B 1741 5.04 22.75 -2.31
N SER B 1742 5.23 23.12 -1.04
CA SER B 1742 6.54 22.92 -0.38
C SER B 1742 6.82 21.41 -0.33
N MET B 1743 5.77 20.61 -0.08
CA MET B 1743 5.91 19.13 -0.01
C MET B 1743 6.38 18.61 -1.37
N LEU B 1744 5.85 19.19 -2.46
CA LEU B 1744 6.34 18.79 -3.80
C LEU B 1744 7.83 19.14 -3.85
N GLY B 1745 8.19 20.31 -3.31
CA GLY B 1745 9.62 20.66 -3.24
C GLY B 1745 10.22 20.64 -4.62
N LEU B 1746 11.35 19.97 -4.78
CA LEU B 1746 11.94 19.84 -6.14
C LEU B 1746 11.29 18.64 -6.85
N GLY B 1747 10.00 18.76 -7.20
CA GLY B 1747 9.37 17.70 -8.01
C GLY B 1747 9.49 16.32 -7.40
N GLN B 1748 9.30 16.15 -6.10
CA GLN B 1748 9.52 14.80 -5.54
C GLN B 1748 8.20 14.01 -5.63
N LEU B 1749 8.18 12.97 -6.44
CA LEU B 1749 6.93 12.17 -6.65
C LEU B 1749 6.51 11.48 -5.35
N SER B 1750 7.46 10.93 -4.60
CA SER B 1750 7.10 10.16 -3.38
C SER B 1750 6.42 11.11 -2.37
N THR B 1751 6.96 12.32 -2.23
CA THR B 1751 6.37 13.30 -1.31
C THR B 1751 4.99 13.61 -1.80
N VAL B 1752 4.85 13.74 -3.13
CA VAL B 1752 3.53 14.11 -3.70
C VAL B 1752 2.51 13.00 -3.40
N ILE B 1753 2.93 11.73 -3.51
CA ILE B 1753 1.94 10.63 -3.32
C ILE B 1753 1.41 10.67 -1.88
N THR B 1754 2.30 10.88 -0.91
CA THR B 1754 1.85 10.96 0.50
C THR B 1754 0.96 12.17 0.63
N GLN B 1755 1.35 13.27 0.00
CA GLN B 1755 0.58 14.52 0.10
C GLN B 1755 -0.81 14.28 -0.51
N VAL B 1756 -0.88 13.55 -1.62
CA VAL B 1756 -2.19 13.36 -2.31
C VAL B 1756 -3.16 12.60 -1.38
N ASN B 1757 -2.65 11.57 -0.69
CA ASN B 1757 -3.53 10.82 0.25
C ASN B 1757 -3.99 11.74 1.39
N GLY B 1758 -3.08 12.56 1.91
CA GLY B 1758 -3.47 13.53 2.97
C GLY B 1758 -4.47 14.51 2.42
N VAL B 1759 -4.25 14.96 1.19
CA VAL B 1759 -5.17 15.95 0.53
C VAL B 1759 -6.53 15.29 0.39
N HIS B 1760 -6.57 14.01 0.03
CA HIS B 1760 -7.86 13.30 -0.17
C HIS B 1760 -8.63 13.26 1.15
N ALA B 1761 -7.95 13.00 2.26
CA ALA B 1761 -8.69 12.87 3.54
C ALA B 1761 -9.36 14.21 3.85
N ASN B 1762 -8.63 15.30 3.65
CA ASN B 1762 -9.24 16.65 3.82
C ASN B 1762 -10.19 16.93 2.66
N ARG B 1763 -11.27 17.68 2.88
CA ARG B 1763 -12.08 18.07 1.70
C ARG B 1763 -11.87 19.58 1.52
N SER B 1764 -11.33 19.99 0.39
CA SER B 1764 -11.11 21.44 0.14
C SER B 1764 -11.00 21.75 -1.36
N GLU B 1765 -11.24 23.01 -1.75
CA GLU B 1765 -10.98 23.41 -3.15
C GLU B 1765 -9.47 23.25 -3.35
N TRP B 1766 -8.70 23.61 -2.31
CA TRP B 1766 -7.23 23.47 -2.34
C TRP B 1766 -6.87 22.00 -2.49
N THR B 1767 -7.63 21.11 -1.84
CA THR B 1767 -7.38 19.66 -1.98
C THR B 1767 -7.58 19.27 -3.43
N ASP B 1768 -8.61 19.83 -4.07
CA ASP B 1768 -8.82 19.57 -5.52
C ASP B 1768 -7.62 20.13 -6.29
N GLU B 1769 -7.12 21.29 -5.89
CA GLU B 1769 -5.92 21.90 -6.52
C GLU B 1769 -4.74 20.95 -6.33
N LEU B 1770 -4.64 20.34 -5.15
CA LEU B 1770 -3.56 19.36 -4.87
C LEU B 1770 -3.71 18.19 -5.84
N ASN B 1771 -4.95 17.77 -6.12
CA ASN B 1771 -5.19 16.70 -7.12
C ASN B 1771 -4.68 17.20 -8.48
N THR B 1772 -4.93 18.47 -8.80
CA THR B 1772 -4.41 19.06 -10.06
C THR B 1772 -2.89 19.02 -10.03
N TYR B 1773 -2.30 19.32 -8.87
CA TYR B 1773 -0.83 19.26 -8.71
C TYR B 1773 -0.42 17.82 -8.92
N ARG B 1774 -1.22 16.89 -8.41
CA ARG B 1774 -0.95 15.44 -8.55
C ARG B 1774 -0.97 15.12 -10.05
N VAL B 1775 -1.89 15.72 -10.79
CA VAL B 1775 -1.98 15.52 -12.27
C VAL B 1775 -0.68 16.02 -12.91
N GLU B 1776 -0.15 17.15 -12.43
CA GLU B 1776 1.16 17.65 -12.95
C GLU B 1776 2.24 16.60 -12.60
N ALA B 1777 2.16 16.03 -11.40
CA ALA B 1777 3.09 14.96 -11.00
C ALA B 1777 2.89 13.77 -11.93
N ALA B 1778 1.64 13.49 -12.29
CA ALA B 1778 1.32 12.37 -13.20
C ALA B 1778 1.97 12.65 -14.56
N TRP B 1779 1.95 13.92 -14.98
CA TRP B 1779 2.62 14.30 -16.25
C TRP B 1779 4.12 14.00 -16.12
N LYS B 1780 4.69 14.31 -14.96
CA LYS B 1780 6.12 13.95 -14.71
C LYS B 1780 6.23 12.43 -14.76
N LEU B 1781 5.24 11.73 -14.21
CA LEU B 1781 5.24 10.24 -14.16
C LEU B 1781 5.22 9.68 -15.59
N SER B 1782 4.46 10.30 -16.50
CA SER B 1782 4.31 9.70 -17.85
C SER B 1782 3.73 8.30 -17.68
N GLN B 1783 2.79 8.14 -16.75
CA GLN B 1783 2.21 6.82 -16.44
C GLN B 1783 0.72 6.81 -16.81
N TRP B 1784 0.26 5.73 -17.45
CA TRP B 1784 -1.19 5.61 -17.81
C TRP B 1784 -2.00 5.62 -16.51
N ASP B 1785 -1.50 4.96 -15.47
CA ASP B 1785 -2.19 5.00 -14.15
C ASP B 1785 -2.17 6.45 -13.67
N LEU B 1786 -1.07 7.16 -13.90
CA LEU B 1786 -0.97 8.60 -13.53
C LEU B 1786 -2.04 9.34 -14.33
N VAL B 1787 -2.23 8.96 -15.60
CA VAL B 1787 -3.28 9.57 -16.48
C VAL B 1787 -4.66 9.29 -15.85
N GLU B 1788 -4.86 8.09 -15.30
CA GLU B 1788 -6.15 7.76 -14.63
C GLU B 1788 -6.31 8.71 -13.43
N ASN B 1789 -5.23 8.98 -12.70
CA ASN B 1789 -5.29 9.97 -11.58
C ASN B 1789 -5.64 11.32 -12.20
N TYR B 1790 -5.09 11.61 -13.37
CA TYR B 1790 -5.37 12.89 -14.09
C TYR B 1790 -6.85 12.89 -14.41
N LEU B 1791 -7.40 11.74 -14.78
CA LEU B 1791 -8.85 11.62 -15.07
C LEU B 1791 -9.63 11.98 -13.79
N ALA B 1792 -9.14 11.54 -12.63
CA ALA B 1792 -9.81 11.88 -11.36
C ALA B 1792 -9.77 13.40 -11.19
N ALA B 1793 -8.65 14.03 -11.55
CA ALA B 1793 -8.54 15.51 -11.52
C ALA B 1793 -9.55 16.10 -12.50
N ASP B 1794 -9.73 15.44 -13.65
CA ASP B 1794 -10.64 15.96 -14.73
C ASP B 1794 -12.08 15.99 -14.22
N GLY B 1795 -12.90 16.92 -14.70
CA GLY B 1795 -14.25 17.09 -14.15
C GLY B 1795 -14.19 18.01 -12.95
N LYS B 1796 -13.01 18.58 -12.70
CA LYS B 1796 -12.83 19.55 -11.58
C LYS B 1796 -12.12 20.78 -12.14
N SER B 1797 -12.24 21.94 -11.49
CA SER B 1797 -11.65 23.17 -12.07
C SER B 1797 -10.14 22.97 -12.19
N THR B 1798 -9.52 23.45 -13.27
CA THR B 1798 -8.09 23.16 -13.51
C THR B 1798 -7.24 24.40 -13.48
N THR B 1799 -6.12 24.35 -12.73
CA THR B 1799 -5.15 25.46 -12.70
C THR B 1799 -4.47 25.48 -14.05
N TRP B 1800 -3.86 26.59 -14.46
CA TRP B 1800 -3.28 26.63 -15.82
C TRP B 1800 -2.20 25.56 -15.91
N SER B 1801 -1.41 25.39 -14.85
CA SER B 1801 -0.41 24.29 -14.83
C SER B 1801 -1.16 22.96 -14.90
N VAL B 1802 -2.30 22.86 -14.20
CA VAL B 1802 -3.14 21.63 -14.23
C VAL B 1802 -3.64 21.42 -15.67
N ARG B 1803 -4.00 22.51 -16.35
CA ARG B 1803 -4.47 22.46 -17.75
C ARG B 1803 -3.33 21.92 -18.62
N LEU B 1804 -2.10 22.31 -18.33
CA LEU B 1804 -0.92 21.79 -19.06
C LEU B 1804 -0.88 20.27 -18.82
N GLY B 1805 -1.16 19.84 -17.58
CA GLY B 1805 -1.23 18.41 -17.28
C GLY B 1805 -2.34 17.79 -18.10
N GLN B 1806 -3.46 18.50 -18.24
CA GLN B 1806 -4.62 18.01 -19.04
C GLN B 1806 -4.17 17.83 -20.50
N LEU B 1807 -3.33 18.74 -21.01
CA LEU B 1807 -2.79 18.60 -22.38
C LEU B 1807 -1.95 17.33 -22.44
N LEU B 1808 -1.19 17.03 -21.39
CA LEU B 1808 -0.42 15.77 -21.33
C LEU B 1808 -1.42 14.61 -21.36
N LEU B 1809 -2.54 14.77 -20.65
CA LEU B 1809 -3.61 13.74 -20.65
C LEU B 1809 -4.11 13.61 -22.09
N SER B 1810 -4.20 14.74 -22.80
CA SER B 1810 -4.65 14.75 -24.21
C SER B 1810 -3.67 13.94 -25.06
N ALA B 1811 -2.36 14.04 -24.77
CA ALA B 1811 -1.37 13.23 -25.52
C ALA B 1811 -1.66 11.74 -25.27
N LYS B 1812 -1.97 11.37 -24.03
CA LYS B 1812 -2.38 9.98 -23.73
C LYS B 1812 -3.67 9.71 -24.50
N LYS B 1813 -4.55 10.72 -24.56
CA LYS B 1813 -5.87 10.60 -25.24
C LYS B 1813 -5.69 10.30 -26.73
N ARG B 1814 -4.66 10.86 -27.38
CA ARG B 1814 -4.56 10.75 -28.86
C ARG B 1814 -5.78 11.49 -29.41
N ASP B 1815 -6.17 12.58 -28.74
CA ASP B 1815 -7.30 13.43 -29.21
C ASP B 1815 -6.92 14.01 -30.57
N ILE B 1816 -5.64 14.35 -30.78
CA ILE B 1816 -5.23 14.99 -32.06
C ILE B 1816 -5.95 16.35 -32.17
N THR B 1817 -6.71 16.57 -33.23
CA THR B 1817 -7.31 17.92 -33.45
C THR B 1817 -8.20 18.29 -32.29
N ALA B 1818 -8.96 17.33 -31.74
CA ALA B 1818 -9.77 17.64 -30.54
C ALA B 1818 -8.83 18.07 -29.41
N PHE B 1819 -7.69 17.39 -29.27
CA PHE B 1819 -6.68 17.79 -28.26
C PHE B 1819 -6.18 19.19 -28.59
N TYR B 1820 -6.00 19.47 -29.88
CA TYR B 1820 -5.49 20.81 -30.32
C TYR B 1820 -6.49 21.88 -29.91
N ASP B 1821 -7.78 21.59 -30.02
CA ASP B 1821 -8.83 22.57 -29.58
C ASP B 1821 -8.66 22.80 -28.08
N SER B 1822 -8.38 21.74 -27.32
CA SER B 1822 -8.12 21.89 -25.86
C SER B 1822 -6.88 22.75 -25.69
N LEU B 1823 -5.88 22.55 -26.54
CA LEU B 1823 -4.62 23.34 -26.49
C LEU B 1823 -4.98 24.80 -26.76
N LYS B 1824 -5.92 25.05 -27.68
CA LYS B 1824 -6.36 26.43 -27.98
C LYS B 1824 -6.98 27.02 -26.71
N LEU B 1825 -7.74 26.22 -25.96
CA LEU B 1825 -8.31 26.70 -24.68
C LEU B 1825 -7.15 27.03 -23.74
N VAL B 1826 -6.11 26.21 -23.74
CA VAL B 1826 -4.89 26.48 -22.91
C VAL B 1826 -4.28 27.79 -23.41
N ARG B 1827 -4.27 27.99 -24.72
CA ARG B 1827 -3.71 29.23 -25.33
C ARG B 1827 -4.53 30.41 -24.81
N ALA B 1828 -5.84 30.24 -24.67
CA ALA B 1828 -6.73 31.32 -24.17
C ALA B 1828 -6.33 31.69 -22.74
N GLU B 1829 -5.99 30.71 -21.90
CA GLU B 1829 -5.50 31.02 -20.54
C GLU B 1829 -4.20 31.82 -20.67
N GLN B 1830 -3.36 31.44 -21.62
CA GLN B 1830 -2.10 32.18 -21.89
C GLN B 1830 -2.49 33.60 -22.32
N ILE B 1831 -3.55 33.72 -23.12
CA ILE B 1831 -4.03 35.04 -23.61
C ILE B 1831 -4.44 35.91 -22.40
N VAL B 1832 -5.07 35.31 -21.39
CA VAL B 1832 -5.42 36.07 -20.16
C VAL B 1832 -4.11 36.56 -19.54
N PRO B 1833 -3.05 35.72 -19.52
CA PRO B 1833 -1.76 36.16 -19.01
C PRO B 1833 -1.28 37.28 -19.92
N LEU B 1834 -1.52 37.15 -21.22
CA LEU B 1834 -1.09 38.17 -22.22
C LEU B 1834 -1.79 39.50 -21.94
N SER B 1835 -3.07 39.47 -21.55
CA SER B 1835 -3.79 40.71 -21.21
C SER B 1835 -3.08 41.33 -20.00
N ALA B 1836 -2.66 40.49 -19.05
CA ALA B 1836 -1.86 40.98 -17.90
C ALA B 1836 -0.56 41.53 -18.46
N ALA B 1837 -0.01 40.86 -19.47
CA ALA B 1837 1.29 41.23 -20.06
C ALA B 1837 1.24 42.64 -20.66
N SER B 1838 0.13 43.03 -21.31
CA SER B 1838 0.14 44.35 -21.98
C SER B 1838 0.39 45.41 -20.89
N PHE B 1839 1.24 46.41 -21.17
CA PHE B 1839 1.64 47.36 -20.11
C PHE B 1839 2.73 48.31 -20.61
N GLU B 1840 3.35 49.06 -19.70
CA GLU B 1840 4.40 50.04 -20.06
C GLU B 1840 5.66 49.31 -20.53
N ARG B 1841 6.54 49.99 -21.28
CA ARG B 1841 7.69 49.29 -21.91
C ARG B 1841 8.59 48.64 -20.84
N GLY B 1842 9.14 47.46 -21.14
CA GLY B 1842 9.90 46.68 -20.15
C GLY B 1842 8.94 45.76 -19.43
N SER B 1843 7.64 45.89 -19.72
CA SER B 1843 6.64 44.94 -19.19
C SER B 1843 6.94 43.57 -19.78
N TYR B 1844 7.34 43.54 -21.05
CA TYR B 1844 7.57 42.26 -21.77
C TYR B 1844 8.69 41.46 -21.10
N GLN B 1845 9.75 42.13 -20.66
CA GLN B 1845 10.82 41.40 -19.94
C GLN B 1845 10.23 40.79 -18.66
N ARG B 1846 9.38 41.53 -17.96
CA ARG B 1846 8.71 41.01 -16.73
C ARG B 1846 7.83 39.82 -17.10
N GLY B 1847 7.13 39.89 -18.24
CA GLY B 1847 6.18 38.84 -18.65
C GLY B 1847 6.88 37.78 -19.48
N TYR B 1848 8.19 37.90 -19.68
CA TYR B 1848 8.91 36.98 -20.59
C TYR B 1848 8.79 35.54 -20.07
N GLU B 1849 8.87 35.35 -18.77
CA GLU B 1849 8.73 33.99 -18.19
C GLU B 1849 7.34 33.42 -18.49
N TYR B 1850 6.28 34.24 -18.37
CA TYR B 1850 4.91 33.78 -18.74
C TYR B 1850 4.92 33.46 -20.22
N ILE B 1851 5.59 34.31 -20.99
CA ILE B 1851 5.69 34.10 -22.47
C ILE B 1851 6.42 32.79 -22.70
N VAL B 1852 7.44 32.50 -21.89
CA VAL B 1852 8.24 31.25 -22.03
C VAL B 1852 7.30 30.06 -21.81
N ARG B 1853 6.39 30.17 -20.84
CA ARG B 1853 5.41 29.08 -20.61
C ARG B 1853 4.56 28.93 -21.88
N LEU B 1854 4.18 30.05 -22.49
CA LEU B 1854 3.42 30.01 -23.77
C LEU B 1854 4.30 29.36 -24.85
N HIS B 1855 5.59 29.69 -24.86
CA HIS B 1855 6.53 29.13 -25.87
C HIS B 1855 6.59 27.62 -25.66
N MET B 1856 6.60 27.19 -24.40
CA MET B 1856 6.64 25.75 -24.07
C MET B 1856 5.37 25.11 -24.64
N LEU B 1857 4.24 25.82 -24.52
CA LEU B 1857 2.96 25.30 -25.07
C LEU B 1857 3.08 25.17 -26.60
N CYS B 1858 3.73 26.14 -27.24
CA CYS B 1858 3.93 26.08 -28.72
C CYS B 1858 4.79 24.86 -29.06
N GLU B 1859 5.83 24.60 -28.26
CA GLU B 1859 6.70 23.42 -28.48
C GLU B 1859 5.83 22.16 -28.28
N LEU B 1860 4.94 22.20 -27.29
CA LEU B 1860 4.06 21.04 -27.02
C LEU B 1860 3.16 20.83 -28.24
N GLU B 1861 2.70 21.92 -28.85
CA GLU B 1861 1.83 21.82 -30.04
C GLU B 1861 2.63 21.13 -31.17
N HIS B 1862 3.90 21.48 -31.31
CA HIS B 1862 4.75 20.82 -32.34
C HIS B 1862 4.84 19.32 -32.00
N SER B 1863 5.00 19.02 -30.71
CA SER B 1863 5.07 17.60 -30.25
C SER B 1863 3.73 16.92 -30.58
N ILE B 1864 2.62 17.62 -30.37
CA ILE B 1864 1.27 17.05 -30.63
C ILE B 1864 1.15 16.73 -32.13
N LYS B 1865 1.69 17.61 -32.97
CA LYS B 1865 1.66 17.37 -34.44
C LYS B 1865 2.45 16.10 -34.75
N PRO B 1866 3.61 15.88 -34.10
CA PRO B 1866 4.36 14.65 -34.33
C PRO B 1866 3.52 13.46 -33.88
N LEU B 1867 2.82 13.61 -32.76
CA LEU B 1867 1.98 12.51 -32.23
C LEU B 1867 0.87 12.21 -33.23
N PHE B 1868 0.28 13.25 -33.83
CA PHE B 1868 -0.79 13.06 -34.84
C PHE B 1868 -0.19 12.31 -36.01
N GLN B 1869 1.04 12.66 -36.38
CA GLN B 1869 1.74 11.96 -37.49
C GLN B 1869 1.83 10.47 -37.16
N ASP B 1879 9.98 25.53 -39.10
CA ASP B 1879 11.37 25.78 -38.65
C ASP B 1879 11.99 24.49 -38.11
N SER B 1880 13.27 24.52 -37.74
CA SER B 1880 13.96 23.31 -37.22
C SER B 1880 13.28 22.85 -35.93
N LEU B 1881 12.91 23.79 -35.06
CA LEU B 1881 12.15 23.46 -33.82
C LEU B 1881 12.91 22.46 -32.93
N ASN B 1882 14.24 22.57 -32.84
CA ASN B 1882 14.96 21.69 -31.87
C ASN B 1882 14.48 22.09 -30.47
N TRP B 1883 14.19 21.13 -29.59
CA TRP B 1883 13.82 21.49 -28.21
C TRP B 1883 15.01 22.18 -27.54
N VAL B 1884 16.21 21.63 -27.79
CA VAL B 1884 17.45 22.23 -27.20
C VAL B 1884 17.62 23.64 -27.77
N ALA B 1885 17.36 23.79 -29.07
CA ALA B 1885 17.56 25.10 -29.72
C ALA B 1885 16.62 26.12 -29.08
N ARG B 1886 15.37 25.70 -28.82
CA ARG B 1886 14.39 26.63 -28.22
C ARG B 1886 14.88 27.05 -26.83
N LEU B 1887 15.41 26.08 -26.07
CA LEU B 1887 15.87 26.38 -24.69
C LEU B 1887 17.02 27.39 -24.75
N GLU B 1888 17.94 27.20 -25.71
CA GLU B 1888 19.11 28.10 -25.83
C GLU B 1888 18.60 29.52 -26.17
N MET B 1889 17.61 29.62 -27.05
CA MET B 1889 17.08 30.94 -27.46
C MET B 1889 16.48 31.63 -26.24
N THR B 1890 15.76 30.87 -25.41
CA THR B 1890 15.07 31.46 -24.25
C THR B 1890 16.07 32.03 -23.28
N GLN B 1891 15.75 33.16 -22.64
CA GLN B 1891 16.64 33.70 -21.58
C GLN B 1891 16.64 32.66 -20.45
N ASN B 1892 17.79 32.47 -19.79
CA ASN B 1892 17.84 31.38 -18.78
C ASN B 1892 17.80 31.95 -17.37
N SER B 1893 16.87 31.48 -16.54
CA SER B 1893 16.76 31.92 -15.12
C SER B 1893 16.60 30.65 -14.29
N TYR B 1894 16.97 30.65 -13.01
CA TYR B 1894 16.89 29.36 -12.27
C TYR B 1894 15.44 28.90 -12.22
N ARG B 1895 14.51 29.81 -11.95
CA ARG B 1895 13.07 29.44 -11.99
C ARG B 1895 12.68 29.05 -13.41
N ALA B 1896 13.16 29.81 -14.40
CA ALA B 1896 12.80 29.55 -15.81
C ALA B 1896 13.34 28.18 -16.23
N LYS B 1897 14.55 27.87 -15.79
CA LYS B 1897 15.20 26.60 -16.17
C LYS B 1897 14.35 25.45 -15.63
N GLU B 1898 13.85 25.60 -14.40
CA GLU B 1898 13.09 24.47 -13.80
C GLU B 1898 11.85 24.22 -14.66
N PRO B 1899 11.14 25.28 -15.11
CA PRO B 1899 10.00 25.06 -16.00
C PRO B 1899 10.41 24.45 -17.32
N ILE B 1900 11.51 24.94 -17.87
CA ILE B 1900 11.99 24.44 -19.20
C ILE B 1900 12.34 22.96 -19.07
N LEU B 1901 12.98 22.59 -17.96
CA LEU B 1901 13.40 21.19 -17.75
C LEU B 1901 12.13 20.32 -17.67
N ALA B 1902 11.11 20.83 -16.98
CA ALA B 1902 9.87 20.05 -16.83
C ALA B 1902 9.24 19.85 -18.22
N LEU B 1903 9.26 20.90 -19.04
CA LEU B 1903 8.69 20.79 -20.40
C LEU B 1903 9.51 19.77 -21.21
N ARG B 1904 10.84 19.83 -21.10
CA ARG B 1904 11.71 18.88 -21.83
C ARG B 1904 11.42 17.46 -21.34
N ARG B 1905 11.26 17.31 -20.02
CA ARG B 1905 10.99 15.98 -19.44
C ARG B 1905 9.65 15.48 -19.98
N ALA B 1906 8.67 16.39 -20.06
CA ALA B 1906 7.33 16.00 -20.54
C ALA B 1906 7.44 15.53 -21.99
N LEU B 1907 8.24 16.23 -22.80
CA LEU B 1907 8.38 15.86 -24.23
C LEU B 1907 9.00 14.46 -24.32
N LEU B 1908 10.02 14.20 -23.50
CA LEU B 1908 10.67 12.87 -23.49
C LEU B 1908 9.64 11.83 -23.03
N SER B 1909 8.83 12.20 -22.02
CA SER B 1909 7.82 11.27 -21.48
C SER B 1909 6.79 10.94 -22.56
N LEU B 1910 6.40 11.94 -23.34
CA LEU B 1910 5.38 11.73 -24.39
C LEU B 1910 5.93 10.71 -25.41
N ASN B 1911 7.21 10.85 -25.75
CA ASN B 1911 7.83 9.89 -26.69
C ASN B 1911 7.85 8.50 -26.05
N LYS B 1912 7.50 7.46 -26.81
CA LYS B 1912 7.59 6.07 -26.29
C LYS B 1912 8.95 5.46 -26.66
N ARG B 1913 9.78 6.19 -27.40
CA ARG B 1913 11.06 5.60 -27.90
C ARG B 1913 11.99 5.22 -26.74
N PRO B 1914 12.69 4.07 -26.79
CA PRO B 1914 13.68 3.74 -25.78
C PRO B 1914 14.76 4.80 -25.89
N ASP B 1915 15.07 5.17 -27.13
CA ASP B 1915 16.08 6.24 -27.38
C ASP B 1915 15.54 7.51 -26.74
N TYR B 1916 14.23 7.74 -26.85
CA TYR B 1916 13.59 8.93 -26.23
C TYR B 1916 13.80 8.85 -24.72
N ASN B 1917 13.67 7.65 -24.15
CA ASN B 1917 13.91 7.47 -22.69
C ASN B 1917 15.37 7.84 -22.38
N GLU B 1918 16.31 7.44 -23.24
CA GLU B 1918 17.74 7.82 -23.05
C GLU B 1918 17.82 9.34 -23.18
N MET B 1919 17.06 9.92 -24.12
CA MET B 1919 17.03 11.37 -24.33
C MET B 1919 16.51 12.05 -23.06
N VAL B 1920 15.52 11.44 -22.41
CA VAL B 1920 14.89 12.05 -21.20
C VAL B 1920 15.97 12.16 -20.11
N GLY B 1921 16.84 11.15 -19.98
CA GLY B 1921 17.94 11.25 -19.02
C GLY B 1921 18.86 12.38 -19.42
N GLU B 1922 19.11 12.53 -20.73
CA GLU B 1922 19.95 13.64 -21.23
C GLU B 1922 19.25 14.97 -20.90
N CYS B 1923 17.92 15.01 -21.05
CA CYS B 1923 17.14 16.23 -20.74
C CYS B 1923 17.30 16.55 -19.25
N TRP B 1924 17.28 15.51 -18.40
CA TRP B 1924 17.49 15.71 -16.96
C TRP B 1924 18.90 16.26 -16.75
N LEU B 1925 19.87 15.74 -17.51
CA LEU B 1925 21.27 16.25 -17.43
C LEU B 1925 21.31 17.72 -17.85
N GLN B 1926 20.55 18.08 -18.89
CA GLN B 1926 20.48 19.50 -19.33
C GLN B 1926 19.85 20.28 -18.17
N SER B 1927 18.85 19.69 -17.54
CA SER B 1927 18.19 20.33 -16.37
C SER B 1927 19.24 20.47 -15.27
N ALA B 1928 20.11 19.47 -15.11
CA ALA B 1928 21.17 19.50 -14.07
C ALA B 1928 22.12 20.65 -14.35
N ARG B 1929 22.46 20.90 -15.62
CA ARG B 1929 23.32 22.06 -15.95
C ARG B 1929 22.57 23.34 -15.54
N VAL B 1930 21.27 23.38 -15.81
CA VAL B 1930 20.44 24.55 -15.38
C VAL B 1930 20.48 24.59 -13.86
N ALA B 1931 20.43 23.42 -13.22
CA ALA B 1931 20.45 23.34 -11.75
C ALA B 1931 21.77 23.91 -11.25
N ARG B 1932 22.87 23.63 -11.95
CA ARG B 1932 24.20 24.11 -11.50
C ARG B 1932 24.15 25.64 -11.53
N LYS B 1933 23.51 26.21 -12.56
CA LYS B 1933 23.32 27.68 -12.62
C LYS B 1933 22.44 28.11 -11.44
N ALA B 1934 21.42 27.31 -11.11
CA ALA B 1934 20.44 27.66 -10.04
C ALA B 1934 20.99 27.27 -8.67
N GLY B 1935 22.17 26.66 -8.61
CA GLY B 1935 22.67 26.13 -7.33
C GLY B 1935 21.69 25.09 -6.82
N HIS B 1936 21.28 25.13 -5.55
CA HIS B 1936 20.32 24.07 -5.14
C HIS B 1936 21.00 22.75 -5.51
N HIS B 1937 22.30 22.60 -5.22
CA HIS B 1937 23.06 21.41 -5.70
C HIS B 1937 22.48 20.12 -5.13
N GLN B 1938 22.06 20.13 -3.86
CA GLN B 1938 21.42 18.92 -3.30
C GLN B 1938 20.13 18.65 -4.10
N THR B 1939 19.37 19.71 -4.42
CA THR B 1939 18.14 19.54 -5.22
C THR B 1939 18.50 19.00 -6.58
N ALA B 1940 19.59 19.50 -7.17
CA ALA B 1940 20.06 19.04 -8.49
C ALA B 1940 20.43 17.55 -8.42
N TYR B 1941 21.10 17.16 -7.32
CA TYR B 1941 21.47 15.74 -7.12
C TYR B 1941 20.18 14.96 -7.05
N ASN B 1942 19.20 15.55 -6.36
CA ASN B 1942 17.87 14.90 -6.23
C ASN B 1942 17.28 14.77 -7.64
N ALA B 1943 17.45 15.78 -8.48
CA ALA B 1943 16.92 15.74 -9.86
C ALA B 1943 17.58 14.60 -10.63
N LEU B 1944 18.89 14.40 -10.45
CA LEU B 1944 19.59 13.28 -11.11
C LEU B 1944 19.00 11.96 -10.62
N LEU B 1945 18.74 11.86 -9.31
CA LEU B 1945 18.08 10.65 -8.75
C LEU B 1945 16.69 10.52 -9.35
N ASN B 1946 15.98 11.65 -9.49
CA ASN B 1946 14.59 11.63 -10.00
C ASN B 1946 14.61 11.09 -11.43
N ALA B 1947 15.62 11.49 -12.20
CA ALA B 1947 15.76 10.97 -13.57
C ALA B 1947 16.77 9.82 -13.53
N GLY B 1948 17.96 10.04 -14.09
CA GLY B 1948 18.97 8.97 -14.13
C GLY B 1948 18.73 8.04 -15.30
N GLU B 1949 19.56 7.00 -15.44
CA GLU B 1949 19.46 6.04 -16.58
C GLU B 1949 20.18 6.70 -17.77
N SER B 1950 20.32 6.02 -18.90
CA SER B 1950 20.95 6.70 -20.06
C SER B 1950 22.28 7.24 -19.52
N ARG B 1951 22.97 6.45 -18.71
CA ARG B 1951 24.16 7.00 -18.01
C ARG B 1951 25.26 7.43 -18.99
N LEU B 1952 25.85 8.59 -18.74
CA LEU B 1952 27.01 9.04 -19.55
C LEU B 1952 28.12 9.25 -18.53
N ALA B 1953 29.33 8.72 -18.77
CA ALA B 1953 30.36 8.86 -17.72
C ALA B 1953 30.62 10.35 -17.53
N GLU B 1954 30.67 11.08 -18.65
CA GLU B 1954 30.87 12.54 -18.57
C GLU B 1954 29.69 13.18 -17.84
N LEU B 1955 28.47 12.72 -18.13
CA LEU B 1955 27.27 13.34 -17.51
C LEU B 1955 27.33 13.14 -15.99
N TYR B 1956 27.72 11.95 -15.55
CA TYR B 1956 27.84 11.68 -14.10
C TYR B 1956 28.91 12.59 -13.54
N VAL B 1957 30.00 12.74 -14.29
CA VAL B 1957 31.13 13.58 -13.83
C VAL B 1957 30.63 15.02 -13.70
N GLU B 1958 29.81 15.46 -14.66
CA GLU B 1958 29.31 16.86 -14.65
C GLU B 1958 28.45 17.07 -13.40
N ARG B 1959 27.62 16.08 -13.07
CA ARG B 1959 26.78 16.20 -11.85
C ARG B 1959 27.70 16.28 -10.64
N ALA B 1960 28.75 15.47 -10.63
CA ALA B 1960 29.72 15.49 -9.51
C ALA B 1960 30.38 16.87 -9.48
N LYS B 1961 30.70 17.41 -10.66
CA LYS B 1961 31.42 18.71 -10.73
C LYS B 1961 30.54 19.82 -10.14
N TRP B 1962 29.25 19.80 -10.45
CA TRP B 1962 28.33 20.84 -9.90
C TRP B 1962 28.30 20.70 -8.38
N LEU B 1963 28.23 19.46 -7.91
CA LEU B 1963 28.24 19.22 -6.44
C LEU B 1963 29.59 19.68 -5.89
N TRP B 1964 30.67 19.42 -6.64
CA TRP B 1964 32.03 19.77 -6.17
C TRP B 1964 32.12 21.29 -6.05
N SER B 1965 31.53 21.99 -7.01
CA SER B 1965 31.65 23.47 -6.98
C SER B 1965 30.96 23.97 -5.71
N LYS B 1966 29.79 23.42 -5.37
CA LYS B 1966 29.14 23.83 -4.11
C LYS B 1966 30.00 23.44 -2.90
N GLY B 1967 30.54 22.22 -2.89
CA GLY B 1967 31.43 21.79 -1.79
C GLY B 1967 32.31 20.61 -2.16
N ASP B 1968 33.41 20.38 -1.45
CA ASP B 1968 34.21 19.14 -1.67
C ASP B 1968 34.59 19.00 -3.15
N VAL B 1969 35.02 20.10 -3.79
CA VAL B 1969 35.29 19.99 -5.25
C VAL B 1969 36.40 18.97 -5.45
N HIS B 1970 37.42 18.98 -4.59
CA HIS B 1970 38.54 18.01 -4.71
C HIS B 1970 38.02 16.58 -4.50
N GLN B 1971 37.14 16.40 -3.52
CA GLN B 1971 36.60 15.04 -3.24
C GLN B 1971 35.82 14.56 -4.47
N ALA B 1972 35.04 15.47 -5.06
CA ALA B 1972 34.27 15.13 -6.28
C ALA B 1972 35.25 14.80 -7.39
N LEU B 1973 36.36 15.55 -7.48
CA LEU B 1973 37.34 15.34 -8.56
C LEU B 1973 37.94 13.93 -8.47
N ILE B 1974 38.22 13.46 -7.25
CA ILE B 1974 38.76 12.08 -7.09
C ILE B 1974 37.70 11.10 -7.60
N VAL B 1975 36.42 11.36 -7.28
CA VAL B 1975 35.32 10.50 -7.78
C VAL B 1975 35.30 10.60 -9.31
N LEU B 1976 35.52 11.81 -9.84
CA LEU B 1976 35.49 12.03 -11.30
C LEU B 1976 36.62 11.21 -11.95
N GLN B 1977 37.78 11.16 -11.29
CA GLN B 1977 38.92 10.39 -11.85
C GLN B 1977 38.51 8.92 -11.94
N LYS B 1978 37.82 8.42 -10.92
CA LYS B 1978 37.32 7.02 -10.96
C LYS B 1978 36.33 6.88 -12.12
N GLY B 1979 35.46 7.87 -12.30
CA GLY B 1979 34.48 7.84 -13.41
C GLY B 1979 35.21 7.84 -14.74
N VAL B 1980 36.27 8.64 -14.84
CA VAL B 1980 37.07 8.72 -16.11
C VAL B 1980 37.67 7.34 -16.38
N GLU B 1981 38.13 6.66 -15.33
CA GLU B 1981 38.73 5.31 -15.50
C GLU B 1981 37.64 4.37 -16.03
N LEU B 1982 36.42 4.49 -15.52
CA LEU B 1982 35.32 3.66 -16.05
C LEU B 1982 35.08 4.03 -17.53
N CYS B 1983 35.12 5.32 -17.84
CA CYS B 1983 34.84 5.79 -19.23
C CYS B 1983 35.90 5.25 -20.19
N PHE B 1984 37.18 5.27 -19.80
CA PHE B 1984 38.26 4.87 -20.75
C PHE B 1984 39.06 3.70 -20.18
N PRO B 1985 39.28 2.63 -20.96
CA PRO B 1985 40.12 1.53 -20.48
C PRO B 1985 41.40 2.05 -19.87
N THR B 1989 42.12 5.30 -27.49
CA THR B 1989 41.06 4.30 -27.72
C THR B 1989 40.02 4.89 -28.64
N PRO B 1990 38.80 5.22 -28.15
CA PRO B 1990 37.81 5.87 -29.00
C PRO B 1990 37.45 7.25 -28.47
N PRO B 1991 37.47 8.30 -29.31
CA PRO B 1991 37.06 9.62 -28.86
C PRO B 1991 35.59 9.61 -28.45
N GLU B 1992 34.76 8.90 -29.21
CA GLU B 1992 33.30 8.90 -28.92
C GLU B 1992 32.79 10.34 -28.98
N GLY B 1993 33.29 11.15 -29.92
CA GLY B 1993 32.71 12.51 -30.07
C GLY B 1993 32.84 13.36 -28.83
N LYS B 1994 31.72 13.88 -28.32
CA LYS B 1994 31.72 14.83 -27.18
C LYS B 1994 32.36 14.20 -25.95
N ASN B 1995 32.16 12.90 -25.71
CA ASN B 1995 32.65 12.28 -24.46
C ASN B 1995 34.17 12.43 -24.37
N MET B 1996 34.91 12.28 -25.46
CA MET B 1996 36.39 12.50 -25.39
C MET B 1996 36.66 13.97 -25.01
N LEU B 1997 35.88 14.90 -25.57
CA LEU B 1997 36.03 16.34 -25.21
C LEU B 1997 35.71 16.49 -23.72
N ILE B 1998 34.70 15.75 -23.24
CA ILE B 1998 34.28 15.81 -21.82
C ILE B 1998 35.45 15.32 -20.96
N HIS B 1999 36.16 14.29 -21.43
CA HIS B 1999 37.32 13.75 -20.66
C HIS B 1999 38.37 14.85 -20.53
N GLY B 2000 38.58 15.60 -21.63
CA GLY B 2000 39.51 16.75 -21.56
C GLY B 2000 39.01 17.78 -20.57
N ARG B 2001 37.69 18.02 -20.57
CA ARG B 2001 37.07 18.99 -19.63
C ARG B 2001 37.31 18.52 -18.20
N ALA B 2002 37.20 17.21 -17.96
CA ALA B 2002 37.43 16.65 -16.61
C ALA B 2002 38.88 16.92 -16.25
N MET B 2003 39.79 16.77 -17.22
CA MET B 2003 41.23 17.05 -16.97
C MET B 2003 41.38 18.53 -16.58
N LEU B 2004 40.64 19.42 -17.26
CA LEU B 2004 40.70 20.87 -16.95
C LEU B 2004 40.20 21.08 -15.50
N LEU B 2005 39.14 20.37 -15.12
CA LEU B 2005 38.62 20.46 -13.74
C LEU B 2005 39.74 19.96 -12.81
N VAL B 2006 40.42 18.90 -13.22
CA VAL B 2006 41.54 18.33 -12.41
C VAL B 2006 42.62 19.40 -12.28
N GLY B 2007 42.88 20.15 -13.35
CA GLY B 2007 43.89 21.22 -13.31
C GLY B 2007 43.50 22.29 -12.31
N ARG B 2008 42.21 22.63 -12.27
CA ARG B 2008 41.74 23.61 -11.26
C ARG B 2008 41.97 23.01 -9.86
N PHE B 2009 41.70 21.72 -9.71
CA PHE B 2009 41.93 21.02 -8.42
C PHE B 2009 43.41 21.07 -8.10
N MET B 2010 44.24 20.88 -9.12
CA MET B 2010 45.72 20.88 -8.94
C MET B 2010 46.16 22.25 -8.43
N GLU B 2011 45.56 23.32 -8.98
CA GLU B 2011 45.89 24.69 -8.49
C GLU B 2011 45.46 24.77 -7.02
N GLU B 2012 44.31 24.17 -6.70
CA GLU B 2012 43.78 24.18 -5.31
C GLU B 2012 44.74 23.42 -4.37
N THR B 2013 45.33 22.31 -4.81
CA THR B 2013 46.11 21.47 -3.87
C THR B 2013 47.60 21.58 -4.07
N ALA B 2014 48.33 21.85 -2.98
CA ALA B 2014 49.82 21.91 -3.03
C ALA B 2014 50.35 20.53 -3.43
N ASN B 2015 49.71 19.47 -2.92
CA ASN B 2015 50.15 18.09 -3.23
C ASN B 2015 50.03 17.88 -4.74
N PHE B 2016 48.96 18.41 -5.35
CA PHE B 2016 48.87 18.33 -6.82
C PHE B 2016 50.05 19.11 -7.38
N GLU B 2017 50.67 18.63 -8.46
CA GLU B 2017 51.92 19.27 -8.95
C GLU B 2017 51.61 20.11 -10.19
N SER B 2018 52.10 21.36 -10.20
CA SER B 2018 51.79 22.28 -11.33
C SER B 2018 52.35 21.72 -12.64
N ASN B 2019 53.56 21.15 -12.60
CA ASN B 2019 54.13 20.53 -13.84
C ASN B 2019 53.23 19.37 -14.26
N ALA B 2020 52.76 18.58 -13.30
CA ALA B 2020 51.84 17.46 -13.60
C ALA B 2020 50.55 18.03 -14.18
N ILE B 2021 50.09 19.14 -13.63
CA ILE B 2021 48.84 19.80 -14.12
C ILE B 2021 49.08 20.24 -15.57
N MET B 2022 50.28 20.75 -15.85
CA MET B 2022 50.62 21.19 -17.22
C MET B 2022 50.56 19.96 -18.14
N LYS B 2023 51.06 18.82 -17.66
CA LYS B 2023 51.00 17.58 -18.47
C LYS B 2023 49.52 17.22 -18.68
N LYS B 2024 48.70 17.37 -17.64
CA LYS B 2024 47.26 17.08 -17.75
C LYS B 2024 46.64 18.04 -18.78
N TYR B 2025 47.06 19.31 -18.75
CA TYR B 2025 46.53 20.32 -19.69
C TYR B 2025 46.89 19.92 -21.12
N LYS B 2026 48.12 19.43 -21.29
CA LYS B 2026 48.55 18.99 -22.63
C LYS B 2026 47.66 17.81 -23.06
N ASP B 2027 47.36 16.91 -22.12
CA ASP B 2027 46.49 15.75 -22.43
C ASP B 2027 45.10 16.24 -22.82
N VAL B 2028 44.58 17.25 -22.12
CA VAL B 2028 43.24 17.81 -22.45
C VAL B 2028 43.27 18.41 -23.85
N THR B 2029 44.37 19.10 -24.20
CA THR B 2029 44.52 19.68 -25.54
C THR B 2029 44.53 18.53 -26.52
N ALA B 2030 45.20 17.45 -26.14
CA ALA B 2030 45.27 16.25 -27.01
C ALA B 2030 43.86 15.68 -27.20
N CYS B 2031 43.03 15.67 -26.15
CA CYS B 2031 41.72 15.00 -26.31
C CYS B 2031 40.94 15.72 -27.42
N LEU B 2032 40.92 17.05 -27.42
CA LEU B 2032 40.33 17.74 -28.60
C LEU B 2032 41.30 18.83 -29.04
N PRO B 2033 41.99 18.71 -30.19
CA PRO B 2033 42.78 19.82 -30.69
C PRO B 2033 41.80 20.92 -31.06
N GLU B 2034 40.68 20.52 -31.67
CA GLU B 2034 39.71 21.50 -32.21
C GLU B 2034 39.03 22.40 -31.18
N TRP B 2035 38.65 21.88 -30.01
CA TRP B 2035 37.83 22.74 -29.11
C TRP B 2035 38.59 23.99 -28.69
N GLU B 2036 37.96 25.15 -28.82
CA GLU B 2036 38.56 26.42 -28.35
C GLU B 2036 38.70 26.40 -26.83
N ASP B 2037 37.68 25.88 -26.13
CA ASP B 2037 37.69 25.97 -24.65
C ASP B 2037 38.88 25.20 -24.08
N GLY B 2038 39.19 24.03 -24.61
CA GLY B 2038 40.30 23.28 -24.00
C GLY B 2038 41.60 24.04 -24.13
N HIS B 2039 41.84 24.62 -25.31
CA HIS B 2039 43.06 25.43 -25.52
C HIS B 2039 43.03 26.66 -24.60
N PHE B 2040 41.87 27.30 -24.49
CA PHE B 2040 41.77 28.54 -23.68
C PHE B 2040 42.05 28.24 -22.22
N TYR B 2041 41.49 27.14 -21.72
CA TYR B 2041 41.69 26.76 -20.30
C TYR B 2041 43.16 26.46 -20.11
N LEU B 2042 43.74 25.76 -21.09
CA LEU B 2042 45.17 25.40 -21.00
C LEU B 2042 45.98 26.69 -21.02
N ALA B 2043 45.58 27.65 -21.86
CA ALA B 2043 46.31 28.92 -21.97
C ALA B 2043 46.22 29.67 -20.64
N LYS B 2044 45.04 29.65 -20.02
CA LYS B 2044 44.86 30.36 -18.73
C LYS B 2044 45.75 29.69 -17.68
N TYR B 2045 45.79 28.36 -17.69
CA TYR B 2045 46.65 27.62 -16.73
C TYR B 2045 48.09 27.97 -17.03
N TYR B 2046 48.42 28.03 -18.31
CA TYR B 2046 49.82 28.32 -18.73
C TYR B 2046 50.20 29.71 -18.24
N ASP B 2047 49.27 30.67 -18.37
CA ASP B 2047 49.62 32.06 -17.99
C ASP B 2047 49.93 32.10 -16.50
N LYS B 2048 49.13 31.41 -15.69
CA LYS B 2048 49.41 31.36 -14.24
C LYS B 2048 50.75 30.65 -14.04
N LEU B 2049 50.97 29.58 -14.80
CA LEU B 2049 52.22 28.79 -14.65
C LEU B 2049 53.42 29.68 -15.03
N MET B 2050 53.29 30.46 -16.10
CA MET B 2050 54.42 31.29 -16.56
C MET B 2050 54.76 32.33 -15.47
N PRO B 2051 53.75 32.95 -14.82
CA PRO B 2051 54.08 33.90 -13.78
C PRO B 2051 54.78 33.17 -12.66
N MET B 2052 54.28 31.98 -12.33
CA MET B 2052 54.86 31.18 -11.23
C MET B 2052 56.31 30.80 -11.59
N VAL B 2053 56.54 30.41 -12.85
CA VAL B 2053 57.91 29.94 -13.23
C VAL B 2053 58.89 31.10 -13.05
N THR B 2054 58.49 32.30 -13.47
CA THR B 2054 59.36 33.46 -13.21
C THR B 2054 59.46 33.63 -11.72
N ASP B 2055 58.33 33.49 -11.02
CA ASP B 2055 58.34 33.77 -9.57
C ASP B 2055 58.80 35.22 -9.41
N ASN B 2056 58.38 36.09 -10.34
CA ASN B 2056 58.76 37.54 -10.33
C ASN B 2056 60.16 37.69 -10.93
N LYS B 2057 60.72 36.59 -11.47
CA LYS B 2057 62.05 36.65 -12.12
C LYS B 2057 61.98 37.57 -13.33
N MET B 2058 60.87 37.51 -14.09
CA MET B 2058 60.80 38.28 -15.34
C MET B 2058 61.98 37.80 -16.21
N GLU B 2059 62.78 38.70 -16.75
CA GLU B 2059 63.97 38.25 -17.52
C GLU B 2059 63.48 37.35 -18.65
N LYS B 2060 64.07 36.16 -18.81
CA LYS B 2060 63.51 35.26 -19.85
C LYS B 2060 62.09 34.92 -19.42
N GLN B 2061 61.14 34.98 -20.35
CA GLN B 2061 59.72 34.75 -20.00
C GLN B 2061 58.93 34.57 -21.30
N GLY B 2062 59.33 35.28 -22.35
CA GLY B 2062 58.57 35.26 -23.61
C GLY B 2062 58.48 33.89 -24.24
N ASP B 2063 59.55 33.09 -24.24
CA ASP B 2063 59.43 31.79 -24.95
C ASP B 2063 58.35 30.93 -24.26
N LEU B 2064 58.35 30.91 -22.93
CA LEU B 2064 57.29 30.18 -22.18
C LEU B 2064 55.95 30.84 -22.48
N ILE B 2065 55.94 32.17 -22.52
CA ILE B 2065 54.68 32.93 -22.80
C ILE B 2065 54.21 32.55 -24.20
N ARG B 2066 55.15 32.39 -25.14
CA ARG B 2066 54.80 32.06 -26.54
C ARG B 2066 54.12 30.68 -26.59
N TYR B 2067 54.60 29.71 -25.82
CA TYR B 2067 53.92 28.40 -25.79
C TYR B 2067 52.50 28.60 -25.26
N ILE B 2068 52.37 29.42 -24.21
CA ILE B 2068 51.01 29.72 -23.67
C ILE B 2068 50.22 30.46 -24.75
N VAL B 2069 50.88 31.38 -25.46
CA VAL B 2069 50.22 32.19 -26.52
C VAL B 2069 49.74 31.24 -27.62
N LEU B 2070 50.54 30.23 -27.94
CA LEU B 2070 50.16 29.28 -29.01
C LEU B 2070 48.88 28.55 -28.58
N HIS B 2071 48.80 28.16 -27.32
CA HIS B 2071 47.55 27.52 -26.81
C HIS B 2071 46.41 28.54 -26.93
N PHE B 2072 46.71 29.80 -26.56
CA PHE B 2072 45.67 30.85 -26.62
C PHE B 2072 45.25 31.05 -28.07
N GLY B 2073 46.21 31.04 -28.99
CA GLY B 2073 45.92 31.23 -30.42
C GLY B 2073 45.06 30.10 -30.94
N ARG B 2074 45.35 28.86 -30.54
CA ARG B 2074 44.52 27.71 -30.98
C ARG B 2074 43.10 27.89 -30.42
N SER B 2075 43.01 28.32 -29.16
CA SER B 2075 41.68 28.55 -28.55
C SER B 2075 40.99 29.68 -29.33
N LEU B 2076 41.74 30.72 -29.68
CA LEU B 2076 41.17 31.86 -30.44
C LEU B 2076 40.74 31.36 -31.82
N GLN B 2077 41.53 30.49 -32.44
CA GLN B 2077 41.19 30.07 -33.82
C GLN B 2077 39.86 29.32 -33.80
N TYR B 2078 39.66 28.43 -32.83
CA TYR B 2078 38.31 27.81 -32.72
C TYR B 2078 37.37 28.94 -32.36
N GLY B 2079 37.79 29.80 -31.44
CA GLY B 2079 37.02 30.99 -31.02
C GLY B 2079 36.12 30.67 -29.84
N ASN B 2080 35.84 31.64 -28.97
CA ASN B 2080 34.84 31.44 -27.88
C ASN B 2080 34.35 32.81 -27.43
N GLN B 2081 33.15 32.90 -26.85
CA GLN B 2081 32.76 34.22 -26.28
C GLN B 2081 33.74 34.51 -25.14
N PHE B 2082 34.03 33.50 -24.32
CA PHE B 2082 35.03 33.63 -23.23
C PHE B 2082 36.39 33.88 -23.86
N ILE B 2083 36.65 33.19 -24.97
CA ILE B 2083 37.99 33.26 -25.60
C ILE B 2083 38.27 34.71 -26.02
N TYR B 2084 37.27 35.42 -26.54
CA TYR B 2084 37.58 36.78 -27.06
C TYR B 2084 38.10 37.68 -25.93
N GLN B 2085 37.49 37.61 -24.74
CA GLN B 2085 38.01 38.41 -23.62
C GLN B 2085 39.42 37.94 -23.25
N SER B 2086 39.62 36.62 -23.21
CA SER B 2086 40.95 36.06 -22.86
C SER B 2086 41.99 36.46 -23.91
N MET B 2087 41.60 36.43 -25.19
CA MET B 2087 42.55 36.73 -26.29
C MET B 2087 42.99 38.20 -26.16
N PRO B 2088 42.08 39.12 -25.81
CA PRO B 2088 42.49 40.51 -25.73
C PRO B 2088 43.54 40.62 -24.65
N ARG B 2089 43.33 39.91 -23.54
CA ARG B 2089 44.32 39.93 -22.43
C ARG B 2089 45.65 39.35 -22.92
N MET B 2090 45.58 38.25 -23.69
CA MET B 2090 46.81 37.60 -24.21
C MET B 2090 47.54 38.58 -25.14
N LEU B 2091 46.79 39.29 -25.97
CA LEU B 2091 47.39 40.29 -26.89
C LEU B 2091 48.06 41.38 -26.06
N THR B 2092 47.40 41.79 -24.98
CA THR B 2092 47.94 42.86 -24.12
C THR B 2092 49.23 42.37 -23.52
N LEU B 2093 49.26 41.10 -23.11
CA LEU B 2093 50.49 40.52 -22.51
C LEU B 2093 51.59 40.54 -23.56
N TRP B 2094 51.25 40.20 -24.80
CA TRP B 2094 52.24 40.18 -25.90
C TRP B 2094 52.78 41.60 -26.11
N LEU B 2095 51.89 42.59 -26.07
CA LEU B 2095 52.31 44.00 -26.27
C LEU B 2095 53.27 44.39 -25.14
N ASP B 2096 52.95 43.97 -23.92
CA ASP B 2096 53.81 44.29 -22.75
C ASP B 2096 55.17 43.63 -22.97
N TYR B 2097 55.16 42.39 -23.48
CA TYR B 2097 56.42 41.65 -23.71
C TYR B 2097 57.26 42.40 -24.74
N GLY B 2098 56.60 42.91 -25.78
CA GLY B 2098 57.33 43.66 -26.82
C GLY B 2098 57.93 44.92 -26.23
N THR B 2099 57.17 45.61 -25.38
CA THR B 2099 57.70 46.83 -24.72
C THR B 2099 58.87 46.44 -23.86
N LYS B 2100 58.76 45.31 -23.16
CA LYS B 2100 59.84 44.85 -22.26
C LYS B 2100 61.08 44.55 -23.10
N ALA B 2101 60.90 43.93 -24.27
CA ALA B 2101 62.05 43.57 -25.12
C ALA B 2101 62.78 44.83 -25.57
N TYR B 2102 62.01 45.86 -25.95
CA TYR B 2102 62.63 47.14 -26.40
C TYR B 2102 63.41 47.74 -25.26
N GLU B 2103 62.83 47.69 -24.05
CA GLU B 2103 63.52 48.23 -22.86
C GLU B 2103 64.80 47.42 -22.62
N TRP B 2104 64.70 46.10 -22.78
CA TRP B 2104 65.87 45.23 -22.54
C TRP B 2104 66.97 45.56 -23.54
N GLU B 2105 66.59 45.81 -24.80
CA GLU B 2105 67.60 46.12 -25.84
C GLU B 2105 68.30 47.43 -25.48
N LYS B 2106 67.53 48.42 -25.01
CA LYS B 2106 68.15 49.69 -24.57
C LYS B 2106 69.05 49.43 -23.36
N ALA B 2107 68.58 48.59 -22.43
CA ALA B 2107 69.35 48.31 -21.19
C ALA B 2107 70.68 47.63 -21.52
N GLY B 2108 70.66 46.68 -22.46
CA GLY B 2108 71.87 45.91 -22.76
C GLY B 2108 72.01 44.80 -21.74
N ARG B 2109 71.01 44.65 -20.86
CA ARG B 2109 71.07 43.63 -19.79
C ARG B 2109 71.06 42.24 -20.43
N SER B 2110 71.87 41.31 -19.89
CA SER B 2110 71.96 39.95 -20.49
C SER B 2110 72.38 40.12 -21.95
N ASP B 2111 71.66 39.48 -22.87
CA ASP B 2111 71.96 39.73 -24.31
C ASP B 2111 70.73 40.42 -24.90
N ARG B 2112 70.92 41.61 -25.49
CA ARG B 2112 69.78 42.29 -26.15
C ARG B 2112 69.34 41.40 -27.33
N VAL B 2113 70.32 40.83 -28.04
CA VAL B 2113 70.00 39.97 -29.23
C VAL B 2113 69.19 38.76 -28.76
N GLN B 2114 69.56 38.15 -27.63
CA GLN B 2114 68.85 36.93 -27.19
C GLN B 2114 67.39 37.30 -26.91
N MET B 2115 67.16 38.44 -26.26
CA MET B 2115 65.77 38.90 -26.00
C MET B 2115 65.10 39.19 -27.35
N ARG B 2116 65.84 39.79 -28.27
CA ARG B 2116 65.28 40.15 -29.60
C ARG B 2116 64.88 38.87 -30.33
N ASN B 2117 65.70 37.82 -30.24
CA ASN B 2117 65.40 36.56 -30.97
C ASN B 2117 64.09 35.99 -30.44
N ASP B 2118 63.90 36.03 -29.12
CA ASP B 2118 62.62 35.54 -28.53
C ASP B 2118 61.48 36.42 -29.04
N LEU B 2119 61.71 37.73 -29.09
CA LEU B 2119 60.66 38.68 -29.54
C LEU B 2119 60.32 38.39 -31.00
N GLY B 2120 61.33 38.12 -31.83
CA GLY B 2120 61.11 37.83 -33.26
C GLY B 2120 60.30 36.56 -33.42
N LYS B 2121 60.60 35.54 -32.62
CA LYS B 2121 59.83 34.27 -32.69
C LYS B 2121 58.39 34.58 -32.29
N ILE B 2122 58.22 35.42 -31.26
CA ILE B 2122 56.86 35.80 -30.80
C ILE B 2122 56.15 36.55 -31.94
N ASN B 2123 56.88 37.44 -32.63
CA ASN B 2123 56.30 38.21 -33.75
C ASN B 2123 55.87 37.24 -34.86
N LYS B 2124 56.72 36.24 -35.13
CA LYS B 2124 56.39 35.23 -36.16
C LYS B 2124 55.13 34.48 -35.73
N VAL B 2125 55.07 34.15 -34.44
CA VAL B 2125 53.88 33.44 -33.89
C VAL B 2125 52.67 34.36 -34.06
N ILE B 2126 52.86 35.65 -33.81
CA ILE B 2126 51.74 36.62 -33.89
C ILE B 2126 51.22 36.66 -35.33
N THR B 2127 52.12 36.64 -36.32
CA THR B 2127 51.70 36.70 -37.73
C THR B 2127 50.90 35.46 -38.07
N GLU B 2128 51.33 34.28 -37.60
CA GLU B 2128 50.56 33.04 -37.82
C GLU B 2128 49.22 33.18 -37.11
N HIS B 2129 49.26 33.76 -35.92
CA HIS B 2129 48.02 33.94 -35.13
C HIS B 2129 47.11 34.87 -35.93
N THR B 2130 47.70 35.90 -36.57
CA THR B 2130 46.89 36.88 -37.31
C THR B 2130 46.17 36.18 -38.44
N ASN B 2131 46.85 35.26 -39.12
CA ASN B 2131 46.19 34.61 -40.29
C ASN B 2131 44.98 33.84 -39.75
N TYR B 2132 45.15 33.16 -38.62
CA TYR B 2132 44.01 32.47 -37.96
C TYR B 2132 43.01 33.52 -37.50
N LEU B 2133 43.50 34.65 -37.01
CA LEU B 2133 42.64 35.70 -36.39
C LEU B 2133 41.68 36.34 -37.39
N ALA B 2134 40.49 36.71 -36.92
CA ALA B 2134 39.49 37.39 -37.77
C ALA B 2134 39.37 38.83 -37.27
N PRO B 2135 39.40 39.86 -38.16
CA PRO B 2135 39.39 41.23 -37.69
C PRO B 2135 38.09 41.47 -36.94
N TYR B 2136 37.00 40.90 -37.44
CA TYR B 2136 35.68 41.03 -36.76
C TYR B 2136 35.82 40.37 -35.40
N GLN B 2137 36.51 39.24 -35.35
CA GLN B 2137 36.70 38.52 -34.07
C GLN B 2137 37.49 39.41 -33.09
N PHE B 2138 38.53 40.10 -33.54
CA PHE B 2138 39.24 41.03 -32.63
C PHE B 2138 38.26 42.11 -32.22
N LEU B 2139 37.48 42.61 -33.18
CA LEU B 2139 36.38 43.57 -32.88
C LEU B 2139 36.88 44.81 -32.12
N THR B 2140 36.18 45.19 -31.06
CA THR B 2140 36.52 46.38 -30.25
C THR B 2140 37.88 46.21 -29.59
N ALA B 2141 38.19 44.99 -29.14
CA ALA B 2141 39.43 44.80 -28.35
C ALA B 2141 40.63 45.19 -29.20
N PHE B 2142 40.63 44.86 -30.48
CA PHE B 2142 41.85 45.17 -31.27
C PHE B 2142 42.07 46.69 -31.30
N SER B 2143 40.99 47.46 -31.48
CA SER B 2143 41.10 48.93 -31.52
C SER B 2143 41.57 49.50 -30.18
N GLN B 2144 41.04 48.97 -29.07
CA GLN B 2144 41.45 49.43 -27.71
C GLN B 2144 42.94 49.10 -27.56
N LEU B 2145 43.32 47.93 -28.04
CA LEU B 2145 44.73 47.48 -27.95
C LEU B 2145 45.60 48.45 -28.75
N ILE B 2146 45.12 48.95 -29.89
CA ILE B 2146 45.98 49.78 -30.78
C ILE B 2146 46.43 51.06 -30.07
N SER B 2147 45.56 51.73 -29.29
CA SER B 2147 46.06 52.99 -28.68
C SER B 2147 47.22 52.64 -27.73
N ARG B 2148 47.08 51.57 -26.95
CA ARG B 2148 48.18 51.06 -26.10
C ARG B 2148 49.34 50.59 -26.99
N ILE B 2149 49.02 49.98 -28.13
CA ILE B 2149 50.03 49.30 -29.00
C ILE B 2149 51.12 50.23 -29.53
N CYS B 2150 50.79 51.47 -29.91
CA CYS B 2150 51.86 52.28 -30.56
C CYS B 2150 53.03 52.40 -29.58
N HIS B 2151 54.25 52.18 -30.08
CA HIS B 2151 55.45 52.18 -29.19
C HIS B 2151 56.65 52.76 -29.93
N SER B 2152 57.63 53.29 -29.18
CA SER B 2152 58.86 53.82 -29.80
C SER B 2152 59.62 52.69 -30.52
N HIS B 2153 59.66 51.50 -29.92
CA HIS B 2153 60.47 50.39 -30.51
C HIS B 2153 59.97 50.03 -31.91
N ASP B 2154 58.65 49.99 -32.12
CA ASP B 2154 58.13 49.73 -33.49
C ASP B 2154 58.70 48.38 -33.95
N GLU B 2155 59.31 48.34 -35.15
CA GLU B 2155 59.95 47.08 -35.62
C GLU B 2155 58.88 45.99 -35.69
N VAL B 2156 59.13 44.84 -35.06
CA VAL B 2156 58.17 43.70 -35.09
C VAL B 2156 56.86 44.19 -34.46
N PHE B 2157 56.96 44.98 -33.39
CA PHE B 2157 55.76 45.56 -32.76
C PHE B 2157 55.06 46.46 -33.78
N VAL B 2158 55.84 47.21 -34.56
CA VAL B 2158 55.25 48.08 -35.63
C VAL B 2158 54.54 47.18 -36.64
N VAL B 2159 55.14 46.02 -36.96
CA VAL B 2159 54.50 45.06 -37.90
C VAL B 2159 53.18 44.56 -37.28
N LEU B 2160 53.18 44.33 -35.96
CA LEU B 2160 51.93 43.91 -35.25
C LEU B 2160 50.92 45.06 -35.39
N MET B 2161 51.40 46.30 -35.29
CA MET B 2161 50.52 47.48 -35.44
C MET B 2161 49.93 47.46 -36.85
N GLU B 2162 50.73 47.07 -37.84
CA GLU B 2162 50.24 46.98 -39.24
C GLU B 2162 49.12 45.94 -39.32
N ILE B 2163 49.26 44.82 -38.61
CA ILE B 2163 48.17 43.79 -38.57
C ILE B 2163 46.94 44.45 -37.94
N ILE B 2164 47.15 45.25 -36.90
CA ILE B 2164 46.03 45.99 -36.24
C ILE B 2164 45.42 46.94 -37.28
N ALA B 2165 46.28 47.55 -38.12
CA ALA B 2165 45.82 48.50 -39.15
C ALA B 2165 44.91 47.74 -40.13
N LYS B 2166 45.25 46.49 -40.45
CA LYS B 2166 44.40 45.67 -41.35
C LYS B 2166 43.03 45.49 -40.69
N VAL B 2167 43.01 45.26 -39.37
CA VAL B 2167 41.72 45.16 -38.64
C VAL B 2167 41.00 46.51 -38.73
N PHE B 2168 41.75 47.61 -38.62
CA PHE B 2168 41.17 48.97 -38.72
C PHE B 2168 40.57 49.12 -40.11
N LEU B 2169 41.27 48.57 -41.11
CA LEU B 2169 40.77 48.63 -42.51
C LEU B 2169 39.43 47.89 -42.58
N ALA B 2170 39.32 46.77 -41.86
CA ALA B 2170 38.09 45.95 -41.97
C ALA B 2170 36.87 46.75 -41.51
N TYR B 2171 36.97 47.54 -40.43
CA TYR B 2171 35.80 48.39 -40.10
C TYR B 2171 36.19 49.86 -40.25
N PRO B 2172 35.50 50.61 -41.13
CA PRO B 2172 35.81 52.02 -41.30
C PRO B 2172 35.56 52.84 -40.05
N GLN B 2173 34.45 52.57 -39.37
CA GLN B 2173 34.08 53.38 -38.18
C GLN B 2173 35.15 53.23 -37.10
N GLN B 2174 35.63 51.99 -36.91
CA GLN B 2174 36.66 51.74 -35.87
C GLN B 2174 37.90 52.53 -36.25
N ALA B 2175 38.24 52.51 -37.54
CA ALA B 2175 39.42 53.28 -38.01
C ALA B 2175 39.17 54.76 -37.75
N MET B 2176 37.95 55.22 -38.00
CA MET B 2176 37.62 56.66 -37.83
C MET B 2176 37.81 57.08 -36.37
N TRP B 2177 37.36 56.22 -35.44
CA TRP B 2177 37.50 56.54 -34.00
C TRP B 2177 39.00 56.61 -33.67
N MET B 2178 39.76 55.67 -34.21
CA MET B 2178 41.22 55.62 -33.96
C MET B 2178 41.86 56.91 -34.52
N MET B 2179 41.39 57.34 -35.69
CA MET B 2179 41.97 58.53 -36.35
C MET B 2179 41.75 59.76 -35.46
N THR B 2180 40.56 59.88 -34.85
CA THR B 2180 40.28 61.09 -34.05
C THR B 2180 41.27 61.15 -32.92
N ALA B 2181 41.52 60.00 -32.28
CA ALA B 2181 42.49 59.94 -31.17
C ALA B 2181 43.88 60.31 -31.70
N VAL B 2182 44.20 59.81 -32.90
CA VAL B 2182 45.54 60.05 -33.50
C VAL B 2182 45.68 61.57 -33.70
N SER B 2183 44.61 62.22 -34.15
CA SER B 2183 44.68 63.68 -34.44
C SER B 2183 45.00 64.45 -33.15
N LYS B 2184 44.37 64.08 -32.03
CA LYS B 2184 44.60 64.84 -30.77
C LYS B 2184 46.07 64.70 -30.38
N SER B 2185 46.60 63.49 -30.50
CA SER B 2185 48.04 63.24 -30.18
C SER B 2185 48.92 63.90 -31.24
N SER B 2186 50.12 64.37 -30.87
CA SER B 2186 50.98 64.85 -31.97
C SER B 2186 51.19 63.58 -32.78
N TYR B 2187 51.46 62.46 -32.11
CA TYR B 2187 51.46 61.16 -32.82
C TYR B 2187 52.36 61.23 -34.03
N PRO B 2188 53.57 61.81 -33.96
CA PRO B 2188 54.31 61.89 -35.20
C PRO B 2188 54.57 60.48 -35.68
N MET B 2189 54.98 59.59 -34.77
CA MET B 2189 55.14 58.17 -35.15
C MET B 2189 53.77 57.57 -35.51
N ARG B 2190 52.74 57.91 -34.72
CA ARG B 2190 51.39 57.32 -34.94
C ARG B 2190 50.85 57.73 -36.32
N VAL B 2191 51.07 58.99 -36.70
CA VAL B 2191 50.61 59.50 -38.02
C VAL B 2191 51.35 58.71 -39.10
N ASN B 2192 52.64 58.46 -38.89
CA ASN B 2192 53.41 57.65 -39.89
C ASN B 2192 52.82 56.26 -39.93
N ARG B 2193 52.46 55.70 -38.77
CA ARG B 2193 51.81 54.37 -38.73
C ARG B 2193 50.48 54.46 -39.46
N CYS B 2194 49.75 55.57 -39.26
CA CYS B 2194 48.45 55.78 -39.93
C CYS B 2194 48.70 55.85 -41.44
N LYS B 2195 49.78 56.52 -41.85
CA LYS B 2195 50.13 56.60 -43.29
C LYS B 2195 50.43 55.19 -43.83
N GLU B 2196 51.15 54.38 -43.04
CA GLU B 2196 51.43 52.99 -43.46
C GLU B 2196 50.09 52.25 -43.56
N ILE B 2197 49.19 52.49 -42.60
CA ILE B 2197 47.84 51.86 -42.62
C ILE B 2197 47.12 52.36 -43.88
N LEU B 2198 47.27 53.65 -44.19
CA LEU B 2198 46.59 54.25 -45.37
C LEU B 2198 47.12 53.56 -46.64
N ASN B 2199 48.43 53.30 -46.70
CA ASN B 2199 49.01 52.60 -47.87
C ASN B 2199 48.39 51.20 -47.94
N LYS B 2200 48.25 50.55 -46.78
CA LYS B 2200 47.61 49.21 -46.74
C LYS B 2200 46.15 49.35 -47.19
N ALA B 2201 45.47 50.40 -46.75
CA ALA B 2201 44.06 50.64 -47.13
C ALA B 2201 43.98 50.87 -48.64
N ILE B 2202 44.94 51.62 -49.17
CA ILE B 2202 44.97 51.88 -50.64
C ILE B 2202 45.18 50.53 -51.34
N HIS B 2203 46.05 49.70 -50.77
CA HIS B 2203 46.27 48.36 -51.36
C HIS B 2203 44.96 47.56 -51.28
N MET B 2204 44.27 47.64 -50.14
CA MET B 2204 43.03 46.84 -49.99
C MET B 2204 42.01 47.32 -51.02
N LYS B 2205 41.85 48.63 -51.17
CA LYS B 2205 40.98 49.17 -52.24
C LYS B 2205 41.44 50.58 -52.59
N LYS B 2206 41.23 51.03 -53.84
CA LYS B 2206 41.52 52.45 -54.14
C LYS B 2206 40.54 53.24 -53.27
N SER B 2207 39.30 52.74 -53.19
CA SER B 2207 38.25 53.42 -52.39
C SER B 2207 38.64 53.44 -50.91
N LEU B 2208 39.25 52.36 -50.39
CA LEU B 2208 39.54 52.34 -48.94
C LEU B 2208 40.51 53.47 -48.61
N GLU B 2209 41.53 53.69 -49.45
CA GLU B 2209 42.44 54.84 -49.23
C GLU B 2209 41.65 56.15 -49.35
N LYS B 2210 40.75 56.22 -50.33
CA LYS B 2210 39.95 57.45 -50.57
C LYS B 2210 39.06 57.72 -49.34
N PHE B 2211 38.49 56.66 -48.76
CA PHE B 2211 37.58 56.82 -47.60
C PHE B 2211 38.37 57.43 -46.46
N VAL B 2212 39.63 56.98 -46.31
CA VAL B 2212 40.48 57.51 -45.21
C VAL B 2212 40.68 59.02 -45.43
N GLY B 2213 40.90 59.43 -46.68
CA GLY B 2213 41.03 60.87 -46.98
C GLY B 2213 39.75 61.61 -46.67
N ASP B 2214 38.60 61.00 -47.02
CA ASP B 2214 37.28 61.63 -46.74
C ASP B 2214 37.12 61.75 -45.22
N ALA B 2215 37.56 60.72 -44.49
CA ALA B 2215 37.46 60.72 -43.01
C ALA B 2215 38.32 61.86 -42.47
N THR B 2216 39.49 62.07 -43.07
CA THR B 2216 40.40 63.13 -42.59
C THR B 2216 39.70 64.46 -42.78
N ARG B 2217 39.01 64.64 -43.90
CA ARG B 2217 38.27 65.90 -44.15
C ARG B 2217 37.17 66.05 -43.09
N LEU B 2218 36.49 64.95 -42.76
CA LEU B 2218 35.43 64.99 -41.73
C LEU B 2218 36.07 65.37 -40.40
N THR B 2219 37.25 64.83 -40.12
CA THR B 2219 37.95 65.12 -38.86
C THR B 2219 38.27 66.58 -38.80
N ASP B 2220 38.67 67.17 -39.93
CA ASP B 2220 39.02 68.61 -39.98
C ASP B 2220 37.77 69.43 -39.65
N LYS B 2221 36.61 69.01 -40.19
CA LYS B 2221 35.34 69.71 -39.87
C LYS B 2221 35.08 69.56 -38.37
N LEU B 2222 35.35 68.37 -37.84
CA LEU B 2222 35.15 68.11 -36.39
C LEU B 2222 36.08 69.04 -35.60
N LEU B 2223 37.31 69.21 -36.09
CA LEU B 2223 38.30 70.05 -35.38
C LEU B 2223 37.80 71.50 -35.33
N GLU B 2224 37.20 71.98 -36.42
CA GLU B 2224 36.68 73.36 -36.44
C GLU B 2224 35.56 73.47 -35.40
N LEU B 2225 34.71 72.45 -35.31
CA LEU B 2225 33.62 72.45 -34.29
C LEU B 2225 34.27 72.45 -32.91
N CYS B 2226 35.36 71.68 -32.76
CA CYS B 2226 36.05 71.56 -31.45
C CYS B 2226 36.58 72.95 -31.02
N ASN B 2227 37.12 73.72 -31.98
CA ASN B 2227 37.73 75.02 -31.59
C ASN B 2227 36.63 75.89 -30.99
N LYS B 2228 35.43 75.88 -31.59
CA LYS B 2228 34.29 76.61 -30.99
C LYS B 2228 34.68 78.08 -30.75
N PRO B 2229 35.41 78.74 -31.67
CA PRO B 2229 35.85 80.10 -31.42
C PRO B 2229 34.84 80.91 -30.62
N SER B 2235 22.70 81.75 -26.57
CA SER B 2235 21.75 80.61 -26.58
C SER B 2235 22.10 79.67 -27.75
N THR B 2236 21.65 80.00 -28.96
CA THR B 2236 21.96 79.18 -30.14
C THR B 2236 22.86 79.99 -31.04
N LEU B 2237 23.99 79.41 -31.45
CA LEU B 2237 24.97 80.17 -32.27
C LEU B 2237 25.10 79.50 -33.64
N SER B 2238 25.01 80.29 -34.72
CA SER B 2238 25.11 79.72 -36.08
C SER B 2238 26.59 79.61 -36.47
N MET B 2239 27.31 78.64 -35.89
CA MET B 2239 28.72 78.41 -36.29
C MET B 2239 28.76 77.97 -37.76
N SER B 2240 27.83 77.11 -38.17
CA SER B 2240 27.76 76.67 -39.58
C SER B 2240 27.45 77.89 -40.46
N THR B 2241 26.55 78.75 -40.02
CA THR B 2241 26.31 80.00 -40.77
C THR B 2241 27.59 80.80 -40.75
N HIS B 2242 28.27 80.82 -39.61
CA HIS B 2242 29.50 81.65 -39.44
C HIS B 2242 30.60 81.20 -40.41
N PHE B 2243 30.81 79.90 -40.59
CA PHE B 2243 31.83 79.48 -41.59
C PHE B 2243 31.15 78.73 -42.73
N LYS B 2244 31.35 79.22 -43.95
CA LYS B 2244 30.76 78.56 -45.15
C LYS B 2244 31.34 77.16 -45.33
N MET B 2245 32.65 77.00 -45.10
CA MET B 2245 33.30 75.69 -45.38
C MET B 2245 32.71 74.59 -44.49
N LEU B 2246 32.46 74.86 -43.20
CA LEU B 2246 31.97 73.76 -42.33
C LEU B 2246 30.60 73.30 -42.86
N LYS B 2247 29.74 74.25 -43.21
CA LYS B 2247 28.41 73.89 -43.78
C LYS B 2247 28.62 73.16 -45.10
N LYS B 2248 29.56 73.64 -45.92
CA LYS B 2248 29.80 73.03 -47.25
C LYS B 2248 30.29 71.59 -47.08
N LEU B 2249 31.16 71.36 -46.09
CA LEU B 2249 31.69 70.00 -45.85
C LEU B 2249 30.52 69.09 -45.46
N VAL B 2250 29.63 69.60 -44.61
CA VAL B 2250 28.44 68.81 -44.18
C VAL B 2250 27.60 68.52 -45.43
N GLU B 2251 27.46 69.52 -46.30
CA GLU B 2251 26.69 69.35 -47.56
C GLU B 2251 27.39 68.31 -48.45
N GLU B 2252 28.73 68.34 -48.51
CA GLU B 2252 29.44 67.45 -49.46
C GLU B 2252 29.22 65.98 -49.13
N ALA B 2253 28.97 65.16 -50.17
CA ALA B 2253 28.84 63.70 -49.97
C ALA B 2253 30.19 63.04 -50.20
N THR B 2254 31.21 63.83 -50.53
CA THR B 2254 32.54 63.25 -50.86
C THR B 2254 33.08 62.54 -49.65
N PHE B 2255 32.91 63.13 -48.46
CA PHE B 2255 33.32 62.40 -47.23
C PHE B 2255 32.41 61.19 -47.10
N SER B 2256 32.97 60.04 -46.69
CA SER B 2256 32.15 58.81 -46.62
C SER B 2256 31.04 59.03 -45.58
N GLU B 2257 29.84 58.52 -45.83
CA GLU B 2257 28.73 58.81 -44.89
C GLU B 2257 29.12 58.19 -43.55
N ILE B 2258 28.89 58.90 -42.46
CA ILE B 2258 29.35 58.39 -41.14
C ILE B 2258 28.13 58.20 -40.22
N LEU B 2259 28.03 57.03 -39.60
CA LEU B 2259 26.95 56.84 -38.61
C LEU B 2259 27.23 57.81 -37.45
N ILE B 2260 26.20 58.41 -36.87
CA ILE B 2260 26.48 59.29 -35.70
C ILE B 2260 27.06 58.39 -34.61
N PRO B 2261 28.10 58.84 -33.87
CA PRO B 2261 28.71 57.94 -32.91
C PRO B 2261 27.72 57.57 -31.82
N LEU B 2262 27.72 56.29 -31.42
CA LEU B 2262 26.85 55.84 -30.31
C LEU B 2262 27.71 54.95 -29.40
N GLN B 2263 27.44 54.92 -28.10
CA GLN B 2263 28.23 53.97 -27.26
C GLN B 2263 27.91 52.56 -27.79
N SER B 2264 26.64 52.30 -28.08
CA SER B 2264 26.26 50.99 -28.68
C SER B 2264 26.92 50.84 -30.05
N VAL B 2265 26.92 51.92 -30.83
CA VAL B 2265 27.48 51.86 -32.22
C VAL B 2265 28.97 51.53 -32.10
N MET B 2266 29.64 52.14 -31.13
CA MET B 2266 31.10 51.92 -30.96
C MET B 2266 31.34 50.44 -30.63
N ILE B 2267 30.48 49.87 -29.77
CA ILE B 2267 30.72 48.46 -29.36
C ILE B 2267 30.59 47.56 -30.59
N PRO B 2268 31.51 46.59 -30.79
CA PRO B 2268 31.36 45.63 -31.88
C PRO B 2268 30.24 44.64 -31.57
N THR B 2269 29.52 44.16 -32.58
CA THR B 2269 28.52 43.11 -32.31
C THR B 2269 29.29 41.90 -31.82
N LEU B 2270 28.80 41.23 -30.77
CA LEU B 2270 29.53 40.07 -30.19
C LEU B 2270 29.47 38.87 -31.14
N PRO B 2271 30.52 38.03 -31.25
CA PRO B 2271 30.44 36.81 -32.05
C PRO B 2271 29.50 35.84 -31.35
N SER B 2272 28.72 35.06 -32.12
CA SER B 2272 27.70 34.17 -31.49
C SER B 2272 28.35 33.10 -30.61
N ILE B 2273 27.77 32.82 -29.45
CA ILE B 2273 28.25 31.71 -28.58
C ILE B 2273 28.06 30.38 -29.32
N LEU B 2274 26.94 30.24 -30.05
CA LEU B 2274 26.60 28.94 -30.68
C LEU B 2274 27.66 28.51 -31.70
N GLY B 2275 28.19 29.43 -32.51
CA GLY B 2275 29.28 28.99 -33.40
C GLY B 2275 30.61 29.54 -32.92
N THR B 2276 31.54 28.64 -32.59
CA THR B 2276 32.84 29.07 -32.03
C THR B 2276 33.61 29.87 -33.06
N HIS B 2277 33.60 29.44 -34.33
CA HIS B 2277 34.49 30.10 -35.33
C HIS B 2277 33.70 30.76 -36.46
N ALA B 2278 34.03 32.02 -36.76
CA ALA B 2278 33.41 32.75 -37.89
C ALA B 2278 32.05 33.30 -37.47
N ASN B 2279 31.65 33.11 -36.21
CA ASN B 2279 30.40 33.76 -35.76
C ASN B 2279 30.62 35.27 -35.83
N HIS B 2280 31.80 35.72 -35.40
CA HIS B 2280 32.14 37.16 -35.50
C HIS B 2280 32.19 37.55 -36.97
N ALA B 2281 32.79 36.69 -37.81
CA ALA B 2281 32.94 37.02 -39.24
C ALA B 2281 31.58 37.15 -39.91
N SER B 2282 30.65 36.24 -39.60
CA SER B 2282 29.28 36.32 -40.17
C SER B 2282 28.62 37.59 -39.65
N HIS B 2283 28.81 37.88 -38.36
CA HIS B 2283 28.24 39.10 -37.74
C HIS B 2283 29.00 40.33 -38.23
N GLU B 2284 28.35 41.49 -38.18
CA GLU B 2284 29.13 42.71 -38.48
C GLU B 2284 30.15 42.77 -37.32
N PRO B 2285 31.40 43.24 -37.53
CA PRO B 2285 32.35 43.15 -36.43
C PRO B 2285 31.63 43.99 -35.42
N PHE B 2286 31.06 45.12 -35.83
CA PHE B 2286 30.15 45.88 -34.95
C PHE B 2286 28.87 45.94 -35.76
N PRO B 2287 27.68 45.53 -35.25
CA PRO B 2287 26.53 45.58 -36.12
C PRO B 2287 25.50 46.60 -35.68
N GLY B 2288 25.20 47.55 -36.55
CA GLY B 2288 24.16 48.56 -36.26
C GLY B 2288 23.65 49.16 -37.55
N HIS B 2289 22.47 49.79 -37.53
CA HIS B 2289 22.04 50.52 -38.74
C HIS B 2289 23.07 51.65 -38.88
N TRP B 2290 23.49 51.98 -40.10
CA TRP B 2290 24.59 52.98 -40.21
C TRP B 2290 24.04 54.34 -40.65
N ALA B 2291 24.28 55.37 -39.84
CA ALA B 2291 23.82 56.74 -40.18
C ALA B 2291 24.64 57.32 -41.33
N TYR B 2292 24.02 58.18 -42.14
CA TYR B 2292 24.80 58.90 -43.18
C TYR B 2292 24.69 60.36 -42.79
N ILE B 2293 25.81 61.08 -42.72
CA ILE B 2293 25.69 62.47 -42.20
C ILE B 2293 24.83 63.28 -43.18
N ALA B 2294 23.88 64.06 -42.66
CA ALA B 2294 23.04 64.95 -43.51
C ALA B 2294 23.55 66.39 -43.38
N GLY B 2295 24.67 66.58 -42.68
CA GLY B 2295 25.15 67.95 -42.41
C GLY B 2295 24.46 68.49 -41.16
N PHE B 2296 24.73 69.73 -40.78
CA PHE B 2296 24.18 70.25 -39.49
C PHE B 2296 23.55 71.62 -39.70
N ASP B 2297 22.61 71.99 -38.82
CA ASP B 2297 21.89 73.29 -38.97
C ASP B 2297 22.89 74.43 -38.84
N ASP B 2298 22.70 75.52 -39.59
CA ASP B 2298 23.72 76.60 -39.61
C ASP B 2298 23.85 77.19 -38.19
N MET B 2299 22.74 77.37 -37.49
CA MET B 2299 22.82 77.84 -36.08
C MET B 2299 22.41 76.72 -35.13
N VAL B 2300 23.28 76.37 -34.17
CA VAL B 2300 22.93 75.34 -33.15
C VAL B 2300 23.10 75.98 -31.75
N GLU B 2301 22.11 75.83 -30.88
CA GLU B 2301 22.28 76.36 -29.50
C GLU B 2301 23.44 75.58 -28.84
N ILE B 2302 24.29 76.27 -28.10
CA ILE B 2302 25.46 75.61 -27.43
C ILE B 2302 25.36 75.85 -25.91
N LEU B 2303 25.55 74.80 -25.10
CA LEU B 2303 25.53 74.97 -23.63
C LEU B 2303 26.69 75.88 -23.22
N ALA B 2304 26.49 76.74 -22.23
CA ALA B 2304 27.55 77.72 -21.89
C ALA B 2304 28.22 77.36 -20.58
N SER B 2305 29.55 77.24 -20.60
CA SER B 2305 30.34 76.90 -19.39
C SER B 2305 31.76 77.42 -19.64
N LEU B 2306 32.59 77.55 -18.60
CA LEU B 2306 33.99 77.94 -18.92
C LEU B 2306 34.54 76.76 -19.75
N GLN B 2307 35.25 77.03 -20.85
CA GLN B 2307 35.69 75.91 -21.72
C GLN B 2307 34.43 75.13 -22.11
N LYS B 2308 33.33 75.82 -22.39
CA LYS B 2308 32.04 75.13 -22.63
C LYS B 2308 32.07 74.24 -23.88
N PRO B 2309 31.48 73.03 -23.83
CA PRO B 2309 31.37 72.22 -25.03
C PRO B 2309 30.33 72.90 -25.91
N LYS B 2310 30.50 72.84 -27.23
CA LYS B 2310 29.44 73.41 -28.13
C LYS B 2310 28.79 72.24 -28.85
N LYS B 2311 27.46 72.13 -28.79
CA LYS B 2311 26.79 70.93 -29.36
C LYS B 2311 25.92 71.31 -30.57
N ILE B 2312 26.11 70.61 -31.68
CA ILE B 2312 25.26 70.83 -32.90
C ILE B 2312 24.83 69.44 -33.40
N SER B 2313 23.64 69.32 -33.98
CA SER B 2313 23.20 67.96 -34.37
C SER B 2313 23.22 67.81 -35.90
N LEU B 2314 24.01 66.86 -36.41
CA LEU B 2314 23.94 66.57 -37.87
C LEU B 2314 22.62 65.85 -38.13
N LYS B 2315 21.95 66.13 -39.25
CA LYS B 2315 20.73 65.33 -39.54
C LYS B 2315 21.18 63.88 -39.75
N GLY B 2316 20.45 62.91 -39.20
CA GLY B 2316 20.76 61.48 -39.38
C GLY B 2316 20.32 60.97 -40.73
N SER B 2317 20.86 59.82 -41.17
CA SER B 2317 20.28 59.20 -42.39
C SER B 2317 18.85 58.89 -41.96
N ASP B 2318 18.68 58.45 -40.71
CA ASP B 2318 17.32 58.27 -40.11
C ASP B 2318 16.73 59.68 -40.06
N GLY B 2319 17.56 60.68 -39.82
CA GLY B 2319 17.13 62.08 -39.69
C GLY B 2319 17.00 62.50 -38.25
N LYS B 2320 17.15 61.57 -37.30
CA LYS B 2320 17.21 62.03 -35.89
C LYS B 2320 18.51 62.84 -35.80
N PHE B 2321 18.50 63.99 -35.13
CA PHE B 2321 19.77 64.74 -34.96
C PHE B 2321 20.06 64.96 -33.47
N TYR B 2322 21.27 64.65 -33.01
CA TYR B 2322 21.63 64.94 -31.60
C TYR B 2322 22.80 65.92 -31.61
N ILE B 2323 22.66 67.04 -30.90
CA ILE B 2323 23.79 67.99 -30.80
C ILE B 2323 24.91 67.30 -30.00
N MET B 2324 26.16 67.43 -30.44
CA MET B 2324 27.29 66.85 -29.67
C MET B 2324 28.22 68.02 -29.29
N MET B 2325 28.59 68.13 -28.01
CA MET B 2325 29.38 69.31 -27.59
C MET B 2325 30.77 68.86 -27.09
N CYS B 2326 31.83 69.51 -27.59
CA CYS B 2326 33.21 69.17 -27.16
C CYS B 2326 33.69 70.27 -26.23
N LYS B 2327 34.16 69.91 -25.04
CA LYS B 2327 34.52 70.95 -24.03
C LYS B 2327 36.02 70.97 -23.78
N PRO B 2328 36.66 72.15 -23.80
CA PRO B 2328 38.09 72.24 -23.51
C PRO B 2328 38.33 71.79 -22.08
N LYS B 2329 39.44 71.10 -21.83
CA LYS B 2329 39.77 70.55 -20.49
C LYS B 2329 39.03 69.20 -20.33
N ASP B 2330 38.36 68.75 -21.40
CA ASP B 2330 37.69 67.42 -21.35
C ASP B 2330 38.28 66.57 -22.48
N ASP B 2331 38.70 65.33 -22.19
CA ASP B 2331 39.36 64.55 -23.28
C ASP B 2331 38.39 63.45 -23.72
N LEU B 2332 38.04 63.44 -25.01
CA LEU B 2332 37.12 62.41 -25.54
C LEU B 2332 37.78 61.03 -25.40
N ARG B 2333 39.08 60.94 -25.70
CA ARG B 2333 39.78 59.62 -25.66
C ARG B 2333 39.78 59.03 -24.24
N LYS B 2334 40.03 59.87 -23.22
CA LYS B 2334 40.01 59.37 -21.83
C LYS B 2334 38.59 58.88 -21.52
N ASP B 2335 37.60 59.64 -21.96
CA ASP B 2335 36.18 59.24 -21.76
C ASP B 2335 35.94 57.94 -22.52
N CYS B 2336 36.51 57.83 -23.72
CA CYS B 2336 36.29 56.64 -24.58
C CYS B 2336 36.85 55.39 -23.89
N ARG B 2337 38.02 55.51 -23.26
CA ARG B 2337 38.59 54.35 -22.55
C ARG B 2337 37.63 53.94 -21.41
N LEU B 2338 37.10 54.95 -20.70
CA LEU B 2338 36.11 54.65 -19.63
C LEU B 2338 34.88 54.01 -20.27
N MET B 2339 34.46 54.53 -21.43
CA MET B 2339 33.27 54.01 -22.13
C MET B 2339 33.52 52.56 -22.54
N GLU B 2340 34.73 52.26 -23.01
CA GLU B 2340 35.01 50.88 -23.50
C GLU B 2340 34.85 49.91 -22.32
N PHE B 2341 35.36 50.30 -21.15
CA PHE B 2341 35.14 49.46 -19.94
C PHE B 2341 33.65 49.42 -19.67
N ASN B 2342 33.00 50.57 -19.85
CA ASN B 2342 31.56 50.68 -19.53
C ASN B 2342 30.73 49.78 -20.45
N SER B 2343 29.73 49.10 -19.89
CA SER B 2343 28.77 48.28 -20.68
C SER B 2343 29.37 46.90 -20.97
N LEU B 2344 30.62 46.67 -20.58
CA LEU B 2344 31.14 45.29 -20.69
C LEU B 2344 30.25 44.55 -19.68
N ILE B 2345 30.01 45.20 -18.55
CA ILE B 2345 29.11 44.64 -17.51
C ILE B 2345 27.71 44.55 -18.11
N ASN B 2346 27.31 45.57 -18.90
CA ASN B 2346 25.93 45.59 -19.44
C ASN B 2346 25.73 44.37 -20.35
N LYS B 2347 26.73 44.05 -21.16
CA LYS B 2347 26.64 42.84 -22.01
C LYS B 2347 26.54 41.62 -21.08
N CYS B 2348 27.33 41.64 -20.01
CA CYS B 2348 27.30 40.53 -19.02
C CYS B 2348 25.90 40.49 -18.38
N LEU B 2349 25.32 41.66 -18.10
CA LEU B 2349 24.00 41.73 -17.42
C LEU B 2349 22.93 41.09 -18.31
N ARG B 2350 23.01 41.33 -19.63
CA ARG B 2350 22.02 40.70 -20.53
C ARG B 2350 22.21 39.19 -20.40
N LYS B 2351 23.45 38.72 -20.33
CA LYS B 2351 23.72 37.28 -20.11
C LYS B 2351 23.21 36.83 -18.73
N ASP B 2352 23.40 37.65 -17.69
CA ASP B 2352 23.05 37.20 -16.31
C ASP B 2352 21.53 37.05 -16.14
N ALA B 2353 21.09 35.94 -15.53
CA ALA B 2353 19.65 35.80 -15.22
C ALA B 2353 19.24 36.85 -14.20
N GLU B 2354 20.08 37.06 -13.18
CA GLU B 2354 19.76 38.05 -12.11
C GLU B 2354 19.69 39.46 -12.71
N SER B 2355 20.63 39.78 -13.60
CA SER B 2355 20.63 41.10 -14.27
C SER B 2355 19.35 41.22 -15.10
N ARG B 2356 18.96 40.12 -15.77
CA ARG B 2356 17.69 40.11 -16.55
C ARG B 2356 16.52 40.31 -15.58
N ARG B 2357 16.58 39.69 -14.40
CA ARG B 2357 15.51 39.84 -13.39
C ARG B 2357 15.48 41.32 -13.00
N ARG B 2358 16.65 41.94 -12.84
CA ARG B 2358 16.69 43.39 -12.59
C ARG B 2358 16.09 44.07 -13.81
N GLU B 2359 16.43 43.55 -15.00
CA GLU B 2359 15.91 44.13 -16.26
C GLU B 2359 16.34 45.60 -16.32
N LEU B 2360 17.55 45.91 -15.86
CA LEU B 2360 17.97 47.33 -15.83
C LEU B 2360 19.11 47.56 -16.82
N HIS B 2361 18.93 48.49 -17.76
CA HIS B 2361 20.01 48.86 -18.72
C HIS B 2361 21.09 49.67 -18.00
N ILE B 2362 22.34 49.59 -18.46
CA ILE B 2362 23.37 50.49 -17.86
C ILE B 2362 23.68 51.56 -18.91
N ARG B 2363 23.51 52.83 -18.57
CA ARG B 2363 23.71 53.91 -19.56
C ARG B 2363 25.20 53.99 -19.92
N THR B 2364 25.52 54.20 -21.20
CA THR B 2364 26.95 54.41 -21.56
C THR B 2364 27.08 55.78 -22.19
N TYR B 2365 27.98 56.62 -21.67
CA TYR B 2365 28.23 57.93 -22.31
C TYR B 2365 28.98 57.69 -23.61
N ALA B 2366 28.67 58.45 -24.67
CA ALA B 2366 29.48 58.34 -25.90
C ALA B 2366 30.13 59.69 -26.19
N VAL B 2367 31.46 59.71 -26.33
CA VAL B 2367 32.17 60.97 -26.71
C VAL B 2367 32.98 60.68 -27.99
N ILE B 2368 32.86 61.53 -29.01
CA ILE B 2368 33.68 61.34 -30.23
C ILE B 2368 34.33 62.69 -30.62
N PRO B 2369 35.32 63.20 -29.86
CA PRO B 2369 36.00 64.41 -30.32
C PRO B 2369 37.46 64.05 -30.53
N LEU B 2370 37.98 64.36 -31.71
CA LEU B 2370 39.38 63.96 -32.03
C LEU B 2370 40.34 64.68 -31.06
N ASN B 2371 40.12 65.96 -30.76
CA ASN B 2371 41.08 66.73 -29.93
C ASN B 2371 41.13 66.20 -28.49
N ASP B 2372 42.33 66.11 -27.92
CA ASP B 2372 42.45 65.74 -26.48
C ASP B 2372 41.80 66.84 -25.64
N GLU B 2373 42.01 68.10 -26.04
CA GLU B 2373 41.51 69.24 -25.23
C GLU B 2373 39.97 69.23 -25.13
N CYS B 2374 39.28 68.94 -26.24
CA CYS B 2374 37.80 69.02 -26.21
C CYS B 2374 37.19 67.64 -26.54
N GLY B 2375 36.24 67.17 -25.74
CA GLY B 2375 35.56 65.90 -26.04
C GLY B 2375 34.09 66.17 -26.30
N ILE B 2376 33.55 65.66 -27.41
CA ILE B 2376 32.15 66.03 -27.77
C ILE B 2376 31.23 64.81 -27.56
N ILE B 2377 30.17 64.99 -26.76
CA ILE B 2377 29.17 63.91 -26.54
C ILE B 2377 27.80 64.47 -26.91
N GLU B 2378 27.00 63.74 -27.70
CA GLU B 2378 25.62 64.24 -27.96
C GLU B 2378 24.89 64.25 -26.61
N TRP B 2379 24.09 65.29 -26.33
CA TRP B 2379 23.44 65.37 -25.01
C TRP B 2379 22.43 64.23 -24.87
N VAL B 2380 22.39 63.60 -23.69
CA VAL B 2380 21.34 62.55 -23.45
C VAL B 2380 19.98 63.26 -23.44
N ASN B 2381 18.96 62.65 -24.04
CA ASN B 2381 17.60 63.26 -23.96
C ASN B 2381 17.12 63.19 -22.51
N ASN B 2382 16.51 64.27 -22.00
CA ASN B 2382 15.89 64.23 -20.65
C ASN B 2382 16.98 64.23 -19.57
N THR B 2383 18.23 64.51 -19.92
CA THR B 2383 19.29 64.41 -18.90
C THR B 2383 19.03 65.46 -17.84
N ALA B 2384 19.19 65.10 -16.56
CA ALA B 2384 19.04 66.12 -15.49
C ALA B 2384 20.28 66.16 -14.60
N GLY B 2385 20.88 67.33 -14.39
CA GLY B 2385 21.99 67.38 -13.43
C GLY B 2385 21.44 67.05 -12.06
N LEU B 2386 22.14 66.25 -11.25
CA LEU B 2386 21.60 66.03 -9.89
C LEU B 2386 21.61 67.37 -9.14
N ARG B 2387 22.68 68.15 -9.28
CA ARG B 2387 22.73 69.49 -8.65
C ARG B 2387 21.64 70.38 -9.28
N PRO B 2388 21.46 70.32 -10.61
CA PRO B 2388 20.45 71.15 -11.26
C PRO B 2388 19.08 70.77 -10.74
N ILE B 2389 18.85 69.47 -10.61
CA ILE B 2389 17.52 68.97 -10.13
C ILE B 2389 17.32 69.49 -8.70
N LEU B 2390 18.38 69.48 -7.90
CA LEU B 2390 18.28 69.96 -6.50
C LEU B 2390 17.92 71.45 -6.51
N THR B 2391 18.54 72.22 -7.41
CA THR B 2391 18.22 73.66 -7.50
C THR B 2391 16.77 73.81 -7.89
N LYS B 2392 16.32 72.98 -8.83
CA LYS B 2392 14.91 73.02 -9.28
C LYS B 2392 14.01 72.67 -8.08
N LEU B 2393 14.42 71.67 -7.29
CA LEU B 2393 13.62 71.25 -6.13
C LEU B 2393 13.53 72.41 -5.13
N TYR B 2394 14.65 73.12 -4.93
CA TYR B 2394 14.64 74.28 -4.00
C TYR B 2394 13.69 75.32 -4.54
N LYS B 2395 13.72 75.54 -5.86
CA LYS B 2395 12.80 76.52 -6.49
C LYS B 2395 11.36 76.06 -6.31
N GLU B 2396 11.10 74.76 -6.49
CA GLU B 2396 9.73 74.21 -6.35
C GLU B 2396 9.27 74.41 -4.91
N LYS B 2397 10.17 74.17 -3.95
CA LYS B 2397 9.85 74.40 -2.52
C LYS B 2397 9.60 75.89 -2.33
N GLY B 2398 10.38 76.71 -3.02
CA GLY B 2398 10.32 78.17 -2.85
C GLY B 2398 11.20 78.51 -1.66
N VAL B 2399 11.82 77.50 -1.05
CA VAL B 2399 12.82 77.79 0.01
C VAL B 2399 14.02 78.41 -0.71
N TYR B 2400 14.62 79.46 -0.15
CA TYR B 2400 15.72 80.11 -0.89
C TYR B 2400 16.99 80.06 -0.07
N MET B 2401 18.08 79.58 -0.66
CA MET B 2401 19.38 79.64 0.06
C MET B 2401 20.31 80.52 -0.80
N THR B 2402 20.87 81.57 -0.21
CA THR B 2402 21.73 82.47 -1.00
C THR B 2402 23.01 81.75 -1.36
N GLY B 2403 23.53 81.98 -2.57
CA GLY B 2403 24.86 81.43 -2.88
C GLY B 2403 25.80 82.10 -1.91
N LYS B 2404 25.57 83.39 -1.67
CA LYS B 2404 26.37 84.15 -0.68
C LYS B 2404 26.14 83.52 0.70
N GLU B 2405 24.90 83.10 1.00
CA GLU B 2405 24.58 82.49 2.31
C GLU B 2405 25.38 81.19 2.48
N LEU B 2406 25.50 80.39 1.42
CA LEU B 2406 26.34 79.17 1.50
C LEU B 2406 27.78 79.62 1.75
N ARG B 2407 28.20 80.69 1.10
CA ARG B 2407 29.55 81.27 1.32
C ARG B 2407 29.61 81.73 2.78
N GLN B 2408 28.51 82.28 3.30
CA GLN B 2408 28.46 82.81 4.68
C GLN B 2408 28.73 81.65 5.64
N CYS B 2409 28.19 80.46 5.35
CA CYS B 2409 28.58 79.34 6.23
C CYS B 2409 30.09 79.18 6.03
N MET B 2410 30.85 79.01 7.12
CA MET B 2410 32.33 78.99 6.97
C MET B 2410 32.91 77.69 7.54
N LEU B 2411 33.80 77.03 6.79
CA LEU B 2411 34.46 75.84 7.35
C LEU B 2411 35.95 76.14 7.50
N PRO B 2412 36.54 75.93 8.71
CA PRO B 2412 37.98 76.12 8.84
C PRO B 2412 38.57 75.02 8.00
N LYS B 2413 39.72 75.27 7.35
CA LYS B 2413 40.29 74.12 6.61
C LYS B 2413 40.59 73.08 7.68
N SER B 2414 41.14 73.50 8.82
CA SER B 2414 41.28 72.55 9.95
C SER B 2414 39.98 72.63 10.77
N ALA B 2415 38.85 72.23 10.19
CA ALA B 2415 37.58 72.22 10.95
C ALA B 2415 37.64 71.12 12.00
N ALA B 2416 37.07 71.34 13.19
CA ALA B 2416 37.03 70.21 14.14
C ALA B 2416 36.14 69.17 13.47
N LEU B 2417 36.52 67.90 13.51
CA LEU B 2417 35.68 66.95 12.73
C LEU B 2417 34.27 66.93 13.32
N SER B 2418 34.16 66.87 14.65
CA SER B 2418 32.82 66.92 15.27
C SER B 2418 32.14 68.28 15.00
N GLU B 2419 32.90 69.37 15.13
CA GLU B 2419 32.27 70.70 14.98
C GLU B 2419 31.77 70.87 13.53
N LYS B 2420 32.59 70.46 12.57
CA LYS B 2420 32.20 70.65 11.15
C LYS B 2420 30.95 69.83 10.88
N LEU B 2421 30.94 68.58 11.37
CA LEU B 2421 29.78 67.70 11.11
C LEU B 2421 28.53 68.31 11.76
N LYS B 2422 28.66 68.80 12.98
CA LYS B 2422 27.46 69.32 13.69
C LYS B 2422 26.92 70.54 12.95
N VAL B 2423 27.83 71.43 12.53
CA VAL B 2423 27.40 72.65 11.80
C VAL B 2423 26.76 72.20 10.47
N PHE B 2424 27.40 71.22 9.82
CA PHE B 2424 26.90 70.77 8.50
C PHE B 2424 25.52 70.19 8.68
N ARG B 2425 25.33 69.40 9.74
CA ARG B 2425 24.02 68.73 9.88
C ARG B 2425 22.91 69.77 10.07
N GLU B 2426 23.17 70.78 10.91
CA GLU B 2426 22.08 71.76 11.17
C GLU B 2426 21.75 72.50 9.87
N PHE B 2427 22.80 72.91 9.14
CA PHE B 2427 22.58 73.65 7.88
C PHE B 2427 21.89 72.74 6.89
N LEU B 2428 22.33 71.48 6.86
CA LEU B 2428 21.79 70.54 5.85
C LEU B 2428 20.30 70.31 6.10
N LEU B 2429 19.89 70.14 7.36
CA LEU B 2429 18.46 69.81 7.57
C LEU B 2429 17.61 70.99 7.08
N PRO B 2430 17.98 72.24 7.40
CA PRO B 2430 17.23 73.36 6.86
C PRO B 2430 17.34 73.47 5.36
N ARG B 2431 18.56 73.27 4.83
CA ARG B 2431 18.81 73.47 3.39
C ARG B 2431 18.03 72.48 2.50
N HIS B 2432 17.95 71.21 2.89
CA HIS B 2432 17.35 70.22 1.94
C HIS B 2432 16.30 69.30 2.56
N PRO B 2433 15.06 69.76 2.84
CA PRO B 2433 14.04 68.81 3.25
C PRO B 2433 13.96 68.03 1.95
N PRO B 2434 13.86 66.69 1.96
CA PRO B 2434 13.93 66.00 0.68
C PRO B 2434 12.78 66.30 -0.27
N ILE B 2435 13.11 66.61 -1.53
CA ILE B 2435 12.05 66.80 -2.57
C ILE B 2435 12.12 65.62 -3.55
N PHE B 2436 12.93 64.61 -3.25
CA PHE B 2436 13.14 63.51 -4.24
C PHE B 2436 11.82 62.79 -4.51
N HIS B 2437 11.04 62.56 -3.47
CA HIS B 2437 9.75 61.84 -3.65
C HIS B 2437 8.86 62.68 -4.57
N GLU B 2438 8.88 64.00 -4.36
CA GLU B 2438 8.06 64.91 -5.22
C GLU B 2438 8.57 64.81 -6.66
N TRP B 2439 9.90 64.76 -6.83
CA TRP B 2439 10.49 64.71 -8.18
C TRP B 2439 10.04 63.42 -8.88
N PHE B 2440 10.01 62.32 -8.13
CA PHE B 2440 9.59 61.01 -8.70
C PHE B 2440 8.13 61.12 -9.14
N LEU B 2441 7.32 61.78 -8.31
CA LEU B 2441 5.88 61.93 -8.65
C LEU B 2441 5.76 62.75 -9.94
N ARG B 2442 6.59 63.80 -10.07
CA ARG B 2442 6.58 64.61 -11.30
C ARG B 2442 7.03 63.74 -12.48
N THR B 2443 8.03 62.89 -12.26
CA THR B 2443 8.61 62.11 -13.38
C THR B 2443 7.58 61.17 -13.99
N PHE B 2444 6.77 60.48 -13.18
CA PHE B 2444 5.72 59.64 -13.82
C PHE B 2444 4.33 60.03 -13.32
N PRO B 2445 3.37 60.34 -14.22
CA PRO B 2445 2.01 60.62 -13.77
C PRO B 2445 1.32 59.42 -13.15
N ASP B 2446 1.50 58.23 -13.75
CA ASP B 2446 0.82 57.02 -13.23
C ASP B 2446 1.39 56.66 -11.86
N PRO B 2447 0.57 56.20 -10.89
CA PRO B 2447 1.16 55.77 -9.64
C PRO B 2447 2.05 54.58 -9.96
N THR B 2448 1.56 53.70 -10.83
CA THR B 2448 2.37 52.54 -11.27
C THR B 2448 3.57 53.05 -12.01
N SER B 2449 3.39 54.07 -12.85
CA SER B 2449 4.51 54.63 -13.66
C SER B 2449 5.57 55.20 -12.71
N TRP B 2450 5.13 55.87 -11.65
CA TRP B 2450 6.08 56.45 -10.65
C TRP B 2450 6.85 55.31 -10.00
N TYR B 2451 6.17 54.20 -9.70
CA TYR B 2451 6.84 53.02 -9.10
C TYR B 2451 7.87 52.49 -10.09
N SER B 2452 7.53 52.47 -11.37
CA SER B 2452 8.49 52.03 -12.41
C SER B 2452 9.68 52.99 -12.43
N SER B 2453 9.42 54.30 -12.30
CA SER B 2453 10.50 55.30 -12.25
C SER B 2453 11.35 55.03 -10.99
N ARG B 2454 10.71 54.69 -9.89
CA ARG B 2454 11.44 54.38 -8.63
C ARG B 2454 12.32 53.15 -8.89
N SER B 2455 11.79 52.17 -9.63
CA SER B 2455 12.58 50.97 -9.98
C SER B 2455 13.78 51.41 -10.85
N ALA B 2456 13.55 52.36 -11.75
CA ALA B 2456 14.64 52.89 -12.60
C ALA B 2456 15.66 53.57 -11.69
N TYR B 2457 15.18 54.28 -10.67
CA TYR B 2457 16.09 54.93 -9.70
C TYR B 2457 16.88 53.85 -8.98
N CYS B 2458 16.22 52.74 -8.65
CA CYS B 2458 16.91 51.62 -7.97
C CYS B 2458 17.99 51.08 -8.91
N ARG B 2459 17.67 50.97 -10.21
CA ARG B 2459 18.68 50.55 -11.20
C ARG B 2459 19.79 51.61 -11.19
N SER B 2460 19.41 52.88 -11.08
CA SER B 2460 20.37 53.99 -11.11
C SER B 2460 21.32 53.87 -9.91
N THR B 2461 22.61 54.20 -10.10
CA THR B 2461 23.57 54.01 -9.00
C THR B 2461 23.54 52.55 -8.64
N ALA B 2462 23.38 52.24 -7.35
CA ALA B 2462 23.24 50.82 -6.98
C ALA B 2462 24.47 50.07 -7.47
N VAL B 2463 24.28 48.98 -8.22
CA VAL B 2463 25.43 48.16 -8.68
C VAL B 2463 26.33 49.02 -9.57
N MET B 2464 25.75 49.87 -10.42
CA MET B 2464 26.57 50.77 -11.28
C MET B 2464 27.38 51.71 -10.39
N SER B 2465 26.77 52.25 -9.34
CA SER B 2465 27.53 53.10 -8.39
C SER B 2465 28.61 52.24 -7.73
N MET B 2466 28.26 51.00 -7.40
CA MET B 2466 29.21 50.07 -6.74
C MET B 2466 30.37 49.78 -7.70
N VAL B 2467 30.08 49.62 -9.00
CA VAL B 2467 31.16 49.28 -9.97
C VAL B 2467 32.15 50.43 -9.99
N GLY B 2468 31.63 51.67 -9.97
CA GLY B 2468 32.54 52.84 -9.90
C GLY B 2468 33.32 52.79 -8.61
N TYR B 2469 32.66 52.42 -7.51
CA TYR B 2469 33.33 52.32 -6.19
C TYR B 2469 34.41 51.25 -6.21
N ILE B 2470 34.11 50.11 -6.84
CA ILE B 2470 35.10 48.99 -6.90
C ILE B 2470 36.30 49.49 -7.70
N LEU B 2471 36.04 50.23 -8.78
CA LEU B 2471 37.14 50.85 -9.55
C LEU B 2471 37.82 51.85 -8.62
N GLY B 2472 37.02 52.55 -7.83
CA GLY B 2472 37.55 53.62 -6.97
C GLY B 2472 37.71 54.86 -7.80
N LEU B 2473 37.29 54.80 -9.07
CA LEU B 2473 37.49 55.94 -9.99
C LEU B 2473 36.13 56.54 -10.35
N GLY B 2474 36.00 57.87 -10.22
CA GLY B 2474 34.73 58.54 -10.56
C GLY B 2474 34.66 59.91 -9.89
N ASP B 2475 34.07 59.96 -8.69
CA ASP B 2475 33.94 61.25 -7.95
C ASP B 2475 33.18 62.25 -8.83
N ARG B 2476 32.16 61.78 -9.56
CA ARG B 2476 31.42 62.66 -10.49
C ARG B 2476 30.70 63.76 -9.69
N HIS B 2477 30.68 64.98 -10.22
CA HIS B 2477 29.96 66.10 -9.55
C HIS B 2477 28.46 65.80 -9.59
N GLY B 2478 27.72 66.25 -8.59
CA GLY B 2478 26.25 66.05 -8.60
C GLY B 2478 25.67 66.75 -9.81
N GLU B 2479 26.15 67.95 -10.12
CA GLU B 2479 25.67 68.67 -11.33
C GLU B 2479 26.07 67.83 -12.55
N ASN B 2480 27.26 67.23 -12.52
CA ASN B 2480 27.73 66.38 -13.64
C ASN B 2480 26.79 65.17 -13.79
N ILE B 2481 26.34 64.59 -12.67
CA ILE B 2481 25.49 63.37 -12.75
C ILE B 2481 24.18 63.73 -13.47
N LEU B 2482 23.69 62.83 -14.34
CA LEU B 2482 22.47 63.12 -15.14
C LEU B 2482 21.41 62.04 -14.90
N PHE B 2483 20.16 62.44 -14.66
CA PHE B 2483 19.06 61.44 -14.51
C PHE B 2483 18.05 61.63 -15.64
N ASP B 2484 17.69 60.54 -16.34
CA ASP B 2484 16.75 60.65 -17.48
C ASP B 2484 15.40 61.13 -16.95
N SER B 2485 14.74 62.05 -17.64
CA SER B 2485 13.49 62.61 -17.07
C SER B 2485 12.39 61.55 -16.90
N LEU B 2486 12.19 60.69 -17.91
CA LEU B 2486 11.03 59.76 -17.83
C LEU B 2486 11.10 58.75 -16.67
N THR B 2487 12.26 58.12 -16.46
CA THR B 2487 12.33 57.07 -15.40
C THR B 2487 13.36 57.43 -14.37
N GLY B 2488 14.09 58.53 -14.56
CA GLY B 2488 15.23 58.87 -13.68
C GLY B 2488 16.29 57.78 -13.75
N GLU B 2489 17.36 58.02 -14.49
CA GLU B 2489 18.47 57.04 -14.56
C GLU B 2489 19.78 57.73 -14.14
N CYS B 2490 20.53 57.14 -13.20
CA CYS B 2490 21.78 57.77 -12.71
C CYS B 2490 22.83 57.83 -13.83
N VAL B 2491 23.58 58.93 -13.90
CA VAL B 2491 24.69 59.02 -14.90
C VAL B 2491 25.91 59.62 -14.19
N HIS B 2492 27.11 59.25 -14.63
CA HIS B 2492 28.33 59.89 -14.07
C HIS B 2492 29.01 60.63 -15.21
N VAL B 2493 29.35 61.92 -15.01
CA VAL B 2493 29.90 62.71 -16.15
C VAL B 2493 31.32 63.20 -15.79
N ASP B 2494 32.28 63.02 -16.71
CA ASP B 2494 33.64 63.58 -16.48
C ASP B 2494 34.19 63.08 -15.14
N PHE B 2495 34.02 61.79 -14.84
CA PHE B 2495 34.61 61.24 -13.60
C PHE B 2495 36.06 60.89 -13.91
N ASN B 2496 36.88 61.93 -14.08
CA ASN B 2496 38.32 61.75 -14.47
C ASN B 2496 39.09 61.01 -13.38
N CYS B 2497 38.83 61.29 -12.10
CA CYS B 2497 39.68 60.71 -11.03
C CYS B 2497 39.61 59.18 -11.05
N LEU B 2498 40.76 58.53 -10.88
CA LEU B 2498 40.83 57.05 -10.85
C LEU B 2498 41.42 56.63 -9.50
N PHE B 2499 40.80 55.65 -8.82
CA PHE B 2499 41.27 55.24 -7.48
C PHE B 2499 41.22 56.47 -6.56
N ASN B 2500 40.21 57.32 -6.74
CA ASN B 2500 40.00 58.49 -5.85
C ASN B 2500 41.24 59.38 -5.87
N LYS B 2501 41.87 59.54 -7.04
CA LYS B 2501 42.99 60.51 -7.10
C LYS B 2501 42.40 61.89 -6.80
N GLY B 2502 41.23 62.18 -7.36
CA GLY B 2502 40.54 63.45 -7.07
C GLY B 2502 40.16 63.53 -5.61
N GLU B 2503 39.70 62.41 -5.04
CA GLU B 2503 39.29 62.38 -3.61
C GLU B 2503 40.53 62.68 -2.75
N THR B 2504 41.67 62.11 -3.15
CA THR B 2504 42.92 62.35 -2.39
C THR B 2504 43.22 63.82 -2.46
N PHE B 2505 43.03 64.43 -3.64
CA PHE B 2505 43.24 65.89 -3.77
C PHE B 2505 42.23 66.62 -2.92
N GLU B 2506 42.67 67.65 -2.19
CA GLU B 2506 41.72 68.48 -1.41
C GLU B 2506 40.90 67.61 -0.46
N VAL B 2507 39.59 67.81 -0.44
CA VAL B 2507 38.67 67.02 0.44
C VAL B 2507 38.57 65.57 -0.05
N PRO B 2508 38.45 64.57 0.86
CA PRO B 2508 38.26 63.19 0.43
C PRO B 2508 36.93 62.70 0.99
N GLU B 2509 36.12 62.04 0.17
CA GLU B 2509 34.77 61.62 0.62
C GLU B 2509 34.78 60.11 0.87
N ILE B 2510 34.38 59.68 2.08
CA ILE B 2510 34.43 58.24 2.46
C ILE B 2510 33.48 57.40 1.59
N VAL B 2511 32.28 57.90 1.29
CA VAL B 2511 31.30 57.02 0.56
C VAL B 2511 31.87 56.69 -0.82
N PRO B 2512 31.79 55.43 -1.28
CA PRO B 2512 32.23 55.11 -2.63
C PRO B 2512 31.36 55.82 -3.63
N PHE B 2513 30.05 55.85 -3.36
CA PHE B 2513 29.09 56.50 -4.30
C PHE B 2513 28.34 57.59 -3.52
N ARG B 2514 28.22 58.79 -4.11
CA ARG B 2514 27.56 59.89 -3.37
C ARG B 2514 26.10 59.48 -3.13
N LEU B 2515 25.59 59.73 -1.92
CA LEU B 2515 24.21 59.30 -1.56
C LEU B 2515 23.46 60.48 -0.93
N THR B 2516 22.94 61.41 -1.72
CA THR B 2516 22.31 62.59 -1.09
C THR B 2516 21.17 62.08 -0.25
N HIS B 2517 21.00 62.61 0.96
CA HIS B 2517 19.97 62.05 1.87
C HIS B 2517 18.57 62.24 1.27
N ASN B 2518 18.32 63.42 0.71
CA ASN B 2518 17.01 63.66 0.05
C ASN B 2518 16.88 62.70 -1.13
N MET B 2519 17.95 62.54 -1.90
CA MET B 2519 17.92 61.65 -3.08
C MET B 2519 17.67 60.22 -2.59
N VAL B 2520 18.33 59.84 -1.51
CA VAL B 2520 18.16 58.47 -0.94
C VAL B 2520 16.70 58.34 -0.51
N ASN B 2521 16.14 59.38 0.09
CA ASN B 2521 14.74 59.33 0.58
C ASN B 2521 13.78 59.15 -0.59
N GLY B 2522 14.01 59.86 -1.70
CA GLY B 2522 13.14 59.69 -2.88
C GLY B 2522 13.24 58.28 -3.43
N MET B 2523 14.47 57.76 -3.50
CA MET B 2523 14.66 56.35 -3.95
C MET B 2523 13.98 55.45 -2.93
N GLY B 2524 14.14 55.76 -1.65
CA GLY B 2524 13.59 54.93 -0.57
C GLY B 2524 12.09 54.85 -0.62
N PRO B 2525 11.37 55.95 -0.92
CA PRO B 2525 9.92 55.91 -0.81
C PRO B 2525 9.75 55.55 0.66
N MET B 2526 8.97 54.53 0.97
CA MET B 2526 8.71 54.25 2.41
C MET B 2526 10.03 53.89 3.11
N GLY B 2527 10.90 53.09 2.50
CA GLY B 2527 12.21 52.82 3.12
C GLY B 2527 13.34 53.21 2.19
N THR B 2528 14.27 54.06 2.65
CA THR B 2528 15.34 54.57 1.77
C THR B 2528 16.20 53.42 1.29
N GLU B 2529 16.50 52.46 2.18
CA GLU B 2529 17.38 51.33 1.79
C GLU B 2529 16.68 50.56 0.68
N GLY B 2530 17.41 50.08 -0.32
CA GLY B 2530 16.74 49.45 -1.46
C GLY B 2530 17.03 47.96 -1.56
N LEU B 2531 15.98 47.14 -1.66
CA LEU B 2531 16.15 45.69 -1.87
C LEU B 2531 16.84 45.54 -3.24
N PHE B 2532 16.44 46.36 -4.21
CA PHE B 2532 17.07 46.33 -5.55
C PHE B 2532 18.53 46.69 -5.40
N ARG B 2533 18.84 47.65 -4.52
CA ARG B 2533 20.26 48.03 -4.28
C ARG B 2533 21.01 46.83 -3.70
N ARG B 2534 20.38 46.08 -2.79
CA ARG B 2534 21.02 44.85 -2.24
C ARG B 2534 21.22 43.86 -3.39
N ALA B 2535 20.24 43.76 -4.27
CA ALA B 2535 20.35 42.87 -5.46
C ALA B 2535 21.51 43.39 -6.31
N CYS B 2536 21.64 44.71 -6.40
CA CYS B 2536 22.72 45.33 -7.20
C CYS B 2536 24.07 44.91 -6.61
N GLU B 2537 24.16 44.85 -5.29
CA GLU B 2537 25.42 44.39 -4.64
C GLU B 2537 25.67 42.95 -5.07
N VAL B 2538 24.62 42.13 -5.15
CA VAL B 2538 24.75 40.72 -5.62
C VAL B 2538 25.23 40.75 -7.08
N THR B 2539 24.70 41.69 -7.87
CA THR B 2539 25.11 41.83 -9.28
C THR B 2539 26.57 42.18 -9.31
N MET B 2540 27.01 43.03 -8.39
CA MET B 2540 28.44 43.41 -8.29
C MET B 2540 29.22 42.14 -7.98
N ARG B 2541 28.69 41.27 -7.13
CA ARG B 2541 29.36 39.99 -6.79
C ARG B 2541 29.47 39.16 -8.08
N LEU B 2542 28.43 39.17 -8.91
CA LEU B 2542 28.49 38.45 -10.21
C LEU B 2542 29.59 39.08 -11.08
N MET B 2543 29.71 40.41 -11.04
CA MET B 2543 30.80 41.10 -11.79
C MET B 2543 32.12 40.62 -11.21
N ARG B 2544 32.18 40.46 -9.88
CA ARG B 2544 33.39 39.95 -9.20
C ARG B 2544 33.62 38.54 -9.75
N ASP B 2545 32.55 37.79 -9.97
CA ASP B 2545 32.67 36.40 -10.46
C ASP B 2545 33.39 36.43 -11.81
N GLN B 2546 33.05 37.40 -12.67
CA GLN B 2546 33.86 37.51 -13.92
C GLN B 2546 35.07 38.37 -13.58
N ARG B 2547 35.93 37.87 -12.67
CA ARG B 2547 37.14 38.62 -12.25
C ARG B 2547 38.08 38.80 -13.44
N GLU B 2548 38.25 37.76 -14.24
CA GLU B 2548 39.24 37.82 -15.35
C GLU B 2548 38.83 38.92 -16.34
N PRO B 2549 37.53 39.05 -16.69
CA PRO B 2549 37.17 40.07 -17.65
C PRO B 2549 37.50 41.41 -17.06
N LEU B 2550 37.19 41.57 -15.77
CA LEU B 2550 37.44 42.87 -15.10
C LEU B 2550 38.95 43.14 -15.08
N MET B 2551 39.75 42.12 -14.81
CA MET B 2551 41.21 42.31 -14.69
C MET B 2551 41.75 42.78 -16.05
N SER B 2552 41.26 42.18 -17.13
CA SER B 2552 41.77 42.54 -18.47
C SER B 2552 41.44 44.02 -18.74
N VAL B 2553 40.23 44.45 -18.36
CA VAL B 2553 39.81 45.86 -18.61
C VAL B 2553 40.72 46.80 -17.80
N LEU B 2554 41.00 46.43 -16.54
CA LEU B 2554 41.82 47.30 -15.67
C LEU B 2554 43.22 47.42 -16.28
N LYS B 2555 43.74 46.28 -16.77
CA LYS B 2555 45.09 46.28 -17.37
C LYS B 2555 45.05 47.17 -18.61
N THR B 2556 43.95 47.08 -19.37
CA THR B 2556 43.84 47.85 -20.62
C THR B 2556 43.86 49.32 -20.30
N PHE B 2557 43.18 49.74 -19.24
CA PHE B 2557 43.09 51.20 -18.99
C PHE B 2557 44.50 51.73 -18.73
N LEU B 2558 45.28 51.01 -17.93
CA LEU B 2558 46.70 51.42 -17.72
C LEU B 2558 47.47 51.30 -19.05
N HIS B 2559 47.20 50.24 -19.80
CA HIS B 2559 47.98 49.94 -21.04
C HIS B 2559 47.85 50.99 -22.16
N ASP B 2560 46.66 51.53 -22.41
CA ASP B 2560 46.52 52.40 -23.61
C ASP B 2560 47.42 53.62 -23.49
N PRO B 2561 48.14 54.01 -24.56
CA PRO B 2561 48.93 55.22 -24.51
C PRO B 2561 48.01 56.41 -24.35
N LEU B 2562 46.88 56.39 -25.07
CA LEU B 2562 45.92 57.53 -25.02
C LEU B 2562 45.40 57.66 -23.59
N VAL B 2563 45.09 56.54 -22.95
CA VAL B 2563 44.66 56.59 -21.52
C VAL B 2563 45.88 57.04 -20.71
N GLU B 2564 45.69 57.86 -19.67
CA GLU B 2564 46.88 58.20 -18.85
C GLU B 2564 46.77 57.48 -17.50
N TRP B 2565 47.74 56.62 -17.19
CA TRP B 2565 47.77 55.97 -15.86
C TRP B 2565 47.96 57.08 -14.82
N SER B 2566 48.81 58.06 -15.15
CA SER B 2566 49.04 59.20 -14.25
C SER B 2566 48.89 60.49 -15.08
N LYS B 2567 47.66 60.85 -15.45
CA LYS B 2567 47.41 62.08 -16.24
C LYS B 2567 48.48 62.19 -17.35
N HIS B 2572 50.46 63.85 -28.13
CA HIS B 2572 51.52 62.80 -28.18
C HIS B 2572 52.81 63.39 -28.75
N SER B 2573 53.05 64.68 -28.54
CA SER B 2573 54.36 65.23 -28.98
C SER B 2573 55.44 64.51 -28.15
N LYS B 2574 55.19 64.31 -26.86
CA LYS B 2574 56.14 63.56 -25.99
C LYS B 2574 56.24 62.11 -26.49
N ALA B 2575 55.12 61.52 -26.89
CA ALA B 2575 55.12 60.09 -27.30
C ALA B 2575 54.43 59.94 -28.65
N PRO B 2576 55.08 60.32 -29.77
CA PRO B 2576 54.43 60.25 -31.07
C PRO B 2576 54.10 58.80 -31.36
N LEU B 2577 55.01 57.89 -31.02
CA LEU B 2577 54.77 56.44 -31.21
C LEU B 2577 53.87 55.92 -30.07
N VAL B 2583 49.56 57.82 -20.23
CA VAL B 2583 50.52 58.07 -19.11
C VAL B 2583 50.78 56.75 -18.37
N VAL B 2584 51.86 56.68 -17.59
CA VAL B 2584 52.12 55.46 -16.76
C VAL B 2584 52.16 55.91 -15.29
N ASN B 2585 51.42 55.24 -14.41
CA ASN B 2585 51.49 55.58 -12.96
C ASN B 2585 51.93 54.36 -12.15
N GLU B 2586 52.94 54.51 -11.31
CA GLU B 2586 53.31 53.41 -10.38
C GLU B 2586 52.10 53.22 -9.47
N LYS B 2587 51.48 54.34 -9.08
CA LYS B 2587 50.27 54.31 -8.21
C LYS B 2587 49.18 53.55 -8.98
N ALA B 2588 49.09 53.78 -10.29
CA ALA B 2588 48.05 53.11 -11.11
C ALA B 2588 48.25 51.60 -11.06
N LYS B 2589 49.49 51.12 -11.12
CA LYS B 2589 49.74 49.67 -10.99
C LYS B 2589 49.28 49.20 -9.60
N THR B 2590 49.56 50.01 -8.58
CA THR B 2590 49.10 49.69 -7.20
C THR B 2590 47.59 49.68 -7.20
N HIS B 2591 46.99 50.61 -7.94
CA HIS B 2591 45.51 50.73 -8.02
C HIS B 2591 44.95 49.44 -8.64
N VAL B 2592 45.65 48.90 -9.62
CA VAL B 2592 45.20 47.62 -10.27
C VAL B 2592 45.21 46.54 -9.18
N LEU B 2593 46.22 46.53 -8.32
CA LEU B 2593 46.25 45.57 -7.19
C LEU B 2593 45.04 45.88 -6.29
N ASP B 2594 44.76 47.17 -6.10
CA ASP B 2594 43.60 47.60 -5.25
C ASP B 2594 42.30 47.10 -5.88
N ILE B 2595 42.20 47.14 -7.21
CA ILE B 2595 40.98 46.66 -7.93
C ILE B 2595 40.83 45.16 -7.64
N GLU B 2596 41.94 44.43 -7.63
CA GLU B 2596 41.89 42.98 -7.28
C GLU B 2596 41.40 42.88 -5.84
N GLN B 2597 41.85 43.78 -4.98
CA GLN B 2597 41.40 43.79 -3.57
C GLN B 2597 39.89 44.08 -3.55
N ARG B 2598 39.42 44.97 -4.43
CA ARG B 2598 37.97 45.28 -4.51
C ARG B 2598 37.23 44.01 -4.92
N LEU B 2599 37.80 43.24 -5.85
CA LEU B 2599 37.18 41.96 -6.25
C LEU B 2599 37.15 41.05 -5.01
N GLN B 2600 38.22 41.07 -4.23
CA GLN B 2600 38.26 40.28 -2.96
C GLN B 2600 37.17 40.82 -2.03
N GLY B 2601 36.97 42.14 -2.01
CA GLY B 2601 36.02 42.74 -1.07
C GLY B 2601 36.65 42.94 0.29
N VAL B 2602 37.96 42.66 0.39
CA VAL B 2602 38.69 42.89 1.68
C VAL B 2602 38.71 44.40 1.95
N ILE B 2603 38.54 44.81 3.22
CA ILE B 2603 38.45 46.26 3.54
C ILE B 2603 39.77 46.94 3.14
N LYS B 2604 40.91 46.30 3.42
CA LYS B 2604 42.24 46.87 3.10
C LYS B 2604 42.55 48.02 4.07
N THR B 2605 41.67 49.03 4.15
CA THR B 2605 41.89 50.21 5.01
C THR B 2605 41.97 49.78 6.46
N ARG B 2606 41.13 48.83 6.88
CA ARG B 2606 41.10 48.46 8.32
C ARG B 2606 42.47 47.90 8.71
N ASN B 2607 42.95 48.24 9.91
CA ASN B 2607 44.32 47.82 10.33
C ASN B 2607 44.38 46.29 10.42
N ARG B 2608 45.52 45.71 10.02
CA ARG B 2608 45.69 44.24 10.04
C ARG B 2608 44.59 43.61 9.16
N VAL B 2609 43.89 42.60 9.68
CA VAL B 2609 42.82 41.91 8.90
C VAL B 2609 43.42 41.42 7.57
N PRO B 2613 38.86 37.53 4.76
CA PRO B 2613 37.81 37.98 5.65
C PRO B 2613 36.94 39.02 4.97
N LEU B 2614 36.61 38.80 3.70
CA LEU B 2614 35.81 39.79 2.94
C LEU B 2614 34.47 39.18 2.52
N SER B 2615 33.35 39.85 2.80
CA SER B 2615 32.02 39.36 2.36
C SER B 2615 31.36 40.44 1.49
N ILE B 2616 30.88 40.07 0.30
CA ILE B 2616 30.31 41.10 -0.61
C ILE B 2616 29.08 41.74 0.05
N GLU B 2617 28.23 40.93 0.69
CA GLU B 2617 27.00 41.48 1.30
C GLU B 2617 27.38 42.45 2.44
N GLY B 2618 28.39 42.07 3.23
CA GLY B 2618 28.85 42.97 4.31
C GLY B 2618 29.41 44.23 3.71
N HIS B 2619 30.16 44.09 2.61
CA HIS B 2619 30.80 45.27 1.96
C HIS B 2619 29.70 46.21 1.48
N VAL B 2620 28.63 45.64 0.93
CA VAL B 2620 27.50 46.48 0.43
C VAL B 2620 26.89 47.23 1.62
N HIS B 2621 26.73 46.54 2.75
CA HIS B 2621 26.17 47.19 3.96
C HIS B 2621 27.13 48.30 4.40
N TYR B 2622 28.43 48.00 4.35
CA TYR B 2622 29.46 48.99 4.75
C TYR B 2622 29.38 50.18 3.82
N LEU B 2623 29.19 49.92 2.53
CA LEU B 2623 29.13 51.01 1.54
C LEU B 2623 27.91 51.88 1.86
N ILE B 2624 26.80 51.24 2.21
CA ILE B 2624 25.57 52.00 2.57
C ILE B 2624 25.91 52.83 3.81
N GLN B 2625 26.64 52.23 4.75
CA GLN B 2625 27.02 52.95 6.00
C GLN B 2625 27.90 54.15 5.65
N GLU B 2626 28.84 53.97 4.73
CA GLU B 2626 29.78 55.08 4.40
C GLU B 2626 29.00 56.27 3.84
N ALA B 2627 28.04 55.99 2.96
CA ALA B 2627 27.17 57.07 2.43
C ALA B 2627 26.36 57.65 3.58
N THR B 2628 25.87 56.79 4.47
CA THR B 2628 24.98 57.21 5.57
C THR B 2628 25.66 58.16 6.54
N ASP B 2629 26.94 57.93 6.88
CA ASP B 2629 27.54 58.72 7.98
C ASP B 2629 27.59 60.22 7.68
N GLU B 2630 27.19 61.04 8.65
CA GLU B 2630 27.30 62.51 8.54
C GLU B 2630 28.79 62.88 8.47
N ASN B 2631 29.61 62.19 9.25
CA ASN B 2631 31.06 62.52 9.34
C ASN B 2631 31.71 62.34 7.97
N LEU B 2632 31.32 61.29 7.25
CA LEU B 2632 31.89 61.07 5.89
C LEU B 2632 31.49 62.26 5.01
N LEU B 2633 30.25 62.74 5.16
CA LEU B 2633 29.79 63.92 4.41
C LEU B 2633 30.64 65.14 4.84
N CYS B 2634 30.93 65.25 6.14
CA CYS B 2634 31.72 66.38 6.66
C CYS B 2634 33.13 66.32 6.04
N GLN B 2635 33.69 65.12 5.91
CA GLN B 2635 35.05 64.96 5.35
C GLN B 2635 35.03 65.46 3.90
N MET B 2636 33.96 65.15 3.16
CA MET B 2636 33.82 65.66 1.77
C MET B 2636 33.68 67.19 1.81
N TYR B 2637 34.33 67.88 0.88
CA TYR B 2637 34.17 69.36 0.76
C TYR B 2637 33.69 69.64 -0.66
N LEU B 2638 32.65 70.47 -0.82
CA LEU B 2638 32.12 70.65 -2.19
C LEU B 2638 31.68 69.26 -2.66
N GLY B 2639 32.10 68.84 -3.86
CA GLY B 2639 31.61 67.54 -4.37
C GLY B 2639 30.10 67.57 -4.46
N TRP B 2640 29.41 66.59 -3.88
CA TRP B 2640 27.93 66.66 -3.89
C TRP B 2640 27.52 67.92 -3.12
N THR B 2641 28.18 68.21 -2.00
CA THR B 2641 27.92 69.48 -1.30
C THR B 2641 26.44 69.56 -1.02
N PRO B 2642 25.79 68.46 -0.61
CA PRO B 2642 24.34 68.49 -0.48
C PRO B 2642 23.87 68.42 0.96
N TYR B 2643 22.96 69.33 1.32
CA TYR B 2643 22.38 69.30 2.68
C TYR B 2643 21.67 67.97 2.81
N MET B 2644 20.98 67.56 1.75
CA MET B 2644 20.35 66.21 1.75
C MET B 2644 20.82 65.53 0.46
N PHE C 408 -55.72 -20.98 -14.71
CA PHE C 408 -54.64 -21.85 -14.17
C PHE C 408 -54.72 -21.86 -12.64
N PRO C 409 -55.10 -23.00 -12.01
CA PRO C 409 -55.13 -23.05 -10.56
C PRO C 409 -53.73 -22.92 -9.98
N LEU C 410 -53.61 -22.19 -8.87
CA LEU C 410 -52.28 -21.98 -8.22
C LEU C 410 -51.76 -23.31 -7.64
N CYS C 411 -50.45 -23.55 -7.75
CA CYS C 411 -49.82 -24.76 -7.15
C CYS C 411 -49.77 -24.59 -5.62
N GLN C 412 -49.68 -25.69 -4.87
CA GLN C 412 -49.53 -25.54 -3.40
C GLN C 412 -48.23 -24.77 -3.16
N LEU C 413 -47.16 -25.08 -3.90
CA LEU C 413 -45.93 -24.26 -3.81
C LEU C 413 -45.47 -24.14 -2.35
N PRO C 414 -45.46 -25.24 -1.57
CA PRO C 414 -45.11 -25.10 -0.16
C PRO C 414 -43.69 -24.58 0.00
N GLY C 415 -43.46 -23.73 1.00
CA GLY C 415 -42.14 -23.10 1.18
C GLY C 415 -42.01 -21.84 0.34
N ALA C 416 -43.09 -21.47 -0.37
CA ALA C 416 -43.08 -20.20 -1.12
C ALA C 416 -42.92 -19.06 -0.12
N VAL C 417 -43.58 -19.20 1.04
CA VAL C 417 -43.53 -18.14 2.09
C VAL C 417 -42.07 -17.98 2.57
N HIS C 418 -41.35 -19.09 2.72
CA HIS C 418 -39.92 -18.97 3.12
C HIS C 418 -39.17 -18.21 2.02
N PHE C 419 -39.47 -18.52 0.76
CA PHE C 419 -38.85 -17.77 -0.35
C PHE C 419 -39.30 -16.32 -0.27
N LEU C 420 -40.59 -16.11 0.05
CA LEU C 420 -41.14 -14.73 0.16
C LEU C 420 -40.42 -13.98 1.28
N PRO C 421 -40.12 -14.62 2.43
CA PRO C 421 -39.46 -13.91 3.50
C PRO C 421 -38.10 -13.44 2.99
N LEU C 422 -37.41 -14.31 2.25
CA LEU C 422 -36.11 -13.91 1.67
C LEU C 422 -36.35 -12.76 0.67
N VAL C 423 -37.43 -12.85 -0.10
CA VAL C 423 -37.77 -11.76 -1.07
C VAL C 423 -38.05 -10.49 -0.25
N GLN C 424 -38.73 -10.63 0.88
CA GLN C 424 -39.02 -9.46 1.74
C GLN C 424 -37.69 -8.87 2.23
N PHE C 425 -36.74 -9.73 2.60
CA PHE C 425 -35.40 -9.24 3.04
C PHE C 425 -34.74 -8.51 1.89
N PHE C 426 -34.85 -9.05 0.67
CA PHE C 426 -34.30 -8.36 -0.52
C PHE C 426 -35.02 -7.04 -0.70
N ILE C 427 -36.34 -7.05 -0.49
CA ILE C 427 -37.16 -5.80 -0.58
C ILE C 427 -36.65 -4.85 0.51
N GLY C 428 -36.35 -5.40 1.70
CA GLY C 428 -35.88 -4.57 2.82
C GLY C 428 -34.56 -3.90 2.46
N LEU C 429 -33.68 -4.62 1.77
CA LEU C 429 -32.41 -4.01 1.32
C LEU C 429 -32.72 -2.88 0.32
N HIS C 430 -32.00 -1.76 0.41
CA HIS C 430 -32.24 -0.60 -0.51
C HIS C 430 -33.42 0.22 0.00
N CYS C 431 -33.95 -0.12 1.17
CA CYS C 431 -35.13 0.59 1.75
C CYS C 431 -34.77 2.07 2.03
N GLN C 432 -33.57 2.32 2.54
CA GLN C 432 -33.18 3.71 2.92
C GLN C 432 -33.20 4.62 1.68
N ALA C 433 -32.72 4.12 0.54
CA ALA C 433 -32.65 4.96 -0.68
C ALA C 433 -34.06 5.40 -1.06
N LEU C 434 -35.04 4.50 -0.96
CA LEU C 434 -36.45 4.87 -1.26
C LEU C 434 -36.48 6.25 -1.93
N SER C 467 -22.50 1.79 -6.74
CA SER C 467 -22.45 1.07 -5.44
C SER C 467 -23.77 1.25 -4.69
N VAL C 468 -24.74 1.93 -5.31
CA VAL C 468 -26.05 2.20 -4.63
C VAL C 468 -27.18 1.54 -5.45
N CYS C 469 -28.06 0.78 -4.78
CA CYS C 469 -29.22 0.15 -5.47
C CYS C 469 -28.78 -1.16 -6.13
N ILE C 470 -27.53 -1.59 -5.91
CA ILE C 470 -27.08 -2.92 -6.45
C ILE C 470 -27.94 -4.00 -5.78
N LEU C 471 -28.21 -3.85 -4.48
CA LEU C 471 -29.10 -4.80 -3.77
C LEU C 471 -30.50 -4.71 -4.38
N GLU C 472 -30.93 -3.50 -4.72
CA GLU C 472 -32.28 -3.29 -5.31
C GLU C 472 -32.36 -4.03 -6.65
N GLY C 473 -31.29 -3.99 -7.44
CA GLY C 473 -31.29 -4.73 -8.72
C GLY C 473 -31.39 -6.22 -8.46
N PHE C 474 -30.69 -6.73 -7.44
CA PHE C 474 -30.79 -8.16 -7.07
C PHE C 474 -32.22 -8.42 -6.63
N SER C 475 -32.80 -7.47 -5.88
CA SER C 475 -34.21 -7.61 -5.43
C SER C 475 -35.13 -7.64 -6.65
N VAL C 476 -34.84 -6.82 -7.67
CA VAL C 476 -35.66 -6.82 -8.92
C VAL C 476 -35.51 -8.20 -9.60
N THR C 477 -34.29 -8.76 -9.61
CA THR C 477 -34.12 -10.11 -10.18
C THR C 477 -34.93 -11.06 -9.32
N ALA C 478 -34.88 -10.87 -8.00
CA ALA C 478 -35.67 -11.71 -7.09
C ALA C 478 -37.16 -11.49 -7.39
N LEU C 479 -37.54 -10.24 -7.67
CA LEU C 479 -38.96 -9.91 -7.92
C LEU C 479 -39.46 -10.66 -9.16
N SER C 480 -38.64 -10.75 -10.21
CA SER C 480 -39.06 -11.55 -11.38
C SER C 480 -39.23 -13.02 -10.95
N ILE C 481 -38.28 -13.52 -10.15
CA ILE C 481 -38.42 -14.90 -9.61
C ILE C 481 -39.66 -14.92 -8.72
N LEU C 482 -39.86 -13.85 -7.95
CA LEU C 482 -41.03 -13.77 -7.02
C LEU C 482 -42.30 -13.81 -7.87
N GLN C 483 -42.30 -13.15 -9.02
CA GLN C 483 -43.54 -13.12 -9.84
C GLN C 483 -43.85 -14.57 -10.25
N HIS C 484 -42.83 -15.34 -10.63
CA HIS C 484 -43.06 -16.77 -10.93
C HIS C 484 -43.54 -17.47 -9.66
N LEU C 485 -42.93 -17.14 -8.53
CA LEU C 485 -43.34 -17.73 -7.23
C LEU C 485 -44.78 -17.30 -6.90
N VAL C 486 -45.11 -16.04 -7.17
CA VAL C 486 -46.50 -15.53 -6.90
C VAL C 486 -47.44 -16.33 -7.79
N CYS C 487 -47.02 -16.58 -9.04
CA CYS C 487 -47.86 -17.42 -9.93
C CYS C 487 -47.93 -18.83 -9.30
N HIS C 488 -46.82 -19.31 -8.77
CA HIS C 488 -46.79 -20.69 -8.21
C HIS C 488 -47.73 -20.81 -7.00
N SER C 489 -47.78 -19.83 -6.09
CA SER C 489 -48.62 -20.02 -4.89
C SER C 489 -49.70 -18.94 -4.76
N GLY C 490 -50.97 -19.35 -4.64
CA GLY C 490 -52.05 -18.38 -4.38
C GLY C 490 -51.82 -17.71 -3.04
N ALA C 491 -51.40 -18.51 -2.05
CA ALA C 491 -51.22 -17.98 -0.68
C ALA C 491 -50.13 -16.91 -0.67
N VAL C 492 -49.05 -17.13 -1.43
CA VAL C 492 -47.94 -16.14 -1.38
C VAL C 492 -48.48 -14.79 -1.88
N VAL C 493 -49.29 -14.81 -2.95
CA VAL C 493 -49.92 -13.56 -3.44
C VAL C 493 -50.85 -13.02 -2.34
N SER C 494 -51.59 -13.92 -1.68
CA SER C 494 -52.54 -13.50 -0.63
C SER C 494 -51.78 -12.86 0.53
N LEU C 495 -50.62 -13.43 0.89
CA LEU C 495 -49.81 -12.86 1.99
C LEU C 495 -49.35 -11.45 1.60
N LEU C 496 -48.94 -11.27 0.35
CA LEU C 496 -48.53 -9.92 -0.12
C LEU C 496 -49.76 -9.01 -0.05
N LEU C 497 -50.94 -9.53 -0.45
CA LEU C 497 -52.18 -8.74 -0.41
C LEU C 497 -52.47 -8.36 1.06
N SER C 498 -52.25 -9.30 1.97
CA SER C 498 -52.48 -9.03 3.42
C SER C 498 -51.51 -7.91 3.86
N GLY C 499 -50.27 -7.95 3.37
CA GLY C 499 -49.30 -6.91 3.73
C GLY C 499 -48.85 -7.07 5.17
N HIS C 536 -45.23 -9.35 0.95
CA HIS C 536 -46.37 -8.95 1.81
C HIS C 536 -46.31 -7.45 2.08
N PRO C 537 -46.03 -7.03 3.33
CA PRO C 537 -45.89 -5.61 3.62
C PRO C 537 -44.71 -5.06 2.84
N LEU C 538 -43.63 -5.83 2.77
CA LEU C 538 -42.44 -5.40 2.00
C LEU C 538 -42.85 -5.27 0.53
N LEU C 539 -43.66 -6.21 0.04
CA LEU C 539 -44.16 -6.12 -1.36
C LEU C 539 -45.01 -4.85 -1.50
N LYS C 540 -45.84 -4.54 -0.49
CA LYS C 540 -46.64 -3.30 -0.53
C LYS C 540 -45.70 -2.09 -0.54
N MET C 541 -44.62 -2.15 0.25
CA MET C 541 -43.62 -1.04 0.25
C MET C 541 -42.98 -0.98 -1.13
N LEU C 542 -42.67 -2.13 -1.73
CA LEU C 542 -42.09 -2.16 -3.09
C LEU C 542 -43.10 -1.56 -4.08
N LEU C 543 -44.39 -1.88 -3.90
CA LEU C 543 -45.43 -1.31 -4.79
C LEU C 543 -45.44 0.20 -4.62
N HIS C 544 -45.29 0.67 -3.39
CA HIS C 544 -45.23 2.14 -3.13
C HIS C 544 -43.98 2.71 -3.84
N LEU C 545 -42.88 1.97 -3.78
CA LEU C 545 -41.62 2.43 -4.42
C LEU C 545 -41.85 2.59 -5.93
N ALA C 558 -35.59 2.69 -11.76
CA ALA C 558 -35.93 3.25 -13.09
C ALA C 558 -36.47 2.13 -13.99
N SER C 559 -35.65 1.70 -14.95
CA SER C 559 -36.07 0.57 -15.84
C SER C 559 -36.25 -0.68 -14.99
N VAL C 560 -35.36 -0.89 -14.03
CA VAL C 560 -35.48 -2.06 -13.10
C VAL C 560 -36.78 -1.91 -12.31
N LEU C 561 -37.09 -0.68 -11.88
CA LEU C 561 -38.35 -0.43 -11.12
C LEU C 561 -39.53 -0.78 -12.03
N THR C 562 -39.45 -0.41 -13.31
CA THR C 562 -40.53 -0.75 -14.26
C THR C 562 -40.61 -2.26 -14.37
N GLN C 563 -39.46 -2.93 -14.42
CA GLN C 563 -39.45 -4.42 -14.48
C GLN C 563 -40.07 -4.98 -13.19
N CYS C 564 -39.76 -4.37 -12.04
CA CYS C 564 -40.37 -4.81 -10.76
C CYS C 564 -41.88 -4.57 -10.84
N LEU C 565 -42.29 -3.44 -11.42
CA LEU C 565 -43.74 -3.15 -11.59
C LEU C 565 -44.32 -4.21 -12.52
N LYS C 566 -43.58 -4.59 -13.56
CA LYS C 566 -44.05 -5.65 -14.50
C LYS C 566 -44.19 -6.96 -13.70
N VAL C 567 -43.25 -7.24 -12.81
CA VAL C 567 -43.35 -8.46 -11.95
C VAL C 567 -44.61 -8.32 -11.08
N LEU C 568 -44.87 -7.11 -10.55
CA LEU C 568 -46.09 -6.88 -9.75
C LEU C 568 -47.32 -7.10 -10.64
N VAL C 569 -47.25 -6.64 -11.89
CA VAL C 569 -48.38 -6.82 -12.85
C VAL C 569 -48.60 -8.32 -13.07
N LYS C 570 -47.51 -9.09 -13.17
CA LYS C 570 -47.63 -10.56 -13.34
C LYS C 570 -48.30 -11.12 -12.08
N LEU C 571 -47.93 -10.62 -10.91
CA LEU C 571 -48.55 -11.07 -9.64
C LEU C 571 -50.05 -10.71 -9.68
N ALA C 572 -50.38 -9.52 -10.20
CA ALA C 572 -51.79 -9.14 -10.31
C ALA C 572 -52.51 -10.09 -11.26
N GLU C 573 -51.86 -10.47 -12.37
CA GLU C 573 -52.46 -11.45 -13.31
C GLU C 573 -52.62 -12.77 -12.55
N ASN C 574 -51.62 -13.12 -11.74
CA ASN C 574 -51.67 -14.36 -10.92
C ASN C 574 -52.84 -14.27 -9.94
N THR C 575 -53.10 -13.08 -9.37
CA THR C 575 -54.11 -12.96 -8.30
C THR C 575 -55.48 -13.35 -8.81
N SER C 576 -56.25 -14.07 -7.97
CA SER C 576 -57.61 -14.55 -8.34
C SER C 576 -58.61 -13.39 -8.40
N CYS C 577 -59.69 -13.54 -9.17
CA CYS C 577 -60.69 -12.46 -9.36
C CYS C 577 -61.38 -12.13 -8.04
N ASP C 578 -61.81 -10.88 -7.85
CA ASP C 578 -62.40 -10.39 -6.56
C ASP C 578 -61.25 -10.18 -5.57
N PHE C 579 -60.43 -11.19 -5.31
CA PHE C 579 -59.23 -10.94 -4.48
C PHE C 579 -58.38 -9.94 -5.26
N LEU C 580 -58.29 -10.13 -6.58
CA LEU C 580 -57.57 -9.16 -7.45
C LEU C 580 -58.30 -7.81 -7.40
N PRO C 581 -59.65 -7.77 -7.40
CA PRO C 581 -60.33 -6.49 -7.32
C PRO C 581 -59.96 -5.84 -6.00
N ARG C 582 -59.89 -6.63 -4.93
CA ARG C 582 -59.47 -6.09 -3.62
C ARG C 582 -58.03 -5.59 -3.74
N PHE C 583 -57.17 -6.33 -4.44
CA PHE C 583 -55.77 -5.87 -4.67
C PHE C 583 -55.79 -4.58 -5.50
N GLN C 584 -56.67 -4.53 -6.50
CA GLN C 584 -56.80 -3.28 -7.31
C GLN C 584 -57.28 -2.16 -6.37
N CYS C 585 -58.20 -2.50 -5.48
CA CYS C 585 -58.67 -1.52 -4.47
C CYS C 585 -57.47 -1.14 -3.59
N VAL C 586 -56.63 -2.13 -3.25
CA VAL C 586 -55.48 -1.86 -2.33
C VAL C 586 -54.56 -0.83 -3.01
N PHE C 587 -54.32 -0.94 -4.32
CA PHE C 587 -53.53 0.14 -4.97
C PHE C 587 -54.37 1.39 -4.88
N GLN C 588 -53.79 2.53 -4.52
CA GLN C 588 -54.66 3.72 -4.33
C GLN C 588 -55.30 4.08 -5.68
N VAL C 589 -54.52 4.07 -6.75
CA VAL C 589 -55.08 4.32 -8.12
C VAL C 589 -54.12 3.71 -9.15
N LEU C 590 -54.60 3.42 -10.35
CA LEU C 590 -53.66 2.98 -11.42
C LEU C 590 -52.72 4.16 -11.67
N PRO C 591 -53.24 5.41 -11.70
CA PRO C 591 -52.38 6.57 -11.87
C PRO C 591 -51.43 6.71 -10.70
N LYS C 592 -51.92 6.44 -9.49
CA LYS C 592 -51.05 6.51 -8.29
C LYS C 592 -49.95 5.45 -8.46
N CYS C 593 -50.31 4.28 -8.97
CA CYS C 593 -49.28 3.24 -9.25
C CYS C 593 -48.32 3.78 -10.31
N LEU C 594 -48.85 4.47 -11.33
CA LEU C 594 -47.99 5.02 -12.42
C LEU C 594 -46.95 5.98 -11.80
N PRO C 601 -42.11 6.44 -20.99
CA PRO C 601 -41.65 5.99 -22.29
C PRO C 601 -41.32 4.50 -22.26
N SER C 602 -40.04 4.17 -22.00
CA SER C 602 -39.65 2.74 -21.88
C SER C 602 -40.40 2.13 -20.69
N VAL C 603 -40.52 2.88 -19.60
CA VAL C 603 -41.30 2.40 -18.42
C VAL C 603 -42.75 2.22 -18.87
N LEU C 604 -43.27 3.14 -19.67
CA LEU C 604 -44.65 2.99 -20.21
C LEU C 604 -44.67 1.73 -21.09
N LEU C 605 -43.62 1.52 -21.89
CA LEU C 605 -43.54 0.30 -22.73
C LEU C 605 -43.52 -0.92 -21.81
N ALA C 606 -42.78 -0.84 -20.71
CA ALA C 606 -42.77 -1.96 -19.73
C ALA C 606 -44.18 -2.14 -19.16
N VAL C 607 -44.85 -1.01 -18.88
CA VAL C 607 -46.23 -1.07 -18.32
C VAL C 607 -47.13 -1.75 -19.37
N GLU C 608 -46.94 -1.42 -20.64
CA GLU C 608 -47.72 -2.07 -21.73
C GLU C 608 -47.44 -3.58 -21.71
N LEU C 610 -52.42 -1.13 -15.82
CA LEU C 610 -52.03 -0.83 -17.22
C LEU C 610 -52.41 -2.01 -18.11
N SER C 611 -51.41 -2.66 -18.71
CA SER C 611 -51.69 -3.87 -19.53
C SER C 611 -52.32 -4.93 -18.63
N LEU C 612 -51.81 -5.07 -17.41
CA LEU C 612 -52.37 -6.04 -16.44
C LEU C 612 -53.83 -5.64 -16.11
N LEU C 613 -54.09 -4.35 -15.95
CA LEU C 613 -55.48 -3.92 -15.70
C LEU C 613 -56.33 -4.31 -16.92
N ALA C 614 -55.80 -4.10 -18.13
CA ALA C 614 -56.52 -4.55 -19.34
C ALA C 614 -56.64 -6.08 -19.32
N ASP C 615 -55.56 -6.77 -18.90
CA ASP C 615 -55.54 -8.25 -18.93
C ASP C 615 -56.61 -8.85 -18.01
N HIS C 616 -56.81 -8.27 -16.82
CA HIS C 616 -57.75 -8.89 -15.85
C HIS C 616 -58.94 -7.97 -15.62
N ASP C 617 -60.16 -8.52 -15.72
CA ASP C 617 -61.38 -7.68 -15.51
C ASP C 617 -61.38 -7.19 -14.07
N GLN C 618 -61.79 -5.94 -13.85
CA GLN C 618 -61.73 -5.35 -12.48
C GLN C 618 -63.13 -4.96 -12.02
N LEU C 619 -63.50 -5.30 -10.78
CA LEU C 619 -64.80 -4.84 -10.26
C LEU C 619 -64.73 -3.30 -10.19
N ALA C 620 -65.82 -2.61 -10.51
CA ALA C 620 -65.79 -1.13 -10.57
C ALA C 620 -64.70 -0.68 -11.55
N PRO C 621 -64.55 -1.36 -12.71
CA PRO C 621 -63.49 -1.00 -13.64
C PRO C 621 -63.68 0.41 -14.14
N GLN C 622 -64.93 0.80 -14.40
CA GLN C 622 -65.21 2.17 -14.87
C GLN C 622 -64.79 3.15 -13.77
N LEU C 623 -65.06 2.82 -12.51
CA LEU C 623 -64.62 3.68 -11.38
C LEU C 623 -63.09 3.72 -11.37
N CYS C 624 -62.44 2.57 -11.61
CA CYS C 624 -60.96 2.52 -11.66
C CYS C 624 -60.47 3.39 -12.83
N SER C 625 -61.18 3.34 -13.96
CA SER C 625 -60.79 4.14 -15.17
C SER C 625 -60.91 5.63 -14.85
N HIS C 626 -59.98 6.44 -15.37
CA HIS C 626 -59.99 7.89 -15.09
C HIS C 626 -60.23 8.66 -16.39
N SER C 627 -61.18 9.61 -16.38
CA SER C 627 -61.42 10.43 -17.59
C SER C 627 -60.15 11.23 -17.88
N GLU C 628 -59.50 11.74 -16.82
CA GLU C 628 -58.21 12.43 -17.00
C GLU C 628 -57.26 11.54 -17.82
N LEU C 632 -55.17 6.98 -18.38
CA LEU C 632 -56.34 6.59 -19.20
C LEU C 632 -56.30 7.34 -20.53
N LEU C 633 -56.90 8.54 -20.58
CA LEU C 633 -56.82 9.36 -21.81
C LEU C 633 -55.36 9.72 -22.05
N LEU C 634 -54.63 10.04 -20.98
CA LEU C 634 -53.19 10.37 -21.10
C LEU C 634 -52.45 9.14 -21.64
N LEU C 635 -52.81 7.96 -21.14
CA LEU C 635 -52.17 6.71 -21.65
C LEU C 635 -52.50 6.55 -23.14
N TYR C 636 -53.75 6.84 -23.53
CA TYR C 636 -54.12 6.78 -24.97
C TYR C 636 -53.30 7.80 -25.72
N MET C 637 -53.14 8.99 -25.12
CA MET C 637 -52.31 10.05 -25.76
C MET C 637 -50.87 9.56 -25.87
N TYR C 638 -50.38 8.88 -24.83
CA TYR C 638 -49.00 8.34 -24.83
C TYR C 638 -48.87 7.32 -25.96
N ILE C 639 -49.90 6.49 -26.13
CA ILE C 639 -49.87 5.47 -27.24
C ILE C 639 -49.83 6.23 -28.58
N THR C 640 -50.61 7.32 -28.69
CA THR C 640 -50.57 8.14 -29.92
C THR C 640 -49.18 8.74 -30.03
N SER C 641 -48.62 9.15 -28.90
CA SER C 641 -47.27 9.79 -28.88
C SER C 641 -46.21 8.82 -29.38
N ARG C 642 -46.29 7.53 -29.03
CA ARG C 642 -45.20 6.60 -29.40
C ARG C 642 -43.92 7.19 -28.81
N PRO C 643 -43.96 7.71 -27.56
CA PRO C 643 -42.83 8.40 -26.97
C PRO C 643 -41.57 7.56 -26.79
N ASP C 644 -41.71 6.28 -26.41
CA ASP C 644 -40.50 5.47 -26.11
C ASP C 644 -39.63 5.41 -27.37
N ARG C 645 -38.31 5.53 -27.20
CA ARG C 645 -37.40 5.59 -28.38
C ARG C 645 -37.46 4.27 -29.17
N VAL C 646 -37.51 3.12 -28.49
CA VAL C 646 -37.45 1.85 -29.27
C VAL C 646 -38.68 1.77 -30.18
N ALA C 647 -39.86 2.14 -29.67
CA ALA C 647 -41.06 2.23 -30.54
C ALA C 647 -41.26 0.90 -31.27
N LEU C 648 -41.07 -0.24 -30.60
CA LEU C 648 -41.12 -1.52 -31.35
C LEU C 648 -42.53 -1.69 -31.93
N GLU C 649 -42.61 -2.15 -33.18
CA GLU C 649 -43.93 -2.34 -33.83
C GLU C 649 -44.69 -3.43 -33.05
N THR C 650 -43.99 -4.48 -32.65
CA THR C 650 -44.62 -5.57 -31.89
C THR C 650 -45.13 -5.02 -30.58
N GLN C 651 -44.33 -4.17 -29.94
CA GLN C 651 -44.77 -3.54 -28.66
C GLN C 651 -46.00 -2.67 -28.92
N TRP C 652 -45.99 -1.93 -30.03
CA TRP C 652 -47.18 -1.11 -30.39
C TRP C 652 -48.36 -2.03 -30.64
N LEU C 653 -48.12 -3.14 -31.34
CA LEU C 653 -49.20 -4.13 -31.62
C LEU C 653 -49.70 -4.70 -30.28
N GLN C 654 -48.77 -4.99 -29.37
CA GLN C 654 -49.16 -5.52 -28.04
C GLN C 654 -50.00 -4.47 -27.33
N LEU C 655 -49.59 -3.20 -27.42
CA LEU C 655 -50.37 -2.11 -26.79
C LEU C 655 -51.75 -2.06 -27.45
N GLU C 656 -51.80 -2.22 -28.77
CA GLU C 656 -53.09 -2.19 -29.49
C GLU C 656 -53.95 -3.37 -29.02
N GLN C 657 -53.33 -4.55 -28.85
CA GLN C 657 -54.10 -5.72 -28.35
C GLN C 657 -54.60 -5.40 -26.94
N GLU C 658 -53.75 -4.79 -26.12
CA GLU C 658 -54.16 -4.41 -24.75
C GLU C 658 -55.29 -3.38 -24.85
N VAL C 659 -55.17 -2.44 -25.78
CA VAL C 659 -56.22 -1.40 -25.96
C VAL C 659 -57.52 -2.10 -26.38
N VAL C 660 -57.43 -3.09 -27.26
CA VAL C 660 -58.64 -3.83 -27.71
C VAL C 660 -59.22 -4.54 -26.49
N TRP C 661 -58.36 -5.12 -25.65
CA TRP C 661 -58.85 -5.77 -24.41
C TRP C 661 -59.50 -4.72 -23.52
N LEU C 662 -58.87 -3.55 -23.43
CA LEU C 662 -59.41 -2.45 -22.59
C LEU C 662 -60.78 -2.03 -23.16
N LEU C 663 -60.88 -1.95 -24.49
CA LEU C 663 -62.17 -1.58 -25.12
C LEU C 663 -63.21 -2.66 -24.78
N ALA C 664 -62.79 -3.92 -24.85
CA ALA C 664 -63.72 -5.03 -24.50
C ALA C 664 -64.11 -4.91 -23.03
N LYS C 665 -63.13 -4.59 -22.18
CA LYS C 665 -63.40 -4.47 -20.73
C LYS C 665 -64.41 -3.32 -20.50
N LEU C 666 -64.22 -2.21 -21.21
CA LEU C 666 -65.12 -1.05 -21.02
C LEU C 666 -66.55 -1.46 -21.40
N GLY C 667 -66.68 -2.21 -22.50
CA GLY C 667 -68.01 -2.72 -22.91
C GLY C 667 -68.54 -3.67 -21.86
N VAL C 668 -67.66 -4.53 -21.32
CA VAL C 668 -68.09 -5.52 -20.30
C VAL C 668 -68.60 -4.75 -19.07
N GLN C 669 -67.91 -3.66 -18.70
CA GLN C 669 -68.33 -2.84 -17.54
C GLN C 669 -69.72 -2.25 -17.82
N SER C 670 -69.95 -1.79 -19.06
CA SER C 670 -71.25 -1.17 -19.42
C SER C 670 -71.41 -1.13 -20.94
N CYS C 680 -67.02 10.62 -21.51
CA CYS C 680 -66.37 11.77 -20.82
C CYS C 680 -65.56 12.59 -21.82
N GLN C 681 -65.24 13.84 -21.47
CA GLN C 681 -64.39 14.67 -22.36
C GLN C 681 -63.02 13.99 -22.48
N CYS C 682 -62.51 13.45 -21.37
CA CYS C 682 -61.23 12.71 -21.42
C CYS C 682 -61.41 11.48 -22.31
N ASN C 683 -62.56 10.79 -22.19
CA ASN C 683 -62.83 9.60 -23.02
C ASN C 683 -62.89 10.01 -24.49
N VAL C 684 -63.52 11.16 -24.79
CA VAL C 684 -63.59 11.66 -26.19
C VAL C 684 -62.15 11.95 -26.68
N GLU C 685 -61.34 12.56 -25.81
CA GLU C 685 -59.93 12.85 -26.17
C GLU C 685 -59.20 11.52 -26.42
N VAL C 686 -59.47 10.52 -25.57
CA VAL C 686 -58.84 9.18 -25.74
C VAL C 686 -59.30 8.60 -27.09
N VAL C 687 -60.58 8.77 -27.43
CA VAL C 687 -61.10 8.26 -28.73
C VAL C 687 -60.37 8.98 -29.86
N ARG C 688 -60.15 10.29 -29.73
CA ARG C 688 -59.38 11.03 -30.76
C ARG C 688 -57.95 10.48 -30.81
N ALA C 689 -57.35 10.22 -29.64
CA ALA C 689 -56.00 9.63 -29.60
C ALA C 689 -56.06 8.24 -30.24
N LEU C 690 -57.13 7.50 -29.95
CA LEU C 690 -57.30 6.15 -30.53
C LEU C 690 -57.43 6.30 -32.05
N THR C 691 -58.15 7.33 -32.50
CA THR C 691 -58.33 7.55 -33.94
C THR C 691 -56.98 7.84 -34.56
N VAL C 692 -56.15 8.63 -33.87
CA VAL C 692 -54.78 8.92 -34.40
C VAL C 692 -53.99 7.60 -34.46
N MET C 693 -54.10 6.76 -33.42
CA MET C 693 -53.43 5.45 -33.44
C MET C 693 -54.03 4.62 -34.58
N LEU C 694 -55.35 4.70 -34.76
CA LEU C 694 -56.03 3.92 -35.82
C LEU C 694 -55.52 4.39 -37.19
N HIS C 695 -55.32 5.70 -37.35
CA HIS C 695 -54.78 6.22 -38.63
C HIS C 695 -53.37 5.66 -38.85
N ARG C 696 -52.56 5.62 -37.79
CA ARG C 696 -51.21 5.01 -37.92
C ARG C 696 -51.39 3.53 -38.26
N GLN C 697 -52.36 2.87 -37.62
CA GLN C 697 -52.63 1.43 -37.88
C GLN C 697 -53.23 1.27 -39.28
N TRP C 698 -53.04 0.11 -39.91
CA TRP C 698 -53.68 -0.17 -41.23
C TRP C 698 -53.00 0.63 -42.35
N LEU C 699 -52.92 1.96 -42.20
CA LEU C 699 -52.35 2.79 -43.28
C LEU C 699 -50.88 2.37 -43.48
N THR C 700 -50.16 2.13 -42.39
CA THR C 700 -48.77 1.63 -42.53
C THR C 700 -48.80 0.27 -43.19
N VAL C 701 -49.75 -0.58 -42.81
CA VAL C 701 -49.89 -1.91 -43.47
C VAL C 701 -50.26 -1.70 -44.94
N ARG C 702 -51.14 -0.74 -45.21
CA ARG C 702 -51.53 -0.43 -46.61
C ARG C 702 -50.28 0.06 -47.35
N ARG C 703 -49.47 0.87 -46.67
CA ARG C 703 -48.21 1.35 -47.29
C ARG C 703 -47.32 0.12 -47.57
N ALA C 704 -47.28 -0.83 -46.63
CA ALA C 704 -46.51 -2.07 -46.88
C ALA C 704 -47.11 -2.81 -48.06
N GLY C 705 -48.44 -2.88 -48.15
CA GLY C 705 -49.10 -3.50 -49.33
C GLY C 705 -48.61 -4.91 -49.53
N GLY C 706 -48.42 -5.67 -48.44
CA GLY C 706 -47.84 -7.03 -48.56
C GLY C 706 -48.62 -8.06 -47.77
N PRO C 707 -48.59 -9.35 -48.15
CA PRO C 707 -49.25 -10.39 -47.36
C PRO C 707 -48.56 -10.47 -46.02
N PRO C 708 -49.29 -10.70 -44.91
CA PRO C 708 -48.64 -10.66 -43.61
C PRO C 708 -47.99 -11.97 -43.24
N ARG C 709 -46.87 -12.28 -43.91
CA ARG C 709 -46.11 -13.51 -43.55
C ARG C 709 -45.57 -13.32 -42.13
N THR C 710 -45.12 -12.11 -41.81
CA THR C 710 -44.56 -11.83 -40.46
C THR C 710 -45.65 -11.97 -39.43
N ASP C 711 -45.33 -12.53 -38.27
CA ASP C 711 -46.32 -12.66 -37.17
C ASP C 711 -46.75 -11.25 -36.75
N GLN C 712 -45.80 -10.32 -36.68
CA GLN C 712 -46.14 -8.92 -36.33
C GLN C 712 -47.06 -8.35 -37.42
N GLN C 713 -46.77 -8.67 -38.69
CA GLN C 713 -47.67 -8.23 -39.79
C GLN C 713 -49.03 -8.91 -39.61
N ARG C 714 -49.04 -10.19 -39.23
CA ARG C 714 -50.31 -10.89 -38.95
C ARG C 714 -50.98 -10.19 -37.75
N ARG C 715 -50.18 -9.81 -36.75
CA ARG C 715 -50.72 -9.09 -35.58
C ARG C 715 -51.30 -7.75 -36.05
N THR C 716 -50.62 -7.09 -36.98
CA THR C 716 -51.13 -5.81 -37.53
C THR C 716 -52.45 -6.07 -38.22
N VAL C 717 -52.55 -7.18 -38.95
CA VAL C 717 -53.84 -7.54 -39.61
C VAL C 717 -54.89 -7.78 -38.50
N ARG C 718 -54.49 -8.45 -37.42
CA ARG C 718 -55.43 -8.65 -36.28
C ARG C 718 -55.77 -7.27 -35.69
N CYS C 719 -54.78 -6.39 -35.61
CA CYS C 719 -55.01 -5.02 -35.07
C CYS C 719 -56.01 -4.30 -36.00
N LEU C 720 -55.86 -4.48 -37.31
CA LEU C 720 -56.83 -3.87 -38.26
C LEU C 720 -58.22 -4.46 -37.99
N ARG C 721 -58.29 -5.77 -37.73
CA ARG C 721 -59.59 -6.39 -37.38
C ARG C 721 -60.08 -5.77 -36.07
N ASP C 722 -59.16 -5.56 -35.13
CA ASP C 722 -59.52 -4.94 -33.83
C ASP C 722 -60.02 -3.51 -34.08
N THR C 723 -59.37 -2.80 -35.01
CA THR C 723 -59.80 -1.43 -35.34
C THR C 723 -61.20 -1.48 -35.90
N VAL C 724 -61.49 -2.46 -36.74
CA VAL C 724 -62.88 -2.62 -37.28
C VAL C 724 -63.82 -2.91 -36.09
N LEU C 725 -63.39 -3.74 -35.15
CA LEU C 725 -64.21 -4.00 -33.94
C LEU C 725 -64.32 -2.67 -33.17
N LEU C 726 -63.24 -1.90 -33.11
CA LEU C 726 -63.27 -0.57 -32.43
C LEU C 726 -64.26 0.31 -33.19
N LEU C 727 -64.28 0.21 -34.52
CA LEU C 727 -65.23 0.99 -35.34
C LEU C 727 -66.66 0.58 -34.95
N HIS C 728 -66.89 -0.71 -34.72
CA HIS C 728 -68.23 -1.14 -34.26
C HIS C 728 -68.52 -0.49 -32.90
N GLY C 729 -67.51 -0.44 -32.03
CA GLY C 729 -67.70 0.25 -30.73
C GLY C 729 -67.95 1.73 -30.96
N LEU C 730 -67.23 2.34 -31.91
CA LEU C 730 -67.45 3.77 -32.24
C LEU C 730 -68.87 3.92 -32.80
N SER C 731 -69.31 2.96 -33.63
CA SER C 731 -70.68 2.99 -34.17
C SER C 731 -71.68 2.88 -33.01
N GLN C 732 -71.36 2.02 -32.03
CA GLN C 732 -72.23 1.91 -30.83
C GLN C 732 -72.21 3.26 -30.12
N LYS C 733 -71.02 3.89 -30.03
CA LYS C 733 -70.93 5.24 -29.40
C LYS C 733 -71.76 6.23 -30.24
N ASP C 734 -71.69 6.12 -31.56
CA ASP C 734 -72.46 7.01 -32.48
C ASP C 734 -72.23 6.56 -33.92
N LEU C 736 -71.31 13.16 -32.73
CA LEU C 736 -70.80 12.73 -31.41
C LEU C 736 -69.50 11.96 -31.61
N PHE C 737 -69.56 10.63 -31.60
CA PHE C 737 -68.35 9.82 -31.89
C PHE C 737 -67.94 10.15 -33.32
N MET C 738 -68.93 10.27 -34.20
CA MET C 738 -68.66 10.65 -35.61
C MET C 738 -68.02 12.05 -35.65
N MET C 739 -68.51 12.98 -34.82
CA MET C 739 -67.89 14.33 -34.76
C MET C 739 -66.44 14.20 -34.26
N HIS C 740 -66.21 13.36 -33.24
CA HIS C 740 -64.83 13.13 -32.74
C HIS C 740 -64.04 12.51 -33.89
N CYS C 741 -64.67 11.58 -34.61
CA CYS C 741 -64.03 10.92 -35.78
C CYS C 741 -63.75 11.99 -36.84
N VAL C 742 -64.64 12.96 -37.02
CA VAL C 742 -64.53 13.94 -38.15
C VAL C 742 -63.21 14.72 -38.04
N GLU C 743 -62.76 15.11 -36.85
CA GLU C 743 -61.54 15.94 -36.82
C GLU C 743 -60.37 15.13 -37.41
N VAL C 744 -60.28 13.84 -37.08
CA VAL C 744 -59.21 12.95 -37.64
C VAL C 744 -59.76 12.18 -38.85
N LEU C 745 -61.00 12.46 -39.28
CA LEU C 745 -61.64 11.64 -40.34
C LEU C 745 -60.90 11.69 -41.68
N HIS C 746 -60.37 12.84 -42.08
CA HIS C 746 -59.80 12.84 -43.47
C HIS C 746 -58.65 11.83 -43.56
N GLN C 747 -57.76 11.79 -42.57
CA GLN C 747 -56.72 10.73 -42.60
C GLN C 747 -57.41 9.36 -42.46
N PHE C 748 -58.37 9.26 -41.55
CA PHE C 748 -59.03 7.95 -41.27
C PHE C 748 -59.79 7.48 -42.50
N ASP C 749 -60.50 8.40 -43.17
CA ASP C 749 -61.37 7.98 -44.31
C ASP C 749 -60.50 7.39 -45.41
N GLN C 750 -59.35 8.02 -45.70
CA GLN C 750 -58.56 7.49 -46.83
C GLN C 750 -58.13 6.07 -46.46
N VAL C 751 -57.71 5.88 -45.21
CA VAL C 751 -57.35 4.51 -44.73
C VAL C 751 -58.61 3.62 -44.72
N MET C 752 -59.75 4.15 -44.28
CA MET C 752 -60.97 3.31 -44.09
C MET C 752 -61.44 2.68 -45.41
N PRO C 753 -61.45 3.42 -46.54
CA PRO C 753 -61.96 2.83 -47.76
C PRO C 753 -61.07 1.66 -48.11
N GLY C 754 -59.79 1.94 -48.32
CA GLY C 754 -58.80 0.90 -48.62
C GLY C 754 -58.90 -0.21 -47.58
N VAL C 755 -59.09 0.19 -46.33
CA VAL C 755 -59.17 -0.80 -45.22
C VAL C 755 -60.37 -1.72 -45.46
N SER C 756 -61.50 -1.15 -45.92
CA SER C 756 -62.71 -2.00 -46.06
C SER C 756 -62.44 -3.09 -47.10
N MET C 757 -61.79 -2.73 -48.21
CA MET C 757 -61.41 -3.77 -49.20
C MET C 757 -60.43 -4.75 -48.55
N LEU C 758 -59.48 -4.22 -47.79
CA LEU C 758 -58.46 -5.08 -47.14
C LEU C 758 -59.15 -6.02 -46.15
N ILE C 759 -60.13 -5.50 -45.41
CA ILE C 759 -60.80 -6.31 -44.35
C ILE C 759 -61.53 -7.51 -44.97
N ARG C 760 -62.20 -7.32 -46.12
CA ARG C 760 -62.97 -8.47 -46.65
C ARG C 760 -61.98 -9.58 -46.98
N GLY C 761 -60.84 -9.23 -47.57
CA GLY C 761 -59.79 -10.22 -47.87
C GLY C 761 -59.17 -10.85 -46.63
N LEU C 762 -58.91 -10.06 -45.58
CA LEU C 762 -58.12 -10.57 -44.42
C LEU C 762 -58.80 -11.71 -43.65
N PRO C 763 -58.04 -12.78 -43.29
CA PRO C 763 -58.57 -13.84 -42.42
C PRO C 763 -58.87 -13.28 -41.04
N ASP C 764 -57.99 -12.39 -40.54
CA ASP C 764 -58.14 -11.84 -39.17
C ASP C 764 -59.45 -11.06 -39.08
N VAL C 765 -59.81 -10.33 -40.14
CA VAL C 765 -61.04 -9.49 -40.11
C VAL C 765 -62.25 -10.42 -39.93
N THR C 766 -63.27 -9.98 -39.19
CA THR C 766 -64.41 -10.85 -38.84
C THR C 766 -65.70 -10.18 -39.25
N ASP C 767 -66.76 -10.95 -39.46
CA ASP C 767 -68.03 -10.38 -39.99
C ASP C 767 -68.62 -9.33 -39.05
N CYS C 768 -68.60 -9.53 -37.73
CA CYS C 768 -69.24 -8.50 -36.87
C CYS C 768 -68.49 -7.17 -37.05
N GLU C 769 -67.14 -7.21 -37.08
CA GLU C 769 -66.35 -5.98 -37.33
C GLU C 769 -66.68 -5.49 -38.74
N GLU C 770 -66.83 -6.42 -39.68
CA GLU C 770 -67.11 -6.08 -41.10
C GLU C 770 -68.45 -5.36 -41.20
N ALA C 771 -69.44 -5.78 -40.42
CA ALA C 771 -70.79 -5.17 -40.50
C ALA C 771 -70.68 -3.70 -40.14
N ALA C 772 -69.86 -3.38 -39.13
CA ALA C 772 -69.64 -1.96 -38.80
C ALA C 772 -68.98 -1.27 -40.00
N LEU C 773 -68.03 -1.95 -40.65
CA LEU C 773 -67.36 -1.38 -41.85
C LEU C 773 -68.38 -1.17 -42.96
N ASP C 774 -69.31 -2.12 -43.13
CA ASP C 774 -70.37 -2.00 -44.18
C ASP C 774 -71.21 -0.77 -43.82
N ASP C 775 -71.48 -0.59 -42.54
CA ASP C 775 -72.29 0.57 -42.09
C ASP C 775 -71.52 1.85 -42.45
N LEU C 776 -70.20 1.85 -42.27
CA LEU C 776 -69.38 3.02 -42.67
C LEU C 776 -69.51 3.20 -44.19
N CYS C 777 -69.52 2.08 -44.93
CA CYS C 777 -69.69 2.15 -46.40
C CYS C 777 -71.06 2.75 -46.72
N TRP D 301 -37.57 -47.47 -9.13
CA TRP D 301 -36.78 -46.41 -9.82
C TRP D 301 -37.74 -45.40 -10.45
N ARG D 302 -37.50 -45.04 -11.73
CA ARG D 302 -38.43 -44.12 -12.44
C ARG D 302 -38.56 -42.80 -11.68
N GLN D 303 -39.80 -42.37 -11.42
CA GLN D 303 -40.03 -41.06 -10.74
C GLN D 303 -39.42 -41.09 -9.34
N ARG D 304 -39.55 -42.23 -8.63
CA ARG D 304 -38.98 -42.35 -7.28
C ARG D 304 -37.45 -42.19 -7.38
N SER D 305 -36.83 -42.81 -8.39
CA SER D 305 -35.37 -42.65 -8.59
C SER D 305 -35.07 -41.17 -8.89
N ASN D 306 -35.92 -40.53 -9.69
CA ASN D 306 -35.73 -39.08 -10.00
C ASN D 306 -35.85 -38.29 -8.70
N THR D 307 -36.80 -38.67 -7.84
CA THR D 307 -36.97 -37.99 -6.54
C THR D 307 -35.72 -38.18 -5.71
N GLN D 308 -35.13 -39.38 -5.74
CA GLN D 308 -33.87 -39.61 -5.00
C GLN D 308 -32.77 -38.71 -5.59
N GLY D 309 -32.73 -38.57 -6.91
CA GLY D 309 -31.76 -37.64 -7.52
C GLY D 309 -32.08 -36.22 -7.08
N SER D 310 -33.37 -35.89 -7.03
CA SER D 310 -33.79 -34.54 -6.55
C SER D 310 -33.37 -34.38 -5.09
N ILE D 311 -33.51 -35.44 -4.29
CA ILE D 311 -33.14 -35.36 -2.85
C ILE D 311 -31.63 -35.09 -2.75
N LEU D 312 -30.82 -35.74 -3.59
CA LEU D 312 -29.37 -35.43 -3.59
C LEU D 312 -29.17 -33.97 -4.00
N ILE D 313 -29.92 -33.51 -5.00
CA ILE D 313 -29.84 -32.08 -5.42
C ILE D 313 -30.32 -31.22 -4.23
N ASN D 314 -31.36 -31.68 -3.54
CA ASN D 314 -31.89 -30.92 -2.38
C ASN D 314 -30.81 -30.85 -1.30
N LEU D 315 -30.07 -31.94 -1.10
CA LEU D 315 -28.95 -31.91 -0.11
C LEU D 315 -27.91 -30.89 -0.59
N LEU D 316 -27.62 -30.86 -1.89
CA LEU D 316 -26.68 -29.84 -2.41
C LEU D 316 -27.30 -28.46 -2.19
N LEU D 317 -28.61 -28.34 -2.41
CA LEU D 317 -29.33 -27.06 -2.18
C LEU D 317 -29.23 -26.70 -0.69
N LYS D 318 -29.35 -27.71 0.19
CA LYS D 318 -29.37 -27.41 1.64
C LYS D 318 -28.04 -26.77 2.03
N GLN D 319 -28.07 -25.78 2.93
CA GLN D 319 -26.83 -25.05 3.28
C GLN D 319 -26.45 -25.36 4.74
N PRO D 320 -25.20 -25.81 4.99
CA PRO D 320 -24.61 -26.78 4.08
C PRO D 320 -24.89 -28.19 4.52
N LEU D 321 -25.14 -29.09 3.55
CA LEU D 321 -25.30 -30.52 3.91
C LEU D 321 -23.97 -30.99 4.51
N ILE D 322 -22.85 -30.56 3.93
CA ILE D 322 -21.51 -30.93 4.45
C ILE D 322 -21.35 -30.34 5.86
N PRO D 323 -20.77 -31.09 6.82
CA PRO D 323 -20.54 -30.56 8.16
C PRO D 323 -19.49 -29.46 8.22
N GLY D 324 -19.69 -28.47 9.09
CA GLY D 324 -18.68 -27.41 9.28
C GLY D 324 -18.76 -26.34 8.23
N SER D 325 -19.77 -26.39 7.35
CA SER D 325 -19.95 -25.32 6.34
C SER D 325 -21.29 -24.63 6.58
N SER D 326 -21.30 -23.30 6.65
CA SER D 326 -22.58 -22.55 6.79
C SER D 326 -23.47 -22.77 5.56
N LEU D 327 -22.88 -22.73 4.36
CA LEU D 327 -23.71 -22.81 3.12
C LEU D 327 -23.16 -23.83 2.12
N SER D 328 -24.05 -24.53 1.41
CA SER D 328 -23.60 -25.47 0.33
C SER D 328 -24.22 -25.00 -0.98
N LEU D 329 -23.42 -24.88 -2.04
CA LEU D 329 -23.91 -24.43 -3.38
C LEU D 329 -24.18 -22.92 -3.31
N CYS D 330 -24.95 -22.39 -4.27
CA CYS D 330 -25.32 -20.95 -4.20
C CYS D 330 -24.05 -20.11 -4.17
N HIS D 331 -23.93 -19.22 -3.20
CA HIS D 331 -22.73 -18.34 -3.09
C HIS D 331 -21.50 -19.23 -2.89
N LEU D 332 -21.64 -20.28 -2.09
CA LEU D 332 -20.50 -21.22 -1.92
C LEU D 332 -20.19 -21.85 -3.28
N LEU D 333 -21.20 -22.23 -4.07
CA LEU D 333 -20.93 -22.75 -5.43
C LEU D 333 -20.29 -21.63 -6.26
N SER D 334 -20.77 -20.39 -6.12
CA SER D 334 -20.25 -19.26 -6.94
C SER D 334 -20.70 -17.93 -6.33
N SER D 371 -11.84 -21.52 -17.48
CA SER D 371 -11.96 -20.09 -17.07
C SER D 371 -12.95 -19.97 -15.92
N LEU D 372 -12.86 -18.88 -15.15
CA LEU D 372 -13.84 -18.66 -14.06
C LEU D 372 -15.23 -18.52 -14.70
N SER D 373 -15.31 -17.80 -15.83
CA SER D 373 -16.60 -17.69 -16.55
C SER D 373 -17.04 -19.08 -17.04
N ALA D 374 -16.09 -19.88 -17.54
CA ALA D 374 -16.42 -21.25 -17.96
C ALA D 374 -16.90 -22.05 -16.75
N LEU D 375 -16.24 -21.86 -15.60
CA LEU D 375 -16.67 -22.54 -14.36
C LEU D 375 -18.08 -22.06 -13.99
N ARG D 376 -18.33 -20.75 -14.13
CA ARG D 376 -19.68 -20.20 -13.87
C ARG D 376 -20.67 -20.84 -14.85
N GLU D 377 -20.27 -20.98 -16.11
CA GLU D 377 -21.14 -21.63 -17.12
C GLU D 377 -21.35 -23.08 -16.69
N ALA D 378 -20.30 -23.73 -16.20
CA ALA D 378 -20.42 -25.13 -15.73
C ALA D 378 -21.39 -25.17 -14.54
N GLN D 379 -21.29 -24.19 -13.65
CA GLN D 379 -22.19 -24.15 -12.47
C GLN D 379 -23.65 -23.99 -12.97
N ASN D 380 -23.86 -23.15 -13.98
CA ASN D 380 -25.22 -23.02 -14.56
C ASN D 380 -25.61 -24.37 -15.18
N LEU D 381 -24.66 -25.02 -15.85
CA LEU D 381 -24.92 -26.34 -16.47
C LEU D 381 -25.25 -27.33 -15.35
N ALA D 382 -24.52 -27.25 -14.23
CA ALA D 382 -24.78 -28.15 -13.08
C ALA D 382 -26.19 -27.90 -12.55
N PHE D 383 -26.60 -26.63 -12.47
CA PHE D 383 -27.99 -26.32 -12.02
C PHE D 383 -28.97 -26.91 -13.00
N THR D 384 -28.68 -26.77 -14.30
CA THR D 384 -29.53 -27.40 -15.33
C THR D 384 -29.47 -28.90 -15.14
N GLY D 385 -28.28 -29.42 -14.86
CA GLY D 385 -28.10 -30.86 -14.63
C GLY D 385 -28.89 -31.28 -13.41
N LEU D 386 -28.86 -30.47 -12.36
CA LEU D 386 -29.65 -30.78 -11.14
C LEU D 386 -31.13 -30.79 -11.51
N ASN D 387 -31.57 -29.83 -12.34
CA ASN D 387 -32.98 -29.83 -12.80
C ASN D 387 -33.21 -31.10 -13.62
N LEU D 388 -32.24 -31.46 -14.46
CA LEU D 388 -32.35 -32.71 -15.27
C LEU D 388 -32.38 -33.91 -14.33
N VAL D 389 -31.56 -33.89 -13.28
CA VAL D 389 -31.51 -35.02 -12.31
C VAL D 389 -32.89 -35.11 -11.63
N ALA D 390 -33.48 -33.96 -11.28
CA ALA D 390 -34.85 -34.03 -10.72
C ALA D 390 -35.80 -34.57 -11.78
N ARG D 391 -35.65 -34.09 -13.03
CA ARG D 391 -36.55 -34.54 -14.12
C ARG D 391 -36.37 -36.04 -14.40
N ASN D 392 -35.12 -36.53 -14.41
CA ASN D 392 -34.88 -37.95 -14.78
C ASN D 392 -34.07 -38.66 -13.69
N GLU D 393 -34.52 -39.85 -13.27
CA GLU D 393 -33.79 -40.63 -12.23
C GLU D 393 -32.48 -39.93 -11.82
N GLY D 403 -24.65 -55.47 -11.60
CA GLY D 403 -24.72 -56.57 -10.63
C GLY D 403 -24.15 -56.16 -9.28
N GLY D 404 -23.05 -56.79 -8.87
CA GLY D 404 -22.40 -56.45 -7.59
C GLY D 404 -21.88 -55.02 -7.60
N ARG D 405 -21.29 -54.59 -8.72
CA ARG D 405 -20.81 -53.18 -8.83
C ARG D 405 -22.02 -52.25 -8.73
N ARG D 406 -23.13 -52.61 -9.38
CA ARG D 406 -24.36 -51.80 -9.26
C ARG D 406 -24.80 -51.83 -7.80
N ALA D 407 -24.69 -53.00 -7.15
CA ALA D 407 -25.12 -53.16 -5.75
C ALA D 407 -26.60 -52.78 -5.66
N PHE D 408 -26.96 -51.93 -4.71
CA PHE D 408 -28.36 -51.44 -4.67
C PHE D 408 -28.56 -50.66 -5.95
N PRO D 409 -29.72 -50.76 -6.63
CA PRO D 409 -29.82 -50.08 -7.91
C PRO D 409 -29.66 -48.60 -7.62
N LEU D 410 -28.89 -47.91 -8.45
CA LEU D 410 -28.62 -46.47 -8.23
C LEU D 410 -29.18 -45.69 -9.43
N CYS D 411 -29.97 -44.65 -9.15
CA CYS D 411 -30.56 -43.85 -10.25
C CYS D 411 -29.41 -43.21 -11.02
N GLN D 412 -29.50 -43.17 -12.36
CA GLN D 412 -28.43 -42.50 -13.14
C GLN D 412 -29.04 -41.28 -13.85
N LEU D 413 -28.42 -40.11 -13.68
CA LEU D 413 -28.92 -38.89 -14.38
C LEU D 413 -27.80 -38.34 -15.27
N PRO D 414 -28.07 -38.06 -16.57
CA PRO D 414 -27.07 -37.45 -17.42
C PRO D 414 -26.75 -36.09 -16.83
N GLY D 415 -27.79 -35.40 -16.34
CA GLY D 415 -27.59 -34.08 -15.72
C GLY D 415 -26.71 -34.22 -14.49
N ALA D 416 -26.91 -35.28 -13.69
CA ALA D 416 -26.02 -35.50 -12.53
C ALA D 416 -24.60 -35.74 -13.02
N VAL D 417 -24.43 -36.52 -14.09
CA VAL D 417 -23.07 -36.70 -14.67
C VAL D 417 -22.55 -35.34 -15.17
N HIS D 418 -23.40 -34.55 -15.80
CA HIS D 418 -23.01 -33.19 -16.26
C HIS D 418 -22.67 -32.34 -15.04
N PHE D 419 -23.47 -32.48 -13.99
CA PHE D 419 -23.19 -31.74 -12.73
C PHE D 419 -21.86 -32.22 -12.20
N LEU D 420 -21.61 -33.53 -12.30
CA LEU D 420 -20.32 -34.10 -11.83
C LEU D 420 -19.18 -33.48 -12.65
N PRO D 421 -19.33 -33.30 -13.98
CA PRO D 421 -18.26 -32.64 -14.73
C PRO D 421 -18.09 -31.22 -14.23
N LEU D 422 -19.21 -30.54 -13.98
CA LEU D 422 -19.14 -29.15 -13.42
C LEU D 422 -18.49 -29.24 -12.03
N VAL D 423 -18.86 -30.26 -11.26
CA VAL D 423 -18.27 -30.47 -9.91
C VAL D 423 -16.78 -30.70 -10.10
N GLN D 424 -16.42 -31.44 -11.14
CA GLN D 424 -14.98 -31.74 -11.42
C GLN D 424 -14.27 -30.40 -11.69
N PHE D 425 -14.92 -29.49 -12.41
CA PHE D 425 -14.29 -28.14 -12.60
C PHE D 425 -14.14 -27.45 -11.24
N PHE D 426 -15.16 -27.54 -10.40
CA PHE D 426 -15.04 -26.97 -9.02
C PHE D 426 -13.95 -27.72 -8.28
N ILE D 427 -13.92 -29.04 -8.46
CA ILE D 427 -12.87 -29.89 -7.81
C ILE D 427 -11.52 -29.44 -8.36
N GLY D 428 -11.47 -29.13 -9.66
CA GLY D 428 -10.22 -28.69 -10.28
C GLY D 428 -9.74 -27.41 -9.64
N LEU D 429 -10.65 -26.49 -9.33
CA LEU D 429 -10.22 -25.26 -8.61
C LEU D 429 -9.67 -25.66 -7.23
N HIS D 430 -10.33 -26.59 -6.54
CA HIS D 430 -9.79 -27.07 -5.24
C HIS D 430 -8.44 -27.77 -5.49
N CYS D 431 -8.38 -28.55 -6.57
CA CYS D 431 -7.13 -29.26 -6.94
C CYS D 431 -6.06 -28.22 -7.26
N GLN D 432 -6.46 -27.14 -7.94
CA GLN D 432 -5.47 -26.10 -8.34
C GLN D 432 -4.86 -25.50 -7.06
N ALA D 433 -5.68 -25.27 -6.03
CA ALA D 433 -5.11 -24.79 -4.75
C ALA D 433 -4.16 -25.85 -4.20
N LEU D 434 -4.55 -27.13 -4.29
CA LEU D 434 -3.64 -28.22 -3.85
C LEU D 434 -2.40 -28.23 -4.75
N GLN D 435 -2.58 -28.03 -6.05
CA GLN D 435 -1.44 -27.98 -7.00
C GLN D 435 -0.54 -26.79 -6.65
N ASP D 436 -1.16 -25.64 -6.30
CA ASP D 436 -0.36 -24.47 -5.88
C ASP D 436 0.40 -24.83 -4.61
N LEU D 437 -0.26 -25.55 -3.70
CA LEU D 437 0.43 -26.01 -2.47
C LEU D 437 1.56 -26.96 -2.86
N ALA D 438 1.31 -27.85 -3.84
CA ALA D 438 2.37 -28.78 -4.30
C ALA D 438 3.51 -27.96 -4.90
N ALA D 439 3.17 -26.91 -5.67
CA ALA D 439 4.21 -26.03 -6.23
C ALA D 439 4.97 -25.35 -5.10
N ALA D 440 4.26 -24.93 -4.05
CA ALA D 440 4.90 -24.22 -2.92
C ALA D 440 5.88 -25.15 -2.22
N LYS D 441 7.02 -24.63 -1.80
CA LYS D 441 8.04 -25.45 -1.12
C LYS D 441 8.46 -24.78 0.19
N PRO D 464 -4.63 -16.09 2.97
CA PRO D 464 -3.80 -16.12 1.77
C PRO D 464 -3.86 -17.48 1.11
N GLU D 465 -2.74 -18.20 1.11
CA GLU D 465 -2.73 -19.58 0.54
C GLU D 465 -3.67 -20.43 1.40
N ASP D 466 -3.65 -20.23 2.72
CA ASP D 466 -4.58 -20.98 3.62
C ASP D 466 -6.02 -20.59 3.28
N SER D 467 -6.28 -19.31 3.01
CA SER D 467 -7.64 -18.89 2.60
C SER D 467 -7.99 -19.57 1.27
N VAL D 468 -7.03 -19.64 0.34
CA VAL D 468 -7.27 -20.37 -0.94
C VAL D 468 -7.51 -21.84 -0.61
N CYS D 469 -6.75 -22.38 0.34
CA CYS D 469 -6.96 -23.78 0.77
C CYS D 469 -8.36 -23.90 1.40
N ILE D 470 -8.77 -22.91 2.19
CA ILE D 470 -10.14 -22.92 2.79
C ILE D 470 -11.18 -22.89 1.65
N LEU D 471 -10.95 -22.08 0.62
CA LEU D 471 -11.87 -22.07 -0.54
C LEU D 471 -11.81 -23.46 -1.20
N GLU D 472 -10.62 -24.03 -1.31
CA GLU D 472 -10.47 -25.39 -1.88
C GLU D 472 -11.20 -26.37 -0.96
N GLY D 473 -11.08 -26.18 0.35
CA GLY D 473 -11.77 -27.06 1.32
C GLY D 473 -13.27 -26.96 1.16
N PHE D 474 -13.79 -25.75 0.95
CA PHE D 474 -15.25 -25.59 0.70
C PHE D 474 -15.59 -26.33 -0.60
N SER D 475 -14.74 -26.19 -1.61
CA SER D 475 -14.95 -26.93 -2.88
C SER D 475 -14.85 -28.43 -2.61
N VAL D 476 -13.89 -28.84 -1.77
CA VAL D 476 -13.74 -30.29 -1.41
C VAL D 476 -15.01 -30.72 -0.67
N THR D 477 -15.53 -29.87 0.21
CA THR D 477 -16.78 -30.21 0.92
C THR D 477 -17.88 -30.34 -0.10
N ALA D 478 -17.90 -29.43 -1.09
CA ALA D 478 -18.90 -29.54 -2.18
C ALA D 478 -18.64 -30.84 -2.95
N LEU D 479 -17.37 -31.16 -3.18
CA LEU D 479 -17.03 -32.42 -3.88
C LEU D 479 -17.48 -33.60 -3.02
N SER D 480 -17.31 -33.51 -1.70
CA SER D 480 -17.81 -34.59 -0.81
C SER D 480 -19.34 -34.65 -0.91
N ILE D 481 -20.00 -33.49 -0.96
CA ILE D 481 -21.48 -33.49 -1.17
C ILE D 481 -21.74 -34.10 -2.55
N LEU D 482 -20.88 -33.74 -3.52
CA LEU D 482 -21.01 -34.30 -4.89
C LEU D 482 -20.76 -35.81 -4.80
N GLN D 483 -19.80 -36.22 -3.98
CA GLN D 483 -19.52 -37.67 -3.80
C GLN D 483 -20.75 -38.35 -3.20
N HIS D 484 -21.40 -37.70 -2.24
CA HIS D 484 -22.67 -38.27 -1.69
C HIS D 484 -23.69 -38.32 -2.82
N LEU D 485 -23.73 -37.26 -3.63
CA LEU D 485 -24.63 -37.24 -4.81
C LEU D 485 -24.18 -38.35 -5.77
N VAL D 486 -22.87 -38.54 -5.94
CA VAL D 486 -22.34 -39.62 -6.81
C VAL D 486 -22.79 -40.96 -6.22
N CYS D 487 -22.75 -41.10 -4.89
CA CYS D 487 -23.28 -42.36 -4.31
C CYS D 487 -24.77 -42.43 -4.65
N HIS D 488 -25.47 -41.30 -4.55
CA HIS D 488 -26.92 -41.24 -4.92
C HIS D 488 -27.12 -41.53 -6.41
N SER D 489 -26.25 -41.01 -7.28
CA SER D 489 -26.51 -41.15 -8.75
C SER D 489 -25.49 -42.05 -9.45
N GLY D 490 -25.98 -43.09 -10.14
CA GLY D 490 -25.08 -44.00 -10.87
C GLY D 490 -24.32 -43.30 -11.98
N ALA D 491 -24.98 -42.40 -12.73
CA ALA D 491 -24.33 -41.77 -13.89
C ALA D 491 -23.13 -40.94 -13.45
N VAL D 492 -23.26 -40.20 -12.35
CA VAL D 492 -22.11 -39.40 -11.83
C VAL D 492 -21.00 -40.39 -11.44
N VAL D 493 -21.38 -41.50 -10.80
CA VAL D 493 -20.39 -42.55 -10.43
C VAL D 493 -19.78 -43.13 -11.71
N SER D 494 -20.61 -43.34 -12.74
CA SER D 494 -20.13 -43.94 -14.01
C SER D 494 -19.10 -43.01 -14.66
N LEU D 495 -19.34 -41.71 -14.61
CA LEU D 495 -18.36 -40.75 -15.19
C LEU D 495 -17.04 -40.87 -14.42
N LEU D 496 -17.12 -40.99 -13.10
CA LEU D 496 -15.88 -41.21 -12.30
C LEU D 496 -15.27 -42.55 -12.72
N LEU D 497 -16.12 -43.57 -12.92
CA LEU D 497 -15.63 -44.92 -13.28
C LEU D 497 -14.92 -44.86 -14.63
N SER D 498 -15.46 -44.11 -15.58
CA SER D 498 -14.76 -43.96 -16.88
C SER D 498 -13.42 -43.25 -16.64
N GLY D 499 -13.42 -42.22 -15.79
CA GLY D 499 -12.14 -41.58 -15.41
C GLY D 499 -11.55 -40.76 -16.53
N VAL D 500 -10.25 -40.44 -16.42
CA VAL D 500 -9.54 -39.69 -17.51
C VAL D 500 -9.56 -40.58 -18.77
N GLY D 501 -9.35 -41.88 -18.61
CA GLY D 501 -9.37 -42.81 -19.76
C GLY D 501 -9.70 -44.22 -19.31
N GLY D 534 -11.11 -45.62 -15.96
CA GLY D 534 -10.03 -45.55 -14.95
C GLY D 534 -10.30 -44.46 -13.94
N GLN D 535 -9.26 -43.99 -13.25
CA GLN D 535 -9.43 -42.86 -12.30
C GLN D 535 -9.81 -41.59 -13.08
N HIS D 536 -10.74 -40.79 -12.55
CA HIS D 536 -11.13 -39.52 -13.22
C HIS D 536 -9.93 -38.57 -13.14
N PRO D 537 -9.68 -37.72 -14.15
CA PRO D 537 -8.48 -36.88 -14.08
C PRO D 537 -8.59 -35.97 -12.87
N LEU D 538 -9.78 -35.42 -12.63
CA LEU D 538 -9.98 -34.58 -11.42
C LEU D 538 -9.79 -35.46 -10.18
N LEU D 539 -10.29 -36.70 -10.23
CA LEU D 539 -10.15 -37.63 -9.08
C LEU D 539 -8.67 -37.95 -8.85
N LYS D 540 -7.90 -38.14 -9.92
CA LYS D 540 -6.45 -38.40 -9.77
C LYS D 540 -5.80 -37.17 -9.11
N MET D 541 -6.21 -35.97 -9.53
CA MET D 541 -5.70 -34.74 -8.89
C MET D 541 -6.15 -34.74 -7.43
N LEU D 542 -7.40 -35.17 -7.19
CA LEU D 542 -7.94 -35.25 -5.81
C LEU D 542 -7.10 -36.25 -5.00
N LEU D 543 -6.73 -37.37 -5.62
CA LEU D 543 -5.90 -38.38 -4.91
C LEU D 543 -4.56 -37.73 -4.54
N HIS D 544 -3.99 -36.95 -5.45
CA HIS D 544 -2.73 -36.21 -5.13
C HIS D 544 -3.03 -35.22 -4.00
N LEU D 545 -4.18 -34.56 -4.07
CA LEU D 545 -4.58 -33.59 -3.02
C LEU D 545 -4.75 -34.34 -1.69
N LEU D 546 -5.33 -35.54 -1.74
CA LEU D 546 -5.57 -36.33 -0.50
C LEU D 546 -4.20 -36.65 0.11
N ALA D 547 -3.22 -36.98 -0.73
CA ALA D 547 -1.86 -37.24 -0.21
C ALA D 547 -1.33 -35.96 0.44
N PHE D 548 -1.59 -34.81 -0.19
CA PHE D 548 -1.16 -33.51 0.39
C PHE D 548 -2.09 -33.15 1.56
N LEU D 556 -9.84 -30.70 9.05
CA LEU D 556 -9.92 -29.69 7.96
C LEU D 556 -9.48 -30.34 6.64
N GLN D 557 -8.23 -30.12 6.24
CA GLN D 557 -7.71 -30.78 5.02
C GLN D 557 -7.72 -32.30 5.27
N ALA D 558 -7.32 -32.71 6.48
CA ALA D 558 -7.36 -34.15 6.82
C ALA D 558 -8.81 -34.64 6.79
N SER D 559 -9.74 -33.83 7.29
CA SER D 559 -11.16 -34.20 7.25
C SER D 559 -11.62 -34.30 5.79
N VAL D 560 -11.17 -33.37 4.95
CA VAL D 560 -11.51 -33.43 3.50
C VAL D 560 -10.90 -34.71 2.91
N LEU D 561 -9.67 -35.05 3.31
CA LEU D 561 -9.03 -36.29 2.83
C LEU D 561 -9.86 -37.48 3.31
N THR D 562 -10.34 -37.42 4.56
CA THR D 562 -11.18 -38.51 5.09
C THR D 562 -12.45 -38.58 4.27
N GLN D 563 -13.01 -37.42 3.93
CA GLN D 563 -14.23 -37.39 3.09
C GLN D 563 -13.89 -38.00 1.73
N CYS D 564 -12.71 -37.67 1.19
CA CYS D 564 -12.28 -38.25 -0.11
C CYS D 564 -12.13 -39.76 0.04
N LEU D 565 -11.55 -40.22 1.16
CA LEU D 565 -11.41 -41.68 1.40
C LEU D 565 -12.82 -42.29 1.50
N LYS D 566 -13.74 -41.61 2.19
CA LYS D 566 -15.13 -42.10 2.27
C LYS D 566 -15.72 -42.11 0.86
N VAL D 567 -15.43 -41.05 0.09
CA VAL D 567 -15.95 -40.96 -1.30
C VAL D 567 -15.35 -42.13 -2.09
N LEU D 568 -14.07 -42.41 -1.88
CA LEU D 568 -13.40 -43.51 -2.60
C LEU D 568 -14.08 -44.83 -2.21
N VAL D 569 -14.38 -45.00 -0.92
CA VAL D 569 -15.04 -46.25 -0.46
C VAL D 569 -16.43 -46.36 -1.12
N LYS D 570 -17.16 -45.24 -1.18
CA LYS D 570 -18.48 -45.25 -1.86
C LYS D 570 -18.26 -45.56 -3.34
N LEU D 571 -17.23 -44.95 -3.92
CA LEU D 571 -16.92 -45.18 -5.36
C LEU D 571 -16.57 -46.66 -5.53
N ALA D 572 -15.81 -47.22 -4.59
CA ALA D 572 -15.36 -48.62 -4.72
C ALA D 572 -16.59 -49.56 -4.72
N GLU D 573 -17.58 -49.27 -3.86
CA GLU D 573 -18.80 -50.10 -3.88
C GLU D 573 -19.47 -49.93 -5.25
N ASN D 574 -19.54 -48.70 -5.75
CA ASN D 574 -20.08 -48.47 -7.12
C ASN D 574 -19.17 -49.15 -8.16
N THR D 575 -17.86 -49.08 -7.95
CA THR D 575 -16.89 -49.59 -8.96
C THR D 575 -16.97 -51.10 -9.12
N SER D 576 -16.74 -51.57 -10.34
CA SER D 576 -16.68 -53.03 -10.59
C SER D 576 -15.40 -53.53 -9.93
N CYS D 577 -15.33 -54.81 -9.54
CA CYS D 577 -14.15 -55.25 -8.77
C CYS D 577 -12.90 -55.05 -9.63
N ASP D 578 -12.96 -55.32 -10.94
CA ASP D 578 -11.80 -55.03 -11.81
C ASP D 578 -11.53 -53.52 -11.82
N PHE D 579 -12.59 -52.70 -11.90
CA PHE D 579 -12.39 -51.22 -11.83
C PHE D 579 -11.83 -50.88 -10.46
N LEU D 580 -12.36 -51.54 -9.42
CA LEU D 580 -11.88 -51.33 -8.04
C LEU D 580 -10.40 -51.75 -7.96
N PRO D 581 -10.00 -52.86 -8.63
CA PRO D 581 -8.60 -53.25 -8.62
C PRO D 581 -7.75 -52.17 -9.28
N ARG D 582 -8.24 -51.58 -10.38
CA ARG D 582 -7.49 -50.47 -11.00
C ARG D 582 -7.40 -49.34 -9.98
N PHE D 583 -8.50 -49.08 -9.26
CA PHE D 583 -8.49 -48.07 -8.17
C PHE D 583 -7.52 -48.55 -7.09
N GLN D 584 -7.48 -49.86 -6.84
CA GLN D 584 -6.66 -50.42 -5.73
C GLN D 584 -5.17 -50.15 -5.94
N CYS D 585 -4.42 -49.95 -4.84
CA CYS D 585 -2.97 -49.60 -4.82
C CYS D 585 -2.86 -48.08 -4.73
N VAL D 586 -3.95 -47.36 -5.01
CA VAL D 586 -3.98 -45.89 -4.71
C VAL D 586 -3.90 -45.88 -3.18
N PHE D 587 -4.60 -46.83 -2.55
CA PHE D 587 -4.66 -46.94 -1.07
C PHE D 587 -3.27 -47.20 -0.54
N GLN D 588 -2.47 -48.01 -1.22
CA GLN D 588 -1.15 -48.33 -0.61
C GLN D 588 -0.38 -47.01 -0.48
N VAL D 589 -0.47 -46.14 -1.49
CA VAL D 589 0.16 -44.79 -1.35
C VAL D 589 -0.58 -44.05 -0.22
N LEU D 590 -1.91 -44.19 -0.17
CA LEU D 590 -2.72 -43.54 0.89
C LEU D 590 -2.32 -44.11 2.26
N PRO D 591 -2.04 -45.42 2.38
CA PRO D 591 -1.71 -45.99 3.68
C PRO D 591 -0.44 -45.32 4.15
N LYS D 592 0.51 -45.11 3.23
CA LYS D 592 1.75 -44.39 3.58
C LYS D 592 1.38 -42.97 4.02
N CYS D 593 0.44 -42.34 3.33
CA CYS D 593 -0.04 -40.99 3.73
C CYS D 593 -0.69 -41.09 5.12
N LEU D 594 -1.44 -42.15 5.38
CA LEU D 594 -2.15 -42.27 6.69
C LEU D 594 -1.12 -42.32 7.82
N SER D 595 -1.40 -41.64 8.93
CA SER D 595 -0.41 -41.55 10.03
C SER D 595 -1.08 -41.69 11.41
N PRO D 596 -0.35 -42.08 12.47
CA PRO D 596 -0.92 -42.09 13.81
C PRO D 596 -1.25 -40.64 14.09
N GLU D 597 -0.38 -39.73 13.65
CA GLU D 597 -0.62 -38.27 13.84
C GLU D 597 -1.89 -37.89 13.10
N THR D 598 -2.13 -38.48 11.92
CA THR D 598 -3.34 -38.18 11.13
C THR D 598 -4.53 -38.62 11.95
N PRO D 599 -5.69 -37.94 11.86
CA PRO D 599 -6.80 -38.24 12.76
C PRO D 599 -7.41 -39.63 12.72
N LEU D 600 -7.78 -40.14 13.90
CA LEU D 600 -8.37 -41.50 14.01
C LEU D 600 -9.70 -41.52 13.24
N PRO D 601 -10.53 -40.46 13.28
CA PRO D 601 -11.77 -40.51 12.52
C PRO D 601 -11.41 -40.66 11.07
N SER D 602 -10.37 -39.93 10.62
CA SER D 602 -9.89 -40.10 9.22
C SER D 602 -9.39 -41.53 9.03
N VAL D 603 -8.69 -42.07 10.03
CA VAL D 603 -8.16 -43.46 9.95
C VAL D 603 -9.36 -44.43 9.87
N LEU D 604 -10.44 -44.16 10.61
CA LEU D 604 -11.64 -45.02 10.56
C LEU D 604 -12.22 -44.96 9.14
N LEU D 605 -12.22 -43.77 8.53
CA LEU D 605 -12.69 -43.65 7.13
C LEU D 605 -11.73 -44.48 6.25
N ALA D 606 -10.44 -44.42 6.55
CA ALA D 606 -9.45 -45.22 5.79
C ALA D 606 -9.74 -46.70 6.00
N VAL D 607 -10.11 -47.08 7.23
CA VAL D 607 -10.45 -48.50 7.53
C VAL D 607 -11.68 -48.89 6.69
N GLU D 608 -12.66 -47.97 6.59
CA GLU D 608 -13.83 -48.25 5.72
C GLU D 608 -13.34 -48.37 4.27
N LEU D 609 -12.41 -47.50 3.88
CA LEU D 609 -11.83 -47.57 2.52
C LEU D 609 -11.10 -48.91 2.39
N LEU D 610 -10.41 -49.33 3.45
CA LEU D 610 -9.66 -50.61 3.43
C LEU D 610 -10.64 -51.77 3.23
N SER D 611 -11.82 -51.71 3.87
CA SER D 611 -12.83 -52.77 3.64
C SER D 611 -13.27 -52.76 2.17
N LEU D 612 -13.46 -51.57 1.59
CA LEU D 612 -13.78 -51.48 0.14
C LEU D 612 -12.57 -52.03 -0.63
N LEU D 613 -11.37 -51.70 -0.17
CA LEU D 613 -10.13 -52.16 -0.83
C LEU D 613 -10.08 -53.69 -0.75
N ALA D 614 -10.52 -54.26 0.38
CA ALA D 614 -10.40 -55.73 0.54
C ALA D 614 -11.22 -56.38 -0.58
N ASP D 615 -12.38 -55.80 -0.90
CA ASP D 615 -13.18 -56.34 -2.03
C ASP D 615 -12.37 -56.21 -3.33
N HIS D 616 -11.65 -55.09 -3.52
CA HIS D 616 -10.90 -54.90 -4.80
C HIS D 616 -9.81 -55.97 -4.92
N ASP D 617 -9.63 -56.53 -6.12
CA ASP D 617 -8.64 -57.63 -6.30
C ASP D 617 -7.20 -57.17 -6.03
N GLN D 618 -6.81 -55.99 -6.51
CA GLN D 618 -5.38 -55.58 -6.34
C GLN D 618 -5.07 -55.43 -4.84
N LEU D 619 -5.98 -54.82 -4.08
CA LEU D 619 -5.80 -54.71 -2.61
C LEU D 619 -5.82 -56.14 -2.02
N ALA D 620 -6.70 -57.00 -2.53
CA ALA D 620 -6.74 -58.40 -2.08
C ALA D 620 -5.39 -59.04 -2.40
N PRO D 621 -4.78 -58.72 -3.57
CA PRO D 621 -3.46 -59.24 -3.88
C PRO D 621 -2.49 -58.72 -2.83
N GLN D 622 -2.64 -57.45 -2.42
CA GLN D 622 -1.75 -56.95 -1.32
C GLN D 622 -2.06 -57.81 -0.08
N LEU D 623 -1.04 -58.18 0.68
CA LEU D 623 -1.26 -59.15 1.79
C LEU D 623 -0.57 -58.72 3.08
N CYS D 624 -1.03 -59.25 4.23
CA CYS D 624 -0.39 -59.00 5.54
C CYS D 624 1.04 -59.55 5.50
N SER D 625 1.24 -60.67 4.82
CA SER D 625 2.57 -61.35 4.81
C SER D 625 3.61 -60.44 4.16
N HIS D 626 4.89 -60.53 4.54
CA HIS D 626 6.00 -59.60 4.15
C HIS D 626 6.10 -58.50 5.22
N SER D 627 5.28 -58.57 6.27
CA SER D 627 5.46 -57.67 7.44
C SER D 627 5.41 -56.17 7.10
N GLU D 628 6.40 -55.41 7.58
CA GLU D 628 6.38 -53.93 7.41
C GLU D 628 6.36 -53.58 5.92
N GLY D 629 7.12 -54.34 5.12
CA GLY D 629 7.13 -54.07 3.67
C GLY D 629 5.72 -54.27 3.12
N CYS D 630 5.00 -55.30 3.58
CA CYS D 630 3.59 -55.42 3.14
C CYS D 630 2.79 -54.22 3.66
N LEU D 631 1.95 -53.63 2.81
CA LEU D 631 1.12 -52.47 3.24
C LEU D 631 0.10 -52.88 4.31
N LEU D 632 -0.54 -54.05 4.14
CA LEU D 632 -1.62 -54.42 5.09
C LEU D 632 -1.04 -54.58 6.50
N LEU D 633 0.12 -55.23 6.61
CA LEU D 633 0.71 -55.48 7.95
C LEU D 633 1.05 -54.14 8.64
N LEU D 634 1.61 -53.21 7.86
CA LEU D 634 2.01 -51.90 8.45
C LEU D 634 0.76 -51.19 8.97
N LEU D 635 -0.33 -51.23 8.19
CA LEU D 635 -1.59 -50.59 8.64
C LEU D 635 -2.08 -51.30 9.90
N TYR D 636 -1.97 -52.62 9.92
CA TYR D 636 -2.41 -53.41 11.10
C TYR D 636 -1.56 -53.01 12.29
N MET D 637 -0.26 -52.81 12.07
CA MET D 637 0.66 -52.43 13.17
C MET D 637 0.22 -51.08 13.74
N TYR D 638 -0.16 -50.14 12.87
CA TYR D 638 -0.69 -48.84 13.37
C TYR D 638 -1.97 -49.11 14.14
N ILE D 639 -2.80 -50.01 13.60
CA ILE D 639 -4.07 -50.39 14.29
C ILE D 639 -3.71 -51.04 15.63
N THR D 640 -2.67 -51.85 15.65
CA THR D 640 -2.28 -52.56 16.89
C THR D 640 -1.90 -51.55 17.94
N SER D 641 -1.19 -50.49 17.53
CA SER D 641 -0.87 -49.43 18.53
C SER D 641 -2.18 -48.82 19.02
N ARG D 642 -3.14 -48.57 18.13
CA ARG D 642 -4.48 -48.13 18.56
C ARG D 642 -4.34 -46.87 19.45
N PRO D 643 -3.45 -45.90 19.14
CA PRO D 643 -3.35 -44.77 20.05
C PRO D 643 -4.69 -44.09 20.05
N ASP D 644 -5.31 -43.92 18.88
CA ASP D 644 -6.68 -43.38 18.80
C ASP D 644 -6.74 -42.04 19.54
N ARG D 645 -5.70 -41.20 19.41
CA ARG D 645 -5.72 -39.94 20.22
C ARG D 645 -6.91 -39.07 19.80
N VAL D 646 -7.16 -38.96 18.48
CA VAL D 646 -8.35 -38.18 18.00
C VAL D 646 -9.64 -38.88 18.47
N ALA D 647 -9.69 -40.20 18.38
CA ALA D 647 -10.95 -40.94 18.72
C ALA D 647 -11.24 -40.82 20.22
N LEU D 648 -12.52 -40.62 20.56
CA LEU D 648 -12.89 -40.52 22.01
C LEU D 648 -14.05 -41.47 22.34
N GLU D 649 -13.95 -42.23 23.43
CA GLU D 649 -15.13 -43.01 23.90
C GLU D 649 -15.63 -43.96 22.81
N THR D 650 -16.93 -43.88 22.49
CA THR D 650 -17.56 -44.79 21.52
C THR D 650 -16.87 -44.60 20.19
N GLN D 651 -16.50 -43.38 19.84
CA GLN D 651 -15.90 -43.16 18.49
C GLN D 651 -14.61 -43.99 18.43
N TRP D 652 -13.82 -44.02 19.51
CA TRP D 652 -12.63 -44.90 19.50
C TRP D 652 -13.06 -46.36 19.36
N LEU D 653 -14.12 -46.74 20.07
CA LEU D 653 -14.64 -48.12 19.96
C LEU D 653 -15.14 -48.36 18.53
N GLN D 654 -15.80 -47.36 17.93
CA GLN D 654 -16.37 -47.52 16.57
C GLN D 654 -15.23 -47.77 15.59
N LEU D 655 -14.12 -47.05 15.74
CA LEU D 655 -12.96 -47.28 14.84
C LEU D 655 -12.46 -48.71 15.03
N GLU D 656 -12.41 -49.18 16.28
CA GLU D 656 -12.01 -50.58 16.55
C GLU D 656 -13.05 -51.52 15.92
N GLN D 657 -14.33 -51.18 16.05
CA GLN D 657 -15.41 -52.03 15.49
C GLN D 657 -15.26 -52.08 13.96
N GLU D 658 -14.94 -50.93 13.35
CA GLU D 658 -14.74 -50.90 11.88
C GLU D 658 -13.56 -51.80 11.52
N VAL D 659 -12.50 -51.75 12.33
CA VAL D 659 -11.32 -52.63 12.08
C VAL D 659 -11.79 -54.09 12.23
N VAL D 660 -12.63 -54.35 13.24
CA VAL D 660 -13.13 -55.74 13.47
C VAL D 660 -13.96 -56.16 12.25
N TRP D 661 -14.78 -55.25 11.72
CA TRP D 661 -15.60 -55.56 10.53
C TRP D 661 -14.68 -55.86 9.34
N LEU D 662 -13.61 -55.07 9.21
CA LEU D 662 -12.63 -55.31 8.12
C LEU D 662 -11.97 -56.68 8.33
N LEU D 663 -11.65 -56.99 9.59
CA LEU D 663 -11.04 -58.31 9.91
C LEU D 663 -12.06 -59.40 9.55
N ALA D 664 -13.34 -59.15 9.86
CA ALA D 664 -14.39 -60.15 9.55
C ALA D 664 -14.47 -60.34 8.05
N LYS D 665 -14.36 -59.25 7.28
CA LYS D 665 -14.41 -59.35 5.81
C LYS D 665 -13.20 -60.18 5.34
N LEU D 666 -12.04 -59.95 5.94
CA LEU D 666 -10.84 -60.75 5.58
C LEU D 666 -11.11 -62.21 5.94
N GLY D 667 -11.73 -62.45 7.11
CA GLY D 667 -12.03 -63.82 7.55
C GLY D 667 -12.98 -64.48 6.58
N VAL D 668 -13.97 -63.72 6.10
CA VAL D 668 -14.97 -64.27 5.14
C VAL D 668 -14.22 -64.67 3.86
N GLN D 669 -13.24 -63.85 3.44
CA GLN D 669 -12.56 -64.16 2.15
C GLN D 669 -11.85 -65.51 2.30
N SER D 670 -11.92 -66.35 1.28
CA SER D 670 -11.23 -67.66 1.31
C SER D 670 -9.71 -67.44 1.38
N PRO D 671 -9.16 -66.46 0.63
CA PRO D 671 -7.71 -66.26 0.62
C PRO D 671 -7.25 -65.88 2.02
N LEU D 672 -8.01 -65.02 2.70
CA LEU D 672 -7.65 -64.57 4.06
C LEU D 672 -8.56 -65.26 5.08
N SER D 678 6.32 -60.75 12.98
CA SER D 678 6.88 -62.04 12.49
C SER D 678 6.99 -62.02 10.96
N ASN D 679 6.55 -63.08 10.29
CA ASN D 679 6.55 -63.09 8.81
C ASN D 679 5.58 -61.97 8.39
N CYS D 680 4.47 -61.84 9.12
CA CYS D 680 3.54 -60.72 8.85
C CYS D 680 3.52 -59.81 10.09
N GLN D 681 3.71 -58.51 9.89
CA GLN D 681 3.63 -57.54 11.01
C GLN D 681 2.19 -57.61 11.52
N CYS D 682 1.23 -57.75 10.60
CA CYS D 682 -0.20 -57.79 10.97
C CYS D 682 -0.48 -59.00 11.88
N ASN D 683 0.12 -60.17 11.61
CA ASN D 683 -0.12 -61.30 12.54
C ASN D 683 0.42 -60.92 13.93
N VAL D 684 1.61 -60.32 13.99
CA VAL D 684 2.14 -59.83 15.30
C VAL D 684 1.19 -58.74 15.82
N GLU D 685 0.74 -57.88 14.90
CA GLU D 685 -0.18 -56.77 15.26
C GLU D 685 -1.49 -57.38 15.79
N VAL D 686 -1.96 -58.48 15.19
CA VAL D 686 -3.26 -59.07 15.58
C VAL D 686 -3.18 -59.52 17.05
N VAL D 687 -2.06 -60.10 17.47
CA VAL D 687 -1.95 -60.45 18.91
C VAL D 687 -2.00 -59.16 19.74
N ARG D 688 -1.29 -58.12 19.30
CA ARG D 688 -1.36 -56.81 20.01
C ARG D 688 -2.79 -56.26 19.91
N ALA D 689 -3.42 -56.39 18.74
CA ALA D 689 -4.81 -55.91 18.55
C ALA D 689 -5.74 -56.70 19.48
N LEU D 690 -5.51 -58.00 19.58
CA LEU D 690 -6.34 -58.84 20.47
C LEU D 690 -6.15 -58.34 21.92
N THR D 691 -4.90 -57.99 22.28
CA THR D 691 -4.64 -57.43 23.62
C THR D 691 -5.37 -56.11 23.77
N VAL D 692 -5.37 -55.28 22.73
CA VAL D 692 -6.13 -54.00 22.78
C VAL D 692 -7.63 -54.33 22.92
N MET D 693 -8.09 -55.34 22.17
CA MET D 693 -9.50 -55.77 22.29
C MET D 693 -9.71 -56.29 23.72
N LEU D 694 -8.72 -57.02 24.25
CA LEU D 694 -8.81 -57.54 25.63
C LEU D 694 -8.88 -56.36 26.61
N HIS D 695 -8.10 -55.31 26.36
CA HIS D 695 -8.19 -54.11 27.24
C HIS D 695 -9.60 -53.52 27.13
N ARG D 696 -10.13 -53.47 25.92
CA ARG D 696 -11.53 -52.99 25.75
C ARG D 696 -12.46 -54.00 26.47
N GLN D 697 -12.16 -55.29 26.33
CA GLN D 697 -12.97 -56.35 26.98
C GLN D 697 -12.86 -56.18 28.50
N TRP D 698 -11.66 -55.86 28.99
CA TRP D 698 -11.46 -55.66 30.45
C TRP D 698 -12.32 -54.48 30.90
N LEU D 699 -12.37 -53.42 30.10
CA LEU D 699 -13.25 -52.28 30.44
C LEU D 699 -14.70 -52.76 30.45
N THR D 700 -15.08 -53.60 29.47
CA THR D 700 -16.44 -54.17 29.44
C THR D 700 -16.63 -55.05 30.66
N VAL D 701 -15.60 -55.83 31.01
CA VAL D 701 -15.66 -56.70 32.22
C VAL D 701 -15.81 -55.78 33.44
N ARG D 702 -15.07 -54.67 33.45
CA ARG D 702 -15.20 -53.69 34.56
C ARG D 702 -16.63 -53.14 34.54
N ARG D 703 -17.16 -52.88 33.35
CA ARG D 703 -18.55 -52.37 33.21
C ARG D 703 -19.49 -53.46 33.77
N ALA D 704 -19.21 -54.73 33.48
CA ALA D 704 -20.03 -55.85 33.98
C ALA D 704 -21.51 -55.46 33.88
N PRO D 708 -25.57 -53.51 29.03
CA PRO D 708 -25.73 -53.05 27.66
C PRO D 708 -27.00 -52.22 27.51
N ARG D 709 -27.43 -51.60 28.61
CA ARG D 709 -28.63 -50.74 28.56
C ARG D 709 -28.34 -49.57 27.62
N THR D 710 -27.13 -49.01 27.69
CA THR D 710 -26.77 -47.95 26.73
C THR D 710 -26.72 -48.59 25.36
N ASP D 711 -27.17 -47.88 24.34
CA ASP D 711 -27.09 -48.43 22.95
C ASP D 711 -25.61 -48.61 22.62
N GLN D 712 -24.77 -47.64 23.00
CA GLN D 712 -23.31 -47.79 22.78
C GLN D 712 -22.80 -49.00 23.57
N GLN D 713 -23.27 -49.16 24.81
CA GLN D 713 -22.88 -50.35 25.62
C GLN D 713 -23.38 -51.62 24.92
N ARG D 714 -24.61 -51.59 24.40
CA ARG D 714 -25.14 -52.76 23.66
C ARG D 714 -24.27 -52.99 22.42
N ARG D 715 -23.91 -51.90 21.74
CA ARG D 715 -23.03 -52.01 20.54
C ARG D 715 -21.68 -52.58 20.99
N THR D 716 -21.18 -52.11 22.14
CA THR D 716 -19.87 -52.58 22.63
C THR D 716 -19.96 -54.05 22.90
N VAL D 717 -21.08 -54.49 23.49
CA VAL D 717 -21.25 -55.93 23.83
C VAL D 717 -21.25 -56.75 22.53
N ARG D 718 -21.94 -56.26 21.50
CA ARG D 718 -21.92 -56.96 20.19
C ARG D 718 -20.49 -56.93 19.64
N CYS D 719 -19.82 -55.79 19.78
CA CYS D 719 -18.42 -55.66 19.29
C CYS D 719 -17.54 -56.63 20.09
N LEU D 720 -17.77 -56.74 21.39
CA LEU D 720 -16.99 -57.67 22.24
C LEU D 720 -17.26 -59.10 21.75
N ARG D 721 -18.52 -59.41 21.43
CA ARG D 721 -18.82 -60.76 20.89
C ARG D 721 -18.08 -60.93 19.56
N ASP D 722 -18.07 -59.88 18.74
CA ASP D 722 -17.33 -59.93 17.46
C ASP D 722 -15.84 -60.08 17.75
N THR D 723 -15.34 -59.36 18.76
CA THR D 723 -13.90 -59.41 19.09
C THR D 723 -13.57 -60.81 19.53
N VAL D 724 -14.45 -61.42 20.32
CA VAL D 724 -14.21 -62.80 20.81
C VAL D 724 -14.17 -63.75 19.61
N LEU D 725 -15.08 -63.56 18.66
CA LEU D 725 -15.10 -64.42 17.45
C LEU D 725 -13.78 -64.22 16.69
N LEU D 726 -13.33 -62.96 16.59
CA LEU D 726 -12.05 -62.67 15.91
C LEU D 726 -10.90 -63.35 16.67
N LEU D 727 -10.95 -63.29 17.99
CA LEU D 727 -9.90 -63.94 18.82
C LEU D 727 -9.96 -65.46 18.58
N HIS D 728 -11.16 -66.02 18.51
CA HIS D 728 -11.30 -67.47 18.23
C HIS D 728 -10.73 -67.74 16.83
N GLY D 729 -11.03 -66.84 15.90
CA GLY D 729 -10.50 -66.98 14.54
C GLY D 729 -8.99 -66.89 14.56
N LEU D 730 -8.45 -65.96 15.36
CA LEU D 730 -6.97 -65.80 15.44
C LEU D 730 -6.34 -67.07 16.00
N SER D 731 -6.97 -67.67 17.01
CA SER D 731 -6.44 -68.95 17.56
C SER D 731 -6.50 -70.02 16.47
N GLN D 732 -7.61 -70.07 15.73
CA GLN D 732 -7.70 -71.04 14.60
C GLN D 732 -6.64 -70.65 13.55
N LYS D 733 -6.46 -69.35 13.32
CA LYS D 733 -5.53 -68.88 12.27
C LYS D 733 -4.09 -69.30 12.59
N ASP D 734 -3.68 -69.23 13.86
CA ASP D 734 -2.26 -69.53 14.16
C ASP D 734 -2.13 -70.85 14.91
N LYS D 735 -1.32 -71.77 14.38
CA LYS D 735 -1.08 -73.04 15.12
C LYS D 735 -0.38 -72.65 16.43
N LEU D 736 0.56 -71.71 16.36
CA LEU D 736 1.19 -71.22 17.61
C LEU D 736 0.29 -70.12 18.18
N PHE D 737 -0.90 -70.51 18.64
CA PHE D 737 -1.79 -69.51 19.31
C PHE D 737 -1.04 -69.09 20.55
N MET D 738 -0.39 -70.06 21.19
CA MET D 738 0.36 -69.78 22.45
C MET D 738 1.50 -68.79 22.18
N MET D 739 2.21 -68.90 21.05
CA MET D 739 3.33 -67.95 20.87
C MET D 739 2.75 -66.53 20.81
N HIS D 740 1.64 -66.35 20.09
CA HIS D 740 0.97 -65.02 20.07
C HIS D 740 0.47 -64.73 21.48
N CYS D 741 -0.05 -65.77 22.14
CA CYS D 741 -0.59 -65.61 23.51
C CYS D 741 0.53 -65.19 24.46
N VAL D 742 1.74 -65.73 24.31
CA VAL D 742 2.82 -65.44 25.31
C VAL D 742 3.11 -63.94 25.31
N GLU D 743 3.13 -63.29 24.15
CA GLU D 743 3.33 -61.82 24.12
C GLU D 743 2.15 -61.16 24.85
N VAL D 744 0.93 -61.68 24.66
CA VAL D 744 -0.30 -61.08 25.25
C VAL D 744 -0.74 -61.85 26.49
N LEU D 745 0.12 -62.71 27.07
CA LEU D 745 -0.34 -63.62 28.16
C LEU D 745 -0.87 -62.86 29.38
N HIS D 746 -0.24 -61.76 29.79
CA HIS D 746 -0.85 -61.06 30.96
C HIS D 746 -2.24 -60.60 30.52
N GLN D 747 -2.34 -60.08 29.30
CA GLN D 747 -3.66 -59.71 28.74
C GLN D 747 -4.52 -60.97 28.61
N PHE D 748 -3.92 -62.09 28.18
CA PHE D 748 -4.68 -63.34 27.92
C PHE D 748 -5.34 -63.84 29.20
N ASP D 749 -4.66 -63.78 30.34
CA ASP D 749 -5.35 -64.19 31.59
C ASP D 749 -6.53 -63.25 31.83
N GLN D 750 -6.33 -61.95 31.61
CA GLN D 750 -7.45 -60.99 31.73
C GLN D 750 -8.49 -61.32 30.64
N VAL D 751 -8.01 -61.67 29.44
CA VAL D 751 -8.93 -61.98 28.30
C VAL D 751 -9.76 -63.22 28.66
N MET D 752 -9.14 -64.21 29.29
CA MET D 752 -9.90 -65.41 29.73
C MET D 752 -10.96 -64.97 30.75
N PRO D 753 -10.62 -64.07 31.71
CA PRO D 753 -11.64 -63.58 32.62
C PRO D 753 -12.69 -62.82 31.83
N GLY D 754 -12.24 -62.04 30.85
CA GLY D 754 -13.16 -61.30 29.98
C GLY D 754 -14.04 -62.25 29.20
N VAL D 755 -13.45 -63.35 28.72
CA VAL D 755 -14.21 -64.36 27.93
C VAL D 755 -15.30 -64.95 28.83
N SER D 756 -14.96 -65.23 30.09
CA SER D 756 -15.99 -65.73 31.04
C SER D 756 -17.06 -64.64 31.21
N MET D 757 -16.63 -63.38 31.33
CA MET D 757 -17.60 -62.26 31.43
C MET D 757 -18.42 -62.20 30.15
N LEU D 758 -17.77 -62.40 29.00
CA LEU D 758 -18.49 -62.40 27.71
C LEU D 758 -19.48 -63.56 27.69
N ILE D 759 -19.08 -64.73 28.19
CA ILE D 759 -20.01 -65.89 28.26
C ILE D 759 -21.16 -65.50 29.19
N ARG D 760 -20.85 -64.83 30.30
CA ARG D 760 -21.91 -64.36 31.22
C ARG D 760 -22.75 -63.32 30.46
N GLY D 761 -22.08 -62.47 29.67
CA GLY D 761 -22.78 -61.42 28.89
C GLY D 761 -23.70 -62.08 27.88
N LEU D 762 -23.25 -63.16 27.25
CA LEU D 762 -24.07 -63.79 26.19
C LEU D 762 -25.38 -64.30 26.82
N PRO D 763 -26.54 -64.15 26.14
CA PRO D 763 -27.80 -64.54 26.73
C PRO D 763 -28.83 -64.86 25.65
PG AGS E . 66.68 3.28 20.73
S1G AGS E . 68.26 2.90 21.80
O2G AGS E . 66.61 4.67 20.13
O3G AGS E . 66.36 2.27 19.65
PB AGS E . 63.95 2.53 21.52
O1B AGS E . 63.19 2.72 22.80
O2B AGS E . 63.33 2.95 20.22
O3B AGS E . 65.37 3.26 21.67
PA AGS E . 65.08 -0.01 22.42
O1A AGS E . 64.46 0.17 23.76
O2A AGS E . 66.57 0.10 22.31
O3A AGS E . 64.41 1.01 21.39
O5' AGS E . 64.61 -1.42 21.80
C5' AGS E . 63.69 -2.23 22.57
C4' AGS E . 62.34 -2.22 21.90
O4' AGS E . 61.31 -2.11 22.92
C3' AGS E . 62.05 -1.04 20.98
O3' AGS E . 60.98 -1.36 20.10
C2' AGS E . 61.65 0.03 22.00
O2' AGS E . 60.92 1.09 21.42
C1' AGS E . 60.79 -0.80 22.94
N9 AGS E . 60.78 -0.35 24.32
C8 AGS E . 61.57 0.64 24.87
N7 AGS E . 61.34 0.82 26.14
C5 AGS E . 60.35 -0.09 26.46
C6 AGS E . 59.68 -0.39 27.66
N6 AGS E . 59.91 0.23 28.81
N1 AGS E . 58.74 -1.37 27.63
C2 AGS E . 58.51 -1.99 26.47
N3 AGS E . 59.08 -1.79 25.28
C4 AGS E . 60.00 -0.83 25.34
HO3' AGS E . 60.60 -0.63 19.86
HO2' AGS E . 61.25 1.27 20.65
HN61 AGS E . 59.28 0.71 29.19
HN62 AGS E . 60.70 0.16 29.19
PG AGS F . 30.89 67.67 -16.47
S1G AGS F . 31.93 67.21 -14.89
O2G AGS F . 30.31 66.51 -17.25
O3G AGS F . 31.55 68.65 -17.41
PB AGS F . 29.35 69.72 -15.05
O1B AGS F . 29.68 69.30 -13.65
O2B AGS F . 30.05 70.90 -15.64
O3B AGS F . 29.56 68.47 -16.02
PA AGS F . 26.77 71.14 -15.38
O1A AGS F . 25.52 70.64 -16.02
O2A AGS F . 26.66 71.88 -14.08
O3A AGS F . 27.77 69.90 -15.17
O5' AGS F . 27.57 72.06 -16.44
C5' AGS F . 27.45 71.77 -17.85
C4' AGS F . 28.25 70.52 -18.15
O4' AGS F . 27.34 69.41 -18.35
C3' AGS F . 29.11 70.54 -19.43
O3' AGS F . 30.47 70.81 -19.09
C2' AGS F . 28.94 69.14 -20.04
O2' AGS F . 30.17 68.47 -20.18
C1' AGS F . 28.05 68.41 -19.03
N9 AGS F . 27.11 67.48 -19.64
C8 AGS F . 27.24 66.12 -19.72
N7 AGS F . 26.24 65.53 -20.32
C5 AGS F . 25.40 66.57 -20.68
C6 AGS F . 24.16 66.59 -21.35
N6 AGS F . 23.54 65.50 -21.80
N1 AGS F . 23.58 67.80 -21.55
C2 AGS F . 24.21 68.89 -21.09
N3 AGS F . 25.36 68.98 -20.45
C4 AGS F . 25.92 67.78 -20.27
HO3' AGS F . 30.63 70.42 -18.34
HO2' AGS F . 30.53 68.38 -19.42
HN61 AGS F . 23.92 64.72 -21.71
HN62 AGS F . 22.76 65.57 -22.19
#